data_5K9Q
#
_entry.id   5K9Q
#
_cell.length_a   121.808
_cell.length_b   233.909
_cell.length_c   302.452
_cell.angle_alpha   90.00
_cell.angle_beta   90.00
_cell.angle_gamma   90.00
#
_symmetry.space_group_name_H-M   'P 21 21 21'
#
loop_
_entity.id
_entity.type
_entity.pdbx_description
1 polymer 'Hemagglutinin HA1'
2 polymer 'Hemagglutinin HA2'
3 polymer '16.a.26 Heavy chain'
4 polymer '16.a.26 Light chain'
5 non-polymer 2-acetamido-2-deoxy-beta-D-glucopyranose
6 water water
#
loop_
_entity_poly.entity_id
_entity_poly.type
_entity_poly.pdbx_seq_one_letter_code
_entity_poly.pdbx_strand_id
1 'polypeptide(L)'
;NSTATLCLGHHAVPNGTLVKTITDDQIEVTNATELVQSSSTGKICNNPHRILDGIDCTLIDALLGDPHCDVFQNETWDLF
VERSKAFSNCYPYDVPDYASLRSLVASSGTLEFITEGFTWTGVTQNGGSNACKRGPGSGFFSRLNWLTKSGSTYPVLNVT
MPNNDNFDKLYIWGVHHPSTNQEQTSLYVQASGRVTVSTRRSQQTIIPNIESRPWVRGLSSRISIYWTIVKPGDVLVINS
NGNLIAPRGYFKMRTGKSSIMRSDAPIDTCISECITPNGSIPNDKPFQNVNKITYGACPKYVKQNTLKLATGMRNVPEKA
;
A,C,E,M,O,Q
2 'polypeptide(L)'
;FGAIAGFIENGWEGMIDGWYGFRHQNSEGTGQAADLKSTQAAIDQINGKLNRVIEKTNEKFHQIEKEFSEVEGRIQDLEK
YVEDTKIDLWSYNAELLVALENQHTIDLTDSEMNKLFEKTRRQLRENAEDMGNGCFKIYHKCDNACIESIRNGTYDHDVY
RDEALNNRFQ
;
B,D,F,N,P,R
3 'polypeptide(L)'
;QVQLVQSGPEVKKPGASVKVSCKASGYSFSRYGISWVRQAPGQGLEWLGWISGYTGNTNYAQKFQGRVTMTTDTSTSTAS
MELRSLRSDDTAVYYCARDKKQGEVVLPAASFRWFAPWGQGTLVTVSSASTKGPSVFPLAPSSKSTSGGTAALGCLVKDY
FPEPVTVSWNSGALTSGVHTFPAVLQSSGLYSLSSVVTVPSSSLGTQTYICNVNHKPSNTKVDKKVEPKSC
;
G,H,J,S,U,X
4 'polypeptide(L)'
;DIQMTQSPVSLSASVGDRVTITCRASQSIGKFLNWYQQKPGRAPKLLIYYASNLETGGPSRFSGRGSETEFSLTISSLQP
EDFATYYCQQSNNVPHTFGQGTKLEIKRTVAAPSVFIFPPSDEQLKSGTASVVCLLNNFYPREAKVQWKVDNALQSGNSQ
ESVTEQDSKDSTYSLSSTLTLSKADYEKHKVYACEVTHQGLSSPVTKSFNRGEC
;
I,K,L,T,V,Y
#
# COMPACT_ATOMS: atom_id res chain seq x y z
N ASN A 1 7.92 -54.06 58.73
CA ASN A 1 6.79 -53.36 59.32
C ASN A 1 5.52 -53.55 58.53
N SER A 2 4.45 -52.91 58.98
CA SER A 2 3.18 -52.99 58.31
C SER A 2 2.90 -51.78 57.42
N THR A 3 3.82 -50.82 57.44
CA THR A 3 3.65 -49.60 56.68
C THR A 3 4.90 -49.25 55.94
N ALA A 4 4.97 -48.03 55.43
CA ALA A 4 6.16 -47.53 54.75
C ALA A 4 6.08 -46.02 54.66
N THR A 5 7.24 -45.40 54.47
CA THR A 5 7.33 -43.94 54.35
C THR A 5 8.08 -43.59 53.06
N LEU A 6 7.52 -42.67 52.29
CA LEU A 6 8.11 -42.21 51.05
C LEU A 6 8.30 -40.70 51.11
N CYS A 7 9.55 -40.25 51.09
CA CYS A 7 9.87 -38.83 51.16
C CYS A 7 10.28 -38.31 49.79
N LEU A 8 9.93 -37.05 49.53
CA LEU A 8 10.33 -36.36 48.31
C LEU A 8 11.26 -35.21 48.66
N GLY A 9 12.31 -35.03 47.86
CA GLY A 9 13.28 -34.00 48.18
C GLY A 9 14.08 -33.57 46.97
N HIS A 10 14.90 -32.54 47.19
CA HIS A 10 15.74 -31.96 46.16
C HIS A 10 17.19 -31.99 46.59
N HIS A 11 18.09 -31.78 45.64
CA HIS A 11 19.50 -31.84 45.97
C HIS A 11 19.92 -30.58 46.72
N ALA A 12 21.10 -30.66 47.32
CA ALA A 12 21.75 -29.51 47.93
C ALA A 12 23.25 -29.71 47.82
N VAL A 13 23.99 -28.61 47.87
CA VAL A 13 25.43 -28.67 47.70
C VAL A 13 26.06 -28.20 49.00
N PRO A 14 27.32 -28.59 49.26
CA PRO A 14 28.00 -28.06 50.45
C PRO A 14 28.17 -26.55 50.42
N ASN A 15 28.54 -25.97 49.28
CA ASN A 15 28.71 -24.53 49.16
C ASN A 15 28.05 -24.03 47.88
N GLY A 16 26.99 -23.23 48.04
CA GLY A 16 26.35 -22.58 46.93
C GLY A 16 26.88 -21.17 46.72
N THR A 17 26.23 -20.46 45.80
CA THR A 17 26.64 -19.12 45.42
C THR A 17 25.55 -18.13 45.80
N LEU A 18 25.97 -16.90 46.12
CA LEU A 18 25.03 -15.83 46.45
C LEU A 18 24.63 -15.09 45.18
N VAL A 19 23.31 -14.91 45.00
CA VAL A 19 22.75 -14.16 43.89
C VAL A 19 21.72 -13.19 44.44
N LYS A 20 21.33 -12.25 43.59
CA LYS A 20 20.33 -11.25 43.94
C LYS A 20 18.99 -11.58 43.30
N THR A 21 17.91 -11.21 43.99
CA THR A 21 16.56 -11.28 43.44
C THR A 21 15.92 -9.91 43.51
N ILE A 22 14.61 -9.87 43.32
CA ILE A 22 13.88 -8.61 43.40
C ILE A 22 13.89 -8.08 44.82
N THR A 23 13.90 -8.98 45.82
CA THR A 23 13.74 -8.57 47.21
C THR A 23 14.98 -8.76 48.06
N ASP A 24 15.96 -9.54 47.63
CA ASP A 24 17.05 -9.93 48.51
C ASP A 24 18.40 -9.65 47.88
N ASP A 25 19.32 -9.18 48.71
CA ASP A 25 20.66 -8.84 48.24
C ASP A 25 21.49 -10.11 48.02
N GLN A 26 21.26 -11.15 48.82
CA GLN A 26 22.10 -12.35 48.72
C GLN A 26 21.29 -13.57 49.14
N ILE A 27 20.87 -14.35 48.14
CA ILE A 27 20.23 -15.64 48.33
C ILE A 27 21.22 -16.72 47.89
N GLU A 28 21.26 -17.83 48.61
CA GLU A 28 22.17 -18.91 48.30
C GLU A 28 21.49 -19.91 47.36
N VAL A 29 22.02 -20.05 46.16
CA VAL A 29 21.54 -21.04 45.20
C VAL A 29 22.65 -22.07 44.98
N THR A 30 22.27 -23.18 44.35
CA THR A 30 23.23 -24.27 44.15
C THR A 30 24.30 -23.94 43.13
N ASN A 31 24.05 -23.00 42.22
CA ASN A 31 24.98 -22.74 41.13
C ASN A 31 24.58 -21.47 40.41
N ALA A 32 25.58 -20.73 39.92
CA ALA A 32 25.31 -19.51 39.18
C ALA A 32 26.37 -19.31 38.11
N THR A 33 26.08 -18.43 37.15
CA THR A 33 26.99 -18.13 36.06
C THR A 33 27.20 -16.62 35.98
N GLU A 34 28.36 -16.24 35.46
CA GLU A 34 28.76 -14.84 35.39
C GLU A 34 28.30 -14.22 34.08
N LEU A 35 27.65 -13.06 34.18
CA LEU A 35 27.10 -12.36 33.01
C LEU A 35 27.89 -11.13 32.61
N VAL A 36 28.95 -10.78 33.34
CA VAL A 36 29.76 -9.60 33.03
C VAL A 36 31.16 -10.07 32.69
N GLN A 37 31.58 -9.83 31.45
CA GLN A 37 32.95 -10.07 31.04
C GLN A 37 33.82 -8.94 31.56
N SER A 38 34.79 -9.26 32.40
CA SER A 38 35.61 -8.24 33.05
C SER A 38 37.10 -8.46 32.85
N SER A 39 37.50 -9.45 32.06
CA SER A 39 38.91 -9.75 31.87
C SER A 39 39.24 -9.83 30.39
N SER A 40 40.50 -9.54 30.08
CA SER A 40 41.01 -9.59 28.72
C SER A 40 42.41 -10.18 28.73
N THR A 41 42.82 -10.73 27.59
CA THR A 41 44.19 -11.23 27.45
C THR A 41 45.20 -10.10 27.37
N GLY A 42 44.76 -8.89 27.02
CA GLY A 42 45.67 -7.79 26.80
C GLY A 42 46.23 -7.72 25.39
N LYS A 43 45.81 -8.62 24.51
CA LYS A 43 46.29 -8.65 23.14
C LYS A 43 45.11 -8.56 22.18
N ILE A 44 45.37 -7.98 21.01
CA ILE A 44 44.37 -7.81 19.96
C ILE A 44 44.52 -8.95 18.97
N CYS A 45 43.47 -9.75 18.80
CA CYS A 45 43.50 -10.86 17.86
C CYS A 45 43.44 -10.35 16.43
N ASN A 46 44.31 -10.89 15.57
CA ASN A 46 44.37 -10.46 14.18
C ASN A 46 43.32 -11.14 13.29
N ASN A 47 42.46 -11.98 13.86
CA ASN A 47 41.36 -12.60 13.13
C ASN A 47 40.08 -12.49 13.93
N PRO A 48 38.92 -12.41 13.25
CA PRO A 48 38.72 -12.42 11.80
C PRO A 48 38.71 -11.03 11.15
N HIS A 49 38.86 -9.98 11.95
CA HIS A 49 38.94 -8.64 11.40
C HIS A 49 40.36 -8.36 10.93
N ARG A 50 40.47 -7.65 9.80
CA ARG A 50 41.78 -7.22 9.32
C ARG A 50 42.25 -6.05 10.17
N ILE A 51 43.29 -6.28 10.97
CA ILE A 51 43.84 -5.28 11.86
C ILE A 51 45.05 -4.65 11.20
N LEU A 52 45.04 -3.33 11.08
CA LEU A 52 46.15 -2.58 10.51
C LEU A 52 46.82 -1.78 11.61
N ASP A 53 48.05 -2.15 11.94
CA ASP A 53 48.81 -1.48 12.95
C ASP A 53 49.44 -0.28 12.32
N GLY A 54 49.11 0.88 12.86
CA GLY A 54 49.68 2.13 12.46
C GLY A 54 51.15 2.27 12.72
N ILE A 55 51.63 1.70 13.81
CA ILE A 55 53.00 1.88 14.21
C ILE A 55 53.27 3.34 14.47
N ASP A 56 54.17 3.93 13.71
CA ASP A 56 54.56 5.31 13.87
C ASP A 56 53.62 6.29 13.21
N CYS A 57 52.59 5.81 12.54
CA CYS A 57 51.75 6.65 11.71
C CYS A 57 50.31 6.84 12.17
N THR A 58 49.82 8.07 12.16
CA THR A 58 48.39 8.30 12.28
C THR A 58 47.73 8.07 10.93
N LEU A 59 46.40 7.89 10.97
CA LEU A 59 45.67 7.65 9.72
C LEU A 59 45.79 8.81 8.76
N ILE A 60 45.81 10.04 9.28
CA ILE A 60 45.89 11.22 8.40
C ILE A 60 47.26 11.30 7.73
N ASP A 61 48.33 11.01 8.46
CA ASP A 61 49.66 11.05 7.86
C ASP A 61 49.83 9.99 6.78
N ALA A 62 49.25 8.80 7.00
CA ALA A 62 49.26 7.78 5.95
C ALA A 62 48.41 8.19 4.76
N LEU A 63 47.32 8.93 5.02
CA LEU A 63 46.49 9.43 3.94
C LEU A 63 47.24 10.44 3.08
N LEU A 64 47.81 11.46 3.71
CA LEU A 64 48.53 12.49 2.96
C LEU A 64 49.76 11.92 2.28
N GLY A 65 50.43 10.96 2.93
CA GLY A 65 51.61 10.37 2.35
C GLY A 65 52.89 10.88 2.97
N ASP A 66 52.92 10.98 4.29
CA ASP A 66 54.15 11.30 5.00
C ASP A 66 55.20 10.26 4.65
N PRO A 67 56.41 10.66 4.24
CA PRO A 67 57.41 9.69 3.76
C PRO A 67 57.62 8.46 4.65
N HIS A 68 57.59 8.59 5.97
CA HIS A 68 57.75 7.41 6.80
C HIS A 68 56.45 6.63 6.96
N CYS A 69 55.41 7.01 6.22
CA CYS A 69 54.15 6.28 6.15
C CYS A 69 53.91 5.67 4.77
N ASP A 70 54.95 5.57 3.94
CA ASP A 70 54.78 5.08 2.58
C ASP A 70 54.36 3.61 2.53
N VAL A 71 54.66 2.82 3.57
CA VAL A 71 54.25 1.42 3.57
C VAL A 71 52.75 1.26 3.57
N PHE A 72 52.01 2.30 3.92
CA PHE A 72 50.56 2.22 4.04
C PHE A 72 49.82 2.64 2.76
N GLN A 73 50.53 2.90 1.67
CA GLN A 73 49.87 3.24 0.41
C GLN A 73 48.98 2.08 -0.03
N ASN A 74 47.73 2.42 -0.40
CA ASN A 74 46.73 1.47 -0.89
C ASN A 74 46.31 0.43 0.15
N GLU A 75 46.55 0.67 1.42
CA GLU A 75 46.17 -0.32 2.43
C GLU A 75 44.67 -0.33 2.65
N THR A 76 44.21 -1.41 3.27
CA THR A 76 42.82 -1.55 3.68
C THR A 76 42.80 -2.11 5.09
N TRP A 77 41.64 -2.01 5.74
CA TRP A 77 41.54 -2.47 7.13
C TRP A 77 40.09 -2.63 7.53
N ASP A 78 39.86 -3.50 8.51
CA ASP A 78 38.61 -3.47 9.26
C ASP A 78 38.74 -2.55 10.46
N LEU A 79 39.89 -2.58 11.14
CA LEU A 79 40.16 -1.72 12.29
C LEU A 79 41.57 -1.18 12.15
N PHE A 80 41.69 0.14 12.05
CA PHE A 80 42.98 0.82 12.06
C PHE A 80 43.34 1.15 13.51
N VAL A 81 44.52 0.74 13.94
CA VAL A 81 44.97 0.90 15.31
C VAL A 81 46.04 1.99 15.34
N GLU A 82 45.74 3.09 16.00
CA GLU A 82 46.68 4.21 16.14
C GLU A 82 47.44 4.08 17.45
N ARG A 83 48.76 4.21 17.36
CA ARG A 83 49.64 4.06 18.50
C ARG A 83 50.04 5.44 19.05
N SER A 84 50.30 5.48 20.36
CA SER A 84 50.68 6.73 21.00
C SER A 84 52.03 7.22 20.55
N LYS A 85 52.92 6.32 20.13
CA LYS A 85 54.25 6.69 19.68
C LYS A 85 54.26 7.38 18.32
N ALA A 86 53.10 7.52 17.67
CA ALA A 86 53.05 8.07 16.32
C ALA A 86 53.52 9.53 16.30
N PHE A 87 54.00 9.95 15.13
CA PHE A 87 54.50 11.30 14.98
C PHE A 87 54.46 11.70 13.51
N SER A 88 54.41 13.00 13.26
CA SER A 88 54.46 13.56 11.92
C SER A 88 55.89 14.03 11.62
N ASN A 89 56.33 13.84 10.38
CA ASN A 89 57.69 14.23 10.02
C ASN A 89 57.76 14.77 8.60
N CYS A 90 56.74 15.48 8.16
CA CYS A 90 56.75 16.11 6.84
C CYS A 90 56.52 17.61 7.01
N TYR A 91 55.90 18.25 6.04
CA TYR A 91 55.61 19.67 6.15
C TYR A 91 54.64 19.91 7.31
N PRO A 92 54.80 21.00 8.07
CA PRO A 92 53.85 21.28 9.15
C PRO A 92 52.48 21.60 8.58
N TYR A 93 51.47 20.86 9.04
CA TYR A 93 50.14 21.01 8.48
C TYR A 93 49.10 21.12 9.58
N ASP A 94 47.93 21.62 9.20
CA ASP A 94 46.77 21.72 10.05
C ASP A 94 45.56 21.24 9.28
N VAL A 95 44.67 20.52 9.94
CA VAL A 95 43.42 20.08 9.33
C VAL A 95 42.27 20.70 10.10
N PRO A 96 41.60 21.71 9.57
CA PRO A 96 40.33 22.15 10.17
C PRO A 96 39.33 21.00 10.13
N ASP A 97 38.73 20.72 11.29
CA ASP A 97 37.86 19.56 11.48
C ASP A 97 38.64 18.27 11.27
N TYR A 98 39.77 18.16 11.97
CA TYR A 98 40.62 16.96 11.89
C TYR A 98 39.83 15.70 12.21
N ALA A 99 39.03 15.74 13.27
CA ALA A 99 38.31 14.55 13.72
C ALA A 99 37.31 14.05 12.68
N SER A 100 36.74 14.95 11.88
CA SER A 100 35.78 14.52 10.86
C SER A 100 36.48 13.83 9.70
N LEU A 101 37.63 14.35 9.27
CA LEU A 101 38.36 13.69 8.20
C LEU A 101 38.88 12.33 8.66
N ARG A 102 39.40 12.26 9.89
CA ARG A 102 39.83 10.98 10.46
C ARG A 102 38.68 9.99 10.53
N SER A 103 37.48 10.47 10.89
CA SER A 103 36.33 9.58 11.03
C SER A 103 35.89 9.03 9.68
N LEU A 104 35.79 9.89 8.66
CA LEU A 104 35.22 9.42 7.40
C LEU A 104 36.21 8.55 6.63
N VAL A 105 37.51 8.81 6.74
CA VAL A 105 38.50 7.92 6.14
C VAL A 105 38.48 6.57 6.85
N ALA A 106 38.46 6.60 8.19
CA ALA A 106 38.43 5.35 8.95
C ALA A 106 37.20 4.53 8.63
N SER A 107 36.06 5.20 8.45
CA SER A 107 34.84 4.50 8.10
C SER A 107 34.92 3.94 6.68
N SER A 108 35.59 4.65 5.78
CA SER A 108 35.73 4.18 4.41
C SER A 108 36.56 2.91 4.34
N GLY A 109 37.57 2.79 5.20
CA GLY A 109 38.30 1.56 5.38
C GLY A 109 39.35 1.25 4.34
N THR A 110 39.79 2.24 3.57
CA THR A 110 40.79 1.98 2.54
C THR A 110 41.52 3.27 2.20
N LEU A 111 42.76 3.10 1.73
CA LEU A 111 43.54 4.18 1.17
C LEU A 111 43.82 3.94 -0.31
N GLU A 112 42.93 3.19 -0.97
CA GLU A 112 43.03 2.92 -2.40
C GLU A 112 43.03 4.23 -3.18
N PHE A 113 44.15 4.54 -3.82
CA PHE A 113 44.37 5.82 -4.46
C PHE A 113 44.56 5.62 -5.95
N ILE A 114 43.81 6.37 -6.75
CA ILE A 114 43.92 6.33 -8.21
C ILE A 114 44.42 7.68 -8.68
N THR A 115 45.59 7.68 -9.32
CA THR A 115 46.11 8.90 -9.90
C THR A 115 45.28 9.31 -11.10
N GLU A 116 45.03 10.62 -11.23
CA GLU A 116 44.24 11.16 -12.32
C GLU A 116 45.05 12.18 -13.10
N GLY A 117 44.69 12.34 -14.37
CA GLY A 117 45.43 13.22 -15.27
C GLY A 117 45.07 14.68 -15.14
N PHE A 118 45.39 15.29 -13.99
CA PHE A 118 45.24 16.72 -13.85
C PHE A 118 46.29 17.43 -14.68
N THR A 119 45.87 18.42 -15.45
CA THR A 119 46.78 19.22 -16.27
C THR A 119 46.84 20.61 -15.67
N TRP A 120 48.01 20.98 -15.17
CA TRP A 120 48.23 22.27 -14.53
C TRP A 120 49.09 23.10 -15.48
N THR A 121 48.42 23.84 -16.35
CA THR A 121 49.10 24.56 -17.43
C THR A 121 49.76 25.83 -16.89
N GLY A 122 51.08 25.93 -17.07
CA GLY A 122 51.79 27.16 -16.79
C GLY A 122 52.42 27.26 -15.41
N VAL A 123 52.44 26.16 -14.64
CA VAL A 123 53.02 26.19 -13.31
C VAL A 123 54.09 25.11 -13.19
N THR A 124 54.91 25.23 -12.15
CA THR A 124 55.90 24.23 -11.80
C THR A 124 55.30 23.24 -10.82
N GLN A 125 55.47 21.95 -11.08
CA GLN A 125 54.88 20.91 -10.25
C GLN A 125 55.94 20.27 -9.37
N ASN A 126 55.45 19.44 -8.43
CA ASN A 126 56.30 18.58 -7.60
C ASN A 126 57.23 19.40 -6.71
N GLY A 127 56.64 20.33 -5.94
CA GLY A 127 57.42 21.10 -5.00
C GLY A 127 57.81 20.27 -3.79
N GLY A 128 59.02 20.53 -3.27
CA GLY A 128 59.55 19.79 -2.16
C GLY A 128 60.10 20.70 -1.07
N SER A 129 60.39 20.08 0.07
CA SER A 129 60.87 20.82 1.23
C SER A 129 61.84 19.94 2.00
N ASN A 130 62.82 20.56 2.63
CA ASN A 130 63.74 19.83 3.47
C ASN A 130 63.11 19.40 4.77
N ALA A 131 61.94 19.92 5.07
CA ALA A 131 61.20 19.44 6.23
C ALA A 131 60.45 18.14 5.95
N CYS A 132 60.63 17.57 4.76
CA CYS A 132 59.89 16.38 4.35
C CYS A 132 60.77 15.56 3.42
N LYS A 133 61.92 15.12 3.92
CA LYS A 133 62.88 14.40 3.10
C LYS A 133 62.37 13.00 2.77
N ARG A 134 62.54 12.60 1.51
CA ARG A 134 62.30 11.24 1.06
C ARG A 134 63.58 10.77 0.37
N GLY A 135 64.30 9.87 1.03
CA GLY A 135 65.62 9.50 0.60
C GLY A 135 66.64 10.52 1.06
N PRO A 136 67.59 10.86 0.19
CA PRO A 136 68.60 11.87 0.55
C PRO A 136 68.12 13.29 0.33
N GLY A 137 67.19 13.48 -0.60
CA GLY A 137 66.78 14.80 -1.02
C GLY A 137 65.46 15.25 -0.43
N SER A 138 65.12 16.51 -0.70
CA SER A 138 63.88 17.08 -0.23
C SER A 138 62.70 16.42 -0.92
N GLY A 139 61.55 16.43 -0.25
CA GLY A 139 60.36 15.79 -0.78
C GLY A 139 59.08 16.43 -0.31
N PHE A 140 57.98 15.69 -0.36
CA PHE A 140 56.67 16.24 -0.04
C PHE A 140 55.71 15.08 0.19
N PHE A 141 54.50 15.42 0.62
CA PHE A 141 53.44 14.43 0.72
C PHE A 141 53.23 13.75 -0.63
N SER A 142 53.20 12.41 -0.61
CA SER A 142 53.16 11.66 -1.87
C SER A 142 51.85 11.86 -2.62
N ARG A 143 50.77 12.16 -1.91
CA ARG A 143 49.45 12.28 -2.55
C ARG A 143 49.08 13.71 -2.87
N LEU A 144 49.95 14.68 -2.59
CA LEU A 144 49.68 16.08 -2.89
C LEU A 144 50.73 16.59 -3.87
N ASN A 145 50.37 17.66 -4.59
CA ASN A 145 51.22 18.25 -5.61
C ASN A 145 51.38 19.74 -5.32
N TRP A 146 52.57 20.12 -4.87
CA TRP A 146 52.85 21.51 -4.53
C TRP A 146 53.16 22.28 -5.81
N LEU A 147 52.26 23.18 -6.21
CA LEU A 147 52.39 23.96 -7.44
C LEU A 147 52.94 25.34 -7.12
N THR A 148 53.99 25.74 -7.83
CA THR A 148 54.53 27.08 -7.73
C THR A 148 54.68 27.66 -9.14
N LYS A 149 55.11 28.92 -9.19
CA LYS A 149 55.14 29.64 -10.46
C LYS A 149 56.17 29.05 -11.41
N SER A 150 55.99 29.36 -12.70
CA SER A 150 56.96 29.04 -13.73
C SER A 150 57.18 30.30 -14.56
N GLY A 151 58.33 30.92 -14.39
CA GLY A 151 58.60 32.17 -15.08
C GLY A 151 58.11 33.35 -14.28
N SER A 152 57.41 34.26 -14.95
CA SER A 152 56.97 35.51 -14.35
C SER A 152 55.48 35.51 -14.03
N THR A 153 54.80 34.39 -14.18
CA THR A 153 53.36 34.35 -14.04
C THR A 153 52.91 33.13 -13.25
N TYR A 154 51.81 33.30 -12.53
CA TYR A 154 51.04 32.19 -11.98
C TYR A 154 49.62 32.36 -12.50
N PRO A 155 49.13 31.50 -13.38
CA PRO A 155 47.84 31.75 -14.02
C PRO A 155 46.68 31.38 -13.11
N VAL A 156 45.48 31.68 -13.59
CA VAL A 156 44.27 31.23 -12.92
C VAL A 156 44.05 29.78 -13.33
N LEU A 157 44.44 28.85 -12.47
CA LEU A 157 44.21 27.44 -12.74
C LEU A 157 42.72 27.14 -12.66
N ASN A 158 42.24 26.33 -13.60
CA ASN A 158 40.81 26.06 -13.71
C ASN A 158 40.65 24.70 -14.38
N VAL A 159 40.50 23.65 -13.57
CA VAL A 159 40.40 22.28 -14.06
C VAL A 159 39.11 21.66 -13.57
N THR A 160 38.56 20.76 -14.39
CA THR A 160 37.36 20.01 -14.05
C THR A 160 37.67 18.52 -14.15
N MET A 161 37.12 17.74 -13.23
CA MET A 161 37.35 16.30 -13.19
C MET A 161 36.02 15.62 -12.90
N PRO A 162 35.32 15.13 -13.92
CA PRO A 162 34.03 14.48 -13.68
C PRO A 162 34.19 13.11 -13.05
N ASN A 163 33.18 12.72 -12.29
CA ASN A 163 33.11 11.39 -11.69
C ASN A 163 32.12 10.56 -12.49
N ASN A 164 32.64 9.68 -13.34
CA ASN A 164 31.82 8.79 -14.14
C ASN A 164 31.72 7.40 -13.53
N ASP A 165 32.17 7.25 -12.28
CA ASP A 165 32.16 5.97 -11.60
C ASP A 165 30.93 5.86 -10.71
N ASN A 166 30.70 4.67 -10.17
CA ASN A 166 29.52 4.39 -9.37
C ASN A 166 29.79 4.48 -7.87
N PHE A 167 30.89 5.10 -7.46
CA PHE A 167 31.25 5.25 -6.06
C PHE A 167 31.65 6.69 -5.78
N ASP A 168 31.71 7.03 -4.51
CA ASP A 168 32.15 8.36 -4.10
C ASP A 168 33.65 8.49 -4.25
N LYS A 169 34.10 9.66 -4.69
CA LYS A 169 35.51 9.99 -4.78
C LYS A 169 35.87 10.96 -3.66
N LEU A 170 36.98 10.70 -2.99
CA LEU A 170 37.50 11.58 -1.94
C LEU A 170 38.75 12.26 -2.47
N TYR A 171 38.75 13.59 -2.48
CA TYR A 171 39.89 14.38 -2.93
C TYR A 171 40.46 15.13 -1.74
N ILE A 172 41.73 14.91 -1.46
CA ILE A 172 42.46 15.64 -0.42
C ILE A 172 43.31 16.69 -1.10
N TRP A 173 43.16 17.94 -0.68
CA TRP A 173 43.91 19.06 -1.23
C TRP A 173 44.29 20.00 -0.10
N GLY A 174 45.07 21.03 -0.44
CA GLY A 174 45.57 21.90 0.59
C GLY A 174 45.78 23.33 0.12
N VAL A 175 46.11 24.18 1.08
CA VAL A 175 46.41 25.59 0.86
C VAL A 175 47.69 25.92 1.61
N HIS A 176 48.64 26.54 0.91
CA HIS A 176 49.91 26.91 1.51
C HIS A 176 49.83 28.29 2.13
N HIS A 177 50.37 28.43 3.34
CA HIS A 177 50.37 29.68 4.09
C HIS A 177 51.81 30.17 4.24
N PRO A 178 52.26 31.12 3.42
CA PRO A 178 53.64 31.60 3.54
C PRO A 178 53.84 32.37 4.84
N SER A 179 55.10 32.73 5.08
CA SER A 179 55.48 33.48 6.26
C SER A 179 55.77 34.95 5.98
N THR A 180 56.20 35.27 4.76
CA THR A 180 56.50 36.64 4.38
C THR A 180 55.85 36.95 3.04
N ASN A 181 55.71 38.25 2.76
CA ASN A 181 55.22 38.65 1.44
C ASN A 181 56.20 38.29 0.34
N GLN A 182 57.50 38.28 0.65
CA GLN A 182 58.49 37.88 -0.36
C GLN A 182 58.34 36.41 -0.71
N GLU A 183 58.17 35.56 0.31
CA GLU A 183 57.89 34.15 0.05
C GLU A 183 56.61 33.99 -0.76
N GLN A 184 55.58 34.78 -0.44
CA GLN A 184 54.33 34.70 -1.17
C GLN A 184 54.55 34.98 -2.65
N THR A 185 55.22 36.09 -2.97
CA THR A 185 55.41 36.50 -4.35
C THR A 185 56.48 35.69 -5.08
N SER A 186 57.37 35.01 -4.36
CA SER A 186 58.40 34.20 -5.01
C SER A 186 57.83 32.90 -5.52
N LEU A 187 57.01 32.25 -4.71
CA LEU A 187 56.22 31.11 -5.11
C LEU A 187 55.09 31.35 -6.08
N TYR A 188 54.30 32.40 -5.87
CA TYR A 188 53.07 32.56 -6.61
C TYR A 188 52.83 33.86 -7.39
N VAL A 189 53.75 34.79 -7.35
CA VAL A 189 53.56 36.08 -8.04
C VAL A 189 52.47 36.96 -7.45
N GLN A 190 51.25 36.47 -7.36
CA GLN A 190 50.17 37.24 -6.81
C GLN A 190 50.43 37.56 -5.36
N ALA A 191 50.10 38.77 -4.93
CA ALA A 191 50.31 39.17 -3.55
C ALA A 191 49.36 38.45 -2.60
N SER A 192 48.25 37.94 -3.12
CA SER A 192 47.29 37.18 -2.32
C SER A 192 46.74 36.07 -3.20
N GLY A 193 46.76 34.85 -2.68
CA GLY A 193 46.24 33.71 -3.40
C GLY A 193 44.79 33.42 -3.08
N ARG A 194 44.29 32.33 -3.66
CA ARG A 194 42.92 31.91 -3.45
C ARG A 194 42.74 30.50 -4.02
N VAL A 195 42.13 29.61 -3.25
CA VAL A 195 41.87 28.24 -3.68
C VAL A 195 40.38 27.98 -3.53
N THR A 196 39.73 27.65 -4.64
CA THR A 196 38.31 27.32 -4.64
C THR A 196 38.13 25.92 -5.21
N VAL A 197 37.53 25.05 -4.42
CA VAL A 197 37.23 23.68 -4.83
C VAL A 197 35.73 23.48 -4.63
N SER A 198 35.04 23.09 -5.70
CA SER A 198 33.58 23.02 -5.65
C SER A 198 33.08 21.79 -6.39
N THR A 199 31.85 21.42 -6.05
CA THR A 199 31.06 20.46 -6.82
C THR A 199 29.71 21.10 -7.10
N ARG A 200 28.76 20.31 -7.59
CA ARG A 200 27.42 20.89 -7.79
C ARG A 200 26.71 21.12 -6.47
N ARG A 201 27.17 20.53 -5.37
CA ARG A 201 26.45 20.62 -4.11
C ARG A 201 27.33 21.08 -2.95
N SER A 202 28.56 21.52 -3.21
CA SER A 202 29.43 22.01 -2.16
C SER A 202 30.45 22.96 -2.76
N GLN A 203 30.85 23.96 -1.99
CA GLN A 203 31.94 24.80 -2.40
C GLN A 203 32.75 25.29 -1.23
N GLN A 204 34.04 25.35 -1.43
CA GLN A 204 35.01 25.81 -0.44
C GLN A 204 35.98 26.77 -1.10
N THR A 205 36.02 28.01 -0.62
CA THR A 205 36.97 29.00 -1.11
C THR A 205 37.77 29.50 0.08
N ILE A 206 39.10 29.41 -0.01
CA ILE A 206 40.01 29.68 1.09
C ILE A 206 40.99 30.75 0.66
N ILE A 207 41.19 31.75 1.50
CA ILE A 207 42.20 32.78 1.29
C ILE A 207 43.37 32.49 2.22
N PRO A 208 44.59 32.40 1.71
CA PRO A 208 45.73 32.02 2.57
C PRO A 208 46.10 33.12 3.53
N ASN A 209 46.88 32.73 4.53
CA ASN A 209 47.33 33.63 5.59
C ASN A 209 48.84 33.78 5.51
N ILE A 210 49.32 35.01 5.59
CA ILE A 210 50.75 35.33 5.49
C ILE A 210 51.15 35.94 6.83
N GLU A 211 51.76 35.13 7.68
CA GLU A 211 52.18 35.56 9.00
C GLU A 211 53.42 34.86 9.44
N SER A 212 54.17 35.47 10.34
CA SER A 212 55.28 34.79 10.98
C SER A 212 54.77 33.97 12.15
N ARG A 213 55.07 32.68 12.14
CA ARG A 213 54.57 31.72 13.11
C ARG A 213 55.72 31.08 13.87
N PRO A 214 55.45 30.51 15.04
CA PRO A 214 56.50 29.78 15.76
C PRO A 214 56.97 28.58 14.95
N TRP A 215 58.27 28.30 15.02
CA TRP A 215 58.86 27.26 14.20
C TRP A 215 58.29 25.89 14.56
N VAL A 216 57.88 25.15 13.53
CA VAL A 216 57.56 23.74 13.64
C VAL A 216 58.46 23.02 12.65
N ARG A 217 59.32 22.13 13.14
CA ARG A 217 60.30 21.44 12.32
C ARG A 217 61.12 22.44 11.50
N GLY A 218 61.46 23.56 12.13
CA GLY A 218 62.30 24.56 11.49
C GLY A 218 61.62 25.46 10.49
N LEU A 219 60.30 25.41 10.37
CA LEU A 219 59.57 26.23 9.43
C LEU A 219 58.45 26.98 10.13
N SER A 220 58.22 28.22 9.71
CA SER A 220 57.07 28.99 10.15
C SER A 220 55.92 28.95 9.17
N SER A 221 56.15 28.50 7.94
CA SER A 221 55.06 28.31 7.00
C SER A 221 54.26 27.06 7.38
N ARG A 222 53.06 26.96 6.80
CA ARG A 222 52.14 25.86 7.13
C ARG A 222 51.41 25.45 5.87
N ILE A 223 50.65 24.36 5.99
CA ILE A 223 49.71 23.92 4.97
C ILE A 223 48.42 23.53 5.68
N SER A 224 47.30 24.07 5.21
CA SER A 224 46.00 23.63 5.69
C SER A 224 45.44 22.58 4.74
N ILE A 225 44.88 21.52 5.29
CA ILE A 225 44.38 20.39 4.52
C ILE A 225 42.86 20.46 4.47
N TYR A 226 42.29 20.27 3.29
CA TYR A 226 40.85 20.28 3.08
C TYR A 226 40.46 19.05 2.26
N TRP A 227 39.17 18.71 2.26
CA TRP A 227 38.71 17.56 1.52
C TRP A 227 37.38 17.85 0.82
N THR A 228 37.14 17.13 -0.28
CA THR A 228 35.92 17.27 -1.06
C THR A 228 35.49 15.89 -1.53
N ILE A 229 34.21 15.57 -1.33
CA ILE A 229 33.66 14.29 -1.76
C ILE A 229 32.80 14.53 -2.99
N VAL A 230 33.08 13.78 -4.04
CA VAL A 230 32.41 13.93 -5.33
C VAL A 230 31.53 12.71 -5.56
N LYS A 231 30.21 12.91 -5.48
CA LYS A 231 29.26 11.84 -5.69
C LYS A 231 29.33 11.33 -7.12
N PRO A 232 28.83 10.10 -7.37
CA PRO A 232 28.73 9.63 -8.75
C PRO A 232 27.89 10.59 -9.59
N GLY A 233 28.39 10.91 -10.77
CA GLY A 233 27.73 11.84 -11.66
C GLY A 233 28.08 13.29 -11.46
N ASP A 234 28.66 13.65 -10.32
CA ASP A 234 29.07 15.03 -10.08
C ASP A 234 30.43 15.28 -10.73
N VAL A 235 30.84 16.55 -10.72
CA VAL A 235 32.12 16.93 -11.29
C VAL A 235 32.84 17.85 -10.31
N LEU A 236 34.15 17.63 -10.18
CA LEU A 236 35.00 18.45 -9.32
C LEU A 236 35.56 19.61 -10.11
N VAL A 237 35.54 20.80 -9.50
CA VAL A 237 36.07 22.01 -10.11
C VAL A 237 37.10 22.59 -9.15
N ILE A 238 38.32 22.77 -9.64
CA ILE A 238 39.40 23.39 -8.87
C ILE A 238 39.77 24.69 -9.57
N ASN A 239 39.69 25.80 -8.83
CA ASN A 239 40.04 27.11 -9.35
C ASN A 239 41.00 27.78 -8.37
N SER A 240 42.12 28.28 -8.88
CA SER A 240 43.13 28.85 -8.00
C SER A 240 44.03 29.80 -8.77
N ASN A 241 44.33 30.94 -8.16
CA ASN A 241 45.33 31.86 -8.68
C ASN A 241 46.52 31.99 -7.74
N GLY A 242 46.75 30.99 -6.92
CA GLY A 242 47.91 30.94 -6.05
C GLY A 242 47.67 30.06 -4.84
N ASN A 243 48.75 29.46 -4.34
CA ASN A 243 48.82 28.76 -3.06
C ASN A 243 48.09 27.42 -3.05
N LEU A 244 47.80 26.84 -4.21
CA LEU A 244 47.07 25.58 -4.28
C LEU A 244 48.01 24.41 -4.09
N ILE A 245 47.73 23.60 -3.08
CA ILE A 245 48.39 22.30 -2.91
C ILE A 245 47.46 21.28 -3.54
N ALA A 246 47.79 20.88 -4.75
CA ALA A 246 46.82 20.19 -5.62
C ALA A 246 46.73 18.71 -5.30
N PRO A 247 45.59 18.10 -5.56
CA PRO A 247 45.49 16.64 -5.47
C PRO A 247 46.12 15.98 -6.69
N ARG A 248 46.63 14.77 -6.49
CA ARG A 248 47.13 13.98 -7.60
C ARG A 248 46.10 12.98 -8.12
N GLY A 249 45.00 12.79 -7.39
CA GLY A 249 44.01 11.81 -7.76
C GLY A 249 42.98 11.69 -6.65
N TYR A 250 42.28 10.56 -6.63
CA TYR A 250 41.20 10.35 -5.68
C TYR A 250 41.40 9.08 -4.87
N PHE A 251 40.80 9.07 -3.68
CA PHE A 251 40.66 7.88 -2.87
C PHE A 251 39.29 7.27 -3.12
N LYS A 252 39.25 5.98 -3.40
CA LYS A 252 37.98 5.31 -3.65
C LYS A 252 37.26 5.06 -2.32
N MET A 253 36.12 5.70 -2.12
CA MET A 253 35.40 5.62 -0.86
C MET A 253 34.48 4.41 -0.85
N ARG A 254 34.35 3.81 0.33
CA ARG A 254 33.51 2.65 0.55
C ARG A 254 32.64 2.89 1.77
N THR A 255 31.46 2.28 1.78
CA THR A 255 30.60 2.26 2.95
C THR A 255 30.58 0.85 3.52
N GLY A 256 31.02 0.71 4.77
CA GLY A 256 31.14 -0.60 5.38
C GLY A 256 31.33 -0.59 6.89
N LYS A 257 31.96 -1.64 7.41
CA LYS A 257 32.08 -1.85 8.85
C LYS A 257 33.43 -1.44 9.40
N SER A 258 34.18 -0.60 8.69
CA SER A 258 35.53 -0.25 9.11
C SER A 258 35.50 0.89 10.12
N SER A 259 36.52 0.93 10.99
CA SER A 259 36.62 1.94 12.02
C SER A 259 38.08 2.12 12.41
N ILE A 260 38.32 2.90 13.45
CA ILE A 260 39.66 3.19 13.94
C ILE A 260 39.64 3.15 15.46
N MET A 261 40.77 2.80 16.05
CA MET A 261 40.87 2.65 17.50
C MET A 261 42.24 3.10 17.96
N ARG A 262 42.28 3.76 19.12
CA ARG A 262 43.54 4.14 19.77
C ARG A 262 43.87 3.09 20.83
N SER A 263 45.01 2.43 20.67
CA SER A 263 45.40 1.38 21.59
C SER A 263 46.89 1.15 21.49
N ASP A 264 47.50 0.78 22.60
CA ASP A 264 48.89 0.32 22.62
C ASP A 264 48.99 -1.17 22.88
N ALA A 265 47.89 -1.90 22.75
CA ALA A 265 47.90 -3.34 22.97
C ALA A 265 48.60 -4.04 21.81
N PRO A 266 49.36 -5.08 22.08
CA PRO A 266 50.00 -5.83 21.00
C PRO A 266 49.00 -6.68 20.25
N ILE A 267 49.36 -7.02 19.02
CA ILE A 267 48.54 -7.83 18.14
C ILE A 267 49.05 -9.26 18.20
N ASP A 268 48.13 -10.22 18.32
CA ASP A 268 48.47 -11.62 18.51
C ASP A 268 47.71 -12.47 17.49
N THR A 269 48.13 -13.73 17.37
CA THR A 269 47.57 -14.69 16.42
C THR A 269 46.48 -15.50 17.14
N CYS A 270 45.26 -14.98 17.11
CA CYS A 270 44.12 -15.64 17.73
C CYS A 270 42.85 -15.21 16.99
N ILE A 271 41.71 -15.66 17.49
CA ILE A 271 40.41 -15.36 16.90
C ILE A 271 39.52 -14.73 17.95
N SER A 272 38.99 -13.55 17.64
CA SER A 272 38.06 -12.86 18.55
C SER A 272 37.26 -11.85 17.74
N GLU A 273 35.93 -11.95 17.82
CA GLU A 273 35.07 -11.02 17.13
C GLU A 273 35.07 -9.63 17.76
N CYS A 274 35.44 -9.51 19.04
CA CYS A 274 35.34 -8.26 19.77
C CYS A 274 36.71 -7.74 20.15
N ILE A 275 36.91 -6.44 19.96
CA ILE A 275 38.18 -5.78 20.22
C ILE A 275 37.93 -4.56 21.08
N THR A 276 38.72 -4.40 22.13
CA THR A 276 38.77 -3.21 22.96
C THR A 276 40.19 -2.66 22.96
N PRO A 277 40.39 -1.42 23.38
CA PRO A 277 41.76 -0.91 23.52
C PRO A 277 42.58 -1.70 24.53
N ASN A 278 41.94 -2.40 25.45
CA ASN A 278 42.60 -3.30 26.38
C ASN A 278 42.96 -4.64 25.75
N GLY A 279 42.55 -4.89 24.52
CA GLY A 279 42.70 -6.19 23.90
C GLY A 279 41.36 -6.82 23.59
N SER A 280 41.43 -7.96 22.90
CA SER A 280 40.23 -8.69 22.54
C SER A 280 39.55 -9.26 23.79
N ILE A 281 38.23 -9.43 23.70
CA ILE A 281 37.48 -10.13 24.74
C ILE A 281 36.47 -11.05 24.09
N PRO A 282 36.14 -12.15 24.77
CA PRO A 282 35.10 -13.05 24.25
C PRO A 282 33.72 -12.41 24.39
N ASN A 283 32.75 -13.01 23.71
CA ASN A 283 31.39 -12.50 23.68
C ASN A 283 30.38 -13.58 24.04
N ASP A 284 30.73 -14.44 25.00
CA ASP A 284 29.80 -15.45 25.48
C ASP A 284 28.88 -14.92 26.57
N LYS A 285 29.17 -13.75 27.13
CA LYS A 285 28.39 -13.11 28.15
C LYS A 285 27.65 -11.91 27.59
N PRO A 286 26.44 -11.63 28.07
CA PRO A 286 25.66 -10.51 27.50
C PRO A 286 26.24 -9.14 27.81
N PHE A 287 27.04 -9.00 28.86
CA PHE A 287 27.53 -7.70 29.29
C PHE A 287 29.04 -7.72 29.47
N GLN A 288 29.61 -6.54 29.67
CA GLN A 288 31.05 -6.38 29.68
C GLN A 288 31.42 -5.15 30.51
N ASN A 289 32.59 -5.22 31.15
CA ASN A 289 33.06 -4.14 32.02
C ASN A 289 34.50 -3.75 31.70
N VAL A 290 35.00 -4.11 30.52
CA VAL A 290 36.41 -3.87 30.20
C VAL A 290 36.61 -2.46 29.67
N ASN A 291 35.83 -2.05 28.67
CA ASN A 291 36.00 -0.73 28.09
C ASN A 291 34.76 -0.37 27.29
N LYS A 292 34.33 0.89 27.42
CA LYS A 292 33.19 1.35 26.63
C LYS A 292 33.53 1.52 25.16
N ILE A 293 34.81 1.51 24.82
CA ILE A 293 35.26 1.57 23.43
C ILE A 293 35.42 0.14 22.93
N THR A 294 34.57 -0.26 21.98
CA THR A 294 34.62 -1.60 21.45
C THR A 294 34.47 -1.57 19.94
N TYR A 295 34.84 -2.67 19.31
CA TYR A 295 34.64 -2.88 17.88
C TYR A 295 34.24 -4.33 17.64
N GLY A 296 33.17 -4.53 16.89
CA GLY A 296 32.75 -5.86 16.49
C GLY A 296 31.55 -6.36 17.27
N ALA A 297 31.38 -7.68 17.25
CA ALA A 297 30.31 -8.34 18.00
C ALA A 297 30.77 -8.46 19.45
N CYS A 298 30.27 -7.57 20.29
CA CYS A 298 30.77 -7.37 21.64
C CYS A 298 29.63 -7.47 22.64
N PRO A 299 29.93 -7.79 23.89
CA PRO A 299 28.93 -7.61 24.95
C PRO A 299 28.69 -6.13 25.20
N LYS A 300 27.50 -5.81 25.69
CA LYS A 300 27.17 -4.44 25.99
C LYS A 300 27.90 -3.99 27.26
N TYR A 301 28.38 -2.75 27.24
CA TYR A 301 29.16 -2.23 28.36
C TYR A 301 28.24 -1.80 29.49
N VAL A 302 28.60 -2.19 30.71
CA VAL A 302 27.85 -1.84 31.92
C VAL A 302 28.83 -1.38 32.98
N LYS A 303 28.29 -0.75 34.03
CA LYS A 303 29.11 -0.26 35.13
C LYS A 303 29.44 -1.35 36.14
N GLN A 304 28.61 -2.38 36.26
CA GLN A 304 28.85 -3.43 37.22
C GLN A 304 30.08 -4.25 36.84
N ASN A 305 30.80 -4.72 37.86
CA ASN A 305 31.92 -5.62 37.66
C ASN A 305 31.52 -7.09 37.69
N THR A 306 30.36 -7.42 38.26
CA THR A 306 29.89 -8.80 38.29
C THR A 306 28.37 -8.81 38.42
N LEU A 307 27.75 -9.74 37.70
CA LEU A 307 26.32 -10.02 37.82
C LEU A 307 26.13 -11.53 37.74
N LYS A 308 25.64 -12.13 38.82
CA LYS A 308 25.56 -13.58 38.91
C LYS A 308 24.12 -14.02 38.62
N LEU A 309 23.97 -14.85 37.59
CA LEU A 309 22.68 -15.38 37.17
C LEU A 309 22.52 -16.79 37.72
N ALA A 310 21.46 -17.02 38.48
CA ALA A 310 21.26 -18.33 39.08
C ALA A 310 21.04 -19.38 38.01
N THR A 311 21.70 -20.53 38.18
CA THR A 311 21.50 -21.68 37.30
C THR A 311 21.14 -22.92 38.12
N GLY A 312 20.66 -22.73 39.34
CA GLY A 312 20.22 -23.81 40.20
C GLY A 312 19.22 -23.29 41.21
N MET A 313 18.66 -24.22 41.98
CA MET A 313 17.62 -23.88 42.95
C MET A 313 18.22 -23.32 44.23
N ARG A 314 17.34 -22.89 45.14
CA ARG A 314 17.75 -22.52 46.49
C ARG A 314 18.52 -23.66 47.13
N ASN A 315 19.64 -23.31 47.75
CA ASN A 315 20.48 -24.28 48.44
C ASN A 315 20.07 -24.33 49.91
N VAL A 316 19.44 -25.42 50.31
CA VAL A 316 19.01 -25.62 51.69
C VAL A 316 19.78 -26.81 52.27
N PRO A 317 20.87 -26.57 52.94
CA PRO A 317 21.66 -27.69 53.44
C PRO A 317 20.85 -28.52 54.44
N GLU A 318 21.15 -29.80 54.57
CA GLU A 318 20.33 -30.67 55.41
C GLU A 318 20.52 -30.64 56.92
N LYS A 319 19.44 -31.03 57.58
CA LYS A 319 19.31 -31.08 59.03
C LYS A 319 20.00 -32.29 59.62
N ALA A 320 20.20 -32.23 60.93
CA ALA A 320 20.78 -33.36 61.67
C ALA A 320 19.69 -34.32 62.10
N GLY B 2 18.64 -41.20 61.43
CA GLY B 2 18.24 -42.43 60.78
C GLY B 2 16.93 -42.30 60.03
N ALA B 3 15.93 -41.72 60.69
CA ALA B 3 14.64 -41.52 60.06
C ALA B 3 14.75 -40.50 58.93
N ILE B 4 14.02 -40.73 57.85
CA ILE B 4 14.11 -39.91 56.66
C ILE B 4 13.12 -38.76 56.74
N ALA B 5 13.44 -37.67 56.04
CA ALA B 5 12.58 -36.50 56.00
C ALA B 5 12.67 -35.87 54.61
N GLY B 6 11.62 -35.13 54.24
CA GLY B 6 11.47 -34.60 52.90
C GLY B 6 11.98 -33.18 52.73
N PHE B 7 11.41 -32.50 51.73
CA PHE B 7 11.93 -31.20 51.30
C PHE B 7 11.46 -30.04 52.16
N ILE B 8 10.37 -30.21 52.91
CA ILE B 8 9.87 -29.13 53.75
C ILE B 8 10.96 -28.69 54.73
N GLU B 9 11.73 -29.63 55.26
CA GLU B 9 12.73 -29.29 56.27
C GLU B 9 14.03 -28.81 55.62
N ASN B 10 14.50 -29.51 54.59
CA ASN B 10 15.87 -29.34 54.12
C ASN B 10 16.00 -29.91 52.72
N GLY B 11 17.23 -29.83 52.19
CA GLY B 11 17.61 -30.51 50.97
C GLY B 11 18.50 -31.71 51.27
N TRP B 12 18.81 -32.45 50.21
CA TRP B 12 19.56 -33.70 50.31
C TRP B 12 20.91 -33.53 49.63
N GLU B 13 21.98 -33.49 50.44
CA GLU B 13 23.32 -33.42 49.86
C GLU B 13 23.75 -34.75 49.25
N GLY B 14 23.12 -35.86 49.63
CA GLY B 14 23.48 -37.15 49.08
C GLY B 14 22.97 -37.41 47.68
N MET B 15 22.05 -36.60 47.19
CA MET B 15 21.45 -36.80 45.87
C MET B 15 22.34 -36.15 44.82
N ILE B 16 22.91 -36.96 43.93
CA ILE B 16 23.87 -36.45 42.96
C ILE B 16 23.52 -36.91 41.55
N ASP B 17 22.56 -37.81 41.42
CA ASP B 17 22.16 -38.31 40.11
C ASP B 17 20.95 -37.58 39.54
N GLY B 18 20.46 -36.55 40.23
CA GLY B 18 19.31 -35.80 39.76
C GLY B 18 19.09 -34.60 40.66
N TRP B 19 18.09 -33.80 40.29
CA TRP B 19 17.73 -32.63 41.08
C TRP B 19 16.60 -32.89 42.07
N TYR B 20 15.67 -33.78 41.74
CA TYR B 20 14.58 -34.15 42.61
C TYR B 20 14.52 -35.67 42.72
N GLY B 21 13.94 -36.18 43.79
CA GLY B 21 13.94 -37.61 43.93
C GLY B 21 13.12 -38.11 45.10
N PHE B 22 13.20 -39.43 45.30
CA PHE B 22 12.45 -40.14 46.35
C PHE B 22 13.41 -40.81 47.32
N ARG B 23 13.07 -40.75 48.59
CA ARG B 23 13.66 -41.59 49.63
C ARG B 23 12.56 -42.38 50.30
N HIS B 24 12.85 -43.65 50.61
CA HIS B 24 11.82 -44.53 51.15
C HIS B 24 12.41 -45.39 52.26
N GLN B 25 11.53 -45.92 53.09
CA GLN B 25 11.89 -46.83 54.17
C GLN B 25 10.80 -47.90 54.25
N ASN B 26 11.17 -49.14 53.93
CA ASN B 26 10.20 -50.23 53.86
C ASN B 26 10.77 -51.44 54.58
N SER B 27 10.12 -52.58 54.39
CA SER B 27 10.55 -53.82 55.05
C SER B 27 11.92 -54.28 54.57
N GLU B 28 12.27 -53.99 53.31
CA GLU B 28 13.56 -54.40 52.79
C GLU B 28 14.69 -53.45 53.17
N GLY B 29 14.37 -52.26 53.68
CA GLY B 29 15.38 -51.31 54.08
C GLY B 29 15.09 -49.89 53.62
N THR B 30 16.15 -49.09 53.43
CA THR B 30 16.02 -47.73 52.95
C THR B 30 16.70 -47.58 51.60
N GLY B 31 16.18 -46.66 50.80
CA GLY B 31 16.73 -46.46 49.47
C GLY B 31 16.44 -45.06 48.97
N GLN B 32 17.09 -44.74 47.85
CA GLN B 32 16.99 -43.41 47.24
C GLN B 32 16.99 -43.56 45.73
N ALA B 33 16.25 -42.67 45.07
CA ALA B 33 16.19 -42.69 43.62
C ALA B 33 15.84 -41.30 43.12
N ALA B 34 16.44 -40.90 42.01
CA ALA B 34 16.19 -39.58 41.43
C ALA B 34 15.05 -39.64 40.43
N ASP B 35 14.29 -38.55 40.35
CA ASP B 35 13.23 -38.39 39.36
C ASP B 35 13.78 -37.55 38.21
N LEU B 36 13.92 -38.17 37.04
CA LEU B 36 14.69 -37.54 35.97
C LEU B 36 13.85 -36.58 35.15
N LYS B 37 12.56 -36.90 34.95
CA LYS B 37 11.71 -36.04 34.14
C LYS B 37 11.56 -34.66 34.77
N SER B 38 11.32 -34.60 36.08
CA SER B 38 11.17 -33.31 36.74
C SER B 38 12.51 -32.63 36.94
N THR B 39 13.59 -33.40 37.03
CA THR B 39 14.92 -32.79 37.00
C THR B 39 15.16 -32.08 35.68
N GLN B 40 14.90 -32.76 34.57
CA GLN B 40 15.16 -32.18 33.26
C GLN B 40 14.16 -31.08 32.93
N ALA B 41 12.94 -31.16 33.46
CA ALA B 41 11.96 -30.12 33.21
C ALA B 41 12.42 -28.78 33.77
N ALA B 42 13.09 -28.79 34.92
CA ALA B 42 13.63 -27.56 35.47
C ALA B 42 14.88 -27.13 34.70
N ILE B 43 15.73 -28.09 34.30
CA ILE B 43 16.95 -27.74 33.58
C ILE B 43 16.62 -27.18 32.20
N ASP B 44 15.59 -27.74 31.54
CA ASP B 44 15.19 -27.25 30.23
C ASP B 44 14.85 -25.77 30.27
N GLN B 45 14.22 -25.31 31.35
CA GLN B 45 13.84 -23.90 31.46
C GLN B 45 15.04 -23.01 31.72
N ILE B 46 15.96 -23.45 32.57
CA ILE B 46 17.16 -22.67 32.84
C ILE B 46 18.03 -22.59 31.59
N ASN B 47 18.15 -23.69 30.85
CA ASN B 47 18.85 -23.64 29.58
C ASN B 47 18.20 -22.62 28.64
N GLY B 48 16.87 -22.54 28.65
CA GLY B 48 16.18 -21.59 27.78
C GLY B 48 16.47 -20.15 28.16
N LYS B 49 16.60 -19.86 29.45
CA LYS B 49 17.02 -18.53 29.90
C LYS B 49 18.40 -18.19 29.34
N LEU B 50 19.38 -19.07 29.57
CA LEU B 50 20.73 -18.86 29.09
C LEU B 50 20.76 -18.65 27.58
N ASN B 51 19.84 -19.27 26.85
CA ASN B 51 19.81 -19.07 25.41
C ASN B 51 19.24 -17.71 25.07
N ARG B 52 18.24 -17.24 25.82
CA ARG B 52 17.60 -15.98 25.50
C ARG B 52 18.41 -14.76 25.93
N VAL B 53 19.34 -14.91 26.87
CA VAL B 53 20.09 -13.74 27.32
C VAL B 53 21.16 -13.33 26.31
N ILE B 54 21.69 -14.27 25.52
CA ILE B 54 22.66 -13.94 24.48
C ILE B 54 22.06 -14.09 23.09
N GLU B 55 20.75 -14.27 22.98
CA GLU B 55 20.15 -14.56 21.68
C GLU B 55 20.28 -13.38 20.71
N LYS B 56 20.31 -12.15 21.22
CA LYS B 56 20.42 -10.97 20.38
C LYS B 56 21.87 -10.53 20.32
N THR B 57 22.41 -10.44 19.11
CA THR B 57 23.80 -10.05 18.92
C THR B 57 23.93 -8.53 18.93
N ASN B 58 24.90 -8.03 19.68
CA ASN B 58 25.23 -6.61 19.71
C ASN B 58 26.50 -6.43 18.90
N GLU B 59 26.37 -5.86 17.70
CA GLU B 59 27.48 -5.73 16.77
C GLU B 59 27.59 -4.27 16.35
N LYS B 60 28.62 -3.59 16.85
CA LYS B 60 28.84 -2.18 16.58
C LYS B 60 30.20 -1.97 15.97
N PHE B 61 30.28 -1.07 14.99
CA PHE B 61 31.56 -0.85 14.31
C PHE B 61 32.06 0.57 14.50
N HIS B 62 31.89 1.45 13.51
CA HIS B 62 32.28 2.85 13.69
C HIS B 62 31.23 3.54 14.54
N GLN B 63 31.66 4.10 15.67
CA GLN B 63 30.76 4.78 16.59
C GLN B 63 31.19 6.23 16.77
N ILE B 64 31.02 6.77 17.96
CA ILE B 64 31.52 8.08 18.30
C ILE B 64 32.84 7.91 19.04
N GLU B 65 33.60 9.00 19.16
CA GLU B 65 34.76 9.01 20.04
C GLU B 65 34.27 9.13 21.49
N LYS B 66 34.91 8.38 22.38
CA LYS B 66 34.48 8.33 23.77
C LYS B 66 35.57 8.77 24.74
N GLU B 67 36.80 8.94 24.29
CA GLU B 67 37.87 9.54 25.07
C GLU B 67 38.46 10.70 24.27
N PHE B 68 38.89 11.74 24.98
CA PHE B 68 39.30 12.98 24.35
C PHE B 68 40.56 13.50 25.01
N SER B 69 41.50 13.98 24.19
CA SER B 69 42.78 14.46 24.68
C SER B 69 42.81 15.98 24.89
N GLU B 70 41.77 16.69 24.46
CA GLU B 70 41.75 18.14 24.55
C GLU B 70 40.39 18.62 25.04
N VAL B 71 40.38 19.80 25.66
CA VAL B 71 39.15 20.45 26.07
C VAL B 71 38.57 21.19 24.86
N GLU B 72 37.32 20.89 24.55
CA GLU B 72 36.64 21.51 23.42
C GLU B 72 35.37 22.24 23.79
N GLY B 73 34.66 21.81 24.81
CA GLY B 73 33.46 22.49 25.24
C GLY B 73 32.18 21.80 24.81
N ARG B 74 31.36 22.51 24.05
CA ARG B 74 29.95 22.14 23.85
C ARG B 74 29.79 20.77 23.21
N ILE B 75 30.43 20.55 22.06
CA ILE B 75 30.24 19.29 21.32
C ILE B 75 30.73 18.12 22.14
N GLN B 76 31.89 18.26 22.79
CA GLN B 76 32.43 17.18 23.60
C GLN B 76 31.55 16.92 24.82
N ASP B 77 30.97 17.98 25.39
CA ASP B 77 30.01 17.79 26.47
C ASP B 77 28.86 16.90 26.05
N LEU B 78 28.36 17.11 24.83
CA LEU B 78 27.23 16.32 24.34
C LEU B 78 27.65 14.89 24.05
N GLU B 79 28.84 14.69 23.45
CA GLU B 79 29.30 13.35 23.17
C GLU B 79 29.47 12.53 24.44
N LYS B 80 30.03 13.15 25.49
CA LYS B 80 30.18 12.44 26.75
C LYS B 80 28.83 12.14 27.39
N TYR B 81 27.90 13.10 27.32
CA TYR B 81 26.58 12.90 27.90
C TYR B 81 25.83 11.76 27.22
N VAL B 82 25.95 11.66 25.91
CA VAL B 82 25.26 10.61 25.16
C VAL B 82 25.74 9.23 25.61
N GLU B 83 27.07 9.07 25.75
CA GLU B 83 27.60 7.76 26.09
C GLU B 83 27.32 7.40 27.54
N ASP B 84 27.41 8.37 28.44
CA ASP B 84 27.10 8.10 29.85
C ASP B 84 25.63 7.73 30.03
N THR B 85 24.73 8.38 29.27
CA THR B 85 23.32 8.05 29.34
C THR B 85 23.07 6.62 28.90
N LYS B 86 23.69 6.22 27.79
CA LYS B 86 23.55 4.86 27.28
C LYS B 86 24.00 3.83 28.32
N ILE B 87 25.15 4.06 28.94
CA ILE B 87 25.71 3.07 29.86
C ILE B 87 24.84 2.93 31.09
N ASP B 88 24.29 4.04 31.60
CA ASP B 88 23.43 3.96 32.77
C ASP B 88 22.16 3.20 32.49
N LEU B 89 21.58 3.37 31.29
CA LEU B 89 20.37 2.65 30.94
C LEU B 89 20.63 1.16 30.77
N TRP B 90 21.75 0.80 30.14
CA TRP B 90 22.08 -0.61 29.99
C TRP B 90 22.47 -1.23 31.32
N SER B 91 23.16 -0.46 32.18
CA SER B 91 23.48 -0.96 33.50
C SER B 91 22.21 -1.22 34.32
N TYR B 92 21.18 -0.39 34.13
CA TYR B 92 19.90 -0.65 34.77
C TYR B 92 19.25 -1.90 34.20
N ASN B 93 19.24 -2.03 32.86
CA ASN B 93 18.64 -3.19 32.23
C ASN B 93 19.28 -4.49 32.70
N ALA B 94 20.61 -4.48 32.86
CA ALA B 94 21.30 -5.68 33.33
C ALA B 94 20.94 -6.00 34.78
N GLU B 95 20.88 -4.98 35.64
CA GLU B 95 20.56 -5.21 37.04
C GLU B 95 19.15 -5.74 37.21
N LEU B 96 18.18 -5.19 36.47
CA LEU B 96 16.82 -5.67 36.56
C LEU B 96 16.65 -7.05 35.94
N LEU B 97 17.41 -7.35 34.88
CA LEU B 97 17.29 -8.64 34.22
C LEU B 97 17.66 -9.78 35.14
N VAL B 98 18.86 -9.73 35.74
CA VAL B 98 19.29 -10.84 36.57
C VAL B 98 18.41 -10.96 37.82
N ALA B 99 17.88 -9.83 38.30
CA ALA B 99 16.99 -9.87 39.44
C ALA B 99 15.68 -10.56 39.09
N LEU B 100 15.09 -10.21 37.94
CA LEU B 100 13.86 -10.86 37.50
C LEU B 100 14.09 -12.34 37.20
N GLU B 101 15.20 -12.65 36.52
CA GLU B 101 15.49 -14.02 36.13
C GLU B 101 15.72 -14.90 37.36
N ASN B 102 16.53 -14.42 38.31
CA ASN B 102 16.81 -15.22 39.50
C ASN B 102 15.55 -15.46 40.31
N GLN B 103 14.64 -14.49 40.35
CA GLN B 103 13.38 -14.70 41.05
C GLN B 103 12.57 -15.79 40.37
N HIS B 104 12.61 -15.82 39.04
CA HIS B 104 11.85 -16.82 38.29
C HIS B 104 12.50 -18.19 38.38
N THR B 105 13.83 -18.25 38.39
CA THR B 105 14.52 -19.53 38.52
C THR B 105 14.20 -20.19 39.85
N ILE B 106 14.24 -19.42 40.92
CA ILE B 106 13.89 -19.94 42.24
C ILE B 106 12.44 -20.39 42.26
N ASP B 107 11.55 -19.65 41.59
CA ASP B 107 10.14 -20.01 41.58
C ASP B 107 9.90 -21.30 40.80
N LEU B 108 10.49 -21.42 39.60
CA LEU B 108 10.22 -22.59 38.78
C LEU B 108 10.81 -23.85 39.38
N THR B 109 11.94 -23.76 40.07
CA THR B 109 12.52 -24.93 40.70
C THR B 109 11.73 -25.32 41.95
N ASP B 110 11.19 -24.33 42.67
CA ASP B 110 10.27 -24.64 43.76
C ASP B 110 9.00 -25.29 43.25
N SER B 111 8.56 -24.90 42.05
CA SER B 111 7.32 -25.44 41.51
C SER B 111 7.48 -26.89 41.10
N GLU B 112 8.63 -27.25 40.52
CA GLU B 112 8.86 -28.63 40.11
C GLU B 112 8.81 -29.58 41.31
N MET B 113 9.31 -29.14 42.46
CA MET B 113 9.23 -29.95 43.66
C MET B 113 7.78 -30.19 44.06
N ASN B 114 6.98 -29.13 44.08
CA ASN B 114 5.59 -29.27 44.51
C ASN B 114 4.79 -30.10 43.52
N LYS B 115 5.11 -30.00 42.23
CA LYS B 115 4.38 -30.78 41.23
C LYS B 115 4.67 -32.27 41.39
N LEU B 116 5.91 -32.63 41.72
CA LEU B 116 6.23 -34.02 41.96
C LEU B 116 5.59 -34.52 43.26
N PHE B 117 5.45 -33.65 44.24
CA PHE B 117 4.78 -34.04 45.48
C PHE B 117 3.28 -34.26 45.25
N GLU B 118 2.64 -33.36 44.51
CA GLU B 118 1.22 -33.51 44.23
C GLU B 118 0.97 -34.67 43.28
N LYS B 119 1.86 -34.87 42.30
CA LYS B 119 1.73 -36.03 41.42
C LYS B 119 1.73 -37.32 42.21
N THR B 120 2.59 -37.40 43.23
CA THR B 120 2.64 -38.58 44.10
C THR B 120 1.40 -38.67 44.97
N ARG B 121 0.90 -37.54 45.45
CA ARG B 121 -0.26 -37.54 46.30
C ARG B 121 -1.47 -38.10 45.57
N ARG B 122 -1.58 -37.76 44.30
CA ARG B 122 -2.64 -38.26 43.47
C ARG B 122 -2.60 -39.76 43.25
N GLN B 123 -1.42 -40.30 43.07
CA GLN B 123 -1.29 -41.74 42.86
C GLN B 123 -1.77 -42.51 44.07
N LEU B 124 -1.30 -42.11 45.26
CA LEU B 124 -1.54 -42.91 46.47
C LEU B 124 -3.00 -42.85 46.89
N ARG B 125 -3.71 -41.78 46.56
CA ARG B 125 -5.10 -41.57 46.96
C ARG B 125 -5.31 -41.84 48.45
N GLU B 126 -6.23 -42.74 48.79
CA GLU B 126 -6.58 -42.99 50.18
C GLU B 126 -5.70 -44.02 50.86
N ASN B 127 -4.56 -44.35 50.26
CA ASN B 127 -3.65 -45.34 50.83
C ASN B 127 -2.50 -44.70 51.60
N ALA B 128 -2.46 -43.38 51.70
CA ALA B 128 -1.34 -42.72 52.36
C ALA B 128 -1.83 -41.41 52.97
N GLU B 129 -0.99 -40.83 53.81
CA GLU B 129 -1.28 -39.57 54.49
C GLU B 129 -0.03 -38.71 54.51
N ASP B 130 -0.25 -37.39 54.42
CA ASP B 130 0.84 -36.43 54.42
C ASP B 130 1.35 -36.26 55.85
N MET B 131 2.60 -36.67 56.08
CA MET B 131 3.19 -36.52 57.41
C MET B 131 3.57 -35.08 57.74
N GLY B 132 3.55 -34.19 56.75
CA GLY B 132 3.80 -32.78 56.98
C GLY B 132 5.23 -32.33 56.78
N ASN B 133 6.15 -33.25 56.53
CA ASN B 133 7.56 -32.93 56.36
C ASN B 133 8.03 -33.20 54.93
N GLY B 134 7.12 -33.41 54.01
CA GLY B 134 7.46 -33.81 52.66
C GLY B 134 7.42 -35.30 52.41
N CYS B 135 6.96 -36.09 53.37
CA CYS B 135 6.90 -37.53 53.25
C CYS B 135 5.46 -38.01 53.31
N PHE B 136 5.24 -39.22 52.79
CA PHE B 136 3.96 -39.89 52.89
C PHE B 136 4.10 -41.10 53.80
N LYS B 137 3.10 -41.31 54.65
CA LYS B 137 3.00 -42.55 55.41
C LYS B 137 2.10 -43.49 54.61
N ILE B 138 2.70 -44.47 53.95
CA ILE B 138 1.94 -45.44 53.17
C ILE B 138 1.48 -46.55 54.10
N TYR B 139 0.17 -46.72 54.23
CA TYR B 139 -0.43 -47.60 55.23
C TYR B 139 -0.58 -49.04 54.75
N HIS B 140 0.39 -49.56 54.01
CA HIS B 140 0.34 -50.96 53.60
C HIS B 140 1.75 -51.44 53.32
N LYS B 141 1.90 -52.76 53.25
CA LYS B 141 3.18 -53.37 52.90
C LYS B 141 3.57 -52.95 51.48
N CYS B 142 4.62 -52.16 51.36
CA CYS B 142 5.07 -51.64 50.06
C CYS B 142 6.54 -52.04 49.89
N ASP B 143 6.78 -53.16 49.22
CA ASP B 143 8.13 -53.66 49.00
C ASP B 143 8.85 -52.77 47.97
N ASN B 144 10.05 -53.18 47.59
CA ASN B 144 10.82 -52.39 46.62
C ASN B 144 10.10 -52.27 45.30
N ALA B 145 9.48 -53.36 44.83
CA ALA B 145 8.71 -53.30 43.59
C ALA B 145 7.51 -52.38 43.71
N CYS B 146 6.90 -52.32 44.89
CA CYS B 146 5.78 -51.40 45.11
C CYS B 146 6.26 -49.96 45.10
N ILE B 147 7.42 -49.69 45.70
CA ILE B 147 7.98 -48.34 45.69
C ILE B 147 8.30 -47.91 44.26
N GLU B 148 8.89 -48.82 43.48
CA GLU B 148 9.25 -48.48 42.10
C GLU B 148 8.01 -48.23 41.24
N SER B 149 6.90 -48.91 41.55
CA SER B 149 5.66 -48.64 40.81
C SER B 149 5.18 -47.22 41.08
N ILE B 150 5.37 -46.73 42.30
CA ILE B 150 5.05 -45.34 42.60
C ILE B 150 5.94 -44.40 41.80
N ARG B 151 7.26 -44.67 41.81
CA ARG B 151 8.21 -43.78 41.17
C ARG B 151 8.01 -43.72 39.66
N ASN B 152 7.59 -44.81 39.03
CA ASN B 152 7.37 -44.81 37.59
C ASN B 152 5.90 -44.69 37.20
N GLY B 153 5.04 -44.35 38.15
CA GLY B 153 3.68 -43.96 37.83
C GLY B 153 2.74 -45.07 37.38
N THR B 154 2.96 -46.30 37.84
CA THR B 154 2.08 -47.42 37.50
C THR B 154 1.41 -48.02 38.73
N TYR B 155 1.50 -47.35 39.87
CA TYR B 155 0.97 -47.87 41.13
C TYR B 155 -0.56 -47.91 41.08
N ASP B 156 -1.13 -49.09 41.36
CA ASP B 156 -2.57 -49.28 41.34
C ASP B 156 -3.08 -49.24 42.78
N HIS B 157 -3.88 -48.24 43.10
CA HIS B 157 -4.30 -48.04 44.48
C HIS B 157 -5.35 -49.05 44.91
N ASP B 158 -6.12 -49.60 43.96
CA ASP B 158 -7.17 -50.56 44.33
C ASP B 158 -6.58 -51.85 44.87
N VAL B 159 -5.35 -52.17 44.51
CA VAL B 159 -4.72 -53.41 44.99
C VAL B 159 -4.54 -53.36 46.49
N TYR B 160 -4.02 -52.25 47.01
CA TYR B 160 -3.71 -52.13 48.43
C TYR B 160 -4.77 -51.37 49.21
N ARG B 161 -5.90 -51.03 48.59
CA ARG B 161 -6.85 -50.11 49.22
C ARG B 161 -7.46 -50.70 50.48
N ASP B 162 -7.95 -51.94 50.39
CA ASP B 162 -8.58 -52.56 51.56
C ASP B 162 -7.59 -52.67 52.71
N GLU B 163 -6.34 -53.03 52.42
CA GLU B 163 -5.33 -53.12 53.47
C GLU B 163 -5.04 -51.76 54.07
N ALA B 164 -4.92 -50.73 53.23
CA ALA B 164 -4.55 -49.41 53.72
C ALA B 164 -5.68 -48.76 54.51
N LEU B 165 -6.93 -48.93 54.06
CA LEU B 165 -8.05 -48.35 54.80
C LEU B 165 -8.21 -48.98 56.16
N ASN B 166 -7.89 -50.26 56.29
CA ASN B 166 -8.02 -50.93 57.59
C ASN B 166 -6.97 -50.43 58.57
N ASN B 167 -5.75 -50.15 58.08
CA ASN B 167 -4.71 -49.64 58.96
C ASN B 167 -4.93 -48.18 59.33
N ARG B 168 -5.57 -47.40 58.45
CA ARG B 168 -5.79 -45.99 58.76
C ARG B 168 -6.85 -45.81 59.84
N PHE B 169 -7.84 -46.67 59.88
CA PHE B 169 -8.93 -46.52 60.84
C PHE B 169 -9.07 -47.77 61.72
N ASN C 1 -23.55 -46.69 38.32
CA ASN C 1 -24.88 -46.20 38.64
C ASN C 1 -24.98 -45.77 40.10
N SER C 2 -24.05 -46.25 40.93
CA SER C 2 -23.99 -45.85 42.33
C SER C 2 -23.10 -44.64 42.56
N THR C 3 -22.26 -44.28 41.59
CA THR C 3 -21.35 -43.14 41.70
C THR C 3 -21.48 -42.26 40.48
N ALA C 4 -20.63 -41.24 40.41
CA ALA C 4 -20.62 -40.31 39.27
C ALA C 4 -19.24 -39.72 39.13
N THR C 5 -18.96 -39.16 37.95
CA THR C 5 -17.67 -38.58 37.64
C THR C 5 -17.85 -37.13 37.22
N LEU C 6 -17.02 -36.25 37.77
CA LEU C 6 -17.04 -34.82 37.45
C LEU C 6 -15.63 -34.39 37.08
N CYS C 7 -15.43 -33.97 35.84
CA CYS C 7 -14.13 -33.59 35.32
C CYS C 7 -14.03 -32.08 35.13
N LEU C 8 -12.88 -31.53 35.47
CA LEU C 8 -12.57 -30.11 35.29
C LEU C 8 -11.64 -29.96 34.11
N GLY C 9 -11.92 -29.01 33.23
CA GLY C 9 -11.11 -28.87 32.03
C GLY C 9 -11.10 -27.46 31.48
N HIS C 10 -10.31 -27.28 30.43
CA HIS C 10 -10.20 -26.02 29.73
C HIS C 10 -10.19 -26.30 28.22
N HIS C 11 -10.51 -25.27 27.45
CA HIS C 11 -10.62 -25.36 26.00
C HIS C 11 -9.29 -25.44 25.27
N ALA C 12 -9.36 -25.85 24.03
CA ALA C 12 -8.19 -25.87 23.16
C ALA C 12 -8.65 -25.66 21.74
N VAL C 13 -7.76 -25.14 20.91
CA VAL C 13 -8.08 -24.87 19.51
C VAL C 13 -7.29 -25.82 18.63
N PRO C 14 -7.74 -26.08 17.40
CA PRO C 14 -6.96 -26.96 16.52
C PRO C 14 -5.66 -26.33 16.06
N ASN C 15 -5.68 -25.06 15.70
CA ASN C 15 -4.49 -24.35 15.20
C ASN C 15 -4.20 -23.16 16.12
N GLY C 16 -3.11 -23.27 16.88
CA GLY C 16 -2.70 -22.21 17.79
C GLY C 16 -1.65 -21.30 17.19
N THR C 17 -1.15 -20.40 18.03
CA THR C 17 -0.14 -19.42 17.64
C THR C 17 1.04 -19.53 18.58
N LEU C 18 2.25 -19.32 18.05
CA LEU C 18 3.47 -19.40 18.84
C LEU C 18 3.84 -18.03 19.39
N VAL C 19 4.21 -17.99 20.67
CA VAL C 19 4.64 -16.77 21.34
C VAL C 19 5.91 -17.07 22.13
N LYS C 20 6.59 -16.01 22.55
CA LYS C 20 7.82 -16.13 23.32
C LYS C 20 7.56 -15.82 24.79
N THR C 21 8.31 -16.49 25.65
CA THR C 21 8.29 -16.25 27.09
C THR C 21 9.70 -15.96 27.58
N ILE C 22 9.88 -16.02 28.90
CA ILE C 22 11.19 -15.76 29.48
C ILE C 22 12.17 -16.87 29.11
N THR C 23 11.69 -18.10 29.04
CA THR C 23 12.57 -19.25 28.87
C THR C 23 12.39 -19.97 27.53
N ASP C 24 11.38 -19.65 26.75
CA ASP C 24 11.04 -20.45 25.59
C ASP C 24 10.84 -19.58 24.36
N ASP C 25 11.39 -20.04 23.24
CA ASP C 25 11.33 -19.27 22.00
C ASP C 25 10.00 -19.42 21.27
N GLN C 26 9.27 -20.53 21.50
CA GLN C 26 8.02 -20.77 20.79
C GLN C 26 7.11 -21.64 21.65
N ILE C 27 6.12 -21.00 22.29
CA ILE C 27 5.08 -21.66 23.08
C ILE C 27 3.76 -21.47 22.36
N GLU C 28 2.98 -22.55 22.24
CA GLU C 28 1.71 -22.51 21.53
C GLU C 28 0.59 -22.10 22.46
N VAL C 29 -0.08 -20.99 22.15
CA VAL C 29 -1.22 -20.49 22.89
C VAL C 29 -2.44 -20.51 21.95
N THR C 30 -3.63 -20.32 22.54
CA THR C 30 -4.85 -20.37 21.74
C THR C 30 -5.03 -19.12 20.89
N ASN C 31 -4.39 -18.02 21.25
CA ASN C 31 -4.63 -16.77 20.54
C ASN C 31 -3.53 -15.79 20.94
N ALA C 32 -3.23 -14.86 20.04
CA ALA C 32 -2.25 -13.83 20.29
C ALA C 32 -2.56 -12.62 19.41
N THR C 33 -2.04 -11.46 19.83
CA THR C 33 -2.22 -10.22 19.07
C THR C 33 -0.85 -9.64 18.72
N GLU C 34 -0.80 -8.89 17.63
CA GLU C 34 0.42 -8.30 17.13
C GLU C 34 0.66 -6.95 17.78
N LEU C 35 1.87 -6.72 18.30
CA LEU C 35 2.20 -5.47 18.97
C LEU C 35 3.08 -4.56 18.12
N VAL C 36 3.49 -4.99 16.93
CA VAL C 36 4.35 -4.19 16.06
C VAL C 36 3.58 -3.85 14.80
N GLN C 37 3.41 -2.55 14.56
CA GLN C 37 2.79 -2.08 13.32
C GLN C 37 3.84 -2.14 12.21
N SER C 38 3.55 -2.91 11.17
CA SER C 38 4.52 -3.11 10.10
C SER C 38 4.04 -2.65 8.74
N SER C 39 2.81 -2.17 8.63
CA SER C 39 2.22 -1.86 7.34
C SER C 39 1.68 -0.43 7.33
N SER C 40 1.61 0.13 6.12
CA SER C 40 1.05 1.45 5.89
C SER C 40 0.18 1.40 4.64
N THR C 41 -0.70 2.40 4.50
CA THR C 41 -1.47 2.53 3.27
C THR C 41 -0.65 3.15 2.15
N GLY C 42 0.48 3.78 2.47
CA GLY C 42 1.28 4.47 1.49
C GLY C 42 0.85 5.90 1.24
N LYS C 43 -0.11 6.40 1.99
CA LYS C 43 -0.65 7.74 1.78
C LYS C 43 -0.63 8.50 3.09
N ILE C 44 -0.26 9.77 3.03
CA ILE C 44 -0.27 10.65 4.18
C ILE C 44 -1.66 11.25 4.33
N CYS C 45 -2.28 11.04 5.47
CA CYS C 45 -3.60 11.60 5.72
C CYS C 45 -3.51 13.09 6.01
N ASN C 46 -4.44 13.85 5.44
CA ASN C 46 -4.41 15.30 5.52
C ASN C 46 -5.04 15.83 6.81
N ASN C 47 -5.57 14.96 7.66
CA ASN C 47 -6.11 15.37 8.95
C ASN C 47 -5.54 14.47 10.03
N PRO C 48 -5.40 14.98 11.26
CA PRO C 48 -5.80 16.30 11.74
C PRO C 48 -4.69 17.35 11.68
N HIS C 49 -3.50 16.95 11.23
CA HIS C 49 -2.41 17.89 11.08
C HIS C 49 -2.51 18.61 9.74
N ARG C 50 -2.12 19.88 9.73
CA ARG C 50 -2.08 20.64 8.49
C ARG C 50 -0.86 20.22 7.69
N ILE C 51 -1.09 19.57 6.55
CA ILE C 51 -0.01 19.09 5.69
C ILE C 51 0.13 20.07 4.53
N LEU C 52 1.33 20.59 4.35
CA LEU C 52 1.64 21.48 3.24
C LEU C 52 2.57 20.74 2.29
N ASP C 53 2.08 20.47 1.09
CA ASP C 53 2.86 19.75 0.12
C ASP C 53 3.70 20.72 -0.67
N GLY C 54 5.00 20.54 -0.57
CA GLY C 54 5.96 21.37 -1.23
C GLY C 54 5.90 21.32 -2.73
N ILE C 55 5.50 20.19 -3.28
CA ILE C 55 5.50 20.02 -4.72
C ILE C 55 6.91 20.18 -5.25
N ASP C 56 7.13 21.17 -6.10
CA ASP C 56 8.41 21.38 -6.71
C ASP C 56 9.34 22.24 -5.88
N CYS C 57 8.94 22.58 -4.67
CA CYS C 57 9.67 23.59 -3.90
C CYS C 57 10.19 23.02 -2.60
N THR C 58 11.43 23.38 -2.28
CA THR C 58 11.94 23.17 -0.94
C THR C 58 11.51 24.33 -0.05
N LEU C 59 11.57 24.11 1.26
CA LEU C 59 11.16 25.14 2.19
C LEU C 59 12.01 26.40 2.04
N ILE C 60 13.30 26.24 1.76
CA ILE C 60 14.19 27.39 1.66
C ILE C 60 13.87 28.21 0.42
N ASP C 61 13.61 27.55 -0.71
CA ASP C 61 13.22 28.28 -1.92
C ASP C 61 11.88 28.97 -1.73
N ALA C 62 10.95 28.34 -1.02
CA ALA C 62 9.68 29.00 -0.71
C ALA C 62 9.91 30.17 0.23
N LEU C 63 10.87 30.04 1.15
CA LEU C 63 11.23 31.13 2.04
C LEU C 63 11.78 32.32 1.24
N LEU C 64 12.83 32.08 0.46
CA LEU C 64 13.49 33.15 -0.28
C LEU C 64 12.54 33.80 -1.28
N GLY C 65 11.67 33.01 -1.91
CA GLY C 65 10.78 33.58 -2.90
C GLY C 65 11.18 33.25 -4.32
N ASP C 66 11.56 32.01 -4.57
CA ASP C 66 11.73 31.53 -5.93
C ASP C 66 10.43 31.72 -6.69
N PRO C 67 10.45 32.29 -7.90
CA PRO C 67 9.20 32.55 -8.64
C PRO C 67 8.24 31.37 -8.68
N HIS C 68 8.71 30.18 -9.05
CA HIS C 68 7.78 29.06 -9.13
C HIS C 68 7.33 28.57 -7.75
N CYS C 69 7.81 29.19 -6.67
CA CYS C 69 7.36 28.91 -5.31
C CYS C 69 6.44 30.01 -4.77
N ASP C 70 6.08 30.98 -5.60
CA ASP C 70 5.32 32.15 -5.13
C ASP C 70 3.98 31.77 -4.51
N VAL C 71 3.43 30.59 -4.84
CA VAL C 71 2.16 30.18 -4.27
C VAL C 71 2.25 29.91 -2.78
N PHE C 72 3.46 29.77 -2.23
CA PHE C 72 3.65 29.46 -0.83
C PHE C 72 3.83 30.68 0.06
N GLN C 73 3.68 31.88 -0.48
CA GLN C 73 3.86 33.09 0.32
C GLN C 73 2.87 33.11 1.48
N ASN C 74 3.38 33.36 2.68
CA ASN C 74 2.59 33.50 3.90
C ASN C 74 1.88 32.21 4.31
N GLU C 75 2.36 31.06 3.84
CA GLU C 75 1.72 29.79 4.18
C GLU C 75 2.06 29.36 5.60
N THR C 76 1.25 28.46 6.13
CA THR C 76 1.47 27.83 7.42
C THR C 76 1.38 26.32 7.26
N TRP C 77 1.85 25.59 8.27
CA TRP C 77 1.86 24.14 8.20
C TRP C 77 2.06 23.54 9.58
N ASP C 78 1.54 22.33 9.77
CA ASP C 78 1.99 21.48 10.85
C ASP C 78 3.13 20.58 10.39
N LEU C 79 3.04 20.04 9.17
CA LEU C 79 4.12 19.25 8.59
C LEU C 79 4.32 19.68 7.15
N PHE C 80 5.49 20.28 6.87
CA PHE C 80 5.90 20.59 5.51
C PHE C 80 6.52 19.34 4.89
N VAL C 81 6.01 18.92 3.74
CA VAL C 81 6.45 17.71 3.07
C VAL C 81 7.27 18.11 1.85
N GLU C 82 8.56 17.79 1.87
CA GLU C 82 9.46 18.10 0.77
C GLU C 82 9.58 16.89 -0.14
N ARG C 83 9.44 17.12 -1.44
CA ARG C 83 9.48 16.05 -2.43
C ARG C 83 10.85 15.98 -3.09
N SER C 84 11.16 14.81 -3.64
CA SER C 84 12.44 14.61 -4.31
C SER C 84 12.49 15.34 -5.65
N LYS C 85 11.34 15.55 -6.28
CA LYS C 85 11.30 16.27 -7.55
C LYS C 85 11.54 17.77 -7.41
N ALA C 86 11.69 18.30 -6.19
CA ALA C 86 11.84 19.74 -6.02
C ALA C 86 13.09 20.23 -6.73
N PHE C 87 13.01 21.48 -7.23
CA PHE C 87 14.14 22.07 -7.93
C PHE C 87 14.16 23.56 -7.67
N SER C 88 15.33 24.16 -7.89
CA SER C 88 15.50 25.60 -7.84
C SER C 88 15.52 26.17 -9.26
N ASN C 89 15.00 27.39 -9.41
CA ASN C 89 14.93 27.98 -10.74
C ASN C 89 15.19 29.48 -10.69
N CYS C 90 15.93 29.94 -9.69
CA CYS C 90 16.22 31.36 -9.57
C CYS C 90 17.73 31.59 -9.62
N TYR C 91 18.20 32.67 -8.99
CA TYR C 91 19.62 32.97 -8.98
C TYR C 91 20.37 31.85 -8.27
N PRO C 92 21.50 31.39 -8.81
CA PRO C 92 22.27 30.34 -8.14
C PRO C 92 22.74 30.80 -6.77
N TYR C 93 22.39 30.05 -5.73
CA TYR C 93 22.66 30.49 -4.39
C TYR C 93 23.23 29.36 -3.55
N ASP C 94 23.91 29.72 -2.48
CA ASP C 94 24.26 28.78 -1.45
C ASP C 94 23.98 29.40 -0.12
N VAL C 95 23.64 28.59 0.85
CA VAL C 95 23.42 29.09 2.21
C VAL C 95 24.24 28.26 3.18
N PRO C 96 25.29 28.84 3.77
CA PRO C 96 26.04 28.12 4.81
C PRO C 96 25.13 27.80 5.98
N ASP C 97 25.31 26.60 6.54
CA ASP C 97 24.44 26.09 7.59
C ASP C 97 23.00 26.00 7.11
N TYR C 98 22.84 25.47 5.89
CA TYR C 98 21.52 25.25 5.31
C TYR C 98 20.61 24.47 6.25
N ALA C 99 21.16 23.47 6.95
CA ALA C 99 20.34 22.57 7.75
C ALA C 99 19.73 23.29 8.95
N SER C 100 20.48 24.18 9.59
CA SER C 100 19.96 24.91 10.73
C SER C 100 18.86 25.88 10.32
N LEU C 101 19.06 26.60 9.20
CA LEU C 101 18.03 27.50 8.73
C LEU C 101 16.78 26.74 8.32
N ARG C 102 16.96 25.62 7.62
CA ARG C 102 15.83 24.77 7.26
C ARG C 102 15.10 24.27 8.50
N SER C 103 15.84 23.95 9.56
CA SER C 103 15.22 23.40 10.76
C SER C 103 14.42 24.46 11.50
N LEU C 104 15.00 25.65 11.68
CA LEU C 104 14.34 26.66 12.50
C LEU C 104 13.13 27.25 11.80
N VAL C 105 13.16 27.35 10.47
CA VAL C 105 11.97 27.80 9.75
C VAL C 105 10.89 26.74 9.81
N ALA C 106 11.27 25.47 9.65
CA ALA C 106 10.29 24.39 9.70
C ALA C 106 9.64 24.29 11.07
N SER C 107 10.41 24.54 12.13
CA SER C 107 9.87 24.48 13.48
C SER C 107 9.00 25.68 13.81
N SER C 108 9.25 26.82 13.16
CA SER C 108 8.38 27.98 13.35
C SER C 108 7.02 27.76 12.72
N GLY C 109 6.95 26.99 11.63
CA GLY C 109 5.68 26.57 11.09
C GLY C 109 4.95 27.60 10.26
N THR C 110 5.62 28.66 9.84
CA THR C 110 4.94 29.71 9.11
C THR C 110 5.94 30.39 8.19
N LEU C 111 5.43 30.94 7.09
CA LEU C 111 6.20 31.82 6.21
C LEU C 111 5.63 33.22 6.20
N GLU C 112 4.95 33.59 7.29
CA GLU C 112 4.31 34.90 7.43
C GLU C 112 5.36 36.02 7.34
N PHE C 113 5.28 36.82 6.28
CA PHE C 113 6.25 37.85 5.99
C PHE C 113 5.60 39.22 6.12
N ILE C 114 6.29 40.13 6.79
CA ILE C 114 5.83 41.50 6.98
C ILE C 114 6.85 42.43 6.34
N THR C 115 6.40 43.20 5.36
CA THR C 115 7.30 44.12 4.66
C THR C 115 7.54 45.36 5.50
N GLU C 116 8.81 45.76 5.61
CA GLU C 116 9.22 46.88 6.44
C GLU C 116 9.78 48.02 5.58
N GLY C 117 9.77 49.21 6.16
CA GLY C 117 10.22 50.39 5.45
C GLY C 117 11.71 50.65 5.51
N PHE C 118 12.50 49.81 4.86
CA PHE C 118 13.92 50.10 4.71
C PHE C 118 14.10 51.22 3.70
N THR C 119 14.89 52.22 4.06
CA THR C 119 15.22 53.30 3.13
C THR C 119 16.66 53.12 2.68
N TRP C 120 16.84 52.89 1.38
CA TRP C 120 18.16 52.69 0.79
C TRP C 120 18.45 53.92 -0.08
N THR C 121 19.14 54.89 0.50
CA THR C 121 19.41 56.16 -0.17
C THR C 121 20.67 56.05 -1.01
N GLY C 122 20.56 56.41 -2.28
CA GLY C 122 21.71 56.45 -3.17
C GLY C 122 21.94 55.22 -4.01
N VAL C 123 21.05 54.24 -3.96
CA VAL C 123 21.23 52.99 -4.68
C VAL C 123 19.98 52.68 -5.50
N THR C 124 20.16 51.80 -6.49
CA THR C 124 19.05 51.33 -7.32
C THR C 124 18.52 50.03 -6.75
N GLN C 125 17.20 49.91 -6.66
CA GLN C 125 16.56 48.78 -6.01
C GLN C 125 15.93 47.84 -7.03
N ASN C 126 15.52 46.68 -6.52
CA ASN C 126 14.74 45.70 -7.28
C ASN C 126 15.51 45.20 -8.50
N GLY C 127 16.79 44.88 -8.31
CA GLY C 127 17.55 44.28 -9.40
C GLY C 127 17.01 42.92 -9.78
N GLY C 128 17.10 42.61 -11.07
CA GLY C 128 16.60 41.35 -11.58
C GLY C 128 17.65 40.63 -12.41
N SER C 129 17.33 39.40 -12.79
CA SER C 129 18.23 38.57 -13.54
C SER C 129 17.42 37.64 -14.44
N ASN C 130 17.98 37.35 -15.62
CA ASN C 130 17.32 36.43 -16.54
C ASN C 130 17.42 34.98 -16.09
N ALA C 131 18.24 34.68 -15.09
CA ALA C 131 18.28 33.35 -14.50
C ALA C 131 17.12 33.13 -13.55
N CYS C 132 16.31 34.16 -13.29
CA CYS C 132 15.25 34.11 -12.32
C CYS C 132 14.02 34.84 -12.88
N LYS C 133 13.53 34.35 -14.00
CA LYS C 133 12.40 34.97 -14.65
C LYS C 133 11.13 34.87 -13.84
N ARG C 134 10.39 35.96 -13.76
CA ARG C 134 9.05 35.96 -13.20
C ARG C 134 8.12 36.58 -14.25
N GLY C 135 7.29 35.75 -14.86
CA GLY C 135 6.53 36.16 -16.02
C GLY C 135 7.42 36.10 -17.26
N PRO C 136 7.24 37.04 -18.17
CA PRO C 136 8.09 37.07 -19.37
C PRO C 136 9.45 37.69 -19.10
N GLY C 137 9.52 38.59 -18.11
CA GLY C 137 10.72 39.38 -17.87
C GLY C 137 11.59 38.83 -16.75
N SER C 138 12.73 39.48 -16.57
CA SER C 138 13.68 39.10 -15.53
C SER C 138 13.09 39.41 -14.16
N GLY C 139 13.57 38.67 -13.16
CA GLY C 139 13.08 38.82 -11.81
C GLY C 139 14.10 38.43 -10.76
N PHE C 140 13.64 38.20 -9.54
CA PHE C 140 14.51 37.92 -8.41
C PHE C 140 13.68 37.28 -7.30
N PHE C 141 14.34 36.92 -6.21
CA PHE C 141 13.64 36.43 -5.04
C PHE C 141 12.69 37.52 -4.51
N SER C 142 11.43 37.15 -4.32
CA SER C 142 10.43 38.13 -3.92
C SER C 142 10.75 38.73 -2.55
N ARG C 143 11.40 37.98 -1.67
CA ARG C 143 11.67 38.45 -0.32
C ARG C 143 13.03 39.12 -0.17
N LEU C 144 13.81 39.20 -1.26
CA LEU C 144 15.11 39.84 -1.23
C LEU C 144 15.13 41.01 -2.20
N ASN C 145 16.01 41.97 -1.92
CA ASN C 145 16.08 43.23 -2.66
C ASN C 145 17.52 43.46 -3.12
N TRP C 146 17.75 43.34 -4.42
CA TRP C 146 19.09 43.43 -5.00
C TRP C 146 19.42 44.89 -5.28
N LEU C 147 20.35 45.44 -4.50
CA LEU C 147 20.73 46.84 -4.59
C LEU C 147 21.99 47.01 -5.44
N THR C 148 21.97 48.00 -6.32
CA THR C 148 23.09 48.31 -7.20
C THR C 148 23.34 49.82 -7.19
N LYS C 149 24.37 50.24 -7.92
CA LYS C 149 24.72 51.65 -7.93
C LYS C 149 23.62 52.48 -8.59
N SER C 150 23.55 53.75 -8.20
CA SER C 150 22.64 54.71 -8.80
C SER C 150 23.45 55.89 -9.31
N GLY C 151 23.41 56.10 -10.62
CA GLY C 151 24.30 57.07 -11.23
C GLY C 151 25.71 56.52 -11.33
N SER C 152 26.67 57.19 -10.68
CA SER C 152 28.05 56.75 -10.69
C SER C 152 28.58 56.40 -9.31
N THR C 153 27.70 56.23 -8.32
CA THR C 153 28.15 56.03 -6.95
C THR C 153 27.29 54.99 -6.26
N TYR C 154 27.92 54.24 -5.36
CA TYR C 154 27.23 53.34 -4.44
C TYR C 154 27.62 53.79 -3.04
N PRO C 155 26.74 54.44 -2.28
CA PRO C 155 27.14 54.99 -0.99
C PRO C 155 27.26 53.91 0.06
N VAL C 156 27.75 54.32 1.23
CA VAL C 156 27.85 53.43 2.38
C VAL C 156 26.49 53.41 3.06
N LEU C 157 25.76 52.32 2.88
CA LEU C 157 24.43 52.21 3.45
C LEU C 157 24.53 51.96 4.95
N ASN C 158 23.57 52.54 5.69
CA ASN C 158 23.60 52.49 7.15
C ASN C 158 22.14 52.61 7.62
N VAL C 159 21.49 51.48 7.82
CA VAL C 159 20.06 51.43 8.12
C VAL C 159 19.84 50.63 9.40
N THR C 160 18.94 51.12 10.25
CA THR C 160 18.57 50.46 11.49
C THR C 160 17.08 50.16 11.50
N MET C 161 16.72 48.98 12.00
CA MET C 161 15.33 48.54 12.04
C MET C 161 15.03 47.94 13.40
N PRO C 162 14.47 48.71 14.31
CA PRO C 162 14.19 48.20 15.66
C PRO C 162 12.99 47.26 15.69
N ASN C 163 12.97 46.41 16.71
CA ASN C 163 11.90 45.46 16.96
C ASN C 163 11.12 45.93 18.17
N ASN C 164 9.95 46.54 17.94
CA ASN C 164 9.07 47.00 19.01
C ASN C 164 7.91 46.04 19.24
N ASP C 165 7.98 44.83 18.73
CA ASP C 165 6.95 43.83 18.92
C ASP C 165 7.33 42.89 20.06
N ASN C 166 6.43 41.98 20.39
CA ASN C 166 6.65 41.02 21.47
C ASN C 166 7.03 39.64 20.95
N PHE C 167 7.54 39.56 19.72
CA PHE C 167 7.95 38.29 19.14
C PHE C 167 9.30 38.46 18.46
N ASP C 168 9.89 37.32 18.09
CA ASP C 168 11.18 37.32 17.41
C ASP C 168 11.00 37.55 15.92
N LYS C 169 11.83 38.41 15.35
CA LYS C 169 11.86 38.66 13.92
C LYS C 169 13.01 37.89 13.29
N LEU C 170 12.73 37.19 12.18
CA LEU C 170 13.75 36.51 11.40
C LEU C 170 14.01 37.30 10.14
N TYR C 171 15.26 37.68 9.92
CA TYR C 171 15.65 38.42 8.72
C TYR C 171 16.51 37.54 7.82
N ILE C 172 16.12 37.44 6.56
CA ILE C 172 16.89 36.72 5.54
C ILE C 172 17.54 37.75 4.63
N TRP C 173 18.85 37.62 4.44
CA TRP C 173 19.58 38.54 3.59
C TRP C 173 20.72 37.79 2.91
N GLY C 174 21.45 38.49 2.06
CA GLY C 174 22.51 37.82 1.32
C GLY C 174 23.58 38.79 0.84
N VAL C 175 24.61 38.20 0.25
CA VAL C 175 25.68 38.96 -0.38
C VAL C 175 25.93 38.38 -1.76
N HIS C 176 26.20 39.26 -2.72
CA HIS C 176 26.41 38.85 -4.10
C HIS C 176 27.89 38.58 -4.35
N HIS C 177 28.16 37.48 -5.05
CA HIS C 177 29.53 37.13 -5.43
C HIS C 177 29.66 37.27 -6.94
N PRO C 178 30.15 38.40 -7.45
CA PRO C 178 30.34 38.55 -8.89
C PRO C 178 31.43 37.62 -9.39
N SER C 179 31.51 37.50 -10.71
CA SER C 179 32.47 36.61 -11.32
C SER C 179 33.67 37.34 -11.91
N THR C 180 33.56 38.64 -12.19
CA THR C 180 34.67 39.40 -12.74
C THR C 180 34.78 40.74 -12.01
N ASN C 181 35.96 41.35 -12.10
CA ASN C 181 36.12 42.70 -11.56
C ASN C 181 35.27 43.70 -12.32
N GLN C 182 35.05 43.47 -13.59
CA GLN C 182 34.18 44.33 -14.36
C GLN C 182 32.74 44.27 -13.87
N GLU C 183 32.25 43.08 -13.52
CA GLU C 183 30.92 42.96 -12.96
C GLU C 183 30.84 43.61 -11.60
N GLN C 184 31.91 43.52 -10.81
CA GLN C 184 31.92 44.09 -9.47
C GLN C 184 31.79 45.60 -9.50
N THR C 185 32.64 46.26 -10.31
CA THR C 185 32.63 47.73 -10.33
C THR C 185 31.39 48.27 -11.02
N SER C 186 30.94 47.61 -12.09
CA SER C 186 29.77 48.10 -12.81
C SER C 186 28.48 47.94 -12.03
N LEU C 187 28.48 47.12 -10.98
CA LEU C 187 27.34 46.99 -10.09
C LEU C 187 27.46 47.82 -8.82
N TYR C 188 28.65 47.93 -8.24
CA TYR C 188 28.80 48.55 -6.94
C TYR C 188 29.89 49.60 -6.85
N VAL C 189 30.54 49.94 -7.97
CA VAL C 189 31.57 50.97 -8.05
C VAL C 189 32.81 50.59 -7.25
N GLN C 190 32.62 50.27 -5.97
CA GLN C 190 33.74 49.85 -5.13
C GLN C 190 34.34 48.55 -5.63
N ALA C 191 35.67 48.48 -5.62
CA ALA C 191 36.36 47.30 -6.12
C ALA C 191 36.13 46.10 -5.20
N SER C 192 35.87 46.35 -3.92
CA SER C 192 35.59 45.29 -2.96
C SER C 192 34.39 45.69 -2.13
N GLY C 193 33.38 44.82 -2.09
CA GLY C 193 32.21 45.06 -1.28
C GLY C 193 32.41 44.59 0.15
N ARG C 194 31.37 44.80 0.95
CA ARG C 194 31.36 44.39 2.35
C ARG C 194 29.95 44.49 2.88
N VAL C 195 29.50 43.47 3.62
CA VAL C 195 28.16 43.43 4.18
C VAL C 195 28.28 43.09 5.66
N THR C 196 27.77 43.97 6.52
CA THR C 196 27.78 43.75 7.96
C THR C 196 26.36 43.90 8.48
N VAL C 197 25.84 42.85 9.11
CA VAL C 197 24.53 42.86 9.71
C VAL C 197 24.70 42.50 11.18
N SER C 198 24.32 43.42 12.06
CA SER C 198 24.58 43.25 13.48
C SER C 198 23.32 43.57 14.30
N THR C 199 23.30 43.03 15.51
CA THR C 199 22.37 43.40 16.56
C THR C 199 23.20 43.87 17.76
N ARG C 200 22.53 44.05 18.91
CA ARG C 200 23.27 44.40 20.11
C ARG C 200 24.13 43.25 20.62
N ARG C 201 23.82 42.01 20.24
CA ARG C 201 24.53 40.86 20.75
C ARG C 201 25.22 40.02 19.68
N SER C 202 25.18 40.44 18.42
CA SER C 202 25.78 39.65 17.36
C SER C 202 26.27 40.56 16.24
N GLN C 203 27.23 40.09 15.47
CA GLN C 203 27.60 40.75 14.25
C GLN C 203 28.02 39.71 13.25
N GLN C 204 27.75 39.97 11.98
CA GLN C 204 28.12 39.10 10.86
C GLN C 204 28.69 39.99 9.77
N THR C 205 29.98 39.81 9.48
CA THR C 205 30.66 40.55 8.42
C THR C 205 31.11 39.57 7.36
N ILE C 206 30.72 39.82 6.11
CA ILE C 206 31.04 38.93 4.99
C ILE C 206 31.71 39.75 3.90
N ILE C 207 32.89 39.30 3.48
CA ILE C 207 33.61 39.90 2.37
C ILE C 207 33.31 39.08 1.12
N PRO C 208 32.77 39.67 0.06
CA PRO C 208 32.42 38.89 -1.12
C PRO C 208 33.66 38.35 -1.83
N ASN C 209 33.50 37.17 -2.41
CA ASN C 209 34.53 36.56 -3.24
C ASN C 209 34.22 36.83 -4.70
N ILE C 210 35.22 37.28 -5.45
CA ILE C 210 35.08 37.54 -6.88
C ILE C 210 35.77 36.40 -7.60
N GLU C 211 34.99 35.39 -7.98
CA GLU C 211 35.52 34.25 -8.71
C GLU C 211 34.57 33.79 -9.82
N SER C 212 35.14 33.21 -10.86
CA SER C 212 34.35 32.62 -11.94
C SER C 212 34.03 31.18 -11.59
N ARG C 213 32.75 30.93 -11.31
CA ARG C 213 32.24 29.61 -10.95
C ARG C 213 31.53 28.94 -12.11
N PRO C 214 31.27 27.65 -11.99
CA PRO C 214 30.63 26.92 -13.08
C PRO C 214 29.26 27.48 -13.39
N TRP C 215 28.89 27.49 -14.66
CA TRP C 215 27.69 28.17 -15.11
C TRP C 215 26.42 27.45 -14.79
N VAL C 216 25.52 28.16 -14.14
CA VAL C 216 24.22 27.66 -13.83
C VAL C 216 23.27 28.69 -14.34
N ARG C 217 22.30 28.25 -15.11
CA ARG C 217 21.34 29.14 -15.75
C ARG C 217 22.03 30.35 -16.37
N GLY C 218 23.11 30.08 -17.08
CA GLY C 218 23.85 31.11 -17.77
C GLY C 218 24.67 32.04 -16.90
N LEU C 219 24.78 31.76 -15.60
CA LEU C 219 25.42 32.67 -14.67
C LEU C 219 26.66 32.04 -14.07
N SER C 220 27.74 32.82 -14.01
CA SER C 220 28.94 32.43 -13.31
C SER C 220 28.99 32.94 -11.87
N SER C 221 28.10 33.88 -11.53
CA SER C 221 28.05 34.49 -10.21
C SER C 221 27.17 33.69 -9.27
N ARG C 222 27.21 34.06 -8.00
CA ARG C 222 26.50 33.38 -6.92
C ARG C 222 26.03 34.33 -5.85
N ILE C 223 25.15 33.85 -5.00
CA ILE C 223 24.67 34.60 -3.86
C ILE C 223 24.73 33.70 -2.64
N SER C 224 25.24 34.22 -1.53
CA SER C 224 25.26 33.50 -0.26
C SER C 224 24.18 34.06 0.64
N ILE C 225 23.41 33.18 1.26
CA ILE C 225 22.27 33.56 2.09
C ILE C 225 22.64 33.44 3.55
N TYR C 226 22.28 34.45 4.34
CA TYR C 226 22.50 34.47 5.78
C TYR C 226 21.21 34.87 6.47
N TRP C 227 21.16 34.68 7.79
CA TRP C 227 19.98 35.05 8.54
C TRP C 227 20.37 35.64 9.90
N THR C 228 19.41 36.37 10.48
CA THR C 228 19.61 37.09 11.72
C THR C 228 18.28 37.19 12.46
N ILE C 229 18.28 36.78 13.72
CA ILE C 229 17.09 36.85 14.56
C ILE C 229 17.22 38.05 15.49
N VAL C 230 16.17 38.85 15.58
CA VAL C 230 16.17 40.06 16.40
C VAL C 230 15.18 39.86 17.53
N LYS C 231 15.68 39.74 18.76
CA LYS C 231 14.83 39.60 19.93
C LYS C 231 14.03 40.88 20.14
N PRO C 232 12.89 40.77 20.86
CA PRO C 232 12.15 42.00 21.21
C PRO C 232 13.02 42.95 22.01
N GLY C 233 12.93 44.23 21.66
CA GLY C 233 13.74 45.25 22.26
C GLY C 233 15.06 45.51 21.57
N ASP C 234 15.56 44.55 20.79
CA ASP C 234 16.80 44.71 20.06
C ASP C 234 16.55 45.46 18.75
N VAL C 235 17.64 45.78 18.05
CA VAL C 235 17.55 46.46 16.76
C VAL C 235 18.44 45.75 15.76
N LEU C 236 18.06 45.83 14.49
CA LEU C 236 18.83 45.30 13.38
C LEU C 236 19.56 46.45 12.70
N VAL C 237 20.87 46.28 12.47
CA VAL C 237 21.69 47.29 11.82
C VAL C 237 22.36 46.65 10.62
N ILE C 238 22.22 47.29 9.47
CA ILE C 238 22.81 46.84 8.22
C ILE C 238 23.75 47.92 7.72
N ASN C 239 25.00 47.55 7.45
CA ASN C 239 26.01 48.46 6.95
C ASN C 239 26.67 47.82 5.73
N SER C 240 26.55 48.47 4.58
CA SER C 240 27.01 47.86 3.33
C SER C 240 27.79 48.87 2.50
N ASN C 241 28.96 48.44 2.03
CA ASN C 241 29.76 49.16 1.06
C ASN C 241 29.51 48.68 -0.36
N GLY C 242 28.78 47.59 -0.51
CA GLY C 242 28.50 46.99 -1.80
C GLY C 242 28.16 45.53 -1.64
N ASN C 243 27.55 44.97 -2.69
CA ASN C 243 27.24 43.54 -2.81
C ASN C 243 26.14 43.08 -1.87
N LEU C 244 25.33 43.99 -1.34
CA LEU C 244 24.28 43.62 -0.42
C LEU C 244 23.03 43.17 -1.15
N ILE C 245 22.52 42.00 -0.79
CA ILE C 245 21.16 41.58 -1.16
C ILE C 245 20.31 41.81 0.09
N ALA C 246 19.61 42.92 0.10
CA ALA C 246 18.97 43.39 1.31
C ALA C 246 17.67 42.64 1.58
N PRO C 247 17.25 42.59 2.83
CA PRO C 247 15.91 42.09 3.13
C PRO C 247 14.85 43.14 2.85
N ARG C 248 13.63 42.66 2.63
CA ARG C 248 12.47 43.52 2.48
C ARG C 248 11.62 43.58 3.73
N GLY C 249 11.87 42.70 4.69
CA GLY C 249 11.06 42.64 5.88
C GLY C 249 11.51 41.49 6.75
N TYR C 250 10.60 41.01 7.59
CA TYR C 250 10.91 39.95 8.53
C TYR C 250 9.84 38.87 8.47
N PHE C 251 10.24 37.66 8.86
CA PHE C 251 9.33 36.55 9.06
C PHE C 251 8.97 36.46 10.54
N LYS C 252 7.69 36.30 10.83
CA LYS C 252 7.22 36.18 12.20
C LYS C 252 7.53 34.78 12.73
N MET C 253 8.29 34.70 13.80
CA MET C 253 8.71 33.41 14.35
C MET C 253 7.75 32.94 15.42
N ARG C 254 7.56 31.63 15.47
CA ARG C 254 6.68 30.98 16.43
C ARG C 254 7.34 29.77 17.03
N THR C 255 6.85 29.35 18.19
CA THR C 255 7.17 28.04 18.75
C THR C 255 5.92 27.18 18.70
N GLY C 256 6.09 25.89 18.48
CA GLY C 256 4.94 25.02 18.38
C GLY C 256 5.33 23.63 17.88
N LYS C 257 4.35 22.94 17.32
CA LYS C 257 4.46 21.53 16.97
C LYS C 257 4.78 21.28 15.51
N SER C 258 5.24 22.29 14.79
CA SER C 258 5.47 22.16 13.35
C SER C 258 6.84 21.57 13.06
N SER C 259 6.94 20.90 11.91
CA SER C 259 8.19 20.26 11.50
C SER C 259 8.19 20.09 9.99
N ILE C 260 9.18 19.37 9.49
CA ILE C 260 9.36 19.13 8.06
C ILE C 260 9.72 17.67 7.87
N MET C 261 9.31 17.12 6.72
CA MET C 261 9.55 15.72 6.42
C MET C 261 9.85 15.57 4.93
N ARG C 262 10.78 14.66 4.61
CA ARG C 262 11.07 14.29 3.24
C ARG C 262 10.28 13.02 2.91
N SER C 263 9.44 13.09 1.90
CA SER C 263 8.60 11.96 1.54
C SER C 263 8.04 12.17 0.14
N ASP C 264 7.88 11.06 -0.58
CA ASP C 264 7.20 11.09 -1.87
C ASP C 264 5.82 10.42 -1.80
N ALA C 265 5.31 10.21 -0.60
CA ALA C 265 4.01 9.58 -0.46
C ALA C 265 2.90 10.57 -0.83
N PRO C 266 1.88 10.13 -1.54
CA PRO C 266 0.78 11.03 -1.88
C PRO C 266 -0.06 11.33 -0.66
N ILE C 267 -0.73 12.47 -0.72
CA ILE C 267 -1.59 12.95 0.35
C ILE C 267 -3.03 12.57 0.03
N ASP C 268 -3.74 12.05 1.03
CA ASP C 268 -5.09 11.55 0.85
C ASP C 268 -6.02 12.23 1.84
N THR C 269 -7.33 12.01 1.67
CA THR C 269 -8.35 12.58 2.54
C THR C 269 -8.73 11.51 3.56
N CYS C 270 -8.03 11.51 4.69
CA CYS C 270 -8.29 10.58 5.77
C CYS C 270 -7.81 11.22 7.06
N ILE C 271 -7.98 10.50 8.17
CA ILE C 271 -7.57 10.96 9.48
C ILE C 271 -6.56 9.98 10.04
N SER C 272 -5.42 10.50 10.51
CA SER C 272 -4.40 9.67 11.12
C SER C 272 -3.46 10.55 11.92
N GLU C 273 -3.26 10.19 13.20
CA GLU C 273 -2.42 11.01 14.07
C GLU C 273 -0.93 10.84 13.77
N CYS C 274 -0.53 9.71 13.18
CA CYS C 274 0.89 9.42 12.97
C CYS C 274 1.22 9.46 11.49
N ILE C 275 2.32 10.13 11.17
CA ILE C 275 2.79 10.26 9.79
C ILE C 275 4.24 9.80 9.73
N THR C 276 4.53 8.94 8.75
CA THR C 276 5.89 8.53 8.41
C THR C 276 6.14 8.84 6.95
N PRO C 277 7.40 8.85 6.50
CA PRO C 277 7.67 9.03 5.07
C PRO C 277 7.03 7.95 4.21
N ASN C 278 6.75 6.78 4.76
CA ASN C 278 6.05 5.73 4.02
C ASN C 278 4.55 5.97 3.95
N GLY C 279 4.06 7.02 4.58
CA GLY C 279 2.63 7.23 4.72
C GLY C 279 2.19 7.10 6.18
N SER C 280 0.91 7.40 6.38
CA SER C 280 0.35 7.36 7.73
C SER C 280 0.20 5.92 8.21
N ILE C 281 0.24 5.75 9.54
CA ILE C 281 0.08 4.43 10.15
C ILE C 281 -0.83 4.56 11.36
N PRO C 282 -1.59 3.50 11.65
CA PRO C 282 -2.40 3.50 12.87
C PRO C 282 -1.54 3.38 14.12
N ASN C 283 -2.11 3.79 15.25
CA ASN C 283 -1.41 3.76 16.53
C ASN C 283 -2.18 2.95 17.57
N ASP C 284 -2.88 1.91 17.13
CA ASP C 284 -3.51 0.98 18.06
C ASP C 284 -2.53 -0.04 18.62
N LYS C 285 -1.31 -0.09 18.08
CA LYS C 285 -0.24 -0.94 18.57
C LYS C 285 0.85 -0.11 19.22
N PRO C 286 1.50 -0.62 20.26
CA PRO C 286 2.51 0.18 20.97
C PRO C 286 3.81 0.36 20.21
N PHE C 287 4.12 -0.52 19.27
CA PHE C 287 5.37 -0.46 18.54
C PHE C 287 5.18 -0.49 17.02
N GLN C 288 6.12 0.07 16.29
CA GLN C 288 6.04 0.05 14.86
C GLN C 288 7.39 -0.22 14.23
N ASN C 289 7.36 -0.78 13.03
CA ASN C 289 8.55 -1.11 12.28
C ASN C 289 8.72 -0.42 10.94
N VAL C 290 7.84 0.52 10.59
CA VAL C 290 7.84 1.01 9.22
C VAL C 290 8.88 2.10 9.01
N ASN C 291 9.10 2.97 10.00
CA ASN C 291 10.10 4.01 9.80
C ASN C 291 10.45 4.68 11.13
N LYS C 292 11.73 5.00 11.29
CA LYS C 292 12.21 5.72 12.47
C LYS C 292 11.97 7.22 12.39
N ILE C 293 11.60 7.72 11.21
CA ILE C 293 11.18 9.10 11.06
C ILE C 293 9.68 9.16 11.20
N THR C 294 9.20 9.88 12.21
CA THR C 294 7.76 9.97 12.45
C THR C 294 7.38 11.39 12.83
N TYR C 295 6.08 11.67 12.74
CA TYR C 295 5.49 12.92 13.21
C TYR C 295 4.12 12.62 13.78
N GLY C 296 3.86 13.12 14.98
CA GLY C 296 2.58 12.94 15.63
C GLY C 296 2.62 11.86 16.69
N ALA C 297 1.41 11.48 17.13
CA ALA C 297 1.24 10.42 18.12
C ALA C 297 1.46 9.08 17.43
N CYS C 298 2.61 8.47 17.68
CA CYS C 298 3.06 7.31 16.94
C CYS C 298 3.44 6.18 17.88
N PRO C 299 3.39 4.94 17.41
CA PRO C 299 4.06 3.86 18.13
C PRO C 299 5.55 4.08 18.15
N LYS C 300 6.22 3.47 19.13
CA LYS C 300 7.66 3.57 19.24
C LYS C 300 8.33 2.66 18.22
N TYR C 301 9.35 3.17 17.53
CA TYR C 301 10.02 2.41 16.50
C TYR C 301 10.91 1.33 17.11
N VAL C 302 10.82 0.11 16.59
CA VAL C 302 11.62 -1.01 17.05
C VAL C 302 12.22 -1.70 15.84
N LYS C 303 13.21 -2.57 16.11
CA LYS C 303 13.84 -3.32 15.05
C LYS C 303 13.06 -4.58 14.69
N GLN C 304 12.27 -5.10 15.62
CA GLN C 304 11.53 -6.33 15.36
C GLN C 304 10.42 -6.08 14.36
N ASN C 305 10.23 -7.04 13.46
CA ASN C 305 9.12 -6.96 12.52
C ASN C 305 7.84 -7.56 13.09
N THR C 306 7.93 -8.36 14.15
CA THR C 306 6.75 -8.91 14.79
C THR C 306 7.05 -9.24 16.24
N LEU C 307 6.08 -8.94 17.11
CA LEU C 307 6.10 -9.32 18.51
C LEU C 307 4.68 -9.74 18.89
N LYS C 308 4.51 -11.01 19.25
CA LYS C 308 3.19 -11.57 19.49
C LYS C 308 2.90 -11.62 20.98
N LEU C 309 1.85 -10.95 21.40
CA LEU C 309 1.40 -10.93 22.79
C LEU C 309 0.30 -11.97 22.97
N ALA C 310 0.51 -12.89 23.90
CA ALA C 310 -0.46 -13.96 24.10
C ALA C 310 -1.77 -13.40 24.62
N THR C 311 -2.88 -13.79 23.99
CA THR C 311 -4.21 -13.39 24.43
C THR C 311 -5.06 -14.58 24.80
N GLY C 312 -4.42 -15.70 25.15
CA GLY C 312 -5.14 -16.90 25.55
C GLY C 312 -4.18 -17.81 26.30
N MET C 313 -4.72 -18.95 26.73
CA MET C 313 -3.93 -19.88 27.50
C MET C 313 -3.08 -20.78 26.60
N ARG C 314 -2.23 -21.58 27.22
CA ARG C 314 -1.51 -22.62 26.51
C ARG C 314 -2.49 -23.52 25.76
N ASN C 315 -2.13 -23.86 24.53
CA ASN C 315 -2.94 -24.76 23.71
C ASN C 315 -2.45 -26.18 23.90
N VAL C 316 -3.29 -27.02 24.49
CA VAL C 316 -2.96 -28.40 24.81
C VAL C 316 -3.96 -29.30 24.09
N PRO C 317 -3.52 -30.14 23.15
CA PRO C 317 -4.48 -31.01 22.44
C PRO C 317 -5.02 -32.11 23.33
N GLU C 318 -5.92 -32.95 22.80
CA GLU C 318 -6.48 -34.04 23.58
C GLU C 318 -6.41 -35.36 22.83
N LYS C 319 -6.38 -36.44 23.60
CA LYS C 319 -6.37 -37.80 23.05
C LYS C 319 -7.22 -38.73 23.91
N PHE D 1 -16.84 -46.63 23.73
CA PHE D 1 -16.49 -46.44 25.14
C PHE D 1 -15.52 -45.26 25.33
N GLY D 2 -16.08 -44.09 25.59
CA GLY D 2 -15.24 -42.95 25.91
C GLY D 2 -15.42 -42.53 27.34
N ALA D 3 -14.35 -42.63 28.11
CA ALA D 3 -14.38 -42.19 29.48
C ALA D 3 -13.93 -40.76 29.48
N ILE D 4 -14.48 -39.96 30.39
CA ILE D 4 -14.09 -38.56 30.45
C ILE D 4 -12.72 -38.43 31.11
N ALA D 5 -12.04 -37.33 30.81
CA ALA D 5 -10.73 -37.04 31.40
C ALA D 5 -10.57 -35.53 31.52
N GLY D 6 -9.83 -35.11 32.54
CA GLY D 6 -9.71 -33.73 32.93
C GLY D 6 -8.49 -33.04 32.34
N PHE D 7 -8.09 -31.95 33.01
CA PHE D 7 -7.13 -31.01 32.45
C PHE D 7 -5.67 -31.43 32.64
N ILE D 8 -5.39 -32.50 33.37
CA ILE D 8 -4.02 -32.95 33.55
C ILE D 8 -3.50 -33.48 32.23
N GLU D 9 -2.66 -32.67 31.57
CA GLU D 9 -2.06 -33.02 30.28
C GLU D 9 -3.13 -33.27 29.22
N ASN D 10 -4.12 -32.37 29.15
CA ASN D 10 -5.27 -32.59 28.28
C ASN D 10 -6.16 -31.36 28.16
N GLY D 11 -6.36 -30.86 26.94
CA GLY D 11 -7.31 -29.79 26.68
C GLY D 11 -8.59 -30.31 26.06
N TRP D 12 -9.57 -29.42 25.92
CA TRP D 12 -10.88 -29.78 25.38
C TRP D 12 -11.17 -28.96 24.14
N GLU D 13 -10.96 -29.55 22.97
CA GLU D 13 -11.32 -28.86 21.74
C GLU D 13 -12.84 -28.75 21.57
N GLY D 14 -13.61 -29.58 22.27
CA GLY D 14 -15.05 -29.59 22.12
C GLY D 14 -15.78 -28.48 22.86
N MET D 15 -15.15 -27.87 23.85
CA MET D 15 -15.78 -26.79 24.61
C MET D 15 -15.54 -25.47 23.90
N ILE D 16 -16.62 -24.86 23.40
CA ILE D 16 -16.53 -23.63 22.63
C ILE D 16 -17.29 -22.48 23.25
N ASP D 17 -18.06 -22.70 24.31
CA ASP D 17 -18.86 -21.65 24.93
C ASP D 17 -18.17 -20.99 26.11
N GLY D 18 -16.94 -21.38 26.44
CA GLY D 18 -16.23 -20.78 27.54
C GLY D 18 -14.80 -21.25 27.55
N TRP D 19 -14.03 -20.71 28.51
CA TRP D 19 -12.62 -21.08 28.62
C TRP D 19 -12.39 -22.24 29.59
N TYR D 20 -13.20 -22.35 30.64
CA TYR D 20 -13.10 -23.44 31.59
C TYR D 20 -14.48 -24.03 31.80
N GLY D 21 -14.55 -25.30 32.19
CA GLY D 21 -15.85 -25.91 32.33
C GLY D 21 -15.81 -27.24 33.03
N PHE D 22 -16.97 -27.88 33.07
CA PHE D 22 -17.15 -29.19 33.70
C PHE D 22 -17.64 -30.20 32.67
N ARG D 23 -17.16 -31.42 32.78
CA ARG D 23 -17.71 -32.56 32.07
C ARG D 23 -18.05 -33.63 33.10
N HIS D 24 -19.23 -34.23 32.96
CA HIS D 24 -19.70 -35.17 33.96
C HIS D 24 -20.24 -36.43 33.29
N GLN D 25 -20.31 -37.49 34.10
CA GLN D 25 -20.87 -38.76 33.68
C GLN D 25 -21.63 -39.35 34.85
N ASN D 26 -22.94 -39.52 34.70
CA ASN D 26 -23.79 -39.99 35.79
C ASN D 26 -24.83 -40.94 35.22
N SER D 27 -25.90 -41.17 35.99
CA SER D 27 -26.93 -42.12 35.60
C SER D 27 -27.72 -41.63 34.40
N GLU D 28 -27.87 -40.32 34.24
CA GLU D 28 -28.63 -39.76 33.13
C GLU D 28 -27.81 -39.58 31.86
N GLY D 29 -26.49 -39.78 31.92
CA GLY D 29 -25.66 -39.67 30.74
C GLY D 29 -24.43 -38.80 30.94
N THR D 30 -23.95 -38.19 29.85
CA THR D 30 -22.78 -37.32 29.88
C THR D 30 -23.18 -35.90 29.49
N GLY D 31 -22.46 -34.92 30.02
CA GLY D 31 -22.79 -33.54 29.76
C GLY D 31 -21.57 -32.64 29.89
N GLN D 32 -21.77 -31.39 29.50
CA GLN D 32 -20.70 -30.40 29.50
C GLN D 32 -21.31 -29.03 29.74
N ALA D 33 -20.59 -28.20 30.49
CA ALA D 33 -21.05 -26.84 30.76
C ALA D 33 -19.85 -25.96 31.07
N ALA D 34 -19.84 -24.76 30.49
CA ALA D 34 -18.76 -23.82 30.73
C ALA D 34 -18.97 -23.09 32.06
N ASP D 35 -17.85 -22.70 32.66
CA ASP D 35 -17.86 -21.89 33.88
C ASP D 35 -17.59 -20.44 33.50
N LEU D 36 -18.62 -19.59 33.64
CA LEU D 36 -18.53 -18.24 33.12
C LEU D 36 -17.67 -17.33 33.99
N LYS D 37 -17.72 -17.49 35.31
CA LYS D 37 -16.99 -16.59 36.19
C LYS D 37 -15.49 -16.72 36.01
N SER D 38 -14.98 -17.95 35.92
CA SER D 38 -13.54 -18.14 35.79
C SER D 38 -13.07 -17.85 34.37
N THR D 39 -13.92 -18.10 33.38
CA THR D 39 -13.59 -17.70 32.01
C THR D 39 -13.39 -16.19 31.93
N GLN D 40 -14.32 -15.42 32.49
CA GLN D 40 -14.21 -13.97 32.42
C GLN D 40 -13.09 -13.44 33.31
N ALA D 41 -12.79 -14.14 34.40
CA ALA D 41 -11.72 -13.70 35.29
C ALA D 41 -10.37 -13.73 34.59
N ALA D 42 -10.15 -14.72 33.72
CA ALA D 42 -8.93 -14.76 32.94
C ALA D 42 -8.96 -13.74 31.81
N ILE D 43 -10.12 -13.56 31.19
CA ILE D 43 -10.25 -12.59 30.10
C ILE D 43 -10.06 -11.17 30.61
N ASP D 44 -10.63 -10.86 31.78
CA ASP D 44 -10.48 -9.52 32.35
C ASP D 44 -9.02 -9.16 32.57
N GLN D 45 -8.19 -10.15 32.92
CA GLN D 45 -6.77 -9.85 33.15
C GLN D 45 -6.05 -9.60 31.84
N ILE D 46 -6.40 -10.33 30.79
CA ILE D 46 -5.79 -10.11 29.49
C ILE D 46 -6.22 -8.76 28.92
N ASN D 47 -7.51 -8.44 29.05
CA ASN D 47 -7.97 -7.11 28.64
C ASN D 47 -7.20 -6.02 29.35
N GLY D 48 -6.95 -6.19 30.65
CA GLY D 48 -6.28 -5.16 31.42
C GLY D 48 -4.85 -4.91 30.98
N LYS D 49 -4.14 -5.96 30.57
CA LYS D 49 -2.79 -5.73 30.08
C LYS D 49 -2.81 -5.22 28.64
N LEU D 50 -3.83 -5.57 27.87
CA LEU D 50 -4.00 -4.95 26.56
C LEU D 50 -4.22 -3.45 26.70
N ASN D 51 -4.96 -3.03 27.73
CA ASN D 51 -5.16 -1.61 27.97
C ASN D 51 -3.88 -0.93 28.42
N ARG D 52 -3.07 -1.61 29.23
CA ARG D 52 -1.88 -0.97 29.78
C ARG D 52 -0.75 -0.85 28.77
N VAL D 53 -0.62 -1.80 27.85
CA VAL D 53 0.48 -1.69 26.89
C VAL D 53 0.25 -0.52 25.96
N ILE D 54 -1.00 -0.15 25.71
CA ILE D 54 -1.32 0.98 24.88
C ILE D 54 -1.60 2.32 25.58
N GLU D 55 -1.56 2.37 26.90
CA GLU D 55 -1.96 3.59 27.62
C GLU D 55 -1.13 4.85 27.43
N LYS D 56 0.16 4.72 27.31
CA LYS D 56 1.00 5.88 27.06
C LYS D 56 0.88 6.37 25.62
N THR D 57 0.83 7.68 25.45
CA THR D 57 0.82 8.27 24.14
C THR D 57 2.21 8.81 23.91
N ASN D 58 2.78 8.42 22.78
CA ASN D 58 4.12 8.84 22.38
C ASN D 58 3.96 9.85 21.24
N GLU D 59 3.99 11.14 21.59
CA GLU D 59 3.70 12.21 20.64
C GLU D 59 4.94 13.07 20.47
N LYS D 60 5.56 13.00 19.31
CA LYS D 60 6.75 13.77 19.02
C LYS D 60 6.54 14.63 17.80
N PHE D 61 7.13 15.80 17.79
CA PHE D 61 7.02 16.67 16.64
C PHE D 61 8.33 16.89 15.93
N HIS D 62 8.89 18.07 16.07
CA HIS D 62 10.18 18.33 15.46
C HIS D 62 11.27 17.62 16.25
N GLN D 63 12.10 16.86 15.56
CA GLN D 63 13.11 16.04 16.16
C GLN D 63 14.44 16.28 15.49
N ILE D 64 15.23 15.24 15.29
CA ILE D 64 16.49 15.40 14.57
C ILE D 64 16.36 14.72 13.22
N GLU D 65 17.26 15.09 12.31
CA GLU D 65 17.37 14.38 11.05
C GLU D 65 17.95 12.99 11.29
N LYS D 66 17.42 12.00 10.58
CA LYS D 66 17.86 10.62 10.74
C LYS D 66 18.37 9.99 9.47
N GLU D 67 18.16 10.62 8.32
CA GLU D 67 18.75 10.20 7.05
C GLU D 67 19.55 11.36 6.49
N PHE D 68 20.69 11.05 5.89
CA PHE D 68 21.61 12.07 5.41
C PHE D 68 22.06 11.73 4.01
N SER D 69 22.08 12.74 3.14
CA SER D 69 22.46 12.55 1.75
C SER D 69 23.94 12.81 1.49
N GLU D 70 24.67 13.37 2.46
CA GLU D 70 26.07 13.70 2.28
C GLU D 70 26.87 13.24 3.50
N VAL D 71 28.14 12.94 3.28
CA VAL D 71 29.05 12.60 4.35
C VAL D 71 29.52 13.90 5.00
N GLU D 72 29.32 14.02 6.31
CA GLU D 72 29.67 15.23 7.04
C GLU D 72 30.70 15.00 8.13
N GLY D 73 30.67 13.86 8.81
CA GLY D 73 31.64 13.59 9.85
C GLY D 73 31.09 13.65 11.26
N ARG D 74 31.72 14.50 12.10
CA ARG D 74 31.56 14.38 13.54
C ARG D 74 30.10 14.54 13.96
N ILE D 75 29.45 15.63 13.55
CA ILE D 75 28.10 15.90 14.02
C ILE D 75 27.13 14.84 13.52
N GLN D 76 27.32 14.38 12.29
CA GLN D 76 26.45 13.34 11.74
C GLN D 76 26.68 11.99 12.41
N ASP D 77 27.94 11.68 12.74
CA ASP D 77 28.22 10.46 13.51
C ASP D 77 27.46 10.47 14.83
N LEU D 78 27.35 11.64 15.44
CA LEU D 78 26.68 11.76 16.74
C LEU D 78 25.17 11.62 16.59
N GLU D 79 24.59 12.26 15.58
CA GLU D 79 23.15 12.13 15.34
C GLU D 79 22.77 10.69 15.04
N LYS D 80 23.57 9.98 14.24
CA LYS D 80 23.29 8.58 13.97
C LYS D 80 23.45 7.72 15.20
N TYR D 81 24.47 8.02 16.02
CA TYR D 81 24.73 7.22 17.21
C TYR D 81 23.60 7.38 18.23
N VAL D 82 23.08 8.60 18.37
CA VAL D 82 21.97 8.82 19.30
C VAL D 82 20.75 8.00 18.89
N GLU D 83 20.39 8.07 17.62
CA GLU D 83 19.19 7.36 17.17
C GLU D 83 19.38 5.85 17.23
N ASP D 84 20.59 5.36 16.93
CA ASP D 84 20.83 3.93 17.02
C ASP D 84 20.78 3.44 18.46
N THR D 85 21.25 4.28 19.39
CA THR D 85 21.16 3.94 20.81
C THR D 85 19.71 3.90 21.27
N LYS D 86 18.90 4.87 20.85
CA LYS D 86 17.50 4.90 21.24
C LYS D 86 16.77 3.66 20.73
N ILE D 87 17.03 3.27 19.48
CA ILE D 87 16.30 2.16 18.89
C ILE D 87 16.66 0.84 19.56
N ASP D 88 17.95 0.65 19.87
CA ASP D 88 18.35 -0.60 20.52
C ASP D 88 17.74 -0.72 21.91
N LEU D 89 17.62 0.40 22.63
CA LEU D 89 17.05 0.36 23.97
C LEU D 89 15.55 0.10 23.93
N TRP D 90 14.84 0.73 22.99
CA TRP D 90 13.40 0.47 22.87
C TRP D 90 13.13 -0.93 22.35
N SER D 91 13.98 -1.42 21.45
CA SER D 91 13.84 -2.79 20.97
C SER D 91 14.02 -3.78 22.11
N TYR D 92 14.97 -3.52 23.01
CA TYR D 92 15.14 -4.38 24.18
C TYR D 92 13.91 -4.33 25.06
N ASN D 93 13.38 -3.13 25.30
CA ASN D 93 12.18 -2.99 26.14
C ASN D 93 11.01 -3.76 25.56
N ALA D 94 10.82 -3.65 24.24
CA ALA D 94 9.71 -4.34 23.59
C ALA D 94 9.87 -5.85 23.71
N GLU D 95 11.09 -6.36 23.55
CA GLU D 95 11.31 -7.80 23.63
C GLU D 95 11.09 -8.31 25.05
N LEU D 96 11.59 -7.58 26.05
CA LEU D 96 11.44 -8.02 27.43
C LEU D 96 9.99 -7.94 27.88
N LEU D 97 9.27 -6.91 27.43
CA LEU D 97 7.89 -6.72 27.85
C LEU D 97 7.02 -7.90 27.45
N VAL D 98 7.03 -8.26 26.16
CA VAL D 98 6.15 -9.34 25.70
C VAL D 98 6.55 -10.66 26.33
N ALA D 99 7.84 -10.81 26.69
CA ALA D 99 8.28 -12.02 27.36
C ALA D 99 7.72 -12.11 28.78
N LEU D 100 7.82 -11.03 29.54
CA LEU D 100 7.25 -11.02 30.88
C LEU D 100 5.73 -11.14 30.82
N GLU D 101 5.11 -10.49 29.84
CA GLU D 101 3.64 -10.53 29.73
C GLU D 101 3.15 -11.94 29.44
N ASN D 102 3.74 -12.60 28.44
CA ASN D 102 3.29 -13.93 28.06
C ASN D 102 3.51 -14.94 29.18
N GLN D 103 4.66 -14.86 29.85
CA GLN D 103 4.91 -15.73 30.99
C GLN D 103 3.84 -15.55 32.06
N HIS D 104 3.42 -14.31 32.30
CA HIS D 104 2.41 -14.04 33.32
C HIS D 104 1.04 -14.49 32.85
N THR D 105 0.74 -14.31 31.56
CA THR D 105 -0.56 -14.72 31.04
C THR D 105 -0.72 -16.24 31.11
N ILE D 106 0.34 -16.98 30.77
CA ILE D 106 0.32 -18.43 30.88
C ILE D 106 0.14 -18.85 32.33
N ASP D 107 0.77 -18.13 33.26
CA ASP D 107 0.65 -18.46 34.67
C ASP D 107 -0.77 -18.18 35.19
N LEU D 108 -1.33 -17.02 34.83
CA LEU D 108 -2.63 -16.67 35.40
C LEU D 108 -3.75 -17.53 34.84
N THR D 109 -3.65 -17.97 33.59
CA THR D 109 -4.66 -18.86 33.05
C THR D 109 -4.50 -20.28 33.58
N ASP D 110 -3.27 -20.72 33.84
CA ASP D 110 -3.06 -21.98 34.56
C ASP D 110 -3.62 -21.89 35.97
N SER D 111 -3.47 -20.73 36.62
CA SER D 111 -3.96 -20.54 37.97
C SER D 111 -5.48 -20.62 38.05
N GLU D 112 -6.18 -20.05 37.07
CA GLU D 112 -7.64 -20.09 37.10
C GLU D 112 -8.15 -21.52 37.06
N MET D 113 -7.49 -22.38 36.28
CA MET D 113 -7.89 -23.79 36.23
C MET D 113 -7.69 -24.46 37.58
N ASN D 114 -6.58 -24.15 38.26
CA ASN D 114 -6.33 -24.73 39.56
C ASN D 114 -7.30 -24.19 40.61
N LYS D 115 -7.61 -22.89 40.56
CA LYS D 115 -8.58 -22.32 41.50
C LYS D 115 -9.93 -23.01 41.35
N LEU D 116 -10.37 -23.23 40.11
CA LEU D 116 -11.66 -23.85 39.87
C LEU D 116 -11.68 -25.28 40.39
N PHE D 117 -10.57 -26.00 40.24
CA PHE D 117 -10.49 -27.36 40.74
C PHE D 117 -10.54 -27.40 42.26
N GLU D 118 -9.79 -26.50 42.91
CA GLU D 118 -9.78 -26.44 44.37
C GLU D 118 -11.12 -25.94 44.92
N LYS D 119 -11.74 -24.98 44.23
CA LYS D 119 -13.09 -24.55 44.60
C LYS D 119 -14.06 -25.72 44.59
N THR D 120 -13.92 -26.61 43.60
CA THR D 120 -14.77 -27.80 43.54
C THR D 120 -14.39 -28.80 44.61
N ARG D 121 -13.11 -28.93 44.90
CA ARG D 121 -12.64 -29.86 45.91
C ARG D 121 -13.20 -29.51 47.26
N ARG D 122 -13.27 -28.24 47.57
CA ARG D 122 -13.79 -27.81 48.86
C ARG D 122 -15.28 -28.08 48.98
N GLN D 123 -16.01 -27.96 47.87
CA GLN D 123 -17.45 -28.23 47.89
C GLN D 123 -17.72 -29.69 48.24
N LEU D 124 -17.00 -30.61 47.60
CA LEU D 124 -17.32 -32.02 47.72
C LEU D 124 -16.92 -32.59 49.08
N ARG D 125 -15.91 -32.01 49.72
CA ARG D 125 -15.38 -32.50 50.98
C ARG D 125 -15.13 -34.00 50.94
N GLU D 126 -15.75 -34.75 51.86
CA GLU D 126 -15.49 -36.17 51.98
C GLU D 126 -16.43 -37.01 51.12
N ASN D 127 -17.08 -36.43 50.13
CA ASN D 127 -18.00 -37.14 49.26
C ASN D 127 -17.38 -37.53 47.94
N ALA D 128 -16.13 -37.16 47.69
CA ALA D 128 -15.49 -37.47 46.43
C ALA D 128 -14.01 -37.70 46.67
N GLU D 129 -13.33 -38.22 45.65
CA GLU D 129 -11.90 -38.48 45.71
C GLU D 129 -11.25 -38.00 44.43
N ASP D 130 -10.04 -37.48 44.55
CA ASP D 130 -9.28 -36.99 43.41
C ASP D 130 -8.79 -38.17 42.59
N MET D 131 -9.28 -38.31 41.36
CA MET D 131 -8.88 -39.41 40.50
C MET D 131 -7.50 -39.19 39.88
N GLY D 132 -6.91 -38.01 40.05
CA GLY D 132 -5.56 -37.76 39.60
C GLY D 132 -5.44 -37.22 38.19
N ASN D 133 -6.51 -37.27 37.40
CA ASN D 133 -6.49 -36.81 36.03
C ASN D 133 -7.20 -35.47 35.84
N GLY D 134 -7.61 -34.83 36.94
CA GLY D 134 -8.42 -33.65 36.88
C GLY D 134 -9.90 -33.90 37.07
N CYS D 135 -10.28 -35.11 37.44
CA CYS D 135 -11.67 -35.48 37.65
C CYS D 135 -11.89 -35.91 39.09
N PHE D 136 -13.14 -35.83 39.53
CA PHE D 136 -13.55 -36.30 40.84
C PHE D 136 -14.45 -37.52 40.68
N LYS D 137 -14.21 -38.54 41.50
CA LYS D 137 -15.13 -39.65 41.61
C LYS D 137 -16.09 -39.33 42.75
N ILE D 138 -17.33 -39.01 42.41
CA ILE D 138 -18.34 -38.65 43.40
C ILE D 138 -19.00 -39.94 43.87
N TYR D 139 -18.82 -40.27 45.14
CA TYR D 139 -19.19 -41.59 45.62
C TYR D 139 -20.65 -41.67 46.05
N HIS D 140 -21.51 -41.00 45.31
CA HIS D 140 -22.95 -41.10 45.55
C HIS D 140 -23.67 -40.82 44.24
N LYS D 141 -24.95 -41.14 44.22
CA LYS D 141 -25.71 -40.94 43.03
C LYS D 141 -25.99 -39.47 42.90
N CYS D 142 -25.53 -38.91 41.79
CA CYS D 142 -25.59 -37.47 41.57
C CYS D 142 -26.24 -37.23 40.21
N ASP D 143 -27.54 -36.92 40.21
CA ASP D 143 -28.27 -36.73 38.97
C ASP D 143 -27.92 -35.37 38.37
N ASN D 144 -28.64 -34.98 37.31
CA ASN D 144 -28.34 -33.73 36.61
C ASN D 144 -28.47 -32.54 37.54
N ALA D 145 -29.56 -32.48 38.33
CA ALA D 145 -29.72 -31.37 39.26
C ALA D 145 -28.62 -31.37 40.32
N CYS D 146 -28.08 -32.54 40.66
CA CYS D 146 -26.99 -32.59 41.62
C CYS D 146 -25.69 -32.09 41.00
N ILE D 147 -25.48 -32.37 39.71
CA ILE D 147 -24.32 -31.83 39.02
C ILE D 147 -24.40 -30.32 38.92
N GLU D 148 -25.58 -29.79 38.58
CA GLU D 148 -25.74 -28.35 38.45
C GLU D 148 -25.51 -27.64 39.79
N SER D 149 -25.92 -28.26 40.89
CA SER D 149 -25.70 -27.64 42.20
C SER D 149 -24.22 -27.54 42.52
N ILE D 150 -23.42 -28.51 42.05
CA ILE D 150 -21.98 -28.38 42.18
C ILE D 150 -21.47 -27.27 41.28
N ARG D 151 -21.98 -27.19 40.05
CA ARG D 151 -21.51 -26.16 39.13
C ARG D 151 -21.90 -24.76 39.58
N ASN D 152 -23.05 -24.59 40.23
CA ASN D 152 -23.46 -23.28 40.69
C ASN D 152 -23.24 -23.08 42.19
N GLY D 153 -22.44 -23.94 42.83
CA GLY D 153 -21.95 -23.67 44.17
C GLY D 153 -22.94 -23.78 45.30
N THR D 154 -24.04 -24.48 45.10
CA THR D 154 -25.03 -24.68 46.17
C THR D 154 -25.07 -26.12 46.66
N TYR D 155 -24.10 -26.93 46.26
CA TYR D 155 -24.05 -28.34 46.64
C TYR D 155 -23.82 -28.48 48.14
N ASP D 156 -24.72 -29.20 48.81
CA ASP D 156 -24.65 -29.42 50.24
C ASP D 156 -24.10 -30.82 50.49
N HIS D 157 -22.90 -30.89 51.05
CA HIS D 157 -22.25 -32.19 51.21
C HIS D 157 -22.92 -33.05 52.27
N ASP D 158 -23.59 -32.42 53.25
CA ASP D 158 -24.20 -33.18 54.34
C ASP D 158 -25.36 -34.05 53.87
N VAL D 159 -26.03 -33.65 52.79
CA VAL D 159 -27.17 -34.42 52.30
C VAL D 159 -26.72 -35.81 51.87
N TYR D 160 -25.56 -35.91 51.24
CA TYR D 160 -25.09 -37.17 50.68
C TYR D 160 -23.95 -37.80 51.48
N ARG D 161 -23.57 -37.22 52.62
CA ARG D 161 -22.35 -37.64 53.31
C ARG D 161 -22.43 -39.10 53.75
N ASP D 162 -23.56 -39.52 54.31
CA ASP D 162 -23.67 -40.90 54.77
C ASP D 162 -23.57 -41.87 53.59
N GLU D 163 -24.28 -41.58 52.50
CA GLU D 163 -24.21 -42.46 51.33
C GLU D 163 -22.80 -42.51 50.76
N ALA D 164 -22.14 -41.36 50.69
CA ALA D 164 -20.81 -41.31 50.07
C ALA D 164 -19.78 -42.06 50.89
N LEU D 165 -19.77 -41.85 52.21
CA LEU D 165 -18.80 -42.50 53.06
C LEU D 165 -19.00 -44.01 53.09
N ASN D 166 -20.25 -44.47 52.97
CA ASN D 166 -20.51 -45.90 52.93
C ASN D 166 -19.94 -46.53 51.66
N ASN D 167 -19.98 -45.80 50.55
CA ASN D 167 -19.40 -46.30 49.31
C ASN D 167 -17.87 -46.22 49.33
N ARG D 168 -17.32 -45.27 50.06
CA ARG D 168 -15.87 -45.12 50.10
C ARG D 168 -15.20 -46.20 50.94
N PHE D 169 -15.84 -46.64 52.02
CA PHE D 169 -15.24 -47.64 52.90
C PHE D 169 -16.17 -48.83 53.09
N ASN E 1 -18.18 -28.20 74.03
CA ASN E 1 -18.73 -28.74 72.79
C ASN E 1 -17.78 -29.77 72.19
N SER E 2 -18.35 -30.77 71.49
CA SER E 2 -17.57 -31.89 70.98
C SER E 2 -16.64 -31.51 69.85
N THR E 3 -16.76 -30.31 69.28
CA THR E 3 -15.94 -29.91 68.14
C THR E 3 -15.42 -28.50 68.36
N ALA E 4 -14.68 -27.99 67.38
CA ALA E 4 -14.12 -26.65 67.44
C ALA E 4 -13.85 -26.17 66.03
N THR E 5 -13.74 -24.85 65.88
CA THR E 5 -13.50 -24.22 64.59
C THR E 5 -12.25 -23.36 64.69
N LEU E 6 -11.36 -23.49 63.70
CA LEU E 6 -10.12 -22.71 63.63
C LEU E 6 -10.02 -22.05 62.26
N CYS E 7 -10.10 -20.73 62.22
CA CYS E 7 -10.08 -19.98 60.97
C CYS E 7 -8.73 -19.29 60.78
N LEU E 8 -8.26 -19.27 59.55
CA LEU E 8 -7.05 -18.54 59.19
C LEU E 8 -7.41 -17.35 58.31
N GLY E 9 -6.81 -16.19 58.60
CA GLY E 9 -7.14 -14.98 57.88
C GLY E 9 -5.99 -13.99 57.91
N HIS E 10 -6.21 -12.87 57.24
CA HIS E 10 -5.23 -11.81 57.14
C HIS E 10 -5.88 -10.48 57.51
N HIS E 11 -5.06 -9.49 57.81
CA HIS E 11 -5.60 -8.22 58.27
C HIS E 11 -6.15 -7.41 57.10
N ALA E 12 -6.91 -6.37 57.43
CA ALA E 12 -7.44 -5.43 56.47
C ALA E 12 -7.58 -4.07 57.15
N VAL E 13 -7.65 -3.03 56.33
CA VAL E 13 -7.76 -1.67 56.85
C VAL E 13 -9.02 -1.05 56.28
N PRO E 14 -9.58 -0.03 56.93
CA PRO E 14 -10.81 0.59 56.42
C PRO E 14 -10.61 1.30 55.09
N ASN E 15 -9.58 2.14 54.96
CA ASN E 15 -9.33 2.87 53.72
C ASN E 15 -7.91 2.61 53.21
N GLY E 16 -7.80 1.81 52.16
CA GLY E 16 -6.52 1.48 51.57
C GLY E 16 -6.17 2.39 50.41
N THR E 17 -5.13 2.01 49.68
CA THR E 17 -4.55 2.83 48.62
C THR E 17 -4.57 2.07 47.30
N LEU E 18 -4.68 2.81 46.20
CA LEU E 18 -4.70 2.23 44.87
C LEU E 18 -3.30 2.20 44.28
N VAL E 19 -2.92 1.06 43.71
CA VAL E 19 -1.65 0.89 43.02
C VAL E 19 -1.90 0.22 41.67
N LYS E 20 -0.88 0.25 40.82
CA LYS E 20 -0.94 -0.34 39.49
C LYS E 20 -0.09 -1.60 39.42
N THR E 21 -0.50 -2.55 38.57
CA THR E 21 0.32 -3.71 38.25
C THR E 21 0.34 -3.85 36.73
N ILE E 22 0.81 -5.01 36.28
CA ILE E 22 0.90 -5.32 34.85
C ILE E 22 -0.48 -5.40 34.23
N THR E 23 -1.46 -5.91 34.97
CA THR E 23 -2.78 -6.19 34.42
C THR E 23 -3.86 -5.23 34.87
N ASP E 24 -3.64 -4.49 35.97
CA ASP E 24 -4.71 -3.72 36.57
C ASP E 24 -4.25 -2.30 36.84
N ASP E 25 -5.03 -1.34 36.35
CA ASP E 25 -4.82 0.08 36.54
C ASP E 25 -4.93 0.47 38.00
N GLN E 26 -5.90 -0.08 38.71
CA GLN E 26 -6.02 0.18 40.14
C GLN E 26 -6.41 -1.00 41.04
N ILE E 27 -5.53 -1.36 41.97
CA ILE E 27 -5.80 -2.40 42.93
C ILE E 27 -5.70 -1.79 44.31
N GLU E 28 -6.64 -2.11 45.18
CA GLU E 28 -6.60 -1.57 46.53
C GLU E 28 -5.70 -2.44 47.39
N VAL E 29 -4.62 -1.86 47.88
CA VAL E 29 -3.73 -2.52 48.82
C VAL E 29 -3.83 -1.80 50.16
N THR E 30 -3.25 -2.41 51.20
CA THR E 30 -3.36 -1.85 52.54
C THR E 30 -2.49 -0.64 52.74
N ASN E 31 -1.43 -0.48 51.96
CA ASN E 31 -0.49 0.61 52.20
C ASN E 31 0.44 0.73 51.00
N ALA E 32 0.93 1.93 50.75
CA ALA E 32 1.87 2.16 49.66
C ALA E 32 2.77 3.33 50.03
N THR E 33 3.90 3.42 49.32
CA THR E 33 4.82 4.53 49.47
C THR E 33 5.04 5.19 48.11
N GLU E 34 5.38 6.47 48.14
CA GLU E 34 5.56 7.26 46.93
C GLU E 34 7.02 7.16 46.47
N LEU E 35 7.23 6.92 45.18
CA LEU E 35 8.58 6.75 44.64
C LEU E 35 9.06 7.94 43.82
N VAL E 36 8.25 8.98 43.68
CA VAL E 36 8.59 10.14 42.86
C VAL E 36 8.64 11.36 43.76
N GLN E 37 9.82 11.95 43.89
CA GLN E 37 9.99 13.19 44.63
C GLN E 37 9.45 14.34 43.77
N SER E 38 8.43 15.04 44.28
CA SER E 38 7.76 16.07 43.49
C SER E 38 7.71 17.42 44.19
N SER E 39 8.37 17.58 45.33
CA SER E 39 8.33 18.82 46.07
C SER E 39 9.75 19.26 46.44
N SER E 40 9.90 20.54 46.71
CA SER E 40 11.16 21.13 47.13
C SER E 40 10.90 22.22 48.16
N THR E 41 11.93 22.54 48.92
CA THR E 41 11.83 23.63 49.88
C THR E 41 11.90 24.99 49.22
N GLY E 42 12.42 25.07 47.99
CA GLY E 42 12.63 26.33 47.32
C GLY E 42 13.97 26.96 47.61
N LYS E 43 14.82 26.32 48.40
CA LYS E 43 16.09 26.87 48.82
C LYS E 43 17.22 25.89 48.48
N ILE E 44 18.36 26.45 48.11
CA ILE E 44 19.55 25.66 47.82
C ILE E 44 20.38 25.56 49.09
N CYS E 45 20.61 24.33 49.55
CA CYS E 45 21.41 24.12 50.75
C CYS E 45 22.89 24.32 50.45
N ASN E 46 23.58 25.01 51.35
CA ASN E 46 24.98 25.36 51.14
C ASN E 46 25.94 24.23 51.52
N ASN E 47 25.43 23.11 52.01
CA ASN E 47 26.25 21.94 52.29
C ASN E 47 25.65 20.70 51.65
N PRO E 48 26.48 19.72 51.28
CA PRO E 48 27.93 19.67 51.45
C PRO E 48 28.74 20.21 50.27
N HIS E 49 28.09 20.62 49.19
CA HIS E 49 28.82 21.19 48.06
C HIS E 49 29.10 22.67 48.30
N ARG E 50 30.21 23.15 47.74
CA ARG E 50 30.54 24.57 47.83
C ARG E 50 29.78 25.33 46.76
N ILE E 51 28.78 26.11 47.18
CA ILE E 51 27.96 26.90 46.26
C ILE E 51 28.49 28.32 46.24
N LEU E 52 28.74 28.84 45.04
CA LEU E 52 29.19 30.21 44.85
C LEU E 52 28.08 31.01 44.18
N ASP E 53 27.45 31.91 44.93
CA ASP E 53 26.35 32.72 44.44
C ASP E 53 26.91 33.90 43.66
N GLY E 54 26.59 33.93 42.39
CA GLY E 54 26.97 34.99 41.48
C GLY E 54 26.38 36.32 41.85
N ILE E 55 25.17 36.33 42.38
CA ILE E 55 24.52 37.58 42.65
C ILE E 55 24.33 38.32 41.33
N ASP E 56 25.00 39.43 41.16
CA ASP E 56 24.83 40.24 39.97
C ASP E 56 25.74 39.81 38.83
N CYS E 57 26.53 38.78 39.02
CA CYS E 57 27.60 38.48 38.10
C CYS E 57 27.38 37.14 37.40
N THR E 58 27.67 37.11 36.11
CA THR E 58 27.79 35.85 35.38
C THR E 58 29.23 35.35 35.49
N LEU E 59 29.39 34.05 35.24
CA LEU E 59 30.72 33.45 35.35
C LEU E 59 31.70 34.10 34.38
N ILE E 60 31.24 34.45 33.18
CA ILE E 60 32.13 35.08 32.22
C ILE E 60 32.52 36.48 32.67
N ASP E 61 31.58 37.21 33.28
CA ASP E 61 31.89 38.53 33.80
C ASP E 61 32.93 38.46 34.91
N ALA E 62 32.83 37.45 35.78
CA ALA E 62 33.81 37.30 36.86
C ALA E 62 35.15 36.81 36.32
N LEU E 63 35.13 36.03 35.24
CA LEU E 63 36.37 35.61 34.60
C LEU E 63 37.12 36.83 34.04
N LEU E 64 36.42 37.66 33.27
CA LEU E 64 37.05 38.82 32.65
C LEU E 64 37.46 39.85 33.70
N GLY E 65 36.65 40.03 34.73
CA GLY E 65 36.94 41.01 35.74
C GLY E 65 36.14 42.29 35.61
N ASP E 66 34.84 42.14 35.41
CA ASP E 66 33.94 43.29 35.48
C ASP E 66 34.05 43.89 36.87
N PRO E 67 34.21 45.22 36.99
CA PRO E 67 34.47 45.83 38.31
C PRO E 67 33.54 45.39 39.43
N HIS E 68 32.23 45.27 39.18
CA HIS E 68 31.35 44.84 40.25
C HIS E 68 31.41 43.34 40.51
N CYS E 69 32.29 42.63 39.80
CA CYS E 69 32.56 41.22 40.05
C CYS E 69 33.94 41.00 40.62
N ASP E 70 34.63 42.07 41.04
CA ASP E 70 35.98 41.92 41.57
C ASP E 70 36.02 41.01 42.79
N VAL E 71 34.91 40.90 43.52
CA VAL E 71 34.86 40.07 44.71
C VAL E 71 35.06 38.59 44.39
N PHE E 72 34.91 38.20 43.13
CA PHE E 72 35.01 36.81 42.73
C PHE E 72 36.41 36.42 42.25
N GLN E 73 37.40 37.29 42.38
CA GLN E 73 38.74 36.96 41.92
C GLN E 73 39.29 35.77 42.72
N ASN E 74 39.91 34.83 42.00
CA ASN E 74 40.54 33.64 42.58
C ASN E 74 39.54 32.72 43.29
N GLU E 75 38.25 32.88 43.06
CA GLU E 75 37.28 32.05 43.74
C GLU E 75 37.29 30.62 43.18
N THR E 76 36.72 29.71 43.97
CA THR E 76 36.50 28.33 43.57
C THR E 76 35.07 27.94 43.93
N TRP E 77 34.62 26.81 43.38
CA TRP E 77 33.24 26.38 43.58
C TRP E 77 33.07 24.93 43.16
N ASP E 78 32.10 24.26 43.77
CA ASP E 78 31.56 23.03 43.20
C ASP E 78 30.38 23.33 42.28
N LEU E 79 29.55 24.29 42.65
CA LEU E 79 28.43 24.72 41.82
C LEU E 79 28.37 26.25 41.82
N PHE E 80 28.47 26.82 40.63
CA PHE E 80 28.30 28.26 40.42
C PHE E 80 26.84 28.53 40.04
N VAL E 81 26.21 29.45 40.76
CA VAL E 81 24.79 29.75 40.58
C VAL E 81 24.66 31.12 39.94
N GLU E 82 24.13 31.16 38.71
CA GLU E 82 23.88 32.40 37.99
C GLU E 82 22.43 32.82 38.17
N ARG E 83 22.24 34.11 38.47
CA ARG E 83 20.91 34.67 38.74
C ARG E 83 20.40 35.43 37.53
N SER E 84 19.07 35.57 37.46
CA SER E 84 18.45 36.32 36.37
C SER E 84 18.83 37.80 36.45
N LYS E 85 18.93 38.34 37.66
CA LYS E 85 19.22 39.75 37.87
C LYS E 85 20.62 40.15 37.40
N ALA E 86 21.44 39.21 36.97
CA ALA E 86 22.82 39.52 36.63
C ALA E 86 22.88 40.49 35.44
N PHE E 87 23.95 41.27 35.40
CA PHE E 87 24.12 42.28 34.37
C PHE E 87 25.60 42.57 34.21
N SER E 88 25.99 42.99 33.01
CA SER E 88 27.33 43.47 32.75
C SER E 88 27.37 44.99 32.85
N ASN E 89 28.47 45.51 33.37
CA ASN E 89 28.61 46.95 33.56
C ASN E 89 30.01 47.42 33.20
N CYS E 90 30.65 46.75 32.24
CA CYS E 90 31.97 47.15 31.77
C CYS E 90 31.90 47.47 30.29
N TYR E 91 32.98 47.21 29.55
CA TYR E 91 32.97 47.49 28.13
C TYR E 91 32.10 46.47 27.41
N PRO E 92 31.30 46.91 26.43
CA PRO E 92 30.47 45.96 25.68
C PRO E 92 31.33 44.94 24.95
N TYR E 93 31.04 43.67 25.14
CA TYR E 93 31.87 42.62 24.60
C TYR E 93 31.02 41.53 23.97
N ASP E 94 31.68 40.68 23.19
CA ASP E 94 31.06 39.54 22.52
C ASP E 94 32.03 38.37 22.58
N VAL E 95 31.52 37.19 22.90
CA VAL E 95 32.34 35.98 22.99
C VAL E 95 31.84 34.98 21.97
N PRO E 96 32.55 34.79 20.86
CA PRO E 96 32.21 33.70 19.94
C PRO E 96 32.35 32.37 20.66
N ASP E 97 31.34 31.52 20.50
CA ASP E 97 31.25 30.25 21.24
C ASP E 97 31.23 30.52 22.75
N TYR E 98 30.33 31.42 23.15
CA TYR E 98 30.18 31.77 24.56
C TYR E 98 29.87 30.54 25.41
N ALA E 99 29.01 29.65 24.91
CA ALA E 99 28.61 28.48 25.69
C ALA E 99 29.78 27.55 25.98
N SER E 100 30.75 27.45 25.06
CA SER E 100 31.87 26.54 25.29
C SER E 100 32.83 27.10 26.32
N LEU E 101 33.14 28.40 26.25
CA LEU E 101 34.01 29.00 27.26
C LEU E 101 33.35 28.96 28.63
N ARG E 102 32.04 29.18 28.69
CA ARG E 102 31.31 29.07 29.95
C ARG E 102 31.38 27.65 30.49
N SER E 103 31.29 26.66 29.61
CA SER E 103 31.28 25.26 30.04
C SER E 103 32.63 24.85 30.61
N LEU E 104 33.73 25.19 29.92
CA LEU E 104 35.04 24.72 30.37
C LEU E 104 35.54 25.48 31.59
N VAL E 105 35.16 26.75 31.75
CA VAL E 105 35.49 27.45 32.98
C VAL E 105 34.69 26.89 34.14
N ALA E 106 33.38 26.68 33.93
CA ALA E 106 32.53 26.14 34.97
C ALA E 106 32.93 24.73 35.36
N SER E 107 33.44 23.95 34.42
CA SER E 107 33.88 22.59 34.73
C SER E 107 35.23 22.60 35.44
N SER E 108 36.06 23.61 35.18
CA SER E 108 37.34 23.71 35.88
C SER E 108 37.15 24.04 37.36
N GLY E 109 36.12 24.83 37.68
CA GLY E 109 35.78 25.09 39.06
C GLY E 109 36.65 26.07 39.79
N THR E 110 37.36 26.94 39.08
CA THR E 110 38.26 27.87 39.74
C THR E 110 38.47 29.08 38.84
N LEU E 111 38.70 30.23 39.47
CA LEU E 111 39.11 31.44 38.78
C LEU E 111 40.52 31.85 39.17
N GLU E 112 41.33 30.89 39.61
CA GLU E 112 42.70 31.19 40.05
C GLU E 112 43.52 31.74 38.90
N PHE E 113 44.05 32.95 39.08
CA PHE E 113 44.70 33.69 38.02
C PHE E 113 46.14 34.00 38.44
N ILE E 114 47.09 33.71 37.55
CA ILE E 114 48.51 33.95 37.82
C ILE E 114 49.00 35.03 36.85
N THR E 115 49.44 36.15 37.39
CA THR E 115 49.95 37.23 36.56
C THR E 115 51.34 36.90 36.04
N GLU E 116 51.57 37.19 34.76
CA GLU E 116 52.84 36.91 34.12
C GLU E 116 53.47 38.21 33.60
N GLY E 117 54.78 38.16 33.39
CA GLY E 117 55.53 39.34 33.00
C GLY E 117 55.54 39.60 31.51
N PHE E 118 54.38 39.94 30.96
CA PHE E 118 54.31 40.36 29.56
C PHE E 118 54.95 41.74 29.42
N THR E 119 55.84 41.88 28.44
CA THR E 119 56.52 43.14 28.17
C THR E 119 56.00 43.68 26.85
N TRP E 120 55.27 44.79 26.91
CA TRP E 120 54.65 45.41 25.74
C TRP E 120 55.42 46.69 25.43
N THR E 121 56.41 46.57 24.55
CA THR E 121 57.31 47.69 24.25
C THR E 121 56.67 48.63 23.25
N GLY E 122 56.68 49.93 23.59
CA GLY E 122 56.23 50.95 22.67
C GLY E 122 54.75 51.25 22.68
N VAL E 123 54.00 50.77 23.67
CA VAL E 123 52.56 51.01 23.76
C VAL E 123 52.21 51.45 25.17
N THR E 124 51.08 52.14 25.27
CA THR E 124 50.52 52.54 26.56
C THR E 124 49.64 51.43 27.09
N GLN E 125 49.86 51.04 28.34
CA GLN E 125 49.12 49.96 28.96
C GLN E 125 48.00 50.52 29.83
N ASN E 126 47.11 49.63 30.24
CA ASN E 126 46.06 49.93 31.22
C ASN E 126 45.05 50.95 30.69
N GLY E 127 44.60 50.74 29.45
CA GLY E 127 43.54 51.59 28.92
C GLY E 127 42.25 51.42 29.69
N GLY E 128 41.42 52.46 29.67
CA GLY E 128 40.21 52.47 30.46
C GLY E 128 39.06 53.13 29.70
N SER E 129 37.87 53.05 30.30
CA SER E 129 36.66 53.55 29.68
C SER E 129 35.70 54.02 30.75
N ASN E 130 34.91 55.05 30.42
CA ASN E 130 33.86 55.51 31.32
C ASN E 130 32.66 54.57 31.35
N ALA E 131 32.59 53.60 30.44
CA ALA E 131 31.57 52.57 30.51
C ALA E 131 31.97 51.43 31.43
N CYS E 132 33.18 51.49 32.01
CA CYS E 132 33.68 50.43 32.88
C CYS E 132 34.39 51.08 34.07
N LYS E 133 33.65 51.90 34.81
CA LYS E 133 34.22 52.62 35.93
C LYS E 133 34.61 51.68 37.07
N ARG E 134 35.81 51.87 37.60
CA ARG E 134 36.27 51.21 38.81
C ARG E 134 36.60 52.32 39.81
N GLY E 135 35.69 52.54 40.76
CA GLY E 135 35.81 53.67 41.65
C GLY E 135 35.14 54.89 41.06
N PRO E 136 35.74 56.06 41.28
CA PRO E 136 35.19 57.29 40.68
C PRO E 136 35.59 57.45 39.22
N GLY E 137 36.79 56.99 38.88
CA GLY E 137 37.34 57.16 37.55
C GLY E 137 37.14 55.95 36.66
N SER E 138 37.60 56.09 35.42
CA SER E 138 37.45 55.04 34.43
C SER E 138 38.33 53.84 34.77
N GLY E 139 37.93 52.69 34.24
CA GLY E 139 38.65 51.45 34.45
C GLY E 139 38.47 50.47 33.30
N PHE E 140 38.72 49.19 33.55
CA PHE E 140 38.66 48.17 32.52
C PHE E 140 38.61 46.80 33.20
N PHE E 141 38.50 45.75 32.39
CA PHE E 141 38.54 44.39 32.92
C PHE E 141 39.86 44.14 33.63
N SER E 142 39.78 43.59 34.84
CA SER E 142 40.97 43.44 35.68
C SER E 142 41.96 42.44 35.11
N ARG E 143 41.52 41.50 34.29
CA ARG E 143 42.40 40.47 33.76
C ARG E 143 42.86 40.76 32.34
N LEU E 144 42.36 41.83 31.72
CA LEU E 144 42.74 42.20 30.38
C LEU E 144 43.49 43.53 30.40
N ASN E 145 44.32 43.75 29.37
CA ASN E 145 45.21 44.91 29.30
C ASN E 145 44.99 45.62 27.97
N TRP E 146 44.31 46.76 28.01
CA TRP E 146 44.01 47.52 26.81
C TRP E 146 45.24 48.33 26.41
N LEU E 147 45.86 47.95 25.29
CA LEU E 147 47.05 48.62 24.78
C LEU E 147 46.67 49.62 23.70
N THR E 148 47.25 50.82 23.77
CA THR E 148 47.05 51.84 22.75
C THR E 148 48.41 52.42 22.38
N LYS E 149 48.39 53.45 21.53
CA LYS E 149 49.62 54.02 21.02
C LYS E 149 50.41 54.71 22.14
N SER E 150 51.73 54.67 21.99
CA SER E 150 52.65 55.34 22.86
C SER E 150 53.57 56.17 21.98
N GLY E 151 53.76 57.41 22.34
CA GLY E 151 54.24 58.41 21.43
C GLY E 151 53.22 58.57 20.31
N SER E 152 53.65 58.59 19.07
CA SER E 152 52.71 58.71 17.97
C SER E 152 52.55 57.40 17.21
N THR E 153 53.17 56.36 17.73
CA THR E 153 53.36 55.09 17.05
C THR E 153 52.82 53.93 17.87
N TYR E 154 52.29 52.93 17.16
CA TYR E 154 51.89 51.64 17.74
C TYR E 154 52.66 50.57 16.97
N PRO E 155 53.73 50.01 17.53
CA PRO E 155 54.54 49.06 16.76
C PRO E 155 53.85 47.72 16.61
N VAL E 156 54.50 46.84 15.84
CA VAL E 156 54.03 45.47 15.64
C VAL E 156 54.57 44.63 16.80
N LEU E 157 53.68 44.28 17.74
CA LEU E 157 54.08 43.54 18.92
C LEU E 157 54.35 42.08 18.58
N ASN E 158 55.27 41.48 19.33
CA ASN E 158 55.71 40.10 19.04
C ASN E 158 56.34 39.55 20.32
N VAL E 159 55.51 38.96 21.19
CA VAL E 159 55.96 38.46 22.47
C VAL E 159 55.67 36.97 22.57
N THR E 160 56.49 36.27 23.34
CA THR E 160 56.37 34.84 23.53
C THR E 160 56.39 34.51 25.02
N MET E 161 55.39 33.77 25.47
CA MET E 161 55.28 33.37 26.88
C MET E 161 55.24 31.85 26.98
N PRO E 162 56.36 31.19 27.25
CA PRO E 162 56.39 29.72 27.23
C PRO E 162 55.70 29.13 28.46
N ASN E 163 55.25 27.90 28.30
CA ASN E 163 54.66 27.12 29.39
C ASN E 163 55.68 26.08 29.82
N ASN E 164 56.40 26.39 30.89
CA ASN E 164 57.39 25.48 31.45
C ASN E 164 56.86 24.75 32.68
N ASP E 165 55.56 24.78 32.92
CA ASP E 165 54.94 24.06 34.02
C ASP E 165 54.40 22.73 33.54
N ASN E 166 53.97 21.91 34.50
CA ASN E 166 53.42 20.59 34.21
C ASN E 166 51.90 20.61 34.15
N PHE E 167 51.29 21.77 33.91
CA PHE E 167 49.84 21.87 33.84
C PHE E 167 49.46 22.79 32.68
N ASP E 168 48.19 22.71 32.29
CA ASP E 168 47.68 23.53 31.21
C ASP E 168 47.38 24.94 31.71
N LYS E 169 47.61 25.92 30.83
CA LYS E 169 47.29 27.31 31.08
C LYS E 169 46.16 27.74 30.17
N LEU E 170 45.21 28.49 30.74
CA LEU E 170 44.11 29.08 29.98
C LEU E 170 44.32 30.58 29.87
N TYR E 171 44.40 31.08 28.64
CA TYR E 171 44.62 32.49 28.37
C TYR E 171 43.35 33.12 27.82
N ILE E 172 42.97 34.25 28.37
CA ILE E 172 41.81 35.02 27.90
C ILE E 172 42.34 36.33 27.33
N TRP E 173 42.03 36.60 26.06
CA TRP E 173 42.46 37.81 25.40
C TRP E 173 41.31 38.33 24.55
N GLY E 174 41.55 39.45 23.86
CA GLY E 174 40.46 40.06 23.12
C GLY E 174 40.95 40.94 21.99
N VAL E 175 39.97 41.45 21.23
CA VAL E 175 40.21 42.34 20.11
C VAL E 175 39.23 43.49 20.21
N HIS E 176 39.72 44.72 20.10
CA HIS E 176 38.87 45.90 20.13
C HIS E 176 38.37 46.21 18.73
N HIS E 177 37.08 46.55 18.64
CA HIS E 177 36.43 46.88 17.37
C HIS E 177 35.91 48.30 17.40
N PRO E 178 36.68 49.28 16.89
CA PRO E 178 36.25 50.67 16.95
C PRO E 178 35.02 50.92 16.07
N SER E 179 34.48 52.13 16.18
CA SER E 179 33.29 52.53 15.45
C SER E 179 33.57 53.49 14.31
N THR E 180 34.68 54.23 14.34
CA THR E 180 35.04 55.16 13.30
C THR E 180 36.50 54.97 12.93
N ASN E 181 36.87 55.46 11.75
CA ASN E 181 38.27 55.42 11.34
C ASN E 181 39.11 56.34 12.22
N GLN E 182 38.53 57.44 12.72
CA GLN E 182 39.27 58.34 13.59
C GLN E 182 39.52 57.70 14.96
N GLU E 183 38.54 56.94 15.47
CA GLU E 183 38.77 56.19 16.70
C GLU E 183 39.83 55.13 16.51
N GLN E 184 39.86 54.49 15.34
CA GLN E 184 40.87 53.48 15.06
C GLN E 184 42.26 54.10 15.07
N THR E 185 42.45 55.19 14.33
CA THR E 185 43.76 55.79 14.18
C THR E 185 44.21 56.56 15.42
N SER E 186 43.27 57.13 16.19
CA SER E 186 43.67 57.83 17.40
C SER E 186 44.08 56.86 18.51
N LEU E 187 43.76 55.58 18.38
CA LEU E 187 44.15 54.58 19.38
C LEU E 187 45.31 53.73 18.91
N TYR E 188 45.21 53.21 17.70
CA TYR E 188 46.20 52.26 17.22
C TYR E 188 46.99 52.77 16.02
N VAL E 189 46.65 53.98 15.59
CA VAL E 189 47.34 54.65 14.49
C VAL E 189 47.06 53.98 13.15
N GLN E 190 47.36 52.68 13.06
CA GLN E 190 47.23 51.96 11.81
C GLN E 190 45.79 52.02 11.41
N ALA E 191 45.57 52.18 10.12
CA ALA E 191 44.21 52.25 9.59
C ALA E 191 43.45 50.95 9.80
N SER E 192 44.16 49.81 9.75
CA SER E 192 43.56 48.51 9.97
C SER E 192 44.48 47.69 10.85
N GLY E 193 43.97 47.19 11.96
CA GLY E 193 44.74 46.39 12.89
C GLY E 193 44.67 44.91 12.56
N ARG E 194 45.31 44.12 13.44
CA ARG E 194 45.33 42.67 13.32
C ARG E 194 45.85 42.08 14.62
N VAL E 195 45.20 41.02 15.09
CA VAL E 195 45.61 40.32 16.30
C VAL E 195 45.80 38.85 15.94
N THR E 196 46.99 38.33 16.20
CA THR E 196 47.30 36.93 15.93
C THR E 196 47.90 36.31 17.20
N VAL E 197 47.19 35.35 17.78
CA VAL E 197 47.65 34.59 18.93
C VAL E 197 47.87 33.15 18.48
N SER E 198 49.04 32.61 18.81
CA SER E 198 49.43 31.31 18.27
C SER E 198 50.18 30.49 19.31
N THR E 199 50.04 29.18 19.18
CA THR E 199 50.90 28.20 19.81
C THR E 199 51.54 27.36 18.69
N ARG E 200 52.18 26.27 19.05
CA ARG E 200 52.72 25.37 18.03
C ARG E 200 51.64 24.50 17.39
N ARG E 201 50.42 24.48 17.94
CA ARG E 201 49.35 23.66 17.39
C ARG E 201 48.12 24.46 16.99
N SER E 202 48.13 25.78 17.13
CA SER E 202 46.96 26.58 16.78
C SER E 202 47.41 27.98 16.36
N GLN E 203 46.54 28.63 15.57
CA GLN E 203 46.74 30.02 15.21
C GLN E 203 45.36 30.67 15.13
N GLN E 204 45.19 31.80 15.81
CA GLN E 204 43.94 32.54 15.80
C GLN E 204 44.23 33.95 15.31
N THR E 205 43.80 34.25 14.08
CA THR E 205 44.05 35.54 13.44
C THR E 205 42.73 36.26 13.27
N ILE E 206 42.66 37.48 13.80
CA ILE E 206 41.43 38.26 13.79
C ILE E 206 41.72 39.64 13.21
N ILE E 207 40.90 40.06 12.26
CA ILE E 207 40.94 41.41 11.71
C ILE E 207 39.78 42.20 12.31
N PRO E 208 40.03 43.35 12.92
CA PRO E 208 38.97 44.09 13.59
C PRO E 208 38.00 44.74 12.60
N ASN E 209 36.75 44.81 13.02
CA ASN E 209 35.69 45.47 12.26
C ASN E 209 35.55 46.91 12.72
N ILE E 210 35.62 47.84 11.79
CA ILE E 210 35.33 49.22 12.09
C ILE E 210 33.93 49.46 11.63
N GLU E 211 33.01 49.54 12.57
CA GLU E 211 31.62 49.62 12.23
C GLU E 211 30.94 50.40 13.30
N SER E 212 29.80 50.97 12.97
CA SER E 212 29.03 51.64 13.96
C SER E 212 27.94 50.68 14.32
N ARG E 213 27.97 50.19 15.53
CA ARG E 213 27.04 49.18 16.01
C ARG E 213 26.05 49.80 16.99
N PRO E 214 24.92 49.14 17.26
CA PRO E 214 23.92 49.73 18.16
C PRO E 214 24.49 50.04 19.53
N TRP E 215 23.95 51.09 20.14
CA TRP E 215 24.49 51.60 21.39
C TRP E 215 24.22 50.64 22.54
N VAL E 216 25.27 50.34 23.30
CA VAL E 216 25.17 49.55 24.52
C VAL E 216 26.00 50.26 25.58
N ARG E 217 25.33 50.75 26.62
CA ARG E 217 26.00 51.46 27.71
C ARG E 217 26.80 52.67 27.19
N GLY E 218 26.21 53.39 26.24
CA GLY E 218 26.83 54.59 25.73
C GLY E 218 27.97 54.37 24.76
N LEU E 219 28.10 53.18 24.19
CA LEU E 219 29.19 52.87 23.28
C LEU E 219 28.66 52.16 22.06
N SER E 220 29.26 52.48 20.91
CA SER E 220 29.01 51.76 19.68
C SER E 220 30.16 50.82 19.31
N SER E 221 31.26 50.87 20.06
CA SER E 221 32.39 49.97 19.83
C SER E 221 32.18 48.67 20.59
N ARG E 222 33.06 47.70 20.33
CA ARG E 222 32.91 46.37 20.89
C ARG E 222 34.29 45.78 21.18
N ILE E 223 34.28 44.69 21.95
CA ILE E 223 35.44 43.86 22.20
C ILE E 223 35.03 42.41 21.99
N SER E 224 35.81 41.67 21.21
CA SER E 224 35.58 40.25 21.00
C SER E 224 36.55 39.45 21.85
N ILE E 225 36.03 38.49 22.61
CA ILE E 225 36.81 37.70 23.56
C ILE E 225 37.18 36.37 22.93
N TYR E 226 38.43 35.96 23.11
CA TYR E 226 38.92 34.67 22.62
C TYR E 226 39.75 34.01 23.71
N TRP E 227 39.95 32.71 23.60
CA TRP E 227 40.72 31.97 24.57
C TRP E 227 41.67 31.00 23.88
N THR E 228 42.75 30.66 24.59
CA THR E 228 43.77 29.77 24.09
C THR E 228 44.29 28.91 25.23
N ILE E 229 44.40 27.61 25.01
CA ILE E 229 44.98 26.69 25.98
C ILE E 229 46.39 26.34 25.52
N VAL E 230 47.36 26.47 26.41
CA VAL E 230 48.76 26.19 26.11
C VAL E 230 49.17 24.98 26.94
N LYS E 231 49.39 23.85 26.26
CA LYS E 231 49.83 22.64 26.93
C LYS E 231 51.24 22.80 27.48
N PRO E 232 51.65 21.94 28.42
CA PRO E 232 53.03 21.97 28.89
C PRO E 232 54.02 21.79 27.74
N GLY E 233 55.06 22.61 27.73
CA GLY E 233 56.07 22.57 26.71
C GLY E 233 55.78 23.44 25.51
N ASP E 234 54.54 23.85 25.32
CA ASP E 234 54.20 24.75 24.22
C ASP E 234 54.49 26.20 24.62
N VAL E 235 54.29 27.12 23.69
CA VAL E 235 54.53 28.54 23.93
C VAL E 235 53.32 29.32 23.43
N LEU E 236 53.07 30.45 24.07
CA LEU E 236 52.06 31.39 23.61
C LEU E 236 52.75 32.53 22.89
N VAL E 237 52.34 32.79 21.66
CA VAL E 237 52.92 33.86 20.85
C VAL E 237 51.80 34.82 20.48
N ILE E 238 51.94 36.07 20.91
CA ILE E 238 50.98 37.13 20.61
C ILE E 238 51.61 38.08 19.61
N ASN E 239 50.90 38.37 18.53
CA ASN E 239 51.41 39.23 17.47
C ASN E 239 50.30 40.17 17.02
N SER E 240 50.56 41.47 17.08
CA SER E 240 49.52 42.44 16.75
C SER E 240 50.16 43.77 16.34
N ASN E 241 49.55 44.40 15.34
CA ASN E 241 49.89 45.77 14.98
C ASN E 241 48.75 46.74 15.31
N GLY E 242 47.86 46.34 16.18
CA GLY E 242 46.76 47.18 16.63
C GLY E 242 45.56 46.37 17.08
N ASN E 243 44.77 46.99 17.97
CA ASN E 243 43.48 46.48 18.45
C ASN E 243 43.58 45.29 19.39
N LEU E 244 44.74 45.06 19.99
CA LEU E 244 44.95 43.91 20.87
C LEU E 244 44.52 44.23 22.30
N ILE E 245 43.62 43.43 22.84
CA ILE E 245 43.29 43.45 24.26
C ILE E 245 44.07 42.30 24.88
N ALA E 246 45.20 42.61 25.50
CA ALA E 246 46.16 41.58 25.85
C ALA E 246 45.81 40.92 27.19
N PRO E 247 46.24 39.67 27.39
CA PRO E 247 46.08 39.05 28.70
C PRO E 247 47.15 39.51 29.67
N ARG E 248 46.81 39.46 30.96
CA ARG E 248 47.77 39.76 32.02
C ARG E 248 48.38 38.50 32.61
N GLY E 249 47.93 37.33 32.18
CA GLY E 249 48.41 36.08 32.74
C GLY E 249 47.49 34.95 32.32
N TYR E 250 47.57 33.85 33.05
CA TYR E 250 46.82 32.66 32.73
C TYR E 250 45.94 32.22 33.90
N PHE E 251 44.88 31.49 33.56
CA PHE E 251 44.02 30.85 34.53
C PHE E 251 44.44 29.40 34.71
N LYS E 252 44.34 28.92 35.93
CA LYS E 252 44.59 27.53 36.23
C LYS E 252 43.43 26.71 35.73
N MET E 253 43.73 25.58 35.09
CA MET E 253 42.70 24.66 34.66
C MET E 253 42.71 23.41 35.52
N ARG E 254 41.52 22.90 35.83
CA ARG E 254 41.38 21.70 36.65
C ARG E 254 40.25 20.85 36.10
N THR E 255 40.24 19.59 36.50
CA THR E 255 39.15 18.68 36.16
C THR E 255 38.55 18.18 37.45
N GLY E 256 37.25 17.97 37.46
CA GLY E 256 36.58 17.70 38.70
C GLY E 256 35.08 17.74 38.57
N LYS E 257 34.42 17.89 39.70
CA LYS E 257 32.98 17.84 39.76
C LYS E 257 32.28 19.19 39.66
N SER E 258 33.02 20.24 39.40
CA SER E 258 32.41 21.56 39.27
C SER E 258 31.51 21.70 38.05
N SER E 259 30.48 22.53 38.19
CA SER E 259 29.50 22.81 37.14
C SER E 259 28.89 24.18 37.42
N ILE E 260 27.87 24.53 36.64
CA ILE E 260 27.18 25.81 36.76
C ILE E 260 25.69 25.58 36.57
N MET E 261 24.89 26.39 37.24
CA MET E 261 23.44 26.24 37.18
C MET E 261 22.77 27.59 37.21
N ARG E 262 21.75 27.77 36.38
CA ARG E 262 20.92 28.97 36.39
C ARG E 262 19.76 28.75 37.35
N SER E 263 19.63 29.62 38.35
CA SER E 263 18.61 29.46 39.37
C SER E 263 18.39 30.79 40.10
N ASP E 264 17.15 31.06 40.46
CA ASP E 264 16.82 32.21 41.29
C ASP E 264 16.42 31.81 42.71
N ALA E 265 16.76 30.59 43.12
CA ALA E 265 16.43 30.15 44.46
C ALA E 265 17.45 30.71 45.46
N PRO E 266 17.01 31.08 46.65
CA PRO E 266 17.93 31.55 47.67
C PRO E 266 18.68 30.41 48.35
N ILE E 267 19.84 30.73 48.88
CA ILE E 267 20.74 29.77 49.50
C ILE E 267 20.51 29.75 51.01
N ASP E 268 20.36 28.56 51.56
CA ASP E 268 20.04 28.38 52.98
C ASP E 268 21.15 27.56 53.65
N THR E 269 21.09 27.52 54.99
CA THR E 269 22.06 26.78 55.80
C THR E 269 21.45 25.42 56.13
N CYS E 270 21.68 24.46 55.24
CA CYS E 270 21.21 23.09 55.42
C CYS E 270 22.12 22.16 54.65
N ILE E 271 21.85 20.86 54.76
CA ILE E 271 22.64 19.84 54.07
C ILE E 271 21.72 19.09 53.11
N SER E 272 22.12 19.03 51.84
CA SER E 272 21.40 18.26 50.84
C SER E 272 22.34 17.93 49.70
N GLU E 273 22.35 16.66 49.29
CA GLU E 273 23.25 16.21 48.23
C GLU E 273 22.78 16.60 46.84
N CYS E 274 21.49 16.86 46.66
CA CYS E 274 20.91 17.11 45.35
C CYS E 274 20.46 18.56 45.25
N ILE E 275 20.78 19.20 44.12
CA ILE E 275 20.46 20.59 43.86
C ILE E 275 19.76 20.70 42.52
N THR E 276 18.58 21.31 42.50
CA THR E 276 17.86 21.66 41.29
C THR E 276 17.66 23.16 41.25
N PRO E 277 17.37 23.74 40.09
CA PRO E 277 17.07 25.18 40.04
C PRO E 277 15.89 25.56 40.91
N ASN E 278 14.98 24.63 41.20
CA ASN E 278 13.89 24.89 42.13
C ASN E 278 14.36 24.89 43.57
N GLY E 279 15.61 24.54 43.84
CA GLY E 279 16.12 24.34 45.18
C GLY E 279 16.52 22.89 45.42
N SER E 280 17.01 22.64 46.62
CA SER E 280 17.45 21.31 46.99
C SER E 280 16.26 20.37 47.17
N ILE E 281 16.50 19.09 46.87
CA ILE E 281 15.49 18.05 47.08
C ILE E 281 16.13 16.85 47.77
N PRO E 282 15.38 16.08 48.54
CA PRO E 282 15.94 14.86 49.14
C PRO E 282 16.05 13.74 48.12
N ASN E 283 16.89 12.76 48.44
CA ASN E 283 17.12 11.62 47.56
C ASN E 283 16.73 10.29 48.22
N ASP E 284 15.69 10.29 49.05
CA ASP E 284 15.20 9.05 49.63
C ASP E 284 14.31 8.29 48.67
N LYS E 285 13.91 8.91 47.57
CA LYS E 285 13.10 8.27 46.55
C LYS E 285 13.92 8.08 45.28
N PRO E 286 13.66 7.01 44.52
CA PRO E 286 14.46 6.75 43.32
C PRO E 286 14.19 7.68 42.17
N PHE E 287 13.01 8.30 42.10
CA PHE E 287 12.63 9.10 40.96
C PHE E 287 12.22 10.50 41.42
N GLN E 288 12.17 11.43 40.47
CA GLN E 288 11.97 12.83 40.79
C GLN E 288 11.30 13.52 39.62
N ASN E 289 10.42 14.48 39.93
CA ASN E 289 9.65 15.20 38.93
C ASN E 289 9.84 16.71 39.06
N VAL E 290 10.86 17.15 39.80
CA VAL E 290 11.04 18.57 40.05
C VAL E 290 11.68 19.27 38.85
N ASN E 291 12.83 18.78 38.39
CA ASN E 291 13.54 19.44 37.30
C ASN E 291 14.53 18.48 36.67
N LYS E 292 14.61 18.49 35.34
CA LYS E 292 15.59 17.66 34.64
C LYS E 292 17.00 18.20 34.80
N ILE E 293 17.14 19.45 35.22
CA ILE E 293 18.44 20.04 35.53
C ILE E 293 18.75 19.73 36.99
N THR E 294 19.80 18.94 37.22
CA THR E 294 20.18 18.55 38.58
C THR E 294 21.68 18.62 38.73
N TYR E 295 22.12 18.59 39.99
CA TYR E 295 23.53 18.49 40.33
C TYR E 295 23.65 17.71 41.64
N GLY E 296 24.59 16.78 41.69
CA GLY E 296 24.81 15.98 42.88
C GLY E 296 24.15 14.62 42.79
N ALA E 297 24.03 13.98 43.95
CA ALA E 297 23.37 12.69 44.06
C ALA E 297 21.87 12.92 44.07
N CYS E 298 21.23 12.69 42.93
CA CYS E 298 19.84 13.03 42.72
C CYS E 298 19.04 11.83 42.27
N PRO E 299 17.73 11.81 42.54
CA PRO E 299 16.86 10.84 41.89
C PRO E 299 16.79 11.10 40.40
N LYS E 300 16.46 10.06 39.66
CA LYS E 300 16.36 10.16 38.20
C LYS E 300 15.08 10.88 37.80
N TYR E 301 15.21 11.81 36.85
CA TYR E 301 14.07 12.60 36.42
C TYR E 301 13.13 11.79 35.55
N VAL E 302 11.85 11.78 35.91
CA VAL E 302 10.80 11.12 35.16
C VAL E 302 9.66 12.10 34.94
N LYS E 303 8.76 11.74 34.04
CA LYS E 303 7.62 12.59 33.72
C LYS E 303 6.42 12.39 34.63
N GLN E 304 6.31 11.22 35.27
CA GLN E 304 5.19 10.97 36.15
C GLN E 304 5.26 11.86 37.39
N ASN E 305 4.10 12.32 37.84
CA ASN E 305 4.03 13.08 39.10
C ASN E 305 3.85 12.19 40.31
N THR E 306 3.44 10.93 40.12
CA THR E 306 3.23 10.03 41.24
C THR E 306 3.37 8.59 40.76
N LEU E 307 4.05 7.77 41.56
CA LEU E 307 4.17 6.34 41.31
C LEU E 307 4.13 5.65 42.66
N LYS E 308 3.08 4.87 42.89
CA LYS E 308 2.81 4.30 44.20
C LYS E 308 3.28 2.86 44.24
N LEU E 309 4.23 2.59 45.12
CA LEU E 309 4.78 1.25 45.32
C LEU E 309 4.05 0.61 46.49
N ALA E 310 3.35 -0.50 46.24
CA ALA E 310 2.61 -1.18 47.28
C ALA E 310 3.56 -1.65 48.39
N THR E 311 3.12 -1.47 49.63
CA THR E 311 3.88 -1.94 50.79
C THR E 311 3.02 -2.81 51.70
N GLY E 312 1.98 -3.43 51.15
CA GLY E 312 1.09 -4.29 51.91
C GLY E 312 0.33 -5.17 50.95
N MET E 313 -0.49 -6.04 51.51
CA MET E 313 -1.26 -6.99 50.72
C MET E 313 -2.52 -6.34 50.15
N ARG E 314 -3.27 -7.11 49.36
CA ARG E 314 -4.57 -6.65 48.89
C ARG E 314 -5.48 -6.34 50.07
N ASN E 315 -6.22 -5.24 49.96
CA ASN E 315 -7.14 -4.84 51.01
C ASN E 315 -8.53 -5.35 50.67
N VAL E 316 -9.03 -6.27 51.48
CA VAL E 316 -10.36 -6.85 51.31
C VAL E 316 -11.16 -6.55 52.57
N PRO E 317 -12.07 -5.59 52.53
CA PRO E 317 -12.78 -5.17 53.74
C PRO E 317 -13.72 -6.23 54.29
N GLU E 318 -14.52 -5.86 55.28
CA GLU E 318 -15.41 -6.76 56.01
C GLU E 318 -14.61 -7.85 56.73
N ALA F 3 -20.26 -17.80 63.07
CA ALA F 3 -20.11 -16.37 62.88
C ALA F 3 -18.72 -16.02 62.39
N ILE F 4 -17.76 -16.91 62.64
CA ILE F 4 -16.36 -16.68 62.27
C ILE F 4 -16.11 -17.25 60.88
N ALA F 5 -15.24 -16.58 60.14
CA ALA F 5 -14.93 -16.97 58.77
C ALA F 5 -13.51 -16.54 58.44
N GLY F 6 -12.89 -17.26 57.51
CA GLY F 6 -11.49 -17.14 57.19
C GLY F 6 -11.19 -16.20 56.04
N PHE F 7 -10.05 -16.46 55.38
CA PHE F 7 -9.49 -15.53 54.40
C PHE F 7 -10.06 -15.69 53.00
N ILE F 8 -10.66 -16.84 52.68
CA ILE F 8 -11.26 -17.02 51.37
C ILE F 8 -12.33 -15.95 51.12
N GLU F 9 -13.01 -15.51 52.18
CA GLU F 9 -14.10 -14.56 52.04
C GLU F 9 -13.61 -13.11 52.09
N ASN F 10 -12.98 -12.71 53.19
CA ASN F 10 -12.58 -11.31 53.35
C ASN F 10 -11.39 -11.23 54.31
N GLY F 11 -11.04 -10.00 54.71
CA GLY F 11 -10.01 -9.75 55.67
C GLY F 11 -10.58 -9.37 57.03
N TRP F 12 -9.67 -9.27 58.01
CA TRP F 12 -10.02 -8.96 59.39
C TRP F 12 -9.48 -7.57 59.74
N GLU F 13 -10.38 -6.63 59.96
CA GLU F 13 -9.95 -5.28 60.34
C GLU F 13 -9.57 -5.16 61.80
N GLY F 14 -10.00 -6.12 62.64
CA GLY F 14 -9.66 -6.12 64.04
C GLY F 14 -8.29 -6.68 64.39
N MET F 15 -7.62 -7.33 63.45
CA MET F 15 -6.30 -7.90 63.70
C MET F 15 -5.25 -6.85 63.39
N ILE F 16 -4.79 -6.14 64.42
CA ILE F 16 -3.83 -5.07 64.27
C ILE F 16 -2.49 -5.41 64.91
N ASP F 17 -2.33 -6.63 65.42
CA ASP F 17 -1.07 -7.07 65.98
C ASP F 17 -0.22 -7.87 65.01
N GLY F 18 -0.75 -8.17 63.83
CA GLY F 18 0.00 -8.92 62.83
C GLY F 18 -0.71 -8.85 61.50
N TRP F 19 -0.11 -9.49 60.50
CA TRP F 19 -0.70 -9.53 59.17
C TRP F 19 -1.50 -10.79 58.89
N TYR F 20 -1.12 -11.91 59.50
CA TYR F 20 -1.85 -13.16 59.38
C TYR F 20 -2.07 -13.71 60.78
N GLY F 21 -3.08 -14.56 60.93
CA GLY F 21 -3.34 -15.12 62.24
C GLY F 21 -4.48 -16.12 62.22
N PHE F 22 -4.95 -16.43 63.42
CA PHE F 22 -5.97 -17.45 63.64
C PHE F 22 -7.14 -16.87 64.42
N ARG F 23 -8.34 -17.32 64.08
CA ARG F 23 -9.53 -17.08 64.89
C ARG F 23 -10.16 -18.43 65.19
N HIS F 24 -10.55 -18.64 66.44
CA HIS F 24 -11.05 -19.94 66.85
C HIS F 24 -12.34 -19.79 67.64
N GLN F 25 -13.06 -20.91 67.73
CA GLN F 25 -14.25 -21.02 68.56
C GLN F 25 -14.30 -22.42 69.13
N ASN F 26 -14.24 -22.53 70.45
CA ASN F 26 -14.21 -23.83 71.11
C ASN F 26 -15.16 -23.79 72.30
N SER F 27 -14.97 -24.73 73.23
CA SER F 27 -15.83 -24.80 74.41
C SER F 27 -15.58 -23.62 75.35
N GLU F 28 -14.35 -23.12 75.42
CA GLU F 28 -14.03 -22.01 76.31
C GLU F 28 -14.45 -20.65 75.74
N GLY F 29 -14.78 -20.58 74.46
CA GLY F 29 -15.20 -19.33 73.85
C GLY F 29 -14.55 -19.07 72.50
N THR F 30 -14.40 -17.80 72.15
CA THR F 30 -13.74 -17.40 70.91
C THR F 30 -12.50 -16.58 71.24
N GLY F 31 -11.52 -16.63 70.33
CA GLY F 31 -10.30 -15.88 70.51
C GLY F 31 -9.60 -15.65 69.20
N GLN F 32 -8.67 -14.69 69.22
CA GLN F 32 -7.91 -14.29 68.06
C GLN F 32 -6.45 -14.18 68.42
N ALA F 33 -5.57 -14.54 67.48
CA ALA F 33 -4.13 -14.47 67.72
C ALA F 33 -3.41 -14.37 66.40
N ALA F 34 -2.51 -13.41 66.28
CA ALA F 34 -1.75 -13.21 65.07
C ALA F 34 -0.57 -14.18 64.99
N ASP F 35 -0.19 -14.53 63.77
CA ASP F 35 0.98 -15.37 63.50
C ASP F 35 2.16 -14.46 63.19
N LEU F 36 3.15 -14.47 64.08
CA LEU F 36 4.24 -13.50 63.98
C LEU F 36 5.24 -13.86 62.90
N LYS F 37 5.56 -15.15 62.74
CA LYS F 37 6.62 -15.53 61.81
C LYS F 37 6.19 -15.33 60.36
N SER F 38 4.94 -15.63 60.04
CA SER F 38 4.49 -15.41 58.66
C SER F 38 4.28 -13.94 58.38
N THR F 39 3.87 -13.17 59.39
CA THR F 39 3.74 -11.73 59.23
C THR F 39 5.08 -11.09 58.88
N GLN F 40 6.12 -11.43 59.64
CA GLN F 40 7.43 -10.85 59.39
C GLN F 40 8.04 -11.37 58.10
N ALA F 41 7.69 -12.59 57.70
CA ALA F 41 8.22 -13.14 56.45
C ALA F 41 7.81 -12.29 55.25
N ALA F 42 6.57 -11.79 55.26
CA ALA F 42 6.12 -10.89 54.21
C ALA F 42 6.75 -9.50 54.35
N ILE F 43 6.87 -9.01 55.57
CA ILE F 43 7.43 -7.68 55.78
C ILE F 43 8.90 -7.66 55.40
N ASP F 44 9.63 -8.73 55.73
CA ASP F 44 11.05 -8.80 55.40
C ASP F 44 11.26 -8.69 53.89
N GLN F 45 10.37 -9.27 53.10
CA GLN F 45 10.51 -9.20 51.65
C GLN F 45 10.18 -7.81 51.13
N ILE F 46 9.19 -7.15 51.73
CA ILE F 46 8.83 -5.80 51.32
C ILE F 46 9.92 -4.81 51.72
N ASN F 47 10.47 -4.97 52.93
CA ASN F 47 11.61 -4.15 53.33
C ASN F 47 12.76 -4.32 52.34
N GLY F 48 12.96 -5.54 51.85
CA GLY F 48 14.08 -5.79 50.96
C GLY F 48 13.98 -5.08 49.63
N LYS F 49 12.78 -5.05 49.03
CA LYS F 49 12.66 -4.37 47.75
C LYS F 49 12.69 -2.86 47.92
N LEU F 50 12.29 -2.35 49.09
CA LEU F 50 12.49 -0.93 49.36
C LEU F 50 13.96 -0.57 49.42
N ASN F 51 14.79 -1.49 49.94
CA ASN F 51 16.22 -1.24 49.96
C ASN F 51 16.83 -1.34 48.56
N ARG F 52 16.41 -2.34 47.77
CA ARG F 52 16.98 -2.51 46.44
C ARG F 52 16.54 -1.39 45.50
N VAL F 53 15.31 -0.90 45.64
CA VAL F 53 14.85 0.18 44.78
C VAL F 53 15.71 1.41 44.96
N ILE F 54 16.20 1.65 46.15
CA ILE F 54 17.04 2.81 46.42
C ILE F 54 18.55 2.58 46.38
N GLU F 55 18.98 1.36 46.10
CA GLU F 55 20.38 0.96 46.29
C GLU F 55 21.46 1.64 45.46
N LYS F 56 21.17 1.93 44.21
CA LYS F 56 22.17 2.51 43.34
C LYS F 56 22.07 4.01 43.37
N THR F 57 23.18 4.66 43.64
CA THR F 57 23.27 6.12 43.64
C THR F 57 23.46 6.69 42.26
N ASN F 58 22.72 7.73 41.97
CA ASN F 58 22.84 8.44 40.69
C ASN F 58 23.44 9.81 40.97
N GLU F 59 24.74 9.95 40.75
CA GLU F 59 25.46 11.19 41.06
C GLU F 59 26.02 11.76 39.76
N LYS F 60 25.45 12.88 39.31
CA LYS F 60 25.88 13.55 38.09
C LYS F 60 26.28 14.98 38.40
N PHE F 61 27.31 15.45 37.70
CA PHE F 61 27.82 16.80 37.93
C PHE F 61 27.65 17.68 36.70
N HIS F 62 28.75 17.98 36.01
CA HIS F 62 28.63 18.79 34.80
C HIS F 62 28.02 17.96 33.68
N GLN F 63 26.91 18.43 33.13
CA GLN F 63 26.21 17.72 32.07
C GLN F 63 26.11 18.61 30.84
N ILE F 64 24.98 18.55 30.14
CA ILE F 64 24.72 19.43 29.03
C ILE F 64 23.67 20.46 29.45
N GLU F 65 23.58 21.53 28.67
CA GLU F 65 22.54 22.52 28.89
C GLU F 65 21.21 21.95 28.41
N LYS F 66 20.16 22.19 29.19
CA LYS F 66 18.85 21.64 28.90
C LYS F 66 17.77 22.68 28.70
N GLU F 67 18.03 23.95 29.00
CA GLU F 67 17.17 25.06 28.64
C GLU F 67 17.97 26.05 27.79
N PHE F 68 17.30 26.67 26.83
CA PHE F 68 17.97 27.55 25.89
C PHE F 68 17.15 28.81 25.68
N SER F 69 17.84 29.95 25.63
CA SER F 69 17.20 31.25 25.47
C SER F 69 17.23 31.76 24.05
N GLU F 70 17.89 31.05 23.14
CA GLU F 70 18.04 31.50 21.76
C GLU F 70 17.80 30.33 20.82
N VAL F 71 17.39 30.64 19.59
CA VAL F 71 17.23 29.64 18.56
C VAL F 71 18.56 29.47 17.84
N GLU F 72 19.05 28.24 17.78
CA GLU F 72 20.35 27.95 17.20
C GLU F 72 20.31 26.91 16.09
N GLY F 73 19.37 25.98 16.13
CA GLY F 73 19.24 25.02 15.05
C GLY F 73 19.79 23.64 15.35
N ARG F 74 20.74 23.20 14.53
CA ARG F 74 21.10 21.78 14.47
C ARG F 74 21.62 21.27 15.81
N ILE F 75 22.59 21.97 16.40
CA ILE F 75 23.21 21.48 17.63
C ILE F 75 22.19 21.48 18.77
N GLN F 76 21.38 22.53 18.85
CA GLN F 76 20.37 22.59 19.90
C GLN F 76 19.28 21.54 19.69
N ASP F 77 18.93 21.26 18.42
CA ASP F 77 18.00 20.17 18.15
C ASP F 77 18.51 18.87 18.73
N LEU F 78 19.82 18.64 18.64
CA LEU F 78 20.41 17.40 19.13
C LEU F 78 20.44 17.36 20.65
N GLU F 79 20.78 18.49 21.28
CA GLU F 79 20.82 18.52 22.75
C GLU F 79 19.44 18.28 23.35
N LYS F 80 18.40 18.84 22.74
CA LYS F 80 17.04 18.60 23.23
C LYS F 80 16.60 17.17 22.98
N TYR F 81 16.96 16.61 21.82
CA TYR F 81 16.52 15.26 21.49
C TYR F 81 17.16 14.22 22.38
N VAL F 82 18.44 14.41 22.71
CA VAL F 82 19.13 13.48 23.60
C VAL F 82 18.45 13.47 24.96
N GLU F 83 18.14 14.65 25.50
CA GLU F 83 17.56 14.74 26.84
C GLU F 83 16.14 14.19 26.85
N ASP F 84 15.35 14.48 25.83
CA ASP F 84 13.99 13.95 25.78
C ASP F 84 13.99 12.44 25.58
N THR F 85 14.99 11.92 24.87
CA THR F 85 15.11 10.47 24.74
C THR F 85 15.42 9.83 26.08
N LYS F 86 16.31 10.44 26.86
CA LYS F 86 16.69 9.91 28.16
C LYS F 86 15.49 9.89 29.11
N ILE F 87 14.72 10.98 29.15
CA ILE F 87 13.62 11.08 30.09
C ILE F 87 12.53 10.06 29.76
N ASP F 88 12.24 9.85 28.48
CA ASP F 88 11.20 8.91 28.11
C ASP F 88 11.58 7.48 28.48
N LEU F 89 12.86 7.14 28.40
CA LEU F 89 13.29 5.79 28.74
C LEU F 89 13.29 5.56 30.24
N TRP F 90 13.72 6.55 31.02
CA TRP F 90 13.65 6.41 32.47
C TRP F 90 12.20 6.42 32.95
N SER F 91 11.34 7.20 32.31
CA SER F 91 9.93 7.19 32.67
C SER F 91 9.30 5.84 32.37
N TYR F 92 9.74 5.18 31.31
CA TYR F 92 9.29 3.82 31.05
C TYR F 92 9.77 2.87 32.13
N ASN F 93 11.06 2.94 32.47
CA ASN F 93 11.62 2.04 33.49
C ASN F 93 10.90 2.21 34.82
N ALA F 94 10.61 3.45 35.21
CA ALA F 94 9.91 3.70 36.47
C ALA F 94 8.51 3.11 36.43
N GLU F 95 7.80 3.27 35.31
CA GLU F 95 6.45 2.72 35.19
C GLU F 95 6.47 1.20 35.23
N LEU F 96 7.45 0.57 34.57
CA LEU F 96 7.51 -0.88 34.54
C LEU F 96 7.97 -1.46 35.87
N LEU F 97 8.86 -0.74 36.57
CA LEU F 97 9.39 -1.25 37.82
C LEU F 97 8.28 -1.42 38.87
N VAL F 98 7.53 -0.35 39.13
CA VAL F 98 6.50 -0.42 40.16
C VAL F 98 5.42 -1.42 39.76
N ALA F 99 5.14 -1.54 38.47
CA ALA F 99 4.14 -2.51 38.03
C ALA F 99 4.59 -3.92 38.32
N LEU F 100 5.86 -4.23 38.09
CA LEU F 100 6.39 -5.56 38.38
C LEU F 100 6.49 -5.77 39.90
N GLU F 101 7.00 -4.77 40.61
CA GLU F 101 7.12 -4.87 42.06
C GLU F 101 5.76 -5.08 42.72
N ASN F 102 4.75 -4.30 42.29
CA ASN F 102 3.44 -4.41 42.92
C ASN F 102 2.81 -5.77 42.68
N GLN F 103 2.96 -6.31 41.47
CA GLN F 103 2.44 -7.65 41.21
C GLN F 103 3.13 -8.69 42.08
N HIS F 104 4.42 -8.49 42.33
CA HIS F 104 5.16 -9.44 43.17
C HIS F 104 4.78 -9.29 44.64
N THR F 105 4.59 -8.06 45.10
CA THR F 105 4.13 -7.86 46.48
C THR F 105 2.78 -8.51 46.70
N ILE F 106 1.87 -8.36 45.74
CA ILE F 106 0.57 -9.02 45.84
C ILE F 106 0.72 -10.53 45.81
N ASP F 107 1.66 -11.03 45.01
CA ASP F 107 1.83 -12.48 44.90
C ASP F 107 2.44 -13.07 46.17
N LEU F 108 3.44 -12.39 46.75
CA LEU F 108 4.12 -12.98 47.90
C LEU F 108 3.24 -12.94 49.15
N THR F 109 2.46 -11.87 49.32
CA THR F 109 1.58 -11.79 50.48
C THR F 109 0.42 -12.78 50.37
N ASP F 110 -0.05 -13.05 49.15
CA ASP F 110 -1.02 -14.13 48.97
C ASP F 110 -0.38 -15.48 49.29
N SER F 111 0.90 -15.64 48.93
CA SER F 111 1.59 -16.91 49.18
C SER F 111 1.77 -17.17 50.67
N GLU F 112 2.07 -16.14 51.45
CA GLU F 112 2.23 -16.33 52.89
C GLU F 112 0.94 -16.81 53.52
N MET F 113 -0.20 -16.35 53.03
CA MET F 113 -1.49 -16.81 53.55
C MET F 113 -1.71 -18.29 53.23
N ASN F 114 -1.44 -18.68 51.98
CA ASN F 114 -1.61 -20.09 51.60
C ASN F 114 -0.65 -20.98 52.36
N LYS F 115 0.60 -20.53 52.54
CA LYS F 115 1.57 -21.30 53.30
C LYS F 115 1.07 -21.59 54.71
N LEU F 116 0.55 -20.56 55.39
CA LEU F 116 0.06 -20.76 56.75
C LEU F 116 -1.13 -21.70 56.78
N PHE F 117 -2.00 -21.62 55.77
CA PHE F 117 -3.14 -22.53 55.73
C PHE F 117 -2.70 -23.96 55.50
N GLU F 118 -1.77 -24.18 54.57
CA GLU F 118 -1.30 -25.54 54.31
C GLU F 118 -0.47 -26.08 55.47
N LYS F 119 0.30 -25.22 56.14
CA LYS F 119 1.03 -25.65 57.32
C LYS F 119 0.07 -26.15 58.41
N THR F 120 -1.06 -25.46 58.58
CA THR F 120 -2.06 -25.92 59.53
C THR F 120 -2.73 -27.20 59.05
N ARG F 121 -2.98 -27.31 57.76
CA ARG F 121 -3.64 -28.48 57.25
C ARG F 121 -2.81 -29.71 57.50
N ARG F 122 -1.50 -29.58 57.35
CA ARG F 122 -0.61 -30.70 57.56
C ARG F 122 -0.54 -31.12 59.02
N GLN F 123 -0.68 -30.16 59.94
CA GLN F 123 -0.66 -30.49 61.37
C GLN F 123 -1.84 -31.36 61.75
N LEU F 124 -3.03 -30.91 61.39
CA LEU F 124 -4.27 -31.53 61.76
C LEU F 124 -4.48 -32.93 61.23
N ARG F 125 -4.00 -33.18 60.03
CA ARG F 125 -4.10 -34.50 59.45
C ARG F 125 -5.54 -34.96 59.34
N GLU F 126 -5.85 -36.11 59.91
CA GLU F 126 -7.18 -36.66 59.79
C GLU F 126 -8.11 -36.20 60.90
N ASN F 127 -7.63 -35.34 61.77
CA ASN F 127 -8.43 -34.80 62.85
C ASN F 127 -9.32 -33.64 62.47
N ALA F 128 -9.14 -33.11 61.27
CA ALA F 128 -9.87 -31.94 60.83
C ALA F 128 -10.31 -32.00 59.38
N GLU F 129 -11.25 -31.13 59.03
CA GLU F 129 -11.76 -31.03 57.69
C GLU F 129 -11.76 -29.58 57.25
N ASP F 130 -11.62 -29.36 55.95
CA ASP F 130 -11.59 -28.04 55.35
C ASP F 130 -13.01 -27.60 55.10
N MET F 131 -13.45 -26.58 55.82
CA MET F 131 -14.81 -26.08 55.70
C MET F 131 -15.05 -25.28 54.43
N GLY F 132 -14.00 -25.00 53.66
CA GLY F 132 -14.14 -24.31 52.39
C GLY F 132 -14.09 -22.79 52.47
N ASN F 133 -14.13 -22.22 53.67
CA ASN F 133 -14.12 -20.77 53.85
C ASN F 133 -12.82 -20.28 54.46
N GLY F 134 -11.79 -21.10 54.46
CA GLY F 134 -10.55 -20.79 55.17
C GLY F 134 -10.54 -21.22 56.61
N CYS F 135 -11.49 -22.05 57.03
CA CYS F 135 -11.58 -22.52 58.40
C CYS F 135 -11.58 -24.05 58.43
N PHE F 136 -11.07 -24.60 59.52
CA PHE F 136 -11.05 -26.04 59.74
C PHE F 136 -12.08 -26.41 60.78
N LYS F 137 -12.79 -27.52 60.55
CA LYS F 137 -13.66 -28.10 61.56
C LYS F 137 -12.85 -29.17 62.28
N ILE F 138 -12.42 -28.86 63.50
CA ILE F 138 -11.65 -29.80 64.30
C ILE F 138 -12.64 -30.73 65.01
N TYR F 139 -12.64 -32.00 64.62
CA TYR F 139 -13.63 -32.95 65.11
C TYR F 139 -13.32 -33.53 66.47
N HIS F 140 -12.76 -32.73 67.37
CA HIS F 140 -12.51 -33.20 68.73
C HIS F 140 -12.47 -31.99 69.66
N LYS F 141 -12.80 -32.24 70.93
CA LYS F 141 -12.77 -31.19 71.93
C LYS F 141 -11.38 -30.59 72.05
N CYS F 142 -11.22 -29.34 71.64
CA CYS F 142 -9.92 -28.68 71.57
C CYS F 142 -10.02 -27.43 72.43
N ASP F 143 -9.42 -27.47 73.62
CA ASP F 143 -9.48 -26.35 74.56
C ASP F 143 -8.50 -25.26 74.12
N ASN F 144 -8.33 -24.25 74.96
CA ASN F 144 -7.43 -23.15 74.63
C ASN F 144 -5.99 -23.64 74.46
N ALA F 145 -5.52 -24.47 75.39
CA ALA F 145 -4.17 -25.01 75.29
C ALA F 145 -4.02 -25.88 74.05
N CYS F 146 -5.11 -26.50 73.59
CA CYS F 146 -5.05 -27.28 72.35
C CYS F 146 -4.97 -26.35 71.15
N ILE F 147 -5.68 -25.23 71.17
CA ILE F 147 -5.59 -24.26 70.08
C ILE F 147 -4.19 -23.67 69.99
N GLU F 148 -3.59 -23.35 71.13
CA GLU F 148 -2.24 -22.80 71.12
C GLU F 148 -1.24 -23.79 70.57
N SER F 149 -1.41 -25.06 70.88
CA SER F 149 -0.48 -26.06 70.36
C SER F 149 -0.50 -26.09 68.84
N ILE F 150 -1.67 -25.84 68.24
CA ILE F 150 -1.72 -25.69 66.79
C ILE F 150 -1.00 -24.42 66.36
N ARG F 151 -1.22 -23.32 67.07
CA ARG F 151 -0.64 -22.05 66.68
C ARG F 151 0.87 -22.04 66.82
N ASN F 152 1.43 -22.79 67.77
CA ASN F 152 2.88 -22.82 67.94
C ASN F 152 3.50 -24.11 67.39
N GLY F 153 2.74 -24.93 66.69
CA GLY F 153 3.31 -26.03 65.95
C GLY F 153 3.78 -27.21 66.76
N THR F 154 3.12 -27.51 67.88
CA THR F 154 3.44 -28.68 68.70
C THR F 154 2.27 -29.65 68.79
N TYR F 155 1.21 -29.42 68.03
CA TYR F 155 0.01 -30.26 68.08
C TYR F 155 0.31 -31.67 67.64
N ASP F 156 -0.03 -32.63 68.50
CA ASP F 156 0.19 -34.07 68.25
C ASP F 156 -1.14 -34.69 67.86
N HIS F 157 -1.30 -35.01 66.57
CA HIS F 157 -2.58 -35.52 66.08
C HIS F 157 -2.93 -36.87 66.68
N ASP F 158 -1.94 -37.67 67.08
CA ASP F 158 -2.22 -39.01 67.59
C ASP F 158 -3.04 -38.97 68.86
N VAL F 159 -2.91 -37.91 69.66
CA VAL F 159 -3.62 -37.84 70.94
C VAL F 159 -5.12 -37.79 70.70
N TYR F 160 -5.56 -37.07 69.67
CA TYR F 160 -6.97 -36.88 69.40
C TYR F 160 -7.48 -37.67 68.20
N ARG F 161 -6.61 -38.46 67.55
CA ARG F 161 -7.00 -39.13 66.31
C ARG F 161 -8.17 -40.08 66.52
N ASP F 162 -8.13 -40.87 67.61
CA ASP F 162 -9.22 -41.80 67.87
C ASP F 162 -10.54 -41.06 68.07
N GLU F 163 -10.53 -39.98 68.85
CA GLU F 163 -11.74 -39.22 69.07
C GLU F 163 -12.24 -38.60 67.77
N ALA F 164 -11.33 -38.02 67.00
CA ALA F 164 -11.72 -37.30 65.79
C ALA F 164 -12.28 -38.23 64.73
N LEU F 165 -11.63 -39.37 64.50
CA LEU F 165 -12.10 -40.29 63.46
C LEU F 165 -13.50 -40.82 63.80
N ASN F 166 -13.77 -41.04 65.08
CA ASN F 166 -15.10 -41.50 65.48
C ASN F 166 -16.15 -40.42 65.22
N ASN F 167 -15.78 -39.18 65.43
CA ASN F 167 -16.69 -38.08 65.21
C ASN F 167 -16.88 -37.81 63.74
N ARG F 168 -15.86 -38.11 62.95
CA ARG F 168 -15.92 -37.86 61.52
C ARG F 168 -16.81 -38.85 60.80
N PHE F 169 -16.67 -40.12 61.12
CA PHE F 169 -17.49 -41.13 60.49
C PHE F 169 -18.42 -41.75 61.51
N GLN F 170 -19.73 -41.62 61.29
CA GLN F 170 -20.79 -41.94 62.25
C GLN F 170 -20.40 -42.77 63.49
N GLN G 1 -34.28 -2.34 16.24
CA GLN G 1 -32.85 -2.57 16.40
C GLN G 1 -32.48 -2.73 17.87
N VAL G 2 -31.32 -2.21 18.25
CA VAL G 2 -30.81 -2.36 19.59
C VAL G 2 -31.52 -1.37 20.51
N GLN G 3 -32.03 -1.86 21.64
CA GLN G 3 -32.97 -1.07 22.42
C GLN G 3 -32.96 -1.48 23.88
N LEU G 4 -33.16 -0.49 24.76
CA LEU G 4 -33.37 -0.73 26.18
C LEU G 4 -34.68 -0.08 26.59
N VAL G 5 -35.54 -0.84 27.25
CA VAL G 5 -36.87 -0.39 27.65
C VAL G 5 -37.00 -0.53 29.15
N GLN G 6 -37.26 0.59 29.83
CA GLN G 6 -37.29 0.62 31.29
C GLN G 6 -38.71 0.57 31.83
N SER G 7 -38.81 0.31 33.13
CA SER G 7 -40.10 0.26 33.81
C SER G 7 -40.64 1.66 34.06
N GLY G 8 -41.91 1.73 34.45
CA GLY G 8 -42.61 2.98 34.61
C GLY G 8 -42.17 3.79 35.82
N PRO G 9 -42.67 5.02 35.92
CA PRO G 9 -42.25 5.91 37.00
C PRO G 9 -42.72 5.40 38.35
N GLU G 10 -42.01 5.82 39.38
CA GLU G 10 -42.27 5.40 40.75
C GLU G 10 -42.28 6.59 41.69
N VAL G 11 -43.09 6.50 42.74
CA VAL G 11 -43.09 7.45 43.84
C VAL G 11 -43.01 6.67 45.13
N LYS G 12 -42.14 7.10 46.04
CA LYS G 12 -41.82 6.31 47.22
C LYS G 12 -41.60 7.21 48.42
N LYS G 13 -41.76 6.64 49.61
CA LYS G 13 -41.50 7.28 50.89
C LYS G 13 -40.03 7.14 51.26
N PRO G 14 -39.52 8.04 52.12
CA PRO G 14 -38.08 7.99 52.47
C PRO G 14 -37.56 6.64 52.93
N GLY G 15 -38.28 5.91 53.77
CA GLY G 15 -37.73 4.68 54.26
C GLY G 15 -37.73 3.51 53.29
N ALA G 16 -38.30 3.67 52.09
CA ALA G 16 -38.68 2.52 51.28
C ALA G 16 -37.56 2.06 50.35
N SER G 17 -37.89 1.07 49.51
CA SER G 17 -36.99 0.53 48.51
C SER G 17 -37.65 0.59 47.14
N VAL G 18 -36.86 0.90 46.11
CA VAL G 18 -37.37 0.97 44.75
C VAL G 18 -36.60 -0.03 43.90
N LYS G 19 -37.25 -0.52 42.85
CA LYS G 19 -36.67 -1.53 41.97
C LYS G 19 -37.00 -1.17 40.53
N VAL G 20 -35.98 -0.76 39.78
CA VAL G 20 -36.13 -0.37 38.38
C VAL G 20 -35.68 -1.52 37.49
N SER G 21 -36.39 -1.76 36.40
CA SER G 21 -36.06 -2.85 35.49
C SER G 21 -35.70 -2.31 34.11
N CYS G 22 -34.80 -3.02 33.43
CA CYS G 22 -34.29 -2.63 32.12
C CYS G 22 -34.44 -3.82 31.20
N LYS G 23 -35.23 -3.66 30.14
CA LYS G 23 -35.54 -4.75 29.22
C LYS G 23 -34.80 -4.53 27.90
N ALA G 24 -34.07 -5.54 27.45
CA ALA G 24 -33.17 -5.41 26.31
C ALA G 24 -33.64 -6.25 25.13
N SER G 25 -33.29 -5.77 23.94
CA SER G 25 -33.60 -6.48 22.70
C SER G 25 -32.67 -5.98 21.61
N GLY G 26 -32.44 -6.82 20.62
CA GLY G 26 -31.60 -6.47 19.50
C GLY G 26 -30.14 -6.86 19.63
N TYR G 27 -29.78 -7.53 20.70
CA TYR G 27 -28.44 -8.01 20.84
C TYR G 27 -28.41 -9.15 21.82
N SER G 28 -27.31 -9.87 21.87
CA SER G 28 -27.20 -10.94 22.83
C SER G 28 -27.03 -10.26 24.17
N PHE G 29 -27.94 -10.52 25.08
CA PHE G 29 -27.90 -9.89 26.39
C PHE G 29 -26.70 -10.32 27.19
N SER G 30 -26.35 -11.59 27.06
CA SER G 30 -25.37 -12.22 27.91
C SER G 30 -23.96 -11.94 27.48
N ARG G 31 -23.79 -11.23 26.39
CA ARG G 31 -22.48 -10.86 25.93
C ARG G 31 -22.03 -9.46 26.34
N TYR G 32 -22.87 -8.76 27.08
CA TYR G 32 -22.57 -7.40 27.47
C TYR G 32 -22.97 -7.22 28.92
N GLY G 33 -22.77 -6.00 29.43
CA GLY G 33 -23.21 -5.63 30.76
C GLY G 33 -24.12 -4.41 30.69
N ILE G 34 -24.63 -4.04 31.85
CA ILE G 34 -25.52 -2.90 31.98
C ILE G 34 -25.05 -2.02 33.12
N SER G 35 -24.86 -0.74 32.83
CA SER G 35 -24.53 0.27 33.83
C SER G 35 -25.77 1.11 34.13
N TRP G 36 -25.79 1.68 35.34
CA TRP G 36 -26.91 2.47 35.81
C TRP G 36 -26.44 3.88 36.13
N VAL G 37 -27.08 4.86 35.51
CA VAL G 37 -26.76 6.28 35.70
C VAL G 37 -28.03 7.02 36.08
N ARG G 38 -27.91 7.92 37.06
CA ARG G 38 -29.05 8.72 37.48
C ARG G 38 -28.74 10.19 37.31
N GLN G 39 -29.79 11.00 37.25
CA GLN G 39 -29.65 12.44 37.03
C GLN G 39 -30.67 13.15 37.91
N ALA G 40 -30.19 13.85 38.93
CA ALA G 40 -31.06 14.64 39.77
C ALA G 40 -31.66 15.79 38.98
N PRO G 41 -32.80 16.32 39.43
CA PRO G 41 -33.44 17.43 38.69
C PRO G 41 -32.50 18.62 38.51
N GLY G 42 -32.31 19.00 37.26
CA GLY G 42 -31.43 20.12 36.94
C GLY G 42 -29.97 19.88 37.27
N GLN G 43 -29.52 18.63 37.18
CA GLN G 43 -28.19 18.24 37.63
C GLN G 43 -27.50 17.39 36.58
N GLY G 44 -26.23 17.07 36.86
CA GLY G 44 -25.44 16.25 35.97
C GLY G 44 -25.64 14.77 36.19
N LEU G 45 -24.90 13.98 35.43
CA LEU G 45 -25.05 12.53 35.44
C LEU G 45 -24.14 11.91 36.51
N GLU G 46 -24.62 10.82 37.09
CA GLU G 46 -23.95 10.16 38.21
C GLU G 46 -24.05 8.66 38.05
N TRP G 47 -22.90 7.98 38.09
CA TRP G 47 -22.84 6.54 37.86
C TRP G 47 -23.09 5.80 39.17
N LEU G 48 -23.98 4.80 39.12
CA LEU G 48 -24.30 3.99 40.28
C LEU G 48 -23.53 2.69 40.31
N GLY G 49 -23.51 1.95 39.21
CA GLY G 49 -22.85 0.67 39.20
C GLY G 49 -23.03 -0.03 37.86
N TRP G 50 -22.58 -1.29 37.83
CA TRP G 50 -22.52 -2.07 36.60
C TRP G 50 -22.69 -3.53 36.95
N ILE G 51 -23.35 -4.28 36.08
CA ILE G 51 -23.52 -5.72 36.25
C ILE G 51 -23.30 -6.40 34.91
N SER G 52 -22.62 -7.55 34.94
CA SER G 52 -22.35 -8.32 33.74
C SER G 52 -23.49 -9.30 33.47
N GLY G 53 -23.99 -9.29 32.24
CA GLY G 53 -24.94 -10.29 31.82
C GLY G 53 -24.35 -11.65 31.54
N TYR G 54 -23.02 -11.73 31.53
CA TYR G 54 -22.30 -12.99 31.32
C TYR G 54 -22.06 -13.72 32.63
N THR G 55 -21.62 -13.01 33.66
CA THR G 55 -21.23 -13.62 34.92
C THR G 55 -22.11 -13.26 36.10
N GLY G 56 -22.84 -12.15 36.03
CA GLY G 56 -23.53 -11.64 37.19
C GLY G 56 -22.66 -10.83 38.13
N ASN G 57 -21.40 -10.63 37.79
CA ASN G 57 -20.51 -9.80 38.61
C ASN G 57 -20.97 -8.36 38.61
N THR G 58 -20.70 -7.67 39.71
CA THR G 58 -21.18 -6.31 39.90
C THR G 58 -20.04 -5.41 40.38
N ASN G 59 -20.14 -4.13 40.03
CA ASN G 59 -19.28 -3.08 40.56
C ASN G 59 -20.18 -1.92 40.95
N TYR G 60 -20.18 -1.56 42.23
CA TYR G 60 -20.97 -0.46 42.74
C TYR G 60 -20.07 0.72 43.10
N ALA G 61 -20.59 1.93 42.91
CA ALA G 61 -19.89 3.11 43.40
C ALA G 61 -19.88 3.10 44.92
N GLN G 62 -18.79 3.60 45.51
CA GLN G 62 -18.59 3.47 46.95
C GLN G 62 -19.75 4.06 47.75
N LYS G 63 -20.37 5.14 47.26
CA LYS G 63 -21.38 5.81 48.05
C LYS G 63 -22.72 5.07 48.07
N PHE G 64 -22.93 4.15 47.14
CA PHE G 64 -24.13 3.37 47.15
C PHE G 64 -23.90 1.97 47.66
N GLN G 65 -22.69 1.67 48.08
CA GLN G 65 -22.37 0.34 48.55
C GLN G 65 -23.17 0.03 49.78
N GLY G 66 -23.80 -1.14 49.79
CA GLY G 66 -24.74 -1.52 50.81
C GLY G 66 -26.17 -1.22 50.43
N ARG G 67 -26.41 0.00 49.99
CA ARG G 67 -27.73 0.38 49.50
C ARG G 67 -28.22 -0.27 48.20
N VAL G 68 -27.35 -0.45 47.22
CA VAL G 68 -27.78 -0.97 45.92
C VAL G 68 -27.48 -2.45 45.81
N THR G 69 -28.32 -3.15 45.08
CA THR G 69 -28.05 -4.50 44.61
C THR G 69 -28.63 -4.63 43.21
N MET G 70 -27.79 -5.02 42.25
CA MET G 70 -28.22 -5.19 40.87
C MET G 70 -28.26 -6.65 40.51
N THR G 71 -29.32 -7.06 39.82
CA THR G 71 -29.48 -8.43 39.36
C THR G 71 -29.68 -8.42 37.85
N THR G 72 -29.47 -9.59 37.25
CA THR G 72 -29.72 -9.77 35.83
C THR G 72 -30.34 -11.14 35.60
N ASP G 73 -31.17 -11.23 34.57
CA ASP G 73 -31.83 -12.47 34.20
C ASP G 73 -31.63 -12.68 32.71
N THR G 74 -30.90 -13.74 32.36
CA THR G 74 -30.65 -14.02 30.95
C THR G 74 -31.91 -14.49 30.24
N SER G 75 -32.75 -15.27 30.93
CA SER G 75 -33.91 -15.88 30.28
C SER G 75 -34.91 -14.84 29.81
N THR G 76 -35.01 -13.71 30.50
CA THR G 76 -35.90 -12.64 30.10
C THR G 76 -35.19 -11.41 29.59
N SER G 77 -33.86 -11.46 29.46
CA SER G 77 -33.06 -10.35 28.94
C SER G 77 -33.34 -9.06 29.71
N THR G 78 -33.33 -9.16 31.04
CA THR G 78 -33.71 -8.05 31.90
C THR G 78 -32.70 -7.86 33.00
N ALA G 79 -32.27 -6.62 33.21
CA ALA G 79 -31.47 -6.24 34.35
C ALA G 79 -32.29 -5.36 35.28
N SER G 80 -32.06 -5.50 36.58
CA SER G 80 -32.81 -4.77 37.58
C SER G 80 -31.86 -4.05 38.52
N MET G 81 -32.36 -2.99 39.14
CA MET G 81 -31.57 -2.19 40.07
C MET G 81 -32.42 -1.85 41.28
N GLU G 82 -31.99 -2.28 42.46
CA GLU G 82 -32.72 -2.06 43.70
C GLU G 82 -31.95 -1.07 44.56
N LEU G 83 -32.62 0.01 44.96
CA LEU G 83 -32.03 1.02 45.85
C LEU G 83 -32.85 1.05 47.14
N ARG G 84 -32.17 0.95 48.27
CA ARG G 84 -32.81 0.80 49.57
C ARG G 84 -32.46 1.98 50.46
N SER G 85 -33.25 2.13 51.53
CA SER G 85 -33.09 3.22 52.50
C SER G 85 -33.07 4.56 51.79
N LEU G 86 -34.12 4.81 50.99
CA LEU G 86 -34.16 5.96 50.11
C LEU G 86 -34.11 7.26 50.89
N ARG G 87 -33.93 8.35 50.15
CA ARG G 87 -33.90 9.69 50.71
C ARG G 87 -34.44 10.66 49.66
N SER G 88 -34.74 11.88 50.09
CA SER G 88 -35.02 12.94 49.13
C SER G 88 -33.84 13.14 48.19
N ASP G 89 -32.63 12.84 48.68
CA ASP G 89 -31.43 12.89 47.86
C ASP G 89 -31.53 12.01 46.62
N ASP G 90 -32.27 10.90 46.71
CA ASP G 90 -32.33 9.92 45.63
C ASP G 90 -33.36 10.25 44.56
N THR G 91 -34.05 11.39 44.67
CA THR G 91 -35.02 11.79 43.66
C THR G 91 -34.28 12.16 42.38
N ALA G 92 -34.43 11.34 41.34
CA ALA G 92 -33.69 11.53 40.11
C ALA G 92 -34.30 10.66 39.02
N VAL G 93 -33.87 10.90 37.79
CA VAL G 93 -34.19 10.02 36.67
C VAL G 93 -33.08 8.97 36.58
N TYR G 94 -33.48 7.70 36.55
CA TYR G 94 -32.53 6.60 36.54
C TYR G 94 -32.49 5.97 35.16
N TYR G 95 -31.29 5.86 34.60
CA TYR G 95 -31.09 5.30 33.26
C TYR G 95 -30.31 4.00 33.34
N CYS G 96 -30.56 3.12 32.39
CA CYS G 96 -29.71 1.96 32.15
C CYS G 96 -29.11 2.07 30.76
N ALA G 97 -27.92 1.51 30.59
CA ALA G 97 -27.21 1.58 29.32
C ALA G 97 -26.32 0.36 29.16
N ARG G 98 -26.27 -0.18 27.95
CA ARG G 98 -25.39 -1.31 27.67
C ARG G 98 -23.93 -0.88 27.80
N ASP G 99 -23.10 -1.75 28.38
CA ASP G 99 -21.75 -1.36 28.75
C ASP G 99 -20.87 -2.59 28.88
N LYS G 100 -19.73 -2.57 28.17
CA LYS G 100 -18.67 -3.58 28.29
C LYS G 100 -19.02 -4.92 27.66
N LYS G 101 -18.26 -5.30 26.63
CA LYS G 101 -18.41 -6.61 26.04
C LYS G 101 -17.83 -7.68 26.96
N GLN G 102 -18.42 -8.88 26.89
CA GLN G 102 -18.04 -9.99 27.77
C GLN G 102 -17.86 -11.26 26.96
N GLY G 103 -17.19 -12.23 27.57
CA GLY G 103 -17.03 -13.54 26.97
C GLY G 103 -15.88 -13.68 25.99
N GLU G 104 -15.08 -12.64 25.79
CA GLU G 104 -13.98 -12.69 24.85
C GLU G 104 -13.03 -11.55 25.16
N VAL G 105 -11.76 -11.72 24.82
CA VAL G 105 -10.81 -10.65 25.00
C VAL G 105 -11.02 -9.61 23.89
N VAL G 106 -10.90 -8.34 24.25
CA VAL G 106 -11.22 -7.25 23.34
C VAL G 106 -10.12 -6.22 23.41
N LEU G 107 -9.67 -5.75 22.25
CA LEU G 107 -8.79 -4.59 22.21
C LEU G 107 -9.58 -3.36 22.65
N PRO G 108 -8.89 -2.33 23.18
CA PRO G 108 -9.60 -1.17 23.75
C PRO G 108 -10.67 -0.58 22.85
N ALA G 109 -10.36 -0.34 21.57
CA ALA G 109 -11.33 0.26 20.67
C ALA G 109 -12.50 -0.65 20.35
N ALA G 110 -12.46 -1.92 20.79
CA ALA G 110 -13.56 -2.85 20.61
C ALA G 110 -14.10 -3.33 21.95
N SER G 111 -13.75 -2.66 23.03
CA SER G 111 -14.11 -3.08 24.37
C SER G 111 -15.56 -2.77 24.73
N PHE G 112 -16.20 -1.86 24.00
CA PHE G 112 -17.54 -1.38 24.35
C PHE G 112 -17.59 -0.80 25.75
N ARG G 113 -16.47 -0.22 26.20
CA ARG G 113 -16.43 0.53 27.45
C ARG G 113 -17.00 1.93 27.22
N TRP G 114 -18.27 1.96 26.84
CA TRP G 114 -19.02 3.19 26.64
C TRP G 114 -20.50 2.86 26.70
N PHE G 115 -21.30 3.84 27.13
CA PHE G 115 -22.72 3.61 27.40
C PHE G 115 -23.53 3.82 26.13
N ALA G 116 -24.06 2.72 25.59
CA ALA G 116 -24.88 2.74 24.39
C ALA G 116 -25.49 1.37 24.11
N PRO G 117 -26.81 1.33 23.86
CA PRO G 117 -27.72 2.47 23.88
C PRO G 117 -28.28 2.71 25.29
N TRP G 118 -28.92 3.85 25.49
CA TRP G 118 -29.52 4.17 26.78
C TRP G 118 -31.00 3.81 26.79
N GLY G 119 -31.51 3.54 27.98
CA GLY G 119 -32.93 3.40 28.18
C GLY G 119 -33.62 4.75 28.24
N GLN G 120 -34.96 4.73 28.13
CA GLN G 120 -35.70 5.98 28.09
C GLN G 120 -35.65 6.74 29.40
N GLY G 121 -35.37 6.05 30.50
CA GLY G 121 -35.25 6.69 31.80
C GLY G 121 -36.44 6.33 32.67
N THR G 122 -36.17 6.17 33.97
CA THR G 122 -37.20 5.90 34.96
C THR G 122 -37.14 6.98 36.02
N LEU G 123 -38.27 7.63 36.27
CA LEU G 123 -38.33 8.74 37.20
C LEU G 123 -38.74 8.24 38.57
N VAL G 124 -37.91 8.52 39.57
CA VAL G 124 -38.15 8.11 40.94
C VAL G 124 -38.17 9.36 41.81
N THR G 125 -39.29 9.57 42.51
CA THR G 125 -39.44 10.68 43.43
C THR G 125 -39.59 10.15 44.85
N VAL G 126 -38.77 10.65 45.76
CA VAL G 126 -38.81 10.24 47.15
C VAL G 126 -39.14 11.47 47.99
N SER G 127 -40.35 11.48 48.56
CA SER G 127 -40.77 12.58 49.41
C SER G 127 -41.74 12.06 50.45
N SER G 128 -41.70 12.66 51.64
CA SER G 128 -42.69 12.37 52.68
C SER G 128 -43.91 13.22 52.39
N ALA G 129 -44.76 12.71 51.50
CA ALA G 129 -45.92 13.46 51.04
C ALA G 129 -46.90 12.48 50.43
N SER G 130 -48.12 12.95 50.22
CA SER G 130 -49.18 12.19 49.57
C SER G 130 -49.76 13.02 48.44
N THR G 131 -50.33 12.33 47.45
CA THR G 131 -50.89 13.01 46.29
C THR G 131 -51.99 13.98 46.72
N LYS G 132 -51.93 15.21 46.21
CA LYS G 132 -52.87 16.25 46.61
C LYS G 132 -53.16 17.14 45.42
N GLY G 133 -54.32 17.80 45.47
CA GLY G 133 -54.77 18.65 44.41
C GLY G 133 -54.11 20.01 44.38
N PRO G 134 -53.94 20.58 43.18
CA PRO G 134 -53.33 21.90 43.06
C PRO G 134 -54.28 23.02 43.44
N SER G 135 -53.67 24.15 43.82
CA SER G 135 -54.41 25.36 44.18
C SER G 135 -53.90 26.51 43.31
N VAL G 136 -54.83 27.28 42.75
CA VAL G 136 -54.50 28.33 41.79
C VAL G 136 -54.99 29.67 42.33
N PHE G 137 -54.11 30.67 42.28
CA PHE G 137 -54.42 32.03 42.67
C PHE G 137 -54.10 32.98 41.52
N PRO G 138 -54.98 33.95 41.25
CA PRO G 138 -54.80 34.78 40.07
C PRO G 138 -53.71 35.82 40.26
N LEU G 139 -53.00 36.10 39.16
CA LEU G 139 -51.99 37.15 39.12
C LEU G 139 -52.53 38.26 38.22
N ALA G 140 -53.34 39.14 38.81
CA ALA G 140 -54.10 40.11 38.05
C ALA G 140 -53.19 41.19 37.47
N PRO G 141 -53.55 41.75 36.31
CA PRO G 141 -52.78 42.86 35.73
C PRO G 141 -52.86 44.09 36.62
N SER G 142 -51.71 44.52 37.14
CA SER G 142 -51.62 45.55 38.16
C SER G 142 -51.33 46.90 37.50
N SER G 143 -50.86 47.86 38.30
CA SER G 143 -50.38 49.16 37.84
C SER G 143 -51.40 49.94 37.03
N LYS G 144 -50.93 50.95 36.29
CA LYS G 144 -51.77 51.75 35.41
C LYS G 144 -51.74 51.07 34.04
N SER G 145 -52.66 50.13 33.85
CA SER G 145 -52.68 49.27 32.67
C SER G 145 -51.39 48.47 32.54
N THR G 146 -50.67 48.36 33.66
CA THR G 146 -49.32 47.84 33.66
C THR G 146 -48.44 48.89 32.97
N SER G 147 -48.78 49.16 31.72
CA SER G 147 -48.00 50.00 30.84
C SER G 147 -48.99 50.52 29.81
N GLY G 148 -48.54 51.44 28.97
CA GLY G 148 -49.45 52.01 27.99
C GLY G 148 -50.02 50.95 27.08
N GLY G 149 -49.20 49.99 26.64
CA GLY G 149 -49.68 48.96 25.75
C GLY G 149 -49.71 47.50 26.21
N THR G 150 -48.57 46.96 26.64
CA THR G 150 -48.49 45.53 26.87
C THR G 150 -48.69 45.24 28.35
N ALA G 151 -49.63 44.36 28.67
CA ALA G 151 -49.90 43.95 30.03
C ALA G 151 -49.55 42.48 30.21
N ALA G 152 -49.19 42.13 31.44
CA ALA G 152 -48.88 40.76 31.81
C ALA G 152 -49.83 40.30 32.90
N LEU G 153 -50.38 39.10 32.73
CA LEU G 153 -51.24 38.47 33.71
C LEU G 153 -50.80 37.00 33.82
N GLY G 154 -51.24 36.33 34.89
CA GLY G 154 -50.81 34.96 35.05
C GLY G 154 -51.60 34.20 36.08
N CYS G 155 -51.17 32.96 36.31
CA CYS G 155 -51.76 32.03 37.26
C CYS G 155 -50.64 31.39 38.07
N LEU G 156 -50.83 31.32 39.38
CA LEU G 156 -49.91 30.64 40.26
C LEU G 156 -50.55 29.35 40.77
N VAL G 157 -49.95 28.22 40.44
CA VAL G 157 -50.38 26.91 40.91
C VAL G 157 -49.54 26.55 42.12
N LYS G 158 -50.19 26.27 43.24
CA LYS G 158 -49.51 26.18 44.53
C LYS G 158 -49.85 24.89 45.25
N ASP G 159 -48.88 24.40 46.03
CA ASP G 159 -49.07 23.34 47.02
C ASP G 159 -49.75 22.12 46.41
N TYR G 160 -49.03 21.47 45.50
CA TYR G 160 -49.51 20.29 44.82
C TYR G 160 -48.42 19.24 44.76
N PHE G 161 -48.83 17.98 44.70
CA PHE G 161 -47.91 16.86 44.68
C PHE G 161 -48.63 15.64 44.14
N PRO G 162 -47.95 14.85 43.30
CA PRO G 162 -46.61 15.15 42.79
C PRO G 162 -46.68 15.82 41.42
N GLU G 163 -45.53 16.02 40.80
CA GLU G 163 -45.47 16.52 39.43
C GLU G 163 -46.09 15.50 38.48
N PRO G 164 -46.52 15.94 37.29
CA PRO G 164 -46.59 17.32 36.79
C PRO G 164 -48.02 17.80 36.61
N VAL G 165 -48.19 19.06 36.22
CA VAL G 165 -49.50 19.65 35.99
C VAL G 165 -49.49 20.42 34.68
N THR G 166 -50.49 20.19 33.86
CA THR G 166 -50.69 20.95 32.63
C THR G 166 -51.27 22.32 32.95
N VAL G 167 -50.93 23.30 32.12
CA VAL G 167 -51.58 24.60 32.15
C VAL G 167 -51.79 25.06 30.72
N SER G 168 -52.99 25.53 30.41
CA SER G 168 -53.31 26.14 29.13
C SER G 168 -54.11 27.40 29.39
N TRP G 169 -54.19 28.26 28.38
CA TRP G 169 -54.91 29.52 28.49
C TRP G 169 -56.04 29.55 27.47
N ASN G 170 -57.26 29.82 27.95
CA ASN G 170 -58.45 29.86 27.11
C ASN G 170 -58.65 28.53 26.37
N SER G 171 -58.40 27.43 27.06
CA SER G 171 -58.52 26.08 26.49
C SER G 171 -57.62 25.93 25.26
N GLY G 172 -56.36 26.32 25.42
CA GLY G 172 -55.39 26.22 24.34
C GLY G 172 -55.53 27.29 23.27
N ALA G 173 -56.46 28.22 23.44
CA ALA G 173 -56.68 29.24 22.41
C ALA G 173 -55.53 30.24 22.39
N LEU G 174 -54.98 30.59 23.55
CA LEU G 174 -53.88 31.53 23.64
C LEU G 174 -52.57 30.75 23.81
N THR G 175 -51.67 30.91 22.84
CA THR G 175 -50.40 30.19 22.82
C THR G 175 -49.21 31.08 22.50
N SER G 176 -49.42 32.40 22.42
CA SER G 176 -48.35 33.35 22.12
C SER G 176 -48.10 34.23 23.33
N GLY G 177 -46.82 34.49 23.60
CA GLY G 177 -46.43 35.26 24.77
C GLY G 177 -46.56 34.51 26.07
N VAL G 178 -46.98 33.25 26.03
CA VAL G 178 -47.19 32.48 27.24
C VAL G 178 -45.85 31.96 27.76
N HIS G 179 -45.75 31.87 29.09
CA HIS G 179 -44.55 31.35 29.72
C HIS G 179 -44.97 30.54 30.94
N THR G 180 -44.74 29.23 30.89
CA THR G 180 -44.97 28.34 32.02
C THR G 180 -43.63 27.97 32.62
N PHE G 181 -43.45 28.29 33.85
CA PHE G 181 -42.16 28.13 34.50
C PHE G 181 -42.00 26.71 35.05
N PRO G 182 -40.77 26.22 35.15
CA PRO G 182 -40.55 24.92 35.78
C PRO G 182 -40.91 24.96 37.26
N ALA G 183 -41.50 23.87 37.73
CA ALA G 183 -41.94 23.81 39.11
C ALA G 183 -40.74 23.94 40.05
N VAL G 184 -41.03 24.43 41.26
CA VAL G 184 -40.02 24.54 42.32
C VAL G 184 -40.53 23.81 43.54
N LEU G 185 -39.60 23.27 44.32
CA LEU G 185 -39.93 22.47 45.49
C LEU G 185 -39.80 23.34 46.73
N GLN G 186 -40.92 23.55 47.42
CA GLN G 186 -40.94 24.34 48.64
C GLN G 186 -40.53 23.49 49.84
N SER G 187 -40.03 24.16 50.88
CA SER G 187 -39.62 23.43 52.08
C SER G 187 -40.78 22.64 52.67
N SER G 188 -42.01 23.03 52.34
CA SER G 188 -43.20 22.28 52.72
C SER G 188 -43.18 20.87 52.12
N GLY G 189 -42.36 20.65 51.11
CA GLY G 189 -42.30 19.38 50.42
C GLY G 189 -43.25 19.25 49.26
N LEU G 190 -43.93 20.32 48.88
CA LEU G 190 -44.86 20.32 47.76
C LEU G 190 -44.42 21.36 46.74
N TYR G 191 -44.74 21.09 45.48
CA TYR G 191 -44.25 21.91 44.39
C TYR G 191 -45.07 23.19 44.25
N SER G 192 -44.58 24.09 43.40
CA SER G 192 -45.26 25.34 43.08
C SER G 192 -44.83 25.80 41.70
N LEU G 193 -45.72 26.50 41.01
CA LEU G 193 -45.55 26.78 39.60
C LEU G 193 -46.30 28.04 39.22
N SER G 194 -45.80 28.74 38.21
CA SER G 194 -46.46 29.92 37.66
C SER G 194 -46.53 29.83 36.15
N SER G 195 -47.63 30.33 35.58
CA SER G 195 -47.81 30.39 34.14
C SER G 195 -48.37 31.76 33.80
N VAL G 196 -47.68 32.51 32.94
CA VAL G 196 -48.05 33.90 32.65
C VAL G 196 -48.05 34.14 31.15
N VAL G 197 -48.67 35.24 30.76
CA VAL G 197 -48.79 35.62 29.36
C VAL G 197 -48.82 37.14 29.27
N THR G 198 -48.16 37.69 28.26
CA THR G 198 -48.23 39.12 27.96
C THR G 198 -49.22 39.36 26.83
N VAL G 199 -50.10 40.34 27.01
CA VAL G 199 -51.17 40.63 26.06
C VAL G 199 -51.37 42.13 25.99
N PRO G 200 -51.86 42.63 24.84
CA PRO G 200 -52.14 44.07 24.74
C PRO G 200 -53.07 44.53 25.85
N SER G 201 -52.68 45.63 26.50
CA SER G 201 -53.48 46.16 27.61
C SER G 201 -54.84 46.65 27.16
N SER G 202 -54.98 47.02 25.89
CA SER G 202 -56.29 47.41 25.37
C SER G 202 -57.24 46.24 25.28
N SER G 203 -56.74 45.00 25.23
CA SER G 203 -57.58 43.82 25.18
C SER G 203 -58.13 43.43 26.54
N LEU G 204 -57.72 44.11 27.62
CA LEU G 204 -58.17 43.73 28.95
C LEU G 204 -59.64 44.03 29.17
N GLY G 205 -60.16 45.09 28.54
CA GLY G 205 -61.55 45.45 28.72
C GLY G 205 -62.53 44.60 27.93
N THR G 206 -62.05 43.86 26.93
CA THR G 206 -62.90 43.06 26.07
C THR G 206 -62.64 41.57 26.18
N GLN G 207 -61.37 41.15 26.21
CA GLN G 207 -61.02 39.75 26.22
C GLN G 207 -61.00 39.19 27.64
N THR G 208 -61.51 37.97 27.78
CA THR G 208 -61.48 37.24 29.04
C THR G 208 -60.34 36.23 29.01
N TYR G 209 -59.58 36.15 30.10
CA TYR G 209 -58.42 35.29 30.19
C TYR G 209 -58.61 34.28 31.31
N ILE G 210 -58.62 33.00 30.95
CA ILE G 210 -58.86 31.91 31.88
C ILE G 210 -57.72 30.90 31.73
N CYS G 211 -57.01 30.65 32.82
CA CYS G 211 -55.99 29.61 32.82
C CYS G 211 -56.64 28.31 33.28
N ASN G 212 -56.41 27.23 32.52
CA ASN G 212 -56.91 25.91 32.85
C ASN G 212 -55.75 25.09 33.40
N VAL G 213 -55.86 24.69 34.65
CA VAL G 213 -54.82 23.94 35.34
C VAL G 213 -55.30 22.50 35.49
N ASN G 214 -54.67 21.59 34.73
CA ASN G 214 -55.10 20.20 34.67
C ASN G 214 -54.06 19.31 35.36
N HIS G 215 -54.49 18.63 36.42
CA HIS G 215 -53.64 17.75 37.20
C HIS G 215 -54.24 16.35 37.20
N LYS G 216 -53.42 15.35 36.85
CA LYS G 216 -53.92 13.98 36.71
C LYS G 216 -53.68 13.12 37.94
N PRO G 217 -52.48 13.13 38.55
CA PRO G 217 -52.26 12.29 39.74
C PRO G 217 -53.30 12.47 40.84
N SER G 218 -53.94 13.64 40.93
CA SER G 218 -55.04 13.86 41.85
C SER G 218 -56.38 13.96 41.13
N ASN G 219 -56.39 13.85 39.80
CA ASN G 219 -57.59 13.97 38.99
C ASN G 219 -58.32 15.28 39.28
N THR G 220 -57.56 16.38 39.24
CA THR G 220 -58.07 17.71 39.56
C THR G 220 -58.03 18.58 38.31
N LYS G 221 -59.14 19.27 38.05
CA LYS G 221 -59.23 20.21 36.94
C LYS G 221 -59.77 21.53 37.47
N VAL G 222 -58.94 22.57 37.42
CA VAL G 222 -59.31 23.90 37.91
C VAL G 222 -59.17 24.91 36.78
N ASP G 223 -60.17 25.77 36.65
CA ASP G 223 -60.14 26.87 35.69
C ASP G 223 -60.24 28.18 36.46
N LYS G 224 -59.41 29.15 36.11
CA LYS G 224 -59.35 30.41 36.83
C LYS G 224 -59.41 31.58 35.87
N LYS G 225 -60.45 32.39 36.02
CA LYS G 225 -60.57 33.64 35.27
C LYS G 225 -59.77 34.73 35.95
N VAL G 226 -58.85 35.34 35.21
CA VAL G 226 -57.94 36.35 35.77
C VAL G 226 -58.40 37.71 35.26
N GLU G 227 -58.92 38.53 36.18
CA GLU G 227 -59.43 39.86 35.86
C GLU G 227 -58.73 40.92 36.69
N PRO G 228 -58.63 42.15 36.19
CA PRO G 228 -57.89 43.19 36.92
C PRO G 228 -58.65 43.64 38.16
N LYS G 229 -57.87 44.12 39.14
CA LYS G 229 -58.44 44.63 40.38
C LYS G 229 -59.12 45.97 40.13
N SER G 230 -60.32 46.15 40.66
CA SER G 230 -61.12 47.35 40.44
C SER G 230 -61.23 48.13 41.74
N CYS G 231 -60.71 49.35 41.74
CA CYS G 231 -60.77 50.22 42.90
C CYS G 231 -61.28 51.59 42.47
N GLN H 1 37.66 -43.39 21.52
CA GLN H 1 36.82 -42.91 20.44
C GLN H 1 35.35 -43.02 20.80
N VAL H 2 34.64 -41.89 20.76
CA VAL H 2 33.19 -41.91 20.94
C VAL H 2 32.57 -42.37 19.63
N GLN H 3 31.62 -43.29 19.71
CA GLN H 3 31.26 -44.07 18.55
C GLN H 3 29.78 -44.45 18.61
N LEU H 4 29.13 -44.40 17.45
CA LEU H 4 27.78 -44.91 17.28
C LEU H 4 27.82 -45.96 16.17
N VAL H 5 27.34 -47.16 16.48
CA VAL H 5 27.35 -48.28 15.54
C VAL H 5 25.91 -48.70 15.29
N GLN H 6 25.50 -48.68 14.03
CA GLN H 6 24.11 -48.94 13.67
C GLN H 6 23.93 -50.37 13.17
N SER H 7 22.66 -50.78 13.12
CA SER H 7 22.32 -52.11 12.65
C SER H 7 22.48 -52.19 11.13
N GLY H 8 22.39 -53.42 10.61
CA GLY H 8 22.64 -53.68 9.21
C GLY H 8 21.56 -53.15 8.30
N PRO H 9 21.79 -53.25 6.99
CA PRO H 9 20.83 -52.74 6.02
C PRO H 9 19.55 -53.56 6.01
N GLU H 10 18.48 -52.91 5.55
CA GLU H 10 17.15 -53.51 5.51
C GLU H 10 16.54 -53.31 4.13
N VAL H 11 15.83 -54.33 3.64
CA VAL H 11 15.01 -54.21 2.45
C VAL H 11 13.58 -54.56 2.85
N LYS H 12 12.64 -53.67 2.51
CA LYS H 12 11.28 -53.76 3.03
C LYS H 12 10.27 -53.53 1.93
N LYS H 13 9.16 -54.24 1.99
CA LYS H 13 8.09 -53.99 1.04
C LYS H 13 7.18 -52.89 1.55
N PRO H 14 6.52 -52.16 0.65
CA PRO H 14 5.66 -51.05 1.08
C PRO H 14 4.59 -51.49 2.06
N GLY H 15 4.34 -50.65 3.05
CA GLY H 15 3.39 -50.92 4.10
C GLY H 15 3.97 -51.58 5.34
N ALA H 16 5.22 -52.02 5.28
CA ALA H 16 5.88 -52.67 6.39
C ALA H 16 6.49 -51.65 7.34
N SER H 17 7.12 -52.14 8.40
CA SER H 17 7.82 -51.32 9.36
C SER H 17 9.29 -51.71 9.38
N VAL H 18 10.15 -50.76 9.72
CA VAL H 18 11.57 -51.01 9.88
C VAL H 18 12.01 -50.46 11.22
N LYS H 19 12.90 -51.19 11.89
CA LYS H 19 13.46 -50.76 13.17
C LYS H 19 14.97 -50.74 13.06
N VAL H 20 15.56 -49.57 13.28
CA VAL H 20 17.00 -49.37 13.20
C VAL H 20 17.49 -49.01 14.60
N SER H 21 18.60 -49.62 15.01
CA SER H 21 19.14 -49.42 16.34
C SER H 21 20.51 -48.76 16.26
N CYS H 22 20.84 -47.96 17.28
CA CYS H 22 22.14 -47.34 17.43
C CYS H 22 22.75 -47.70 18.78
N LYS H 23 23.96 -48.25 18.75
CA LYS H 23 24.67 -48.68 19.95
C LYS H 23 25.79 -47.70 20.24
N ALA H 24 25.77 -47.08 21.41
CA ALA H 24 26.74 -46.06 21.76
C ALA H 24 27.87 -46.63 22.59
N SER H 25 29.04 -45.99 22.49
CA SER H 25 30.19 -46.35 23.29
C SER H 25 31.12 -45.16 23.38
N GLY H 26 31.88 -45.12 24.47
CA GLY H 26 32.84 -44.07 24.68
C GLY H 26 32.33 -42.86 25.44
N TYR H 27 31.04 -42.81 25.76
CA TYR H 27 30.50 -41.68 26.49
C TYR H 27 29.32 -42.13 27.34
N SER H 28 28.82 -41.21 28.16
CA SER H 28 27.71 -41.49 29.06
C SER H 28 26.42 -41.39 28.26
N PHE H 29 25.89 -42.55 27.86
CA PHE H 29 24.73 -42.59 26.98
C PHE H 29 23.50 -41.94 27.61
N SER H 30 23.37 -42.01 28.93
CA SER H 30 22.19 -41.47 29.60
C SER H 30 22.26 -39.96 29.81
N ARG H 31 23.36 -39.30 29.47
CA ARG H 31 23.50 -37.86 29.64
C ARG H 31 23.40 -37.10 28.33
N TYR H 32 23.00 -37.78 27.26
CA TYR H 32 22.83 -37.16 25.96
C TYR H 32 21.56 -37.70 25.34
N GLY H 33 21.26 -37.22 24.13
CA GLY H 33 20.17 -37.74 23.34
C GLY H 33 20.67 -38.24 22.00
N ILE H 34 19.75 -38.80 21.23
CA ILE H 34 20.03 -39.29 19.89
C ILE H 34 19.06 -38.63 18.93
N SER H 35 19.58 -38.01 17.89
CA SER H 35 18.79 -37.51 16.78
C SER H 35 18.95 -38.43 15.57
N TRP H 36 17.87 -38.60 14.81
CA TRP H 36 17.88 -39.44 13.63
C TRP H 36 17.75 -38.56 12.38
N VAL H 37 18.64 -38.77 11.43
CA VAL H 37 18.67 -38.03 10.18
C VAL H 37 18.78 -39.03 9.03
N ARG H 38 18.01 -38.82 7.98
CA ARG H 38 18.05 -39.69 6.82
C ARG H 38 18.45 -38.90 5.57
N GLN H 39 18.91 -39.63 4.56
CA GLN H 39 19.37 -39.04 3.32
C GLN H 39 18.97 -39.92 2.16
N ALA H 40 17.96 -39.51 1.39
CA ALA H 40 17.59 -40.23 0.20
C ALA H 40 18.72 -40.17 -0.82
N PRO H 41 18.83 -41.17 -1.70
CA PRO H 41 19.99 -41.25 -2.60
C PRO H 41 20.12 -40.02 -3.48
N GLY H 42 21.28 -39.37 -3.41
CA GLY H 42 21.52 -38.18 -4.18
C GLY H 42 20.81 -36.94 -3.67
N GLN H 43 20.34 -36.98 -2.43
CA GLN H 43 19.54 -35.91 -1.86
C GLN H 43 20.26 -35.31 -0.65
N GLY H 44 19.57 -34.40 0.02
CA GLY H 44 20.09 -33.76 1.20
C GLY H 44 19.68 -34.50 2.47
N LEU H 45 20.03 -33.89 3.61
CA LEU H 45 19.79 -34.48 4.91
C LEU H 45 18.47 -33.99 5.47
N GLU H 46 17.74 -34.90 6.13
CA GLU H 46 16.42 -34.61 6.66
C GLU H 46 16.33 -35.12 8.09
N TRP H 47 15.91 -34.26 9.00
CA TRP H 47 15.80 -34.61 10.41
C TRP H 47 14.47 -35.31 10.68
N LEU H 48 14.53 -36.46 11.36
CA LEU H 48 13.32 -37.20 11.69
C LEU H 48 12.85 -36.92 13.12
N GLY H 49 13.76 -36.85 14.08
CA GLY H 49 13.35 -36.63 15.45
C GLY H 49 14.51 -36.85 16.41
N TRP H 50 14.17 -36.76 17.69
CA TRP H 50 15.15 -36.79 18.77
C TRP H 50 14.53 -37.49 19.97
N ILE H 51 15.36 -38.22 20.71
CA ILE H 51 14.94 -38.84 21.96
C ILE H 51 16.04 -38.65 22.99
N SER H 52 15.66 -38.38 24.23
CA SER H 52 16.61 -38.17 25.31
C SER H 52 16.99 -39.50 25.95
N GLY H 53 18.29 -39.71 26.13
CA GLY H 53 18.76 -40.83 26.93
C GLY H 53 18.59 -40.67 28.42
N TYR H 54 18.29 -39.45 28.86
CA TYR H 54 18.05 -39.18 30.27
C TYR H 54 16.60 -39.44 30.65
N THR H 55 15.66 -38.84 29.91
CA THR H 55 14.25 -38.90 30.27
C THR H 55 13.41 -39.82 29.39
N GLY H 56 13.86 -40.12 28.17
CA GLY H 56 13.02 -40.79 27.22
C GLY H 56 12.04 -39.88 26.50
N ASN H 57 12.11 -38.58 26.74
CA ASN H 57 11.30 -37.62 26.03
C ASN H 57 11.67 -37.59 24.55
N THR H 58 10.70 -37.28 23.71
CA THR H 58 10.88 -37.36 22.27
C THR H 58 10.39 -36.09 21.59
N ASN H 59 11.06 -35.73 20.50
CA ASN H 59 10.63 -34.67 19.60
C ASN H 59 10.60 -35.24 18.20
N TYR H 60 9.43 -35.26 17.57
CA TYR H 60 9.28 -35.76 16.22
C TYR H 60 8.99 -34.61 15.26
N ALA H 61 9.56 -34.68 14.07
CA ALA H 61 9.17 -33.74 13.02
C ALA H 61 7.72 -33.97 12.65
N GLN H 62 6.99 -32.88 12.39
CA GLN H 62 5.56 -33.00 12.14
C GLN H 62 5.27 -33.90 10.95
N LYS H 63 6.22 -34.00 10.02
CA LYS H 63 6.03 -34.82 8.83
C LYS H 63 5.90 -36.30 9.17
N PHE H 64 6.50 -36.73 10.28
CA PHE H 64 6.56 -38.14 10.64
C PHE H 64 5.71 -38.52 11.84
N GLN H 65 4.97 -37.57 12.43
CA GLN H 65 4.14 -37.89 13.58
C GLN H 65 3.15 -38.99 13.24
N GLY H 66 3.01 -39.95 14.16
CA GLY H 66 2.16 -41.10 13.95
C GLY H 66 2.82 -42.25 13.22
N ARG H 67 3.96 -42.02 12.57
CA ARG H 67 4.69 -43.07 11.89
C ARG H 67 5.97 -43.49 12.59
N VAL H 68 6.59 -42.60 13.36
CA VAL H 68 7.84 -42.90 14.06
C VAL H 68 7.57 -43.18 15.53
N THR H 69 8.31 -44.14 16.06
CA THR H 69 8.50 -44.29 17.49
C THR H 69 9.98 -44.45 17.77
N MET H 70 10.52 -43.61 18.63
CA MET H 70 11.89 -43.74 19.08
C MET H 70 11.90 -44.25 20.51
N THR H 71 12.80 -45.18 20.79
CA THR H 71 12.99 -45.74 22.11
C THR H 71 14.45 -45.68 22.48
N THR H 72 14.71 -45.67 23.78
CA THR H 72 16.06 -45.69 24.32
C THR H 72 16.13 -46.74 25.42
N ASP H 73 17.27 -47.41 25.53
CA ASP H 73 17.48 -48.44 26.53
C ASP H 73 18.81 -48.16 27.22
N THR H 74 18.75 -47.76 28.49
CA THR H 74 19.95 -47.33 29.19
C THR H 74 20.93 -48.48 29.38
N SER H 75 20.43 -49.66 29.76
CA SER H 75 21.32 -50.76 30.14
C SER H 75 22.14 -51.24 28.95
N THR H 76 21.56 -51.24 27.75
CA THR H 76 22.29 -51.64 26.56
C THR H 76 22.87 -50.47 25.79
N SER H 77 22.62 -49.24 26.25
CA SER H 77 23.13 -48.03 25.60
C SER H 77 22.74 -48.00 24.12
N THR H 78 21.47 -48.32 23.85
CA THR H 78 20.99 -48.46 22.49
C THR H 78 19.74 -47.63 22.28
N ALA H 79 19.75 -46.83 21.22
CA ALA H 79 18.58 -46.07 20.78
C ALA H 79 18.00 -46.72 19.53
N SER H 80 16.67 -46.74 19.44
CA SER H 80 15.99 -47.38 18.34
C SER H 80 15.01 -46.41 17.68
N MET H 81 14.83 -46.61 16.38
CA MET H 81 13.89 -45.83 15.58
C MET H 81 13.04 -46.78 14.76
N GLU H 82 11.72 -46.66 14.88
CA GLU H 82 10.78 -47.48 14.12
C GLU H 82 9.95 -46.58 13.22
N LEU H 83 9.96 -46.86 11.93
CA LEU H 83 9.15 -46.14 10.95
C LEU H 83 8.11 -47.10 10.38
N ARG H 84 6.84 -46.76 10.56
CA ARG H 84 5.73 -47.60 10.13
C ARG H 84 5.20 -47.17 8.76
N SER H 85 4.42 -48.06 8.15
CA SER H 85 3.72 -47.81 6.88
C SER H 85 4.68 -47.23 5.83
N LEU H 86 5.76 -47.97 5.59
CA LEU H 86 6.81 -47.50 4.70
C LEU H 86 6.31 -47.33 3.27
N ARG H 87 6.86 -46.33 2.59
CA ARG H 87 6.58 -46.04 1.20
C ARG H 87 7.89 -46.00 0.42
N SER H 88 7.77 -45.89 -0.90
CA SER H 88 8.95 -45.92 -1.76
C SER H 88 9.88 -44.75 -1.46
N ASP H 89 9.33 -43.59 -1.14
CA ASP H 89 10.16 -42.41 -0.88
C ASP H 89 10.75 -42.40 0.52
N ASP H 90 10.49 -43.44 1.32
CA ASP H 90 11.21 -43.64 2.57
C ASP H 90 12.57 -44.29 2.35
N THR H 91 12.95 -44.54 1.09
CA THR H 91 14.24 -45.13 0.79
C THR H 91 15.34 -44.11 1.04
N ALA H 92 16.25 -44.44 1.95
CA ALA H 92 17.31 -43.51 2.33
C ALA H 92 18.34 -44.27 3.13
N VAL H 93 19.47 -43.63 3.36
CA VAL H 93 20.44 -44.05 4.38
C VAL H 93 20.08 -43.32 5.66
N TYR H 94 19.76 -44.08 6.70
CA TYR H 94 19.33 -43.52 7.98
C TYR H 94 20.52 -43.40 8.92
N TYR H 95 20.71 -42.22 9.48
CA TYR H 95 21.81 -41.94 10.38
C TYR H 95 21.29 -41.63 11.78
N CYS H 96 22.00 -42.07 12.79
CA CYS H 96 21.77 -41.57 14.13
C CYS H 96 22.97 -40.73 14.55
N ALA H 97 22.74 -39.82 15.49
CA ALA H 97 23.80 -38.94 15.95
C ALA H 97 23.52 -38.52 17.37
N ARG H 98 24.57 -38.51 18.19
CA ARG H 98 24.45 -38.02 19.55
C ARG H 98 24.17 -36.52 19.55
N ASP H 99 23.26 -36.08 20.43
CA ASP H 99 22.73 -34.73 20.32
C ASP H 99 22.16 -34.30 21.66
N LYS H 100 22.57 -33.11 22.13
CA LYS H 100 22.00 -32.43 23.30
C LYS H 100 22.42 -33.08 24.62
N LYS H 101 23.23 -32.38 25.40
CA LYS H 101 23.55 -32.83 26.74
C LYS H 101 22.33 -32.74 27.65
N GLN H 102 22.20 -33.70 28.56
CA GLN H 102 21.06 -33.80 29.46
C GLN H 102 21.56 -33.88 30.90
N GLY H 103 20.64 -33.65 31.84
CA GLY H 103 20.94 -33.83 33.24
C GLY H 103 21.73 -32.72 33.90
N GLU H 104 22.09 -31.65 33.17
CA GLU H 104 22.79 -30.55 33.78
C GLU H 104 22.59 -29.29 32.96
N VAL H 105 22.55 -28.15 33.66
CA VAL H 105 22.46 -26.87 32.97
C VAL H 105 23.71 -26.66 32.13
N VAL H 106 23.51 -26.16 30.92
CA VAL H 106 24.59 -25.96 29.96
C VAL H 106 24.49 -24.57 29.36
N LEU H 107 25.63 -23.89 29.28
CA LEU H 107 25.73 -22.70 28.46
C LEU H 107 25.64 -23.08 26.99
N PRO H 108 25.23 -22.14 26.13
CA PRO H 108 25.05 -22.47 24.70
C PRO H 108 26.24 -23.11 24.02
N ALA H 109 27.46 -22.59 24.23
CA ALA H 109 28.63 -23.20 23.59
C ALA H 109 29.00 -24.55 24.19
N ALA H 110 28.29 -25.02 25.21
CA ALA H 110 28.53 -26.34 25.77
C ALA H 110 27.26 -27.17 25.82
N SER H 111 26.25 -26.81 25.04
CA SER H 111 24.95 -27.48 25.10
C SER H 111 24.93 -28.79 24.33
N PHE H 112 25.90 -29.00 23.45
CA PHE H 112 25.92 -30.15 22.54
C PHE H 112 24.69 -30.20 21.66
N ARG H 113 24.16 -29.04 21.28
CA ARG H 113 23.11 -28.93 20.28
C ARG H 113 23.73 -28.98 18.89
N TRP H 114 24.38 -30.11 18.63
CA TRP H 114 25.02 -30.37 17.34
C TRP H 114 25.22 -31.87 17.22
N PHE H 115 25.22 -32.36 15.99
CA PHE H 115 25.23 -33.80 15.73
C PHE H 115 26.68 -34.28 15.65
N ALA H 116 27.11 -35.01 16.68
CA ALA H 116 28.45 -35.59 16.73
C ALA H 116 28.59 -36.52 17.93
N PRO H 117 29.06 -37.75 17.72
CA PRO H 117 29.41 -38.30 16.40
C PRO H 117 28.19 -38.87 15.68
N TRP H 118 28.40 -39.33 14.46
CA TRP H 118 27.39 -39.97 13.65
C TRP H 118 27.62 -41.47 13.59
N GLY H 119 26.54 -42.22 13.40
CA GLY H 119 26.68 -43.61 13.04
C GLY H 119 27.18 -43.76 11.62
N GLN H 120 27.53 -45.00 11.27
CA GLN H 120 28.02 -45.26 9.92
C GLN H 120 26.91 -45.22 8.89
N GLY H 121 25.66 -45.35 9.32
CA GLY H 121 24.54 -45.30 8.41
C GLY H 121 23.89 -46.66 8.26
N THR H 122 22.58 -46.64 8.00
CA THR H 122 21.80 -47.85 7.73
C THR H 122 20.98 -47.61 6.48
N LEU H 123 21.24 -48.40 5.44
CA LEU H 123 20.48 -48.28 4.20
C LEU H 123 19.17 -49.04 4.33
N VAL H 124 18.07 -48.35 4.07
CA VAL H 124 16.74 -48.95 4.05
C VAL H 124 16.16 -48.74 2.67
N THR H 125 15.93 -49.83 1.96
CA THR H 125 15.34 -49.77 0.63
C THR H 125 13.89 -50.24 0.73
N VAL H 126 12.97 -49.39 0.28
CA VAL H 126 11.55 -49.71 0.29
C VAL H 126 11.09 -49.75 -1.16
N SER H 127 10.92 -50.95 -1.68
CA SER H 127 10.42 -51.14 -3.04
C SER H 127 9.57 -52.40 -3.08
N SER H 128 8.53 -52.38 -3.92
CA SER H 128 7.73 -53.59 -4.12
C SER H 128 8.43 -54.49 -5.12
N ALA H 129 9.74 -54.66 -4.93
CA ALA H 129 10.56 -55.54 -5.74
C ALA H 129 11.30 -56.48 -4.81
N SER H 130 11.64 -57.66 -5.32
CA SER H 130 12.23 -58.71 -4.51
C SER H 130 13.70 -58.89 -4.85
N THR H 131 14.45 -59.39 -3.87
CA THR H 131 15.89 -59.55 -4.01
C THR H 131 16.23 -60.43 -5.21
N LYS H 132 17.24 -60.01 -5.97
CA LYS H 132 17.61 -60.70 -7.19
C LYS H 132 19.10 -60.49 -7.45
N GLY H 133 19.77 -61.54 -7.90
CA GLY H 133 21.18 -61.47 -8.19
C GLY H 133 21.45 -60.93 -9.58
N PRO H 134 22.57 -60.25 -9.76
CA PRO H 134 22.84 -59.60 -11.04
C PRO H 134 23.33 -60.57 -12.11
N SER H 135 23.02 -60.23 -13.35
CA SER H 135 23.61 -60.86 -14.52
C SER H 135 24.77 -60.00 -14.99
N VAL H 136 25.92 -60.64 -15.23
CA VAL H 136 27.14 -59.93 -15.56
C VAL H 136 27.49 -60.24 -17.01
N PHE H 137 27.47 -59.21 -17.86
CA PHE H 137 27.83 -59.26 -19.26
C PHE H 137 29.12 -58.49 -19.51
N PRO H 138 30.01 -59.00 -20.35
CA PRO H 138 31.25 -58.28 -20.64
C PRO H 138 31.05 -57.21 -21.70
N LEU H 139 31.89 -56.19 -21.63
CA LEU H 139 32.01 -55.18 -22.67
C LEU H 139 33.39 -55.32 -23.22
N ALA H 140 33.51 -56.07 -24.30
CA ALA H 140 34.81 -56.44 -24.84
C ALA H 140 35.53 -55.32 -25.56
N PRO H 141 36.84 -55.39 -25.53
CA PRO H 141 37.68 -54.26 -25.87
C PRO H 141 38.22 -54.18 -27.29
N SER H 142 37.56 -53.43 -28.16
CA SER H 142 38.15 -52.96 -29.42
C SER H 142 37.13 -52.39 -30.37
N THR H 146 44.50 -49.53 -29.51
CA THR H 146 43.81 -48.73 -30.50
C THR H 146 44.25 -47.27 -30.42
N SER H 147 43.82 -46.56 -29.38
CA SER H 147 44.08 -45.15 -29.33
C SER H 147 45.11 -44.74 -28.28
N GLY H 148 46.25 -44.26 -28.75
CA GLY H 148 47.23 -43.66 -27.88
C GLY H 148 48.24 -44.47 -27.11
N GLY H 149 48.27 -45.79 -27.24
CA GLY H 149 47.18 -46.60 -27.73
C GLY H 149 46.76 -47.41 -26.53
N THR H 150 45.49 -47.30 -26.20
CA THR H 150 44.98 -47.93 -25.01
C THR H 150 43.65 -48.48 -25.37
N ALA H 151 43.28 -49.55 -24.72
CA ALA H 151 41.98 -50.14 -24.98
C ALA H 151 41.08 -49.94 -23.76
N ALA H 152 39.77 -49.98 -23.99
CA ALA H 152 38.79 -49.84 -22.91
C ALA H 152 37.90 -51.07 -22.88
N LEU H 153 37.83 -51.72 -21.72
CA LEU H 153 36.98 -52.88 -21.52
C LEU H 153 36.29 -52.76 -20.17
N GLY H 154 35.23 -53.55 -19.99
CA GLY H 154 34.50 -53.46 -18.74
C GLY H 154 33.43 -54.52 -18.63
N CYS H 155 32.62 -54.39 -17.57
CA CYS H 155 31.56 -55.32 -17.24
C CYS H 155 30.24 -54.57 -17.07
N LEU H 156 29.16 -55.19 -17.52
CA LEU H 156 27.82 -54.65 -17.35
C LEU H 156 27.10 -55.49 -16.30
N VAL H 157 26.85 -54.90 -15.14
CA VAL H 157 26.16 -55.56 -14.04
C VAL H 157 24.72 -55.08 -14.06
N LYS H 158 23.78 -55.96 -14.39
CA LYS H 158 22.43 -55.55 -14.72
C LYS H 158 21.41 -56.37 -13.94
N ASP H 159 20.30 -55.72 -13.60
CA ASP H 159 19.11 -56.37 -13.04
C ASP H 159 19.39 -57.04 -11.69
N TYR H 160 19.78 -56.23 -10.71
CA TYR H 160 19.98 -56.69 -9.36
C TYR H 160 19.18 -55.83 -8.39
N PHE H 161 18.82 -56.41 -7.26
CA PHE H 161 18.10 -55.70 -6.21
C PHE H 161 18.37 -56.35 -4.87
N PRO H 162 18.64 -55.53 -3.84
CA PRO H 162 18.81 -54.08 -3.94
C PRO H 162 20.28 -53.69 -4.02
N GLU H 163 20.57 -52.41 -3.84
CA GLU H 163 21.95 -51.96 -3.70
C GLU H 163 22.54 -52.57 -2.44
N PRO H 164 23.87 -52.75 -2.39
CA PRO H 164 24.88 -52.45 -3.39
C PRO H 164 25.53 -53.69 -4.00
N VAL H 165 26.30 -53.49 -5.08
CA VAL H 165 27.20 -54.52 -5.59
C VAL H 165 28.62 -53.99 -5.49
N THR H 166 29.56 -54.92 -5.32
CA THR H 166 30.97 -54.63 -5.27
C THR H 166 31.63 -55.15 -6.54
N VAL H 167 32.45 -54.32 -7.17
CA VAL H 167 33.17 -54.71 -8.38
C VAL H 167 34.65 -54.46 -8.19
N SER H 168 35.47 -55.45 -8.51
CA SER H 168 36.92 -55.32 -8.53
C SER H 168 37.43 -55.96 -9.81
N TRP H 169 38.74 -55.86 -10.03
CA TRP H 169 39.35 -56.39 -11.25
C TRP H 169 40.58 -57.21 -10.88
N ASN H 170 40.60 -58.45 -11.36
CA ASN H 170 41.70 -59.39 -11.09
C ASN H 170 41.92 -59.53 -9.59
N SER H 171 40.81 -59.61 -8.85
CA SER H 171 40.83 -59.82 -7.39
C SER H 171 41.59 -58.69 -6.69
N GLY H 172 41.35 -57.46 -7.12
CA GLY H 172 41.98 -56.31 -6.50
C GLY H 172 43.39 -56.01 -6.97
N ALA H 173 43.96 -56.85 -7.84
CA ALA H 173 45.31 -56.58 -8.34
C ALA H 173 45.32 -55.39 -9.28
N LEU H 174 44.21 -55.12 -9.97
CA LEU H 174 44.12 -54.04 -10.94
C LEU H 174 43.24 -52.93 -10.37
N THR H 175 43.84 -51.79 -10.06
CA THR H 175 43.10 -50.64 -9.57
C THR H 175 43.31 -49.38 -10.40
N SER H 176 44.43 -49.22 -11.08
CA SER H 176 44.62 -48.06 -11.93
C SER H 176 43.67 -48.08 -13.11
N GLY H 177 43.17 -46.90 -13.48
CA GLY H 177 42.31 -46.76 -14.64
C GLY H 177 40.91 -47.32 -14.49
N VAL H 178 40.53 -47.78 -13.31
CA VAL H 178 39.22 -48.39 -13.10
C VAL H 178 38.21 -47.28 -12.79
N HIS H 179 37.03 -47.40 -13.39
CA HIS H 179 35.92 -46.49 -13.11
C HIS H 179 34.65 -47.32 -12.98
N THR H 180 34.12 -47.40 -11.77
CA THR H 180 32.85 -48.05 -11.52
C THR H 180 31.77 -46.98 -11.40
N PHE H 181 30.75 -47.10 -12.18
CA PHE H 181 29.76 -46.05 -12.19
C PHE H 181 28.72 -46.25 -11.10
N PRO H 182 28.12 -45.16 -10.63
CA PRO H 182 27.02 -45.30 -9.65
C PRO H 182 25.82 -45.98 -10.30
N ALA H 183 25.12 -46.77 -9.51
CA ALA H 183 24.00 -47.54 -10.02
C ALA H 183 22.87 -46.61 -10.46
N VAL H 184 22.06 -47.11 -11.39
CA VAL H 184 20.87 -46.41 -11.86
C VAL H 184 19.67 -47.31 -11.65
N LEU H 185 18.55 -46.71 -11.26
CA LEU H 185 17.33 -47.47 -11.00
C LEU H 185 16.50 -47.48 -12.28
N GLN H 186 16.46 -48.63 -12.95
CA GLN H 186 15.73 -48.78 -14.18
C GLN H 186 14.22 -48.73 -13.92
N SER H 187 13.45 -48.54 -14.99
CA SER H 187 12.00 -48.53 -14.87
C SER H 187 11.46 -49.87 -14.37
N SER H 188 12.22 -50.94 -14.54
CA SER H 188 11.82 -52.25 -14.05
C SER H 188 11.84 -52.35 -12.53
N GLY H 189 12.37 -51.34 -11.84
CA GLY H 189 12.56 -51.39 -10.40
C GLY H 189 13.85 -52.04 -9.96
N LEU H 190 14.70 -52.45 -10.90
CA LEU H 190 15.96 -53.09 -10.60
C LEU H 190 17.10 -52.15 -10.92
N TYR H 191 18.27 -52.43 -10.37
CA TYR H 191 19.43 -51.56 -10.50
C TYR H 191 20.37 -52.05 -11.58
N SER H 192 21.10 -51.12 -12.18
CA SER H 192 22.04 -51.44 -13.25
C SER H 192 23.31 -50.62 -13.05
N LEU H 193 24.43 -51.19 -13.50
CA LEU H 193 25.73 -50.62 -13.21
C LEU H 193 26.72 -51.06 -14.28
N SER H 194 27.75 -50.25 -14.50
CA SER H 194 28.85 -50.62 -15.37
C SER H 194 30.17 -50.29 -14.69
N SER H 195 31.16 -51.16 -14.87
CA SER H 195 32.51 -50.90 -14.43
C SER H 195 33.44 -51.07 -15.61
N VAL H 196 34.34 -50.11 -15.82
CA VAL H 196 35.21 -50.11 -16.98
C VAL H 196 36.64 -49.84 -16.52
N VAL H 197 37.58 -50.18 -17.39
CA VAL H 197 39.00 -49.97 -17.11
C VAL H 197 39.72 -49.81 -18.44
N THR H 198 40.70 -48.92 -18.48
CA THR H 198 41.53 -48.75 -19.66
C THR H 198 42.89 -49.39 -19.45
N VAL H 199 43.35 -50.11 -20.47
CA VAL H 199 44.60 -50.87 -20.39
C VAL H 199 45.37 -50.66 -21.69
N PRO H 200 46.68 -50.95 -21.69
CA PRO H 200 47.44 -50.88 -22.93
C PRO H 200 46.90 -51.85 -23.96
N SER H 201 46.82 -51.39 -25.21
CA SER H 201 46.30 -52.23 -26.28
C SER H 201 47.22 -53.41 -26.55
N SER H 202 48.50 -53.30 -26.18
CA SER H 202 49.45 -54.38 -26.44
C SER H 202 49.24 -55.57 -25.50
N SER H 203 48.72 -55.33 -24.30
CA SER H 203 48.61 -56.37 -23.30
C SER H 203 47.35 -57.22 -23.45
N LEU H 204 46.52 -56.96 -24.45
CA LEU H 204 45.27 -57.72 -24.58
C LEU H 204 45.53 -59.18 -24.86
N GLY H 205 46.50 -59.49 -25.71
CA GLY H 205 46.76 -60.88 -26.03
C GLY H 205 47.40 -61.66 -24.90
N THR H 206 48.20 -60.99 -24.07
CA THR H 206 48.93 -61.67 -23.00
C THR H 206 48.22 -61.64 -21.66
N GLN H 207 47.62 -60.52 -21.28
CA GLN H 207 47.12 -60.32 -19.92
C GLN H 207 45.65 -60.71 -19.80
N THR H 208 45.30 -61.24 -18.63
CA THR H 208 43.96 -61.74 -18.34
C THR H 208 43.20 -60.72 -17.51
N TYR H 209 41.97 -60.42 -17.91
CA TYR H 209 41.16 -59.42 -17.22
C TYR H 209 39.85 -60.05 -16.76
N ILE H 210 39.62 -60.04 -15.45
CA ILE H 210 38.44 -60.63 -14.84
C ILE H 210 37.85 -59.60 -13.89
N CYS H 211 36.57 -59.29 -14.06
CA CYS H 211 35.87 -58.44 -13.11
C CYS H 211 35.16 -59.32 -12.10
N ASN H 212 35.38 -59.03 -10.82
CA ASN H 212 34.81 -59.80 -9.73
C ASN H 212 33.65 -59.02 -9.14
N VAL H 213 32.46 -59.61 -9.21
CA VAL H 213 31.23 -58.94 -8.79
C VAL H 213 30.71 -59.63 -7.54
N ASN H 214 30.30 -58.83 -6.55
CA ASN H 214 29.79 -59.32 -5.28
C ASN H 214 28.46 -58.64 -5.00
N HIS H 215 27.40 -59.43 -4.82
CA HIS H 215 26.09 -58.91 -4.43
C HIS H 215 25.72 -59.56 -3.10
N LYS H 216 26.13 -58.93 -2.01
CA LYS H 216 25.86 -59.45 -0.67
C LYS H 216 24.39 -59.72 -0.38
N PRO H 217 23.43 -58.85 -0.76
CA PRO H 217 22.03 -59.11 -0.42
C PRO H 217 21.51 -60.46 -0.90
N SER H 218 21.97 -60.94 -2.04
CA SER H 218 21.54 -62.23 -2.55
C SER H 218 22.61 -63.31 -2.41
N ASN H 219 23.74 -62.98 -1.80
CA ASN H 219 24.87 -63.90 -1.65
C ASN H 219 25.45 -64.34 -2.99
N THR H 220 25.10 -63.63 -4.07
CA THR H 220 25.58 -63.99 -5.40
C THR H 220 27.02 -63.50 -5.59
N LYS H 221 27.84 -64.33 -6.20
CA LYS H 221 29.22 -63.99 -6.50
C LYS H 221 29.54 -64.46 -7.91
N VAL H 222 30.12 -63.58 -8.73
CA VAL H 222 30.38 -63.88 -10.13
C VAL H 222 31.77 -63.40 -10.50
N ASP H 223 32.57 -64.27 -11.11
CA ASP H 223 33.76 -63.89 -11.83
C ASP H 223 33.44 -63.90 -13.33
N LYS H 224 33.89 -62.88 -14.05
CA LYS H 224 33.62 -62.79 -15.47
C LYS H 224 34.89 -62.44 -16.21
N LYS H 225 35.29 -63.30 -17.15
CA LYS H 225 36.46 -63.04 -17.98
C LYS H 225 36.08 -62.10 -19.11
N VAL H 226 36.92 -61.09 -19.34
CA VAL H 226 36.70 -60.11 -20.40
C VAL H 226 37.81 -60.28 -21.42
N GLU H 227 37.42 -60.51 -22.67
CA GLU H 227 38.35 -60.74 -23.77
C GLU H 227 37.73 -60.21 -25.05
N PRO H 228 38.55 -59.84 -26.04
CA PRO H 228 37.98 -59.34 -27.31
C PRO H 228 37.20 -60.43 -28.03
N LYS H 229 36.17 -60.00 -28.76
CA LYS H 229 35.33 -60.95 -29.48
C LYS H 229 36.08 -61.55 -30.66
N SER H 230 35.70 -62.77 -31.03
CA SER H 230 36.39 -63.55 -32.05
C SER H 230 35.71 -63.41 -33.40
N CYS H 231 36.42 -62.81 -34.35
CA CYS H 231 35.98 -62.74 -35.75
C CYS H 231 37.19 -62.84 -36.69
N ASP I 1 -11.61 8.80 43.13
CA ASP I 1 -12.39 9.09 41.93
C ASP I 1 -11.66 10.04 41.00
N ILE I 2 -11.75 9.78 39.70
CA ILE I 2 -11.10 10.63 38.70
C ILE I 2 -12.01 11.80 38.38
N GLN I 3 -11.49 13.00 38.55
CA GLN I 3 -12.28 14.21 38.38
C GLN I 3 -12.15 14.69 36.94
N MET I 4 -13.30 14.82 36.26
CA MET I 4 -13.36 15.34 34.90
C MET I 4 -13.80 16.79 34.94
N THR I 5 -13.03 17.66 34.29
CA THR I 5 -13.30 19.10 34.28
C THR I 5 -13.57 19.57 32.86
N GLN I 6 -14.79 20.04 32.62
CA GLN I 6 -15.18 20.52 31.30
C GLN I 6 -15.05 22.04 31.21
N SER I 7 -14.59 22.50 30.06
CA SER I 7 -14.47 23.92 29.80
C SER I 7 -14.92 24.22 28.37
N PRO I 8 -15.80 25.21 28.20
CA PRO I 8 -16.43 25.99 29.26
C PRO I 8 -17.70 25.33 29.77
N VAL I 9 -18.25 25.83 30.88
CA VAL I 9 -19.50 25.28 31.39
C VAL I 9 -20.69 25.79 30.60
N SER I 10 -20.59 26.97 30.00
CA SER I 10 -21.63 27.50 29.13
C SER I 10 -21.00 28.13 27.91
N LEU I 11 -21.69 28.05 26.78
CA LEU I 11 -21.18 28.61 25.53
C LEU I 11 -22.33 29.14 24.70
N SER I 12 -22.18 30.35 24.18
CA SER I 12 -23.16 30.95 23.27
C SER I 12 -22.54 31.04 21.88
N ALA I 13 -23.25 30.51 20.89
CA ALA I 13 -22.74 30.50 19.53
C ALA I 13 -23.90 30.56 18.56
N SER I 14 -23.57 30.90 17.31
CA SER I 14 -24.56 31.00 16.24
C SER I 14 -24.51 29.76 15.37
N VAL I 15 -25.58 29.55 14.60
CA VAL I 15 -25.61 28.47 13.63
C VAL I 15 -24.57 28.73 12.56
N GLY I 16 -23.85 27.67 12.17
CA GLY I 16 -22.74 27.80 11.27
C GLY I 16 -21.40 28.03 11.92
N ASP I 17 -21.37 28.25 13.23
CA ASP I 17 -20.13 28.46 13.96
C ASP I 17 -19.36 27.15 14.11
N ARG I 18 -18.06 27.29 14.35
CA ARG I 18 -17.19 26.16 14.67
C ARG I 18 -16.81 26.27 16.14
N VAL I 19 -17.13 25.24 16.91
CA VAL I 19 -16.94 25.28 18.36
C VAL I 19 -16.12 24.07 18.82
N THR I 20 -15.31 24.30 19.84
CA THR I 20 -14.52 23.25 20.46
C THR I 20 -14.69 23.31 21.97
N ILE I 21 -15.10 22.20 22.58
CA ILE I 21 -15.21 22.12 24.03
C ILE I 21 -14.19 21.13 24.56
N THR I 22 -13.74 21.36 25.79
CA THR I 22 -12.55 20.70 26.33
C THR I 22 -12.91 19.87 27.55
N CYS I 23 -12.31 18.67 27.63
CA CYS I 23 -12.45 17.80 28.78
C CYS I 23 -11.06 17.52 29.36
N ARG I 24 -10.93 17.64 30.68
CA ARG I 24 -9.66 17.41 31.35
C ARG I 24 -9.84 16.36 32.45
N ALA I 25 -8.88 15.45 32.56
CA ALA I 25 -8.90 14.39 33.55
C ALA I 25 -7.84 14.64 34.61
N SER I 26 -8.15 14.24 35.85
CA SER I 26 -7.23 14.46 36.96
C SER I 26 -6.02 13.54 36.89
N GLN I 27 -6.17 12.37 36.28
CA GLN I 27 -5.05 11.48 36.02
C GLN I 27 -5.26 10.87 34.64
N SER I 28 -4.24 10.19 34.14
CA SER I 28 -4.30 9.66 32.79
C SER I 28 -5.37 8.58 32.68
N ILE I 29 -6.15 8.63 31.59
CA ILE I 29 -7.20 7.67 31.31
C ILE I 29 -7.02 7.02 29.95
N GLY I 30 -5.86 7.18 29.33
CA GLY I 30 -5.65 6.61 28.01
C GLY I 30 -6.52 7.31 27.00
N LYS I 31 -7.29 6.52 26.25
CA LYS I 31 -8.27 7.04 25.31
C LYS I 31 -9.69 6.65 25.71
N PHE I 32 -9.89 6.18 26.93
CA PHE I 32 -11.21 5.75 27.39
C PHE I 32 -12.02 6.95 27.84
N LEU I 33 -12.34 7.81 26.88
CA LEU I 33 -13.18 8.98 27.13
C LEU I 33 -14.32 9.01 26.13
N ASN I 34 -15.54 9.15 26.64
CA ASN I 34 -16.74 9.15 25.81
C ASN I 34 -17.45 10.50 25.91
N TRP I 35 -18.15 10.87 24.85
CA TRP I 35 -18.92 12.10 24.80
C TRP I 35 -20.39 11.78 24.59
N TYR I 36 -21.25 12.41 25.37
CA TYR I 36 -22.69 12.19 25.28
C TYR I 36 -23.39 13.53 25.05
N GLN I 37 -24.42 13.49 24.22
CA GLN I 37 -25.26 14.65 23.97
C GLN I 37 -26.61 14.42 24.65
N GLN I 38 -27.10 15.43 25.36
CA GLN I 38 -28.41 15.36 25.98
C GLN I 38 -29.22 16.58 25.59
N LYS I 39 -30.33 16.35 24.92
CA LYS I 39 -31.32 17.37 24.63
C LYS I 39 -32.31 17.48 25.78
N PRO I 40 -32.85 18.68 26.01
CA PRO I 40 -33.51 18.96 27.30
C PRO I 40 -34.45 17.89 27.82
N GLY I 41 -35.40 17.42 27.03
CA GLY I 41 -36.31 16.47 27.61
C GLY I 41 -36.03 15.01 27.32
N ARG I 42 -34.83 14.68 26.83
CA ARG I 42 -34.54 13.33 26.37
C ARG I 42 -33.37 12.74 27.15
N ALA I 43 -33.22 11.42 27.01
CA ALA I 43 -32.09 10.72 27.58
C ALA I 43 -30.81 11.10 26.86
N PRO I 44 -29.66 10.92 27.52
CA PRO I 44 -28.38 11.16 26.83
C PRO I 44 -28.16 10.13 25.74
N LYS I 45 -27.40 10.53 24.72
CA LYS I 45 -27.07 9.66 23.61
C LYS I 45 -25.58 9.72 23.36
N LEU I 46 -25.00 8.57 23.03
CA LEU I 46 -23.56 8.51 22.77
C LEU I 46 -23.25 9.21 21.46
N LEU I 47 -22.22 10.05 21.49
CA LEU I 47 -21.76 10.80 20.32
C LEU I 47 -20.37 10.37 19.88
N ILE I 48 -19.41 10.33 20.80
CA ILE I 48 -18.03 9.95 20.51
C ILE I 48 -17.60 8.90 21.53
N TYR I 49 -17.03 7.81 21.06
CA TYR I 49 -16.52 6.77 21.96
C TYR I 49 -15.04 6.54 21.72
N TYR I 50 -14.32 6.23 22.78
CA TYR I 50 -12.88 6.01 22.75
C TYR I 50 -12.11 7.16 22.15
N ALA I 51 -12.48 8.34 22.60
CA ALA I 51 -11.77 9.56 22.27
C ALA I 51 -12.05 10.12 20.90
N SER I 52 -11.88 9.32 19.86
CA SER I 52 -12.01 9.83 18.51
C SER I 52 -13.05 9.20 17.62
N ASN I 53 -13.76 8.18 18.10
CA ASN I 53 -14.64 7.44 17.23
C ASN I 53 -16.07 7.93 17.19
N LEU I 54 -16.56 8.18 15.99
CA LEU I 54 -17.92 8.68 15.85
C LEU I 54 -18.89 7.51 15.95
N GLU I 55 -19.92 7.67 16.78
CA GLU I 55 -20.90 6.60 16.93
C GLU I 55 -21.68 6.45 15.63
N THR I 56 -21.92 5.20 15.24
CA THR I 56 -22.51 4.90 13.94
C THR I 56 -23.82 5.64 13.75
N GLY I 57 -23.96 6.27 12.58
CA GLY I 57 -25.09 7.11 12.29
C GLY I 57 -24.95 8.55 12.77
N GLY I 58 -23.85 8.87 13.45
CA GLY I 58 -23.64 10.20 13.97
C GLY I 58 -23.23 11.18 12.89
N PRO I 59 -23.52 12.46 13.12
CA PRO I 59 -23.18 13.48 12.11
C PRO I 59 -21.68 13.63 11.95
N SER I 60 -21.25 13.79 10.69
CA SER I 60 -19.83 13.89 10.36
C SER I 60 -19.18 15.14 10.93
N ARG I 61 -19.96 16.17 11.27
CA ARG I 61 -19.39 17.40 11.79
C ARG I 61 -18.86 17.25 13.21
N PHE I 62 -19.25 16.19 13.91
CA PHE I 62 -18.74 15.92 15.24
C PHE I 62 -17.45 15.12 15.16
N SER I 63 -16.41 15.58 15.85
CA SER I 63 -15.14 14.88 15.89
C SER I 63 -14.51 15.09 17.26
N GLY I 64 -13.69 14.14 17.67
CA GLY I 64 -13.06 14.21 18.98
C GLY I 64 -11.59 13.85 18.91
N ARG I 65 -10.80 14.51 19.75
CA ARG I 65 -9.37 14.26 19.82
C ARG I 65 -8.91 14.22 21.27
N GLY I 66 -7.71 13.69 21.47
CA GLY I 66 -7.03 13.76 22.75
C GLY I 66 -6.66 12.39 23.27
N SER I 67 -5.82 12.38 24.28
CA SER I 67 -5.38 11.17 24.96
C SER I 67 -4.89 11.52 26.35
N GLU I 68 -4.82 10.53 27.24
CA GLU I 68 -4.29 10.80 28.57
C GLU I 68 -5.13 11.79 29.36
N THR I 69 -4.61 12.97 29.64
CA THR I 69 -5.37 13.95 30.39
C THR I 69 -6.12 15.05 29.65
N GLU I 70 -5.90 15.21 28.35
CA GLU I 70 -6.54 16.30 27.62
C GLU I 70 -7.38 15.84 26.43
N PHE I 71 -8.59 16.32 26.35
CA PHE I 71 -9.49 15.88 25.30
C PHE I 71 -10.29 17.07 24.77
N SER I 72 -10.88 16.89 23.59
CA SER I 72 -11.65 17.95 22.97
C SER I 72 -12.72 17.35 22.07
N LEU I 73 -13.82 18.09 21.93
CA LEU I 73 -14.91 17.76 21.02
C LEU I 73 -15.15 18.96 20.11
N THR I 74 -15.22 18.71 18.81
CA THR I 74 -15.33 19.78 17.81
C THR I 74 -16.57 19.59 16.97
N ILE I 75 -17.28 20.68 16.73
CA ILE I 75 -18.39 20.73 15.79
C ILE I 75 -17.95 21.62 14.64
N SER I 76 -17.84 21.04 13.44
CA SER I 76 -17.31 21.79 12.31
C SER I 76 -18.18 23.00 11.98
N SER I 77 -19.49 22.79 11.88
CA SER I 77 -20.44 23.85 11.59
C SER I 77 -21.69 23.59 12.41
N LEU I 78 -22.03 24.53 13.28
CA LEU I 78 -23.17 24.35 14.18
C LEU I 78 -24.47 24.21 13.39
N GLN I 79 -25.40 23.48 13.97
CA GLN I 79 -26.72 23.25 13.40
C GLN I 79 -27.77 23.52 14.47
N PRO I 80 -29.01 23.78 14.07
CA PRO I 80 -30.07 23.95 15.08
C PRO I 80 -30.19 22.79 16.04
N GLU I 81 -29.98 21.56 15.57
CA GLU I 81 -30.14 20.39 16.42
C GLU I 81 -29.05 20.28 17.47
N ASP I 82 -27.92 20.97 17.29
CA ASP I 82 -26.75 20.79 18.14
C ASP I 82 -26.79 21.59 19.42
N PHE I 83 -27.73 22.52 19.58
CA PHE I 83 -27.82 23.27 20.83
C PHE I 83 -28.38 22.37 21.90
N ALA I 84 -27.51 21.92 22.80
CA ALA I 84 -27.87 20.95 23.84
C ALA I 84 -26.78 20.98 24.90
N THR I 85 -26.81 20.02 25.82
CA THR I 85 -25.79 19.87 26.84
C THR I 85 -24.89 18.69 26.48
N TYR I 86 -23.59 18.88 26.61
CA TYR I 86 -22.61 17.86 26.24
C TYR I 86 -21.79 17.46 27.46
N TYR I 87 -21.71 16.16 27.71
CA TYR I 87 -20.97 15.59 28.83
C TYR I 87 -19.84 14.73 28.33
N CYS I 88 -18.66 14.84 28.95
CA CYS I 88 -17.60 13.87 28.76
C CYS I 88 -17.56 12.93 29.96
N GLN I 89 -17.18 11.68 29.70
CA GLN I 89 -17.22 10.63 30.71
C GLN I 89 -16.03 9.71 30.54
N GLN I 90 -15.39 9.33 31.64
CA GLN I 90 -14.26 8.43 31.60
C GLN I 90 -14.64 7.02 31.96
N SER I 91 -14.14 6.07 31.21
CA SER I 91 -14.43 4.66 31.40
C SER I 91 -13.20 3.84 31.75
N ASN I 92 -12.07 4.48 32.04
CA ASN I 92 -10.84 3.75 32.28
C ASN I 92 -10.81 3.11 33.66
N ASN I 93 -11.35 3.80 34.66
CA ASN I 93 -11.31 3.32 36.04
C ASN I 93 -12.71 3.38 36.63
N VAL I 94 -12.92 2.53 37.63
CA VAL I 94 -14.19 2.49 38.31
C VAL I 94 -13.98 3.18 39.66
N PRO I 95 -14.93 4.03 40.08
CA PRO I 95 -16.22 4.37 39.46
C PRO I 95 -16.09 5.25 38.22
N HIS I 96 -16.96 5.01 37.24
CA HIS I 96 -17.05 5.88 36.07
C HIS I 96 -17.53 7.26 36.49
N THR I 97 -16.82 8.28 36.03
CA THR I 97 -17.11 9.65 36.43
C THR I 97 -17.42 10.51 35.21
N PHE I 98 -18.34 11.45 35.39
CA PHE I 98 -18.78 12.36 34.36
C PHE I 98 -18.21 13.75 34.58
N GLY I 99 -18.15 14.52 33.51
CA GLY I 99 -17.90 15.94 33.65
C GLY I 99 -19.17 16.67 34.04
N GLN I 100 -19.00 17.92 34.46
CA GLN I 100 -20.15 18.72 34.86
C GLN I 100 -21.01 19.14 33.67
N GLY I 101 -20.47 19.12 32.47
CA GLY I 101 -21.27 19.37 31.28
C GLY I 101 -21.02 20.74 30.70
N THR I 102 -21.19 20.84 29.38
CA THR I 102 -21.14 22.11 28.66
C THR I 102 -22.49 22.33 28.00
N LYS I 103 -23.12 23.45 28.31
CA LYS I 103 -24.41 23.79 27.71
C LYS I 103 -24.16 24.72 26.52
N LEU I 104 -24.65 24.30 25.35
CA LEU I 104 -24.57 25.11 24.14
C LEU I 104 -25.87 25.90 23.99
N GLU I 105 -25.76 27.22 24.00
CA GLU I 105 -26.91 28.10 23.90
C GLU I 105 -26.80 29.00 22.70
N ILE I 106 -27.95 29.46 22.22
CA ILE I 106 -28.03 30.28 21.01
C ILE I 106 -27.60 31.70 21.33
N LYS I 107 -26.71 32.26 20.50
CA LYS I 107 -26.24 33.60 20.73
C LYS I 107 -27.29 34.61 20.27
N ARG I 108 -27.27 35.78 20.88
CA ARG I 108 -28.37 36.72 20.71
C ARG I 108 -27.90 38.12 21.11
N THR I 109 -28.60 39.12 20.59
CA THR I 109 -28.35 40.49 21.02
C THR I 109 -28.89 40.68 22.44
N VAL I 110 -28.35 41.69 23.12
CA VAL I 110 -28.74 41.96 24.49
C VAL I 110 -30.16 42.52 24.51
N ALA I 111 -30.95 42.07 25.48
CA ALA I 111 -32.35 42.49 25.62
C ALA I 111 -32.66 42.68 27.10
N ALA I 112 -33.13 43.87 27.46
CA ALA I 112 -33.43 44.17 28.84
C ALA I 112 -34.78 43.58 29.24
N PRO I 113 -34.90 43.15 30.49
CA PRO I 113 -36.16 42.57 30.96
C PRO I 113 -37.22 43.62 31.23
N SER I 114 -38.48 43.23 31.03
CA SER I 114 -39.63 44.05 31.39
C SER I 114 -40.18 43.50 32.68
N VAL I 115 -40.11 44.28 33.74
CA VAL I 115 -40.37 43.82 35.09
C VAL I 115 -41.83 44.01 35.43
N PHE I 116 -42.41 43.03 36.14
CA PHE I 116 -43.78 43.10 36.61
C PHE I 116 -43.81 42.64 38.06
N ILE I 117 -44.71 43.20 38.86
CA ILE I 117 -44.86 42.78 40.25
C ILE I 117 -46.35 42.61 40.57
N PHE I 118 -46.65 41.63 41.41
CA PHE I 118 -48.03 41.22 41.67
C PHE I 118 -48.28 41.07 43.17
N PRO I 119 -49.18 41.84 43.77
CA PRO I 119 -49.51 41.63 45.18
C PRO I 119 -50.19 40.28 45.38
N PRO I 120 -50.13 39.72 46.58
CA PRO I 120 -50.81 38.45 46.82
C PRO I 120 -52.31 38.56 46.57
N SER I 121 -52.84 37.61 45.80
CA SER I 121 -54.27 37.55 45.56
C SER I 121 -55.02 37.49 46.89
N ASP I 122 -56.04 38.32 47.03
CA ASP I 122 -56.74 38.46 48.31
C ASP I 122 -57.19 37.12 48.87
N GLU I 123 -57.55 36.17 48.00
CA GLU I 123 -57.96 34.85 48.49
C GLU I 123 -56.81 34.13 49.17
N GLN I 124 -55.58 34.28 48.66
CA GLN I 124 -54.44 33.60 49.25
C GLN I 124 -54.25 33.98 50.71
N LEU I 125 -54.39 35.27 51.02
CA LEU I 125 -54.28 35.71 52.40
C LEU I 125 -55.42 35.17 53.27
N LYS I 126 -56.60 34.98 52.66
CA LYS I 126 -57.70 34.35 53.40
C LYS I 126 -57.32 32.94 53.84
N SER I 127 -56.46 32.27 53.07
CA SER I 127 -56.00 30.94 53.47
C SER I 127 -54.91 31.02 54.53
N GLY I 128 -54.15 32.10 54.58
CA GLY I 128 -53.18 32.28 55.64
C GLY I 128 -51.78 32.65 55.19
N THR I 129 -51.46 32.43 53.92
CA THR I 129 -50.13 32.73 53.40
C THR I 129 -50.23 33.75 52.28
N ALA I 130 -49.09 34.38 51.96
CA ALA I 130 -49.05 35.45 50.97
C ALA I 130 -47.84 35.27 50.07
N SER I 131 -48.07 35.30 48.76
CA SER I 131 -46.99 35.12 47.78
C SER I 131 -46.98 36.32 46.83
N VAL I 132 -45.90 37.09 46.86
CA VAL I 132 -45.68 38.19 45.94
C VAL I 132 -44.76 37.70 44.83
N VAL I 133 -45.20 37.85 43.58
CA VAL I 133 -44.47 37.35 42.41
C VAL I 133 -43.90 38.53 41.63
N CYS I 134 -42.61 38.45 41.33
CA CYS I 134 -41.90 39.46 40.55
C CYS I 134 -41.45 38.81 39.25
N LEU I 135 -41.97 39.31 38.12
CA LEU I 135 -41.77 38.68 36.83
C LEU I 135 -40.80 39.50 35.98
N LEU I 136 -39.79 38.84 35.42
CA LEU I 136 -38.88 39.42 34.44
C LEU I 136 -39.11 38.69 33.12
N ASN I 137 -39.48 39.43 32.08
CA ASN I 137 -39.94 38.80 30.85
C ASN I 137 -39.01 39.11 29.68
N ASN I 138 -38.62 38.06 28.96
CA ASN I 138 -37.94 38.17 27.67
C ASN I 138 -36.66 38.99 27.76
N PHE I 139 -35.70 38.45 28.50
CA PHE I 139 -34.40 39.09 28.66
C PHE I 139 -33.28 38.16 28.17
N TYR I 140 -32.18 38.78 27.77
CA TYR I 140 -30.96 38.07 27.44
C TYR I 140 -29.81 38.99 27.83
N PRO I 141 -28.74 38.44 28.42
CA PRO I 141 -28.52 37.03 28.73
C PRO I 141 -29.16 36.57 30.04
N ARG I 142 -28.82 35.33 30.44
CA ARG I 142 -29.47 34.70 31.58
C ARG I 142 -29.10 35.35 32.91
N GLU I 143 -27.91 35.94 33.00
CA GLU I 143 -27.46 36.50 34.27
C GLU I 143 -28.35 37.66 34.69
N ALA I 144 -28.90 37.58 35.89
CA ALA I 144 -29.73 38.64 36.44
C ALA I 144 -29.77 38.51 37.94
N LYS I 145 -30.02 39.64 38.61
CA LYS I 145 -30.11 39.68 40.07
C LYS I 145 -31.44 40.31 40.47
N VAL I 146 -32.15 39.66 41.37
CA VAL I 146 -33.44 40.13 41.86
C VAL I 146 -33.36 40.27 43.37
N GLN I 147 -33.61 41.48 43.87
CA GLN I 147 -33.56 41.77 45.30
C GLN I 147 -34.92 42.24 45.78
N TRP I 148 -35.41 41.63 46.85
CA TRP I 148 -36.68 42.01 47.46
C TRP I 148 -36.44 43.03 48.57
N LYS I 149 -37.24 44.08 48.60
CA LYS I 149 -37.21 45.06 49.67
C LYS I 149 -38.63 45.29 50.16
N VAL I 150 -38.84 45.10 51.46
CA VAL I 150 -40.12 45.35 52.10
C VAL I 150 -39.91 46.49 53.10
N ASP I 151 -40.54 47.64 52.84
CA ASP I 151 -40.29 48.86 53.60
C ASP I 151 -38.80 49.17 53.67
N ASN I 152 -38.15 49.13 52.51
CA ASN I 152 -36.72 49.37 52.33
C ASN I 152 -35.83 48.39 53.06
N ALA I 153 -36.38 47.33 53.63
CA ALA I 153 -35.58 46.31 54.31
C ALA I 153 -35.30 45.17 53.36
N LEU I 154 -34.01 44.90 53.11
CA LEU I 154 -33.63 43.84 52.18
C LEU I 154 -33.94 42.48 52.79
N GLN I 155 -34.55 41.61 52.00
CA GLN I 155 -34.97 40.28 52.44
C GLN I 155 -33.94 39.23 52.03
N SER I 156 -33.98 38.09 52.72
CA SER I 156 -33.05 37.01 52.44
C SER I 156 -33.64 35.70 52.94
N GLY I 157 -33.57 34.66 52.11
CA GLY I 157 -33.98 33.33 52.51
C GLY I 157 -35.46 33.07 52.45
N ASN I 158 -36.27 33.98 51.89
CA ASN I 158 -37.71 33.80 51.83
C ASN I 158 -38.23 34.00 50.40
N SER I 159 -37.39 33.72 49.40
CA SER I 159 -37.77 33.87 48.01
C SER I 159 -37.16 32.75 47.18
N GLN I 160 -37.87 32.35 46.12
CA GLN I 160 -37.42 31.32 45.21
C GLN I 160 -37.50 31.84 43.78
N GLU I 161 -36.51 31.47 42.96
CA GLU I 161 -36.46 31.87 41.57
C GLU I 161 -36.67 30.67 40.66
N SER I 162 -37.22 30.94 39.47
CA SER I 162 -37.43 29.90 38.47
C SER I 162 -37.24 30.52 37.10
N VAL I 163 -36.43 29.87 36.26
CA VAL I 163 -36.08 30.39 34.95
C VAL I 163 -36.52 29.38 33.89
N THR I 164 -37.04 29.89 32.78
CA THR I 164 -37.37 29.05 31.64
C THR I 164 -36.15 28.84 30.76
N GLU I 165 -36.21 27.80 29.93
CA GLU I 165 -35.18 27.63 28.91
C GLU I 165 -35.35 28.69 27.84
N GLN I 166 -34.35 28.77 26.94
CA GLN I 166 -34.39 29.76 25.88
C GLN I 166 -35.64 29.56 25.02
N ASP I 167 -36.33 30.66 24.74
CA ASP I 167 -37.55 30.59 23.94
C ASP I 167 -37.24 30.17 22.51
N SER I 168 -38.19 29.43 21.92
CA SER I 168 -37.97 28.87 20.60
C SER I 168 -37.86 29.94 19.52
N LYS I 169 -38.54 31.08 19.69
CA LYS I 169 -38.53 32.11 18.66
C LYS I 169 -37.46 33.18 18.90
N ASP I 170 -37.53 33.88 20.02
CA ASP I 170 -36.65 35.02 20.26
C ASP I 170 -35.42 34.67 21.10
N SER I 171 -35.34 33.43 21.61
CA SER I 171 -34.17 32.96 22.34
C SER I 171 -33.87 33.78 23.59
N THR I 172 -34.90 34.32 24.22
CA THR I 172 -34.77 35.05 25.47
C THR I 172 -35.13 34.15 26.65
N TYR I 173 -34.88 34.66 27.85
CA TYR I 173 -35.23 33.96 29.08
C TYR I 173 -36.35 34.69 29.80
N SER I 174 -36.97 34.00 30.75
CA SER I 174 -37.97 34.59 31.62
C SER I 174 -37.75 34.04 33.03
N LEU I 175 -37.94 34.90 34.04
CA LEU I 175 -37.64 34.54 35.41
C LEU I 175 -38.78 34.96 36.32
N SER I 176 -39.07 34.14 37.32
CA SER I 176 -40.10 34.44 38.30
C SER I 176 -39.52 34.26 39.70
N SER I 177 -39.54 35.33 40.49
CA SER I 177 -39.12 35.31 41.88
C SER I 177 -40.33 35.46 42.77
N THR I 178 -40.49 34.53 43.71
CA THR I 178 -41.69 34.47 44.55
C THR I 178 -41.29 34.66 46.01
N LEU I 179 -41.66 35.80 46.58
CA LEU I 179 -41.46 36.08 47.99
C LEU I 179 -42.64 35.54 48.77
N THR I 180 -42.38 34.63 49.71
CA THR I 180 -43.42 33.96 50.47
C THR I 180 -43.36 34.40 51.94
N LEU I 181 -44.50 34.85 52.46
CA LEU I 181 -44.61 35.28 53.85
C LEU I 181 -45.92 34.77 54.41
N SER I 182 -46.02 34.80 55.74
CA SER I 182 -47.30 34.55 56.38
C SER I 182 -48.19 35.78 56.28
N LYS I 183 -49.50 35.56 56.39
CA LYS I 183 -50.44 36.67 56.33
C LYS I 183 -50.16 37.68 57.44
N ALA I 184 -49.75 37.19 58.61
CA ALA I 184 -49.42 38.08 59.71
C ALA I 184 -48.21 38.94 59.38
N ASP I 185 -47.16 38.32 58.83
CA ASP I 185 -45.97 39.08 58.43
C ASP I 185 -46.28 40.05 57.30
N TYR I 186 -47.18 39.65 56.40
CA TYR I 186 -47.45 40.47 55.21
C TYR I 186 -48.19 41.74 55.58
N GLU I 187 -49.12 41.67 56.53
CA GLU I 187 -49.91 42.83 56.90
C GLU I 187 -49.14 43.83 57.75
N LYS I 188 -47.95 43.48 58.23
CA LYS I 188 -47.21 44.38 59.09
C LYS I 188 -46.57 45.54 58.33
N HIS I 189 -46.40 45.42 57.02
CA HIS I 189 -45.63 46.39 56.25
C HIS I 189 -46.45 46.93 55.09
N LYS I 190 -45.92 47.98 54.46
CA LYS I 190 -46.67 48.77 53.48
C LYS I 190 -46.15 48.55 52.06
N VAL I 191 -44.93 49.01 51.75
CA VAL I 191 -44.43 48.98 50.39
C VAL I 191 -43.66 47.67 50.16
N TYR I 192 -43.91 47.05 49.01
CA TYR I 192 -43.25 45.82 48.61
C TYR I 192 -42.62 46.02 47.24
N ALA I 193 -41.30 45.89 47.16
CA ALA I 193 -40.56 46.17 45.94
C ALA I 193 -39.61 45.04 45.62
N CYS I 194 -39.40 44.80 44.33
CA CYS I 194 -38.35 43.92 43.84
C CYS I 194 -37.46 44.71 42.90
N GLU I 195 -36.17 44.72 43.18
CA GLU I 195 -35.19 45.48 42.41
C GLU I 195 -34.43 44.53 41.49
N VAL I 196 -34.36 44.89 40.21
CA VAL I 196 -33.76 44.04 39.18
C VAL I 196 -32.54 44.75 38.61
N THR I 197 -31.40 44.06 38.60
CA THR I 197 -30.18 44.54 37.98
C THR I 197 -29.81 43.61 36.84
N HIS I 198 -29.56 44.18 35.66
CA HIS I 198 -29.29 43.37 34.47
C HIS I 198 -28.37 44.14 33.54
N GLN I 199 -27.75 43.39 32.63
CA GLN I 199 -26.80 43.97 31.68
C GLN I 199 -27.47 44.98 30.77
N GLY I 200 -28.76 44.83 30.53
CA GLY I 200 -29.50 45.64 29.58
C GLY I 200 -30.00 46.98 30.05
N LEU I 201 -29.58 47.44 31.23
CA LEU I 201 -29.99 48.76 31.70
C LEU I 201 -28.82 49.42 32.42
N SER I 202 -28.71 50.74 32.26
CA SER I 202 -27.61 51.47 32.88
C SER I 202 -27.79 51.59 34.39
N SER I 203 -29.00 51.42 34.89
CA SER I 203 -29.27 51.49 36.32
C SER I 203 -30.41 50.56 36.66
N PRO I 204 -30.37 49.92 37.83
CA PRO I 204 -31.41 48.95 38.22
C PRO I 204 -32.81 49.55 38.17
N VAL I 205 -33.77 48.70 37.85
CA VAL I 205 -35.19 49.07 37.77
C VAL I 205 -35.91 48.48 38.97
N THR I 206 -36.77 49.28 39.59
CA THR I 206 -37.55 48.86 40.74
C THR I 206 -39.04 49.00 40.44
N LYS I 207 -39.78 47.93 40.65
CA LYS I 207 -41.24 47.95 40.54
C LYS I 207 -41.83 47.59 41.90
N SER I 208 -42.74 48.43 42.39
CA SER I 208 -43.27 48.27 43.74
C SER I 208 -44.77 48.53 43.74
N PHE I 209 -45.40 48.14 44.86
CA PHE I 209 -46.81 48.42 45.10
C PHE I 209 -46.99 48.69 46.59
N ASN I 210 -48.12 49.30 46.92
CA ASN I 210 -48.50 49.57 48.29
C ASN I 210 -49.62 48.62 48.70
N ARG I 211 -49.44 47.95 49.83
CA ARG I 211 -50.42 46.96 50.29
C ARG I 211 -51.76 47.61 50.58
N GLY I 212 -52.82 47.01 50.04
CA GLY I 212 -54.15 47.56 50.21
C GLY I 212 -54.42 48.78 49.38
N GLU I 213 -53.63 49.04 48.35
CA GLU I 213 -53.83 50.19 47.48
C GLU I 213 -53.55 49.76 46.05
N CYS I 214 -54.49 50.03 45.16
CA CYS I 214 -54.41 49.53 43.79
C CYS I 214 -54.51 50.65 42.75
N GLN J 1 15.90 7.76 77.29
CA GLN J 1 15.63 6.93 78.44
C GLN J 1 15.37 5.50 78.03
N VAL J 2 15.60 5.23 76.76
CA VAL J 2 15.70 3.85 76.31
C VAL J 2 16.97 3.30 76.89
N GLN J 3 16.92 2.07 77.36
CA GLN J 3 18.01 1.54 78.14
C GLN J 3 18.14 0.07 78.01
N LEU J 4 19.38 -0.39 78.01
CA LEU J 4 19.71 -1.80 78.07
C LEU J 4 20.65 -2.03 79.24
N VAL J 5 20.34 -3.01 80.08
CA VAL J 5 21.11 -3.29 81.29
C VAL J 5 21.50 -4.77 81.28
N GLN J 6 22.80 -5.04 81.34
CA GLN J 6 23.30 -6.39 81.20
C GLN J 6 23.63 -7.01 82.54
N SER J 7 23.78 -8.34 82.54
CA SER J 7 24.10 -9.07 83.73
C SER J 7 25.58 -8.87 84.11
N GLY J 8 25.93 -9.32 85.31
CA GLY J 8 27.22 -9.04 85.86
C GLY J 8 28.34 -9.83 85.20
N PRO J 9 29.57 -9.52 85.58
CA PRO J 9 30.73 -10.22 85.01
C PRO J 9 30.78 -11.68 85.41
N GLU J 10 31.34 -12.50 84.51
CA GLU J 10 31.43 -13.93 84.68
C GLU J 10 32.87 -14.39 84.46
N VAL J 11 33.24 -15.46 85.14
CA VAL J 11 34.55 -16.10 84.97
C VAL J 11 34.33 -17.58 84.74
N LYS J 12 34.80 -18.09 83.61
CA LYS J 12 34.56 -19.47 83.22
C LYS J 12 35.86 -20.15 82.80
N LYS J 13 35.84 -21.46 82.85
CA LYS J 13 36.96 -22.29 82.43
C LYS J 13 36.67 -22.93 81.08
N PRO J 14 37.70 -23.30 80.32
CA PRO J 14 37.48 -23.81 78.97
C PRO J 14 36.53 -25.00 78.94
N GLY J 15 35.66 -25.02 77.93
CA GLY J 15 34.68 -26.07 77.79
C GLY J 15 33.35 -25.80 78.45
N ALA J 16 33.22 -24.70 79.20
CA ALA J 16 31.99 -24.39 79.90
C ALA J 16 31.06 -23.58 78.99
N SER J 17 29.93 -23.16 79.57
CA SER J 17 28.97 -22.31 78.88
C SER J 17 28.67 -21.10 79.75
N VAL J 18 28.28 -20.00 79.10
CA VAL J 18 27.96 -18.77 79.80
C VAL J 18 26.69 -18.19 79.21
N LYS J 19 25.92 -17.51 80.06
CA LYS J 19 24.65 -16.91 79.64
C LYS J 19 24.62 -15.46 80.10
N VAL J 20 24.47 -14.55 79.14
CA VAL J 20 24.40 -13.12 79.38
C VAL J 20 22.99 -12.65 79.06
N SER J 21 22.47 -11.72 79.86
CA SER J 21 21.11 -11.23 79.72
C SER J 21 21.11 -9.72 79.46
N CYS J 22 20.17 -9.27 78.63
CA CYS J 22 19.94 -7.86 78.39
C CYS J 22 18.50 -7.52 78.71
N LYS J 23 18.30 -6.62 79.67
CA LYS J 23 16.99 -6.21 80.14
C LYS J 23 16.70 -4.83 79.59
N ALA J 24 15.61 -4.70 78.83
CA ALA J 24 15.30 -3.47 78.12
C ALA J 24 14.18 -2.69 78.81
N SER J 25 14.25 -1.38 78.66
CA SER J 25 13.21 -0.50 79.17
C SER J 25 13.13 0.73 78.27
N GLY J 26 11.97 1.40 78.32
CA GLY J 26 11.78 2.64 77.59
C GLY J 26 11.27 2.49 76.18
N TYR J 27 11.06 1.27 75.70
CA TYR J 27 10.53 1.08 74.36
C TYR J 27 9.82 -0.26 74.29
N SER J 28 9.15 -0.50 73.17
CA SER J 28 8.42 -1.73 72.95
C SER J 28 9.40 -2.83 72.57
N PHE J 29 9.62 -3.77 73.50
CA PHE J 29 10.64 -4.79 73.30
C PHE J 29 10.30 -5.69 72.12
N SER J 30 9.02 -5.98 71.91
CA SER J 30 8.62 -6.92 70.87
C SER J 30 8.61 -6.33 69.48
N ARG J 31 8.84 -5.02 69.34
CA ARG J 31 8.86 -4.38 68.04
C ARG J 31 10.28 -4.12 67.54
N TYR J 32 11.29 -4.65 68.22
CA TYR J 32 12.67 -4.51 67.79
C TYR J 32 13.39 -5.84 67.99
N GLY J 33 14.66 -5.86 67.57
CA GLY J 33 15.54 -6.98 67.81
C GLY J 33 16.70 -6.56 68.69
N ILE J 34 17.62 -7.51 68.89
CA ILE J 34 18.80 -7.26 69.70
C ILE J 34 19.99 -7.96 69.07
N SER J 35 21.05 -7.19 68.81
CA SER J 35 22.30 -7.71 68.30
C SER J 35 23.30 -7.85 69.42
N TRP J 36 24.22 -8.79 69.27
CA TRP J 36 25.26 -9.03 70.25
C TRP J 36 26.62 -8.78 69.62
N VAL J 37 27.42 -7.94 70.27
CA VAL J 37 28.74 -7.56 69.80
C VAL J 37 29.72 -7.76 70.95
N ARG J 38 30.89 -8.28 70.64
CA ARG J 38 31.92 -8.51 71.65
C ARG J 38 33.20 -7.79 71.26
N GLN J 39 34.03 -7.50 72.26
CA GLN J 39 35.29 -6.80 72.06
C GLN J 39 36.36 -7.44 72.95
N ALA J 40 37.34 -8.10 72.32
CA ALA J 40 38.46 -8.65 73.06
C ALA J 40 39.33 -7.51 73.61
N PRO J 41 40.07 -7.77 74.69
CA PRO J 41 40.88 -6.70 75.29
C PRO J 41 41.87 -6.12 74.29
N GLY J 42 41.78 -4.81 74.08
CA GLY J 42 42.67 -4.14 73.14
C GLY J 42 42.40 -4.51 71.70
N GLN J 43 41.14 -4.76 71.35
CA GLN J 43 40.78 -5.24 70.03
C GLN J 43 39.56 -4.47 69.54
N GLY J 44 39.14 -4.78 68.31
CA GLY J 44 37.98 -4.16 67.71
C GLY J 44 36.69 -4.86 68.10
N LEU J 45 35.62 -4.45 67.43
CA LEU J 45 34.28 -4.96 67.70
C LEU J 45 33.91 -6.06 66.71
N GLU J 46 33.27 -7.11 67.23
CA GLU J 46 32.91 -8.27 66.43
C GLU J 46 31.45 -8.63 66.68
N TRP J 47 30.71 -8.85 65.60
CA TRP J 47 29.30 -9.17 65.68
C TRP J 47 29.10 -10.68 65.87
N LEU J 48 28.29 -11.04 66.86
CA LEU J 48 27.93 -12.44 67.11
C LEU J 48 26.64 -12.84 66.42
N GLY J 49 25.56 -12.10 66.64
CA GLY J 49 24.29 -12.48 66.06
C GLY J 49 23.20 -11.48 66.36
N TRP J 50 21.98 -11.87 66.01
CA TRP J 50 20.81 -11.01 66.16
C TRP J 50 19.60 -11.89 66.42
N ILE J 51 18.72 -11.43 67.29
CA ILE J 51 17.46 -12.12 67.56
C ILE J 51 16.34 -11.10 67.52
N SER J 52 15.23 -11.48 66.88
CA SER J 52 14.05 -10.63 66.82
C SER J 52 13.29 -10.69 68.13
N GLY J 53 12.79 -9.54 68.59
CA GLY J 53 11.84 -9.56 69.69
C GLY J 53 10.43 -9.87 69.27
N TYR J 54 10.16 -9.76 67.97
CA TYR J 54 8.83 -10.03 67.42
C TYR J 54 8.66 -11.51 67.13
N THR J 55 9.61 -12.10 66.41
CA THR J 55 9.65 -13.53 66.16
C THR J 55 10.78 -14.14 66.97
N GLY J 56 10.87 -15.46 66.93
CA GLY J 56 12.04 -16.06 67.53
C GLY J 56 13.26 -16.02 66.66
N ASN J 57 13.17 -15.38 65.49
CA ASN J 57 14.15 -15.57 64.43
C ASN J 57 15.52 -15.06 64.85
N THR J 58 16.55 -15.78 64.42
CA THR J 58 17.93 -15.47 64.77
C THR J 58 18.79 -15.48 63.53
N ASN J 59 19.92 -14.75 63.62
CA ASN J 59 20.97 -14.79 62.63
C ASN J 59 22.29 -14.87 63.36
N TYR J 60 23.06 -15.93 63.13
CA TYR J 60 24.36 -16.10 63.76
C TYR J 60 25.46 -15.95 62.74
N ALA J 61 26.55 -15.29 63.13
CA ALA J 61 27.74 -15.28 62.29
C ALA J 61 28.25 -16.70 62.12
N GLN J 62 28.86 -16.96 60.95
CA GLN J 62 29.23 -18.33 60.60
C GLN J 62 30.20 -18.93 61.61
N LYS J 63 31.00 -18.11 62.27
CA LYS J 63 32.03 -18.63 63.15
C LYS J 63 31.49 -19.11 64.49
N PHE J 64 30.29 -18.69 64.88
CA PHE J 64 29.69 -19.13 66.14
C PHE J 64 28.53 -20.09 65.95
N GLN J 65 28.24 -20.51 64.70
CA GLN J 65 26.98 -21.15 64.35
C GLN J 65 26.50 -22.18 65.37
N GLY J 66 27.31 -23.21 65.61
CA GLY J 66 26.88 -24.26 66.52
C GLY J 66 27.09 -23.97 67.99
N ARG J 67 27.83 -22.92 68.33
CA ARG J 67 28.25 -22.68 69.71
C ARG J 67 27.37 -21.70 70.46
N VAL J 68 26.50 -20.96 69.77
CA VAL J 68 25.76 -19.88 70.39
C VAL J 68 24.26 -20.10 70.20
N THR J 69 23.49 -19.72 71.21
CA THR J 69 22.04 -19.79 71.18
C THR J 69 21.49 -18.52 71.82
N MET J 70 20.62 -17.83 71.09
CA MET J 70 20.01 -16.60 71.58
C MET J 70 18.53 -16.84 71.81
N THR J 71 18.05 -16.41 72.97
CA THR J 71 16.66 -16.54 73.34
C THR J 71 16.11 -15.17 73.68
N THR J 72 14.79 -15.05 73.66
CA THR J 72 14.13 -13.79 73.97
C THR J 72 12.88 -14.07 74.78
N ASP J 73 12.57 -13.18 75.72
CA ASP J 73 11.40 -13.32 76.59
C ASP J 73 10.62 -12.01 76.61
N THR J 74 9.40 -12.03 76.10
CA THR J 74 8.63 -10.80 75.97
C THR J 74 8.09 -10.33 77.32
N SER J 75 7.77 -11.27 78.22
CA SER J 75 7.26 -10.88 79.53
C SER J 75 8.31 -10.16 80.35
N THR J 76 9.57 -10.59 80.25
CA THR J 76 10.65 -9.97 80.98
C THR J 76 11.23 -8.75 80.27
N SER J 77 10.94 -8.58 78.98
CA SER J 77 11.65 -7.64 78.13
C SER J 77 13.15 -7.88 78.23
N THR J 78 13.52 -9.16 78.12
CA THR J 78 14.90 -9.60 78.33
C THR J 78 15.34 -10.48 77.18
N ALA J 79 16.55 -10.22 76.68
CA ALA J 79 17.19 -11.05 75.68
C ALA J 79 18.42 -11.71 76.28
N SER J 80 18.67 -12.95 75.90
CA SER J 80 19.78 -13.72 76.44
C SER J 80 20.60 -14.33 75.33
N MET J 81 21.91 -14.47 75.59
CA MET J 81 22.84 -15.08 74.66
C MET J 81 23.66 -16.12 75.41
N GLU J 82 23.67 -17.34 74.90
CA GLU J 82 24.43 -18.43 75.50
C GLU J 82 25.55 -18.83 74.55
N LEU J 83 26.78 -18.84 75.06
CA LEU J 83 27.94 -19.29 74.31
C LEU J 83 28.49 -20.55 74.94
N ARG J 84 28.67 -21.58 74.14
CA ARG J 84 29.07 -22.90 74.61
C ARG J 84 30.48 -23.24 74.13
N SER J 85 31.08 -24.21 74.82
CA SER J 85 32.44 -24.68 74.52
C SER J 85 33.44 -23.53 74.54
N LEU J 86 33.45 -22.80 75.65
CA LEU J 86 34.22 -21.57 75.74
C LEU J 86 35.71 -21.85 75.60
N ARG J 87 36.39 -21.01 74.83
CA ARG J 87 37.83 -21.08 74.61
C ARG J 87 38.48 -19.81 75.12
N SER J 88 39.81 -19.81 75.09
CA SER J 88 40.55 -18.69 75.68
C SER J 88 40.28 -17.39 74.96
N ASP J 89 40.21 -17.42 73.64
CA ASP J 89 39.97 -16.21 72.86
C ASP J 89 38.51 -15.77 72.86
N ASP J 90 37.64 -16.44 73.63
CA ASP J 90 36.31 -15.92 73.89
C ASP J 90 36.29 -14.88 75.00
N THR J 91 37.44 -14.59 75.61
CA THR J 91 37.53 -13.58 76.65
C THR J 91 37.32 -12.21 76.02
N ALA J 92 36.23 -11.54 76.40
CA ALA J 92 35.89 -10.26 75.82
C ALA J 92 34.82 -9.61 76.67
N VAL J 93 34.57 -8.33 76.40
CA VAL J 93 33.38 -7.65 76.91
C VAL J 93 32.26 -7.88 75.91
N TYR J 94 31.13 -8.35 76.41
CA TYR J 94 30.00 -8.69 75.55
C TYR J 94 28.91 -7.63 75.68
N TYR J 95 28.53 -7.06 74.54
CA TYR J 95 27.54 -6.00 74.50
C TYR J 95 26.29 -6.49 73.76
N CYS J 96 25.15 -5.97 74.17
CA CYS J 96 23.95 -6.07 73.37
C CYS J 96 23.51 -4.68 72.95
N ALA J 97 22.68 -4.62 71.91
CA ALA J 97 22.21 -3.35 71.41
C ALA J 97 20.90 -3.57 70.68
N ARG J 98 19.99 -2.60 70.79
CA ARG J 98 18.74 -2.66 70.04
C ARG J 98 19.03 -2.53 68.55
N ASP J 99 18.44 -3.42 67.75
CA ASP J 99 18.76 -3.50 66.32
C ASP J 99 17.54 -3.95 65.55
N LYS J 100 17.18 -3.19 64.52
CA LYS J 100 16.16 -3.54 63.53
C LYS J 100 14.73 -3.50 64.08
N LYS J 101 13.92 -2.57 63.58
CA LYS J 101 12.51 -2.53 63.92
C LYS J 101 11.77 -3.70 63.27
N GLN J 102 10.76 -4.21 63.97
CA GLN J 102 10.02 -5.38 63.52
C GLN J 102 8.53 -5.08 63.56
N GLY J 103 7.77 -5.93 62.88
CA GLY J 103 6.33 -5.84 62.92
C GLY J 103 5.71 -4.85 61.98
N GLU J 104 6.52 -4.14 61.18
CA GLU J 104 5.99 -3.18 60.22
C GLU J 104 7.02 -2.95 59.12
N VAL J 105 6.51 -2.62 57.93
CA VAL J 105 7.37 -2.24 56.82
C VAL J 105 8.02 -0.90 57.12
N VAL J 106 9.31 -0.80 56.81
CA VAL J 106 10.09 0.39 57.14
C VAL J 106 10.88 0.83 55.92
N LEU J 107 10.95 2.14 55.72
CA LEU J 107 11.89 2.70 54.77
C LEU J 107 13.30 2.57 55.34
N PRO J 108 14.32 2.58 54.47
CA PRO J 108 15.70 2.42 54.95
C PRO J 108 16.10 3.37 56.07
N ALA J 109 15.77 4.65 55.96
CA ALA J 109 16.14 5.61 56.99
C ALA J 109 15.30 5.46 58.26
N ALA J 110 14.24 4.66 58.22
CA ALA J 110 13.43 4.38 59.40
C ALA J 110 13.51 2.92 59.82
N SER J 111 14.54 2.20 59.36
CA SER J 111 14.64 0.76 59.54
C SER J 111 15.26 0.35 60.88
N PHE J 112 15.99 1.26 61.54
CA PHE J 112 16.72 0.96 62.76
C PHE J 112 17.75 -0.15 62.55
N ARG J 113 18.31 -0.24 61.35
CA ARG J 113 19.45 -1.11 61.09
C ARG J 113 20.74 -0.44 61.58
N TRP J 114 20.76 -0.17 62.88
CA TRP J 114 21.91 0.40 63.56
C TRP J 114 21.81 0.02 65.04
N PHE J 115 22.94 0.04 65.72
CA PHE J 115 23.03 -0.44 67.11
C PHE J 115 22.86 0.74 68.05
N ALA J 116 21.68 0.83 68.67
CA ALA J 116 21.38 1.87 69.64
C ALA J 116 20.05 1.61 70.33
N PRO J 117 20.03 1.68 71.67
CA PRO J 117 21.19 1.94 72.52
C PRO J 117 22.01 0.69 72.77
N TRP J 118 23.15 0.84 73.45
CA TRP J 118 24.01 -0.28 73.83
C TRP J 118 23.89 -0.53 75.32
N GLY J 119 24.11 -1.78 75.70
CA GLY J 119 24.24 -2.12 77.10
C GLY J 119 25.57 -1.66 77.65
N GLN J 120 25.69 -1.70 78.98
CA GLN J 120 26.93 -1.27 79.61
C GLN J 120 28.06 -2.25 79.38
N GLY J 121 27.74 -3.49 79.03
CA GLY J 121 28.76 -4.48 78.76
C GLY J 121 28.83 -5.53 79.85
N THR J 122 29.20 -6.75 79.46
CA THR J 122 29.37 -7.87 80.38
C THR J 122 30.73 -8.49 80.10
N LEU J 123 31.59 -8.51 81.12
CA LEU J 123 32.94 -9.03 80.97
C LEU J 123 32.94 -10.53 81.26
N VAL J 124 33.27 -11.33 80.25
CA VAL J 124 33.38 -12.77 80.40
C VAL J 124 34.84 -13.14 80.24
N THR J 125 35.38 -13.83 81.23
CA THR J 125 36.79 -14.22 81.24
C THR J 125 36.90 -15.73 81.18
N VAL J 126 37.69 -16.23 80.24
CA VAL J 126 37.89 -17.66 80.04
C VAL J 126 39.37 -17.97 80.27
N SER J 127 39.65 -18.74 81.32
CA SER J 127 41.01 -19.12 81.63
C SER J 127 41.01 -20.40 82.45
N SER J 128 41.96 -21.28 82.16
CA SER J 128 42.23 -22.43 83.03
C SER J 128 43.05 -21.91 84.20
N ALA J 129 42.35 -21.26 85.12
CA ALA J 129 43.00 -20.59 86.24
C ALA J 129 42.00 -20.49 87.39
N SER J 130 42.51 -20.11 88.55
CA SER J 130 41.70 -19.97 89.75
C SER J 130 41.93 -18.61 90.36
N THR J 131 40.96 -18.17 91.17
CA THR J 131 41.06 -16.88 91.86
C THR J 131 42.32 -16.83 92.69
N LYS J 132 43.17 -15.84 92.44
CA LYS J 132 44.49 -15.77 93.04
C LYS J 132 44.76 -14.36 93.53
N GLY J 133 45.30 -14.26 94.74
CA GLY J 133 45.55 -12.98 95.37
C GLY J 133 46.79 -12.30 94.83
N PRO J 134 46.78 -10.97 94.81
CA PRO J 134 47.96 -10.24 94.34
C PRO J 134 49.17 -10.43 95.25
N SER J 135 50.35 -10.27 94.66
CA SER J 135 51.60 -10.16 95.39
C SER J 135 52.21 -8.82 95.04
N VAL J 136 52.51 -8.01 96.06
CA VAL J 136 52.95 -6.64 95.86
C VAL J 136 54.40 -6.53 96.29
N PHE J 137 55.26 -6.09 95.36
CA PHE J 137 56.66 -5.87 95.63
C PHE J 137 57.03 -4.43 95.33
N PRO J 138 57.89 -3.82 96.13
CA PRO J 138 58.17 -2.39 95.98
C PRO J 138 59.16 -2.12 94.85
N LEU J 139 58.96 -0.97 94.20
CA LEU J 139 59.90 -0.44 93.22
C LEU J 139 60.57 0.75 93.89
N ALA J 140 61.70 0.49 94.55
CA ALA J 140 62.36 1.48 95.38
C ALA J 140 63.08 2.53 94.52
N PRO J 141 63.20 3.76 95.04
CA PRO J 141 63.98 4.79 94.33
C PRO J 141 65.46 4.42 94.32
N SER J 142 66.00 4.22 93.13
CA SER J 142 67.34 3.71 92.94
C SER J 142 68.32 4.86 92.70
N SER J 143 69.49 4.53 92.15
CA SER J 143 70.48 5.50 91.66
C SER J 143 70.90 6.51 92.72
N LYS J 144 71.57 7.57 92.28
CA LYS J 144 71.90 8.70 93.15
C LYS J 144 70.66 9.58 93.23
N SER J 145 69.77 9.22 94.17
CA SER J 145 68.48 9.87 94.34
C SER J 145 67.64 9.77 93.07
N THR J 146 67.89 8.71 92.32
CA THR J 146 67.00 8.23 91.26
C THR J 146 66.99 9.20 90.08
N SER J 147 66.66 10.46 90.38
CA SER J 147 66.71 11.56 89.44
C SER J 147 67.30 12.75 90.19
N GLY J 148 67.80 13.75 89.47
CA GLY J 148 68.49 14.86 90.12
C GLY J 148 67.63 15.64 91.10
N GLY J 149 66.39 15.93 90.71
CA GLY J 149 65.45 16.49 91.66
C GLY J 149 64.14 15.75 91.69
N THR J 150 63.97 14.80 90.77
CA THR J 150 62.74 14.02 90.66
C THR J 150 63.08 12.53 90.75
N ALA J 151 62.36 11.82 91.61
CA ALA J 151 62.58 10.40 91.82
C ALA J 151 61.34 9.62 91.39
N ALA J 152 61.55 8.33 91.08
CA ALA J 152 60.48 7.46 90.63
C ALA J 152 60.41 6.23 91.53
N LEU J 153 59.19 5.84 91.88
CA LEU J 153 58.96 4.68 92.74
C LEU J 153 57.60 4.10 92.41
N GLY J 154 57.38 2.86 92.82
CA GLY J 154 56.11 2.24 92.51
C GLY J 154 55.93 0.90 93.21
N CYS J 155 54.81 0.27 92.90
CA CYS J 155 54.43 -1.03 93.42
C CYS J 155 54.18 -1.99 92.27
N LEU J 156 54.86 -3.13 92.28
CA LEU J 156 54.66 -4.18 91.29
C LEU J 156 53.73 -5.23 91.89
N VAL J 157 52.48 -5.25 91.43
CA VAL J 157 51.51 -6.26 91.82
C VAL J 157 51.49 -7.33 90.75
N LYS J 158 51.75 -8.57 91.14
CA LYS J 158 52.10 -9.63 90.19
C LYS J 158 51.36 -10.92 90.53
N ASP J 159 50.98 -11.65 89.46
CA ASP J 159 50.39 -12.98 89.56
C ASP J 159 49.03 -12.96 90.26
N TYR J 160 48.16 -12.03 89.83
CA TYR J 160 46.80 -11.99 90.35
C TYR J 160 45.82 -12.37 89.25
N PHE J 161 44.68 -12.90 89.68
CA PHE J 161 43.58 -13.28 88.79
C PHE J 161 42.31 -13.34 89.61
N PRO J 162 41.18 -12.86 89.03
CA PRO J 162 41.07 -12.23 87.72
C PRO J 162 41.12 -10.70 87.81
N GLU J 163 40.93 -10.03 86.69
CA GLU J 163 40.80 -8.59 86.68
C GLU J 163 39.54 -8.19 87.45
N PRO J 164 39.57 -7.04 88.16
CA PRO J 164 40.69 -6.10 88.26
C PRO J 164 41.28 -5.95 89.65
N VAL J 165 42.30 -5.09 89.76
CA VAL J 165 42.87 -4.68 91.03
C VAL J 165 42.91 -3.15 91.03
N THR J 166 42.60 -2.55 92.18
CA THR J 166 42.67 -1.11 92.34
C THR J 166 43.93 -0.75 93.12
N VAL J 167 44.62 0.29 92.67
CA VAL J 167 45.84 0.77 93.30
C VAL J 167 45.67 2.25 93.62
N SER J 168 46.01 2.63 94.85
CA SER J 168 46.05 4.02 95.28
C SER J 168 47.33 4.24 96.05
N TRP J 169 47.66 5.52 96.30
CA TRP J 169 48.90 5.87 96.98
C TRP J 169 48.60 6.77 98.17
N ASN J 170 49.12 6.38 99.33
CA ASN J 170 48.88 7.09 100.58
C ASN J 170 47.38 7.24 100.85
N SER J 171 46.63 6.16 100.57
CA SER J 171 45.18 6.12 100.79
C SER J 171 44.46 7.21 100.00
N GLY J 172 44.89 7.42 98.75
CA GLY J 172 44.29 8.40 97.88
C GLY J 172 44.80 9.81 98.06
N ALA J 173 45.67 10.06 99.04
CA ALA J 173 46.20 11.40 99.26
C ALA J 173 47.22 11.79 98.19
N LEU J 174 47.78 10.81 97.47
CA LEU J 174 48.78 11.06 96.45
C LEU J 174 48.19 10.67 95.09
N THR J 175 48.03 11.65 94.21
CA THR J 175 47.42 11.41 92.91
C THR J 175 48.29 11.99 91.79
N SER J 176 48.97 13.10 92.06
CA SER J 176 49.78 13.74 91.04
C SER J 176 50.99 12.89 90.70
N GLY J 177 51.26 12.74 89.40
CA GLY J 177 52.37 11.97 88.92
C GLY J 177 52.17 10.48 88.92
N VAL J 178 51.01 10.00 89.36
CA VAL J 178 50.75 8.57 89.46
C VAL J 178 50.39 8.03 88.08
N HIS J 179 51.09 6.99 87.65
CA HIS J 179 50.75 6.23 86.45
C HIS J 179 50.49 4.79 86.85
N THR J 180 49.28 4.32 86.60
CA THR J 180 48.94 2.90 86.75
C THR J 180 48.76 2.30 85.37
N PHE J 181 49.58 1.32 85.05
CA PHE J 181 49.57 0.75 83.71
C PHE J 181 48.47 -0.30 83.57
N PRO J 182 47.88 -0.41 82.38
CA PRO J 182 46.90 -1.48 82.16
C PRO J 182 47.53 -2.84 82.36
N ALA J 183 46.78 -3.73 83.01
CA ALA J 183 47.30 -5.05 83.33
C ALA J 183 47.73 -5.79 82.07
N VAL J 184 48.74 -6.63 82.22
CA VAL J 184 49.21 -7.49 81.14
C VAL J 184 49.12 -8.94 81.61
N LEU J 185 48.53 -9.79 80.78
CA LEU J 185 48.32 -11.18 81.12
C LEU J 185 49.56 -11.99 80.79
N GLN J 186 50.13 -12.63 81.79
CA GLN J 186 51.37 -13.39 81.62
C GLN J 186 51.08 -14.79 81.09
N SER J 187 52.15 -15.46 80.64
CA SER J 187 52.01 -16.82 80.11
C SER J 187 51.51 -17.79 81.17
N SER J 188 51.77 -17.50 82.45
CA SER J 188 51.25 -18.32 83.53
C SER J 188 49.73 -18.27 83.61
N GLY J 189 49.10 -17.34 82.89
CA GLY J 189 47.67 -17.14 82.97
C GLY J 189 47.23 -16.16 84.03
N LEU J 190 48.16 -15.63 84.82
CA LEU J 190 47.86 -14.68 85.86
C LEU J 190 48.28 -13.28 85.42
N TYR J 191 47.53 -12.28 85.86
CA TYR J 191 47.77 -10.93 85.43
C TYR J 191 48.88 -10.28 86.25
N SER J 192 49.50 -9.26 85.67
CA SER J 192 50.52 -8.48 86.34
C SER J 192 50.30 -7.01 86.02
N LEU J 193 50.73 -6.14 86.94
CA LEU J 193 50.46 -4.72 86.82
C LEU J 193 51.50 -3.95 87.61
N SER J 194 51.79 -2.74 87.17
CA SER J 194 52.70 -1.84 87.86
C SER J 194 52.07 -0.46 87.98
N SER J 195 52.29 0.19 89.12
CA SER J 195 51.82 1.54 89.36
C SER J 195 52.98 2.36 89.89
N VAL J 196 53.32 3.43 89.20
CA VAL J 196 54.49 4.24 89.53
C VAL J 196 54.05 5.68 89.79
N VAL J 197 54.90 6.41 90.51
CA VAL J 197 54.66 7.81 90.82
C VAL J 197 56.00 8.52 90.91
N THR J 198 56.08 9.72 90.33
CA THR J 198 57.27 10.55 90.39
C THR J 198 57.10 11.61 91.48
N VAL J 199 58.09 11.71 92.36
CA VAL J 199 58.04 12.63 93.50
C VAL J 199 59.34 13.41 93.55
N PRO J 200 59.36 14.54 94.26
CA PRO J 200 60.61 15.27 94.43
C PRO J 200 61.65 14.43 95.16
N SER J 201 62.90 14.53 94.69
CA SER J 201 63.96 13.70 95.25
C SER J 201 64.28 14.09 96.68
N SER J 202 64.00 15.34 97.06
CA SER J 202 64.26 15.80 98.41
C SER J 202 63.22 15.28 99.42
N SER J 203 62.05 14.87 98.94
CA SER J 203 60.98 14.42 99.84
C SER J 203 61.16 12.97 100.29
N LEU J 204 62.13 12.25 99.74
CA LEU J 204 62.28 10.84 100.09
C LEU J 204 62.69 10.66 101.55
N GLY J 205 63.44 11.61 102.10
CA GLY J 205 63.85 11.53 103.49
C GLY J 205 62.79 11.91 104.50
N THR J 206 61.70 12.55 104.08
CA THR J 206 60.69 13.03 105.01
C THR J 206 59.32 12.37 104.81
N GLN J 207 58.91 12.13 103.57
CA GLN J 207 57.59 11.61 103.28
C GLN J 207 57.61 10.10 103.13
N THR J 208 56.56 9.46 103.63
CA THR J 208 56.39 8.01 103.53
C THR J 208 55.38 7.69 102.43
N TYR J 209 55.71 6.69 101.62
CA TYR J 209 54.89 6.31 100.47
C TYR J 209 54.45 4.87 100.63
N ILE J 210 53.14 4.65 100.74
CA ILE J 210 52.55 3.33 100.90
C ILE J 210 51.40 3.19 99.90
N CYS J 211 51.46 2.18 99.05
CA CYS J 211 50.43 1.95 98.06
C CYS J 211 49.39 0.98 98.60
N ASN J 212 48.13 1.18 98.20
CA ASN J 212 47.01 0.37 98.67
C ASN J 212 46.51 -0.51 97.52
N VAL J 213 46.69 -1.82 97.67
CA VAL J 213 46.33 -2.78 96.64
C VAL J 213 45.11 -3.55 97.12
N ASN J 214 44.03 -3.49 96.35
CA ASN J 214 42.77 -4.13 96.68
C ASN J 214 42.34 -5.02 95.52
N HIS J 215 42.03 -6.28 95.82
CA HIS J 215 41.57 -7.25 94.83
C HIS J 215 40.25 -7.82 95.33
N LYS J 216 39.14 -7.24 94.86
CA LYS J 216 37.83 -7.64 95.32
C LYS J 216 37.48 -9.10 95.03
N PRO J 217 37.77 -9.66 93.85
CA PRO J 217 37.42 -11.08 93.62
C PRO J 217 38.01 -12.03 94.65
N SER J 218 39.15 -11.69 95.25
CA SER J 218 39.72 -12.49 96.32
C SER J 218 39.60 -11.82 97.68
N ASN J 219 39.02 -10.62 97.73
CA ASN J 219 38.87 -9.85 98.96
C ASN J 219 40.22 -9.69 99.66
N THR J 220 41.22 -9.27 98.89
CA THR J 220 42.58 -9.10 99.38
C THR J 220 42.92 -7.61 99.43
N LYS J 221 43.44 -7.16 100.57
CA LYS J 221 43.88 -5.78 100.75
C LYS J 221 45.31 -5.79 101.24
N VAL J 222 46.23 -5.25 100.45
CA VAL J 222 47.64 -5.22 100.80
C VAL J 222 48.16 -3.79 100.70
N ASP J 223 48.93 -3.38 101.70
CA ASP J 223 49.62 -2.09 101.71
C ASP J 223 51.11 -2.36 101.78
N LYS J 224 51.88 -1.68 100.93
CA LYS J 224 53.31 -1.93 100.87
C LYS J 224 54.10 -0.65 101.08
N LYS J 225 55.16 -0.78 101.88
CA LYS J 225 56.05 0.33 102.22
C LYS J 225 57.21 0.37 101.23
N VAL J 226 57.36 1.49 100.54
CA VAL J 226 58.38 1.66 99.50
C VAL J 226 59.44 2.61 100.02
N GLU J 227 60.60 2.07 100.37
CA GLU J 227 61.72 2.83 100.91
C GLU J 227 62.96 2.54 100.09
N PRO J 228 63.82 3.55 99.89
CA PRO J 228 65.06 3.32 99.14
C PRO J 228 65.95 2.30 99.84
N LYS J 229 66.66 1.50 99.04
CA LYS J 229 67.54 0.49 99.59
C LYS J 229 68.74 1.14 100.26
N SER J 230 69.11 0.60 101.41
CA SER J 230 70.23 1.10 102.20
C SER J 230 71.32 0.03 102.22
N CYS J 231 72.56 0.47 102.02
CA CYS J 231 73.67 -0.45 101.91
C CYS J 231 75.01 0.26 102.08
N ASP K 1 32.06 -12.32 53.57
CA ASP K 1 31.84 -11.21 54.48
C ASP K 1 32.42 -9.91 53.92
N ILE K 2 31.66 -8.84 54.08
CA ILE K 2 32.06 -7.53 53.57
C ILE K 2 33.12 -6.94 54.49
N GLN K 3 34.20 -6.46 53.90
CA GLN K 3 35.33 -5.93 54.67
C GLN K 3 35.27 -4.41 54.70
N MET K 4 35.38 -3.83 55.89
CA MET K 4 35.39 -2.40 56.09
C MET K 4 36.80 -1.93 56.40
N THR K 5 37.32 -1.02 55.59
CA THR K 5 38.67 -0.49 55.74
C THR K 5 38.59 0.98 56.13
N GLN K 6 39.13 1.30 57.28
CA GLN K 6 39.11 2.64 57.78
C GLN K 6 40.48 3.22 57.61
N SER K 7 40.55 4.46 57.17
CA SER K 7 41.78 5.22 57.17
C SER K 7 41.48 6.57 57.79
N PRO K 8 42.46 7.28 58.51
CA PRO K 8 43.70 6.55 58.78
C PRO K 8 43.47 5.76 60.03
N VAL K 9 44.31 4.80 60.30
CA VAL K 9 44.19 4.03 61.51
C VAL K 9 44.37 4.97 62.69
N SER K 10 45.06 6.08 62.50
CA SER K 10 45.44 6.85 63.68
C SER K 10 45.69 8.28 63.26
N LEU K 11 45.24 9.23 64.08
CA LEU K 11 45.34 10.63 63.71
C LEU K 11 45.59 11.49 64.94
N SER K 12 46.57 12.37 64.84
CA SER K 12 46.85 13.36 65.87
C SER K 12 46.44 14.74 65.36
N ALA K 13 45.62 15.43 66.15
CA ALA K 13 45.14 16.76 65.78
C ALA K 13 44.87 17.56 67.04
N SER K 14 44.62 18.85 66.84
CA SER K 14 44.43 19.79 67.93
C SER K 14 42.97 20.18 68.07
N VAL K 15 42.65 20.78 69.22
CA VAL K 15 41.31 21.29 69.42
C VAL K 15 41.06 22.44 68.46
N GLY K 16 39.89 22.41 67.82
CA GLY K 16 39.55 23.37 66.79
C GLY K 16 39.90 22.94 65.38
N ASP K 17 40.65 21.85 65.23
CA ASP K 17 40.98 21.36 63.90
C ASP K 17 39.77 20.70 63.26
N ARG K 18 39.81 20.61 61.94
CA ARG K 18 38.78 19.95 61.15
C ARG K 18 39.36 18.65 60.59
N VAL K 19 38.76 17.53 60.97
CA VAL K 19 39.29 16.21 60.63
C VAL K 19 38.24 15.43 59.85
N THR K 20 38.72 14.51 59.02
CA THR K 20 37.84 13.64 58.26
C THR K 20 38.38 12.22 58.30
N ILE K 21 37.52 11.28 58.68
CA ILE K 21 37.85 9.86 58.67
C ILE K 21 37.21 9.23 57.44
N THR K 22 37.86 8.21 56.90
CA THR K 22 37.38 7.51 55.71
C THR K 22 37.09 6.05 56.03
N CYS K 23 36.00 5.53 55.47
CA CYS K 23 35.62 4.13 55.60
C CYS K 23 35.32 3.59 54.20
N ARG K 24 35.83 2.41 53.89
CA ARG K 24 35.67 1.82 52.57
C ARG K 24 35.12 0.41 52.70
N ALA K 25 34.20 0.06 51.80
CA ALA K 25 33.57 -1.25 51.80
C ALA K 25 33.99 -2.02 50.56
N SER K 26 34.32 -3.30 50.75
CA SER K 26 34.67 -4.15 49.63
C SER K 26 33.51 -4.33 48.66
N GLN K 27 32.29 -4.14 49.13
CA GLN K 27 31.09 -4.32 48.35
C GLN K 27 30.19 -3.11 48.53
N SER K 28 29.29 -2.90 47.58
CA SER K 28 28.29 -1.86 47.75
C SER K 28 27.38 -2.20 48.94
N ILE K 29 27.21 -1.25 49.84
CA ILE K 29 26.36 -1.45 51.01
C ILE K 29 25.22 -0.43 51.06
N GLY K 30 24.96 0.23 49.94
CA GLY K 30 23.94 1.26 49.93
C GLY K 30 24.36 2.42 50.81
N LYS K 31 23.47 2.81 51.72
CA LYS K 31 23.78 3.81 52.73
C LYS K 31 23.78 3.21 54.13
N PHE K 32 23.69 1.89 54.25
CA PHE K 32 23.62 1.23 55.54
C PHE K 32 25.00 1.17 56.21
N LEU K 33 25.54 2.35 56.47
CA LEU K 33 26.81 2.49 57.19
C LEU K 33 26.58 3.32 58.43
N ASN K 34 27.05 2.83 59.57
CA ASN K 34 26.88 3.50 60.84
C ASN K 34 28.24 3.79 61.46
N TRP K 35 28.32 4.88 62.20
CA TRP K 35 29.54 5.29 62.88
C TRP K 35 29.32 5.23 64.39
N TYR K 36 30.27 4.63 65.09
CA TYR K 36 30.21 4.54 66.55
C TYR K 36 31.46 5.17 67.15
N GLN K 37 31.27 5.86 68.27
CA GLN K 37 32.36 6.43 69.05
C GLN K 37 32.53 5.60 70.32
N GLN K 38 33.76 5.22 70.62
CA GLN K 38 34.07 4.52 71.87
C GLN K 38 35.19 5.24 72.59
N LYS K 39 34.98 5.49 73.86
CA LYS K 39 35.94 6.16 74.68
C LYS K 39 36.45 5.09 75.59
N PRO K 40 37.83 5.17 75.86
CA PRO K 40 38.33 3.98 76.58
C PRO K 40 37.61 3.82 77.89
N GLY K 41 37.19 2.60 78.15
CA GLY K 41 36.52 2.26 79.37
C GLY K 41 35.01 2.31 79.31
N ARG K 42 34.43 3.03 78.35
CA ARG K 42 33.00 2.83 78.15
C ARG K 42 32.57 2.13 76.88
N ALA K 43 31.31 1.74 76.86
CA ALA K 43 30.70 1.10 75.71
C ALA K 43 30.68 2.03 74.50
N PRO K 44 30.61 1.47 73.30
CA PRO K 44 30.44 2.31 72.11
C PRO K 44 29.10 3.03 72.13
N LYS K 45 29.06 4.14 71.37
CA LYS K 45 27.88 4.98 71.28
C LYS K 45 27.63 5.31 69.81
N LEU K 46 26.36 5.29 69.41
CA LEU K 46 26.01 5.59 68.03
C LEU K 46 26.13 7.09 67.78
N LEU K 47 26.75 7.45 66.66
CA LEU K 47 26.98 8.85 66.32
C LEU K 47 26.28 9.24 65.04
N ILE K 48 26.45 8.46 63.98
CA ILE K 48 25.78 8.68 62.70
C ILE K 48 25.19 7.35 62.27
N TYR K 49 23.92 7.37 61.84
CA TYR K 49 23.26 6.19 61.32
C TYR K 49 22.81 6.44 59.89
N TYR K 50 22.80 5.38 59.09
CA TYR K 50 22.43 5.42 57.69
C TYR K 50 23.22 6.51 56.94
N ALA K 51 24.54 6.39 57.05
CA ALA K 51 25.52 7.18 56.29
C ALA K 51 25.61 8.64 56.76
N SER K 52 24.49 9.34 56.92
CA SER K 52 24.56 10.78 57.09
C SER K 52 23.62 11.35 58.14
N ASN K 53 22.95 10.52 58.94
CA ASN K 53 21.93 11.00 59.87
C ASN K 53 22.49 11.08 61.28
N LEU K 54 22.26 12.22 61.93
CA LEU K 54 22.74 12.45 63.28
C LEU K 54 21.77 11.86 64.29
N GLU K 55 22.30 11.10 65.25
CA GLU K 55 21.47 10.64 66.34
C GLU K 55 20.90 11.84 67.08
N THR K 56 19.63 11.74 67.49
CA THR K 56 18.84 12.93 67.80
C THR K 56 19.50 13.86 68.82
N GLY K 57 20.28 13.30 69.75
CA GLY K 57 21.02 14.14 70.66
C GLY K 57 22.35 14.63 70.13
N GLY K 58 22.87 13.97 69.09
CA GLY K 58 24.22 14.19 68.62
C GLY K 58 24.58 15.61 68.27
N PRO K 59 25.88 15.94 68.39
CA PRO K 59 26.34 17.30 68.12
C PRO K 59 26.44 17.59 66.63
N SER K 60 26.16 18.84 66.25
CA SER K 60 26.08 19.24 64.85
C SER K 60 27.46 19.26 64.19
N ARG K 61 28.54 19.32 64.97
CA ARG K 61 29.87 19.35 64.39
C ARG K 61 30.23 18.03 63.71
N PHE K 62 29.52 16.95 64.02
CA PHE K 62 29.70 15.68 63.34
C PHE K 62 28.84 15.61 62.09
N SER K 63 29.39 15.05 61.01
CA SER K 63 28.63 14.88 59.78
C SER K 63 29.21 13.69 59.02
N GLY K 64 28.32 12.91 58.42
CA GLY K 64 28.71 11.77 57.62
C GLY K 64 28.26 11.92 56.18
N ARG K 65 29.00 11.30 55.27
CA ARG K 65 28.69 11.32 53.85
C ARG K 65 29.01 9.97 53.24
N GLY K 66 28.54 9.75 52.04
CA GLY K 66 28.87 8.58 51.27
C GLY K 66 27.71 7.69 50.89
N SER K 67 27.98 6.80 49.96
CA SER K 67 27.04 5.79 49.54
C SER K 67 27.84 4.69 48.89
N GLU K 68 27.22 3.54 48.68
CA GLU K 68 27.85 2.45 47.94
C GLU K 68 29.11 1.91 48.61
N THR K 69 30.26 2.28 48.11
CA THR K 69 31.51 1.80 48.68
C THR K 69 32.33 2.78 49.51
N GLU K 70 32.09 4.06 49.41
CA GLU K 70 32.96 5.02 50.07
C GLU K 70 32.25 5.96 51.01
N PHE K 71 32.76 6.10 52.21
CA PHE K 71 32.06 6.87 53.23
C PHE K 71 33.06 7.71 54.01
N SER K 72 32.56 8.77 54.64
CA SER K 72 33.43 9.69 55.37
C SER K 72 32.70 10.25 56.59
N LEU K 73 33.47 10.47 57.65
CA LEU K 73 33.01 11.14 58.84
C LEU K 73 33.84 12.39 59.04
N THR K 74 33.18 13.52 59.33
CA THR K 74 33.85 14.81 59.41
C THR K 74 33.46 15.51 60.70
N ILE K 75 34.45 16.06 61.39
CA ILE K 75 34.23 16.90 62.55
C ILE K 75 34.62 18.31 62.17
N SER K 76 33.63 19.22 62.14
CA SER K 76 33.88 20.56 61.62
C SER K 76 34.90 21.31 62.46
N SER K 77 34.81 21.18 63.78
CA SER K 77 35.74 21.83 64.70
C SER K 77 35.95 20.89 65.88
N LEU K 78 37.14 20.33 65.98
CA LEU K 78 37.43 19.33 67.01
C LEU K 78 37.25 19.93 68.40
N GLN K 79 36.64 19.14 69.28
CA GLN K 79 36.42 19.51 70.67
C GLN K 79 37.09 18.49 71.59
N PRO K 80 37.34 18.86 72.86
CA PRO K 80 38.05 17.93 73.75
C PRO K 80 37.37 16.58 73.93
N GLU K 81 36.04 16.55 73.95
CA GLU K 81 35.34 15.28 74.14
C GLU K 81 35.55 14.34 72.96
N ASP K 82 35.83 14.88 71.78
CA ASP K 82 35.85 14.10 70.55
C ASP K 82 37.07 13.21 70.41
N PHE K 83 38.04 13.30 71.30
CA PHE K 83 39.22 12.45 71.22
C PHE K 83 38.88 11.07 71.76
N ALA K 84 38.77 10.10 70.87
CA ALA K 84 38.34 8.73 71.17
C ALA K 84 38.64 7.88 69.96
N THR K 85 38.07 6.68 69.92
CA THR K 85 38.20 5.79 68.77
C THR K 85 36.85 5.70 68.07
N TYR K 86 36.90 5.65 66.74
CA TYR K 86 35.70 5.65 65.91
C TYR K 86 35.71 4.43 65.01
N TYR K 87 34.58 3.72 64.97
CA TYR K 87 34.40 2.54 64.13
C TYR K 87 33.28 2.80 63.14
N CYS K 88 33.44 2.30 61.92
CA CYS K 88 32.33 2.23 60.99
C CYS K 88 31.82 0.80 60.94
N GLN K 89 30.53 0.66 60.68
CA GLN K 89 29.88 -0.65 60.74
C GLN K 89 28.86 -0.76 59.62
N GLN K 90 28.88 -1.89 58.93
CA GLN K 90 28.01 -2.14 57.79
C GLN K 90 26.78 -2.92 58.24
N SER K 91 25.60 -2.44 57.86
CA SER K 91 24.34 -3.10 58.23
C SER K 91 23.59 -3.64 57.02
N ASN K 92 24.23 -3.70 55.85
CA ASN K 92 23.50 -4.09 54.64
C ASN K 92 23.32 -5.59 54.54
N ASN K 93 24.29 -6.37 55.00
CA ASN K 93 24.27 -7.82 54.88
C ASN K 93 24.75 -8.46 56.16
N VAL K 94 24.24 -9.66 56.43
CA VAL K 94 24.79 -10.44 57.52
C VAL K 94 25.92 -11.27 56.96
N PRO K 95 27.01 -11.42 57.73
CA PRO K 95 27.17 -10.84 59.06
C PRO K 95 27.52 -9.36 59.05
N HIS K 96 26.98 -8.63 60.02
CA HIS K 96 27.37 -7.24 60.20
C HIS K 96 28.84 -7.17 60.56
N THR K 97 29.57 -6.29 59.89
CA THR K 97 31.01 -6.19 60.08
C THR K 97 31.40 -4.77 60.44
N PHE K 98 32.48 -4.66 61.22
CA PHE K 98 33.02 -3.39 61.66
C PHE K 98 34.35 -3.12 60.96
N GLY K 99 34.71 -1.85 60.93
CA GLY K 99 36.08 -1.49 60.61
C GLY K 99 36.98 -1.72 61.81
N GLN K 100 38.28 -1.64 61.57
CA GLN K 100 39.22 -1.83 62.68
C GLN K 100 39.38 -0.59 63.53
N GLY K 101 38.82 0.54 63.12
CA GLY K 101 38.77 1.72 63.97
C GLY K 101 39.87 2.73 63.72
N THR K 102 39.53 4.01 63.82
CA THR K 102 40.48 5.09 63.80
C THR K 102 40.56 5.70 65.19
N LYS K 103 41.78 5.91 65.69
CA LYS K 103 41.98 6.47 67.02
C LYS K 103 42.42 7.91 66.90
N LEU K 104 41.69 8.81 67.54
CA LEU K 104 41.99 10.23 67.53
C LEU K 104 42.72 10.59 68.82
N GLU K 105 43.86 11.27 68.70
CA GLU K 105 44.66 11.64 69.86
C GLU K 105 45.16 13.06 69.67
N ILE K 106 45.59 13.66 70.79
CA ILE K 106 45.93 15.07 70.82
C ILE K 106 47.37 15.27 70.36
N LYS K 107 47.55 16.17 69.40
CA LYS K 107 48.89 16.57 68.97
C LYS K 107 49.57 17.39 70.06
N ARG K 108 50.89 17.33 70.11
CA ARG K 108 51.64 18.01 71.15
C ARG K 108 53.10 18.11 70.75
N THR K 109 53.77 19.11 71.32
CA THR K 109 55.21 19.28 71.14
C THR K 109 55.97 18.01 71.58
N VAL K 110 56.94 17.61 70.77
CA VAL K 110 57.74 16.43 71.07
C VAL K 110 58.32 16.51 72.46
N ALA K 111 58.25 15.40 73.19
CA ALA K 111 58.80 15.30 74.54
C ALA K 111 59.68 14.07 74.64
N ALA K 112 60.71 14.17 75.46
CA ALA K 112 61.59 13.02 75.64
C ALA K 112 61.29 12.34 76.96
N PRO K 113 61.35 11.01 77.00
CA PRO K 113 61.02 10.30 78.24
C PRO K 113 62.15 10.40 79.26
N SER K 114 61.76 10.31 80.53
CA SER K 114 62.68 10.14 81.63
C SER K 114 62.69 8.66 81.99
N VAL K 115 63.88 8.06 82.02
CA VAL K 115 64.03 6.63 82.16
C VAL K 115 64.40 6.28 83.59
N PHE K 116 63.86 5.16 84.08
CA PHE K 116 64.18 4.64 85.40
C PHE K 116 64.17 3.12 85.34
N ILE K 117 65.13 2.49 86.00
CA ILE K 117 65.23 1.03 86.06
C ILE K 117 65.11 0.59 87.51
N PHE K 118 64.38 -0.50 87.73
CA PHE K 118 64.10 -0.99 89.08
C PHE K 118 64.56 -2.43 89.21
N PRO K 119 65.50 -2.74 90.09
CA PRO K 119 65.93 -4.13 90.28
C PRO K 119 64.85 -4.91 91.00
N PRO K 120 64.89 -6.24 90.93
CA PRO K 120 63.92 -7.05 91.67
C PRO K 120 64.12 -6.91 93.17
N SER K 121 63.01 -6.94 93.90
CA SER K 121 63.09 -6.82 95.34
C SER K 121 63.69 -8.07 95.97
N ASP K 122 64.26 -7.90 97.17
CA ASP K 122 64.75 -9.05 97.92
C ASP K 122 63.60 -9.99 98.27
N GLU K 123 62.43 -9.43 98.54
CA GLU K 123 61.27 -10.26 98.87
C GLU K 123 60.88 -11.15 97.71
N GLN K 124 60.99 -10.64 96.48
CA GLN K 124 60.58 -11.41 95.31
C GLN K 124 61.59 -12.52 95.01
N LEU K 125 62.89 -12.20 95.01
CA LEU K 125 63.90 -13.19 94.70
C LEU K 125 63.82 -14.40 95.62
N LYS K 126 63.45 -14.18 96.88
CA LYS K 126 63.25 -15.30 97.81
C LYS K 126 62.04 -16.14 97.43
N SER K 127 61.13 -15.60 96.62
CA SER K 127 59.97 -16.36 96.19
C SER K 127 60.27 -17.26 94.98
N GLY K 128 61.34 -16.98 94.24
CA GLY K 128 61.77 -17.85 93.15
C GLY K 128 61.82 -17.18 91.79
N THR K 129 61.23 -16.00 91.60
CA THR K 129 61.25 -15.32 90.32
C THR K 129 61.88 -13.95 90.46
N ALA K 130 62.20 -13.33 89.32
CA ALA K 130 62.88 -12.05 89.30
C ALA K 130 62.28 -11.18 88.20
N SER K 131 61.78 -10.01 88.57
CA SER K 131 61.22 -9.05 87.62
C SER K 131 62.00 -7.75 87.72
N VAL K 132 62.58 -7.32 86.61
CA VAL K 132 63.24 -6.02 86.51
C VAL K 132 62.39 -5.13 85.61
N VAL K 133 62.09 -3.92 86.08
CA VAL K 133 61.16 -3.02 85.41
C VAL K 133 61.91 -1.80 84.91
N CYS K 134 61.61 -1.39 83.68
CA CYS K 134 62.20 -0.22 83.06
C CYS K 134 61.07 0.75 82.73
N LEU K 135 61.12 1.95 83.32
CA LEU K 135 60.03 2.92 83.22
C LEU K 135 60.41 4.07 82.31
N LEU K 136 59.54 4.36 81.34
CA LEU K 136 59.65 5.53 80.48
C LEU K 136 58.48 6.46 80.80
N ASN K 137 58.79 7.67 81.25
CA ASN K 137 57.79 8.55 81.84
C ASN K 137 57.57 9.80 80.98
N ASN K 138 56.31 10.11 80.74
CA ASN K 138 55.87 11.36 80.10
C ASN K 138 56.65 11.68 78.84
N PHE K 139 56.42 10.92 77.78
CA PHE K 139 57.07 11.17 76.50
C PHE K 139 56.02 11.38 75.42
N TYR K 140 56.49 11.84 74.26
CA TYR K 140 55.64 12.00 73.09
C TYR K 140 56.51 12.04 71.83
N PRO K 141 56.09 11.34 70.77
CA PRO K 141 54.87 10.53 70.68
C PRO K 141 55.01 9.13 71.29
N ARG K 142 54.03 8.27 71.00
CA ARG K 142 53.99 6.96 71.65
C ARG K 142 55.07 6.04 71.12
N GLU K 143 55.54 6.26 69.90
CA GLU K 143 56.52 5.36 69.30
C GLU K 143 57.84 5.41 70.08
N ALA K 144 58.21 4.27 70.67
CA ALA K 144 59.45 4.17 71.43
C ALA K 144 59.86 2.72 71.49
N LYS K 145 61.17 2.48 71.42
CA LYS K 145 61.73 1.13 71.40
C LYS K 145 62.56 0.91 72.66
N VAL K 146 62.26 -0.16 73.38
CA VAL K 146 62.97 -0.52 74.61
C VAL K 146 63.62 -1.88 74.40
N GLN K 147 64.93 -1.95 74.61
CA GLN K 147 65.67 -3.20 74.49
C GLN K 147 66.28 -3.55 75.83
N TRP K 148 66.38 -4.84 76.11
CA TRP K 148 66.99 -5.34 77.33
C TRP K 148 68.34 -5.95 77.02
N LYS K 149 69.36 -5.60 77.80
CA LYS K 149 70.69 -6.18 77.68
C LYS K 149 71.12 -6.70 79.04
N VAL K 150 71.49 -7.98 79.10
CA VAL K 150 72.01 -8.61 80.29
C VAL K 150 73.45 -9.02 79.99
N ASP K 151 74.41 -8.34 80.62
CA ASP K 151 75.83 -8.51 80.31
C ASP K 151 76.10 -8.24 78.83
N ASN K 152 75.49 -7.17 78.31
CA ASN K 152 75.59 -6.76 76.92
C ASN K 152 74.99 -7.78 75.96
N ALA K 153 74.18 -8.70 76.46
CA ALA K 153 73.47 -9.68 75.64
C ALA K 153 72.02 -9.25 75.50
N LEU K 154 71.60 -9.00 74.25
CA LEU K 154 70.25 -8.51 74.00
C LEU K 154 69.23 -9.63 74.21
N GLN K 155 68.17 -9.31 74.95
CA GLN K 155 67.15 -10.30 75.32
C GLN K 155 66.02 -10.33 74.31
N SER K 156 65.26 -11.43 74.35
CA SER K 156 64.11 -11.59 73.45
C SER K 156 63.15 -12.63 74.04
N GLY K 157 61.86 -12.31 74.01
CA GLY K 157 60.84 -13.24 74.43
C GLY K 157 60.64 -13.38 75.93
N ASN K 158 61.25 -12.50 76.73
CA ASN K 158 61.08 -12.55 78.17
C ASN K 158 60.72 -11.19 78.74
N SER K 159 60.13 -10.31 77.92
CA SER K 159 59.79 -8.96 78.37
C SER K 159 58.48 -8.54 77.75
N GLN K 160 57.61 -7.93 78.57
CA GLN K 160 56.33 -7.41 78.12
C GLN K 160 56.24 -5.91 78.41
N GLU K 161 55.62 -5.18 77.49
CA GLU K 161 55.45 -3.74 77.62
C GLU K 161 54.01 -3.40 77.97
N SER K 162 53.83 -2.23 78.57
CA SER K 162 52.51 -1.71 78.89
C SER K 162 52.54 -0.20 78.73
N VAL K 163 51.48 0.35 78.14
CA VAL K 163 51.42 1.77 77.81
C VAL K 163 50.15 2.36 78.40
N THR K 164 50.25 3.58 78.90
CA THR K 164 49.09 4.30 79.41
C THR K 164 48.40 5.06 78.29
N GLU K 165 47.13 5.37 78.50
CA GLU K 165 46.44 6.29 77.61
C GLU K 165 47.03 7.69 77.78
N GLN K 166 46.75 8.54 76.79
CA GLN K 166 47.27 9.90 76.82
C GLN K 166 46.83 10.61 78.11
N ASP K 167 47.78 11.29 78.75
CA ASP K 167 47.52 11.90 80.04
C ASP K 167 46.55 13.07 79.89
N SER K 168 45.67 13.22 80.88
CA SER K 168 44.67 14.29 80.85
C SER K 168 45.32 15.66 80.94
N LYS K 169 46.48 15.77 81.58
CA LYS K 169 47.14 17.07 81.79
C LYS K 169 48.05 17.40 80.61
N ASP K 170 49.16 16.66 80.49
CA ASP K 170 50.21 17.01 79.54
C ASP K 170 50.14 16.25 78.23
N SER K 171 49.14 15.38 78.05
CA SER K 171 48.94 14.66 76.79
C SER K 171 50.16 13.82 76.41
N THR K 172 50.76 13.19 77.40
CA THR K 172 51.93 12.35 77.18
C THR K 172 51.61 10.89 77.49
N TYR K 173 52.53 10.01 77.13
CA TYR K 173 52.42 8.59 77.42
C TYR K 173 53.49 8.17 78.41
N SER K 174 53.22 7.07 79.10
CA SER K 174 54.19 6.44 79.97
C SER K 174 54.20 4.95 79.69
N LEU K 175 55.39 4.35 79.69
CA LEU K 175 55.55 2.96 79.32
C LEU K 175 56.34 2.22 80.39
N SER K 176 55.91 1.01 80.70
CA SER K 176 56.63 0.12 81.60
C SER K 176 56.99 -1.15 80.86
N SER K 177 58.29 -1.45 80.81
CA SER K 177 58.80 -2.67 80.20
C SER K 177 59.34 -3.57 81.30
N THR K 178 58.82 -4.78 81.40
CA THR K 178 59.12 -5.68 82.49
C THR K 178 59.81 -6.94 81.95
N LEU K 179 60.99 -7.24 82.46
CA LEU K 179 61.74 -8.44 82.09
C LEU K 179 61.67 -9.41 83.25
N THR K 180 61.17 -10.62 82.98
CA THR K 180 60.95 -11.63 84.01
C THR K 180 61.90 -12.81 83.79
N LEU K 181 62.65 -13.15 84.82
CA LEU K 181 63.57 -14.28 84.82
C LEU K 181 63.38 -15.10 86.08
N SER K 182 63.88 -16.33 86.06
CA SER K 182 63.92 -17.13 87.27
C SER K 182 65.06 -16.65 88.18
N LYS K 183 64.92 -16.91 89.48
CA LYS K 183 65.97 -16.54 90.42
C LYS K 183 67.30 -17.19 90.03
N ALA K 184 67.24 -18.43 89.55
CA ALA K 184 68.43 -19.09 89.01
C ALA K 184 69.01 -18.26 87.86
N ASP K 185 68.20 -18.00 86.84
CA ASP K 185 68.69 -17.24 85.69
C ASP K 185 69.12 -15.83 86.07
N TYR K 186 68.52 -15.25 87.10
CA TYR K 186 68.86 -13.89 87.46
C TYR K 186 70.28 -13.79 88.01
N GLU K 187 70.66 -14.74 88.87
CA GLU K 187 71.97 -14.68 89.53
C GLU K 187 73.13 -14.99 88.61
N LYS K 188 72.86 -15.51 87.40
CA LYS K 188 73.94 -15.88 86.50
C LYS K 188 74.75 -14.69 86.02
N HIS K 189 74.13 -13.50 85.97
CA HIS K 189 74.79 -12.33 85.41
C HIS K 189 74.76 -11.19 86.42
N LYS K 190 75.65 -10.22 86.20
CA LYS K 190 75.81 -9.13 87.15
C LYS K 190 75.04 -7.88 86.76
N VAL K 191 75.13 -7.43 85.51
CA VAL K 191 74.64 -6.12 85.10
C VAL K 191 73.40 -6.29 84.22
N TYR K 192 72.43 -5.41 84.44
CA TYR K 192 71.17 -5.40 83.72
C TYR K 192 70.88 -3.99 83.25
N ALA K 193 70.52 -3.84 81.97
CA ALA K 193 70.31 -2.52 81.38
C ALA K 193 69.12 -2.56 80.43
N CYS K 194 68.48 -1.39 80.25
CA CYS K 194 67.49 -1.21 79.21
C CYS K 194 67.87 -0.01 78.36
N GLU K 195 67.88 -0.22 77.04
CA GLU K 195 68.28 0.80 76.08
C GLU K 195 67.04 1.37 75.43
N VAL K 196 66.83 2.68 75.58
CA VAL K 196 65.63 3.36 75.14
C VAL K 196 65.97 4.27 73.97
N THR K 197 65.21 4.14 72.88
CA THR K 197 65.39 4.96 71.69
C THR K 197 64.08 5.71 71.42
N HIS K 198 64.17 7.03 71.25
CA HIS K 198 63.00 7.86 71.07
C HIS K 198 63.34 9.03 70.14
N GLN K 199 62.34 9.44 69.35
CA GLN K 199 62.44 10.59 68.47
C GLN K 199 62.96 11.84 69.18
N GLY K 200 62.61 12.01 70.45
CA GLY K 200 63.06 13.12 71.26
C GLY K 200 64.46 12.99 71.81
N LEU K 201 65.20 11.95 71.44
CA LEU K 201 66.55 11.72 71.92
C LEU K 201 67.51 11.66 70.74
N SER K 202 68.61 12.41 70.82
CA SER K 202 69.62 12.35 69.77
C SER K 202 70.24 10.96 69.70
N SER K 203 70.68 10.44 70.85
CA SER K 203 71.28 9.11 70.93
C SER K 203 70.51 8.26 71.93
N PRO K 204 70.52 6.94 71.76
CA PRO K 204 69.84 6.06 72.72
C PRO K 204 70.36 6.27 74.13
N VAL K 205 69.46 6.13 75.10
CA VAL K 205 69.75 6.37 76.50
C VAL K 205 69.64 5.04 77.25
N THR K 206 70.62 4.75 78.08
CA THR K 206 70.69 3.48 78.80
C THR K 206 70.75 3.73 80.30
N LYS K 207 69.91 3.00 81.03
CA LYS K 207 69.95 2.98 82.50
C LYS K 207 70.22 1.55 82.95
N SER K 208 71.25 1.36 83.77
CA SER K 208 71.69 0.03 84.15
C SER K 208 71.97 -0.03 85.64
N PHE K 209 72.04 -1.27 86.14
CA PHE K 209 72.44 -1.51 87.52
C PHE K 209 73.19 -2.84 87.58
N ASN K 210 73.98 -3.01 88.65
CA ASN K 210 74.75 -4.22 88.87
C ASN K 210 74.11 -5.02 90.00
N ARG K 211 73.94 -6.32 89.77
CA ARG K 211 73.30 -7.19 90.75
C ARG K 211 74.12 -7.23 92.03
N GLY K 212 73.42 -7.13 93.16
CA GLY K 212 74.10 -7.08 94.44
C GLY K 212 74.90 -5.83 94.67
N GLU K 213 74.51 -4.72 94.04
CA GLU K 213 75.26 -3.48 94.15
C GLU K 213 74.28 -2.32 93.99
N CYS K 214 74.30 -1.41 94.97
CA CYS K 214 73.35 -0.32 95.06
C CYS K 214 74.08 1.02 95.19
N ASP L 1 8.51 -24.23 10.21
CA ASP L 1 9.91 -24.63 10.01
C ASP L 1 10.75 -23.43 9.58
N ILE L 2 12.03 -23.47 9.93
CA ILE L 2 12.99 -22.44 9.55
C ILE L 2 13.76 -22.93 8.34
N GLN L 3 13.93 -22.06 7.36
CA GLN L 3 14.54 -22.44 6.08
C GLN L 3 16.00 -22.02 6.05
N MET L 4 16.86 -22.91 5.58
CA MET L 4 18.25 -22.59 5.43
C MET L 4 18.63 -22.59 3.97
N THR L 5 19.27 -21.52 3.54
CA THR L 5 19.65 -21.31 2.15
C THR L 5 21.16 -21.19 2.07
N GLN L 6 21.79 -22.07 1.30
CA GLN L 6 23.23 -22.09 1.15
C GLN L 6 23.64 -21.54 -0.20
N SER L 7 24.75 -20.81 -0.22
CA SER L 7 25.31 -20.24 -1.44
C SER L 7 26.82 -20.35 -1.42
N PRO L 8 27.43 -20.73 -2.56
CA PRO L 8 26.72 -21.12 -3.77
C PRO L 8 26.29 -22.57 -3.73
N VAL L 9 25.45 -23.00 -4.67
CA VAL L 9 25.06 -24.40 -4.73
C VAL L 9 26.28 -25.27 -5.03
N SER L 10 27.13 -24.80 -5.94
CA SER L 10 28.34 -25.54 -6.30
C SER L 10 29.47 -24.54 -6.51
N LEU L 11 30.70 -25.03 -6.35
CA LEU L 11 31.87 -24.18 -6.40
C LEU L 11 33.06 -25.02 -6.83
N SER L 12 33.87 -24.48 -7.75
CA SER L 12 35.10 -25.14 -8.17
C SER L 12 36.28 -24.23 -7.88
N ALA L 13 37.31 -24.78 -7.23
CA ALA L 13 38.47 -24.00 -6.85
C ALA L 13 39.71 -24.87 -6.93
N SER L 14 40.86 -24.26 -6.71
CA SER L 14 42.15 -24.92 -6.80
C SER L 14 42.72 -25.16 -5.41
N VAL L 15 43.68 -26.07 -5.32
CA VAL L 15 44.37 -26.30 -4.06
C VAL L 15 45.16 -25.06 -3.68
N GLY L 16 45.06 -24.67 -2.41
CA GLY L 16 45.66 -23.45 -1.93
C GLY L 16 44.78 -22.22 -2.06
N ASP L 17 43.63 -22.34 -2.74
CA ASP L 17 42.69 -21.24 -2.83
C ASP L 17 42.00 -21.00 -1.49
N ARG L 18 41.43 -19.80 -1.36
CA ARG L 18 40.61 -19.41 -0.22
C ARG L 18 39.16 -19.35 -0.67
N VAL L 19 38.29 -20.10 -0.01
CA VAL L 19 36.88 -20.16 -0.38
C VAL L 19 36.03 -19.82 0.83
N THR L 20 34.80 -19.37 0.56
CA THR L 20 33.84 -19.01 1.60
C THR L 20 32.45 -19.44 1.19
N ILE L 21 31.80 -20.22 2.03
CA ILE L 21 30.43 -20.66 1.84
C ILE L 21 29.52 -19.81 2.72
N THR L 22 28.27 -19.67 2.31
CA THR L 22 27.33 -18.80 3.01
C THR L 22 26.06 -19.57 3.34
N CYS L 23 25.54 -19.35 4.55
CA CYS L 23 24.28 -19.96 4.99
C CYS L 23 23.39 -18.87 5.55
N ARG L 24 22.10 -18.94 5.25
CA ARG L 24 21.16 -17.90 5.64
C ARG L 24 19.91 -18.54 6.21
N ALA L 25 19.43 -18.01 7.34
CA ALA L 25 18.24 -18.49 7.99
C ALA L 25 17.06 -17.56 7.72
N SER L 26 15.86 -18.15 7.62
CA SER L 26 14.66 -17.35 7.40
C SER L 26 14.26 -16.56 8.64
N GLN L 27 14.67 -16.99 9.84
CA GLN L 27 14.53 -16.20 11.05
C GLN L 27 15.74 -16.45 11.94
N SER L 28 15.90 -15.59 12.95
CA SER L 28 17.09 -15.62 13.78
C SER L 28 17.21 -16.93 14.54
N ILE L 29 18.41 -17.51 14.52
CA ILE L 29 18.72 -18.76 15.21
C ILE L 29 19.80 -18.58 16.25
N GLY L 30 20.17 -17.34 16.57
CA GLY L 30 21.27 -17.12 17.48
C GLY L 30 22.57 -17.56 16.83
N LYS L 31 23.39 -18.28 17.59
CA LYS L 31 24.59 -18.91 17.03
C LYS L 31 24.44 -20.42 16.92
N PHE L 32 23.22 -20.94 17.05
CA PHE L 32 23.00 -22.37 16.97
C PHE L 32 22.96 -22.86 15.53
N LEU L 33 24.08 -22.66 14.85
CA LEU L 33 24.27 -23.13 13.48
C LEU L 33 25.51 -24.01 13.43
N ASN L 34 25.38 -25.19 12.81
CA ASN L 34 26.47 -26.14 12.70
C ASN L 34 26.76 -26.43 11.24
N TRP L 35 28.00 -26.83 10.96
CA TRP L 35 28.43 -27.18 9.61
C TRP L 35 28.92 -28.62 9.59
N TYR L 36 28.51 -29.36 8.56
CA TYR L 36 28.91 -30.75 8.39
C TYR L 36 29.58 -30.93 7.03
N GLN L 37 30.66 -31.70 7.01
CA GLN L 37 31.34 -32.09 5.79
C GLN L 37 30.99 -33.53 5.47
N GLN L 38 30.56 -33.79 4.24
CA GLN L 38 30.27 -35.15 3.79
C GLN L 38 31.10 -35.45 2.54
N LYS L 39 31.96 -36.47 2.65
CA LYS L 39 32.62 -37.00 1.48
C LYS L 39 31.72 -38.01 0.79
N PRO L 40 31.83 -38.14 -0.54
CA PRO L 40 30.93 -39.03 -1.26
C PRO L 40 31.08 -40.47 -0.80
N GLY L 41 29.95 -41.08 -0.42
CA GLY L 41 29.94 -42.43 0.07
C GLY L 41 30.16 -42.59 1.56
N ARG L 42 30.35 -41.50 2.30
CA ARG L 42 30.65 -41.57 3.72
C ARG L 42 29.59 -40.80 4.51
N ALA L 43 29.55 -41.07 5.81
CA ALA L 43 28.62 -40.37 6.68
C ALA L 43 29.05 -38.92 6.85
N PRO L 44 28.11 -38.01 7.12
CA PRO L 44 28.49 -36.64 7.44
C PRO L 44 29.31 -36.59 8.71
N LYS L 45 30.14 -35.56 8.82
CA LYS L 45 30.99 -35.37 9.98
C LYS L 45 30.93 -33.91 10.41
N LEU L 46 30.86 -33.70 11.72
CA LEU L 46 30.79 -32.35 12.25
C LEU L 46 32.10 -31.61 12.05
N LEU L 47 32.01 -30.40 11.54
CA LEU L 47 33.18 -29.57 11.27
C LEU L 47 33.22 -28.32 12.14
N ILE L 48 32.11 -27.59 12.20
CA ILE L 48 31.96 -26.41 13.03
C ILE L 48 30.68 -26.54 13.82
N TYR L 49 30.74 -26.25 15.12
CA TYR L 49 29.55 -26.21 15.95
C TYR L 49 29.41 -24.83 16.59
N TYR L 50 28.16 -24.45 16.85
CA TYR L 50 27.83 -23.15 17.43
C TYR L 50 28.52 -22.02 16.68
N ALA L 51 28.33 -22.02 15.36
CA ALA L 51 28.73 -20.94 14.46
C ALA L 51 30.23 -20.85 14.20
N SER L 52 31.07 -20.87 15.24
CA SER L 52 32.47 -20.54 15.07
C SER L 52 33.44 -21.50 15.76
N ASN L 53 32.97 -22.60 16.33
CA ASN L 53 33.83 -23.45 17.14
C ASN L 53 34.28 -24.66 16.34
N LEU L 54 35.60 -24.85 16.30
CA LEU L 54 36.19 -26.01 15.65
C LEU L 54 36.08 -27.23 16.55
N GLU L 55 35.52 -28.32 16.01
CA GLU L 55 35.53 -29.58 16.72
C GLU L 55 36.98 -29.99 17.02
N THR L 56 37.25 -30.49 18.20
CA THR L 56 38.57 -30.46 18.82
C THR L 56 39.66 -31.11 17.95
N GLY L 57 39.26 -32.10 17.18
CA GLY L 57 40.15 -32.68 16.20
C GLY L 57 40.58 -31.70 15.12
N GLY L 58 39.71 -30.76 14.80
CA GLY L 58 39.65 -30.08 13.53
C GLY L 58 40.74 -29.20 13.01
N PRO L 59 40.81 -29.19 11.61
CA PRO L 59 41.91 -28.37 11.07
C PRO L 59 41.70 -26.88 11.16
N SER L 60 42.78 -26.15 11.44
CA SER L 60 42.70 -24.73 11.70
C SER L 60 42.42 -23.90 10.45
N ARG L 61 42.49 -24.49 9.26
CA ARG L 61 42.18 -23.75 8.04
C ARG L 61 40.68 -23.55 7.85
N PHE L 62 39.85 -24.25 8.61
CA PHE L 62 38.41 -24.00 8.62
C PHE L 62 38.06 -22.98 9.70
N SER L 63 37.19 -22.05 9.36
CA SER L 63 36.72 -21.07 10.32
C SER L 63 35.27 -20.73 10.00
N GLY L 64 34.47 -20.49 11.04
CA GLY L 64 33.08 -20.14 10.88
C GLY L 64 32.77 -18.80 11.52
N ARG L 65 31.81 -18.09 10.95
CA ARG L 65 31.39 -16.79 11.46
C ARG L 65 29.89 -16.64 11.29
N GLY L 66 29.33 -15.66 11.98
CA GLY L 66 27.94 -15.28 11.81
C GLY L 66 27.13 -15.43 13.09
N SER L 67 25.96 -14.82 13.08
CA SER L 67 24.99 -14.93 14.14
C SER L 67 23.62 -14.56 13.63
N GLU L 68 22.58 -14.99 14.32
CA GLU L 68 21.25 -14.53 13.98
C GLU L 68 20.80 -15.12 12.67
N THR L 69 20.99 -14.36 11.61
CA THR L 69 20.43 -14.71 10.33
C THR L 69 21.46 -15.08 9.25
N GLU L 70 22.69 -14.61 9.39
CA GLU L 70 23.67 -14.78 8.34
C GLU L 70 24.98 -15.44 8.79
N PHE L 71 25.42 -16.47 8.08
CA PHE L 71 26.54 -17.27 8.55
C PHE L 71 27.45 -17.62 7.38
N SER L 72 28.71 -17.92 7.71
CA SER L 72 29.69 -18.24 6.68
C SER L 72 30.67 -19.29 7.17
N LEU L 73 31.25 -20.01 6.22
CA LEU L 73 32.32 -20.99 6.47
C LEU L 73 33.45 -20.69 5.52
N THR L 74 34.67 -20.62 6.05
CA THR L 74 35.81 -20.19 5.26
C THR L 74 36.94 -21.21 5.38
N ILE L 75 37.50 -21.58 4.24
CA ILE L 75 38.68 -22.43 4.17
C ILE L 75 39.81 -21.56 3.62
N SER L 76 40.80 -21.28 4.46
CA SER L 76 41.81 -20.28 4.12
C SER L 76 42.79 -20.77 3.05
N SER L 77 43.15 -22.06 3.09
CA SER L 77 44.06 -22.63 2.09
C SER L 77 43.54 -24.03 1.77
N LEU L 78 42.88 -24.16 0.62
CA LEU L 78 42.22 -25.41 0.25
C LEU L 78 43.24 -26.54 0.11
N GLN L 79 42.88 -27.70 0.64
CA GLN L 79 43.67 -28.91 0.54
C GLN L 79 42.85 -30.01 -0.13
N PRO L 80 43.52 -31.03 -0.69
CA PRO L 80 42.77 -32.10 -1.40
C PRO L 80 41.67 -32.73 -0.57
N GLU L 81 41.89 -32.89 0.74
CA GLU L 81 40.88 -33.50 1.59
C GLU L 81 39.63 -32.63 1.73
N ASP L 82 39.71 -31.35 1.39
CA ASP L 82 38.62 -30.42 1.64
C ASP L 82 37.52 -30.46 0.58
N PHE L 83 37.74 -31.14 -0.54
CA PHE L 83 36.75 -31.14 -1.62
C PHE L 83 35.67 -32.17 -1.31
N ALA L 84 34.50 -31.67 -0.92
CA ALA L 84 33.37 -32.51 -0.52
C ALA L 84 32.12 -31.64 -0.57
N THR L 85 31.05 -32.10 0.06
CA THR L 85 29.82 -31.34 0.18
C THR L 85 29.68 -30.82 1.61
N TYR L 86 29.21 -29.59 1.75
CA TYR L 86 29.11 -28.94 3.05
C TYR L 86 27.67 -28.55 3.32
N TYR L 87 27.17 -28.94 4.49
CA TYR L 87 25.80 -28.67 4.91
C TYR L 87 25.83 -27.77 6.14
N CYS L 88 25.02 -26.72 6.13
CA CYS L 88 24.75 -25.99 7.35
C CYS L 88 23.44 -26.49 7.94
N GLN L 89 23.33 -26.39 9.27
CA GLN L 89 22.21 -26.98 9.98
C GLN L 89 21.87 -26.12 11.19
N GLN L 90 20.59 -25.93 11.43
CA GLN L 90 20.09 -25.08 12.50
C GLN L 90 19.62 -25.92 13.67
N SER L 91 20.10 -25.60 14.87
CA SER L 91 19.72 -26.31 16.09
C SER L 91 18.97 -25.44 17.08
N ASN L 92 18.53 -24.25 16.67
CA ASN L 92 17.86 -23.36 17.60
C ASN L 92 16.43 -23.80 17.90
N ASN L 93 15.71 -24.29 16.89
CA ASN L 93 14.32 -24.68 17.06
C ASN L 93 14.08 -26.06 16.45
N VAL L 94 13.19 -26.81 17.07
CA VAL L 94 12.69 -28.01 16.43
C VAL L 94 11.55 -27.58 15.53
N PRO L 95 11.46 -28.15 14.32
CA PRO L 95 12.35 -29.20 13.79
C PRO L 95 13.67 -28.67 13.26
N HIS L 96 14.75 -29.39 13.55
CA HIS L 96 16.06 -29.01 13.03
C HIS L 96 16.06 -29.17 11.51
N THR L 97 16.66 -28.19 10.83
CA THR L 97 16.63 -28.14 9.39
C THR L 97 18.03 -27.96 8.84
N PHE L 98 18.25 -28.49 7.64
CA PHE L 98 19.53 -28.44 6.96
C PHE L 98 19.45 -27.53 5.74
N GLY L 99 20.58 -26.94 5.38
CA GLY L 99 20.71 -26.35 4.07
C GLY L 99 20.79 -27.43 3.00
N GLN L 100 20.67 -27.01 1.74
CA GLN L 100 20.69 -27.97 0.65
C GLN L 100 22.09 -28.42 0.27
N GLY L 101 23.12 -27.80 0.83
CA GLY L 101 24.47 -28.26 0.61
C GLY L 101 25.20 -27.45 -0.45
N THR L 102 26.52 -27.36 -0.30
CA THR L 102 27.40 -26.75 -1.28
C THR L 102 28.44 -27.77 -1.67
N LYS L 103 28.47 -28.12 -2.95
CA LYS L 103 29.46 -29.07 -3.45
C LYS L 103 30.71 -28.31 -3.88
N LEU L 104 31.85 -28.75 -3.37
CA LEU L 104 33.13 -28.12 -3.63
C LEU L 104 33.98 -29.08 -4.46
N GLU L 105 34.35 -28.67 -5.67
CA GLU L 105 35.08 -29.51 -6.60
C GLU L 105 36.35 -28.82 -7.06
N ILE L 106 37.27 -29.60 -7.61
CA ILE L 106 38.58 -29.10 -8.00
C ILE L 106 38.50 -28.49 -9.39
N LYS L 107 39.16 -27.35 -9.56
CA LYS L 107 39.27 -26.73 -10.88
C LYS L 107 40.40 -27.39 -11.65
N ARG L 108 40.22 -27.46 -12.97
CA ARG L 108 41.09 -28.25 -13.82
C ARG L 108 41.17 -27.58 -15.18
N THR L 109 42.15 -27.99 -15.98
CA THR L 109 42.15 -27.59 -17.37
C THR L 109 41.15 -28.44 -18.14
N VAL L 110 40.71 -27.91 -19.29
CA VAL L 110 39.75 -28.65 -20.11
C VAL L 110 40.42 -29.89 -20.68
N ALA L 111 39.67 -30.99 -20.69
CA ALA L 111 40.17 -32.25 -21.23
C ALA L 111 39.05 -32.89 -22.03
N ALA L 112 39.35 -33.25 -23.27
CA ALA L 112 38.34 -33.86 -24.10
C ALA L 112 38.16 -35.33 -23.72
N PRO L 113 36.94 -35.85 -23.85
CA PRO L 113 36.72 -37.26 -23.53
C PRO L 113 37.27 -38.17 -24.61
N SER L 114 37.82 -39.30 -24.17
CA SER L 114 37.99 -40.45 -25.05
C SER L 114 36.67 -41.19 -25.11
N VAL L 115 36.19 -41.43 -26.33
CA VAL L 115 34.85 -41.99 -26.54
C VAL L 115 35.00 -43.44 -26.99
N PHE L 116 34.28 -44.33 -26.32
CA PHE L 116 34.22 -45.73 -26.68
C PHE L 116 32.77 -46.18 -26.79
N ILE L 117 32.51 -47.13 -27.68
CA ILE L 117 31.18 -47.69 -27.85
C ILE L 117 31.28 -49.21 -27.75
N PHE L 118 30.26 -49.83 -27.16
CA PHE L 118 30.28 -51.26 -26.88
C PHE L 118 29.01 -51.91 -27.41
N PRO L 119 29.12 -52.92 -28.26
CA PRO L 119 27.93 -53.63 -28.72
C PRO L 119 27.42 -54.56 -27.64
N PRO L 120 26.14 -54.94 -27.71
CA PRO L 120 25.62 -55.92 -26.76
C PRO L 120 26.34 -57.25 -26.91
N SER L 121 26.59 -57.90 -25.77
CA SER L 121 27.26 -59.19 -25.78
C SER L 121 26.35 -60.26 -26.39
N ASP L 122 26.98 -61.34 -26.85
CA ASP L 122 26.20 -62.47 -27.35
C ASP L 122 25.38 -63.10 -26.24
N GLU L 123 26.00 -63.31 -25.06
CA GLU L 123 25.31 -63.92 -23.94
C GLU L 123 24.05 -63.15 -23.57
N GLN L 124 24.14 -61.82 -23.53
CA GLN L 124 22.97 -61.00 -23.22
C GLN L 124 21.98 -60.99 -24.38
N LEU L 125 22.50 -61.00 -25.61
CA LEU L 125 21.63 -60.89 -26.77
C LEU L 125 20.70 -62.10 -26.88
N LYS L 126 21.20 -63.29 -26.58
CA LYS L 126 20.37 -64.49 -26.68
C LYS L 126 19.25 -64.47 -25.65
N SER L 127 19.41 -63.73 -24.56
CA SER L 127 18.42 -63.73 -23.49
C SER L 127 17.18 -62.92 -23.84
N GLY L 128 17.32 -61.91 -24.70
CA GLY L 128 16.14 -61.20 -25.17
C GLY L 128 16.18 -59.68 -25.04
N THR L 129 17.32 -59.12 -24.66
CA THR L 129 17.48 -57.67 -24.60
C THR L 129 18.89 -57.31 -25.04
N ALA L 130 19.06 -56.05 -25.43
CA ALA L 130 20.34 -55.56 -25.92
C ALA L 130 20.67 -54.22 -25.26
N SER L 131 21.85 -54.15 -24.65
CA SER L 131 22.32 -52.93 -24.00
C SER L 131 23.58 -52.44 -24.72
N VAL L 132 23.50 -51.24 -25.28
CA VAL L 132 24.62 -50.62 -25.99
C VAL L 132 25.18 -49.51 -25.12
N VAL L 133 26.49 -49.56 -24.89
CA VAL L 133 27.15 -48.68 -23.94
C VAL L 133 28.06 -47.71 -24.68
N CYS L 134 27.89 -46.42 -24.39
CA CYS L 134 28.76 -45.36 -24.89
C CYS L 134 29.55 -44.81 -23.71
N LEU L 135 30.87 -44.93 -23.76
CA LEU L 135 31.74 -44.53 -22.66
C LEU L 135 32.50 -43.26 -23.00
N LEU L 136 32.40 -42.27 -22.13
CA LEU L 136 33.17 -41.03 -22.21
C LEU L 136 34.14 -41.01 -21.04
N ASN L 137 35.44 -40.98 -21.33
CA ASN L 137 36.46 -41.28 -20.34
C ASN L 137 37.39 -40.10 -20.11
N ASN L 138 37.58 -39.74 -18.84
CA ASN L 138 38.60 -38.80 -18.39
C ASN L 138 38.50 -37.45 -19.09
N PHE L 139 37.39 -36.77 -18.86
CA PHE L 139 37.15 -35.46 -19.47
C PHE L 139 36.87 -34.42 -18.40
N TYR L 140 37.04 -33.17 -18.81
CA TYR L 140 36.73 -32.02 -17.96
C TYR L 140 36.40 -30.82 -18.83
N PRO L 141 35.34 -30.07 -18.47
CA PRO L 141 34.50 -30.29 -17.29
C PRO L 141 33.35 -31.26 -17.52
N ARG L 142 32.42 -31.27 -16.56
CA ARG L 142 31.37 -32.27 -16.50
C ARG L 142 30.36 -32.14 -17.64
N GLU L 143 30.10 -30.92 -18.09
CA GLU L 143 29.03 -30.69 -19.07
C GLU L 143 29.36 -31.39 -20.38
N ALA L 144 28.46 -32.27 -20.80
CA ALA L 144 28.63 -33.03 -22.03
C ALA L 144 27.28 -33.49 -22.54
N LYS L 145 27.12 -33.53 -23.85
CA LYS L 145 25.90 -33.98 -24.49
C LYS L 145 26.17 -35.26 -25.27
N VAL L 146 25.34 -36.27 -25.03
CA VAL L 146 25.44 -37.56 -25.72
C VAL L 146 24.15 -37.79 -26.47
N GLN L 147 24.26 -38.13 -27.75
CA GLN L 147 23.11 -38.35 -28.61
C GLN L 147 23.21 -39.75 -29.22
N TRP L 148 22.09 -40.45 -29.26
CA TRP L 148 22.05 -41.81 -29.81
C TRP L 148 21.45 -41.78 -31.21
N LYS L 149 22.20 -42.28 -32.19
CA LYS L 149 21.74 -42.38 -33.56
C LYS L 149 21.81 -43.85 -34.00
N VAL L 150 20.69 -44.36 -34.52
CA VAL L 150 20.58 -45.75 -34.96
C VAL L 150 20.06 -45.72 -36.40
N ASP L 151 20.90 -46.12 -37.35
CA ASP L 151 20.63 -45.89 -38.77
C ASP L 151 20.32 -44.41 -39.02
N ASN L 152 21.00 -43.55 -38.26
CA ASN L 152 20.80 -42.10 -38.22
C ASN L 152 19.45 -41.71 -37.65
N ALA L 153 18.72 -42.64 -37.05
CA ALA L 153 17.50 -42.29 -36.32
C ALA L 153 17.90 -41.79 -34.94
N LEU L 154 17.55 -40.53 -34.66
CA LEU L 154 17.89 -39.91 -33.39
C LEU L 154 16.90 -40.36 -32.32
N GLN L 155 17.40 -41.05 -31.30
CA GLN L 155 16.54 -41.70 -30.32
C GLN L 155 16.46 -40.91 -29.02
N SER L 156 15.35 -41.09 -28.31
CA SER L 156 15.08 -40.39 -27.07
C SER L 156 14.23 -41.27 -26.18
N GLY L 157 14.50 -41.23 -24.88
CA GLY L 157 13.73 -41.97 -23.90
C GLY L 157 14.17 -43.38 -23.65
N ASN L 158 15.16 -43.88 -24.40
CA ASN L 158 15.65 -45.25 -24.21
C ASN L 158 17.10 -45.29 -23.76
N SER L 159 17.60 -44.21 -23.18
CA SER L 159 18.99 -44.13 -22.74
C SER L 159 19.05 -43.55 -21.34
N GLN L 160 20.03 -44.02 -20.56
CA GLN L 160 20.27 -43.53 -19.20
C GLN L 160 21.75 -43.25 -19.02
N GLU L 161 22.06 -42.04 -18.55
CA GLU L 161 23.44 -41.63 -18.31
C GLU L 161 23.80 -41.79 -16.84
N SER L 162 25.10 -41.84 -16.59
CA SER L 162 25.61 -41.99 -15.24
C SER L 162 27.05 -41.51 -15.22
N VAL L 163 27.37 -40.70 -14.22
CA VAL L 163 28.66 -40.02 -14.13
C VAL L 163 29.35 -40.41 -12.83
N THR L 164 30.67 -40.54 -12.89
CA THR L 164 31.44 -40.75 -11.68
C THR L 164 31.70 -39.43 -10.97
N GLU L 165 32.09 -39.52 -9.70
CA GLU L 165 32.64 -38.35 -9.03
C GLU L 165 34.00 -38.02 -9.63
N GLN L 166 34.50 -36.83 -9.32
CA GLN L 166 35.81 -36.42 -9.82
C GLN L 166 36.86 -37.42 -9.40
N ASP L 167 37.73 -37.79 -10.34
CA ASP L 167 38.78 -38.75 -10.05
C ASP L 167 39.80 -38.16 -9.08
N SER L 168 40.28 -38.99 -8.15
CA SER L 168 41.16 -38.47 -7.11
C SER L 168 42.51 -38.04 -7.65
N LYS L 169 43.00 -38.70 -8.71
CA LYS L 169 44.36 -38.44 -9.16
C LYS L 169 44.44 -37.37 -10.25
N ASP L 170 43.49 -37.32 -11.18
CA ASP L 170 43.58 -36.37 -12.28
C ASP L 170 42.36 -35.45 -12.39
N SER L 171 41.43 -35.53 -11.45
CA SER L 171 40.33 -34.58 -11.32
C SER L 171 39.40 -34.58 -12.53
N THR L 172 39.33 -35.66 -13.29
CA THR L 172 38.46 -35.72 -14.46
C THR L 172 37.18 -36.49 -14.14
N TYR L 173 36.25 -36.44 -15.08
CA TYR L 173 35.00 -37.18 -14.98
C TYR L 173 34.94 -38.29 -16.03
N SER L 174 34.07 -39.27 -15.76
CA SER L 174 33.76 -40.31 -16.71
C SER L 174 32.26 -40.52 -16.75
N LEU L 175 31.73 -40.80 -17.94
CA LEU L 175 30.30 -40.89 -18.13
C LEU L 175 29.95 -42.12 -18.94
N SER L 176 28.82 -42.74 -18.63
CA SER L 176 28.37 -43.92 -19.33
C SER L 176 26.92 -43.72 -19.75
N SER L 177 26.65 -43.91 -21.04
CA SER L 177 25.30 -43.89 -21.57
C SER L 177 24.98 -45.28 -22.11
N THR L 178 23.87 -45.85 -21.66
CA THR L 178 23.50 -47.21 -22.04
C THR L 178 22.19 -47.16 -22.83
N LEU L 179 22.23 -47.71 -24.04
CA LEU L 179 21.04 -47.81 -24.87
C LEU L 179 20.47 -49.22 -24.72
N THR L 180 19.24 -49.30 -24.21
CA THR L 180 18.58 -50.57 -23.96
C THR L 180 17.48 -50.79 -24.98
N LEU L 181 17.59 -51.87 -25.75
CA LEU L 181 16.59 -52.24 -26.74
C LEU L 181 16.24 -53.70 -26.55
N SER L 182 15.03 -54.05 -26.94
CA SER L 182 14.66 -55.46 -27.05
C SER L 182 15.52 -56.13 -28.11
N LYS L 183 15.66 -57.45 -28.00
CA LYS L 183 16.42 -58.18 -29.01
C LYS L 183 15.82 -57.97 -30.38
N ALA L 184 14.49 -57.88 -30.47
CA ALA L 184 13.82 -57.68 -31.74
C ALA L 184 14.24 -56.37 -32.40
N ASP L 185 14.20 -55.27 -31.65
CA ASP L 185 14.51 -53.96 -32.21
C ASP L 185 15.99 -53.78 -32.51
N TYR L 186 16.87 -54.41 -31.73
CA TYR L 186 18.28 -54.39 -32.06
C TYR L 186 18.56 -55.10 -33.38
N GLU L 187 17.68 -56.00 -33.83
CA GLU L 187 17.89 -56.72 -35.06
C GLU L 187 17.42 -55.95 -36.29
N LYS L 188 16.61 -54.92 -36.12
CA LYS L 188 16.07 -54.21 -37.29
C LYS L 188 17.11 -53.33 -37.96
N HIS L 189 18.10 -52.84 -37.21
CA HIS L 189 19.01 -51.84 -37.71
C HIS L 189 20.44 -52.34 -37.62
N LYS L 190 21.31 -51.76 -38.44
CA LYS L 190 22.67 -52.24 -38.64
C LYS L 190 23.73 -51.38 -37.95
N VAL L 191 23.57 -50.06 -37.98
CA VAL L 191 24.56 -49.12 -37.47
C VAL L 191 24.00 -48.40 -36.25
N TYR L 192 24.80 -48.32 -35.20
CA TYR L 192 24.47 -47.55 -34.01
C TYR L 192 25.58 -46.55 -33.74
N ALA L 193 25.22 -45.33 -33.40
CA ALA L 193 26.20 -44.28 -33.17
C ALA L 193 25.80 -43.47 -31.96
N CYS L 194 26.78 -43.16 -31.11
CA CYS L 194 26.61 -42.16 -30.07
C CYS L 194 27.49 -40.97 -30.39
N GLU L 195 26.88 -39.79 -30.45
CA GLU L 195 27.54 -38.56 -30.85
C GLU L 195 27.83 -37.73 -29.60
N VAL L 196 29.11 -37.46 -29.35
CA VAL L 196 29.54 -36.74 -28.16
C VAL L 196 29.95 -35.34 -28.55
N THR L 197 29.37 -34.35 -27.88
CA THR L 197 29.80 -32.95 -28.00
C THR L 197 30.36 -32.49 -26.66
N HIS L 198 31.48 -31.78 -26.70
CA HIS L 198 32.14 -31.34 -25.48
C HIS L 198 33.00 -30.13 -25.78
N GLN L 199 33.17 -29.25 -24.78
CA GLN L 199 33.96 -28.05 -25.02
C GLN L 199 35.43 -28.35 -25.24
N GLY L 200 35.88 -29.57 -24.94
CA GLY L 200 37.22 -29.97 -25.30
C GLY L 200 37.37 -30.47 -26.72
N LEU L 201 36.27 -30.50 -27.47
CA LEU L 201 36.26 -30.94 -28.85
C LEU L 201 35.78 -29.80 -29.73
N SER L 202 36.55 -29.46 -30.75
CA SER L 202 36.07 -28.48 -31.71
C SER L 202 34.93 -29.06 -32.54
N SER L 203 35.17 -30.21 -33.16
CA SER L 203 34.09 -30.90 -33.86
C SER L 203 33.63 -32.11 -33.05
N PRO L 204 32.31 -32.29 -32.93
CA PRO L 204 31.79 -33.41 -32.15
C PRO L 204 32.24 -34.75 -32.73
N VAL L 205 32.54 -35.69 -31.82
CA VAL L 205 33.05 -37.00 -32.16
C VAL L 205 31.90 -38.00 -32.15
N THR L 206 31.79 -38.78 -33.22
CA THR L 206 30.80 -39.84 -33.35
C THR L 206 31.51 -41.18 -33.38
N LYS L 207 31.04 -42.13 -32.56
CA LYS L 207 31.58 -43.48 -32.54
C LYS L 207 30.48 -44.44 -32.99
N SER L 208 30.77 -45.24 -33.99
CA SER L 208 29.80 -46.14 -34.60
C SER L 208 30.32 -47.57 -34.56
N PHE L 209 29.42 -48.51 -34.33
CA PHE L 209 29.73 -49.93 -34.47
C PHE L 209 28.72 -50.54 -35.42
N ASN L 210 29.21 -51.41 -36.30
CA ASN L 210 28.36 -52.13 -37.24
C ASN L 210 27.93 -53.45 -36.62
N ARG L 211 26.63 -53.69 -36.59
CA ARG L 211 26.11 -54.83 -35.84
C ARG L 211 26.17 -56.11 -36.68
N GLY L 212 26.49 -57.21 -36.01
CA GLY L 212 26.89 -58.41 -36.73
C GLY L 212 28.24 -58.27 -37.40
N GLU L 213 29.06 -57.32 -36.95
CA GLU L 213 30.31 -57.00 -37.62
C GLU L 213 31.27 -56.41 -36.59
N CYS L 214 32.49 -56.92 -36.57
CA CYS L 214 33.46 -56.57 -35.54
C CYS L 214 34.66 -55.82 -36.13
N ASN M 1 -64.01 -2.57 5.30
CA ASN M 1 -64.92 -3.68 5.55
C ASN M 1 -65.70 -4.06 4.30
N SER M 2 -66.17 -3.04 3.58
CA SER M 2 -66.90 -3.29 2.34
C SER M 2 -65.95 -3.57 1.17
N THR M 3 -64.76 -2.98 1.19
CA THR M 3 -63.79 -3.16 0.12
C THR M 3 -62.40 -3.46 0.68
N ALA M 4 -61.40 -3.53 -0.20
CA ALA M 4 -60.03 -3.80 0.21
C ALA M 4 -59.08 -3.14 -0.77
N THR M 5 -57.85 -2.93 -0.32
CA THR M 5 -56.81 -2.27 -1.10
C THR M 5 -55.59 -3.17 -1.20
N LEU M 6 -55.04 -3.28 -2.40
CA LEU M 6 -53.82 -4.06 -2.65
C LEU M 6 -52.85 -3.21 -3.44
N CYS M 7 -51.73 -2.84 -2.81
CA CYS M 7 -50.71 -2.02 -3.44
C CYS M 7 -49.52 -2.87 -3.87
N LEU M 8 -48.92 -2.50 -5.00
CA LEU M 8 -47.70 -3.12 -5.48
C LEU M 8 -46.59 -2.09 -5.49
N GLY M 9 -45.39 -2.50 -5.07
CA GLY M 9 -44.30 -1.55 -4.98
C GLY M 9 -42.96 -2.24 -5.05
N HIS M 10 -41.91 -1.41 -5.03
CA HIS M 10 -40.54 -1.88 -5.06
C HIS M 10 -39.80 -1.26 -3.89
N HIS M 11 -38.64 -1.84 -3.58
CA HIS M 11 -37.91 -1.37 -2.41
C HIS M 11 -37.13 -0.10 -2.73
N ALA M 12 -36.64 0.54 -1.68
CA ALA M 12 -35.77 1.70 -1.79
C ALA M 12 -34.82 1.67 -0.62
N VAL M 13 -33.65 2.27 -0.80
CA VAL M 13 -32.65 2.30 0.26
C VAL M 13 -32.50 3.74 0.74
N PRO M 14 -32.10 3.95 2.00
CA PRO M 14 -31.84 5.33 2.44
C PRO M 14 -30.69 5.98 1.68
N ASN M 15 -29.65 5.24 1.36
CA ASN M 15 -28.46 5.78 0.69
C ASN M 15 -28.12 4.97 -0.55
N GLY M 16 -28.41 5.53 -1.73
CA GLY M 16 -28.07 4.91 -2.99
C GLY M 16 -26.75 5.40 -3.54
N THR M 17 -26.46 4.97 -4.77
CA THR M 17 -25.22 5.28 -5.45
C THR M 17 -25.51 5.91 -6.80
N LEU M 18 -24.64 6.81 -7.24
CA LEU M 18 -24.80 7.50 -8.52
C LEU M 18 -24.09 6.74 -9.63
N VAL M 19 -24.79 6.53 -10.74
CA VAL M 19 -24.24 5.88 -11.92
C VAL M 19 -24.61 6.68 -13.16
N LYS M 20 -23.92 6.39 -14.25
CA LYS M 20 -24.15 7.07 -15.51
C LYS M 20 -24.97 6.19 -16.46
N THR M 21 -25.80 6.84 -17.27
CA THR M 21 -26.56 6.14 -18.31
C THR M 21 -26.32 6.79 -19.68
N ILE M 22 -27.18 6.47 -20.65
CA ILE M 22 -27.03 7.04 -21.98
C ILE M 22 -27.23 8.54 -21.94
N THR M 23 -28.23 9.00 -21.17
CA THR M 23 -28.66 10.39 -21.20
C THR M 23 -28.35 11.18 -19.94
N ASP M 24 -27.97 10.52 -18.84
CA ASP M 24 -27.82 11.24 -17.58
C ASP M 24 -26.44 10.99 -16.98
N ASP M 25 -25.79 11.98 -16.43
CA ASP M 25 -24.54 11.60 -15.83
C ASP M 25 -24.55 11.28 -14.35
N GLN M 26 -25.68 11.41 -13.68
CA GLN M 26 -25.74 10.86 -12.32
C GLN M 26 -27.18 10.45 -12.01
N ILE M 27 -27.43 9.15 -12.03
CA ILE M 27 -28.72 8.57 -11.66
C ILE M 27 -28.51 7.75 -10.40
N GLU M 28 -29.38 7.93 -9.41
CA GLU M 28 -29.26 7.24 -8.13
C GLU M 28 -29.89 5.86 -8.23
N VAL M 29 -29.10 4.82 -7.95
CA VAL M 29 -29.58 3.44 -7.93
C VAL M 29 -29.34 2.86 -6.54
N THR M 30 -29.96 1.71 -6.29
CA THR M 30 -29.89 1.11 -4.96
C THR M 30 -28.51 0.55 -4.66
N ASN M 31 -27.76 0.16 -5.69
CA ASN M 31 -26.48 -0.49 -5.48
C ASN M 31 -25.71 -0.49 -6.78
N ALA M 32 -24.39 -0.51 -6.68
CA ALA M 32 -23.52 -0.52 -7.86
C ALA M 32 -22.19 -1.12 -7.48
N THR M 33 -21.45 -1.60 -8.48
CA THR M 33 -20.14 -2.19 -8.30
C THR M 33 -19.11 -1.47 -9.15
N GLU M 34 -17.86 -1.49 -8.70
CA GLU M 34 -16.77 -0.82 -9.38
C GLU M 34 -16.16 -1.71 -10.46
N LEU M 35 -15.98 -1.15 -11.66
CA LEU M 35 -15.41 -1.88 -12.78
C LEU M 35 -13.98 -1.50 -13.09
N VAL M 36 -13.39 -0.58 -12.34
CA VAL M 36 -12.02 -0.12 -12.58
C VAL M 36 -11.18 -0.47 -11.36
N GLN M 37 -10.22 -1.36 -11.53
CA GLN M 37 -9.25 -1.65 -10.49
C GLN M 37 -8.24 -0.52 -10.40
N SER M 38 -8.21 0.19 -9.28
CA SER M 38 -7.35 1.36 -9.16
C SER M 38 -6.42 1.33 -7.96
N SER M 39 -6.35 0.21 -7.24
CA SER M 39 -5.46 0.08 -6.10
C SER M 39 -4.61 -1.18 -6.25
N SER M 40 -3.48 -1.18 -5.56
CA SER M 40 -2.56 -2.31 -5.56
C SER M 40 -1.97 -2.47 -4.17
N THR M 41 -1.63 -3.73 -3.82
CA THR M 41 -0.95 -3.98 -2.56
C THR M 41 0.44 -3.38 -2.52
N GLY M 42 1.03 -3.11 -3.68
CA GLY M 42 2.37 -2.58 -3.75
C GLY M 42 3.45 -3.63 -3.86
N LYS M 43 3.08 -4.90 -3.86
CA LYS M 43 4.03 -6.00 -3.88
C LYS M 43 3.76 -6.90 -5.07
N ILE M 44 4.82 -7.51 -5.59
CA ILE M 44 4.73 -8.42 -6.72
C ILE M 44 4.67 -9.84 -6.19
N CYS M 45 3.55 -10.52 -6.44
CA CYS M 45 3.40 -11.89 -6.00
C CYS M 45 4.30 -12.82 -6.80
N ASN M 46 4.96 -13.74 -6.10
CA ASN M 46 5.91 -14.65 -6.73
C ASN M 46 5.25 -15.88 -7.35
N ASN M 47 3.92 -15.95 -7.32
CA ASN M 47 3.19 -17.03 -7.97
C ASN M 47 2.04 -16.42 -8.76
N PRO M 48 1.66 -17.05 -9.88
CA PRO M 48 2.15 -18.31 -10.42
C PRO M 48 3.28 -18.17 -11.44
N HIS M 49 3.67 -16.94 -11.77
CA HIS M 49 4.76 -16.70 -12.70
C HIS M 49 6.10 -16.74 -11.97
N ARG M 50 7.10 -17.31 -12.63
CA ARG M 50 8.45 -17.30 -12.08
C ARG M 50 9.02 -15.90 -12.17
N ILE M 51 9.15 -15.23 -11.03
CA ILE M 51 9.70 -13.88 -10.97
C ILE M 51 11.18 -13.98 -10.63
N LEU M 52 12.01 -13.37 -11.44
CA LEU M 52 13.42 -13.31 -11.14
C LEU M 52 13.79 -11.91 -10.81
N ASP M 53 14.31 -11.69 -9.63
CA ASP M 53 14.69 -10.36 -9.23
C ASP M 53 16.14 -10.09 -9.58
N GLY M 54 16.34 -9.04 -10.36
CA GLY M 54 17.61 -8.57 -10.80
C GLY M 54 18.54 -8.09 -9.72
N ILE M 55 17.97 -7.47 -8.70
CA ILE M 55 18.77 -6.88 -7.65
C ILE M 55 19.64 -5.79 -8.22
N ASP M 56 20.94 -5.98 -8.17
CA ASP M 56 21.86 -5.00 -8.69
C ASP M 56 22.18 -5.15 -10.18
N CYS M 57 21.57 -6.11 -10.86
CA CYS M 57 21.98 -6.47 -12.20
C CYS M 57 20.89 -6.17 -13.22
N THR M 58 21.29 -5.63 -14.36
CA THR M 58 20.42 -5.59 -15.53
C THR M 58 20.53 -6.91 -16.27
N LEU M 59 19.52 -7.18 -17.11
CA LEU M 59 19.51 -8.42 -17.89
C LEU M 59 20.76 -8.53 -18.76
N ILE M 60 21.22 -7.41 -19.31
CA ILE M 60 22.39 -7.44 -20.20
C ILE M 60 23.66 -7.75 -19.40
N ASP M 61 23.83 -7.10 -18.25
CA ASP M 61 25.00 -7.37 -17.42
C ASP M 61 25.01 -8.83 -16.96
N ALA M 62 23.83 -9.38 -16.67
CA ALA M 62 23.76 -10.81 -16.37
C ALA M 62 24.08 -11.64 -17.59
N LEU M 63 23.62 -11.21 -18.77
CA LEU M 63 23.90 -11.93 -20.00
C LEU M 63 25.41 -11.97 -20.27
N LEU M 64 26.07 -10.81 -20.25
CA LEU M 64 27.49 -10.76 -20.56
C LEU M 64 28.31 -11.48 -19.50
N GLY M 65 27.93 -11.37 -18.23
CA GLY M 65 28.67 -12.02 -17.17
C GLY M 65 29.49 -11.06 -16.32
N ASP M 66 28.90 -9.93 -15.97
CA ASP M 66 29.51 -9.06 -14.97
C ASP M 66 29.71 -9.85 -13.68
N PRO M 67 30.90 -9.81 -13.08
CA PRO M 67 31.17 -10.64 -11.88
C PRO M 67 30.14 -10.56 -10.77
N HIS M 68 29.62 -9.38 -10.45
CA HIS M 68 28.61 -9.35 -9.39
C HIS M 68 27.25 -9.81 -9.88
N CYS M 69 27.14 -10.25 -11.13
CA CYS M 69 25.94 -10.87 -11.67
C CYS M 69 26.11 -12.37 -11.86
N ASP M 70 27.19 -12.95 -11.34
CA ASP M 70 27.48 -14.37 -11.58
C ASP M 70 26.36 -15.26 -11.06
N VAL M 71 25.61 -14.81 -10.05
CA VAL M 71 24.56 -15.64 -9.47
C VAL M 71 23.45 -15.93 -10.46
N PHE M 72 23.34 -15.15 -11.53
CA PHE M 72 22.27 -15.30 -12.51
C PHE M 72 22.63 -16.23 -13.66
N GLN M 73 23.80 -16.88 -13.62
CA GLN M 73 24.16 -17.82 -14.67
C GLN M 73 23.14 -18.94 -14.78
N ASN M 74 22.72 -19.24 -16.01
CA ASN M 74 21.79 -20.31 -16.32
C ASN M 74 20.39 -20.09 -15.75
N GLU M 75 20.05 -18.86 -15.40
CA GLU M 75 18.75 -18.63 -14.80
C GLU M 75 17.65 -18.62 -15.85
N THR M 76 16.42 -18.84 -15.39
CA THR M 76 15.23 -18.75 -16.22
C THR M 76 14.24 -17.82 -15.54
N TRP M 77 13.22 -17.42 -16.28
CA TRP M 77 12.22 -16.52 -15.71
C TRP M 77 10.99 -16.48 -16.61
N ASP M 78 9.85 -16.19 -16.00
CA ASP M 78 8.69 -15.70 -16.71
C ASP M 78 8.72 -14.18 -16.79
N LEU M 79 9.16 -13.53 -15.72
CA LEU M 79 9.23 -12.07 -15.66
C LEU M 79 10.54 -11.69 -14.97
N PHE M 80 11.45 -11.06 -15.70
CA PHE M 80 12.67 -10.50 -15.14
C PHE M 80 12.36 -9.09 -14.65
N VAL M 81 12.68 -8.80 -13.39
CA VAL M 81 12.39 -7.52 -12.79
C VAL M 81 13.71 -6.77 -12.63
N GLU M 82 13.85 -5.66 -13.37
CA GLU M 82 15.03 -4.82 -13.29
C GLU M 82 14.80 -3.69 -12.28
N ARG M 83 15.77 -3.48 -11.40
CA ARG M 83 15.69 -2.47 -10.36
C ARG M 83 16.46 -1.22 -10.75
N SER M 84 16.00 -0.06 -10.27
CA SER M 84 16.66 1.19 -10.56
C SER M 84 18.05 1.29 -9.93
N LYS M 85 18.31 0.54 -8.86
CA LYS M 85 19.62 0.56 -8.21
C LYS M 85 20.69 -0.19 -8.99
N ALA M 86 20.35 -0.81 -10.11
CA ALA M 86 21.30 -1.65 -10.83
C ALA M 86 22.49 -0.83 -11.32
N PHE M 87 23.64 -1.49 -11.44
CA PHE M 87 24.86 -0.82 -11.85
C PHE M 87 25.79 -1.81 -12.53
N SER M 88 26.62 -1.29 -13.42
CA SER M 88 27.66 -2.08 -14.05
C SER M 88 28.97 -1.90 -13.30
N ASN M 89 29.76 -2.97 -13.24
CA ASN M 89 31.01 -2.92 -12.51
C ASN M 89 32.09 -3.73 -13.20
N CYS M 90 32.05 -3.78 -14.54
CA CYS M 90 33.06 -4.51 -15.29
C CYS M 90 33.69 -3.59 -16.32
N TYR M 91 34.21 -4.15 -17.42
CA TYR M 91 34.81 -3.33 -18.44
C TYR M 91 33.75 -2.40 -19.02
N PRO M 92 34.05 -1.13 -19.20
CA PRO M 92 33.06 -0.20 -19.74
C PRO M 92 32.68 -0.60 -21.16
N TYR M 93 31.37 -0.71 -21.41
CA TYR M 93 30.91 -1.25 -22.68
C TYR M 93 29.74 -0.44 -23.21
N ASP M 94 29.49 -0.59 -24.49
CA ASP M 94 28.29 -0.06 -25.11
C ASP M 94 27.68 -1.11 -26.02
N VAL M 95 26.37 -1.02 -26.19
CA VAL M 95 25.61 -1.96 -26.99
C VAL M 95 24.79 -1.19 -28.02
N PRO M 96 25.25 -1.13 -29.27
CA PRO M 96 24.39 -0.63 -30.35
C PRO M 96 23.13 -1.48 -30.46
N ASP M 97 21.98 -0.80 -30.50
CA ASP M 97 20.68 -1.46 -30.45
C ASP M 97 20.51 -2.24 -29.15
N TYR M 98 20.86 -1.59 -28.05
CA TYR M 98 20.70 -2.18 -26.72
C TYR M 98 19.27 -2.67 -26.51
N ALA M 99 18.28 -1.86 -26.87
CA ALA M 99 16.89 -2.19 -26.57
C ALA M 99 16.46 -3.46 -27.27
N SER M 100 16.93 -3.68 -28.51
CA SER M 100 16.55 -4.88 -29.24
C SER M 100 17.20 -6.12 -28.65
N LEU M 101 18.45 -6.02 -28.23
CA LEU M 101 19.10 -7.16 -27.59
C LEU M 101 18.45 -7.47 -26.24
N ARG M 102 18.22 -6.43 -25.44
CA ARG M 102 17.51 -6.63 -24.17
C ARG M 102 16.14 -7.24 -24.40
N SER M 103 15.47 -6.85 -25.48
CA SER M 103 14.12 -7.33 -25.73
C SER M 103 14.11 -8.82 -26.08
N LEU M 104 15.00 -9.24 -26.98
CA LEU M 104 14.95 -10.61 -27.46
C LEU M 104 15.45 -11.59 -26.42
N VAL M 105 16.44 -11.20 -25.61
CA VAL M 105 16.88 -12.07 -24.53
C VAL M 105 15.78 -12.23 -23.50
N ALA M 106 15.09 -11.14 -23.17
CA ALA M 106 13.98 -11.22 -22.22
C ALA M 106 12.87 -12.11 -22.75
N SER M 107 12.60 -12.05 -24.06
CA SER M 107 11.54 -12.86 -24.63
C SER M 107 11.91 -14.34 -24.66
N SER M 108 13.21 -14.64 -24.74
CA SER M 108 13.65 -16.04 -24.70
C SER M 108 13.48 -16.63 -23.30
N GLY M 109 13.63 -15.83 -22.26
CA GLY M 109 13.33 -16.26 -20.92
C GLY M 109 14.37 -17.13 -20.26
N THR M 110 15.60 -17.12 -20.75
CA THR M 110 16.61 -17.99 -20.20
C THR M 110 18.00 -17.43 -20.49
N LEU M 111 18.91 -17.64 -19.56
CA LEU M 111 20.33 -17.39 -19.78
C LEU M 111 21.12 -18.70 -19.88
N GLU M 112 20.44 -19.76 -20.32
CA GLU M 112 21.07 -21.06 -20.51
C GLU M 112 22.22 -20.96 -21.49
N PHE M 113 23.43 -21.17 -21.02
CA PHE M 113 24.64 -20.98 -21.81
C PHE M 113 25.32 -22.33 -21.99
N ILE M 114 25.77 -22.61 -23.21
CA ILE M 114 26.51 -23.83 -23.53
C ILE M 114 27.86 -23.42 -24.07
N THR M 115 28.92 -23.82 -23.39
CA THR M 115 30.27 -23.52 -23.82
C THR M 115 30.65 -24.41 -25.00
N GLU M 116 31.30 -23.82 -25.99
CA GLU M 116 31.71 -24.54 -27.18
C GLU M 116 33.23 -24.51 -27.32
N GLY M 117 33.75 -25.50 -28.04
CA GLY M 117 35.18 -25.64 -28.23
C GLY M 117 35.75 -24.81 -29.34
N PHE M 118 35.74 -23.49 -29.18
CA PHE M 118 36.42 -22.62 -30.13
C PHE M 118 37.93 -22.82 -30.01
N THR M 119 38.60 -22.96 -31.14
CA THR M 119 40.05 -23.10 -31.17
C THR M 119 40.65 -21.79 -31.68
N TRP M 120 41.37 -21.09 -30.81
CA TRP M 120 41.98 -19.82 -31.14
C TRP M 120 43.50 -20.04 -31.19
N THR M 121 44.01 -20.29 -32.39
CA THR M 121 45.41 -20.62 -32.58
C THR M 121 46.23 -19.35 -32.79
N GLY M 122 47.32 -19.23 -32.03
CA GLY M 122 48.25 -18.13 -32.20
C GLY M 122 47.96 -16.89 -31.38
N VAL M 123 47.01 -16.94 -30.46
CA VAL M 123 46.64 -15.79 -29.63
C VAL M 123 46.62 -16.21 -28.16
N THR M 124 46.75 -15.21 -27.29
CA THR M 124 46.59 -15.40 -25.86
C THR M 124 45.12 -15.22 -25.49
N GLN M 125 44.63 -16.07 -24.59
CA GLN M 125 43.23 -16.06 -24.22
C GLN M 125 43.05 -15.58 -22.79
N ASN M 126 41.78 -15.32 -22.45
CA ASN M 126 41.36 -15.05 -21.08
C ASN M 126 41.98 -13.75 -20.54
N GLY M 127 41.86 -12.69 -21.34
CA GLY M 127 42.34 -11.40 -20.89
C GLY M 127 41.49 -10.86 -19.75
N GLY M 128 42.15 -10.09 -18.87
CA GLY M 128 41.49 -9.55 -17.70
C GLY M 128 41.80 -8.08 -17.54
N SER M 129 41.14 -7.47 -16.56
CA SER M 129 41.32 -6.05 -16.31
C SER M 129 41.00 -5.74 -14.86
N ASN M 130 41.70 -4.74 -14.32
CA ASN M 130 41.43 -4.30 -12.95
C ASN M 130 40.14 -3.50 -12.84
N ALA M 131 39.54 -3.13 -13.97
CA ALA M 131 38.22 -2.52 -13.96
C ALA M 131 37.10 -3.54 -13.84
N CYS M 132 37.44 -4.82 -13.82
CA CYS M 132 36.45 -5.89 -13.77
C CYS M 132 36.95 -7.01 -12.86
N LYS M 133 37.18 -6.67 -11.59
CA LYS M 133 37.73 -7.62 -10.65
C LYS M 133 36.72 -8.71 -10.31
N ARG M 134 37.18 -9.96 -10.36
CA ARG M 134 36.42 -11.11 -9.88
C ARG M 134 37.25 -11.76 -8.78
N GLY M 135 36.78 -11.65 -7.55
CA GLY M 135 37.59 -12.00 -6.41
C GLY M 135 38.61 -10.92 -6.15
N PRO M 136 39.81 -11.31 -5.69
CA PRO M 136 40.84 -10.31 -5.43
C PRO M 136 41.51 -9.79 -6.70
N GLY M 137 41.60 -10.66 -7.71
CA GLY M 137 42.37 -10.37 -8.90
C GLY M 137 41.53 -9.86 -10.06
N SER M 138 42.23 -9.46 -11.11
CA SER M 138 41.58 -8.94 -12.30
C SER M 138 40.77 -10.04 -12.99
N GLY M 139 39.72 -9.63 -13.68
CA GLY M 139 38.85 -10.54 -14.37
C GLY M 139 38.22 -9.94 -15.61
N PHE M 140 37.10 -10.50 -16.03
CA PHE M 140 36.45 -10.10 -17.28
C PHE M 140 35.05 -10.72 -17.28
N PHE M 141 34.27 -10.40 -18.32
CA PHE M 141 32.96 -10.98 -18.47
C PHE M 141 33.07 -12.50 -18.58
N SER M 142 32.24 -13.22 -17.83
CA SER M 142 32.36 -14.67 -17.76
C SER M 142 32.05 -15.33 -19.09
N ARG M 143 31.21 -14.73 -19.92
CA ARG M 143 30.81 -15.33 -21.18
C ARG M 143 31.63 -14.84 -22.36
N LEU M 144 32.59 -13.95 -22.14
CA LEU M 144 33.40 -13.39 -23.20
C LEU M 144 34.87 -13.76 -23.01
N ASN M 145 35.61 -13.79 -24.11
CA ASN M 145 37.00 -14.23 -24.14
C ASN M 145 37.85 -13.17 -24.81
N TRP M 146 38.67 -12.47 -24.03
CA TRP M 146 39.48 -11.37 -24.53
C TRP M 146 40.79 -11.91 -25.08
N LEU M 147 40.91 -11.94 -26.41
CA LEU M 147 42.09 -12.46 -27.08
C LEU M 147 43.09 -11.35 -27.37
N THR M 148 44.37 -11.64 -27.15
CA THR M 148 45.44 -10.68 -27.44
C THR M 148 46.55 -11.42 -28.19
N LYS M 149 47.60 -10.67 -28.51
CA LYS M 149 48.71 -11.24 -29.27
C LYS M 149 49.41 -12.34 -28.49
N SER M 150 50.09 -13.20 -29.22
CA SER M 150 50.97 -14.22 -28.65
C SER M 150 52.34 -14.05 -29.29
N GLY M 151 53.33 -13.73 -28.47
CA GLY M 151 54.64 -13.37 -28.96
C GLY M 151 54.64 -12.07 -29.72
N SER M 152 55.10 -12.10 -30.95
CA SER M 152 55.14 -10.91 -31.75
C SER M 152 54.08 -10.81 -32.80
N THR M 153 53.14 -11.74 -32.80
CA THR M 153 52.14 -11.77 -33.85
C THR M 153 50.71 -11.94 -33.36
N TYR M 154 49.76 -11.39 -34.10
CA TYR M 154 48.34 -11.69 -33.92
C TYR M 154 47.84 -12.18 -35.27
N PRO M 155 47.59 -13.48 -35.42
CA PRO M 155 47.26 -14.01 -36.75
C PRO M 155 45.85 -13.66 -37.15
N VAL M 156 45.52 -13.98 -38.40
CA VAL M 156 44.17 -13.81 -38.90
C VAL M 156 43.36 -15.00 -38.40
N LEU M 157 42.54 -14.78 -37.38
CA LEU M 157 41.70 -15.84 -36.85
C LEU M 157 40.62 -16.19 -37.86
N ASN M 158 40.31 -17.48 -37.97
CA ASN M 158 39.35 -17.98 -38.95
C ASN M 158 38.75 -19.26 -38.37
N VAL M 159 37.64 -19.11 -37.65
CA VAL M 159 37.01 -20.20 -36.93
C VAL M 159 35.56 -20.33 -37.35
N THR M 160 35.11 -21.55 -37.60
CA THR M 160 33.72 -21.83 -37.95
C THR M 160 33.11 -22.74 -36.91
N MET M 161 31.87 -22.46 -36.54
CA MET M 161 31.14 -23.24 -35.53
C MET M 161 29.76 -23.58 -36.08
N PRO M 162 29.55 -24.81 -36.55
CA PRO M 162 28.25 -25.18 -37.13
C PRO M 162 27.18 -25.36 -36.08
N ASN M 163 25.94 -25.14 -36.50
CA ASN M 163 24.78 -25.41 -35.66
C ASN M 163 24.12 -26.68 -36.19
N ASN M 164 24.35 -27.79 -35.48
CA ASN M 164 23.75 -29.07 -35.83
C ASN M 164 22.58 -29.43 -34.92
N ASP M 165 22.06 -28.47 -34.17
CA ASP M 165 20.93 -28.69 -33.29
C ASP M 165 19.64 -28.25 -33.97
N ASN M 166 18.51 -28.44 -33.28
CA ASN M 166 17.21 -28.09 -33.81
C ASN M 166 16.65 -26.81 -33.19
N PHE M 167 17.51 -25.93 -32.70
CA PHE M 167 17.09 -24.67 -32.11
C PHE M 167 18.04 -23.57 -32.55
N ASP M 168 17.61 -22.33 -32.37
CA ASP M 168 18.45 -21.18 -32.67
C ASP M 168 19.51 -20.99 -31.60
N LYS M 169 20.70 -20.57 -32.02
CA LYS M 169 21.79 -20.25 -31.11
C LYS M 169 22.03 -18.75 -31.11
N LEU M 170 22.10 -18.15 -29.92
CA LEU M 170 22.42 -16.74 -29.77
C LEU M 170 23.88 -16.60 -29.37
N TYR M 171 24.65 -15.88 -30.17
CA TYR M 171 26.06 -15.64 -29.89
C TYR M 171 26.26 -14.18 -29.54
N ILE M 172 26.94 -13.94 -28.43
CA ILE M 172 27.29 -12.58 -27.99
C ILE M 172 28.80 -12.43 -28.15
N TRP M 173 29.21 -11.34 -28.80
CA TRP M 173 30.62 -11.08 -29.01
C TRP M 173 30.84 -9.57 -28.99
N GLY M 174 32.11 -9.17 -29.06
CA GLY M 174 32.42 -7.76 -28.93
C GLY M 174 33.67 -7.35 -29.68
N VAL M 175 33.90 -6.04 -29.68
CA VAL M 175 35.06 -5.43 -30.31
C VAL M 175 35.69 -4.46 -29.31
N HIS M 176 37.00 -4.58 -29.11
CA HIS M 176 37.72 -3.71 -28.19
C HIS M 176 38.13 -2.43 -28.91
N HIS M 177 37.91 -1.29 -28.24
CA HIS M 177 38.31 0.02 -28.73
C HIS M 177 39.42 0.57 -27.86
N PRO M 178 40.68 0.36 -28.20
CA PRO M 178 41.77 0.92 -27.39
C PRO M 178 41.74 2.45 -27.42
N SER M 179 42.49 3.05 -26.53
CA SER M 179 42.51 4.50 -26.41
C SER M 179 43.75 5.15 -27.00
N THR M 180 44.84 4.40 -27.16
CA THR M 180 46.05 4.92 -27.77
C THR M 180 46.56 3.93 -28.81
N ASN M 181 47.38 4.42 -29.73
CA ASN M 181 48.01 3.53 -30.70
C ASN M 181 48.98 2.58 -30.03
N GLN M 182 49.57 2.99 -28.90
CA GLN M 182 50.46 2.09 -28.17
C GLN M 182 49.68 0.92 -27.58
N GLU M 183 48.48 1.18 -27.07
CA GLU M 183 47.64 0.10 -26.56
C GLU M 183 47.20 -0.84 -27.67
N GLN M 184 46.84 -0.29 -28.83
CA GLN M 184 46.41 -1.10 -29.96
C GLN M 184 47.50 -2.07 -30.40
N THR M 185 48.71 -1.57 -30.62
CA THR M 185 49.77 -2.43 -31.12
C THR M 185 50.30 -3.37 -30.05
N SER M 186 50.35 -2.94 -28.80
CA SER M 186 50.82 -3.81 -27.74
C SER M 186 49.89 -4.98 -27.50
N LEU M 187 48.62 -4.85 -27.90
CA LEU M 187 47.63 -5.91 -27.70
C LEU M 187 47.38 -6.73 -28.95
N TYR M 188 47.45 -6.12 -30.14
CA TYR M 188 47.06 -6.82 -31.36
C TYR M 188 48.07 -6.64 -32.50
N VAL M 189 49.25 -6.10 -32.22
CA VAL M 189 50.31 -5.92 -33.21
C VAL M 189 49.87 -5.00 -34.34
N GLN M 190 48.81 -5.40 -35.06
CA GLN M 190 48.33 -4.60 -36.18
C GLN M 190 47.89 -3.22 -35.72
N ALA M 191 48.22 -2.21 -36.52
CA ALA M 191 47.88 -0.84 -36.18
C ALA M 191 46.38 -0.57 -36.25
N SER M 192 45.63 -1.43 -36.95
CA SER M 192 44.19 -1.31 -37.06
C SER M 192 43.61 -2.71 -37.15
N GLY M 193 42.68 -3.02 -36.24
CA GLY M 193 42.06 -4.33 -36.22
C GLY M 193 40.80 -4.39 -37.06
N ARG M 194 40.17 -5.56 -37.04
CA ARG M 194 38.94 -5.80 -37.77
C ARG M 194 38.29 -7.05 -37.21
N VAL M 195 36.98 -7.02 -37.05
CA VAL M 195 36.21 -8.15 -36.57
C VAL M 195 35.07 -8.39 -37.54
N THR M 196 34.99 -9.61 -38.07
CA THR M 196 33.92 -9.98 -38.99
C THR M 196 33.27 -11.25 -38.47
N VAL M 197 31.96 -11.19 -38.26
CA VAL M 197 31.17 -12.33 -37.80
C VAL M 197 30.04 -12.53 -38.79
N SER M 198 30.01 -13.70 -39.44
CA SER M 198 29.08 -13.93 -40.52
C SER M 198 28.46 -15.31 -40.40
N THR M 199 27.27 -15.44 -40.98
CA THR M 199 26.61 -16.70 -41.24
C THR M 199 26.45 -16.85 -42.76
N ARG M 200 25.60 -17.78 -43.18
CA ARG M 200 25.30 -17.87 -44.61
C ARG M 200 24.36 -16.77 -45.09
N ARG M 201 23.68 -16.08 -44.17
CA ARG M 201 22.68 -15.09 -44.52
C ARG M 201 22.94 -13.73 -43.91
N SER M 202 24.10 -13.52 -43.28
CA SER M 202 24.35 -12.26 -42.59
C SER M 202 25.84 -12.05 -42.49
N GLN M 203 26.25 -10.78 -42.47
CA GLN M 203 27.63 -10.41 -42.20
C GLN M 203 27.67 -9.15 -41.36
N GLN M 204 28.59 -9.12 -40.40
CA GLN M 204 28.83 -7.96 -39.56
C GLN M 204 30.33 -7.69 -39.54
N THR M 205 30.75 -6.56 -40.08
CA THR M 205 32.16 -6.19 -40.13
C THR M 205 32.34 -4.90 -39.33
N ILE M 206 33.21 -4.94 -38.34
CA ILE M 206 33.47 -3.81 -37.46
C ILE M 206 34.94 -3.45 -37.54
N ILE M 207 35.23 -2.17 -37.72
CA ILE M 207 36.59 -1.64 -37.60
C ILE M 207 36.64 -0.84 -36.31
N PRO M 208 37.51 -1.17 -35.37
CA PRO M 208 37.56 -0.43 -34.11
C PRO M 208 38.10 0.97 -34.31
N ASN M 209 37.66 1.88 -33.44
CA ASN M 209 38.15 3.25 -33.41
C ASN M 209 39.02 3.42 -32.19
N ILE M 210 40.18 4.04 -32.39
CA ILE M 210 41.16 4.27 -31.33
C ILE M 210 40.99 5.71 -30.87
N GLU M 211 40.37 5.86 -29.71
CA GLU M 211 39.90 7.12 -29.19
C GLU M 211 39.96 7.17 -27.66
N SER M 212 40.36 8.29 -27.04
CA SER M 212 40.28 8.41 -25.59
C SER M 212 38.88 8.87 -25.20
N ARG M 213 38.26 8.11 -24.31
CA ARG M 213 36.91 8.35 -23.82
C ARG M 213 36.92 8.68 -22.32
N PRO M 214 35.84 9.26 -21.79
CA PRO M 214 35.85 9.62 -20.36
C PRO M 214 36.17 8.43 -19.47
N TRP M 215 36.91 8.71 -18.40
CA TRP M 215 37.49 7.65 -17.57
C TRP M 215 36.43 6.97 -16.72
N VAL M 216 36.33 5.65 -16.86
CA VAL M 216 35.46 4.81 -16.05
C VAL M 216 36.30 3.70 -15.47
N ARG M 217 36.25 3.54 -14.14
CA ARG M 217 37.02 2.53 -13.42
C ARG M 217 38.48 2.52 -13.87
N GLY M 218 39.03 3.72 -14.09
CA GLY M 218 40.42 3.88 -14.46
C GLY M 218 40.73 3.70 -15.92
N LEU M 219 39.73 3.54 -16.79
CA LEU M 219 39.96 3.23 -18.18
C LEU M 219 39.32 4.27 -19.09
N SER M 220 39.98 4.53 -20.22
CA SER M 220 39.44 5.37 -21.27
C SER M 220 39.09 4.57 -22.53
N SER M 221 39.34 3.26 -22.52
CA SER M 221 38.96 2.40 -23.63
C SER M 221 37.59 1.75 -23.35
N ARG M 222 37.04 1.11 -24.38
CA ARG M 222 35.70 0.56 -24.26
C ARG M 222 35.60 -0.74 -25.04
N ILE M 223 34.44 -1.38 -24.93
CA ILE M 223 34.10 -2.59 -25.66
C ILE M 223 32.69 -2.42 -26.21
N SER M 224 32.53 -2.64 -27.51
CA SER M 224 31.22 -2.61 -28.13
C SER M 224 30.72 -4.03 -28.31
N ILE M 225 29.48 -4.27 -27.89
CA ILE M 225 28.89 -5.61 -27.88
C ILE M 225 27.99 -5.79 -29.09
N TYR M 226 28.06 -6.97 -29.71
CA TYR M 226 27.22 -7.33 -30.85
C TYR M 226 26.68 -8.74 -30.65
N TRP M 227 25.70 -9.11 -31.47
CA TRP M 227 25.09 -10.43 -31.34
C TRP M 227 24.74 -10.99 -32.71
N THR M 228 24.64 -12.32 -32.76
CA THR M 228 24.39 -13.04 -33.99
C THR M 228 23.56 -14.28 -33.69
N ILE M 229 22.49 -14.50 -34.44
CA ILE M 229 21.62 -15.65 -34.25
C ILE M 229 21.88 -16.64 -35.38
N VAL M 230 22.18 -17.88 -35.01
CA VAL M 230 22.50 -18.92 -35.98
C VAL M 230 21.34 -19.92 -36.00
N LYS M 231 20.66 -19.99 -37.14
CA LYS M 231 19.54 -20.91 -37.30
C LYS M 231 20.05 -22.34 -37.49
N PRO M 232 19.21 -23.34 -37.25
CA PRO M 232 19.63 -24.72 -37.46
C PRO M 232 20.09 -24.96 -38.89
N GLY M 233 21.23 -25.63 -39.02
CA GLY M 233 21.81 -25.92 -40.32
C GLY M 233 22.77 -24.87 -40.81
N ASP M 234 22.79 -23.68 -40.21
CA ASP M 234 23.68 -22.60 -40.61
C ASP M 234 25.03 -22.74 -39.90
N VAL M 235 25.94 -21.82 -40.19
CA VAL M 235 27.29 -21.85 -39.65
C VAL M 235 27.67 -20.47 -39.18
N LEU M 236 28.32 -20.39 -38.02
CA LEU M 236 28.91 -19.15 -37.55
C LEU M 236 30.38 -19.11 -37.94
N VAL M 237 30.79 -18.03 -38.59
CA VAL M 237 32.17 -17.85 -39.02
C VAL M 237 32.68 -16.55 -38.41
N ILE M 238 33.77 -16.64 -37.65
CA ILE M 238 34.42 -15.49 -37.04
C ILE M 238 35.77 -15.31 -37.69
N ASN M 239 36.02 -14.11 -38.22
CA ASN M 239 37.28 -13.76 -38.84
C ASN M 239 37.76 -12.46 -38.24
N SER M 240 38.99 -12.44 -37.72
CA SER M 240 39.47 -11.26 -37.03
C SER M 240 40.96 -11.08 -37.22
N ASN M 241 41.36 -9.84 -37.48
CA ASN M 241 42.75 -9.41 -37.57
C ASN M 241 43.22 -8.78 -36.27
N GLY M 242 42.33 -8.54 -35.34
CA GLY M 242 42.64 -7.90 -34.07
C GLY M 242 41.39 -7.33 -33.44
N ASN M 243 41.48 -7.09 -32.13
CA ASN M 243 40.44 -6.43 -31.33
C ASN M 243 39.20 -7.29 -31.14
N LEU M 244 39.31 -8.60 -31.28
CA LEU M 244 38.15 -9.49 -31.14
C LEU M 244 37.93 -9.85 -29.68
N ILE M 245 36.72 -9.56 -29.20
CA ILE M 245 36.25 -10.08 -27.91
C ILE M 245 35.38 -11.29 -28.24
N ALA M 246 35.96 -12.47 -28.13
CA ALA M 246 35.38 -13.67 -28.70
C ALA M 246 34.31 -14.27 -27.78
N PRO M 247 33.32 -14.95 -28.36
CA PRO M 247 32.38 -15.70 -27.54
C PRO M 247 32.99 -16.99 -27.03
N ARG M 248 32.44 -17.48 -25.93
CA ARG M 248 32.82 -18.78 -25.38
C ARG M 248 31.81 -19.86 -25.72
N GLY M 249 30.64 -19.49 -26.24
CA GLY M 249 29.60 -20.46 -26.53
C GLY M 249 28.34 -19.73 -26.95
N TYR M 250 27.20 -20.41 -26.82
CA TYR M 250 25.93 -19.87 -27.26
C TYR M 250 24.90 -19.93 -26.14
N PHE M 251 23.91 -19.05 -26.25
CA PHE M 251 22.72 -19.09 -25.42
C PHE M 251 21.62 -19.83 -26.17
N LYS M 252 20.92 -20.72 -25.47
CA LYS M 252 19.82 -21.44 -26.08
C LYS M 252 18.60 -20.54 -26.13
N MET M 253 18.08 -20.31 -27.32
CA MET M 253 16.95 -19.42 -27.52
C MET M 253 15.65 -20.18 -27.45
N ARG M 254 14.63 -19.55 -26.89
CA ARG M 254 13.31 -20.14 -26.77
C ARG M 254 12.25 -19.13 -27.17
N THR M 255 11.03 -19.62 -27.36
CA THR M 255 9.86 -18.78 -27.53
C THR M 255 8.86 -19.13 -26.43
N GLY M 256 8.19 -18.11 -25.89
CA GLY M 256 7.24 -18.36 -24.83
C GLY M 256 6.73 -17.07 -24.24
N LYS M 257 6.28 -17.16 -22.99
CA LYS M 257 5.57 -16.08 -22.32
C LYS M 257 6.49 -15.15 -21.53
N SER M 258 7.80 -15.27 -21.68
CA SER M 258 8.71 -14.50 -20.85
C SER M 258 8.79 -13.05 -21.31
N SER M 259 9.01 -12.17 -20.35
CA SER M 259 9.16 -10.75 -20.62
C SER M 259 10.08 -10.14 -19.57
N ILE M 260 10.14 -8.82 -19.53
CA ILE M 260 10.96 -8.08 -18.58
C ILE M 260 10.19 -6.84 -18.16
N MET M 261 10.39 -6.42 -16.92
CA MET M 261 9.68 -5.28 -16.39
C MET M 261 10.60 -4.46 -15.50
N ARG M 262 10.52 -3.14 -15.61
CA ARG M 262 11.23 -2.23 -14.73
C ARG M 262 10.34 -1.89 -13.55
N SER M 263 10.77 -2.25 -12.34
CA SER M 263 9.95 -2.00 -11.16
C SER M 263 10.82 -1.99 -9.92
N ASP M 264 10.38 -1.23 -8.92
CA ASP M 264 11.00 -1.24 -7.60
C ASP M 264 10.06 -1.83 -6.55
N ALA M 265 8.98 -2.46 -6.95
CA ALA M 265 8.08 -3.08 -6.00
C ALA M 265 8.72 -4.33 -5.41
N PRO M 266 8.58 -4.56 -4.11
CA PRO M 266 9.12 -5.77 -3.52
C PRO M 266 8.31 -7.00 -3.90
N ILE M 267 8.96 -8.15 -3.79
CA ILE M 267 8.33 -9.43 -4.11
C ILE M 267 7.83 -10.08 -2.83
N ASP M 268 6.61 -10.60 -2.89
CA ASP M 268 5.95 -11.18 -1.73
C ASP M 268 5.52 -12.61 -2.05
N THR M 269 5.14 -13.34 -1.00
CA THR M 269 4.68 -14.72 -1.13
C THR M 269 3.16 -14.71 -1.23
N CYS M 270 2.65 -14.55 -2.45
CA CYS M 270 1.21 -14.54 -2.71
C CYS M 270 0.95 -15.03 -4.12
N ILE M 271 -0.33 -15.12 -4.48
CA ILE M 271 -0.75 -15.58 -5.79
C ILE M 271 -1.49 -14.45 -6.49
N SER M 272 -1.07 -14.14 -7.72
CA SER M 272 -1.71 -13.10 -8.52
C SER M 272 -1.32 -13.28 -9.97
N GLU M 273 -2.33 -13.34 -10.85
CA GLU M 273 -2.06 -13.54 -12.27
C GLU M 273 -1.51 -12.30 -12.96
N CYS M 274 -1.90 -11.12 -12.51
CA CYS M 274 -1.56 -9.86 -13.15
C CYS M 274 -0.47 -9.14 -12.37
N ILE M 275 0.53 -8.62 -13.09
CA ILE M 275 1.64 -7.91 -12.48
C ILE M 275 1.79 -6.56 -13.15
N THR M 276 1.89 -5.51 -12.34
CA THR M 276 2.20 -4.16 -12.79
C THR M 276 3.48 -3.69 -12.10
N PRO M 277 4.15 -2.67 -12.63
CA PRO M 277 5.27 -2.08 -11.90
C PRO M 277 4.89 -1.56 -10.53
N ASN M 278 3.62 -1.22 -10.32
CA ASN M 278 3.13 -0.83 -9.00
C ASN M 278 2.88 -2.03 -8.10
N GLY M 279 3.08 -3.24 -8.57
CA GLY M 279 2.78 -4.45 -7.83
C GLY M 279 1.66 -5.23 -8.50
N SER M 280 1.37 -6.38 -7.90
CA SER M 280 0.29 -7.21 -8.40
C SER M 280 -1.06 -6.55 -8.16
N ILE M 281 -2.00 -6.83 -9.06
CA ILE M 281 -3.37 -6.34 -8.90
C ILE M 281 -4.31 -7.51 -9.19
N PRO M 282 -5.50 -7.54 -8.60
CA PRO M 282 -6.47 -8.58 -8.93
C PRO M 282 -7.11 -8.32 -10.29
N ASN M 283 -7.73 -9.37 -10.83
CA ASN M 283 -8.38 -9.28 -12.13
C ASN M 283 -9.86 -9.63 -12.07
N ASP M 284 -10.52 -9.32 -10.95
CA ASP M 284 -11.95 -9.54 -10.85
C ASP M 284 -12.75 -8.43 -11.51
N LYS M 285 -12.10 -7.32 -11.88
CA LYS M 285 -12.72 -6.21 -12.59
C LYS M 285 -12.22 -6.17 -14.03
N PRO M 286 -13.07 -5.78 -14.98
CA PRO M 286 -12.65 -5.81 -16.39
C PRO M 286 -11.62 -4.76 -16.75
N PHE M 287 -11.57 -3.66 -16.02
CA PHE M 287 -10.72 -2.53 -16.39
C PHE M 287 -9.79 -2.19 -15.23
N GLN M 288 -8.72 -1.48 -15.53
CA GLN M 288 -7.79 -1.01 -14.53
C GLN M 288 -7.22 0.35 -14.85
N ASN M 289 -6.85 1.07 -13.82
CA ASN M 289 -6.25 2.40 -13.93
C ASN M 289 -4.90 2.47 -13.21
N VAL M 290 -4.27 1.33 -12.95
CA VAL M 290 -3.04 1.31 -12.18
C VAL M 290 -1.84 1.64 -13.06
N ASN M 291 -1.70 0.95 -14.19
CA ASN M 291 -0.53 1.15 -15.03
C ASN M 291 -0.76 0.52 -16.39
N LYS M 292 -0.39 1.25 -17.45
CA LYS M 292 -0.48 0.70 -18.79
C LYS M 292 0.56 -0.37 -19.06
N ILE M 293 1.59 -0.48 -18.22
CA ILE M 293 2.55 -1.57 -18.31
C ILE M 293 2.02 -2.73 -17.47
N THR M 294 1.92 -3.91 -18.08
CA THR M 294 1.29 -5.03 -17.39
C THR M 294 1.84 -6.34 -17.92
N TYR M 295 1.77 -7.37 -17.09
CA TYR M 295 2.19 -8.73 -17.45
C TYR M 295 1.21 -9.74 -16.86
N GLY M 296 0.79 -10.69 -17.68
CA GLY M 296 -0.14 -11.73 -17.25
C GLY M 296 -1.59 -11.41 -17.60
N ALA M 297 -2.49 -12.19 -17.01
CA ALA M 297 -3.92 -12.01 -17.19
C ALA M 297 -4.37 -10.79 -16.40
N CYS M 298 -4.61 -9.68 -17.09
CA CYS M 298 -4.83 -8.40 -16.46
C CYS M 298 -6.13 -7.76 -16.96
N PRO M 299 -6.71 -6.88 -16.15
CA PRO M 299 -7.77 -6.02 -16.68
C PRO M 299 -7.20 -5.06 -17.70
N LYS M 300 -8.05 -4.61 -18.62
CA LYS M 300 -7.61 -3.67 -19.65
C LYS M 300 -7.43 -2.29 -19.06
N TYR M 301 -6.34 -1.62 -19.46
CA TYR M 301 -6.03 -0.31 -18.91
C TYR M 301 -6.89 0.77 -19.56
N VAL M 302 -7.50 1.60 -18.72
CA VAL M 302 -8.32 2.72 -19.15
C VAL M 302 -7.90 3.97 -18.39
N LYS M 303 -8.33 5.13 -18.90
CA LYS M 303 -7.98 6.39 -18.26
C LYS M 303 -8.93 6.79 -17.13
N GLN M 304 -10.13 6.22 -17.08
CA GLN M 304 -11.06 6.57 -16.01
C GLN M 304 -10.60 5.97 -14.69
N ASN M 305 -10.65 6.76 -13.62
CA ASN M 305 -10.35 6.24 -12.30
C ASN M 305 -11.49 5.46 -11.69
N THR M 306 -12.70 5.59 -12.24
CA THR M 306 -13.85 4.88 -11.68
C THR M 306 -14.94 4.77 -12.74
N LEU M 307 -15.58 3.59 -12.78
CA LEU M 307 -16.74 3.34 -13.63
C LEU M 307 -17.68 2.44 -12.84
N LYS M 308 -18.86 2.96 -12.51
CA LYS M 308 -19.80 2.27 -11.63
C LYS M 308 -20.88 1.58 -12.45
N LEU M 309 -21.00 0.27 -12.26
CA LEU M 309 -22.01 -0.55 -12.93
C LEU M 309 -23.17 -0.78 -11.98
N ALA M 310 -24.35 -0.31 -12.37
CA ALA M 310 -25.52 -0.41 -11.50
C ALA M 310 -25.87 -1.87 -11.25
N THR M 311 -26.08 -2.21 -9.97
CA THR M 311 -26.52 -3.55 -9.59
C THR M 311 -27.87 -3.50 -8.87
N GLY M 312 -28.65 -2.47 -9.11
CA GLY M 312 -29.97 -2.33 -8.51
C GLY M 312 -30.82 -1.40 -9.35
N MET M 313 -32.07 -1.21 -8.90
CA MET M 313 -33.03 -0.39 -9.62
C MET M 313 -32.87 1.08 -9.26
N ARG M 314 -33.70 1.92 -9.85
CA ARG M 314 -33.69 3.34 -9.50
C ARG M 314 -34.09 3.50 -8.05
N ASN M 315 -33.40 4.39 -7.35
CA ASN M 315 -33.67 4.65 -5.94
C ASN M 315 -34.67 5.79 -5.85
N VAL M 316 -35.91 5.46 -5.52
CA VAL M 316 -37.00 6.43 -5.42
C VAL M 316 -37.35 6.59 -3.94
N PRO M 317 -37.24 7.78 -3.37
CA PRO M 317 -37.47 7.94 -1.93
C PRO M 317 -38.92 7.75 -1.52
N GLU M 318 -39.24 8.17 -0.30
CA GLU M 318 -40.57 8.00 0.29
C GLU M 318 -40.96 6.54 0.39
N GLY N 2 -53.64 6.65 7.88
CA GLY N 2 -52.39 6.21 7.25
C GLY N 2 -52.62 5.37 6.01
N ALA N 3 -53.00 6.02 4.92
CA ALA N 3 -53.28 5.33 3.66
C ALA N 3 -51.99 4.89 2.98
N ILE N 4 -52.04 3.70 2.40
CA ILE N 4 -50.88 3.13 1.73
C ILE N 4 -50.88 3.54 0.26
N ALA N 5 -49.74 3.37 -0.40
CA ALA N 5 -49.59 3.80 -1.78
C ALA N 5 -48.60 2.89 -2.51
N GLY N 6 -48.89 2.60 -3.77
CA GLY N 6 -48.09 1.70 -4.58
C GLY N 6 -46.91 2.40 -5.23
N PHE N 7 -46.29 1.70 -6.18
CA PHE N 7 -44.95 2.05 -6.65
C PHE N 7 -44.86 3.38 -7.39
N ILE N 8 -45.96 3.88 -7.95
CA ILE N 8 -45.86 5.09 -8.77
C ILE N 8 -45.44 6.25 -7.89
N GLU N 9 -44.27 6.82 -8.18
CA GLU N 9 -43.69 8.01 -7.56
C GLU N 9 -43.14 7.77 -6.15
N ASN N 10 -43.01 6.53 -5.71
CA ASN N 10 -42.37 6.28 -4.43
C ASN N 10 -41.96 4.81 -4.32
N GLY N 11 -40.84 4.59 -3.65
CA GLY N 11 -40.38 3.25 -3.34
C GLY N 11 -40.52 2.95 -1.86
N TRP N 12 -40.52 1.68 -1.49
CA TRP N 12 -40.74 1.27 -0.11
C TRP N 12 -39.40 1.00 0.56
N GLU N 13 -38.95 1.93 1.39
CA GLU N 13 -37.75 1.68 2.19
C GLU N 13 -37.98 0.59 3.24
N GLY N 14 -39.24 0.36 3.63
CA GLY N 14 -39.52 -0.65 4.63
C GLY N 14 -39.39 -2.07 4.14
N MET N 15 -39.41 -2.29 2.83
CA MET N 15 -39.31 -3.64 2.28
C MET N 15 -37.85 -4.06 2.22
N ILE N 16 -37.47 -5.02 3.07
CA ILE N 16 -36.11 -5.55 3.09
C ILE N 16 -36.05 -7.05 2.88
N ASP N 17 -37.19 -7.68 2.58
CA ASP N 17 -37.24 -9.12 2.36
C ASP N 17 -37.24 -9.48 0.89
N GLY N 18 -37.40 -8.51 -0.01
CA GLY N 18 -37.41 -8.78 -1.43
C GLY N 18 -37.30 -7.47 -2.20
N TRP N 19 -37.27 -7.60 -3.53
CA TRP N 19 -37.16 -6.42 -4.39
C TRP N 19 -38.51 -5.87 -4.80
N TYR N 20 -39.50 -6.73 -5.01
CA TYR N 20 -40.85 -6.31 -5.35
C TYR N 20 -41.82 -7.00 -4.38
N GLY N 21 -42.94 -6.34 -4.13
CA GLY N 21 -43.86 -6.92 -3.15
C GLY N 21 -45.22 -6.26 -3.18
N PHE N 22 -46.06 -6.70 -2.25
CA PHE N 22 -47.42 -6.22 -2.10
C PHE N 22 -47.60 -5.59 -0.72
N ARG N 23 -48.46 -4.58 -0.67
CA ARG N 23 -48.96 -4.04 0.60
C ARG N 23 -50.47 -4.00 0.51
N HIS N 24 -51.14 -4.48 1.55
CA HIS N 24 -52.60 -4.61 1.53
C HIS N 24 -53.20 -3.99 2.77
N GLN N 25 -54.50 -3.70 2.66
CA GLN N 25 -55.28 -3.15 3.78
C GLN N 25 -56.68 -3.74 3.69
N ASN N 26 -57.00 -4.64 4.62
CA ASN N 26 -58.30 -5.30 4.62
C ASN N 26 -58.94 -5.23 6.00
N SER N 27 -59.99 -6.03 6.22
CA SER N 27 -60.66 -6.00 7.52
C SER N 27 -59.77 -6.53 8.63
N GLU N 28 -58.83 -7.42 8.33
CA GLU N 28 -57.92 -7.92 9.34
C GLU N 28 -56.74 -7.00 9.61
N GLY N 29 -56.60 -5.89 8.87
CA GLY N 29 -55.52 -4.95 9.12
C GLY N 29 -54.65 -4.71 7.90
N THR N 30 -53.41 -4.31 8.13
CA THR N 30 -52.46 -4.04 7.06
C THR N 30 -51.32 -5.06 7.12
N GLY N 31 -50.78 -5.37 5.95
CA GLY N 31 -49.70 -6.34 5.85
C GLY N 31 -48.83 -6.09 4.64
N GLN N 32 -47.68 -6.77 4.63
CA GLN N 32 -46.68 -6.60 3.58
C GLN N 32 -46.04 -7.95 3.28
N ALA N 33 -45.77 -8.19 2.01
CA ALA N 33 -45.14 -9.44 1.59
C ALA N 33 -44.40 -9.18 0.29
N ALA N 34 -43.23 -9.81 0.15
CA ALA N 34 -42.39 -9.63 -1.02
C ALA N 34 -42.73 -10.67 -2.08
N ASP N 35 -42.51 -10.29 -3.34
CA ASP N 35 -42.70 -11.20 -4.47
C ASP N 35 -41.34 -11.75 -4.86
N LEU N 36 -41.10 -13.03 -4.55
CA LEU N 36 -39.78 -13.61 -4.73
C LEU N 36 -39.46 -13.91 -6.19
N LYS N 37 -40.45 -14.38 -6.96
CA LYS N 37 -40.16 -14.80 -8.33
C LYS N 37 -39.75 -13.62 -9.21
N SER N 38 -40.38 -12.46 -9.03
CA SER N 38 -39.96 -11.29 -9.78
C SER N 38 -38.71 -10.64 -9.20
N THR N 39 -38.43 -10.86 -7.92
CA THR N 39 -37.17 -10.38 -7.36
C THR N 39 -35.99 -11.12 -7.97
N GLN N 40 -36.05 -12.44 -8.02
CA GLN N 40 -34.95 -13.22 -8.59
C GLN N 40 -34.84 -13.01 -10.10
N ALA N 41 -35.96 -12.75 -10.77
CA ALA N 41 -35.91 -12.51 -12.21
C ALA N 41 -35.04 -11.30 -12.55
N ALA N 42 -35.14 -10.24 -11.73
CA ALA N 42 -34.30 -9.08 -11.93
C ALA N 42 -32.86 -9.31 -11.48
N ILE N 43 -32.67 -10.13 -10.45
CA ILE N 43 -31.33 -10.40 -9.96
C ILE N 43 -30.58 -11.29 -10.93
N ASP N 44 -31.25 -12.31 -11.50
CA ASP N 44 -30.61 -13.20 -12.45
C ASP N 44 -30.04 -12.44 -13.64
N GLN N 45 -30.75 -11.42 -14.11
CA GLN N 45 -30.28 -10.65 -15.25
C GLN N 45 -29.06 -9.80 -14.89
N ILE N 46 -29.07 -9.22 -13.69
CA ILE N 46 -27.93 -8.43 -13.26
C ILE N 46 -26.72 -9.33 -13.03
N ASN N 47 -26.93 -10.52 -12.45
CA ASN N 47 -25.84 -11.49 -12.34
C ASN N 47 -25.28 -11.87 -13.71
N GLY N 48 -26.16 -11.98 -14.71
CA GLY N 48 -25.70 -12.32 -16.05
C GLY N 48 -24.82 -11.25 -16.65
N LYS N 49 -25.16 -9.98 -16.42
CA LYS N 49 -24.28 -8.89 -16.83
C LYS N 49 -22.91 -9.02 -16.20
N LEU N 50 -22.88 -9.23 -14.88
CA LEU N 50 -21.61 -9.34 -14.16
C LEU N 50 -20.76 -10.46 -14.73
N ASN N 51 -21.39 -11.54 -15.16
CA ASN N 51 -20.64 -12.67 -15.72
C ASN N 51 -20.06 -12.31 -17.09
N ARG N 52 -20.88 -11.71 -17.96
CA ARG N 52 -20.42 -11.40 -19.32
C ARG N 52 -19.34 -10.33 -19.32
N VAL N 53 -19.36 -9.42 -18.34
CA VAL N 53 -18.40 -8.33 -18.34
C VAL N 53 -16.99 -8.84 -18.02
N ILE N 54 -16.88 -9.97 -17.33
CA ILE N 54 -15.60 -10.50 -16.91
C ILE N 54 -15.26 -11.79 -17.66
N GLU N 55 -16.08 -12.19 -18.63
CA GLU N 55 -15.95 -13.53 -19.21
C GLU N 55 -14.71 -13.68 -20.09
N LYS N 56 -14.19 -12.60 -20.64
CA LYS N 56 -13.04 -12.69 -21.51
C LYS N 56 -11.78 -12.39 -20.76
N THR N 57 -10.81 -13.27 -20.91
CA THR N 57 -9.52 -13.12 -20.27
C THR N 57 -8.57 -12.37 -21.20
N ASN N 58 -7.92 -11.34 -20.67
CA ASN N 58 -6.98 -10.52 -21.42
C ASN N 58 -5.58 -10.81 -20.88
N GLU N 59 -4.90 -11.77 -21.51
CA GLU N 59 -3.60 -12.26 -21.06
C GLU N 59 -2.53 -11.84 -22.06
N LYS N 60 -1.69 -10.89 -21.65
CA LYS N 60 -0.60 -10.40 -22.48
C LYS N 60 0.74 -10.65 -21.79
N PHE N 61 1.76 -10.90 -22.57
CA PHE N 61 3.09 -11.16 -22.05
C PHE N 61 4.10 -10.12 -22.45
N HIS N 62 4.96 -10.44 -23.40
CA HIS N 62 5.95 -9.48 -23.85
C HIS N 62 5.33 -8.56 -24.87
N GLN N 63 5.39 -7.27 -24.58
CA GLN N 63 4.76 -6.24 -25.35
C GLN N 63 5.77 -5.27 -25.92
N ILE N 64 5.47 -3.98 -25.87
CA ILE N 64 6.39 -2.97 -26.31
C ILE N 64 6.68 -2.15 -25.09
N GLU N 65 7.75 -1.39 -25.14
CA GLU N 65 8.08 -0.46 -24.08
C GLU N 65 7.13 0.73 -24.13
N LYS N 66 6.70 1.19 -22.96
CA LYS N 66 5.75 2.29 -22.86
C LYS N 66 6.29 3.47 -22.07
N GLU N 67 7.45 3.34 -21.43
CA GLU N 67 8.14 4.45 -20.79
C GLU N 67 9.56 4.51 -21.32
N PHE N 68 10.07 5.72 -21.50
CA PHE N 68 11.37 5.93 -22.12
C PHE N 68 12.16 6.94 -21.32
N SER N 69 13.44 6.64 -21.10
CA SER N 69 14.31 7.50 -20.32
C SER N 69 15.06 8.51 -21.18
N GLU N 70 15.01 8.35 -22.49
CA GLU N 70 15.73 9.23 -23.40
C GLU N 70 14.86 9.69 -24.53
N VAL N 71 15.18 10.83 -25.11
CA VAL N 71 14.52 11.30 -26.32
C VAL N 71 15.17 10.64 -27.52
N GLU N 72 14.39 9.92 -28.30
CA GLU N 72 14.88 9.18 -29.45
C GLU N 72 14.34 9.70 -30.77
N GLY N 73 13.06 10.06 -30.82
CA GLY N 73 12.48 10.60 -32.03
C GLY N 73 11.44 9.70 -32.68
N ARG N 74 11.70 9.34 -33.94
CA ARG N 74 10.64 8.81 -34.81
C ARG N 74 10.07 7.51 -34.27
N ILE N 75 10.93 6.55 -33.93
CA ILE N 75 10.44 5.26 -33.48
C ILE N 75 9.74 5.38 -32.13
N GLN N 76 10.27 6.25 -31.25
CA GLN N 76 9.64 6.46 -29.96
C GLN N 76 8.31 7.19 -30.11
N ASP N 77 8.22 8.13 -31.06
CA ASP N 77 6.95 8.79 -31.32
C ASP N 77 5.89 7.79 -31.74
N LEU N 78 6.26 6.82 -32.59
CA LEU N 78 5.29 5.84 -33.07
C LEU N 78 4.85 4.90 -31.96
N GLU N 79 5.80 4.46 -31.12
CA GLU N 79 5.44 3.59 -30.01
C GLU N 79 4.49 4.30 -29.03
N LYS N 80 4.78 5.54 -28.70
CA LYS N 80 3.90 6.29 -27.81
C LYS N 80 2.52 6.48 -28.43
N TYR N 81 2.49 6.80 -29.73
CA TYR N 81 1.22 7.06 -30.40
C TYR N 81 0.36 5.80 -30.48
N VAL N 82 0.98 4.66 -30.77
CA VAL N 82 0.25 3.40 -30.79
C VAL N 82 -0.40 3.13 -29.44
N GLU N 83 0.36 3.30 -28.36
CA GLU N 83 -0.18 3.01 -27.04
C GLU N 83 -1.26 4.02 -26.65
N ASP N 84 -1.09 5.29 -27.01
CA ASP N 84 -2.11 6.29 -26.70
C ASP N 84 -3.38 6.05 -27.50
N THR N 85 -3.24 5.55 -28.73
CA THR N 85 -4.41 5.22 -29.52
C THR N 85 -5.18 4.05 -28.90
N LYS N 86 -4.46 3.04 -28.42
CA LYS N 86 -5.10 1.87 -27.83
C LYS N 86 -5.86 2.25 -26.55
N ILE N 87 -5.24 3.06 -25.71
CA ILE N 87 -5.83 3.42 -24.42
C ILE N 87 -7.07 4.28 -24.62
N ASP N 88 -7.04 5.19 -25.59
CA ASP N 88 -8.22 6.02 -25.84
C ASP N 88 -9.38 5.20 -26.38
N LEU N 89 -9.08 4.21 -27.24
CA LEU N 89 -10.15 3.37 -27.78
C LEU N 89 -10.74 2.45 -26.71
N TRP N 90 -9.90 1.91 -25.83
CA TRP N 90 -10.44 1.05 -24.77
C TRP N 90 -11.20 1.86 -23.74
N SER N 91 -10.73 3.06 -23.43
CA SER N 91 -11.46 3.94 -22.53
C SER N 91 -12.83 4.31 -23.08
N TYR N 92 -12.94 4.46 -24.40
CA TYR N 92 -14.25 4.71 -25.00
C TYR N 92 -15.14 3.48 -24.87
N ASN N 93 -14.61 2.29 -25.14
CA ASN N 93 -15.41 1.08 -25.01
C ASN N 93 -15.93 0.93 -23.60
N ALA N 94 -15.09 1.22 -22.61
CA ALA N 94 -15.49 1.08 -21.21
C ALA N 94 -16.59 2.08 -20.85
N GLU N 95 -16.46 3.33 -21.33
CA GLU N 95 -17.46 4.35 -21.02
C GLU N 95 -18.81 4.01 -21.65
N LEU N 96 -18.81 3.61 -22.92
CA LEU N 96 -20.06 3.26 -23.59
C LEU N 96 -20.65 1.99 -23.00
N LEU N 97 -19.82 1.06 -22.54
CA LEU N 97 -20.32 -0.18 -21.97
C LEU N 97 -21.16 0.10 -20.72
N VAL N 98 -20.58 0.75 -19.72
CA VAL N 98 -21.29 0.95 -18.46
C VAL N 98 -22.52 1.83 -18.68
N ALA N 99 -22.48 2.73 -19.66
CA ALA N 99 -23.65 3.53 -19.98
C ALA N 99 -24.76 2.66 -20.57
N LEU N 100 -24.42 1.81 -21.54
CA LEU N 100 -25.42 0.92 -22.12
C LEU N 100 -25.95 -0.07 -21.08
N GLU N 101 -25.04 -0.62 -20.29
CA GLU N 101 -25.41 -1.58 -19.29
C GLU N 101 -26.33 -1.01 -18.23
N ASN N 102 -26.02 0.17 -17.75
CA ASN N 102 -26.83 0.80 -16.71
C ASN N 102 -28.21 1.18 -17.22
N GLN N 103 -28.29 1.67 -18.46
CA GLN N 103 -29.59 1.97 -19.05
C GLN N 103 -30.45 0.73 -19.14
N HIS N 104 -29.84 -0.40 -19.48
CA HIS N 104 -30.61 -1.64 -19.60
C HIS N 104 -31.05 -2.16 -18.24
N THR N 105 -30.22 -1.98 -17.21
CA THR N 105 -30.59 -2.43 -15.88
C THR N 105 -31.76 -1.63 -15.33
N ILE N 106 -31.73 -0.31 -15.53
CA ILE N 106 -32.84 0.54 -15.11
C ILE N 106 -34.11 0.16 -15.88
N ASP N 107 -33.97 -0.14 -17.16
CA ASP N 107 -35.15 -0.46 -17.96
C ASP N 107 -35.76 -1.79 -17.56
N LEU N 108 -34.93 -2.81 -17.32
CA LEU N 108 -35.49 -4.14 -17.03
C LEU N 108 -36.03 -4.25 -15.61
N THR N 109 -35.51 -3.47 -14.67
CA THR N 109 -36.07 -3.48 -13.32
C THR N 109 -37.39 -2.73 -13.28
N ASP N 110 -37.49 -1.62 -14.02
CA ASP N 110 -38.79 -0.98 -14.22
C ASP N 110 -39.77 -1.95 -14.88
N SER N 111 -39.28 -2.75 -15.83
CA SER N 111 -40.13 -3.71 -16.53
C SER N 111 -40.67 -4.77 -15.58
N GLU N 112 -39.86 -5.20 -14.60
CA GLU N 112 -40.32 -6.21 -13.66
C GLU N 112 -41.45 -5.69 -12.80
N MET N 113 -41.39 -4.42 -12.40
CA MET N 113 -42.45 -3.84 -11.60
C MET N 113 -43.76 -3.81 -12.38
N ASN N 114 -43.71 -3.38 -13.63
CA ASN N 114 -44.91 -3.30 -14.46
C ASN N 114 -45.48 -4.69 -14.74
N LYS N 115 -44.61 -5.69 -14.95
CA LYS N 115 -45.11 -7.03 -15.24
C LYS N 115 -45.88 -7.60 -14.05
N LEU N 116 -45.39 -7.39 -12.84
CA LEU N 116 -46.10 -7.86 -11.66
C LEU N 116 -47.43 -7.12 -11.48
N PHE N 117 -47.47 -5.83 -11.84
CA PHE N 117 -48.71 -5.08 -11.76
C PHE N 117 -49.73 -5.60 -12.77
N GLU N 118 -49.29 -5.82 -14.01
CA GLU N 118 -50.18 -6.38 -15.02
C GLU N 118 -50.60 -7.80 -14.68
N LYS N 119 -49.68 -8.59 -14.11
CA LYS N 119 -50.02 -9.94 -13.69
C LYS N 119 -51.15 -9.93 -12.66
N THR N 120 -51.08 -9.00 -11.70
CA THR N 120 -52.14 -8.90 -10.71
C THR N 120 -53.43 -8.39 -11.34
N ARG N 121 -53.32 -7.45 -12.28
CA ARG N 121 -54.51 -6.94 -12.95
C ARG N 121 -55.25 -8.01 -13.71
N ARG N 122 -54.52 -8.92 -14.30
CA ARG N 122 -55.13 -10.03 -15.02
C ARG N 122 -55.88 -10.97 -14.10
N GLN N 123 -55.39 -11.17 -12.89
CA GLN N 123 -56.05 -12.06 -11.95
C GLN N 123 -57.38 -11.47 -11.47
N LEU N 124 -57.37 -10.19 -11.10
CA LEU N 124 -58.57 -9.59 -10.51
C LEU N 124 -59.68 -9.40 -11.52
N ARG N 125 -59.32 -9.22 -12.81
CA ARG N 125 -60.30 -8.98 -13.87
C ARG N 125 -61.26 -7.87 -13.49
N GLU N 126 -62.56 -8.17 -13.40
CA GLU N 126 -63.57 -7.17 -13.13
C GLU N 126 -63.92 -7.05 -11.65
N ASN N 127 -63.06 -7.55 -10.78
CA ASN N 127 -63.30 -7.48 -9.34
C ASN N 127 -62.58 -6.32 -8.67
N ALA N 128 -61.76 -5.57 -9.41
CA ALA N 128 -60.99 -4.47 -8.83
C ALA N 128 -60.83 -3.37 -9.86
N GLU N 129 -60.41 -2.20 -9.40
CA GLU N 129 -60.20 -1.04 -10.26
C GLU N 129 -58.84 -0.41 -9.96
N ASP N 130 -58.20 0.09 -11.00
CA ASP N 130 -56.87 0.70 -10.90
C ASP N 130 -57.00 2.09 -10.29
N MET N 131 -56.51 2.25 -9.06
CA MET N 131 -56.61 3.54 -8.38
C MET N 131 -55.61 4.57 -8.88
N GLY N 132 -54.70 4.20 -9.76
CA GLY N 132 -53.79 5.14 -10.39
C GLY N 132 -52.52 5.42 -9.63
N ASN N 133 -52.38 4.93 -8.40
CA ASN N 133 -51.18 5.12 -7.60
C ASN N 133 -50.35 3.85 -7.50
N GLY N 134 -50.65 2.84 -8.31
CA GLY N 134 -50.03 1.54 -8.19
C GLY N 134 -50.77 0.57 -7.32
N CYS N 135 -52.02 0.86 -6.97
CA CYS N 135 -52.79 0.02 -6.07
C CYS N 135 -54.14 -0.33 -6.69
N PHE N 136 -54.65 -1.51 -6.34
CA PHE N 136 -55.95 -1.97 -6.80
C PHE N 136 -56.97 -1.80 -5.68
N LYS N 137 -58.15 -1.31 -6.04
CA LYS N 137 -59.28 -1.22 -5.12
C LYS N 137 -60.15 -2.45 -5.34
N ILE N 138 -60.03 -3.43 -4.46
CA ILE N 138 -60.78 -4.68 -4.57
C ILE N 138 -62.16 -4.46 -3.96
N TYR N 139 -63.20 -4.59 -4.78
CA TYR N 139 -64.57 -4.25 -4.39
C TYR N 139 -65.29 -5.41 -3.72
N HIS N 140 -64.62 -6.15 -2.85
CA HIS N 140 -65.29 -7.18 -2.06
C HIS N 140 -64.47 -7.42 -0.80
N LYS N 141 -65.11 -8.08 0.17
CA LYS N 141 -64.40 -8.42 1.40
C LYS N 141 -63.38 -9.51 1.12
N CYS N 142 -62.10 -9.18 1.30
CA CYS N 142 -60.99 -10.06 0.95
C CYS N 142 -60.10 -10.21 2.20
N ASP N 143 -60.26 -11.31 2.92
CA ASP N 143 -59.55 -11.53 4.16
C ASP N 143 -58.08 -11.85 3.86
N ASN N 144 -57.35 -12.26 4.89
CA ASN N 144 -55.93 -12.56 4.71
C ASN N 144 -55.73 -13.74 3.77
N ALA N 145 -56.55 -14.79 3.91
CA ALA N 145 -56.43 -15.93 3.01
C ALA N 145 -56.73 -15.55 1.58
N CYS N 146 -57.63 -14.59 1.38
CA CYS N 146 -57.98 -14.15 0.03
C CYS N 146 -56.83 -13.41 -0.62
N ILE N 147 -56.09 -12.62 0.15
CA ILE N 147 -54.98 -11.85 -0.41
C ILE N 147 -53.82 -12.77 -0.78
N GLU N 148 -53.55 -13.78 0.07
CA GLU N 148 -52.47 -14.71 -0.24
C GLU N 148 -52.73 -15.46 -1.54
N SER N 149 -54.01 -15.78 -1.81
CA SER N 149 -54.33 -16.43 -3.08
C SER N 149 -54.00 -15.51 -4.25
N ILE N 150 -54.20 -14.20 -4.08
CA ILE N 150 -53.78 -13.26 -5.10
C ILE N 150 -52.26 -13.25 -5.20
N ARG N 151 -51.58 -13.23 -4.06
CA ARG N 151 -50.11 -13.12 -4.06
C ARG N 151 -49.45 -14.39 -4.60
N ASN N 152 -50.06 -15.56 -4.42
CA ASN N 152 -49.49 -16.79 -4.93
C ASN N 152 -50.18 -17.29 -6.19
N GLY N 153 -51.03 -16.47 -6.80
CA GLY N 153 -51.55 -16.77 -8.12
C GLY N 153 -52.59 -17.87 -8.20
N THR N 154 -53.38 -18.08 -7.15
CA THR N 154 -54.47 -19.05 -7.18
C THR N 154 -55.83 -18.37 -7.05
N TYR N 155 -55.87 -17.04 -7.09
CA TYR N 155 -57.10 -16.30 -6.87
C TYR N 155 -58.09 -16.55 -8.01
N ASP N 156 -59.32 -16.90 -7.63
CA ASP N 156 -60.41 -17.14 -8.57
C ASP N 156 -61.36 -15.95 -8.52
N HIS N 157 -61.49 -15.26 -9.66
CA HIS N 157 -62.34 -14.06 -9.68
C HIS N 157 -63.82 -14.42 -9.67
N ASP N 158 -64.18 -15.61 -10.12
CA ASP N 158 -65.59 -15.99 -10.17
C ASP N 158 -66.20 -16.12 -8.79
N VAL N 159 -65.40 -16.46 -7.79
CA VAL N 159 -65.92 -16.66 -6.43
C VAL N 159 -66.51 -15.36 -5.90
N TYR N 160 -65.86 -14.23 -6.18
CA TYR N 160 -66.28 -12.94 -5.65
C TYR N 160 -66.90 -12.04 -6.71
N ARG N 161 -67.10 -12.55 -7.93
CA ARG N 161 -67.51 -11.70 -9.04
C ARG N 161 -68.87 -11.06 -8.79
N ASP N 162 -69.83 -11.86 -8.32
CA ASP N 162 -71.17 -11.33 -8.05
C ASP N 162 -71.12 -10.23 -7.00
N GLU N 163 -70.36 -10.44 -5.93
CA GLU N 163 -70.26 -9.43 -4.87
C GLU N 163 -69.56 -8.18 -5.36
N ALA N 164 -68.47 -8.35 -6.12
CA ALA N 164 -67.69 -7.21 -6.58
C ALA N 164 -68.46 -6.38 -7.59
N LEU N 165 -69.16 -7.03 -8.53
CA LEU N 165 -69.91 -6.30 -9.54
C LEU N 165 -71.02 -5.48 -8.91
N ASN N 166 -71.63 -5.97 -7.82
CA ASN N 166 -72.70 -5.24 -7.18
C ASN N 166 -72.18 -4.00 -6.44
N ASN N 167 -70.97 -4.09 -5.88
CA ASN N 167 -70.40 -2.94 -5.19
C ASN N 167 -69.88 -1.87 -6.16
N ARG N 168 -69.45 -2.26 -7.34
CA ARG N 168 -68.92 -1.23 -8.21
C ARG N 168 -70.00 -0.29 -8.69
N PHE N 169 -70.86 -0.80 -9.57
CA PHE N 169 -71.93 -0.01 -10.17
C PHE N 169 -73.05 0.52 -9.28
N GLN N 170 -73.51 -0.29 -8.33
CA GLN N 170 -74.51 0.20 -7.41
C GLN N 170 -75.84 0.40 -8.11
N ASN O 1 -73.04 -22.62 -28.75
CA ASN O 1 -72.46 -22.21 -27.48
C ASN O 1 -72.72 -20.72 -27.25
N SER O 2 -72.69 -20.30 -25.98
CA SER O 2 -73.08 -18.94 -25.64
C SER O 2 -71.99 -17.92 -25.90
N THR O 3 -70.71 -18.31 -25.80
CA THR O 3 -69.62 -17.37 -25.88
C THR O 3 -68.50 -17.92 -26.76
N ALA O 4 -67.49 -17.09 -26.99
CA ALA O 4 -66.37 -17.46 -27.84
C ALA O 4 -65.07 -16.95 -27.23
N THR O 5 -63.97 -17.62 -27.57
CA THR O 5 -62.65 -17.29 -27.07
C THR O 5 -61.71 -17.06 -28.23
N LEU O 6 -60.92 -15.99 -28.16
CA LEU O 6 -59.96 -15.64 -29.20
C LEU O 6 -58.58 -15.51 -28.57
N CYS O 7 -57.66 -16.38 -28.96
CA CYS O 7 -56.31 -16.41 -28.42
C CYS O 7 -55.33 -15.83 -29.41
N LEU O 8 -54.36 -15.06 -28.90
CA LEU O 8 -53.26 -14.54 -29.70
C LEU O 8 -51.95 -15.21 -29.31
N GLY O 9 -51.18 -15.60 -30.31
CA GLY O 9 -49.94 -16.30 -30.03
C GLY O 9 -48.95 -16.15 -31.17
N HIS O 10 -47.80 -16.79 -31.01
CA HIS O 10 -46.72 -16.75 -31.97
C HIS O 10 -46.21 -18.16 -32.21
N HIS O 11 -45.39 -18.32 -33.24
CA HIS O 11 -44.91 -19.64 -33.61
C HIS O 11 -43.75 -20.06 -32.73
N ALA O 12 -43.43 -21.35 -32.82
CA ALA O 12 -42.27 -21.94 -32.15
C ALA O 12 -41.78 -23.10 -32.98
N VAL O 13 -40.49 -23.41 -32.85
CA VAL O 13 -39.89 -24.49 -33.62
C VAL O 13 -39.48 -25.61 -32.68
N PRO O 14 -39.37 -26.85 -33.16
CA PRO O 14 -38.94 -27.94 -32.26
C PRO O 14 -37.50 -27.83 -31.85
N ASN O 15 -36.61 -27.42 -32.75
CA ASN O 15 -35.18 -27.35 -32.47
C ASN O 15 -34.69 -25.92 -32.73
N GLY O 16 -34.53 -25.15 -31.65
CA GLY O 16 -34.05 -23.79 -31.74
C GLY O 16 -32.54 -23.72 -31.70
N THR O 17 -32.04 -22.49 -31.76
CA THR O 17 -30.62 -22.19 -31.75
C THR O 17 -30.30 -21.25 -30.59
N LEU O 18 -29.11 -21.40 -30.03
CA LEU O 18 -28.67 -20.61 -28.89
C LEU O 18 -27.84 -19.42 -29.34
N VAL O 19 -28.14 -18.25 -28.77
CA VAL O 19 -27.44 -17.01 -29.07
C VAL O 19 -27.12 -16.30 -27.77
N LYS O 20 -26.32 -15.25 -27.86
CA LYS O 20 -25.89 -14.47 -26.71
C LYS O 20 -26.50 -13.08 -26.72
N THR O 21 -26.82 -12.56 -25.55
CA THR O 21 -27.23 -11.16 -25.43
C THR O 21 -26.39 -10.44 -24.38
N ILE O 22 -26.81 -9.23 -24.04
CA ILE O 22 -26.11 -8.43 -23.04
C ILE O 22 -26.10 -9.13 -21.68
N THR O 23 -27.17 -9.88 -21.37
CA THR O 23 -27.35 -10.44 -20.05
C THR O 23 -27.31 -11.97 -20.00
N ASP O 24 -27.36 -12.65 -21.13
CA ASP O 24 -27.49 -14.10 -21.11
C ASP O 24 -26.51 -14.74 -22.09
N ASP O 25 -25.84 -15.77 -21.63
CA ASP O 25 -24.91 -16.59 -22.38
C ASP O 25 -25.56 -17.36 -23.51
N GLN O 26 -26.74 -17.88 -23.26
CA GLN O 26 -27.43 -18.75 -24.22
C GLN O 26 -28.93 -18.55 -24.08
N ILE O 27 -29.53 -17.92 -25.10
CA ILE O 27 -30.98 -17.81 -25.23
C ILE O 27 -31.40 -18.58 -26.46
N GLU O 28 -32.43 -19.40 -26.33
CA GLU O 28 -32.90 -20.20 -27.46
C GLU O 28 -33.84 -19.37 -28.32
N VAL O 29 -33.45 -19.15 -29.58
CA VAL O 29 -34.26 -18.44 -30.55
C VAL O 29 -34.69 -19.41 -31.63
N THR O 30 -35.61 -18.97 -32.48
CA THR O 30 -36.12 -19.85 -33.53
C THR O 30 -35.15 -20.03 -34.68
N ASN O 31 -34.23 -19.09 -34.87
CA ASN O 31 -33.33 -19.15 -36.03
C ASN O 31 -32.21 -18.13 -35.82
N ALA O 32 -31.04 -18.43 -36.39
CA ALA O 32 -29.91 -17.54 -36.29
C ALA O 32 -29.00 -17.72 -37.50
N THR O 33 -28.08 -16.79 -37.68
CA THR O 33 -27.16 -16.84 -38.81
C THR O 33 -25.75 -16.54 -38.32
N GLU O 34 -24.76 -17.06 -39.06
CA GLU O 34 -23.36 -16.95 -38.66
C GLU O 34 -22.75 -15.67 -39.23
N LEU O 35 -22.00 -14.95 -38.39
CA LEU O 35 -21.35 -13.72 -38.80
C LEU O 35 -19.84 -13.83 -38.93
N VAL O 36 -19.26 -14.99 -38.62
CA VAL O 36 -17.82 -15.20 -38.70
C VAL O 36 -17.55 -16.19 -39.81
N GLN O 37 -16.88 -15.74 -40.86
CA GLN O 37 -16.43 -16.62 -41.93
C GLN O 37 -15.20 -17.39 -41.46
N SER O 38 -15.28 -18.72 -41.44
CA SER O 38 -14.21 -19.53 -40.90
C SER O 38 -13.75 -20.63 -41.82
N SER O 39 -14.19 -20.64 -43.08
CA SER O 39 -13.80 -21.70 -44.01
C SER O 39 -13.39 -21.09 -45.34
N SER O 40 -12.58 -21.84 -46.08
CA SER O 40 -12.08 -21.42 -47.38
C SER O 40 -12.01 -22.62 -48.30
N THR O 41 -12.08 -22.35 -49.61
CA THR O 41 -11.94 -23.41 -50.59
C THR O 41 -10.51 -23.92 -50.70
N GLY O 42 -9.55 -23.22 -50.12
CA GLY O 42 -8.16 -23.59 -50.25
C GLY O 42 -7.49 -23.12 -51.52
N LYS O 43 -8.21 -22.37 -52.36
CA LYS O 43 -7.69 -21.92 -53.64
C LYS O 43 -7.83 -20.42 -53.75
N ILE O 44 -6.89 -19.81 -54.46
CA ILE O 44 -6.88 -18.37 -54.73
C ILE O 44 -7.52 -18.16 -56.09
N CYS O 45 -8.60 -17.38 -56.13
CA CYS O 45 -9.29 -17.10 -57.38
C CYS O 45 -8.51 -16.08 -58.20
N ASN O 46 -8.37 -16.34 -59.50
CA ASN O 46 -7.58 -15.49 -60.37
C ASN O 46 -8.33 -14.25 -60.83
N ASN O 47 -9.58 -14.07 -60.39
CA ASN O 47 -10.34 -12.86 -60.67
C ASN O 47 -10.98 -12.35 -59.38
N PRO O 48 -11.22 -11.04 -59.29
CA PRO O 48 -10.95 -10.00 -60.29
C PRO O 48 -9.58 -9.34 -60.15
N HIS O 49 -8.77 -9.82 -59.21
CA HIS O 49 -7.43 -9.28 -59.02
C HIS O 49 -6.43 -10.03 -59.89
N ARG O 50 -5.49 -9.31 -60.48
CA ARG O 50 -4.44 -9.94 -61.25
C ARG O 50 -3.45 -10.61 -60.30
N ILE O 51 -3.44 -11.93 -60.32
CA ILE O 51 -2.58 -12.73 -59.45
C ILE O 51 -1.36 -13.16 -60.24
N LEU O 52 -0.17 -12.87 -59.71
CA LEU O 52 1.09 -13.31 -60.31
C LEU O 52 1.72 -14.36 -59.41
N ASP O 53 1.81 -15.58 -59.92
CA ASP O 53 2.38 -16.66 -59.19
C ASP O 53 3.86 -16.71 -59.42
N GLY O 54 4.60 -16.56 -58.34
CA GLY O 54 6.04 -16.65 -58.33
C GLY O 54 6.57 -18.00 -58.71
N ILE O 55 5.86 -19.05 -58.35
CA ILE O 55 6.36 -20.38 -58.59
C ILE O 55 7.66 -20.55 -57.83
N ASP O 56 8.76 -20.73 -58.53
CA ASP O 56 10.05 -20.93 -57.90
C ASP O 56 10.76 -19.62 -57.58
N CYS O 57 10.15 -18.48 -57.83
CA CYS O 57 10.86 -17.20 -57.79
C CYS O 57 10.34 -16.32 -56.67
N THR O 58 11.26 -15.67 -55.96
CA THR O 58 10.90 -14.59 -55.07
C THR O 58 10.83 -13.29 -55.86
N LEU O 59 10.23 -12.27 -55.26
CA LEU O 59 10.09 -11.00 -55.96
C LEU O 59 11.43 -10.34 -56.20
N ILE O 60 12.37 -10.50 -55.25
CA ILE O 60 13.69 -9.88 -55.42
C ILE O 60 14.49 -10.60 -56.49
N ASP O 61 14.34 -11.92 -56.58
CA ASP O 61 15.01 -12.67 -57.66
C ASP O 61 14.47 -12.24 -59.02
N ALA O 62 13.16 -12.02 -59.13
CA ALA O 62 12.59 -11.57 -60.40
C ALA O 62 13.02 -10.15 -60.71
N LEU O 63 13.15 -9.31 -59.68
CA LEU O 63 13.64 -7.95 -59.89
C LEU O 63 15.07 -7.97 -60.44
N LEU O 64 15.97 -8.67 -59.76
CA LEU O 64 17.37 -8.67 -60.16
C LEU O 64 17.57 -9.33 -61.51
N GLY O 65 16.90 -10.44 -61.75
CA GLY O 65 17.02 -11.13 -63.02
C GLY O 65 17.70 -12.48 -62.91
N ASP O 66 17.29 -13.26 -61.91
CA ASP O 66 17.78 -14.63 -61.78
C ASP O 66 17.36 -15.41 -63.02
N PRO O 67 18.27 -16.12 -63.69
CA PRO O 67 17.93 -16.79 -64.95
C PRO O 67 16.62 -17.58 -64.93
N HIS O 68 16.32 -18.33 -63.87
CA HIS O 68 15.08 -19.07 -63.87
C HIS O 68 13.87 -18.21 -63.55
N CYS O 69 14.07 -16.90 -63.35
CA CYS O 69 12.99 -15.93 -63.19
C CYS O 69 12.86 -15.01 -64.40
N ASP O 70 13.51 -15.37 -65.52
CA ASP O 70 13.44 -14.55 -66.73
C ASP O 70 12.03 -14.41 -67.26
N VAL O 71 11.13 -15.36 -66.96
CA VAL O 71 9.76 -15.26 -67.43
C VAL O 71 9.04 -14.06 -66.84
N PHE O 72 9.52 -13.50 -65.72
CA PHE O 72 8.85 -12.41 -65.02
C PHE O 72 9.33 -11.04 -65.44
N GLN O 73 10.13 -10.94 -66.51
CA GLN O 73 10.58 -9.63 -66.97
C GLN O 73 9.41 -8.77 -67.43
N ASN O 74 9.36 -7.54 -66.94
CA ASN O 74 8.32 -6.55 -67.27
C ASN O 74 6.94 -6.97 -66.80
N GLU O 75 6.84 -7.85 -65.80
CA GLU O 75 5.54 -8.31 -65.35
C GLU O 75 4.89 -7.29 -64.42
N THR O 76 3.55 -7.35 -64.37
CA THR O 76 2.77 -6.54 -63.45
C THR O 76 1.83 -7.43 -62.66
N TRP O 77 1.33 -6.93 -61.54
CA TRP O 77 0.47 -7.72 -60.68
C TRP O 77 -0.34 -6.80 -59.78
N ASP O 78 -1.52 -7.28 -59.39
CA ASP O 78 -2.21 -6.73 -58.24
C ASP O 78 -1.76 -7.44 -56.96
N LEU O 79 -1.51 -8.73 -57.04
CA LEU O 79 -1.03 -9.51 -55.91
C LEU O 79 0.05 -10.46 -56.39
N PHE O 80 1.26 -10.30 -55.85
CA PHE O 80 2.36 -11.22 -56.13
C PHE O 80 2.37 -12.31 -55.05
N VAL O 81 2.32 -13.56 -55.47
CA VAL O 81 2.21 -14.69 -54.56
C VAL O 81 3.56 -15.41 -54.54
N GLU O 82 4.27 -15.29 -53.42
CA GLU O 82 5.54 -15.98 -53.23
C GLU O 82 5.29 -17.36 -52.65
N ARG O 83 5.97 -18.36 -53.21
CA ARG O 83 5.82 -19.75 -52.81
C ARG O 83 6.96 -20.18 -51.90
N SER O 84 6.66 -21.08 -50.96
CA SER O 84 7.67 -21.58 -50.05
C SER O 84 8.71 -22.44 -50.75
N LYS O 85 8.37 -23.01 -51.91
CA LYS O 85 9.32 -23.81 -52.68
C LYS O 85 10.35 -22.94 -53.40
N ALA O 86 10.17 -21.61 -53.39
CA ALA O 86 11.04 -20.73 -54.16
C ALA O 86 12.49 -20.82 -53.68
N PHE O 87 13.41 -20.67 -54.62
CA PHE O 87 14.83 -20.77 -54.34
C PHE O 87 15.59 -19.79 -55.23
N SER O 88 16.75 -19.37 -54.76
CA SER O 88 17.66 -18.58 -55.57
C SER O 88 18.67 -19.48 -56.27
N ASN O 89 19.09 -19.08 -57.46
CA ASN O 89 20.02 -19.90 -58.24
C ASN O 89 20.98 -19.06 -59.06
N CYS O 90 21.33 -17.88 -58.59
CA CYS O 90 22.32 -17.06 -59.28
C CYS O 90 23.50 -16.79 -58.34
N TYR O 91 24.15 -15.65 -58.50
CA TYR O 91 25.27 -15.32 -57.61
C TYR O 91 24.76 -15.09 -56.19
N PRO O 92 25.44 -15.63 -55.18
CA PRO O 92 24.98 -15.43 -53.80
C PRO O 92 25.04 -13.96 -53.41
N TYR O 93 23.91 -13.44 -52.95
CA TYR O 93 23.79 -12.00 -52.72
C TYR O 93 23.12 -11.73 -51.39
N ASP O 94 23.27 -10.49 -50.93
CA ASP O 94 22.63 -10.03 -49.73
C ASP O 94 22.07 -8.63 -49.97
N VAL O 95 20.93 -8.36 -49.38
CA VAL O 95 20.25 -7.08 -49.53
C VAL O 95 20.09 -6.47 -48.14
N PRO O 96 20.92 -5.48 -47.80
CA PRO O 96 20.64 -4.69 -46.59
C PRO O 96 19.28 -4.01 -46.71
N ASP O 97 18.45 -4.20 -45.68
CA ASP O 97 17.08 -3.72 -45.69
C ASP O 97 16.25 -4.41 -46.78
N TYR O 98 16.40 -5.74 -46.84
CA TYR O 98 15.67 -6.55 -47.82
C TYR O 98 14.16 -6.32 -47.73
N ALA O 99 13.63 -6.23 -46.51
CA ALA O 99 12.19 -6.13 -46.33
C ALA O 99 11.63 -4.83 -46.90
N SER O 100 12.41 -3.75 -46.89
CA SER O 100 11.93 -2.48 -47.43
C SER O 100 11.92 -2.49 -48.94
N LEU O 101 12.96 -3.05 -49.58
CA LEU O 101 12.96 -3.14 -51.03
C LEU O 101 11.85 -4.06 -51.52
N ARG O 102 11.65 -5.19 -50.84
CA ARG O 102 10.55 -6.07 -51.17
C ARG O 102 9.21 -5.35 -51.05
N SER O 103 9.05 -4.54 -49.99
CA SER O 103 7.79 -3.84 -49.77
C SER O 103 7.54 -2.80 -50.85
N LEU O 104 8.55 -2.00 -51.19
CA LEU O 104 8.30 -0.90 -52.11
C LEU O 104 8.17 -1.39 -53.55
N VAL O 105 8.78 -2.52 -53.89
CA VAL O 105 8.57 -3.08 -55.22
C VAL O 105 7.21 -3.78 -55.30
N ALA O 106 6.84 -4.51 -54.24
CA ALA O 106 5.54 -5.16 -54.23
C ALA O 106 4.41 -4.15 -54.27
N SER O 107 4.60 -3.00 -53.60
CA SER O 107 3.57 -1.98 -53.62
C SER O 107 3.52 -1.26 -54.95
N SER O 108 4.65 -1.21 -55.66
CA SER O 108 4.67 -0.58 -56.98
C SER O 108 3.91 -1.39 -58.02
N GLY O 109 4.00 -2.72 -57.93
CA GLY O 109 3.23 -3.60 -58.77
C GLY O 109 3.75 -3.80 -60.18
N THR O 110 5.00 -3.43 -60.46
CA THR O 110 5.53 -3.59 -61.80
C THR O 110 7.02 -3.84 -61.76
N LEU O 111 7.50 -4.64 -62.71
CA LEU O 111 8.92 -4.83 -62.96
C LEU O 111 9.36 -4.21 -64.28
N GLU O 112 8.57 -3.28 -64.81
CA GLU O 112 8.86 -2.64 -66.08
C GLU O 112 10.23 -1.98 -66.03
N PHE O 113 11.14 -2.45 -66.88
CA PHE O 113 12.54 -2.05 -66.87
C PHE O 113 12.87 -1.31 -68.15
N ILE O 114 13.57 -0.19 -68.02
CA ILE O 114 13.99 0.63 -69.16
C ILE O 114 15.51 0.63 -69.21
N THR O 115 16.07 0.09 -70.29
CA THR O 115 17.52 0.07 -70.46
C THR O 115 18.01 1.45 -70.87
N GLU O 116 19.07 1.92 -70.22
CA GLU O 116 19.63 3.23 -70.48
C GLU O 116 21.05 3.10 -71.03
N GLY O 117 21.49 4.15 -71.71
CA GLY O 117 22.79 4.15 -72.35
C GLY O 117 23.93 4.49 -71.42
N PHE O 118 24.23 3.60 -70.49
CA PHE O 118 25.41 3.77 -69.65
C PHE O 118 26.67 3.48 -70.45
N THR O 119 27.63 4.41 -70.39
CA THR O 119 28.91 4.24 -71.04
C THR O 119 29.98 4.00 -69.99
N TRP O 120 30.58 2.82 -70.01
CA TRP O 120 31.61 2.43 -69.06
C TRP O 120 32.93 2.34 -69.82
N THR O 121 33.72 3.41 -69.76
CA THR O 121 34.93 3.50 -70.56
C THR O 121 36.09 2.80 -69.86
N GLY O 122 36.84 2.01 -70.61
CA GLY O 122 38.05 1.40 -70.09
C GLY O 122 37.85 0.16 -69.27
N VAL O 123 36.70 -0.49 -69.37
CA VAL O 123 36.33 -1.58 -68.47
C VAL O 123 35.57 -2.64 -69.26
N THR O 124 35.70 -3.89 -68.84
CA THR O 124 35.05 -5.02 -69.50
C THR O 124 33.67 -5.25 -68.91
N GLN O 125 32.67 -5.45 -69.76
CA GLN O 125 31.28 -5.55 -69.34
C GLN O 125 30.79 -6.99 -69.43
N ASN O 126 29.61 -7.20 -68.83
CA ASN O 126 28.85 -8.45 -68.97
C ASN O 126 29.59 -9.65 -68.37
N GLY O 127 30.06 -9.48 -67.13
CA GLY O 127 30.72 -10.57 -66.44
C GLY O 127 29.73 -11.64 -66.02
N GLY O 128 30.18 -12.89 -66.07
CA GLY O 128 29.33 -14.03 -65.75
C GLY O 128 29.99 -14.95 -64.74
N SER O 129 29.19 -15.90 -64.27
CA SER O 129 29.63 -16.84 -63.24
C SER O 129 28.99 -18.20 -63.49
N ASN O 130 29.72 -19.26 -63.15
CA ASN O 130 29.18 -20.61 -63.24
C ASN O 130 28.13 -20.88 -62.16
N ALA O 131 27.98 -19.99 -61.19
CA ALA O 131 26.92 -20.12 -60.20
C ALA O 131 25.61 -19.51 -60.66
N CYS O 132 25.56 -19.00 -61.89
CA CYS O 132 24.40 -18.31 -62.41
C CYS O 132 24.30 -18.60 -63.91
N LYS O 133 24.18 -19.89 -64.24
CA LYS O 133 24.19 -20.30 -65.65
C LYS O 133 22.89 -19.91 -66.34
N ARG O 134 23.01 -19.26 -67.49
CA ARG O 134 21.90 -19.00 -68.39
C ARG O 134 22.17 -19.78 -69.68
N GLY O 135 21.39 -20.83 -69.90
CA GLY O 135 21.69 -21.77 -70.96
C GLY O 135 22.82 -22.68 -70.52
N PRO O 136 23.67 -23.09 -71.46
CA PRO O 136 24.78 -23.99 -71.12
C PRO O 136 25.92 -23.27 -70.41
N GLY O 137 26.13 -22.00 -70.76
CA GLY O 137 27.27 -21.25 -70.27
C GLY O 137 26.95 -20.37 -69.07
N SER O 138 27.99 -19.74 -68.55
CA SER O 138 27.86 -18.87 -67.40
C SER O 138 27.05 -17.63 -67.76
N GLY O 139 26.42 -17.05 -66.74
CA GLY O 139 25.62 -15.86 -66.92
C GLY O 139 25.59 -14.99 -65.68
N PHE O 140 24.60 -14.12 -65.59
CA PHE O 140 24.51 -13.18 -64.47
C PHE O 140 23.07 -12.66 -64.40
N PHE O 141 22.80 -11.89 -63.35
CA PHE O 141 21.51 -11.23 -63.22
C PHE O 141 21.24 -10.39 -64.46
N SER O 142 20.03 -10.54 -65.03
CA SER O 142 19.74 -9.91 -66.30
C SER O 142 19.73 -8.38 -66.20
N ARG O 143 19.43 -7.83 -65.02
CA ARG O 143 19.31 -6.39 -64.87
C ARG O 143 20.58 -5.73 -64.37
N LEU O 144 21.61 -6.50 -64.05
CA LEU O 144 22.87 -5.98 -63.54
C LEU O 144 23.99 -6.22 -64.54
N ASN O 145 25.04 -5.40 -64.43
CA ASN O 145 26.18 -5.45 -65.35
C ASN O 145 27.46 -5.56 -64.53
N TRP O 146 28.10 -6.72 -64.59
CA TRP O 146 29.33 -6.97 -63.84
C TRP O 146 30.51 -6.44 -64.63
N LEU O 147 31.17 -5.41 -64.10
CA LEU O 147 32.29 -4.76 -64.75
C LEU O 147 33.60 -5.25 -64.14
N THR O 148 34.56 -5.57 -65.01
CA THR O 148 35.89 -6.00 -64.58
C THR O 148 36.94 -5.32 -65.46
N LYS O 149 38.20 -5.47 -65.05
CA LYS O 149 39.30 -4.76 -65.71
C LYS O 149 39.31 -5.03 -67.21
N SER O 150 39.79 -4.05 -67.97
CA SER O 150 40.02 -4.17 -69.40
C SER O 150 41.50 -3.99 -69.66
N GLY O 151 42.16 -5.06 -70.12
CA GLY O 151 43.61 -5.05 -70.21
C GLY O 151 44.22 -5.26 -68.84
N SER O 152 45.03 -4.30 -68.41
CA SER O 152 45.64 -4.36 -67.09
C SER O 152 45.15 -3.25 -66.16
N THR O 153 44.10 -2.52 -66.56
CA THR O 153 43.67 -1.33 -65.84
C THR O 153 42.17 -1.31 -65.64
N TYR O 154 41.77 -0.82 -64.47
CA TYR O 154 40.37 -0.54 -64.14
C TYR O 154 40.30 0.92 -63.72
N PRO O 155 39.84 1.81 -64.59
CA PRO O 155 39.89 3.24 -64.27
C PRO O 155 38.84 3.63 -63.25
N VAL O 156 38.91 4.89 -62.83
CA VAL O 156 37.92 5.47 -61.91
C VAL O 156 36.71 5.86 -62.74
N LEU O 157 35.68 5.04 -62.72
CA LEU O 157 34.45 5.33 -63.45
C LEU O 157 33.75 6.54 -62.84
N ASN O 158 33.14 7.36 -63.70
CA ASN O 158 32.49 8.61 -63.28
C ASN O 158 31.43 8.94 -64.33
N VAL O 159 30.27 8.33 -64.18
CA VAL O 159 29.19 8.46 -65.16
C VAL O 159 28.00 9.15 -64.51
N THR O 160 27.26 9.89 -65.32
CA THR O 160 26.12 10.67 -64.85
C THR O 160 24.92 10.38 -65.73
N MET O 161 23.82 9.97 -65.11
CA MET O 161 22.59 9.62 -65.82
C MET O 161 21.45 10.52 -65.35
N PRO O 162 21.17 11.61 -66.05
CA PRO O 162 20.14 12.54 -65.57
C PRO O 162 18.75 11.96 -65.72
N ASN O 163 17.83 12.44 -64.88
CA ASN O 163 16.42 12.08 -64.96
C ASN O 163 15.68 13.28 -65.56
N ASN O 164 15.41 13.21 -66.86
CA ASN O 164 14.70 14.27 -67.56
C ASN O 164 13.21 13.96 -67.71
N ASP O 165 12.73 12.91 -67.06
CA ASP O 165 11.33 12.52 -67.16
C ASP O 165 10.52 13.14 -66.03
N ASN O 166 9.21 12.93 -66.10
CA ASN O 166 8.29 13.47 -65.09
C ASN O 166 7.87 12.41 -64.07
N PHE O 167 8.65 11.34 -63.93
CA PHE O 167 8.36 10.28 -62.98
C PHE O 167 9.64 9.89 -62.25
N ASP O 168 9.47 9.09 -61.20
CA ASP O 168 10.62 8.60 -60.44
C ASP O 168 11.23 7.38 -61.12
N LYS O 169 12.55 7.28 -61.04
CA LYS O 169 13.29 6.12 -61.52
C LYS O 169 13.83 5.34 -60.34
N LEU O 170 13.66 4.02 -60.36
CA LEU O 170 14.21 3.15 -59.35
C LEU O 170 15.41 2.41 -59.92
N TYR O 171 16.58 2.64 -59.34
CA TYR O 171 17.83 2.01 -59.77
C TYR O 171 18.22 0.92 -58.80
N ILE O 172 18.56 -0.25 -59.34
CA ILE O 172 19.10 -1.36 -58.57
C ILE O 172 20.54 -1.57 -58.99
N TRP O 173 21.45 -1.54 -58.02
CA TRP O 173 22.87 -1.72 -58.28
C TRP O 173 23.49 -2.53 -57.15
N GLY O 174 24.79 -2.80 -57.27
CA GLY O 174 25.42 -3.70 -56.32
C GLY O 174 26.91 -3.46 -56.17
N VAL O 175 27.48 -4.13 -55.17
CA VAL O 175 28.91 -4.11 -54.89
C VAL O 175 29.39 -5.55 -54.72
N HIS O 176 30.52 -5.87 -55.33
CA HIS O 176 31.07 -7.22 -55.29
C HIS O 176 32.06 -7.36 -54.14
N HIS O 177 31.88 -8.40 -53.33
CA HIS O 177 32.74 -8.67 -52.19
C HIS O 177 33.54 -9.94 -52.44
N PRO O 178 34.78 -9.84 -52.95
CA PRO O 178 35.56 -11.05 -53.23
C PRO O 178 36.04 -11.76 -51.97
N SER O 179 36.67 -12.92 -52.14
CA SER O 179 37.11 -13.74 -51.02
C SER O 179 38.62 -13.72 -50.79
N THR O 180 39.39 -13.32 -51.78
CA THR O 180 40.82 -13.31 -51.63
C THR O 180 41.39 -12.06 -52.22
N ASN O 181 42.59 -11.73 -51.82
CA ASN O 181 43.29 -10.61 -52.39
C ASN O 181 43.57 -10.83 -53.87
N GLN O 182 43.83 -12.07 -54.23
CA GLN O 182 44.05 -12.38 -55.62
C GLN O 182 42.82 -12.12 -56.45
N GLU O 183 41.66 -12.52 -55.94
CA GLU O 183 40.44 -12.30 -56.71
C GLU O 183 40.20 -10.82 -56.95
N GLN O 184 40.46 -9.97 -55.95
CA GLN O 184 40.28 -8.54 -56.12
C GLN O 184 41.23 -7.99 -57.16
N THR O 185 42.50 -8.39 -57.09
CA THR O 185 43.50 -7.80 -57.98
C THR O 185 43.28 -8.23 -59.42
N SER O 186 42.86 -9.47 -59.65
CA SER O 186 42.65 -9.91 -61.03
C SER O 186 41.45 -9.23 -61.66
N LEU O 187 40.35 -9.16 -60.92
CA LEU O 187 39.16 -8.47 -61.41
C LEU O 187 39.27 -6.96 -61.54
N TYR O 188 39.80 -6.31 -60.54
CA TYR O 188 39.74 -4.85 -60.50
C TYR O 188 41.07 -4.12 -60.48
N VAL O 189 42.12 -4.83 -60.10
CA VAL O 189 43.50 -4.35 -60.12
C VAL O 189 43.77 -3.32 -59.05
N GLN O 190 42.80 -3.14 -58.16
CA GLN O 190 42.96 -2.27 -57.03
C GLN O 190 42.79 -3.19 -55.87
N ALA O 191 43.66 -3.12 -54.90
CA ALA O 191 43.55 -4.01 -53.75
C ALA O 191 42.28 -3.70 -53.03
N SER O 192 41.92 -2.43 -53.00
CA SER O 192 40.66 -2.06 -52.36
C SER O 192 39.86 -1.25 -53.35
N GLY O 193 38.61 -1.65 -53.56
CA GLY O 193 37.69 -0.93 -54.41
C GLY O 193 36.89 0.09 -53.63
N ARG O 194 35.92 0.68 -54.32
CA ARG O 194 35.01 1.65 -53.71
C ARG O 194 33.89 1.97 -54.69
N VAL O 195 32.65 1.94 -54.22
CA VAL O 195 31.49 2.24 -55.05
C VAL O 195 30.72 3.38 -54.39
N THR O 196 30.57 4.49 -55.11
CA THR O 196 29.81 5.63 -54.63
C THR O 196 28.72 5.96 -55.63
N VAL O 197 27.47 5.79 -55.21
CA VAL O 197 26.30 6.14 -56.01
C VAL O 197 25.56 7.26 -55.28
N SER O 198 25.30 8.36 -55.98
CA SER O 198 24.76 9.53 -55.31
C SER O 198 23.83 10.30 -56.23
N THR O 199 22.93 11.04 -55.60
CA THR O 199 22.10 12.06 -56.24
C THR O 199 22.38 13.40 -55.56
N ARG O 200 21.64 14.43 -55.97
CA ARG O 200 21.79 15.71 -55.31
C ARG O 200 21.28 15.71 -53.88
N ARG O 201 20.57 14.66 -53.47
CA ARG O 201 20.00 14.59 -52.12
C ARG O 201 20.41 13.33 -51.36
N SER O 202 21.37 12.56 -51.87
CA SER O 202 21.74 11.32 -51.20
C SER O 202 23.15 10.91 -51.62
N GLN O 203 23.85 10.23 -50.73
CA GLN O 203 25.13 9.59 -51.01
C GLN O 203 25.18 8.21 -50.43
N GLN O 204 25.67 7.27 -51.21
CA GLN O 204 25.79 5.87 -50.80
C GLN O 204 27.20 5.41 -51.13
N THR O 205 28.06 5.33 -50.12
CA THR O 205 29.45 4.92 -50.30
C THR O 205 29.63 3.54 -49.67
N ILE O 206 30.05 2.58 -50.50
CA ILE O 206 30.27 1.22 -50.04
C ILE O 206 31.71 0.85 -50.33
N ILE O 207 32.45 0.46 -49.28
CA ILE O 207 33.79 -0.08 -49.43
C ILE O 207 33.70 -1.60 -49.39
N PRO O 208 34.18 -2.30 -50.41
CA PRO O 208 33.99 -3.75 -50.45
C PRO O 208 34.78 -4.46 -49.37
N ASN O 209 34.25 -5.60 -48.94
CA ASN O 209 34.84 -6.42 -47.90
C ASN O 209 35.42 -7.68 -48.53
N ILE O 210 36.71 -7.93 -48.27
CA ILE O 210 37.40 -9.10 -48.78
C ILE O 210 37.53 -10.10 -47.65
N GLU O 211 36.69 -11.13 -47.67
CA GLU O 211 36.74 -12.14 -46.63
C GLU O 211 36.35 -13.51 -47.17
N SER O 212 36.83 -14.56 -46.51
CA SER O 212 36.41 -15.93 -46.82
C SER O 212 35.14 -16.23 -46.02
N ARG O 213 34.07 -16.52 -46.74
CA ARG O 213 32.76 -16.77 -46.16
C ARG O 213 32.32 -18.19 -46.46
N PRO O 214 31.38 -18.73 -45.69
CA PRO O 214 30.94 -20.11 -45.97
C PRO O 214 30.40 -20.23 -47.38
N TRP O 215 30.59 -21.42 -47.96
CA TRP O 215 30.22 -21.65 -49.35
C TRP O 215 28.71 -21.59 -49.52
N VAL O 216 28.27 -20.85 -50.53
CA VAL O 216 26.89 -20.82 -50.98
C VAL O 216 26.91 -21.12 -52.47
N ARG O 217 26.35 -22.26 -52.86
CA ARG O 217 26.37 -22.71 -54.25
C ARG O 217 27.79 -22.71 -54.80
N GLY O 218 28.73 -23.18 -53.97
CA GLY O 218 30.11 -23.32 -54.36
C GLY O 218 30.95 -22.06 -54.27
N LEU O 219 30.38 -20.95 -53.81
CA LEU O 219 31.07 -19.67 -53.81
C LEU O 219 31.18 -19.10 -52.41
N SER O 220 32.31 -18.44 -52.15
CA SER O 220 32.49 -17.66 -50.94
C SER O 220 32.40 -16.16 -51.18
N SER O 221 32.42 -15.73 -52.43
CA SER O 221 32.21 -14.33 -52.74
C SER O 221 30.75 -13.96 -52.57
N ARG O 222 30.47 -12.65 -52.54
CA ARG O 222 29.13 -12.15 -52.33
C ARG O 222 28.90 -10.92 -53.19
N ILE O 223 27.63 -10.53 -53.28
CA ILE O 223 27.23 -9.28 -53.90
C ILE O 223 26.19 -8.63 -52.99
N SER O 224 26.39 -7.34 -52.69
CA SER O 224 25.45 -6.59 -51.87
C SER O 224 24.62 -5.70 -52.77
N ILE O 225 23.31 -5.77 -52.62
CA ILE O 225 22.37 -5.04 -53.46
C ILE O 225 21.94 -3.77 -52.75
N TYR O 226 21.95 -2.65 -53.47
CA TYR O 226 21.46 -1.37 -52.97
C TYR O 226 20.54 -0.76 -54.01
N TRP O 227 19.80 0.27 -53.61
CA TRP O 227 18.90 0.93 -54.54
C TRP O 227 18.89 2.44 -54.32
N THR O 228 18.57 3.17 -55.38
CA THR O 228 18.54 4.63 -55.37
C THR O 228 17.34 5.09 -56.20
N ILE O 229 16.52 5.95 -55.61
CA ILE O 229 15.38 6.53 -56.32
C ILE O 229 15.76 7.95 -56.72
N VAL O 230 15.71 8.21 -58.03
CA VAL O 230 16.09 9.49 -58.60
C VAL O 230 14.81 10.24 -58.97
N LYS O 231 14.55 11.34 -58.29
CA LYS O 231 13.37 12.14 -58.57
C LYS O 231 13.53 12.90 -59.88
N PRO O 232 12.42 13.36 -60.48
CA PRO O 232 12.52 14.17 -61.69
C PRO O 232 13.37 15.41 -61.47
N GLY O 233 14.20 15.73 -62.47
CA GLY O 233 15.09 16.86 -62.37
C GLY O 233 16.38 16.58 -61.64
N ASP O 234 16.50 15.46 -60.95
CA ASP O 234 17.72 15.11 -60.25
C ASP O 234 18.65 14.36 -61.19
N VAL O 235 19.73 13.82 -60.65
CA VAL O 235 20.78 13.22 -61.45
C VAL O 235 21.35 12.02 -60.69
N LEU O 236 21.78 11.01 -61.44
CA LEU O 236 22.41 9.83 -60.86
C LEU O 236 23.88 9.83 -61.23
N VAL O 237 24.74 9.79 -60.22
CA VAL O 237 26.19 9.80 -60.42
C VAL O 237 26.75 8.53 -59.82
N ILE O 238 27.48 7.76 -60.62
CA ILE O 238 28.12 6.53 -60.18
C ILE O 238 29.62 6.71 -60.32
N ASN O 239 30.34 6.50 -59.21
CA ASN O 239 31.78 6.68 -59.16
C ASN O 239 32.39 5.47 -58.47
N SER O 240 33.24 4.75 -59.19
CA SER O 240 33.83 3.54 -58.65
C SER O 240 35.23 3.34 -59.21
N ASN O 241 36.14 2.92 -58.35
CA ASN O 241 37.46 2.46 -58.76
C ASN O 241 37.62 0.95 -58.60
N GLY O 242 36.51 0.22 -58.53
CA GLY O 242 36.52 -1.22 -58.38
C GLY O 242 35.29 -1.79 -57.72
N ASN O 243 34.92 -3.03 -58.10
CA ASN O 243 33.88 -3.82 -57.45
C ASN O 243 32.47 -3.31 -57.71
N LEU O 244 32.25 -2.55 -58.78
CA LEU O 244 30.93 -2.04 -59.10
C LEU O 244 30.13 -3.08 -59.88
N ILE O 245 28.94 -3.39 -59.37
CA ILE O 245 27.93 -4.13 -60.12
C ILE O 245 26.94 -3.09 -60.62
N ALA O 246 27.12 -2.65 -61.85
CA ALA O 246 26.44 -1.47 -62.38
C ALA O 246 25.01 -1.79 -62.79
N PRO O 247 24.12 -0.80 -62.75
CA PRO O 247 22.78 -0.99 -63.29
C PRO O 247 22.79 -0.96 -64.81
N ARG O 248 21.77 -1.58 -65.40
CA ARG O 248 21.55 -1.50 -66.84
C ARG O 248 20.46 -0.50 -67.20
N GLY O 249 19.77 0.06 -66.21
CA GLY O 249 18.69 0.98 -66.46
C GLY O 249 17.93 1.27 -65.19
N TYR O 250 16.65 1.58 -65.35
CA TYR O 250 15.80 1.86 -64.20
C TYR O 250 14.49 1.10 -64.30
N PHE O 251 13.89 0.86 -63.13
CA PHE O 251 12.54 0.36 -63.02
C PHE O 251 11.59 1.52 -62.86
N LYS O 252 10.45 1.46 -63.54
CA LYS O 252 9.44 2.48 -63.37
C LYS O 252 8.66 2.21 -62.10
N MET O 253 8.37 3.27 -61.35
CA MET O 253 7.70 3.16 -60.07
C MET O 253 6.25 3.61 -60.17
N ARG O 254 5.38 2.94 -59.43
CA ARG O 254 3.95 3.24 -59.48
C ARG O 254 3.37 3.18 -58.08
N THR O 255 2.24 3.86 -57.91
CA THR O 255 1.43 3.80 -56.70
C THR O 255 0.06 3.23 -57.06
N GLY O 256 -0.44 2.32 -56.23
CA GLY O 256 -1.72 1.72 -56.49
C GLY O 256 -2.18 0.72 -55.45
N LYS O 257 -2.82 -0.35 -55.90
CA LYS O 257 -3.41 -1.34 -55.01
C LYS O 257 -2.59 -2.62 -54.94
N SER O 258 -1.37 -2.62 -55.44
CA SER O 258 -0.58 -3.85 -55.51
C SER O 258 0.07 -4.17 -54.16
N SER O 259 0.32 -5.45 -53.94
CA SER O 259 0.93 -5.94 -52.72
C SER O 259 1.53 -7.32 -52.99
N ILE O 260 1.98 -7.99 -51.93
CA ILE O 260 2.61 -9.30 -52.04
C ILE O 260 2.12 -10.17 -50.89
N MET O 261 2.08 -11.48 -51.12
CA MET O 261 1.58 -12.40 -50.11
C MET O 261 2.33 -13.72 -50.19
N ARG O 262 2.66 -14.27 -49.03
CA ARG O 262 3.26 -15.60 -48.95
C ARG O 262 2.14 -16.63 -48.79
N SER O 263 2.04 -17.55 -49.74
CA SER O 263 0.97 -18.54 -49.72
C SER O 263 1.35 -19.73 -50.58
N ASP O 264 0.94 -20.92 -50.14
CA ASP O 264 1.09 -22.13 -50.94
C ASP O 264 -0.25 -22.63 -51.46
N ALA O 265 -1.27 -21.79 -51.45
CA ALA O 265 -2.56 -22.14 -52.00
C ALA O 265 -2.51 -22.10 -53.52
N PRO O 266 -3.05 -23.11 -54.21
CA PRO O 266 -3.05 -23.08 -55.67
C PRO O 266 -4.06 -22.08 -56.20
N ILE O 267 -3.89 -21.73 -57.47
CA ILE O 267 -4.68 -20.69 -58.11
C ILE O 267 -5.73 -21.35 -59.00
N ASP O 268 -6.99 -20.90 -58.86
CA ASP O 268 -8.12 -21.50 -59.54
C ASP O 268 -8.84 -20.44 -60.36
N THR O 269 -9.68 -20.91 -61.29
CA THR O 269 -10.46 -20.02 -62.15
C THR O 269 -11.82 -19.78 -61.51
N CYS O 270 -11.89 -18.73 -60.70
CA CYS O 270 -13.11 -18.33 -60.02
C CYS O 270 -13.04 -16.83 -59.76
N ILE O 271 -14.09 -16.31 -59.15
CA ILE O 271 -14.17 -14.90 -58.80
C ILE O 271 -14.30 -14.78 -57.29
N SER O 272 -13.46 -13.93 -56.69
CA SER O 272 -13.50 -13.67 -55.26
C SER O 272 -12.73 -12.39 -54.99
N GLU O 273 -13.36 -11.44 -54.30
CA GLU O 273 -12.72 -10.17 -53.99
C GLU O 273 -11.70 -10.27 -52.87
N CYS O 274 -11.83 -11.25 -51.97
CA CYS O 274 -10.97 -11.38 -50.81
C CYS O 274 -10.02 -12.55 -50.96
N ILE O 275 -8.77 -12.34 -50.59
CA ILE O 275 -7.72 -13.34 -50.69
C ILE O 275 -7.00 -13.47 -49.36
N THR O 276 -6.87 -14.70 -48.87
CA THR O 276 -6.07 -15.02 -47.71
C THR O 276 -5.02 -16.04 -48.11
N PRO O 277 -3.96 -16.21 -47.30
CA PRO O 277 -2.98 -17.27 -47.61
C PRO O 277 -3.58 -18.66 -47.63
N ASN O 278 -4.70 -18.87 -46.95
CA ASN O 278 -5.40 -20.15 -47.02
C ASN O 278 -6.20 -20.30 -48.30
N GLY O 279 -6.32 -19.26 -49.09
CA GLY O 279 -7.18 -19.23 -50.26
C GLY O 279 -8.21 -18.12 -50.17
N SER O 280 -8.98 -17.99 -51.25
CA SER O 280 -10.03 -17.00 -51.29
C SER O 280 -11.16 -17.36 -50.33
N ILE O 281 -11.81 -16.33 -49.80
CA ILE O 281 -12.99 -16.51 -48.94
C ILE O 281 -14.07 -15.52 -49.35
N PRO O 282 -15.33 -15.90 -49.16
CA PRO O 282 -16.43 -14.96 -49.45
C PRO O 282 -16.48 -13.82 -48.44
N ASN O 283 -17.18 -12.76 -48.82
CA ASN O 283 -17.35 -11.59 -47.97
C ASN O 283 -18.82 -11.29 -47.69
N ASP O 284 -19.64 -12.34 -47.55
CA ASP O 284 -21.03 -12.14 -47.19
C ASP O 284 -21.21 -11.93 -45.70
N LYS O 285 -20.19 -12.23 -44.91
CA LYS O 285 -20.23 -12.04 -43.47
C LYS O 285 -19.31 -10.88 -43.07
N PRO O 286 -19.65 -10.15 -42.00
CA PRO O 286 -18.84 -9.00 -41.61
C PRO O 286 -17.51 -9.36 -40.96
N PHE O 287 -17.35 -10.58 -40.44
CA PHE O 287 -16.15 -10.95 -39.71
C PHE O 287 -15.59 -12.24 -40.26
N GLN O 288 -14.31 -12.47 -40.06
CA GLN O 288 -13.70 -13.72 -40.45
C GLN O 288 -12.67 -14.21 -39.46
N ASN O 289 -12.46 -15.50 -39.48
CA ASN O 289 -11.55 -16.20 -38.59
C ASN O 289 -10.47 -16.99 -39.34
N VAL O 290 -10.29 -16.73 -40.63
CA VAL O 290 -9.42 -17.57 -41.44
C VAL O 290 -7.95 -17.18 -41.27
N ASN O 291 -7.65 -15.89 -41.43
CA ASN O 291 -6.26 -15.43 -41.38
C ASN O 291 -6.27 -13.91 -41.25
N LYS O 292 -5.36 -13.38 -40.42
CA LYS O 292 -5.25 -11.93 -40.29
C LYS O 292 -4.60 -11.29 -41.51
N ILE O 293 -3.88 -12.08 -42.30
CA ILE O 293 -3.34 -11.59 -43.56
C ILE O 293 -4.44 -11.68 -44.62
N THR O 294 -4.83 -10.54 -45.17
CA THR O 294 -5.84 -10.51 -46.22
C THR O 294 -5.42 -9.52 -47.30
N TYR O 295 -6.07 -9.67 -48.46
CA TYR O 295 -5.96 -8.73 -49.56
C TYR O 295 -7.33 -8.58 -50.20
N GLY O 296 -7.74 -7.34 -50.43
CA GLY O 296 -8.99 -7.06 -51.11
C GLY O 296 -10.12 -6.72 -50.15
N ALA O 297 -11.34 -6.85 -50.66
CA ALA O 297 -12.54 -6.54 -49.89
C ALA O 297 -12.85 -7.74 -49.01
N CYS O 298 -12.46 -7.66 -47.75
CA CYS O 298 -12.50 -8.81 -46.85
C CYS O 298 -13.30 -8.50 -45.60
N PRO O 299 -13.84 -9.53 -44.95
CA PRO O 299 -14.37 -9.33 -43.60
C PRO O 299 -13.25 -8.96 -42.65
N LYS O 300 -13.63 -8.32 -41.55
CA LYS O 300 -12.65 -7.97 -40.53
C LYS O 300 -12.30 -9.20 -39.70
N TYR O 301 -11.00 -9.37 -39.42
CA TYR O 301 -10.52 -10.55 -38.73
C TYR O 301 -10.77 -10.45 -37.24
N VAL O 302 -11.35 -11.51 -36.66
CA VAL O 302 -11.64 -11.57 -35.24
C VAL O 302 -11.12 -12.91 -34.70
N LYS O 303 -11.03 -12.98 -33.36
CA LYS O 303 -10.53 -14.18 -32.72
C LYS O 303 -11.61 -15.24 -32.52
N GLN O 304 -12.87 -14.85 -32.48
CA GLN O 304 -13.95 -15.82 -32.30
C GLN O 304 -14.07 -16.70 -33.54
N ASN O 305 -14.37 -17.97 -33.33
CA ASN O 305 -14.63 -18.88 -34.42
C ASN O 305 -16.10 -18.91 -34.83
N THR O 306 -16.98 -18.35 -34.01
CA THR O 306 -18.40 -18.34 -34.33
C THR O 306 -19.08 -17.21 -33.58
N LEU O 307 -19.97 -16.52 -34.28
CA LEU O 307 -20.82 -15.49 -33.69
C LEU O 307 -22.19 -15.62 -34.35
N LYS O 308 -23.19 -15.95 -33.55
CA LYS O 308 -24.53 -16.24 -34.05
C LYS O 308 -25.42 -15.02 -33.84
N LEU O 309 -26.02 -14.54 -34.92
CA LEU O 309 -26.94 -13.42 -34.89
C LEU O 309 -28.36 -13.94 -34.99
N ALA O 310 -29.20 -13.59 -34.01
CA ALA O 310 -30.57 -14.06 -34.01
C ALA O 310 -31.34 -13.50 -35.20
N THR O 311 -32.02 -14.39 -35.93
CA THR O 311 -32.90 -13.99 -37.01
C THR O 311 -34.34 -14.42 -36.76
N GLY O 312 -34.70 -14.64 -35.50
CA GLY O 312 -36.04 -15.04 -35.13
C GLY O 312 -36.28 -14.69 -33.68
N MET O 313 -37.50 -14.98 -33.22
CA MET O 313 -37.93 -14.63 -31.89
C MET O 313 -37.48 -15.69 -30.89
N ARG O 314 -37.78 -15.45 -29.61
CA ARG O 314 -37.50 -16.44 -28.58
C ARG O 314 -38.29 -17.71 -28.83
N ASN O 315 -37.63 -18.86 -28.71
CA ASN O 315 -38.28 -20.15 -28.91
C ASN O 315 -38.87 -20.61 -27.57
N VAL O 316 -40.19 -20.65 -27.50
CA VAL O 316 -40.88 -21.04 -26.28
C VAL O 316 -41.73 -22.28 -26.57
N PRO O 317 -41.40 -23.42 -26.00
CA PRO O 317 -42.11 -24.66 -26.28
C PRO O 317 -43.51 -24.72 -25.66
N GLU O 318 -44.34 -25.69 -26.05
CA GLU O 318 -45.72 -25.77 -25.56
C GLU O 318 -45.85 -25.94 -24.05
N PHE P 7 -50.35 -16.77 -25.65
CA PHE P 7 -48.93 -16.58 -25.96
C PHE P 7 -48.09 -16.34 -24.73
N ILE P 8 -48.73 -16.20 -23.58
CA ILE P 8 -47.98 -15.93 -22.38
C ILE P 8 -47.40 -17.24 -21.89
N GLU P 9 -46.08 -17.31 -22.04
CA GLU P 9 -45.27 -18.50 -21.81
C GLU P 9 -45.73 -19.74 -22.58
N ASN P 10 -46.21 -19.55 -23.79
CA ASN P 10 -46.38 -20.64 -24.72
C ASN P 10 -46.14 -20.22 -26.18
N GLY P 11 -45.55 -21.10 -26.99
CA GLY P 11 -45.37 -20.83 -28.40
C GLY P 11 -46.13 -21.87 -29.22
N TRP P 12 -46.51 -21.55 -30.45
CA TRP P 12 -47.34 -22.49 -31.20
C TRP P 12 -46.49 -23.18 -32.26
N GLU P 13 -46.15 -24.45 -32.01
CA GLU P 13 -45.41 -25.22 -33.00
C GLU P 13 -46.25 -25.57 -34.21
N GLY P 14 -47.58 -25.60 -34.07
CA GLY P 14 -48.43 -25.89 -35.20
C GLY P 14 -48.50 -24.77 -36.22
N MET P 15 -48.33 -23.52 -35.76
CA MET P 15 -48.40 -22.37 -36.65
C MET P 15 -47.18 -22.38 -37.57
N ILE P 16 -47.41 -22.71 -38.84
CA ILE P 16 -46.35 -22.78 -39.84
C ILE P 16 -46.56 -21.81 -41.00
N ASP P 17 -47.68 -21.09 -41.03
CA ASP P 17 -47.98 -20.18 -42.12
C ASP P 17 -47.70 -18.73 -41.77
N GLY P 18 -47.19 -18.46 -40.58
CA GLY P 18 -46.87 -17.10 -40.19
C GLY P 18 -46.07 -17.10 -38.90
N TRP P 19 -45.76 -15.89 -38.43
CA TRP P 19 -45.06 -15.69 -37.17
C TRP P 19 -45.99 -15.39 -36.01
N TYR P 20 -47.04 -14.61 -36.25
CA TYR P 20 -48.05 -14.33 -35.25
C TYR P 20 -49.42 -14.63 -35.83
N GLY P 21 -50.37 -14.95 -34.96
CA GLY P 21 -51.69 -15.27 -35.46
C GLY P 21 -52.71 -15.42 -34.36
N PHE P 22 -53.89 -15.89 -34.76
CA PHE P 22 -55.03 -16.06 -33.86
C PHE P 22 -55.41 -17.54 -33.79
N ARG P 23 -55.93 -17.93 -32.63
CA ARG P 23 -56.59 -19.22 -32.45
C ARG P 23 -57.92 -18.96 -31.74
N HIS P 24 -58.99 -19.55 -32.27
CA HIS P 24 -60.33 -19.24 -31.77
C HIS P 24 -61.09 -20.52 -31.50
N GLN P 25 -62.12 -20.40 -30.65
CA GLN P 25 -62.99 -21.51 -30.31
C GLN P 25 -64.40 -20.95 -30.14
N ASN P 26 -65.30 -21.30 -31.07
CA ASN P 26 -66.63 -20.71 -31.11
C ASN P 26 -67.65 -21.84 -31.31
N SER P 27 -68.87 -21.45 -31.66
CA SER P 27 -69.95 -22.42 -31.86
C SER P 27 -69.70 -23.32 -33.07
N GLU P 28 -68.94 -22.84 -34.05
CA GLU P 28 -68.63 -23.63 -35.23
C GLU P 28 -67.41 -24.53 -35.05
N GLY P 29 -66.66 -24.36 -33.96
CA GLY P 29 -65.50 -25.17 -33.71
C GLY P 29 -64.26 -24.37 -33.40
N THR P 30 -63.08 -24.91 -33.73
CA THR P 30 -61.81 -24.25 -33.49
C THR P 30 -61.11 -23.97 -34.81
N GLY P 31 -60.29 -22.93 -34.82
CA GLY P 31 -59.59 -22.55 -36.03
C GLY P 31 -58.34 -21.75 -35.73
N GLN P 32 -57.51 -21.62 -36.76
CA GLN P 32 -56.22 -20.95 -36.65
C GLN P 32 -55.98 -20.13 -37.91
N ALA P 33 -55.34 -18.97 -37.75
CA ALA P 33 -55.04 -18.09 -38.86
C ALA P 33 -53.91 -17.17 -38.46
N ALA P 34 -52.97 -16.97 -39.39
CA ALA P 34 -51.79 -16.14 -39.13
C ALA P 34 -52.06 -14.69 -39.50
N ASP P 35 -51.34 -13.78 -38.83
CA ASP P 35 -51.42 -12.35 -39.10
C ASP P 35 -50.20 -11.97 -39.93
N LEU P 36 -50.42 -11.66 -41.20
CA LEU P 36 -49.31 -11.46 -42.13
C LEU P 36 -48.62 -10.12 -41.93
N LYS P 37 -49.39 -9.06 -41.67
CA LYS P 37 -48.80 -7.72 -41.60
C LYS P 37 -47.84 -7.60 -40.43
N SER P 38 -48.17 -8.19 -39.28
CA SER P 38 -47.25 -8.14 -38.15
C SER P 38 -46.09 -9.12 -38.34
N THR P 39 -46.32 -10.25 -39.02
CA THR P 39 -45.23 -11.15 -39.34
C THR P 39 -44.17 -10.45 -40.18
N GLN P 40 -44.60 -9.82 -41.28
CA GLN P 40 -43.67 -9.12 -42.16
C GLN P 40 -43.10 -7.86 -41.50
N ALA P 41 -43.82 -7.29 -40.53
CA ALA P 41 -43.28 -6.14 -39.82
C ALA P 41 -42.05 -6.52 -39.02
N ALA P 42 -42.07 -7.71 -38.41
CA ALA P 42 -40.89 -8.17 -37.66
C ALA P 42 -39.80 -8.63 -38.61
N ILE P 43 -40.17 -9.26 -39.72
CA ILE P 43 -39.16 -9.75 -40.67
C ILE P 43 -38.46 -8.59 -41.35
N ASP P 44 -39.20 -7.51 -41.64
CA ASP P 44 -38.59 -6.34 -42.28
C ASP P 44 -37.48 -5.76 -41.39
N GLN P 45 -37.71 -5.67 -40.09
CA GLN P 45 -36.71 -5.12 -39.19
C GLN P 45 -35.48 -6.02 -39.14
N ILE P 46 -35.67 -7.34 -39.16
CA ILE P 46 -34.54 -8.25 -39.11
C ILE P 46 -33.76 -8.23 -40.41
N ASN P 47 -34.46 -8.21 -41.55
CA ASN P 47 -33.79 -8.00 -42.83
C ASN P 47 -32.97 -6.71 -42.81
N GLY P 48 -33.49 -5.69 -42.14
CA GLY P 48 -32.82 -4.40 -42.14
C GLY P 48 -31.48 -4.41 -41.42
N LYS P 49 -31.39 -5.11 -40.29
CA LYS P 49 -30.12 -5.16 -39.58
C LYS P 49 -29.11 -6.08 -40.26
N LEU P 50 -29.59 -7.13 -40.94
CA LEU P 50 -28.71 -7.94 -41.77
C LEU P 50 -28.06 -7.10 -42.85
N ASN P 51 -28.80 -6.13 -43.39
CA ASN P 51 -28.24 -5.24 -44.40
C ASN P 51 -27.20 -4.30 -43.78
N ARG P 52 -27.51 -3.74 -42.61
CA ARG P 52 -26.62 -2.77 -42.00
C ARG P 52 -25.34 -3.42 -41.48
N VAL P 53 -25.42 -4.67 -41.05
CA VAL P 53 -24.23 -5.35 -40.55
C VAL P 53 -23.18 -5.50 -41.65
N ILE P 54 -23.63 -5.56 -42.91
CA ILE P 54 -22.74 -5.82 -44.04
C ILE P 54 -22.57 -4.60 -44.94
N GLU P 55 -23.17 -3.45 -44.59
CA GLU P 55 -23.26 -2.35 -45.54
C GLU P 55 -21.91 -1.72 -45.85
N LYS P 56 -20.97 -1.77 -44.91
CA LYS P 56 -19.68 -1.11 -45.07
C LYS P 56 -18.65 -2.14 -45.50
N THR P 57 -18.04 -1.91 -46.67
CA THR P 57 -16.99 -2.81 -47.15
C THR P 57 -15.64 -2.41 -46.58
N ASN P 58 -14.83 -3.40 -46.28
CA ASN P 58 -13.49 -3.21 -45.74
C ASN P 58 -12.51 -3.70 -46.80
N GLU P 59 -11.92 -2.77 -47.56
CA GLU P 59 -11.05 -3.11 -48.68
C GLU P 59 -9.65 -2.61 -48.38
N LYS P 60 -8.74 -3.53 -48.10
CA LYS P 60 -7.36 -3.20 -47.78
C LYS P 60 -6.41 -3.90 -48.75
N PHE P 61 -5.33 -3.23 -49.12
CA PHE P 61 -4.39 -3.76 -50.09
C PHE P 61 -3.06 -3.94 -49.42
N HIS P 62 -2.07 -3.08 -49.66
CA HIS P 62 -0.77 -3.24 -49.05
C HIS P 62 -0.84 -2.78 -47.60
N GLN P 63 -0.45 -3.68 -46.69
CA GLN P 63 -0.48 -3.38 -45.27
C GLN P 63 0.91 -3.59 -44.67
N ILE P 64 0.98 -4.18 -43.49
CA ILE P 64 2.24 -4.51 -42.87
C ILE P 64 2.40 -6.02 -42.87
N GLU P 65 3.62 -6.49 -42.63
CA GLU P 65 3.85 -7.91 -42.46
C GLU P 65 3.37 -8.34 -41.08
N LYS P 66 2.78 -9.53 -41.02
CA LYS P 66 2.20 -10.04 -39.79
C LYS P 66 2.77 -11.38 -39.36
N GLU P 67 3.60 -12.02 -40.20
CA GLU P 67 4.35 -13.21 -39.83
C GLU P 67 5.82 -12.96 -40.14
N PHE P 68 6.70 -13.49 -39.31
CA PHE P 68 8.12 -13.19 -39.41
C PHE P 68 8.94 -14.46 -39.24
N SER P 69 9.98 -14.59 -40.04
CA SER P 69 10.82 -15.78 -40.02
C SER P 69 12.05 -15.63 -39.13
N GLU P 70 12.32 -14.44 -38.63
CA GLU P 70 13.52 -14.18 -37.84
C GLU P 70 13.18 -13.33 -36.63
N VAL P 71 14.06 -13.38 -35.64
CA VAL P 71 14.01 -12.48 -34.51
C VAL P 71 14.74 -11.20 -34.88
N GLU P 72 14.09 -10.06 -34.65
CA GLU P 72 14.66 -8.78 -35.03
C GLU P 72 14.69 -7.83 -33.85
N GLY P 73 13.69 -7.91 -32.98
CA GLY P 73 13.60 -7.06 -31.83
C GLY P 73 12.62 -5.91 -31.93
N ARG P 74 13.12 -4.68 -31.77
CA ARG P 74 12.27 -3.55 -31.44
C ARG P 74 11.19 -3.31 -32.49
N ILE P 75 11.58 -3.24 -33.77
CA ILE P 75 10.61 -2.91 -34.81
C ILE P 75 9.58 -4.01 -34.96
N GLN P 76 10.02 -5.27 -34.89
CA GLN P 76 9.10 -6.38 -35.01
C GLN P 76 8.16 -6.46 -33.80
N ASP P 77 8.66 -6.12 -32.61
CA ASP P 77 7.79 -6.05 -31.45
C ASP P 77 6.63 -5.10 -31.69
N LEU P 78 6.92 -3.97 -32.33
CA LEU P 78 5.90 -2.96 -32.56
C LEU P 78 4.90 -3.43 -33.62
N GLU P 79 5.39 -3.98 -34.73
CA GLU P 79 4.51 -4.51 -35.77
C GLU P 79 3.57 -5.57 -35.20
N LYS P 80 4.08 -6.44 -34.32
CA LYS P 80 3.22 -7.48 -33.74
C LYS P 80 2.22 -6.88 -32.77
N TYR P 81 2.64 -5.90 -31.97
CA TYR P 81 1.76 -5.29 -30.98
C TYR P 81 0.64 -4.52 -31.65
N VAL P 82 0.94 -3.83 -32.75
CA VAL P 82 -0.09 -3.08 -33.47
C VAL P 82 -1.17 -4.03 -33.97
N GLU P 83 -0.77 -5.13 -34.60
CA GLU P 83 -1.74 -6.07 -35.16
C GLU P 83 -2.54 -6.75 -34.05
N ASP P 84 -1.89 -7.12 -32.94
CA ASP P 84 -2.61 -7.72 -31.84
C ASP P 84 -3.57 -6.74 -31.21
N THR P 85 -3.19 -5.47 -31.14
CA THR P 85 -4.08 -4.44 -30.62
C THR P 85 -5.30 -4.29 -31.50
N LYS P 86 -5.10 -4.31 -32.82
CA LYS P 86 -6.21 -4.17 -33.76
C LYS P 86 -7.17 -5.34 -33.64
N ILE P 87 -6.65 -6.56 -33.60
CA ILE P 87 -7.50 -7.75 -33.59
C ILE P 87 -8.31 -7.82 -32.30
N ASP P 88 -7.72 -7.43 -31.18
CA ASP P 88 -8.45 -7.46 -29.92
C ASP P 88 -9.60 -6.45 -29.92
N LEU P 89 -9.38 -5.29 -30.54
CA LEU P 89 -10.43 -4.28 -30.54
C LEU P 89 -11.57 -4.65 -31.49
N TRP P 90 -11.25 -5.24 -32.64
CA TRP P 90 -12.31 -5.68 -33.53
C TRP P 90 -13.05 -6.89 -32.94
N SER P 91 -12.33 -7.76 -32.24
CA SER P 91 -12.99 -8.88 -31.57
C SER P 91 -13.99 -8.39 -30.53
N TYR P 92 -13.63 -7.33 -29.81
CA TYR P 92 -14.57 -6.75 -28.86
C TYR P 92 -15.78 -6.16 -29.58
N ASN P 93 -15.56 -5.45 -30.69
CA ASN P 93 -16.67 -4.86 -31.43
C ASN P 93 -17.62 -5.93 -31.95
N ALA P 94 -17.06 -7.03 -32.47
CA ALA P 94 -17.89 -8.12 -32.98
C ALA P 94 -18.73 -8.74 -31.88
N GLU P 95 -18.14 -8.95 -30.70
CA GLU P 95 -18.88 -9.57 -29.60
C GLU P 95 -19.98 -8.66 -29.08
N LEU P 96 -19.69 -7.36 -28.95
CA LEU P 96 -20.70 -6.44 -28.45
C LEU P 96 -21.82 -6.24 -29.47
N LEU P 97 -21.49 -6.23 -30.75
CA LEU P 97 -22.49 -6.00 -31.79
C LEU P 97 -23.57 -7.08 -31.76
N VAL P 98 -23.18 -8.36 -31.85
CA VAL P 98 -24.17 -9.42 -31.85
C VAL P 98 -24.92 -9.46 -30.53
N ALA P 99 -24.30 -8.99 -29.45
CA ALA P 99 -24.98 -8.95 -28.16
C ALA P 99 -26.05 -7.87 -28.13
N LEU P 100 -25.74 -6.69 -28.68
CA LEU P 100 -26.74 -5.62 -28.74
C LEU P 100 -27.82 -5.94 -29.76
N GLU P 101 -27.43 -6.49 -30.90
CA GLU P 101 -28.42 -6.85 -31.93
C GLU P 101 -29.39 -7.89 -31.41
N ASN P 102 -28.87 -8.98 -30.83
CA ASN P 102 -29.74 -10.08 -30.42
C ASN P 102 -30.72 -9.63 -29.34
N GLN P 103 -30.30 -8.76 -28.44
CA GLN P 103 -31.22 -8.22 -27.46
C GLN P 103 -32.30 -7.39 -28.15
N HIS P 104 -31.92 -6.65 -29.19
CA HIS P 104 -32.88 -5.81 -29.91
C HIS P 104 -33.85 -6.65 -30.73
N THR P 105 -33.36 -7.75 -31.33
CA THR P 105 -34.24 -8.63 -32.09
C THR P 105 -35.27 -9.27 -31.17
N ILE P 106 -34.86 -9.66 -29.97
CA ILE P 106 -35.79 -10.24 -29.00
C ILE P 106 -36.82 -9.22 -28.57
N ASP P 107 -36.40 -7.96 -28.39
CA ASP P 107 -37.33 -6.93 -27.93
C ASP P 107 -38.36 -6.58 -29.00
N LEU P 108 -37.92 -6.49 -30.26
CA LEU P 108 -38.85 -6.08 -31.31
C LEU P 108 -39.83 -7.19 -31.68
N THR P 109 -39.39 -8.45 -31.61
CA THR P 109 -40.31 -9.56 -31.88
C THR P 109 -41.29 -9.77 -30.72
N ASP P 110 -40.86 -9.45 -29.49
CA ASP P 110 -41.82 -9.43 -28.39
C ASP P 110 -42.77 -8.26 -28.51
N SER P 111 -42.27 -7.12 -28.99
CA SER P 111 -43.11 -5.93 -29.14
C SER P 111 -44.20 -6.17 -30.17
N GLU P 112 -43.88 -6.84 -31.28
CA GLU P 112 -44.87 -7.08 -32.33
C GLU P 112 -46.00 -7.96 -31.82
N MET P 113 -45.69 -8.92 -30.94
CA MET P 113 -46.75 -9.73 -30.34
C MET P 113 -47.65 -8.88 -29.44
N ASN P 114 -47.06 -7.94 -28.70
CA ASN P 114 -47.85 -7.13 -27.78
C ASN P 114 -48.74 -6.14 -28.53
N LYS P 115 -48.22 -5.53 -29.61
CA LYS P 115 -49.04 -4.59 -30.37
C LYS P 115 -50.25 -5.28 -30.98
N LEU P 116 -50.07 -6.50 -31.50
CA LEU P 116 -51.19 -7.25 -32.05
C LEU P 116 -52.23 -7.57 -31.00
N PHE P 117 -51.79 -7.77 -29.76
CA PHE P 117 -52.74 -8.00 -28.67
C PHE P 117 -53.49 -6.72 -28.33
N GLU P 118 -52.78 -5.61 -28.23
CA GLU P 118 -53.41 -4.35 -27.97
C GLU P 118 -54.34 -3.92 -29.10
N LYS P 119 -53.93 -4.15 -30.33
CA LYS P 119 -54.79 -3.85 -31.47
C LYS P 119 -56.10 -4.63 -31.38
N THR P 120 -56.03 -5.87 -30.91
CA THR P 120 -57.25 -6.67 -30.74
C THR P 120 -58.06 -6.16 -29.55
N ARG P 121 -57.40 -5.78 -28.48
CA ARG P 121 -58.12 -5.28 -27.32
C ARG P 121 -58.87 -4.02 -27.66
N ARG P 122 -58.24 -3.13 -28.41
CA ARG P 122 -58.91 -1.87 -28.74
C ARG P 122 -60.14 -2.09 -29.60
N GLN P 123 -60.12 -3.12 -30.46
CA GLN P 123 -61.29 -3.39 -31.29
C GLN P 123 -62.48 -3.85 -30.47
N LEU P 124 -62.24 -4.74 -29.51
CA LEU P 124 -63.35 -5.38 -28.79
C LEU P 124 -63.99 -4.44 -27.79
N ARG P 125 -63.25 -3.45 -27.28
CA ARG P 125 -63.73 -2.54 -26.26
C ARG P 125 -64.36 -3.29 -25.09
N GLU P 126 -65.62 -2.99 -24.77
CA GLU P 126 -66.28 -3.57 -23.62
C GLU P 126 -67.05 -4.85 -23.95
N ASN P 127 -66.73 -5.51 -25.05
CA ASN P 127 -67.39 -6.74 -25.43
C ASN P 127 -66.63 -8.00 -25.02
N ALA P 128 -65.42 -7.84 -24.48
CA ALA P 128 -64.60 -8.99 -24.12
C ALA P 128 -63.78 -8.67 -22.89
N GLU P 129 -63.17 -9.69 -22.32
CA GLU P 129 -62.35 -9.55 -21.13
C GLU P 129 -61.04 -10.31 -21.30
N ASP P 130 -59.98 -9.76 -20.69
CA ASP P 130 -58.66 -10.38 -20.74
C ASP P 130 -58.65 -11.59 -19.81
N MET P 131 -58.50 -12.78 -20.38
CA MET P 131 -58.46 -14.00 -19.57
C MET P 131 -57.12 -14.22 -18.88
N GLY P 132 -56.12 -13.39 -19.16
CA GLY P 132 -54.84 -13.47 -18.50
C GLY P 132 -53.83 -14.41 -19.13
N ASN P 133 -54.23 -15.15 -20.16
CA ASN P 133 -53.34 -16.12 -20.81
C ASN P 133 -53.00 -15.71 -22.24
N GLY P 134 -53.27 -14.48 -22.62
CA GLY P 134 -53.15 -14.08 -24.01
C GLY P 134 -54.38 -14.34 -24.84
N CYS P 135 -55.51 -14.63 -24.21
CA CYS P 135 -56.77 -14.88 -24.89
C CYS P 135 -57.83 -13.92 -24.37
N PHE P 136 -58.78 -13.60 -25.23
CA PHE P 136 -59.94 -12.81 -24.87
C PHE P 136 -61.17 -13.71 -24.76
N LYS P 137 -61.99 -13.46 -23.76
CA LYS P 137 -63.30 -14.09 -23.67
C LYS P 137 -64.31 -13.16 -24.30
N ILE P 138 -64.78 -13.51 -25.49
CA ILE P 138 -65.76 -12.70 -26.21
C ILE P 138 -67.15 -13.06 -25.68
N TYR P 139 -67.79 -12.10 -25.01
CA TYR P 139 -69.05 -12.34 -24.33
C TYR P 139 -70.27 -12.28 -25.25
N HIS P 140 -70.14 -12.73 -26.50
CA HIS P 140 -71.29 -12.78 -27.39
C HIS P 140 -71.06 -13.89 -28.42
N LYS P 141 -72.14 -14.24 -29.11
CA LYS P 141 -72.07 -15.26 -30.15
C LYS P 141 -71.28 -14.71 -31.33
N CYS P 142 -70.09 -15.28 -31.57
CA CYS P 142 -69.17 -14.80 -32.61
C CYS P 142 -68.84 -15.99 -33.51
N ASP P 143 -69.50 -16.05 -34.67
CA ASP P 143 -69.31 -17.14 -35.62
C ASP P 143 -67.99 -16.95 -36.36
N ASN P 144 -67.75 -17.79 -37.37
CA ASN P 144 -66.50 -17.71 -38.13
C ASN P 144 -66.37 -16.35 -38.81
N ALA P 145 -67.45 -15.84 -39.38
CA ALA P 145 -67.41 -14.53 -40.02
C ALA P 145 -67.11 -13.43 -39.02
N CYS P 146 -67.67 -13.55 -37.81
CA CYS P 146 -67.40 -12.57 -36.77
C CYS P 146 -65.95 -12.61 -36.32
N ILE P 147 -65.36 -13.81 -36.27
CA ILE P 147 -63.96 -13.94 -35.92
C ILE P 147 -63.08 -13.31 -36.99
N GLU P 148 -63.40 -13.55 -38.28
CA GLU P 148 -62.63 -12.98 -39.36
C GLU P 148 -62.71 -11.45 -39.35
N SER P 149 -63.83 -10.89 -38.90
CA SER P 149 -63.94 -9.43 -38.80
C SER P 149 -62.95 -8.88 -37.79
N ILE P 150 -62.69 -9.63 -36.71
CA ILE P 150 -61.70 -9.21 -35.74
C ILE P 150 -60.30 -9.33 -36.35
N ARG P 151 -60.05 -10.40 -37.09
CA ARG P 151 -58.73 -10.63 -37.66
C ARG P 151 -58.37 -9.58 -38.69
N ASN P 152 -59.34 -9.14 -39.50
CA ASN P 152 -59.06 -8.16 -40.55
C ASN P 152 -59.45 -6.75 -40.16
N GLY P 153 -59.62 -6.48 -38.86
CA GLY P 153 -59.82 -5.13 -38.36
C GLY P 153 -61.05 -4.40 -38.85
N THR P 154 -62.17 -5.10 -38.99
CA THR P 154 -63.43 -4.46 -39.36
C THR P 154 -64.52 -4.68 -38.31
N TYR P 155 -64.16 -5.23 -37.16
CA TYR P 155 -65.14 -5.59 -36.13
C TYR P 155 -65.79 -4.34 -35.56
N ASP P 156 -67.12 -4.29 -35.62
CA ASP P 156 -67.91 -3.18 -35.08
C ASP P 156 -68.45 -3.59 -33.71
N HIS P 157 -67.98 -2.91 -32.66
CA HIS P 157 -68.35 -3.29 -31.32
C HIS P 157 -69.79 -2.94 -30.99
N ASP P 158 -70.35 -1.91 -31.62
CA ASP P 158 -71.71 -1.48 -31.30
C ASP P 158 -72.74 -2.55 -31.67
N VAL P 159 -72.44 -3.37 -32.68
CA VAL P 159 -73.39 -4.39 -33.12
C VAL P 159 -73.67 -5.39 -32.01
N TYR P 160 -72.63 -5.78 -31.28
CA TYR P 160 -72.75 -6.81 -30.25
C TYR P 160 -72.70 -6.24 -28.83
N ARG P 161 -72.66 -4.91 -28.68
CA ARG P 161 -72.46 -4.32 -27.37
C ARG P 161 -73.59 -4.65 -26.40
N ASP P 162 -74.84 -4.59 -26.87
CA ASP P 162 -75.96 -4.89 -26.00
C ASP P 162 -75.93 -6.33 -25.53
N GLU P 163 -75.59 -7.26 -26.41
CA GLU P 163 -75.55 -8.67 -26.04
C GLU P 163 -74.39 -8.96 -25.09
N ALA P 164 -73.22 -8.37 -25.37
CA ALA P 164 -72.04 -8.69 -24.57
C ALA P 164 -72.13 -8.11 -23.17
N LEU P 165 -72.62 -6.88 -23.04
CA LEU P 165 -72.73 -6.27 -21.71
C LEU P 165 -73.69 -7.05 -20.82
N ASN P 166 -74.76 -7.58 -21.40
CA ASN P 166 -75.71 -8.36 -20.62
C ASN P 166 -75.10 -9.66 -20.15
N ASN P 167 -74.24 -10.27 -20.96
CA ASN P 167 -73.55 -11.49 -20.54
C ASN P 167 -72.46 -11.20 -19.52
N ARG P 168 -71.84 -10.02 -19.58
CA ARG P 168 -70.79 -9.70 -18.63
C ARG P 168 -71.35 -9.44 -17.23
N PHE P 169 -72.56 -8.89 -17.15
CA PHE P 169 -73.13 -8.54 -15.86
C PHE P 169 -74.53 -9.15 -15.69
N SER Q 2 -74.01 15.80 -24.56
CA SER Q 2 -74.28 14.72 -23.63
C SER Q 2 -72.99 13.98 -23.24
N THR Q 3 -72.06 13.88 -24.19
CA THR Q 3 -70.77 13.24 -23.94
C THR Q 3 -69.62 14.14 -24.38
N ALA Q 4 -68.40 13.61 -24.36
CA ALA Q 4 -67.23 14.36 -24.78
C ALA Q 4 -66.13 13.39 -25.16
N THR Q 5 -65.15 13.89 -25.93
CA THR Q 5 -64.04 13.09 -26.40
C THR Q 5 -62.74 13.82 -26.11
N LEU Q 6 -61.77 13.10 -25.54
CA LEU Q 6 -60.44 13.64 -25.24
C LEU Q 6 -59.40 12.82 -25.96
N CYS Q 7 -58.65 13.46 -26.86
CA CYS Q 7 -57.67 12.78 -27.69
C CYS Q 7 -56.26 13.11 -27.22
N LEU Q 8 -55.38 12.11 -27.27
CA LEU Q 8 -53.98 12.24 -26.91
C LEU Q 8 -53.14 12.18 -28.17
N GLY Q 9 -52.18 13.10 -28.30
CA GLY Q 9 -51.38 13.13 -29.51
C GLY Q 9 -50.04 13.80 -29.31
N HIS Q 10 -49.22 13.70 -30.36
CA HIS Q 10 -47.88 14.28 -30.41
C HIS Q 10 -47.76 15.13 -31.67
N HIS Q 11 -46.71 15.95 -31.72
CA HIS Q 11 -46.59 16.91 -32.80
C HIS Q 11 -45.97 16.27 -34.04
N ALA Q 12 -46.08 16.99 -35.15
CA ALA Q 12 -45.46 16.62 -36.42
C ALA Q 12 -45.04 17.89 -37.13
N VAL Q 13 -44.05 17.76 -38.00
CA VAL Q 13 -43.51 18.92 -38.72
C VAL Q 13 -43.73 18.70 -40.20
N PRO Q 14 -43.71 19.78 -41.00
CA PRO Q 14 -43.84 19.62 -42.46
C PRO Q 14 -42.62 18.96 -43.10
N ASN Q 15 -41.41 19.46 -42.81
CA ASN Q 15 -40.18 18.90 -43.35
C ASN Q 15 -39.44 18.16 -42.23
N GLY Q 16 -39.42 16.83 -42.32
CA GLY Q 16 -38.64 16.02 -41.41
C GLY Q 16 -37.24 15.75 -41.93
N THR Q 17 -36.47 15.02 -41.13
CA THR Q 17 -35.10 14.66 -41.47
C THR Q 17 -34.94 13.14 -41.41
N LEU Q 18 -34.10 12.62 -42.28
CA LEU Q 18 -33.82 11.18 -42.32
C LEU Q 18 -32.61 10.87 -41.44
N VAL Q 19 -32.74 9.85 -40.59
CA VAL Q 19 -31.66 9.38 -39.74
C VAL Q 19 -31.57 7.86 -39.86
N LYS Q 20 -30.48 7.32 -39.36
CA LYS Q 20 -30.21 5.90 -39.38
C LYS Q 20 -30.48 5.26 -38.04
N THR Q 21 -30.97 4.04 -38.04
CA THR Q 21 -31.33 3.30 -36.84
C THR Q 21 -30.64 1.93 -36.92
N ILE Q 22 -30.77 1.12 -35.86
CA ILE Q 22 -30.18 -0.22 -35.89
C ILE Q 22 -30.66 -1.00 -37.11
N THR Q 23 -31.95 -0.88 -37.44
CA THR Q 23 -32.55 -1.69 -38.48
C THR Q 23 -32.88 -0.95 -39.76
N ASP Q 24 -32.83 0.37 -39.77
CA ASP Q 24 -33.31 1.12 -40.94
C ASP Q 24 -32.29 2.16 -41.37
N ASP Q 25 -32.15 2.30 -42.69
CA ASP Q 25 -31.23 3.27 -43.26
C ASP Q 25 -31.78 4.69 -43.19
N GLN Q 26 -33.10 4.86 -43.31
CA GLN Q 26 -33.71 6.18 -43.30
C GLN Q 26 -35.04 6.15 -42.57
N ILE Q 27 -35.05 6.71 -41.37
CA ILE Q 27 -36.26 6.95 -40.60
C ILE Q 27 -36.47 8.46 -40.51
N GLU Q 28 -37.70 8.91 -40.74
CA GLU Q 28 -38.01 10.32 -40.71
C GLU Q 28 -38.30 10.76 -39.27
N VAL Q 29 -37.49 11.68 -38.76
CA VAL Q 29 -37.69 12.26 -37.45
C VAL Q 29 -37.97 13.76 -37.61
N THR Q 30 -38.48 14.37 -36.54
CA THR Q 30 -38.84 15.78 -36.63
C THR Q 30 -37.63 16.68 -36.73
N ASN Q 31 -36.47 16.23 -36.28
CA ASN Q 31 -35.31 17.10 -36.21
C ASN Q 31 -34.06 16.25 -35.96
N ALA Q 32 -32.92 16.75 -36.44
CA ALA Q 32 -31.66 16.05 -36.25
C ALA Q 32 -30.53 17.06 -36.24
N THR Q 33 -29.37 16.65 -35.74
CA THR Q 33 -28.19 17.50 -35.70
C THR Q 33 -27.01 16.75 -36.29
N GLU Q 34 -26.08 17.50 -36.88
CA GLU Q 34 -24.93 16.93 -37.55
C GLU Q 34 -23.81 16.69 -36.55
N LEU Q 35 -23.20 15.50 -36.60
CA LEU Q 35 -22.13 15.13 -35.68
C LEU Q 35 -20.76 15.10 -36.34
N VAL Q 36 -20.66 15.40 -37.64
CA VAL Q 36 -19.39 15.36 -38.35
C VAL Q 36 -19.09 16.76 -38.89
N GLN Q 37 -18.02 17.37 -38.40
CA GLN Q 37 -17.56 18.65 -38.93
C GLN Q 37 -16.83 18.40 -40.23
N SER Q 38 -17.36 18.95 -41.34
CA SER Q 38 -16.77 18.71 -42.64
C SER Q 38 -16.33 19.98 -43.35
N SER Q 39 -16.47 21.15 -42.73
CA SER Q 39 -16.17 22.41 -43.38
C SER Q 39 -15.14 23.18 -42.57
N SER Q 40 -14.42 24.07 -43.27
CA SER Q 40 -13.40 24.90 -42.65
C SER Q 40 -13.38 26.24 -43.34
N THR Q 41 -12.85 27.24 -42.65
CA THR Q 41 -12.73 28.57 -43.24
C THR Q 41 -11.57 28.65 -44.22
N GLY Q 42 -10.64 27.70 -44.17
CA GLY Q 42 -9.44 27.77 -44.97
C GLY Q 42 -8.32 28.58 -44.36
N LYS Q 43 -8.52 29.10 -43.15
CA LYS Q 43 -7.53 29.95 -42.50
C LYS Q 43 -7.20 29.40 -41.12
N ILE Q 44 -5.94 29.60 -40.72
CA ILE Q 44 -5.47 29.14 -39.42
C ILE Q 44 -5.58 30.31 -38.45
N CYS Q 45 -6.39 30.14 -37.41
CA CYS Q 45 -6.58 31.20 -36.43
C CYS Q 45 -5.35 31.33 -35.56
N ASN Q 46 -4.90 32.57 -35.36
CA ASN Q 46 -3.68 32.82 -34.61
C ASN Q 46 -3.87 32.75 -33.10
N ASN Q 47 -5.09 32.57 -32.62
CA ASN Q 47 -5.38 32.39 -31.21
C ASN Q 47 -6.16 31.09 -31.02
N PRO Q 48 -5.99 30.43 -29.86
CA PRO Q 48 -5.18 30.81 -28.71
C PRO Q 48 -3.76 30.24 -28.72
N HIS Q 49 -3.42 29.48 -29.76
CA HIS Q 49 -2.10 28.89 -29.87
C HIS Q 49 -1.17 29.86 -30.57
N ARG Q 50 0.07 29.93 -30.09
CA ARG Q 50 1.07 30.75 -30.75
C ARG Q 50 1.51 30.07 -32.04
N ILE Q 51 1.11 30.64 -33.18
CA ILE Q 51 1.43 30.10 -34.49
C ILE Q 51 2.65 30.82 -35.03
N LEU Q 52 3.66 30.07 -35.42
CA LEU Q 52 4.82 30.65 -36.03
C LEU Q 52 4.85 30.24 -37.48
N ASP Q 53 4.86 31.22 -38.36
CA ASP Q 53 4.89 30.98 -39.78
C ASP Q 53 6.32 30.92 -40.24
N GLY Q 54 6.66 29.78 -40.80
CA GLY Q 54 7.97 29.51 -41.33
C GLY Q 54 8.33 30.39 -42.48
N ILE Q 55 7.33 30.73 -43.30
CA ILE Q 55 7.61 31.50 -44.48
C ILE Q 55 8.52 30.73 -45.40
N ASP Q 56 9.72 31.21 -45.63
CA ASP Q 56 10.70 30.59 -46.50
C ASP Q 56 11.55 29.54 -45.83
N CYS Q 57 11.34 29.32 -44.55
CA CYS Q 57 12.29 28.60 -43.71
C CYS Q 57 11.69 27.30 -43.19
N THR Q 58 12.43 26.21 -43.31
CA THR Q 58 12.11 24.99 -42.60
C THR Q 58 12.57 25.13 -41.15
N LEU Q 59 12.01 24.28 -40.29
CA LEU Q 59 12.40 24.33 -38.88
C LEU Q 59 13.87 24.02 -38.69
N ILE Q 60 14.42 23.12 -39.51
CA ILE Q 60 15.83 22.77 -39.38
C ILE Q 60 16.72 23.92 -39.83
N ASP Q 61 16.36 24.57 -40.94
CA ASP Q 61 17.14 25.72 -41.38
C ASP Q 61 17.08 26.85 -40.35
N ALA Q 62 15.95 27.01 -39.67
CA ALA Q 62 15.87 28.00 -38.59
C ALA Q 62 16.69 27.58 -37.39
N LEU Q 63 16.80 26.26 -37.15
CA LEU Q 63 17.64 25.74 -36.08
C LEU Q 63 19.11 26.02 -36.33
N LEU Q 64 19.62 25.59 -37.50
CA LEU Q 64 21.03 25.75 -37.81
C LEU Q 64 21.42 27.22 -37.90
N GLY Q 65 20.54 28.05 -38.43
CA GLY Q 65 20.83 29.47 -38.55
C GLY Q 65 21.19 29.87 -39.96
N ASP Q 66 20.45 29.36 -40.94
CA ASP Q 66 20.54 29.83 -42.31
C ASP Q 66 20.34 31.35 -42.33
N PRO Q 67 21.20 32.11 -43.01
CA PRO Q 67 21.09 33.58 -42.98
C PRO Q 67 19.69 34.13 -43.24
N HIS Q 68 18.94 33.59 -44.18
CA HIS Q 68 17.60 34.12 -44.42
C HIS Q 68 16.59 33.62 -43.41
N CYS Q 69 17.01 32.82 -42.43
CA CYS Q 69 16.17 32.41 -41.31
C CYS Q 69 16.60 33.08 -40.01
N ASP Q 70 17.45 34.10 -40.09
CA ASP Q 70 17.94 34.77 -38.89
C ASP Q 70 16.82 35.42 -38.08
N VAL Q 71 15.66 35.67 -38.69
CA VAL Q 71 14.57 36.29 -37.97
C VAL Q 71 13.93 35.34 -36.96
N PHE Q 72 14.22 34.04 -37.05
CA PHE Q 72 13.63 33.05 -36.16
C PHE Q 72 14.50 32.72 -34.95
N GLN Q 73 15.60 33.44 -34.75
CA GLN Q 73 16.45 33.18 -33.61
C GLN Q 73 15.70 33.42 -32.30
N ASN Q 74 15.83 32.46 -31.37
CA ASN Q 74 15.19 32.46 -30.06
C ASN Q 74 13.67 32.38 -30.14
N GLU Q 75 13.12 31.95 -31.26
CA GLU Q 75 11.66 31.97 -31.38
C GLU Q 75 11.03 30.83 -30.60
N THR Q 76 9.75 31.00 -30.29
CA THR Q 76 8.95 30.01 -29.59
C THR Q 76 7.64 29.81 -30.34
N TRP Q 77 7.02 28.65 -30.14
CA TRP Q 77 5.77 28.36 -30.82
C TRP Q 77 4.99 27.28 -30.08
N ASP Q 78 3.68 27.30 -30.26
CA ASP Q 78 2.84 26.14 -29.98
C ASP Q 78 2.70 25.26 -31.21
N LEU Q 79 2.63 25.88 -32.39
CA LEU Q 79 2.57 25.17 -33.65
C LEU Q 79 3.41 25.89 -34.68
N PHE Q 80 4.47 25.24 -35.15
CA PHE Q 80 5.31 25.75 -36.23
C PHE Q 80 4.74 25.29 -37.55
N VAL Q 81 4.50 26.23 -38.46
CA VAL Q 81 3.87 25.94 -39.74
C VAL Q 81 4.93 26.06 -40.84
N GLU Q 82 5.17 24.96 -41.54
CA GLU Q 82 6.14 24.93 -42.62
C GLU Q 82 5.42 25.06 -43.96
N ARG Q 83 5.94 25.94 -44.81
CA ARG Q 83 5.34 26.23 -46.10
C ARG Q 83 6.07 25.49 -47.20
N SER Q 84 5.34 25.18 -48.28
CA SER Q 84 5.92 24.47 -49.41
C SER Q 84 6.97 25.29 -50.14
N LYS Q 85 6.94 26.61 -50.03
CA LYS Q 85 7.89 27.49 -50.70
C LYS Q 85 9.22 27.60 -49.99
N ALA Q 86 9.42 26.89 -48.89
CA ALA Q 86 10.66 27.01 -48.12
C ALA Q 86 11.84 26.47 -48.90
N PHE Q 87 13.01 27.07 -48.66
CA PHE Q 87 14.22 26.67 -49.37
C PHE Q 87 15.43 26.89 -48.47
N SER Q 88 16.49 26.14 -48.75
CA SER Q 88 17.76 26.31 -48.08
C SER Q 88 18.70 27.11 -48.97
N ASN Q 89 19.52 27.96 -48.36
CA ASN Q 89 20.44 28.80 -49.11
C ASN Q 89 21.76 28.97 -48.39
N CYS Q 90 22.21 27.96 -47.67
CA CYS Q 90 23.50 28.01 -46.99
C CYS Q 90 24.37 26.86 -47.49
N TYR Q 91 25.30 26.40 -46.66
CA TYR Q 91 26.16 25.30 -47.08
C TYR Q 91 25.33 24.04 -47.28
N PRO Q 92 25.59 23.27 -48.33
CA PRO Q 92 24.85 22.02 -48.56
C PRO Q 92 25.08 21.03 -47.44
N TYR Q 93 23.99 20.62 -46.79
CA TYR Q 93 24.08 19.77 -45.62
C TYR Q 93 23.14 18.58 -45.74
N ASP Q 94 23.44 17.56 -44.94
CA ASP Q 94 22.62 16.37 -44.80
C ASP Q 94 22.44 16.07 -43.32
N VAL Q 95 21.23 15.68 -42.95
CA VAL Q 95 20.93 15.29 -41.58
C VAL Q 95 20.50 13.83 -41.58
N PRO Q 96 21.38 12.92 -41.18
CA PRO Q 96 20.95 11.54 -40.93
C PRO Q 96 19.87 11.52 -39.86
N ASP Q 97 18.76 10.84 -40.18
CA ASP Q 97 17.56 10.86 -39.35
C ASP Q 97 17.02 12.29 -39.22
N TYR Q 98 16.75 12.89 -40.38
CA TYR Q 98 16.21 14.25 -40.43
C TYR Q 98 14.87 14.32 -39.72
N ALA Q 99 14.00 13.33 -39.94
CA ALA Q 99 12.67 13.37 -39.36
C ALA Q 99 12.71 13.34 -37.84
N SER Q 100 13.71 12.68 -37.25
CA SER Q 100 13.78 12.62 -35.80
C SER Q 100 14.25 13.94 -35.21
N LEU Q 101 15.25 14.58 -35.82
CA LEU Q 101 15.68 15.88 -35.32
C LEU Q 101 14.59 16.92 -35.48
N ARG Q 102 13.87 16.87 -36.60
CA ARG Q 102 12.75 17.79 -36.80
C ARG Q 102 11.65 17.55 -35.78
N SER Q 103 11.39 16.28 -35.46
CA SER Q 103 10.33 15.95 -34.51
C SER Q 103 10.65 16.45 -33.10
N LEU Q 104 11.90 16.26 -32.65
CA LEU Q 104 12.21 16.60 -31.26
C LEU Q 104 12.31 18.11 -31.07
N VAL Q 105 12.85 18.83 -32.04
CA VAL Q 105 12.90 20.29 -31.95
C VAL Q 105 11.48 20.86 -31.98
N ALA Q 106 10.66 20.35 -32.89
CA ALA Q 106 9.27 20.80 -32.97
C ALA Q 106 8.52 20.53 -31.67
N SER Q 107 8.81 19.39 -31.03
CA SER Q 107 8.15 19.06 -29.78
C SER Q 107 8.68 19.89 -28.62
N SER Q 108 9.93 20.38 -28.71
CA SER Q 108 10.48 21.24 -27.67
C SER Q 108 9.87 22.64 -27.67
N GLY Q 109 9.53 23.18 -28.85
CA GLY Q 109 8.81 24.43 -28.91
C GLY Q 109 9.64 25.68 -28.80
N THR Q 110 10.96 25.59 -28.79
CA THR Q 110 11.81 26.76 -28.69
C THR Q 110 13.06 26.59 -29.54
N LEU Q 111 13.55 27.71 -30.05
CA LEU Q 111 14.89 27.81 -30.58
C LEU Q 111 15.76 28.66 -29.66
N GLU Q 112 15.43 28.67 -28.37
CA GLU Q 112 16.17 29.43 -27.38
C GLU Q 112 17.60 28.91 -27.28
N PHE Q 113 18.56 29.75 -27.64
CA PHE Q 113 19.96 29.36 -27.76
C PHE Q 113 20.79 30.11 -26.74
N ILE Q 114 21.69 29.39 -26.06
CA ILE Q 114 22.58 29.96 -25.07
C ILE Q 114 24.00 29.73 -25.53
N THR Q 115 24.72 30.81 -25.78
CA THR Q 115 26.12 30.70 -26.20
C THR Q 115 26.97 30.30 -25.02
N GLU Q 116 27.87 29.35 -25.24
CA GLU Q 116 28.75 28.85 -24.19
C GLU Q 116 30.19 29.16 -24.52
N GLY Q 117 31.02 29.24 -23.47
CA GLY Q 117 32.42 29.56 -23.63
C GLY Q 117 33.28 28.36 -23.98
N PHE Q 118 33.05 27.78 -25.16
CA PHE Q 118 33.95 26.76 -25.67
C PHE Q 118 35.30 27.40 -25.98
N THR Q 119 36.37 26.79 -25.50
CA THR Q 119 37.72 27.26 -25.79
C THR Q 119 38.35 26.31 -26.79
N TRP Q 120 38.49 26.76 -28.03
CA TRP Q 120 39.13 25.99 -29.09
C TRP Q 120 40.53 26.57 -29.27
N THR Q 121 41.50 25.96 -28.60
CA THR Q 121 42.87 26.46 -28.65
C THR Q 121 43.59 25.88 -29.85
N GLY Q 122 44.23 26.75 -30.63
CA GLY Q 122 45.07 26.32 -31.73
C GLY Q 122 44.41 26.24 -33.08
N VAL Q 123 43.16 26.69 -33.21
CA VAL Q 123 42.43 26.64 -34.47
C VAL Q 123 41.87 28.01 -34.79
N THR Q 124 41.54 28.20 -36.06
CA THR Q 124 40.83 29.40 -36.50
C THR Q 124 39.33 29.15 -36.44
N GLN Q 125 38.60 30.15 -35.97
CA GLN Q 125 37.15 30.04 -35.81
C GLN Q 125 36.44 30.90 -36.84
N ASN Q 126 35.13 30.64 -36.97
CA ASN Q 126 34.23 31.45 -37.80
C ASN Q 126 34.58 31.37 -39.29
N GLY Q 127 34.74 30.16 -39.78
CA GLY Q 127 34.90 29.97 -41.21
C GLY Q 127 33.62 30.33 -41.97
N GLY Q 128 33.80 30.74 -43.22
CA GLY Q 128 32.68 31.19 -44.02
C GLY Q 128 32.79 30.68 -45.45
N SER Q 129 31.64 30.70 -46.13
CA SER Q 129 31.56 30.25 -47.51
C SER Q 129 30.69 31.21 -48.31
N ASN Q 130 31.01 31.33 -49.60
CA ASN Q 130 30.17 32.11 -50.50
C ASN Q 130 28.86 31.42 -50.82
N ALA Q 131 28.70 30.15 -50.44
CA ALA Q 131 27.42 29.47 -50.55
C ALA Q 131 26.47 29.83 -49.43
N CYS Q 132 26.91 30.67 -48.49
CA CYS Q 132 26.13 31.01 -47.31
C CYS Q 132 26.40 32.47 -46.95
N LYS Q 133 26.16 33.36 -47.91
CA LYS Q 133 26.43 34.78 -47.71
C LYS Q 133 25.47 35.36 -46.68
N ARG Q 134 26.02 36.14 -45.74
CA ARG Q 134 25.24 36.96 -44.83
C ARG Q 134 25.69 38.41 -45.05
N GLY Q 135 24.82 39.20 -45.67
CA GLY Q 135 25.20 40.51 -46.11
C GLY Q 135 25.93 40.44 -47.44
N PRO Q 136 26.96 41.27 -47.61
CA PRO Q 136 27.70 41.29 -48.88
C PRO Q 136 28.72 40.17 -48.98
N GLY Q 137 29.28 39.76 -47.83
CA GLY Q 137 30.37 38.81 -47.81
C GLY Q 137 29.92 37.39 -47.42
N SER Q 138 30.90 36.49 -47.46
CA SER Q 138 30.65 35.10 -47.11
C SER Q 138 30.28 34.96 -45.64
N GLY Q 139 29.59 33.88 -45.33
CA GLY Q 139 29.16 33.61 -43.98
C GLY Q 139 28.95 32.14 -43.74
N PHE Q 140 28.18 31.84 -42.69
CA PHE Q 140 27.99 30.46 -42.26
C PHE Q 140 26.77 30.41 -41.37
N PHE Q 141 26.32 29.19 -41.06
CA PHE Q 141 25.23 28.99 -40.11
C PHE Q 141 25.53 29.74 -38.82
N SER Q 142 24.54 30.48 -38.31
CA SER Q 142 24.77 31.34 -37.16
C SER Q 142 25.05 30.53 -35.89
N ARG Q 143 24.48 29.33 -35.76
CA ARG Q 143 24.64 28.53 -34.56
C ARG Q 143 25.77 27.52 -34.65
N LEU Q 144 26.49 27.48 -35.76
CA LEU Q 144 27.60 26.55 -35.94
C LEU Q 144 28.90 27.32 -36.15
N ASN Q 145 30.01 26.69 -35.77
CA ASN Q 145 31.32 27.32 -35.76
C ASN Q 145 32.27 26.48 -36.61
N TRP Q 146 32.67 27.00 -37.76
CA TRP Q 146 33.55 26.28 -38.68
C TRP Q 146 35.00 26.46 -38.25
N LEU Q 147 35.61 25.40 -37.75
CA LEU Q 147 36.98 25.44 -37.26
C LEU Q 147 37.94 24.92 -38.33
N THR Q 148 39.02 25.67 -38.55
CA THR Q 148 40.07 25.28 -39.47
C THR Q 148 41.42 25.45 -38.81
N LYS Q 149 42.49 25.08 -39.53
CA LYS Q 149 43.83 25.15 -38.98
C LYS Q 149 44.21 26.59 -38.66
N SER Q 150 45.15 26.73 -37.74
CA SER Q 150 45.75 28.02 -37.39
C SER Q 150 47.25 27.91 -37.61
N GLY Q 151 47.76 28.69 -38.54
CA GLY Q 151 49.16 28.54 -38.91
C GLY Q 151 49.31 27.29 -39.76
N SER Q 152 50.21 26.40 -39.35
CA SER Q 152 50.47 25.17 -40.08
C SER Q 152 50.01 23.93 -39.32
N THR Q 153 49.17 24.09 -38.29
CA THR Q 153 48.81 22.96 -37.44
C THR Q 153 47.33 23.02 -37.09
N TYR Q 154 46.77 21.83 -36.89
CA TYR Q 154 45.41 21.66 -36.35
C TYR Q 154 45.55 20.62 -35.27
N PRO Q 155 45.47 20.99 -34.00
CA PRO Q 155 45.74 20.05 -32.90
C PRO Q 155 44.52 19.20 -32.59
N VAL Q 156 44.70 18.26 -31.68
CA VAL Q 156 43.62 17.39 -31.22
C VAL Q 156 42.77 18.17 -30.23
N LEU Q 157 41.58 18.57 -30.66
CA LEU Q 157 40.70 19.36 -29.83
C LEU Q 157 40.04 18.48 -28.77
N ASN Q 158 39.92 19.02 -27.56
CA ASN Q 158 39.47 18.24 -26.41
C ASN Q 158 38.80 19.21 -25.44
N VAL Q 159 37.48 19.33 -25.52
CA VAL Q 159 36.73 20.24 -24.66
C VAL Q 159 35.64 19.47 -23.94
N THR Q 160 35.34 19.91 -22.72
CA THR Q 160 34.26 19.34 -21.93
C THR Q 160 33.33 20.46 -21.48
N MET Q 161 32.05 20.12 -21.36
CA MET Q 161 31.01 21.10 -21.01
C MET Q 161 29.97 20.44 -20.13
N PRO Q 162 30.07 20.58 -18.81
CA PRO Q 162 29.08 19.97 -17.93
C PRO Q 162 27.75 20.69 -17.99
N ASN Q 163 26.69 19.94 -17.75
CA ASN Q 163 25.33 20.48 -17.68
C ASN Q 163 24.95 20.57 -16.20
N ASN Q 164 25.10 21.76 -15.62
CA ASN Q 164 24.73 21.99 -14.22
C ASN Q 164 23.31 22.53 -14.08
N ASP Q 165 22.53 22.52 -15.15
CA ASP Q 165 21.17 23.05 -15.13
C ASP Q 165 20.18 21.93 -14.83
N ASN Q 166 18.91 22.30 -14.72
CA ASN Q 166 17.85 21.34 -14.43
C ASN Q 166 17.06 20.93 -15.67
N PHE Q 167 17.55 21.24 -16.87
CA PHE Q 167 16.87 20.87 -18.10
C PHE Q 167 17.81 20.11 -19.01
N ASP Q 168 17.23 19.50 -20.05
CA ASP Q 168 18.01 18.85 -21.08
C ASP Q 168 18.58 19.90 -22.03
N LYS Q 169 19.87 19.81 -22.32
CA LYS Q 169 20.52 20.65 -23.32
C LYS Q 169 20.58 19.90 -24.64
N LEU Q 170 20.22 20.59 -25.72
CA LEU Q 170 20.35 20.05 -27.08
C LEU Q 170 21.54 20.70 -27.75
N TYR Q 171 22.47 19.88 -28.20
CA TYR Q 171 23.65 20.35 -28.92
C TYR Q 171 23.56 19.89 -30.37
N ILE Q 172 23.72 20.83 -31.28
CA ILE Q 172 23.80 20.54 -32.71
C ILE Q 172 25.21 20.84 -33.18
N TRP Q 173 25.81 19.89 -33.88
CA TRP Q 173 27.16 20.01 -34.41
C TRP Q 173 27.20 19.34 -35.77
N GLY Q 174 28.36 19.38 -36.42
CA GLY Q 174 28.47 18.86 -37.76
C GLY Q 174 29.85 18.35 -38.09
N VAL Q 175 29.94 17.68 -39.24
CA VAL Q 175 31.18 17.14 -39.76
C VAL Q 175 31.31 17.58 -41.21
N HIS Q 176 32.45 18.17 -41.55
CA HIS Q 176 32.66 18.68 -42.90
C HIS Q 176 33.22 17.57 -43.79
N HIS Q 177 32.60 17.38 -44.94
CA HIS Q 177 33.03 16.39 -45.92
C HIS Q 177 33.63 17.09 -47.13
N PRO Q 178 34.94 17.21 -47.23
CA PRO Q 178 35.54 17.85 -48.40
C PRO Q 178 35.40 16.98 -49.63
N SER Q 179 35.82 17.52 -50.78
CA SER Q 179 35.69 16.81 -52.03
C SER Q 179 37.01 16.28 -52.58
N THR Q 180 38.12 16.82 -52.12
CA THR Q 180 39.44 16.39 -52.56
C THR Q 180 40.37 16.31 -51.40
N ASN Q 181 41.43 15.54 -51.57
CA ASN Q 181 42.47 15.42 -50.57
C ASN Q 181 43.21 16.72 -50.29
N GLN Q 182 43.49 17.52 -51.31
CA GLN Q 182 44.07 18.83 -51.07
C GLN Q 182 43.16 19.79 -50.32
N GLU Q 183 41.86 19.72 -50.55
CA GLU Q 183 40.89 20.51 -49.79
C GLU Q 183 40.92 20.14 -48.32
N GLN Q 184 40.95 18.86 -48.03
CA GLN Q 184 41.04 18.36 -46.69
C GLN Q 184 42.30 18.82 -45.98
N THR Q 185 43.45 18.73 -46.63
CA THR Q 185 44.69 19.15 -46.01
C THR Q 185 44.84 20.62 -45.74
N SER Q 186 44.39 21.46 -46.66
CA SER Q 186 44.48 22.88 -46.44
C SER Q 186 43.64 23.41 -45.28
N LEU Q 187 42.43 22.91 -45.11
CA LEU Q 187 41.56 23.30 -44.01
C LEU Q 187 41.94 22.77 -42.64
N TYR Q 188 42.20 21.49 -42.63
CA TYR Q 188 42.71 20.71 -41.52
C TYR Q 188 43.99 20.05 -42.01
N VAL Q 189 45.00 19.93 -41.17
CA VAL Q 189 46.26 19.47 -41.73
C VAL Q 189 46.30 17.95 -41.84
N GLN Q 190 45.49 17.24 -41.05
CA GLN Q 190 45.49 15.79 -41.11
C GLN Q 190 44.91 15.30 -42.43
N ALA Q 191 45.45 14.20 -42.93
CA ALA Q 191 44.92 13.61 -44.16
C ALA Q 191 43.54 13.02 -43.94
N SER Q 192 43.20 12.67 -42.71
CA SER Q 192 41.88 12.16 -42.37
C SER Q 192 41.49 12.68 -41.00
N GLY Q 193 40.30 13.27 -40.91
CA GLY Q 193 39.79 13.79 -39.66
C GLY Q 193 39.00 12.75 -38.90
N ARG Q 194 38.41 13.20 -37.80
CA ARG Q 194 37.58 12.36 -36.94
C ARG Q 194 36.90 13.27 -35.94
N VAL Q 195 35.62 13.04 -35.71
CA VAL Q 195 34.83 13.81 -34.75
C VAL Q 195 34.14 12.83 -33.81
N THR Q 196 34.38 12.99 -32.52
CA THR Q 196 33.71 12.20 -31.49
C THR Q 196 33.01 13.14 -30.52
N VAL Q 197 31.73 12.89 -30.30
CA VAL Q 197 30.94 13.64 -29.33
C VAL Q 197 30.25 12.63 -28.43
N SER Q 198 30.50 12.72 -27.13
CA SER Q 198 30.05 11.69 -26.22
C SER Q 198 29.45 12.31 -24.96
N THR Q 199 28.60 11.51 -24.31
CA THR Q 199 28.17 11.78 -22.95
C THR Q 199 28.40 10.51 -22.13
N ARG Q 200 27.82 10.44 -20.93
CA ARG Q 200 27.93 9.21 -20.16
C ARG Q 200 27.04 8.11 -20.70
N ARG Q 201 26.11 8.42 -21.59
CA ARG Q 201 25.16 7.43 -22.08
C ARG Q 201 25.12 7.33 -23.60
N SER Q 202 26.02 8.02 -24.30
CA SER Q 202 26.02 7.97 -25.75
C SER Q 202 27.39 8.37 -26.27
N GLN Q 203 27.69 7.93 -27.47
CA GLN Q 203 28.92 8.32 -28.15
C GLN Q 203 28.71 8.21 -29.65
N GLN Q 204 29.22 9.20 -30.37
CA GLN Q 204 29.06 9.29 -31.82
C GLN Q 204 30.40 9.64 -32.43
N THR Q 205 30.95 8.71 -33.22
CA THR Q 205 32.23 8.89 -33.89
C THR Q 205 31.98 8.88 -35.39
N ILE Q 206 32.39 9.94 -36.07
CA ILE Q 206 32.13 10.13 -37.49
C ILE Q 206 33.47 10.28 -38.21
N ILE Q 207 33.65 9.52 -39.27
CA ILE Q 207 34.84 9.61 -40.11
C ILE Q 207 34.45 10.40 -41.37
N PRO Q 208 35.13 11.49 -41.68
CA PRO Q 208 34.73 12.31 -42.82
C PRO Q 208 34.93 11.59 -44.14
N ASN Q 209 34.07 11.90 -45.09
CA ASN Q 209 34.11 11.33 -46.41
C ASN Q 209 34.69 12.34 -47.39
N ILE Q 210 35.63 11.90 -48.21
CA ILE Q 210 36.31 12.75 -49.19
C ILE Q 210 36.01 12.16 -50.57
N GLU Q 211 35.01 12.74 -51.25
CA GLU Q 211 34.61 12.27 -52.55
C GLU Q 211 34.12 13.41 -53.44
N SER Q 212 34.21 13.21 -54.74
CA SER Q 212 33.66 14.15 -55.71
C SER Q 212 32.15 13.90 -55.85
N ARG Q 213 31.35 14.93 -55.62
CA ARG Q 213 29.90 14.81 -55.56
C ARG Q 213 29.24 15.76 -56.56
N PRO Q 214 28.00 15.46 -56.96
CA PRO Q 214 27.28 16.40 -57.84
C PRO Q 214 27.02 17.71 -57.12
N TRP Q 215 27.10 18.80 -57.88
CA TRP Q 215 27.08 20.13 -57.30
C TRP Q 215 25.71 20.45 -56.70
N VAL Q 216 25.74 21.02 -55.49
CA VAL Q 216 24.57 21.64 -54.87
C VAL Q 216 24.95 23.08 -54.56
N ARG Q 217 24.24 24.02 -55.17
CA ARG Q 217 24.55 25.45 -55.04
C ARG Q 217 26.02 25.72 -55.37
N GLY Q 218 26.54 25.01 -56.36
CA GLY Q 218 27.89 25.22 -56.83
C GLY Q 218 28.97 24.51 -56.04
N LEU Q 219 28.61 23.68 -55.06
CA LEU Q 219 29.58 23.06 -54.18
C LEU Q 219 29.47 21.53 -54.24
N SER Q 220 30.62 20.88 -54.31
CA SER Q 220 30.70 19.44 -54.18
C SER Q 220 30.83 19.00 -52.73
N SER Q 221 31.28 19.89 -51.85
CA SER Q 221 31.47 19.56 -50.45
C SER Q 221 30.13 19.49 -49.72
N ARG Q 222 30.16 18.87 -48.54
CA ARG Q 222 28.95 18.67 -47.76
C ARG Q 222 29.27 18.83 -46.28
N ILE Q 223 28.23 19.02 -45.49
CA ILE Q 223 28.28 19.00 -44.04
C ILE Q 223 27.19 18.05 -43.56
N SER Q 224 27.56 17.13 -42.68
CA SER Q 224 26.58 16.27 -42.04
C SER Q 224 26.26 16.82 -40.66
N ILE Q 225 24.97 16.87 -40.32
CA ILE Q 225 24.51 17.46 -39.08
C ILE Q 225 24.18 16.34 -38.09
N TYR Q 226 24.64 16.48 -36.85
CA TYR Q 226 24.36 15.53 -35.80
C TYR Q 226 23.91 16.28 -34.55
N TRP Q 227 23.25 15.57 -33.64
CA TRP Q 227 22.78 16.20 -32.42
C TRP Q 227 23.07 15.32 -31.22
N THR Q 228 23.13 15.96 -30.05
CA THR Q 228 23.41 15.26 -28.80
C THR Q 228 22.61 15.93 -27.69
N ILE Q 229 21.89 15.13 -26.91
CA ILE Q 229 21.12 15.64 -25.78
C ILE Q 229 21.88 15.30 -24.49
N VAL Q 230 22.09 16.31 -23.67
CA VAL Q 230 22.84 16.17 -22.43
C VAL Q 230 21.88 16.35 -21.26
N LYS Q 231 21.58 15.26 -20.57
CA LYS Q 231 20.69 15.29 -19.43
C LYS Q 231 21.30 16.11 -18.29
N PRO Q 232 20.47 16.57 -17.35
CA PRO Q 232 21.01 17.27 -16.17
C PRO Q 232 22.01 16.40 -15.43
N GLY Q 233 23.13 16.99 -15.06
CA GLY Q 233 24.20 16.29 -14.41
C GLY Q 233 25.21 15.65 -15.34
N ASP Q 234 24.82 15.37 -16.58
CA ASP Q 234 25.74 14.75 -17.52
C ASP Q 234 26.75 15.77 -18.05
N VAL Q 235 27.74 15.26 -18.78
CA VAL Q 235 28.83 16.08 -19.29
C VAL Q 235 28.99 15.81 -20.79
N LEU Q 236 29.13 16.87 -21.56
CA LEU Q 236 29.44 16.74 -22.99
C LEU Q 236 30.95 16.73 -23.19
N VAL Q 237 31.41 15.83 -24.06
CA VAL Q 237 32.82 15.74 -24.40
C VAL Q 237 32.94 15.75 -25.91
N ILE Q 238 33.74 16.66 -26.44
CA ILE Q 238 33.97 16.78 -27.87
C ILE Q 238 35.44 16.57 -28.14
N ASN Q 239 35.75 15.61 -29.00
CA ASN Q 239 37.12 15.28 -29.36
C ASN Q 239 37.21 15.24 -30.88
N SER Q 240 38.18 15.96 -31.44
CA SER Q 240 38.31 16.03 -32.88
C SER Q 240 39.73 16.40 -33.26
N ASN Q 241 40.17 15.63 -34.25
CA ASN Q 241 41.39 15.64 -35.06
C ASN Q 241 41.37 16.52 -36.30
N GLY Q 242 40.22 17.06 -36.61
CA GLY Q 242 39.93 17.64 -37.92
C GLY Q 242 38.47 17.47 -38.30
N ASN Q 243 37.99 18.40 -39.12
CA ASN Q 243 36.67 18.34 -39.79
C ASN Q 243 35.51 18.62 -38.86
N LEU Q 244 35.75 19.20 -37.69
CA LEU Q 244 34.67 19.48 -36.75
C LEU Q 244 33.97 20.78 -37.09
N ILE Q 245 32.65 20.72 -37.25
CA ILE Q 245 31.81 21.89 -37.31
C ILE Q 245 31.21 22.06 -35.93
N ALA Q 246 31.79 22.95 -35.14
CA ALA Q 246 31.58 22.95 -33.71
C ALA Q 246 30.29 23.68 -33.33
N PRO Q 247 29.66 23.27 -32.23
CA PRO Q 247 28.55 24.03 -31.69
C PRO Q 247 29.04 25.30 -31.01
N ARG Q 248 28.17 26.29 -30.94
CA ARG Q 248 28.48 27.53 -30.24
C ARG Q 248 27.80 27.60 -28.88
N GLY Q 249 27.01 26.60 -28.52
CA GLY Q 249 26.21 26.63 -27.32
C GLY Q 249 25.15 25.55 -27.40
N TYR Q 250 24.11 25.71 -26.57
CA TYR Q 250 23.07 24.70 -26.46
C TYR Q 250 21.70 25.33 -26.65
N PHE Q 251 20.76 24.51 -27.13
CA PHE Q 251 19.35 24.86 -27.15
C PHE Q 251 18.69 24.33 -25.89
N LYS Q 252 17.96 25.19 -25.19
CA LYS Q 252 17.23 24.74 -24.01
C LYS Q 252 16.01 23.94 -24.46
N MET Q 253 15.89 22.72 -23.95
CA MET Q 253 14.81 21.84 -24.34
C MET Q 253 13.68 21.88 -23.32
N ARG Q 254 12.46 21.65 -23.80
CA ARG Q 254 11.29 21.63 -22.95
C ARG Q 254 10.40 20.46 -23.33
N THR Q 255 9.57 20.06 -22.37
CA THR Q 255 8.50 19.11 -22.60
C THR Q 255 7.19 19.88 -22.54
N GLY Q 256 6.34 19.68 -23.54
CA GLY Q 256 5.10 20.42 -23.59
C GLY Q 256 4.27 20.06 -24.80
N LYS Q 257 3.41 20.99 -25.18
CA LYS Q 257 2.36 20.74 -26.15
C LYS Q 257 2.73 21.17 -27.57
N SER Q 258 3.97 21.55 -27.82
CA SER Q 258 4.33 22.10 -29.12
C SER Q 258 4.44 20.99 -30.17
N SER Q 259 4.28 21.39 -31.42
CA SER Q 259 4.36 20.46 -32.55
C SER Q 259 4.63 21.27 -33.81
N ILE Q 260 4.49 20.62 -34.96
CA ILE Q 260 4.78 21.21 -36.26
C ILE Q 260 3.78 20.69 -37.27
N MET Q 261 3.48 21.50 -38.28
CA MET Q 261 2.48 21.14 -39.27
C MET Q 261 2.87 21.69 -40.63
N ARG Q 262 2.67 20.89 -41.68
CA ARG Q 262 2.86 21.33 -43.05
C ARG Q 262 1.53 21.85 -43.60
N SER Q 263 1.49 23.13 -43.94
CA SER Q 263 0.26 23.73 -44.42
C SER Q 263 0.58 24.99 -45.21
N ASP Q 264 -0.23 25.25 -46.24
CA ASP Q 264 -0.15 26.48 -47.01
C ASP Q 264 -1.35 27.38 -46.78
N ALA Q 265 -2.09 27.15 -45.72
CA ALA Q 265 -3.23 27.99 -45.38
C ALA Q 265 -2.74 29.29 -44.75
N PRO Q 266 -3.37 30.42 -45.08
CA PRO Q 266 -2.97 31.68 -44.45
C PRO Q 266 -3.45 31.76 -43.01
N ILE Q 267 -2.82 32.65 -42.26
CA ILE Q 267 -3.11 32.85 -40.85
C ILE Q 267 -4.01 34.06 -40.70
N ASP Q 268 -5.06 33.93 -39.91
CA ASP Q 268 -6.06 34.98 -39.72
C ASP Q 268 -6.19 35.30 -38.24
N THR Q 269 -6.81 36.45 -37.96
CA THR Q 269 -7.00 36.92 -36.59
C THR Q 269 -8.36 36.42 -36.09
N CYS Q 270 -8.36 35.23 -35.48
CA CYS Q 270 -9.57 34.64 -34.92
C CYS Q 270 -9.17 33.71 -33.78
N ILE Q 271 -10.16 33.03 -33.22
CA ILE Q 271 -9.96 32.11 -32.11
C ILE Q 271 -10.47 30.74 -32.51
N SER Q 272 -9.63 29.72 -32.35
CA SER Q 272 -10.02 28.35 -32.68
C SER Q 272 -9.05 27.39 -32.00
N GLU Q 273 -9.58 26.46 -31.21
CA GLU Q 273 -8.71 25.53 -30.49
C GLU Q 273 -8.12 24.48 -31.41
N CYS Q 274 -8.80 24.14 -32.50
CA CYS Q 274 -8.38 23.07 -33.39
C CYS Q 274 -7.78 23.63 -34.67
N ILE Q 275 -6.70 23.02 -35.13
CA ILE Q 275 -6.00 23.44 -36.33
C ILE Q 275 -5.79 22.22 -37.23
N THR Q 276 -6.10 22.37 -38.50
CA THR Q 276 -5.83 21.38 -39.53
C THR Q 276 -5.03 22.04 -40.64
N PRO Q 277 -4.37 21.25 -41.48
CA PRO Q 277 -3.70 21.85 -42.65
C PRO Q 277 -4.65 22.56 -43.58
N ASN Q 278 -5.93 22.21 -43.58
CA ASN Q 278 -6.94 22.95 -44.34
C ASN Q 278 -7.37 24.24 -43.65
N GLY Q 279 -6.89 24.50 -42.44
CA GLY Q 279 -7.35 25.61 -41.64
C GLY Q 279 -8.01 25.15 -40.36
N SER Q 280 -8.33 26.13 -39.52
CA SER Q 280 -8.94 25.84 -38.25
C SER Q 280 -10.36 25.33 -38.44
N ILE Q 281 -10.84 24.56 -37.47
CA ILE Q 281 -12.21 24.07 -37.47
C ILE Q 281 -12.78 24.15 -36.06
N PRO Q 282 -14.09 24.33 -35.96
CA PRO Q 282 -14.73 24.29 -34.64
C PRO Q 282 -14.72 22.88 -34.08
N ASN Q 283 -15.00 22.77 -32.77
CA ASN Q 283 -15.00 21.48 -32.09
C ASN Q 283 -16.31 21.25 -31.33
N ASP Q 284 -17.42 21.77 -31.85
CA ASP Q 284 -18.71 21.53 -31.22
C ASP Q 284 -19.28 20.16 -31.58
N LYS Q 285 -18.75 19.52 -32.59
CA LYS Q 285 -19.19 18.20 -32.98
C LYS Q 285 -18.17 17.15 -32.56
N PRO Q 286 -18.63 15.93 -32.25
CA PRO Q 286 -17.70 14.90 -31.78
C PRO Q 286 -16.75 14.38 -32.86
N PHE Q 287 -17.11 14.50 -34.13
CA PHE Q 287 -16.33 13.89 -35.20
C PHE Q 287 -16.02 14.93 -36.28
N GLN Q 288 -15.12 14.56 -37.17
CA GLN Q 288 -14.60 15.49 -38.16
C GLN Q 288 -14.16 14.72 -39.39
N ASN Q 289 -14.32 15.35 -40.56
CA ASN Q 289 -13.97 14.74 -41.83
C ASN Q 289 -13.00 15.61 -42.63
N VAL Q 290 -12.42 16.63 -42.01
CA VAL Q 290 -11.60 17.59 -42.73
C VAL Q 290 -10.20 17.03 -42.99
N ASN Q 291 -9.51 16.58 -41.95
CA ASN Q 291 -8.15 16.10 -42.13
C ASN Q 291 -7.74 15.25 -40.93
N LYS Q 292 -7.03 14.15 -41.21
CA LYS Q 292 -6.52 13.33 -40.13
C LYS Q 292 -5.34 13.98 -39.40
N ILE Q 293 -4.75 15.01 -39.98
CA ILE Q 293 -3.70 15.78 -39.32
C ILE Q 293 -4.36 16.94 -38.57
N THR Q 294 -4.25 16.92 -37.24
CA THR Q 294 -4.87 17.94 -36.41
C THR Q 294 -3.93 18.35 -35.29
N TYR Q 295 -4.18 19.53 -34.73
CA TYR Q 295 -3.48 20.02 -33.55
C TYR Q 295 -4.47 20.75 -32.66
N GLY Q 296 -4.43 20.44 -31.37
CA GLY Q 296 -5.29 21.09 -30.40
C GLY Q 296 -6.50 20.25 -30.02
N ALA Q 297 -7.47 20.92 -29.41
CA ALA Q 297 -8.72 20.30 -29.01
C ALA Q 297 -9.59 20.12 -30.25
N CYS Q 298 -9.64 18.89 -30.76
CA CYS Q 298 -10.21 18.63 -32.08
C CYS Q 298 -11.23 17.51 -32.01
N PRO Q 299 -12.20 17.50 -32.92
CA PRO Q 299 -13.05 16.32 -33.07
C PRO Q 299 -12.26 15.16 -33.65
N LYS Q 300 -12.74 13.95 -33.38
CA LYS Q 300 -12.05 12.76 -33.86
C LYS Q 300 -12.31 12.57 -35.35
N TYR Q 301 -11.24 12.25 -36.08
CA TYR Q 301 -11.35 12.09 -37.53
C TYR Q 301 -12.07 10.81 -37.88
N VAL Q 302 -13.04 10.91 -38.79
CA VAL Q 302 -13.80 9.75 -39.27
C VAL Q 302 -13.90 9.83 -40.78
N LYS Q 303 -14.26 8.69 -41.39
CA LYS Q 303 -14.38 8.63 -42.84
C LYS Q 303 -15.74 9.09 -43.33
N GLN Q 304 -16.76 9.05 -42.48
CA GLN Q 304 -18.08 9.53 -42.89
C GLN Q 304 -18.04 11.01 -43.17
N ASN Q 305 -18.79 11.43 -44.18
CA ASN Q 305 -18.97 12.85 -44.45
C ASN Q 305 -20.13 13.44 -43.66
N THR Q 306 -21.08 12.62 -43.22
CA THR Q 306 -22.23 13.09 -42.47
C THR Q 306 -22.77 11.98 -41.58
N LEU Q 307 -23.11 12.35 -40.35
CA LEU Q 307 -23.77 11.46 -39.39
C LEU Q 307 -24.82 12.27 -38.66
N LYS Q 308 -26.08 11.93 -38.87
CA LYS Q 308 -27.19 12.71 -38.34
C LYS Q 308 -27.72 12.05 -37.08
N LEU Q 309 -27.76 12.82 -35.99
CA LEU Q 309 -28.22 12.34 -34.69
C LEU Q 309 -29.63 12.87 -34.45
N ALA Q 310 -30.59 11.96 -34.24
CA ALA Q 310 -31.97 12.36 -34.04
C ALA Q 310 -32.12 13.21 -32.79
N THR Q 311 -32.78 14.36 -32.92
CA THR Q 311 -33.10 15.23 -31.80
C THR Q 311 -34.59 15.47 -31.67
N GLY Q 312 -35.39 14.54 -32.18
CA GLY Q 312 -36.83 14.61 -32.07
C GLY Q 312 -37.42 13.23 -32.31
N MET Q 313 -38.74 13.15 -32.17
CA MET Q 313 -39.42 11.87 -32.31
C MET Q 313 -39.61 11.52 -33.78
N ARG Q 314 -40.24 10.38 -34.02
CA ARG Q 314 -40.62 9.98 -35.36
C ARG Q 314 -41.57 11.02 -35.87
N ASN Q 315 -41.45 11.37 -37.13
CA ASN Q 315 -42.35 12.34 -37.76
C ASN Q 315 -43.43 11.58 -38.51
N VAL Q 316 -44.67 11.71 -38.06
CA VAL Q 316 -45.81 11.01 -38.63
C VAL Q 316 -46.72 12.02 -39.29
N PRO Q 317 -47.09 11.84 -40.56
CA PRO Q 317 -47.94 12.83 -41.23
C PRO Q 317 -49.33 12.86 -40.64
N GLU Q 318 -49.95 14.04 -40.67
CA GLU Q 318 -51.30 14.21 -40.18
C GLU Q 318 -52.26 13.30 -40.92
N LYS Q 319 -53.39 13.00 -40.26
CA LYS Q 319 -54.39 12.06 -40.76
C LYS Q 319 -53.80 10.66 -40.89
N ALA R 3 -61.01 17.45 -32.95
CA ALA R 3 -60.46 16.40 -32.09
C ALA R 3 -60.98 15.03 -32.52
N ILE R 4 -60.82 14.71 -33.81
CA ILE R 4 -61.37 13.48 -34.34
C ILE R 4 -60.44 12.29 -34.12
N ALA R 5 -59.14 12.51 -34.01
CA ALA R 5 -58.21 11.39 -33.97
C ALA R 5 -57.05 11.71 -33.02
N GLY R 6 -56.55 10.65 -32.38
CA GLY R 6 -55.43 10.68 -31.46
C GLY R 6 -54.13 10.26 -32.11
N PHE R 7 -53.20 9.75 -31.28
CA PHE R 7 -51.83 9.52 -31.74
C PHE R 7 -51.65 8.22 -32.50
N ILE R 8 -52.66 7.36 -32.56
CA ILE R 8 -52.50 6.08 -33.25
C ILE R 8 -52.42 6.36 -34.75
N GLU R 9 -51.22 6.21 -35.32
CA GLU R 9 -50.96 6.27 -36.75
C GLU R 9 -51.05 7.68 -37.33
N ASN R 10 -51.04 8.72 -36.50
CA ASN R 10 -51.03 10.08 -37.02
C ASN R 10 -50.52 11.05 -35.98
N GLY R 11 -49.82 12.08 -36.45
CA GLY R 11 -49.37 13.18 -35.62
C GLY R 11 -50.18 14.44 -35.87
N TRP R 12 -49.82 15.48 -35.11
CA TRP R 12 -50.54 16.75 -35.15
C TRP R 12 -49.57 17.84 -35.60
N GLU R 13 -49.75 18.33 -36.84
CA GLU R 13 -48.94 19.45 -37.29
C GLU R 13 -49.36 20.75 -36.62
N GLY R 14 -50.59 20.83 -36.13
CA GLY R 14 -51.05 22.05 -35.49
C GLY R 14 -50.47 22.30 -34.11
N MET R 15 -49.84 21.29 -33.54
CA MET R 15 -49.31 21.46 -32.22
C MET R 15 -47.92 22.06 -32.35
N ILE R 16 -47.80 23.30 -31.92
CA ILE R 16 -46.52 24.01 -31.95
C ILE R 16 -46.13 24.56 -30.58
N ASP R 17 -46.93 24.32 -29.55
CA ASP R 17 -46.63 24.81 -28.21
C ASP R 17 -46.04 23.74 -27.31
N GLY R 18 -45.98 22.49 -27.78
CA GLY R 18 -45.39 21.42 -27.00
C GLY R 18 -45.16 20.21 -27.87
N TRP R 19 -44.68 19.13 -27.24
CA TRP R 19 -44.45 17.89 -27.97
C TRP R 19 -45.59 16.90 -27.83
N TYR R 20 -46.24 16.86 -26.68
CA TYR R 20 -47.40 16.00 -26.43
C TYR R 20 -48.51 16.87 -25.88
N GLY R 21 -49.75 16.46 -26.11
CA GLY R 21 -50.85 17.27 -25.62
C GLY R 21 -52.20 16.64 -25.85
N PHE R 22 -53.22 17.43 -25.56
CA PHE R 22 -54.61 16.99 -25.59
C PHE R 22 -55.39 17.77 -26.63
N ARG R 23 -56.35 17.10 -27.25
CA ARG R 23 -57.37 17.72 -28.07
C ARG R 23 -58.72 17.19 -27.63
N HIS R 24 -59.67 18.09 -27.37
CA HIS R 24 -60.97 17.70 -26.84
C HIS R 24 -62.09 18.23 -27.72
N GLN R 25 -63.27 17.65 -27.52
CA GLN R 25 -64.48 18.06 -28.22
C GLN R 25 -65.64 17.90 -27.25
N ASN R 26 -66.24 19.01 -26.84
CA ASN R 26 -67.27 18.99 -25.81
C ASN R 26 -68.43 19.89 -26.25
N SER R 27 -69.30 20.24 -25.31
CA SER R 27 -70.45 21.08 -25.63
C SER R 27 -70.06 22.50 -25.99
N GLU R 28 -68.90 22.96 -25.52
CA GLU R 28 -68.44 24.31 -25.82
C GLU R 28 -67.66 24.40 -27.13
N GLY R 29 -67.26 23.27 -27.71
CA GLY R 29 -66.50 23.29 -28.94
C GLY R 29 -65.31 22.36 -28.91
N THR R 30 -64.27 22.69 -29.70
CA THR R 30 -63.04 21.92 -29.71
C THR R 30 -61.87 22.79 -29.25
N GLY R 31 -60.89 22.15 -28.61
CA GLY R 31 -59.74 22.86 -28.10
C GLY R 31 -58.51 21.98 -28.08
N GLN R 32 -57.37 22.62 -27.87
CA GLN R 32 -56.08 21.93 -27.88
C GLN R 32 -55.20 22.53 -26.79
N ALA R 33 -54.41 21.66 -26.14
CA ALA R 33 -53.49 22.11 -25.11
C ALA R 33 -52.34 21.12 -24.99
N ALA R 34 -51.13 21.65 -24.83
CA ALA R 34 -49.94 20.81 -24.74
C ALA R 34 -49.67 20.42 -23.30
N ASP R 35 -49.03 19.27 -23.13
CA ASP R 35 -48.61 18.77 -21.82
C ASP R 35 -47.13 19.10 -21.65
N LEU R 36 -46.84 20.06 -20.77
CA LEU R 36 -45.49 20.59 -20.69
C LEU R 36 -44.53 19.62 -20.00
N LYS R 37 -44.99 18.94 -18.95
CA LYS R 37 -44.10 18.08 -18.18
C LYS R 37 -43.63 16.88 -19.01
N SER R 38 -44.53 16.23 -19.75
CA SER R 38 -44.11 15.12 -20.58
C SER R 38 -43.23 15.61 -21.73
N THR R 39 -43.54 16.78 -22.28
CA THR R 39 -42.72 17.37 -23.32
C THR R 39 -41.29 17.58 -22.83
N GLN R 40 -41.13 18.19 -21.66
CA GLN R 40 -39.79 18.45 -21.13
C GLN R 40 -39.11 17.17 -20.70
N ALA R 41 -39.88 16.16 -20.27
CA ALA R 41 -39.28 14.90 -19.87
C ALA R 41 -38.55 14.24 -21.03
N ALA R 42 -39.11 14.36 -22.25
CA ALA R 42 -38.43 13.82 -23.42
C ALA R 42 -37.27 14.71 -23.85
N ILE R 43 -37.44 16.02 -23.75
CA ILE R 43 -36.38 16.94 -24.15
C ILE R 43 -35.20 16.85 -23.19
N ASP R 44 -35.47 16.68 -21.89
CA ASP R 44 -34.39 16.56 -20.92
C ASP R 44 -33.47 15.38 -21.24
N GLN R 45 -34.04 14.29 -21.75
CA GLN R 45 -33.22 13.13 -22.09
C GLN R 45 -32.40 13.37 -23.35
N ILE R 46 -33.02 13.97 -24.37
CA ILE R 46 -32.28 14.28 -25.60
C ILE R 46 -31.21 15.33 -25.33
N ASN R 47 -31.51 16.30 -24.47
CA ASN R 47 -30.48 17.25 -24.05
C ASN R 47 -29.32 16.52 -23.38
N GLY R 48 -29.63 15.49 -22.59
CA GLY R 48 -28.59 14.80 -21.86
C GLY R 48 -27.65 14.02 -22.75
N LYS R 49 -28.18 13.34 -23.77
CA LYS R 49 -27.31 12.58 -24.65
C LYS R 49 -26.49 13.49 -25.55
N LEU R 50 -27.03 14.65 -25.92
CA LEU R 50 -26.23 15.64 -26.63
C LEU R 50 -25.06 16.12 -25.78
N ASN R 51 -25.24 16.17 -24.47
CA ASN R 51 -24.15 16.58 -23.58
C ASN R 51 -23.13 15.47 -23.40
N ARG R 52 -23.58 14.21 -23.36
CA ARG R 52 -22.67 13.10 -23.18
C ARG R 52 -21.84 12.83 -24.42
N VAL R 53 -22.38 13.10 -25.60
CA VAL R 53 -21.68 12.80 -26.84
C VAL R 53 -20.42 13.65 -26.97
N ILE R 54 -20.41 14.84 -26.37
CA ILE R 54 -19.31 15.78 -26.51
C ILE R 54 -18.58 16.00 -25.19
N GLU R 55 -18.88 15.20 -24.16
CA GLU R 55 -18.35 15.50 -22.84
C GLU R 55 -16.85 15.27 -22.73
N LYS R 56 -16.29 14.33 -23.50
CA LYS R 56 -14.87 14.01 -23.44
C LYS R 56 -14.13 14.73 -24.55
N THR R 57 -13.22 15.62 -24.17
CA THR R 57 -12.44 16.35 -25.16
C THR R 57 -11.27 15.52 -25.65
N ASN R 58 -11.03 15.59 -26.96
CA ASN R 58 -9.90 14.93 -27.61
C ASN R 58 -8.86 16.01 -27.90
N GLU R 59 -7.79 16.03 -27.11
CA GLU R 59 -6.76 17.05 -27.22
C GLU R 59 -5.43 16.36 -27.50
N LYS R 60 -4.97 16.42 -28.75
CA LYS R 60 -3.72 15.79 -29.16
C LYS R 60 -2.81 16.84 -29.78
N PHE R 61 -1.52 16.80 -29.40
CA PHE R 61 -0.58 17.82 -29.83
C PHE R 61 0.43 17.17 -30.75
N HIS R 62 1.65 16.89 -30.31
CA HIS R 62 2.62 16.24 -31.18
C HIS R 62 2.26 14.77 -31.35
N GLN R 63 2.17 14.34 -32.60
CA GLN R 63 1.78 12.97 -32.93
C GLN R 63 2.80 12.40 -33.92
N ILE R 64 2.39 11.40 -34.66
CA ILE R 64 3.20 10.85 -35.74
C ILE R 64 2.93 11.66 -37.01
N GLU R 65 3.84 11.55 -37.97
CA GLU R 65 3.56 12.07 -39.29
C GLU R 65 2.58 11.16 -40.01
N LYS R 66 1.71 11.76 -40.82
CA LYS R 66 0.66 11.02 -41.49
C LYS R 66 0.66 11.18 -43.01
N GLU R 67 1.42 12.13 -43.54
CA GLU R 67 1.64 12.24 -44.97
C GLU R 67 3.14 12.25 -45.23
N PHE R 68 3.54 11.60 -46.32
CA PHE R 68 4.95 11.36 -46.60
C PHE R 68 5.25 11.69 -48.06
N SER R 69 6.35 12.37 -48.27
CA SER R 69 6.78 12.78 -49.59
C SER R 69 7.70 11.83 -50.33
N GLU R 70 8.25 10.83 -49.67
CA GLU R 70 9.07 9.84 -50.33
C GLU R 70 8.72 8.45 -49.92
N VAL R 71 9.05 7.48 -50.76
CA VAL R 71 8.94 6.07 -50.43
C VAL R 71 10.09 5.71 -49.50
N GLU R 72 9.75 5.17 -48.33
CA GLU R 72 10.76 4.77 -47.36
C GLU R 72 10.72 3.29 -47.03
N GLY R 73 9.55 2.65 -47.10
CA GLY R 73 9.47 1.22 -46.88
C GLY R 73 8.87 0.81 -45.56
N ARG R 74 9.64 0.06 -44.78
CA ARG R 74 9.09 -0.66 -43.62
C ARG R 74 8.50 0.29 -42.58
N ILE R 75 9.26 1.29 -42.15
CA ILE R 75 8.80 2.18 -41.08
C ILE R 75 7.57 2.94 -41.53
N GLN R 76 7.60 3.46 -42.76
CA GLN R 76 6.47 4.24 -43.26
C GLN R 76 5.23 3.36 -43.42
N ASP R 77 5.43 2.11 -43.83
CA ASP R 77 4.31 1.16 -43.90
C ASP R 77 3.59 1.05 -42.56
N LEU R 78 4.36 1.00 -41.46
CA LEU R 78 3.75 0.87 -40.15
C LEU R 78 3.07 2.15 -39.71
N GLU R 79 3.69 3.31 -39.97
CA GLU R 79 3.07 4.58 -39.60
C GLU R 79 1.75 4.79 -40.33
N LYS R 80 1.66 4.34 -41.59
CA LYS R 80 0.39 4.45 -42.30
C LYS R 80 -0.63 3.45 -41.78
N TYR R 81 -0.18 2.25 -41.42
CA TYR R 81 -1.10 1.21 -40.97
C TYR R 81 -1.66 1.53 -39.59
N VAL R 82 -0.84 2.12 -38.72
CA VAL R 82 -1.34 2.53 -37.40
C VAL R 82 -2.46 3.54 -37.56
N GLU R 83 -2.28 4.53 -38.42
CA GLU R 83 -3.27 5.59 -38.56
C GLU R 83 -4.54 5.08 -39.23
N ASP R 84 -4.40 4.24 -40.25
CA ASP R 84 -5.57 3.71 -40.93
C ASP R 84 -6.38 2.81 -40.00
N THR R 85 -5.70 2.08 -39.12
CA THR R 85 -6.41 1.24 -38.16
C THR R 85 -7.18 2.08 -37.16
N LYS R 86 -6.58 3.18 -36.70
CA LYS R 86 -7.24 4.09 -35.78
C LYS R 86 -8.47 4.72 -36.43
N ILE R 87 -8.35 5.17 -37.68
CA ILE R 87 -9.45 5.85 -38.34
C ILE R 87 -10.61 4.89 -38.56
N ASP R 88 -10.33 3.64 -38.92
CA ASP R 88 -11.42 2.70 -39.18
C ASP R 88 -12.17 2.36 -37.89
N LEU R 89 -11.45 2.26 -36.77
CA LEU R 89 -12.08 1.91 -35.50
C LEU R 89 -12.96 3.05 -34.99
N TRP R 90 -12.51 4.29 -35.12
CA TRP R 90 -13.33 5.41 -34.69
C TRP R 90 -14.50 5.64 -35.64
N SER R 91 -14.33 5.36 -36.93
CA SER R 91 -15.46 5.42 -37.85
C SER R 91 -16.53 4.42 -37.47
N TYR R 92 -16.12 3.22 -37.06
CA TYR R 92 -17.06 2.24 -36.57
C TYR R 92 -17.75 2.73 -35.30
N ASN R 93 -16.97 3.28 -34.36
CA ASN R 93 -17.56 3.79 -33.12
C ASN R 93 -18.61 4.85 -33.41
N ALA R 94 -18.33 5.75 -34.34
CA ALA R 94 -19.27 6.83 -34.64
C ALA R 94 -20.53 6.29 -35.30
N GLU R 95 -20.39 5.32 -36.20
CA GLU R 95 -21.54 4.75 -36.88
C GLU R 95 -22.43 4.01 -35.90
N LEU R 96 -21.83 3.19 -35.03
CA LEU R 96 -22.62 2.42 -34.08
C LEU R 96 -23.27 3.31 -33.05
N LEU R 97 -22.61 4.42 -32.69
CA LEU R 97 -23.14 5.32 -31.68
C LEU R 97 -24.46 5.95 -32.15
N VAL R 98 -24.46 6.58 -33.33
CA VAL R 98 -25.67 7.26 -33.78
C VAL R 98 -26.79 6.26 -34.02
N ALA R 99 -26.47 5.04 -34.45
CA ALA R 99 -27.49 4.02 -34.61
C ALA R 99 -28.14 3.66 -33.27
N LEU R 100 -27.31 3.47 -32.24
CA LEU R 100 -27.85 3.16 -30.91
C LEU R 100 -28.59 4.34 -30.32
N GLU R 101 -28.04 5.55 -30.46
CA GLU R 101 -28.69 6.74 -29.90
C GLU R 101 -30.01 7.01 -30.59
N ASN R 102 -30.05 6.93 -31.92
CA ASN R 102 -31.28 7.21 -32.66
C ASN R 102 -32.37 6.20 -32.32
N GLN R 103 -32.00 4.93 -32.19
CA GLN R 103 -32.96 3.91 -31.76
C GLN R 103 -33.50 4.23 -30.39
N HIS R 104 -32.63 4.68 -29.47
CA HIS R 104 -33.06 5.02 -28.12
C HIS R 104 -33.95 6.26 -28.11
N THR R 105 -33.60 7.28 -28.89
CA THR R 105 -34.41 8.50 -28.94
C THR R 105 -35.81 8.20 -29.45
N ILE R 106 -35.92 7.36 -30.48
CA ILE R 106 -37.24 6.96 -30.98
C ILE R 106 -38.01 6.21 -29.89
N ASP R 107 -37.32 5.37 -29.14
CA ASP R 107 -38.00 4.59 -28.10
C ASP R 107 -38.47 5.46 -26.95
N LEU R 108 -37.62 6.40 -26.50
CA LEU R 108 -37.99 7.20 -25.34
C LEU R 108 -39.10 8.20 -25.66
N THR R 109 -39.14 8.71 -26.89
CA THR R 109 -40.20 9.64 -27.26
C THR R 109 -41.53 8.92 -27.44
N ASP R 110 -41.51 7.68 -27.94
CA ASP R 110 -42.72 6.86 -27.98
C ASP R 110 -43.21 6.53 -26.58
N SER R 111 -42.29 6.36 -25.63
CA SER R 111 -42.68 6.01 -24.28
C SER R 111 -43.42 7.15 -23.59
N GLU R 112 -42.98 8.39 -23.80
CA GLU R 112 -43.65 9.52 -23.17
C GLU R 112 -45.08 9.66 -23.65
N MET R 113 -45.33 9.33 -24.92
CA MET R 113 -46.70 9.34 -25.43
C MET R 113 -47.55 8.28 -24.76
N ASN R 114 -46.98 7.09 -24.51
CA ASN R 114 -47.74 6.03 -23.87
C ASN R 114 -47.99 6.33 -22.40
N LYS R 115 -46.99 6.87 -21.70
CA LYS R 115 -47.17 7.21 -20.29
C LYS R 115 -48.29 8.22 -20.11
N LEU R 116 -48.34 9.23 -20.96
CA LEU R 116 -49.40 10.24 -20.86
C LEU R 116 -50.77 9.61 -21.11
N PHE R 117 -50.84 8.63 -22.02
CA PHE R 117 -52.10 7.97 -22.29
C PHE R 117 -52.53 7.10 -21.12
N GLU R 118 -51.59 6.34 -20.55
CA GLU R 118 -51.91 5.50 -19.40
C GLU R 118 -52.22 6.35 -18.17
N LYS R 119 -51.45 7.42 -17.96
CA LYS R 119 -51.74 8.34 -16.87
C LYS R 119 -53.15 8.92 -17.00
N THR R 120 -53.56 9.26 -18.22
CA THR R 120 -54.92 9.73 -18.43
C THR R 120 -55.92 8.58 -18.30
N ARG R 121 -55.59 7.39 -18.76
CA ARG R 121 -56.54 6.30 -18.62
C ARG R 121 -56.84 5.93 -17.18
N ARG R 122 -55.80 5.79 -16.36
CA ARG R 122 -56.07 5.48 -14.96
C ARG R 122 -56.80 6.62 -14.27
N GLN R 123 -56.62 7.85 -14.76
CA GLN R 123 -57.26 9.01 -14.13
C GLN R 123 -58.77 8.94 -14.29
N LEU R 124 -59.25 8.63 -15.49
CA LEU R 124 -60.69 8.62 -15.75
C LEU R 124 -61.39 7.42 -15.14
N ARG R 125 -60.67 6.32 -14.88
CA ARG R 125 -61.24 5.08 -14.37
C ARG R 125 -62.44 4.64 -15.21
N GLU R 126 -63.60 4.49 -14.59
CA GLU R 126 -64.76 3.90 -15.25
C GLU R 126 -65.70 4.95 -15.84
N ASN R 127 -65.21 6.16 -16.08
CA ASN R 127 -66.03 7.22 -16.68
C ASN R 127 -65.76 7.39 -18.16
N ALA R 128 -64.80 6.66 -18.73
CA ALA R 128 -64.46 6.81 -20.14
C ALA R 128 -64.09 5.45 -20.71
N GLU R 129 -64.04 5.38 -22.04
CA GLU R 129 -63.71 4.16 -22.74
C GLU R 129 -62.67 4.44 -23.81
N ASP R 130 -61.76 3.48 -24.00
CA ASP R 130 -60.73 3.60 -25.02
C ASP R 130 -61.34 3.44 -26.40
N MET R 131 -61.36 4.51 -27.19
CA MET R 131 -61.92 4.45 -28.53
C MET R 131 -61.01 3.72 -29.52
N GLY R 132 -59.77 3.45 -29.15
CA GLY R 132 -58.87 2.70 -30.00
C GLY R 132 -58.06 3.52 -30.97
N ASN R 133 -58.32 4.81 -31.08
CA ASN R 133 -57.56 5.70 -31.97
C ASN R 133 -56.67 6.65 -31.19
N GLY R 134 -56.43 6.36 -29.91
CA GLY R 134 -55.71 7.28 -29.05
C GLY R 134 -56.57 8.30 -28.37
N CYS R 135 -57.88 8.08 -28.31
CA CYS R 135 -58.81 9.02 -27.70
C CYS R 135 -59.69 8.30 -26.69
N PHE R 136 -60.27 9.07 -25.77
CA PHE R 136 -61.18 8.57 -24.77
C PHE R 136 -62.55 9.18 -25.00
N LYS R 137 -63.59 8.34 -24.93
CA LYS R 137 -64.98 8.82 -24.97
C LYS R 137 -65.45 9.00 -23.54
N ILE R 138 -65.54 10.24 -23.10
CA ILE R 138 -66.01 10.56 -21.75
C ILE R 138 -67.54 10.56 -21.74
N TYR R 139 -68.13 9.65 -20.97
CA TYR R 139 -69.57 9.44 -20.95
C TYR R 139 -70.32 10.39 -20.04
N HIS R 140 -69.87 11.64 -19.93
CA HIS R 140 -70.61 12.64 -19.17
C HIS R 140 -70.28 14.02 -19.71
N LYS R 141 -71.17 14.98 -19.47
CA LYS R 141 -70.96 16.33 -19.95
C LYS R 141 -69.76 16.94 -19.25
N CYS R 142 -68.72 17.24 -20.03
CA CYS R 142 -67.44 17.72 -19.51
C CYS R 142 -67.10 19.03 -20.20
N ASP R 143 -67.35 20.15 -19.52
CA ASP R 143 -67.12 21.47 -20.09
C ASP R 143 -65.63 21.76 -20.15
N ASN R 144 -65.29 23.00 -20.53
CA ASN R 144 -63.88 23.38 -20.64
C ASN R 144 -63.17 23.28 -19.30
N ALA R 145 -63.83 23.72 -18.22
CA ALA R 145 -63.23 23.59 -16.89
C ALA R 145 -63.06 22.14 -16.49
N CYS R 146 -63.94 21.26 -16.95
CA CYS R 146 -63.80 19.84 -16.65
C CYS R 146 -62.65 19.22 -17.45
N ILE R 147 -62.47 19.66 -18.70
CA ILE R 147 -61.34 19.19 -19.49
C ILE R 147 -60.03 19.63 -18.85
N GLU R 148 -59.96 20.90 -18.42
CA GLU R 148 -58.75 21.39 -17.76
C GLU R 148 -58.44 20.62 -16.49
N SER R 149 -59.47 20.13 -15.80
CA SER R 149 -59.24 19.33 -14.60
C SER R 149 -58.50 18.04 -14.94
N ILE R 150 -58.80 17.45 -16.10
CA ILE R 150 -58.08 16.26 -16.53
C ILE R 150 -56.66 16.62 -16.92
N ARG R 151 -56.49 17.73 -17.63
CA ARG R 151 -55.16 18.11 -18.12
C ARG R 151 -54.22 18.42 -16.96
N ASN R 152 -54.73 19.01 -15.89
CA ASN R 152 -53.89 19.38 -14.75
C ASN R 152 -54.01 18.38 -13.59
N GLY R 153 -54.56 17.21 -13.84
CA GLY R 153 -54.54 16.14 -12.85
C GLY R 153 -55.36 16.36 -11.60
N THR R 154 -56.48 17.08 -11.70
CA THR R 154 -57.37 17.30 -10.57
C THR R 154 -58.72 16.62 -10.74
N TYR R 155 -58.93 15.93 -11.86
CA TYR R 155 -60.22 15.29 -12.14
C TYR R 155 -60.57 14.27 -11.07
N ASP R 156 -61.73 14.45 -10.46
CA ASP R 156 -62.26 13.50 -9.48
C ASP R 156 -63.34 12.66 -10.16
N HIS R 157 -63.10 11.36 -10.26
CA HIS R 157 -64.00 10.50 -11.04
C HIS R 157 -65.31 10.24 -10.31
N ASP R 158 -65.31 10.33 -8.97
CA ASP R 158 -66.53 10.04 -8.23
C ASP R 158 -67.62 11.08 -8.49
N VAL R 159 -67.24 12.31 -8.82
CA VAL R 159 -68.23 13.36 -9.05
C VAL R 159 -69.11 13.02 -10.25
N TYR R 160 -68.52 12.41 -11.28
CA TYR R 160 -69.23 12.11 -12.51
C TYR R 160 -69.54 10.64 -12.70
N ARG R 161 -69.20 9.81 -11.73
CA ARG R 161 -69.25 8.39 -11.97
C ARG R 161 -70.63 7.85 -12.28
N ASP R 162 -71.62 8.25 -11.51
CA ASP R 162 -72.97 7.75 -11.76
C ASP R 162 -73.56 8.25 -13.07
N GLU R 163 -73.30 9.51 -13.40
CA GLU R 163 -73.76 10.01 -14.69
C GLU R 163 -73.09 9.20 -15.79
N ALA R 164 -71.81 8.92 -15.64
CA ALA R 164 -71.09 8.21 -16.69
C ALA R 164 -71.51 6.75 -16.78
N LEU R 165 -71.68 6.09 -15.65
CA LEU R 165 -72.12 4.70 -15.66
C LEU R 165 -73.52 4.56 -16.24
N ASN R 166 -74.37 5.56 -16.03
CA ASN R 166 -75.73 5.49 -16.57
C ASN R 166 -75.73 5.59 -18.09
N ASN R 167 -74.87 6.47 -18.65
CA ASN R 167 -74.80 6.60 -20.10
C ASN R 167 -74.10 5.42 -20.74
N ARG R 168 -73.20 4.76 -20.02
CA ARG R 168 -72.49 3.61 -20.60
C ARG R 168 -73.40 2.40 -20.74
N PHE R 169 -74.38 2.25 -19.85
CA PHE R 169 -75.25 1.08 -19.89
C PHE R 169 -76.73 1.49 -19.94
N GLN S 1 -23.06 -27.58 12.03
CA GLN S 1 -22.25 -27.50 10.83
C GLN S 1 -23.14 -27.54 9.58
N VAL S 2 -22.58 -27.11 8.45
CA VAL S 2 -23.30 -27.09 7.19
C VAL S 2 -23.39 -28.53 6.66
N GLN S 3 -24.60 -28.99 6.38
CA GLN S 3 -24.79 -30.41 6.13
C GLN S 3 -26.05 -30.65 5.31
N LEU S 4 -26.05 -31.79 4.61
CA LEU S 4 -27.17 -32.24 3.79
C LEU S 4 -27.42 -33.71 4.07
N VAL S 5 -28.65 -34.06 4.43
CA VAL S 5 -29.00 -35.42 4.83
C VAL S 5 -30.02 -35.98 3.84
N GLN S 6 -29.66 -37.09 3.20
CA GLN S 6 -30.51 -37.71 2.19
C GLN S 6 -31.38 -38.80 2.79
N SER S 7 -32.35 -39.26 1.99
CA SER S 7 -33.26 -40.30 2.42
C SER S 7 -32.66 -41.68 2.15
N GLY S 8 -33.33 -42.71 2.68
CA GLY S 8 -32.83 -44.05 2.61
C GLY S 8 -32.92 -44.65 1.23
N PRO S 9 -32.28 -45.81 1.03
CA PRO S 9 -32.25 -46.41 -0.30
C PRO S 9 -33.58 -47.04 -0.66
N GLU S 10 -33.87 -47.05 -1.97
CA GLU S 10 -35.11 -47.55 -2.51
C GLU S 10 -34.82 -48.59 -3.58
N VAL S 11 -35.73 -49.55 -3.70
CA VAL S 11 -35.67 -50.57 -4.75
C VAL S 11 -36.99 -50.54 -5.51
N LYS S 12 -36.89 -50.43 -6.83
CA LYS S 12 -38.08 -50.19 -7.66
C LYS S 12 -38.03 -51.06 -8.90
N LYS S 13 -39.18 -51.62 -9.25
CA LYS S 13 -39.35 -52.32 -10.52
C LYS S 13 -39.56 -51.31 -11.64
N PRO S 14 -39.29 -51.69 -12.89
CA PRO S 14 -39.39 -50.71 -13.99
C PRO S 14 -40.78 -50.11 -14.10
N GLY S 15 -40.81 -48.84 -14.50
CA GLY S 15 -42.04 -48.10 -14.61
C GLY S 15 -42.50 -47.41 -13.33
N ALA S 16 -41.91 -47.75 -12.19
CA ALA S 16 -42.28 -47.13 -10.92
C ALA S 16 -41.73 -45.71 -10.87
N SER S 17 -41.85 -45.07 -9.71
CA SER S 17 -41.43 -43.69 -9.55
C SER S 17 -40.84 -43.49 -8.16
N VAL S 18 -39.60 -43.01 -8.11
CA VAL S 18 -38.91 -42.78 -6.85
C VAL S 18 -39.14 -41.35 -6.41
N LYS S 19 -39.02 -41.11 -5.11
CA LYS S 19 -38.94 -39.75 -4.57
C LYS S 19 -37.83 -39.74 -3.51
N VAL S 20 -36.76 -39.02 -3.79
CA VAL S 20 -35.62 -38.92 -2.88
C VAL S 20 -35.67 -37.56 -2.20
N SER S 21 -35.41 -37.54 -0.90
CA SER S 21 -35.45 -36.31 -0.12
C SER S 21 -34.05 -35.89 0.31
N CYS S 22 -33.94 -34.62 0.70
CA CYS S 22 -32.64 -34.00 0.99
C CYS S 22 -32.87 -32.96 2.07
N LYS S 23 -32.44 -33.27 3.30
CA LYS S 23 -32.68 -32.41 4.45
C LYS S 23 -31.44 -31.58 4.74
N ALA S 24 -31.60 -30.26 4.72
CA ALA S 24 -30.50 -29.32 4.92
C ALA S 24 -30.44 -28.87 6.37
N SER S 25 -29.24 -28.45 6.78
CA SER S 25 -29.02 -27.91 8.11
C SER S 25 -27.71 -27.14 8.13
N GLY S 26 -27.66 -26.13 8.98
CA GLY S 26 -26.48 -25.31 9.17
C GLY S 26 -26.37 -24.05 8.34
N TYR S 27 -27.35 -23.80 7.49
CA TYR S 27 -27.36 -22.59 6.69
C TYR S 27 -28.78 -22.23 6.35
N SER S 28 -28.99 -21.04 5.82
CA SER S 28 -30.34 -20.60 5.49
C SER S 28 -30.77 -21.23 4.19
N PHE S 29 -31.77 -22.10 4.24
CA PHE S 29 -32.18 -22.90 3.10
C PHE S 29 -32.72 -22.09 1.94
N SER S 30 -33.47 -21.05 2.26
CA SER S 30 -34.14 -20.22 1.29
C SER S 30 -33.19 -19.48 0.36
N ARG S 31 -31.98 -19.20 0.83
CA ARG S 31 -31.04 -18.36 0.11
C ARG S 31 -30.12 -19.08 -0.86
N TYR S 32 -30.34 -20.35 -1.07
CA TYR S 32 -29.53 -21.15 -1.99
C TYR S 32 -30.46 -22.06 -2.78
N GLY S 33 -29.87 -22.84 -3.67
CA GLY S 33 -30.62 -23.83 -4.42
C GLY S 33 -30.06 -25.21 -4.16
N ILE S 34 -30.58 -26.23 -4.83
CA ILE S 34 -30.09 -27.59 -4.65
C ILE S 34 -30.06 -28.28 -6.00
N SER S 35 -28.89 -28.77 -6.40
CA SER S 35 -28.76 -29.54 -7.63
C SER S 35 -28.70 -31.03 -7.33
N TRP S 36 -29.09 -31.83 -8.32
CA TRP S 36 -29.13 -33.28 -8.19
C TRP S 36 -28.17 -33.91 -9.18
N VAL S 37 -27.32 -34.80 -8.70
CA VAL S 37 -26.34 -35.50 -9.51
C VAL S 37 -26.45 -36.98 -9.22
N ARG S 38 -26.39 -37.81 -10.26
CA ARG S 38 -26.45 -39.24 -10.10
C ARG S 38 -25.20 -39.90 -10.68
N GLN S 39 -24.91 -41.11 -10.21
CA GLN S 39 -23.72 -41.83 -10.63
C GLN S 39 -24.05 -43.32 -10.75
N ALA S 40 -24.08 -43.82 -11.98
CA ALA S 40 -24.29 -45.24 -12.21
C ALA S 40 -23.10 -46.04 -11.69
N PRO S 41 -23.31 -47.33 -11.42
CA PRO S 41 -22.20 -48.16 -10.90
C PRO S 41 -20.99 -48.15 -11.82
N GLY S 42 -19.86 -47.74 -11.27
CA GLY S 42 -18.63 -47.69 -12.03
C GLY S 42 -18.58 -46.65 -13.12
N GLN S 43 -19.45 -45.65 -13.06
CA GLN S 43 -19.56 -44.64 -14.11
C GLN S 43 -19.29 -43.25 -13.53
N GLY S 44 -19.36 -42.25 -14.41
CA GLY S 44 -19.08 -40.88 -14.02
C GLY S 44 -20.29 -40.18 -13.43
N LEU S 45 -20.16 -38.88 -13.26
CA LEU S 45 -21.19 -38.05 -12.65
C LEU S 45 -22.05 -37.40 -13.72
N GLU S 46 -23.35 -37.25 -13.43
CA GLU S 46 -24.31 -36.71 -14.37
C GLU S 46 -25.27 -35.79 -13.64
N TRP S 47 -25.52 -34.62 -14.22
CA TRP S 47 -26.36 -33.61 -13.60
C TRP S 47 -27.81 -33.81 -14.01
N LEU S 48 -28.70 -33.87 -13.01
CA LEU S 48 -30.13 -34.05 -13.25
C LEU S 48 -30.85 -32.72 -13.39
N GLY S 49 -30.65 -31.82 -12.45
CA GLY S 49 -31.36 -30.55 -12.46
C GLY S 49 -31.10 -29.77 -11.20
N TRP S 50 -31.72 -28.59 -11.14
CA TRP S 50 -31.52 -27.64 -10.07
C TRP S 50 -32.85 -27.01 -9.70
N ILE S 51 -33.05 -26.76 -8.41
CA ILE S 51 -34.24 -26.07 -7.93
C ILE S 51 -33.83 -25.01 -6.92
N SER S 52 -34.42 -23.84 -7.02
CA SER S 52 -34.14 -22.77 -6.09
C SER S 52 -34.89 -23.00 -4.78
N GLY S 53 -34.25 -22.64 -3.67
CA GLY S 53 -34.94 -22.58 -2.39
C GLY S 53 -35.58 -21.25 -2.11
N TYR S 54 -35.31 -20.27 -2.97
CA TYR S 54 -35.86 -18.92 -2.85
C TYR S 54 -37.15 -18.85 -3.66
N THR S 55 -37.02 -18.93 -4.98
CA THR S 55 -38.14 -19.18 -5.85
C THR S 55 -38.35 -20.68 -6.02
N GLY S 56 -39.48 -21.04 -6.61
CA GLY S 56 -39.74 -22.45 -6.84
C GLY S 56 -39.11 -22.89 -8.13
N ASN S 57 -38.35 -21.98 -8.74
CA ASN S 57 -37.88 -22.14 -10.10
C ASN S 57 -36.99 -23.37 -10.24
N THR S 58 -37.03 -23.97 -11.43
CA THR S 58 -36.37 -25.23 -11.69
C THR S 58 -35.70 -25.19 -13.06
N ASN S 59 -34.65 -26.00 -13.19
CA ASN S 59 -33.96 -26.20 -14.45
C ASN S 59 -33.59 -27.67 -14.57
N TYR S 60 -34.15 -28.36 -15.55
CA TYR S 60 -33.92 -29.78 -15.74
C TYR S 60 -33.01 -30.02 -16.94
N ALA S 61 -32.26 -31.12 -16.90
CA ALA S 61 -31.52 -31.54 -18.07
C ALA S 61 -32.50 -32.04 -19.13
N GLN S 62 -32.18 -31.77 -20.39
CA GLN S 62 -33.12 -32.05 -21.48
C GLN S 62 -33.51 -33.52 -21.54
N LYS S 63 -32.59 -34.43 -21.22
CA LYS S 63 -32.88 -35.86 -21.30
C LYS S 63 -33.85 -36.31 -20.21
N PHE S 64 -33.96 -35.55 -19.11
CA PHE S 64 -34.91 -35.87 -18.05
C PHE S 64 -36.08 -34.88 -18.02
N GLN S 65 -36.26 -34.08 -19.06
CA GLN S 65 -37.23 -33.00 -19.03
C GLN S 65 -38.64 -33.52 -18.74
N GLY S 66 -39.00 -34.66 -19.31
CA GLY S 66 -40.33 -35.18 -19.14
C GLY S 66 -40.59 -35.90 -17.83
N ARG S 67 -39.59 -36.64 -17.33
CA ARG S 67 -39.83 -37.63 -16.29
C ARG S 67 -39.34 -37.20 -14.90
N VAL S 68 -38.95 -35.94 -14.72
CA VAL S 68 -38.43 -35.51 -13.43
C VAL S 68 -39.21 -34.33 -12.90
N THR S 69 -39.32 -34.26 -11.58
CA THR S 69 -40.01 -33.17 -10.90
C THR S 69 -39.33 -32.90 -9.57
N MET S 70 -38.88 -31.67 -9.37
CA MET S 70 -38.21 -31.29 -8.13
C MET S 70 -39.09 -30.32 -7.35
N THR S 71 -39.12 -30.49 -6.03
CA THR S 71 -39.90 -29.64 -5.15
C THR S 71 -39.02 -29.17 -3.99
N THR S 72 -39.45 -28.10 -3.34
CA THR S 72 -38.75 -27.57 -2.18
C THR S 72 -39.77 -27.17 -1.12
N ASP S 73 -39.34 -27.23 0.14
CA ASP S 73 -40.20 -26.93 1.28
C ASP S 73 -39.40 -26.04 2.23
N THR S 74 -39.70 -24.74 2.23
CA THR S 74 -38.90 -23.78 3.00
C THR S 74 -39.01 -24.05 4.49
N SER S 75 -40.20 -24.38 4.97
CA SER S 75 -40.40 -24.74 6.38
C SER S 75 -40.82 -26.21 6.47
N THR S 76 -39.84 -27.10 6.58
CA THR S 76 -38.45 -26.70 6.81
C THR S 76 -37.39 -27.50 6.02
N SER S 77 -36.69 -26.78 5.14
CA SER S 77 -35.35 -27.15 4.66
C SER S 77 -35.29 -28.56 4.08
N THR S 78 -36.23 -28.91 3.22
CA THR S 78 -36.22 -30.19 2.54
C THR S 78 -36.48 -30.00 1.05
N ALA S 79 -35.60 -30.57 0.23
CA ALA S 79 -35.79 -30.61 -1.21
C ALA S 79 -36.03 -32.06 -1.64
N SER S 80 -36.89 -32.24 -2.63
CA SER S 80 -37.26 -33.56 -3.10
C SER S 80 -37.09 -33.65 -4.60
N MET S 81 -36.88 -34.87 -5.09
CA MET S 81 -36.66 -35.13 -6.51
C MET S 81 -37.37 -36.42 -6.88
N GLU S 82 -38.28 -36.35 -7.86
CA GLU S 82 -39.08 -37.49 -8.27
C GLU S 82 -38.74 -37.85 -9.70
N LEU S 83 -38.39 -39.12 -9.93
CA LEU S 83 -38.04 -39.61 -11.26
C LEU S 83 -39.06 -40.67 -11.65
N ARG S 84 -39.84 -40.40 -12.70
CA ARG S 84 -40.92 -41.26 -13.13
C ARG S 84 -40.50 -42.15 -14.30
N SER S 85 -41.30 -43.19 -14.54
CA SER S 85 -41.08 -44.14 -15.63
C SER S 85 -39.66 -44.69 -15.59
N LEU S 86 -39.35 -45.36 -14.48
CA LEU S 86 -37.98 -45.77 -14.22
C LEU S 86 -37.54 -46.87 -15.17
N ARG S 87 -36.25 -46.85 -15.52
CA ARG S 87 -35.65 -47.83 -16.39
C ARG S 87 -34.43 -48.42 -15.72
N SER S 88 -33.96 -49.57 -16.22
CA SER S 88 -32.82 -50.24 -15.63
C SER S 88 -31.59 -49.33 -15.59
N ASP S 89 -31.44 -48.44 -16.58
CA ASP S 89 -30.32 -47.52 -16.61
C ASP S 89 -30.45 -46.41 -15.57
N ASP S 90 -31.58 -46.31 -14.87
CA ASP S 90 -31.71 -45.35 -13.79
C ASP S 90 -31.13 -45.86 -12.48
N THR S 91 -30.61 -47.08 -12.47
CA THR S 91 -29.95 -47.63 -11.29
C THR S 91 -28.64 -46.88 -11.05
N ALA S 92 -28.56 -46.13 -9.96
CA ALA S 92 -27.42 -45.28 -9.69
C ALA S 92 -27.52 -44.77 -8.26
N VAL S 93 -26.44 -44.12 -7.81
CA VAL S 93 -26.45 -43.39 -6.56
C VAL S 93 -26.82 -41.95 -6.85
N TYR S 94 -27.82 -41.44 -6.14
CA TYR S 94 -28.36 -40.11 -6.39
C TYR S 94 -27.95 -39.18 -5.26
N TYR S 95 -27.27 -38.08 -5.61
CA TYR S 95 -26.77 -37.11 -4.64
C TYR S 95 -27.53 -35.79 -4.77
N CYS S 96 -27.59 -35.06 -3.66
CA CYS S 96 -28.00 -33.67 -3.68
C CYS S 96 -26.86 -32.80 -3.19
N ALA S 97 -26.88 -31.53 -3.58
CA ALA S 97 -25.79 -30.63 -3.25
C ALA S 97 -26.27 -29.19 -3.31
N ARG S 98 -25.79 -28.38 -2.37
CA ARG S 98 -26.15 -26.96 -2.34
C ARG S 98 -25.52 -26.25 -3.53
N ASP S 99 -26.30 -25.41 -4.21
CA ASP S 99 -25.86 -24.81 -5.46
C ASP S 99 -26.54 -23.46 -5.68
N LYS S 100 -25.73 -22.46 -6.04
CA LYS S 100 -26.20 -21.14 -6.48
C LYS S 100 -26.86 -20.34 -5.37
N LYS S 101 -26.23 -19.22 -4.99
CA LYS S 101 -26.82 -18.31 -4.02
C LYS S 101 -27.97 -17.54 -4.64
N GLN S 102 -28.98 -17.23 -3.82
CA GLN S 102 -30.20 -16.57 -4.27
C GLN S 102 -30.48 -15.36 -3.39
N GLY S 103 -31.43 -14.55 -3.85
CA GLY S 103 -31.90 -13.42 -3.07
C GLY S 103 -31.01 -12.19 -3.10
N GLU S 104 -29.85 -12.26 -3.75
CA GLU S 104 -28.93 -11.14 -3.74
C GLU S 104 -28.11 -11.17 -5.02
N VAL S 105 -27.72 -9.97 -5.47
CA VAL S 105 -26.77 -9.87 -6.57
C VAL S 105 -25.42 -10.41 -6.10
N VAL S 106 -24.75 -11.17 -6.96
CA VAL S 106 -23.50 -11.82 -6.61
C VAL S 106 -22.49 -11.65 -7.75
N LEU S 107 -21.27 -11.27 -7.39
CA LEU S 107 -20.18 -11.35 -8.34
C LEU S 107 -19.84 -12.82 -8.59
N PRO S 108 -19.18 -13.13 -9.71
CA PRO S 108 -18.91 -14.54 -10.04
C PRO S 108 -18.25 -15.34 -8.92
N ALA S 109 -17.16 -14.83 -8.35
CA ALA S 109 -16.42 -15.57 -7.33
C ALA S 109 -17.20 -15.72 -6.02
N ALA S 110 -18.36 -15.07 -5.90
CA ALA S 110 -19.21 -15.19 -4.71
C ALA S 110 -20.59 -15.73 -5.06
N SER S 111 -20.72 -16.38 -6.22
CA SER S 111 -22.03 -16.80 -6.69
C SER S 111 -22.46 -18.15 -6.16
N PHE S 112 -21.52 -18.93 -5.63
CA PHE S 112 -21.79 -20.29 -5.15
C PHE S 112 -22.32 -21.18 -6.27
N ARG S 113 -21.92 -20.90 -7.51
CA ARG S 113 -22.22 -21.79 -8.63
C ARG S 113 -21.22 -22.97 -8.62
N TRP S 114 -21.27 -23.71 -7.51
CA TRP S 114 -20.46 -24.91 -7.34
C TRP S 114 -21.13 -25.79 -6.30
N PHE S 115 -20.92 -27.10 -6.41
CA PHE S 115 -21.64 -28.07 -5.60
C PHE S 115 -20.89 -28.30 -4.29
N ALA S 116 -21.43 -27.74 -3.21
CA ALA S 116 -20.89 -27.94 -1.86
C ALA S 116 -21.87 -27.41 -0.82
N PRO S 117 -22.18 -28.22 0.19
CA PRO S 117 -21.70 -29.59 0.38
C PRO S 117 -22.54 -30.62 -0.36
N TRP S 118 -22.15 -31.89 -0.26
CA TRP S 118 -22.88 -32.98 -0.88
C TRP S 118 -23.58 -33.82 0.19
N GLY S 119 -24.70 -34.41 -0.20
CA GLY S 119 -25.33 -35.41 0.64
C GLY S 119 -24.58 -36.73 0.55
N GLN S 120 -24.92 -37.62 1.48
CA GLN S 120 -24.23 -38.91 1.54
C GLN S 120 -24.56 -39.81 0.36
N GLY S 121 -25.65 -39.54 -0.33
CA GLY S 121 -26.04 -40.34 -1.47
C GLY S 121 -27.18 -41.29 -1.15
N THR S 122 -27.96 -41.62 -2.17
CA THR S 122 -29.09 -42.53 -2.03
C THR S 122 -29.05 -43.53 -3.17
N LEU S 123 -28.93 -44.81 -2.84
CA LEU S 123 -28.87 -45.85 -3.85
C LEU S 123 -30.28 -46.22 -4.32
N VAL S 124 -30.51 -46.14 -5.62
CA VAL S 124 -31.77 -46.51 -6.23
C VAL S 124 -31.50 -47.62 -7.23
N THR S 125 -31.98 -48.82 -6.93
CA THR S 125 -31.82 -49.97 -7.81
C THR S 125 -33.12 -50.21 -8.57
N VAL S 126 -33.02 -50.33 -9.88
CA VAL S 126 -34.18 -50.60 -10.73
C VAL S 126 -33.92 -51.87 -11.51
N SER S 127 -34.81 -52.85 -11.37
CA SER S 127 -34.72 -54.09 -12.10
C SER S 127 -36.03 -54.85 -11.98
N SER S 128 -36.33 -55.65 -13.00
CA SER S 128 -37.44 -56.59 -12.93
C SER S 128 -36.97 -57.88 -12.27
N ALA S 129 -36.68 -57.77 -10.98
CA ALA S 129 -36.24 -58.90 -10.18
C ALA S 129 -36.74 -58.70 -8.76
N SER S 130 -36.76 -59.79 -8.01
CA SER S 130 -37.38 -59.81 -6.69
C SER S 130 -36.32 -59.94 -5.60
N THR S 131 -36.70 -59.50 -4.39
CA THR S 131 -35.83 -59.62 -3.24
C THR S 131 -35.55 -61.08 -2.93
N LYS S 132 -34.28 -61.40 -2.69
CA LYS S 132 -33.86 -62.78 -2.47
C LYS S 132 -32.51 -62.80 -1.80
N GLY S 133 -32.35 -63.67 -0.81
CA GLY S 133 -31.09 -63.87 -0.15
C GLY S 133 -30.17 -64.75 -0.96
N PRO S 134 -28.88 -64.70 -0.67
CA PRO S 134 -27.89 -65.42 -1.49
C PRO S 134 -27.68 -66.86 -1.06
N SER S 135 -27.09 -67.63 -1.97
CA SER S 135 -26.64 -68.98 -1.71
C SER S 135 -25.12 -68.98 -1.63
N VAL S 136 -24.58 -69.66 -0.62
CA VAL S 136 -23.15 -69.61 -0.33
C VAL S 136 -22.55 -70.97 -0.64
N PHE S 137 -21.54 -71.00 -1.50
CA PHE S 137 -20.85 -72.22 -1.86
C PHE S 137 -19.36 -72.08 -1.59
N PRO S 138 -18.69 -73.15 -1.20
CA PRO S 138 -17.28 -73.05 -0.83
C PRO S 138 -16.35 -73.14 -2.04
N LEU S 139 -15.22 -72.44 -1.93
CA LEU S 139 -14.14 -72.54 -2.89
C LEU S 139 -12.98 -73.22 -2.17
N ALA S 140 -13.06 -74.56 -2.10
CA ALA S 140 -12.13 -75.32 -1.29
C ALA S 140 -10.71 -75.26 -1.85
N PRO S 141 -9.72 -75.44 -0.99
CA PRO S 141 -8.33 -75.36 -1.41
C PRO S 141 -8.07 -76.41 -2.46
N SER S 142 -7.16 -76.13 -3.38
CA SER S 142 -7.02 -76.97 -4.55
C SER S 142 -5.59 -77.43 -4.77
N SER S 143 -5.46 -78.52 -5.50
CA SER S 143 -4.16 -78.96 -5.99
C SER S 143 -3.34 -79.56 -4.87
N LYS S 144 -2.08 -79.84 -5.14
CA LYS S 144 -1.25 -80.44 -4.12
C LYS S 144 -0.53 -79.32 -3.37
N SER S 145 -0.97 -79.14 -2.12
CA SER S 145 -0.50 -78.09 -1.24
C SER S 145 -1.23 -76.79 -1.56
N THR S 146 -2.09 -76.84 -2.58
CA THR S 146 -2.73 -75.65 -3.12
C THR S 146 -1.63 -74.88 -3.84
N SER S 147 -0.60 -74.58 -3.04
CA SER S 147 0.64 -74.00 -3.50
C SER S 147 1.68 -74.57 -2.55
N GLY S 148 2.94 -74.52 -2.93
CA GLY S 148 3.95 -75.08 -2.05
C GLY S 148 3.88 -74.51 -0.65
N GLY S 149 3.74 -73.19 -0.53
CA GLY S 149 3.68 -72.57 0.79
C GLY S 149 2.41 -71.78 1.12
N THR S 150 1.67 -71.42 0.08
CA THR S 150 0.52 -70.55 0.23
C THR S 150 -0.69 -71.18 -0.44
N ALA S 151 -1.80 -71.25 0.28
CA ALA S 151 -3.04 -71.83 -0.23
C ALA S 151 -4.11 -70.75 -0.39
N ALA S 152 -4.99 -70.93 -1.37
CA ALA S 152 -6.06 -69.99 -1.66
C ALA S 152 -7.41 -70.68 -1.52
N LEU S 153 -8.32 -70.06 -0.76
CA LEU S 153 -9.67 -70.57 -0.60
C LEU S 153 -10.61 -69.39 -0.45
N GLY S 154 -11.89 -69.63 -0.70
CA GLY S 154 -12.84 -68.55 -0.61
C GLY S 154 -14.27 -69.03 -0.61
N CYS S 155 -15.18 -68.09 -0.81
CA CYS S 155 -16.62 -68.34 -0.81
C CYS S 155 -17.24 -67.68 -2.03
N LEU S 156 -18.19 -68.37 -2.65
CA LEU S 156 -18.97 -67.83 -3.77
C LEU S 156 -20.38 -67.57 -3.28
N VAL S 157 -20.75 -66.30 -3.18
CA VAL S 157 -22.05 -65.89 -2.68
C VAL S 157 -22.90 -65.50 -3.90
N LYS S 158 -23.76 -66.42 -4.33
CA LYS S 158 -24.40 -66.35 -5.63
C LYS S 158 -25.89 -66.08 -5.52
N ASP S 159 -26.42 -65.36 -6.52
CA ASP S 159 -27.85 -65.16 -6.69
C ASP S 159 -28.50 -64.48 -5.50
N TYR S 160 -28.33 -63.17 -5.38
CA TYR S 160 -29.00 -62.39 -4.36
C TYR S 160 -29.47 -61.07 -4.96
N PHE S 161 -30.43 -60.45 -4.29
CA PHE S 161 -30.96 -59.18 -4.72
C PHE S 161 -31.68 -58.48 -3.56
N PRO S 162 -31.45 -57.17 -3.41
CA PRO S 162 -30.49 -56.39 -4.19
C PRO S 162 -29.15 -56.23 -3.48
N GLU S 163 -28.31 -55.33 -3.98
CA GLU S 163 -27.06 -54.98 -3.31
C GLU S 163 -27.37 -54.26 -2.00
N PRO S 164 -26.48 -54.41 -1.00
CA PRO S 164 -25.23 -55.18 -1.02
C PRO S 164 -25.20 -56.36 -0.06
N VAL S 165 -24.08 -57.09 -0.09
CA VAL S 165 -23.79 -58.14 0.88
C VAL S 165 -22.46 -57.83 1.53
N THR S 166 -22.33 -58.16 2.81
CA THR S 166 -21.09 -57.97 3.56
C THR S 166 -20.48 -59.33 3.84
N VAL S 167 -19.18 -59.46 3.59
CA VAL S 167 -18.47 -60.72 3.80
C VAL S 167 -17.29 -60.46 4.71
N SER S 168 -17.17 -61.28 5.77
CA SER S 168 -16.03 -61.27 6.65
C SER S 168 -15.61 -62.71 6.93
N TRP S 169 -14.38 -62.89 7.38
CA TRP S 169 -13.81 -64.21 7.61
C TRP S 169 -13.47 -64.38 9.08
N ASN S 170 -13.92 -65.50 9.65
CA ASN S 170 -13.66 -65.84 11.05
C ASN S 170 -14.11 -64.72 11.98
N SER S 171 -15.30 -64.17 11.69
CA SER S 171 -15.89 -63.10 12.50
C SER S 171 -14.97 -61.90 12.61
N GLY S 172 -14.36 -61.50 11.49
CA GLY S 172 -13.49 -60.34 11.45
C GLY S 172 -12.09 -60.57 11.98
N ALA S 173 -11.80 -61.73 12.55
CA ALA S 173 -10.47 -61.99 13.08
C ALA S 173 -9.42 -62.15 11.99
N LEU S 174 -9.84 -62.46 10.77
CA LEU S 174 -8.93 -62.69 9.65
C LEU S 174 -9.19 -61.63 8.58
N THR S 175 -8.20 -60.76 8.35
CA THR S 175 -8.34 -59.69 7.39
C THR S 175 -7.20 -59.69 6.38
N SER S 176 -6.04 -60.24 6.77
CA SER S 176 -4.90 -60.27 5.88
C SER S 176 -5.12 -61.29 4.77
N GLY S 177 -4.86 -60.88 3.53
CA GLY S 177 -5.00 -61.74 2.38
C GLY S 177 -6.40 -61.85 1.82
N VAL S 178 -7.36 -61.08 2.36
CA VAL S 178 -8.75 -61.17 1.94
C VAL S 178 -8.98 -60.28 0.73
N HIS S 179 -9.64 -60.82 -0.28
CA HIS S 179 -10.07 -60.06 -1.45
C HIS S 179 -11.55 -60.35 -1.66
N THR S 180 -12.39 -59.33 -1.46
CA THR S 180 -13.82 -59.41 -1.73
C THR S 180 -14.09 -58.63 -3.00
N PHE S 181 -14.47 -59.33 -4.06
CA PHE S 181 -14.65 -58.70 -5.35
C PHE S 181 -15.97 -57.93 -5.41
N PRO S 182 -16.03 -56.90 -6.25
CA PRO S 182 -17.30 -56.19 -6.44
C PRO S 182 -18.32 -57.08 -7.13
N ALA S 183 -19.58 -56.90 -6.75
CA ALA S 183 -20.64 -57.75 -7.29
C ALA S 183 -20.79 -57.55 -8.79
N VAL S 184 -21.24 -58.61 -9.46
CA VAL S 184 -21.53 -58.58 -10.90
C VAL S 184 -22.97 -58.97 -11.10
N LEU S 185 -23.65 -58.27 -12.01
CA LEU S 185 -25.05 -58.52 -12.28
C LEU S 185 -25.18 -59.58 -13.36
N GLN S 186 -25.74 -60.73 -13.00
CA GLN S 186 -25.92 -61.83 -13.93
C GLN S 186 -27.11 -61.57 -14.85
N SER S 187 -27.15 -62.33 -15.96
CA SER S 187 -28.25 -62.21 -16.90
C SER S 187 -29.59 -62.55 -16.26
N SER S 188 -29.58 -63.32 -15.17
CA SER S 188 -30.81 -63.62 -14.44
C SER S 188 -31.38 -62.40 -13.73
N GLY S 189 -30.59 -61.34 -13.59
CA GLY S 189 -30.98 -60.19 -12.79
C GLY S 189 -30.56 -60.26 -11.35
N LEU S 190 -29.86 -61.32 -10.95
CA LEU S 190 -29.39 -61.50 -9.59
C LEU S 190 -27.89 -61.22 -9.52
N TYR S 191 -27.44 -60.77 -8.36
CA TYR S 191 -26.04 -60.43 -8.16
C TYR S 191 -25.26 -61.66 -7.70
N SER S 192 -23.98 -61.70 -8.09
CA SER S 192 -23.06 -62.74 -7.67
C SER S 192 -21.74 -62.09 -7.25
N LEU S 193 -21.08 -62.70 -6.26
CA LEU S 193 -19.90 -62.12 -5.66
C LEU S 193 -19.00 -63.22 -5.14
N SER S 194 -17.70 -62.93 -5.06
CA SER S 194 -16.71 -63.87 -4.56
C SER S 194 -15.78 -63.18 -3.57
N SER S 195 -15.47 -63.87 -2.49
CA SER S 195 -14.51 -63.41 -1.50
C SER S 195 -13.48 -64.50 -1.30
N VAL S 196 -12.20 -64.15 -1.41
CA VAL S 196 -11.11 -65.12 -1.40
C VAL S 196 -10.04 -64.65 -0.42
N VAL S 197 -9.26 -65.62 0.06
CA VAL S 197 -8.18 -65.35 1.00
C VAL S 197 -7.06 -66.34 0.76
N THR S 198 -5.81 -65.84 0.81
CA THR S 198 -4.63 -66.68 0.71
C THR S 198 -4.05 -66.93 2.09
N VAL S 199 -3.81 -68.20 2.40
CA VAL S 199 -3.34 -68.61 3.72
C VAL S 199 -2.14 -69.52 3.55
N PRO S 200 -1.33 -69.71 4.60
CA PRO S 200 -0.27 -70.71 4.53
C PRO S 200 -0.83 -72.11 4.38
N SER S 201 -0.22 -72.88 3.48
CA SER S 201 -0.70 -74.24 3.21
C SER S 201 -0.58 -75.14 4.43
N SER S 202 0.31 -74.82 5.36
CA SER S 202 0.45 -75.62 6.57
C SER S 202 -0.65 -75.35 7.59
N SER S 203 -1.37 -74.24 7.46
CA SER S 203 -2.42 -73.88 8.41
C SER S 203 -3.75 -74.53 8.09
N LEU S 204 -3.87 -75.25 6.97
CA LEU S 204 -5.14 -75.84 6.60
C LEU S 204 -5.54 -76.96 7.53
N GLY S 205 -4.57 -77.68 8.10
CA GLY S 205 -4.88 -78.78 9.00
C GLY S 205 -5.23 -78.36 10.41
N THR S 206 -4.89 -77.13 10.79
CA THR S 206 -5.13 -76.64 12.15
C THR S 206 -6.15 -75.53 12.24
N GLN S 207 -6.14 -74.58 11.31
CA GLN S 207 -7.01 -73.42 11.40
C GLN S 207 -8.32 -73.65 10.66
N THR S 208 -9.42 -73.22 11.29
CA THR S 208 -10.73 -73.28 10.67
C THR S 208 -11.05 -71.96 10.01
N TYR S 209 -11.62 -72.03 8.80
CA TYR S 209 -11.90 -70.84 7.99
C TYR S 209 -13.37 -70.79 7.66
N ILE S 210 -14.06 -69.77 8.18
CA ILE S 210 -15.49 -69.60 8.01
C ILE S 210 -15.75 -68.20 7.48
N CYS S 211 -16.46 -68.10 6.35
CA CYS S 211 -16.82 -66.80 5.80
C CYS S 211 -18.21 -66.42 6.29
N ASN S 212 -18.34 -65.17 6.74
CA ASN S 212 -19.58 -64.66 7.33
C ASN S 212 -20.20 -63.67 6.34
N VAL S 213 -21.29 -64.07 5.70
CA VAL S 213 -21.99 -63.25 4.72
C VAL S 213 -23.31 -62.78 5.32
N ASN S 214 -23.61 -61.49 5.16
CA ASN S 214 -24.84 -60.90 5.65
C ASN S 214 -25.52 -60.14 4.52
N HIS S 215 -26.81 -60.41 4.31
CA HIS S 215 -27.61 -59.71 3.31
C HIS S 215 -28.76 -59.03 4.05
N LYS S 216 -28.54 -57.76 4.41
CA LYS S 216 -29.53 -57.03 5.18
C LYS S 216 -30.88 -56.89 4.47
N PRO S 217 -30.97 -56.59 3.16
CA PRO S 217 -32.29 -56.45 2.54
C PRO S 217 -33.20 -57.65 2.72
N SER S 218 -32.64 -58.84 2.89
CA SER S 218 -33.43 -60.04 3.11
C SER S 218 -33.29 -60.59 4.53
N ASN S 219 -32.56 -59.89 5.40
CA ASN S 219 -32.33 -60.32 6.78
C ASN S 219 -31.79 -61.75 6.83
N THR S 220 -30.79 -62.01 6.01
CA THR S 220 -30.18 -63.32 5.89
C THR S 220 -28.76 -63.29 6.43
N LYS S 221 -28.43 -64.24 7.31
CA LYS S 221 -27.09 -64.38 7.85
C LYS S 221 -26.69 -65.85 7.72
N VAL S 222 -25.72 -66.14 6.87
CA VAL S 222 -25.24 -67.51 6.65
C VAL S 222 -23.74 -67.55 6.92
N ASP S 223 -23.31 -68.63 7.57
CA ASP S 223 -21.90 -68.88 7.83
C ASP S 223 -21.52 -70.19 7.15
N LYS S 224 -20.36 -70.19 6.49
CA LYS S 224 -19.95 -71.33 5.67
C LYS S 224 -18.56 -71.80 6.09
N LYS S 225 -18.45 -73.10 6.38
CA LYS S 225 -17.17 -73.72 6.71
C LYS S 225 -16.51 -74.19 5.42
N VAL S 226 -15.34 -73.62 5.11
CA VAL S 226 -14.62 -73.94 3.88
C VAL S 226 -13.49 -74.91 4.25
N GLU S 227 -13.64 -76.16 3.86
CA GLU S 227 -12.72 -77.24 4.17
C GLU S 227 -12.23 -77.90 2.89
N PRO S 228 -10.98 -78.36 2.85
CA PRO S 228 -10.49 -79.02 1.63
C PRO S 228 -11.25 -80.30 1.33
N LYS S 229 -11.51 -80.54 0.05
CA LYS S 229 -12.25 -81.72 -0.37
C LYS S 229 -11.38 -82.97 -0.22
N SER S 230 -11.92 -83.99 0.43
CA SER S 230 -11.21 -85.23 0.70
C SER S 230 -11.77 -86.35 -0.17
N CYS S 231 -10.88 -87.02 -0.89
CA CYS S 231 -11.25 -88.12 -1.78
C CYS S 231 -10.48 -89.39 -1.43
N ASP T 1 -25.02 -28.87 -25.27
CA ASP T 1 -24.22 -29.21 -24.08
C ASP T 1 -22.75 -28.96 -24.32
N ILE T 2 -22.06 -28.48 -23.28
CA ILE T 2 -20.63 -28.21 -23.35
C ILE T 2 -19.87 -29.45 -22.94
N GLN T 3 -18.86 -29.81 -23.73
CA GLN T 3 -18.11 -31.04 -23.54
C GLN T 3 -16.87 -30.77 -22.69
N MET T 4 -16.63 -31.66 -21.73
CA MET T 4 -15.49 -31.55 -20.81
C MET T 4 -14.56 -32.72 -21.03
N THR T 5 -13.31 -32.43 -21.36
CA THR T 5 -12.30 -33.44 -21.62
C THR T 5 -11.18 -33.31 -20.60
N GLN T 6 -10.95 -34.37 -19.83
CA GLN T 6 -9.87 -34.44 -18.88
C GLN T 6 -8.79 -35.34 -19.41
N SER T 7 -7.54 -35.03 -19.11
CA SER T 7 -6.43 -35.93 -19.34
C SER T 7 -5.52 -35.81 -18.13
N PRO T 8 -4.66 -36.87 -17.75
CA PRO T 8 -4.66 -38.05 -18.64
C PRO T 8 -5.90 -38.90 -18.81
N VAL T 9 -6.65 -39.14 -17.74
CA VAL T 9 -7.74 -40.14 -17.63
C VAL T 9 -7.27 -41.29 -16.76
N SER T 10 -6.03 -41.67 -16.90
CA SER T 10 -5.40 -42.57 -15.96
C SER T 10 -3.99 -42.13 -15.62
N LEU T 11 -3.66 -42.13 -14.34
CA LEU T 11 -2.33 -41.69 -13.97
C LEU T 11 -1.82 -42.50 -12.79
N SER T 12 -0.60 -43.01 -12.89
CA SER T 12 0.06 -43.73 -11.82
C SER T 12 1.28 -42.93 -11.38
N ALA T 13 1.36 -42.59 -10.10
CA ALA T 13 2.45 -41.79 -9.57
C ALA T 13 2.82 -42.29 -8.19
N SER T 14 3.84 -41.68 -7.61
CA SER T 14 4.34 -42.02 -6.28
C SER T 14 4.07 -40.90 -5.30
N VAL T 15 4.01 -41.26 -4.02
CA VAL T 15 3.90 -40.25 -2.98
C VAL T 15 5.12 -39.35 -3.03
N GLY T 16 4.90 -38.04 -2.94
CA GLY T 16 5.95 -37.08 -3.10
C GLY T 16 6.10 -36.52 -4.51
N ASP T 17 5.31 -37.02 -5.46
CA ASP T 17 5.37 -36.55 -6.84
C ASP T 17 4.53 -35.29 -7.02
N ARG T 18 4.91 -34.50 -8.03
CA ARG T 18 4.13 -33.36 -8.47
C ARG T 18 3.38 -33.75 -9.73
N VAL T 19 2.04 -33.67 -9.68
CA VAL T 19 1.21 -34.09 -10.79
C VAL T 19 0.30 -32.94 -11.20
N THR T 20 -0.14 -32.98 -12.46
CA THR T 20 -0.99 -31.94 -13.02
C THR T 20 -2.06 -32.59 -13.88
N ILE T 21 -3.33 -32.36 -13.54
CA ILE T 21 -4.46 -32.81 -14.35
C ILE T 21 -4.88 -31.66 -15.25
N THR T 22 -5.44 -31.99 -16.41
CA THR T 22 -5.88 -31.01 -17.39
C THR T 22 -7.35 -31.22 -17.71
N CYS T 23 -8.09 -30.11 -17.84
CA CYS T 23 -9.51 -30.13 -18.21
C CYS T 23 -9.73 -29.13 -19.33
N ARG T 24 -10.37 -29.58 -20.41
CA ARG T 24 -10.61 -28.73 -21.58
C ARG T 24 -12.10 -28.61 -21.84
N ALA T 25 -12.54 -27.40 -22.16
CA ALA T 25 -13.93 -27.11 -22.47
C ALA T 25 -14.11 -26.90 -23.97
N SER T 26 -15.26 -27.33 -24.49
CA SER T 26 -15.55 -27.14 -25.91
C SER T 26 -15.91 -25.70 -26.23
N GLN T 27 -16.40 -24.94 -25.26
CA GLN T 27 -16.65 -23.51 -25.40
C GLN T 27 -16.03 -22.79 -24.23
N SER T 28 -15.93 -21.47 -24.31
CA SER T 28 -15.39 -20.74 -23.18
C SER T 28 -16.40 -20.79 -22.05
N ILE T 29 -15.94 -21.11 -20.86
CA ILE T 29 -16.84 -21.15 -19.72
C ILE T 29 -16.51 -20.10 -18.71
N GLY T 30 -15.67 -19.16 -19.11
CA GLY T 30 -15.13 -18.18 -18.20
C GLY T 30 -14.31 -18.88 -17.15
N LYS T 31 -14.54 -18.56 -15.90
CA LYS T 31 -13.81 -19.23 -14.84
C LYS T 31 -14.68 -20.15 -14.02
N PHE T 32 -15.84 -20.50 -14.54
CA PHE T 32 -16.78 -21.36 -13.87
C PHE T 32 -16.46 -22.83 -14.07
N LEU T 33 -15.35 -23.28 -13.53
CA LEU T 33 -14.92 -24.67 -13.65
C LEU T 33 -14.50 -25.23 -12.30
N ASN T 34 -15.27 -26.16 -11.76
CA ASN T 34 -15.05 -26.67 -10.42
C ASN T 34 -14.41 -28.05 -10.47
N TRP T 35 -13.61 -28.36 -9.45
CA TRP T 35 -12.90 -29.62 -9.34
C TRP T 35 -13.40 -30.39 -8.11
N TYR T 36 -13.72 -31.66 -8.32
CA TYR T 36 -14.20 -32.52 -7.24
C TYR T 36 -13.29 -33.74 -7.10
N GLN T 37 -13.04 -34.12 -5.86
CA GLN T 37 -12.32 -35.36 -5.55
C GLN T 37 -13.32 -36.38 -5.03
N GLN T 38 -13.18 -37.62 -5.49
CA GLN T 38 -14.03 -38.71 -5.04
C GLN T 38 -13.17 -39.92 -4.72
N LYS T 39 -13.11 -40.23 -3.43
CA LYS T 39 -12.46 -41.41 -2.91
C LYS T 39 -13.42 -42.55 -3.03
N PRO T 40 -12.84 -43.81 -3.19
CA PRO T 40 -13.84 -44.86 -3.46
C PRO T 40 -14.82 -45.05 -2.30
N GLY T 41 -16.08 -45.24 -2.65
CA GLY T 41 -17.13 -45.45 -1.68
C GLY T 41 -17.65 -44.21 -1.01
N ARG T 42 -17.15 -43.06 -1.43
CA ARG T 42 -17.49 -41.81 -0.76
C ARG T 42 -18.12 -40.84 -1.74
N ALA T 43 -19.05 -40.03 -1.27
CA ALA T 43 -19.59 -38.96 -2.09
C ALA T 43 -18.45 -38.05 -2.55
N PRO T 44 -18.60 -37.41 -3.72
CA PRO T 44 -17.61 -36.43 -4.15
C PRO T 44 -17.53 -35.26 -3.19
N LYS T 45 -16.41 -34.55 -3.24
CA LYS T 45 -16.17 -33.41 -2.37
C LYS T 45 -15.55 -32.28 -3.19
N LEU T 46 -16.01 -31.05 -2.94
CA LEU T 46 -15.48 -29.90 -3.64
C LEU T 46 -14.04 -29.63 -3.22
N LEU T 47 -13.18 -29.41 -4.20
CA LEU T 47 -11.75 -29.18 -3.98
C LEU T 47 -11.33 -27.78 -4.40
N ILE T 48 -11.63 -27.40 -5.64
CA ILE T 48 -11.35 -26.08 -6.17
C ILE T 48 -12.63 -25.53 -6.77
N TYR T 49 -13.00 -24.32 -6.42
CA TYR T 49 -14.13 -23.69 -7.04
C TYR T 49 -13.69 -22.44 -7.80
N TYR T 50 -14.40 -22.13 -8.88
CA TYR T 50 -14.07 -20.97 -9.71
C TYR T 50 -12.65 -20.98 -10.21
N ALA T 51 -12.24 -22.11 -10.74
CA ALA T 51 -10.96 -22.22 -11.38
C ALA T 51 -9.76 -22.25 -10.45
N SER T 52 -9.62 -21.26 -9.60
CA SER T 52 -8.47 -21.22 -8.71
C SER T 52 -8.68 -21.18 -7.21
N ASN T 53 -9.90 -21.25 -6.73
CA ASN T 53 -10.15 -21.06 -5.31
C ASN T 53 -10.23 -22.32 -4.49
N LEU T 54 -9.43 -22.40 -3.44
CA LEU T 54 -9.42 -23.56 -2.59
C LEU T 54 -10.57 -23.48 -1.59
N GLU T 55 -11.37 -24.54 -1.51
CA GLU T 55 -12.44 -24.59 -0.53
C GLU T 55 -11.85 -24.57 0.87
N THR T 56 -12.39 -23.69 1.73
CA THR T 56 -11.84 -23.48 3.06
C THR T 56 -11.69 -24.80 3.80
N GLY T 57 -10.47 -25.05 4.31
CA GLY T 57 -10.11 -26.31 4.91
C GLY T 57 -9.38 -27.25 3.99
N GLY T 58 -9.33 -26.96 2.69
CA GLY T 58 -8.65 -27.80 1.74
C GLY T 58 -7.15 -27.73 1.86
N PRO T 59 -6.46 -28.81 1.50
CA PRO T 59 -5.00 -28.85 1.62
C PRO T 59 -4.33 -27.89 0.65
N SER T 60 -3.31 -27.18 1.15
CA SER T 60 -2.62 -26.19 0.33
C SER T 60 -1.88 -26.80 -0.84
N ARG T 61 -1.58 -28.11 -0.79
CA ARG T 61 -0.87 -28.74 -1.88
C ARG T 61 -1.67 -28.72 -3.18
N PHE T 62 -2.98 -28.52 -3.12
CA PHE T 62 -3.82 -28.43 -4.30
C PHE T 62 -3.91 -26.99 -4.78
N SER T 63 -3.86 -26.80 -6.09
CA SER T 63 -4.04 -25.49 -6.68
C SER T 63 -4.61 -25.64 -8.08
N GLY T 64 -5.31 -24.62 -8.54
CA GLY T 64 -5.97 -24.65 -9.83
C GLY T 64 -5.65 -23.42 -10.65
N ARG T 65 -5.67 -23.60 -11.97
CA ARG T 65 -5.38 -22.51 -12.90
C ARG T 65 -6.24 -22.68 -14.15
N GLY T 66 -6.41 -21.58 -14.87
CA GLY T 66 -7.02 -21.59 -16.17
C GLY T 66 -8.20 -20.66 -16.28
N SER T 67 -8.63 -20.45 -17.51
CA SER T 67 -9.82 -19.68 -17.83
C SER T 67 -10.24 -20.02 -19.23
N GLU T 68 -11.44 -19.63 -19.64
CA GLU T 68 -11.88 -19.89 -21.00
C GLU T 68 -12.01 -21.36 -21.33
N THR T 69 -11.11 -21.90 -22.13
CA THR T 69 -11.19 -23.32 -22.45
C THR T 69 -10.17 -24.28 -21.84
N GLU T 70 -9.13 -23.77 -21.22
CA GLU T 70 -8.08 -24.63 -20.71
C GLU T 70 -7.94 -24.43 -19.21
N PHE T 71 -7.95 -25.52 -18.47
CA PHE T 71 -7.85 -25.47 -17.01
C PHE T 71 -6.93 -26.58 -16.53
N SER T 72 -6.37 -26.40 -15.33
CA SER T 72 -5.47 -27.40 -14.78
C SER T 72 -5.63 -27.48 -13.27
N LEU T 73 -5.35 -28.67 -12.73
CA LEU T 73 -5.28 -28.92 -11.29
C LEU T 73 -3.93 -29.56 -10.99
N THR T 74 -3.20 -29.00 -10.04
CA THR T 74 -1.86 -29.47 -9.70
C THR T 74 -1.79 -29.85 -8.23
N ILE T 75 -1.20 -30.99 -7.93
CA ILE T 75 -0.93 -31.32 -6.54
C ILE T 75 0.57 -31.25 -6.35
N SER T 76 1.03 -30.34 -5.52
CA SER T 76 2.46 -30.11 -5.41
C SER T 76 3.26 -31.27 -4.83
N SER T 77 2.76 -31.90 -3.78
CA SER T 77 3.38 -33.12 -3.31
C SER T 77 2.34 -34.18 -3.06
N LEU T 78 2.41 -35.28 -3.77
CA LEU T 78 1.42 -36.32 -3.61
C LEU T 78 1.48 -36.93 -2.21
N GLN T 79 0.32 -37.18 -1.63
CA GLN T 79 0.22 -37.78 -0.31
C GLN T 79 -0.73 -38.95 -0.37
N PRO T 80 -0.59 -39.91 0.53
CA PRO T 80 -1.42 -41.12 0.46
C PRO T 80 -2.92 -40.85 0.39
N GLU T 81 -3.36 -39.77 0.99
CA GLU T 81 -4.76 -39.42 0.93
C GLU T 81 -5.22 -39.12 -0.50
N ASP T 82 -4.30 -38.63 -1.32
CA ASP T 82 -4.63 -38.00 -2.59
C ASP T 82 -4.96 -38.98 -3.71
N PHE T 83 -4.77 -40.28 -3.48
CA PHE T 83 -5.02 -41.27 -4.52
C PHE T 83 -6.53 -41.51 -4.59
N ALA T 84 -7.15 -40.93 -5.61
CA ALA T 84 -8.59 -41.03 -5.81
C ALA T 84 -8.90 -40.61 -7.26
N THR T 85 -10.15 -40.28 -7.51
CA THR T 85 -10.59 -39.83 -8.83
C THR T 85 -10.99 -38.37 -8.76
N TYR T 86 -10.56 -37.60 -9.74
CA TYR T 86 -10.80 -36.16 -9.78
C TYR T 86 -11.67 -35.80 -10.98
N TYR T 87 -12.72 -35.02 -10.74
CA TYR T 87 -13.68 -34.62 -11.76
C TYR T 87 -13.67 -33.10 -11.90
N CYS T 88 -13.63 -32.62 -13.14
CA CYS T 88 -13.86 -31.21 -13.42
C CYS T 88 -15.29 -31.03 -13.93
N GLN T 89 -15.87 -29.88 -13.59
CA GLN T 89 -17.29 -29.64 -13.87
C GLN T 89 -17.50 -28.15 -14.12
N GLN T 90 -18.35 -27.83 -15.08
CA GLN T 90 -18.60 -26.43 -15.41
C GLN T 90 -19.98 -25.98 -15.02
N SER T 91 -20.06 -24.79 -14.44
CA SER T 91 -21.31 -24.21 -13.97
C SER T 91 -21.69 -22.97 -14.76
N ASN T 92 -21.08 -22.76 -15.91
CA ASN T 92 -21.40 -21.61 -16.75
C ASN T 92 -22.79 -21.62 -17.38
N ASN T 93 -23.18 -22.76 -17.91
CA ASN T 93 -24.46 -22.93 -18.55
C ASN T 93 -25.13 -24.21 -18.12
N VAL T 94 -26.44 -24.17 -17.91
CA VAL T 94 -27.18 -25.39 -17.81
C VAL T 94 -27.23 -25.91 -19.25
N PRO T 95 -27.04 -27.27 -19.55
CA PRO T 95 -26.92 -28.16 -18.40
C PRO T 95 -25.49 -28.26 -17.90
N HIS T 96 -25.32 -28.39 -16.60
CA HIS T 96 -24.01 -28.60 -16.03
C HIS T 96 -23.47 -29.93 -16.49
N THR T 97 -22.19 -29.96 -16.84
CA THR T 97 -21.57 -31.17 -17.37
C THR T 97 -20.25 -31.44 -16.66
N PHE T 98 -19.90 -32.71 -16.58
CA PHE T 98 -18.68 -33.18 -15.93
C PHE T 98 -17.70 -33.73 -16.95
N GLY T 99 -16.43 -33.75 -16.56
CA GLY T 99 -15.48 -34.55 -17.28
C GLY T 99 -15.60 -36.02 -16.92
N GLN T 100 -14.99 -36.87 -17.74
CA GLN T 100 -15.08 -38.29 -17.46
C GLN T 100 -14.23 -38.72 -16.27
N GLY T 101 -13.32 -37.86 -15.83
CA GLY T 101 -12.58 -38.12 -14.62
C GLY T 101 -11.17 -38.62 -14.88
N THR T 102 -10.26 -38.31 -13.97
CA THR T 102 -8.91 -38.81 -14.00
C THR T 102 -8.67 -39.61 -12.72
N LYS T 103 -8.40 -40.90 -12.88
CA LYS T 103 -8.13 -41.77 -11.73
C LYS T 103 -6.64 -41.79 -11.46
N LEU T 104 -6.27 -41.47 -10.23
CA LEU T 104 -4.88 -41.35 -9.82
C LEU T 104 -4.53 -42.54 -8.94
N GLU T 105 -3.60 -43.37 -9.40
CA GLU T 105 -3.25 -44.62 -8.74
C GLU T 105 -1.76 -44.67 -8.39
N ILE T 106 -1.40 -45.66 -7.60
CA ILE T 106 -0.07 -45.77 -7.05
C ILE T 106 0.73 -46.65 -7.96
N LYS T 107 1.86 -46.17 -8.42
CA LYS T 107 2.70 -46.99 -9.27
C LYS T 107 3.50 -48.01 -8.46
N ARG T 108 3.98 -49.02 -9.13
CA ARG T 108 4.74 -50.05 -8.49
C ARG T 108 5.44 -50.85 -9.57
N THR T 109 6.16 -51.87 -9.18
CA THR T 109 6.78 -52.76 -10.14
C THR T 109 5.76 -53.80 -10.61
N VAL T 110 6.01 -54.32 -11.80
CA VAL T 110 5.22 -55.38 -12.42
C VAL T 110 5.26 -56.64 -11.57
N ALA T 111 4.12 -57.30 -11.43
CA ALA T 111 3.99 -58.54 -10.68
C ALA T 111 3.12 -59.51 -11.43
N ALA T 112 3.57 -60.76 -11.54
CA ALA T 112 2.82 -61.79 -12.23
C ALA T 112 1.74 -62.37 -11.30
N PRO T 113 0.57 -62.70 -11.83
CA PRO T 113 -0.51 -63.22 -10.99
C PRO T 113 -0.27 -64.66 -10.57
N SER T 114 -0.81 -64.98 -9.39
CA SER T 114 -0.87 -66.36 -8.91
C SER T 114 -2.26 -66.91 -9.23
N VAL T 115 -2.32 -67.93 -10.06
CA VAL T 115 -3.57 -68.39 -10.64
C VAL T 115 -4.07 -69.62 -9.89
N PHE T 116 -5.37 -69.66 -9.65
CA PHE T 116 -6.01 -70.78 -8.97
C PHE T 116 -7.36 -71.05 -9.62
N ILE T 117 -7.68 -72.33 -9.80
CA ILE T 117 -8.94 -72.74 -10.42
C ILE T 117 -9.73 -73.54 -9.39
N PHE T 118 -11.04 -73.29 -9.35
CA PHE T 118 -11.92 -73.91 -8.35
C PHE T 118 -13.06 -74.64 -9.05
N PRO T 119 -13.21 -75.95 -8.85
CA PRO T 119 -14.35 -76.67 -9.42
C PRO T 119 -15.63 -76.32 -8.68
N PRO T 120 -16.79 -76.59 -9.28
CA PRO T 120 -18.05 -76.31 -8.59
C PRO T 120 -18.24 -77.23 -7.39
N SER T 121 -18.89 -76.69 -6.36
CA SER T 121 -19.12 -77.45 -5.14
C SER T 121 -20.18 -78.53 -5.37
N ASP T 122 -20.13 -79.57 -4.54
CA ASP T 122 -21.14 -80.62 -4.62
C ASP T 122 -22.51 -80.09 -4.25
N GLU T 123 -22.57 -79.10 -3.35
CA GLU T 123 -23.84 -78.53 -2.94
C GLU T 123 -24.50 -77.77 -4.09
N GLN T 124 -23.71 -77.02 -4.87
CA GLN T 124 -24.27 -76.20 -5.94
C GLN T 124 -24.77 -77.06 -7.09
N LEU T 125 -24.00 -78.08 -7.47
CA LEU T 125 -24.40 -78.93 -8.58
C LEU T 125 -25.75 -79.61 -8.31
N LYS T 126 -25.94 -80.06 -7.07
CA LYS T 126 -27.21 -80.70 -6.70
C LYS T 126 -28.39 -79.75 -6.86
N SER T 127 -28.14 -78.43 -6.91
CA SER T 127 -29.21 -77.47 -7.16
C SER T 127 -29.51 -77.31 -8.64
N GLY T 128 -28.55 -77.58 -9.52
CA GLY T 128 -28.84 -77.55 -10.95
C GLY T 128 -27.84 -76.81 -11.80
N THR T 129 -27.03 -75.94 -11.20
CA THR T 129 -26.08 -75.12 -11.93
C THR T 129 -24.66 -75.41 -11.47
N ALA T 130 -23.70 -74.98 -12.28
CA ALA T 130 -22.28 -75.22 -12.03
C ALA T 130 -21.51 -73.93 -12.28
N SER T 131 -20.78 -73.47 -11.26
CA SER T 131 -19.94 -72.28 -11.36
C SER T 131 -18.51 -72.67 -11.08
N VAL T 132 -17.65 -72.54 -12.09
CA VAL T 132 -16.21 -72.77 -11.95
C VAL T 132 -15.53 -71.41 -11.91
N VAL T 133 -14.70 -71.20 -10.88
CA VAL T 133 -14.10 -69.90 -10.60
C VAL T 133 -12.61 -69.96 -10.89
N CYS T 134 -12.12 -68.92 -11.56
CA CYS T 134 -10.70 -68.76 -11.82
C CYS T 134 -10.23 -67.50 -11.11
N LEU T 135 -9.17 -67.63 -10.33
CA LEU T 135 -8.65 -66.54 -9.53
C LEU T 135 -7.28 -66.11 -10.02
N LEU T 136 -7.11 -64.81 -10.26
CA LEU T 136 -5.81 -64.20 -10.54
C LEU T 136 -5.48 -63.29 -9.36
N ASN T 137 -4.46 -63.65 -8.59
CA ASN T 137 -4.20 -63.03 -7.31
C ASN T 137 -2.93 -62.18 -7.36
N ASN T 138 -3.04 -60.93 -6.89
CA ASN T 138 -1.91 -60.05 -6.64
C ASN T 138 -1.02 -59.90 -7.87
N PHE T 139 -1.52 -59.11 -8.82
CA PHE T 139 -0.78 -58.82 -10.04
C PHE T 139 -0.83 -57.32 -10.33
N TYR T 140 0.12 -56.88 -11.16
CA TYR T 140 0.22 -55.49 -11.58
C TYR T 140 0.89 -55.44 -12.95
N PRO T 141 0.35 -54.62 -13.87
CA PRO T 141 -0.81 -53.74 -13.69
C PRO T 141 -2.16 -54.42 -13.96
N ARG T 142 -3.18 -53.58 -14.19
CA ARG T 142 -4.56 -54.06 -14.23
C ARG T 142 -4.86 -54.91 -15.46
N GLU T 143 -4.12 -54.71 -16.54
CA GLU T 143 -4.43 -55.36 -17.82
C GLU T 143 -4.12 -56.84 -17.74
N ALA T 144 -5.15 -57.68 -17.96
CA ALA T 144 -4.98 -59.13 -17.92
C ALA T 144 -6.08 -59.78 -18.74
N LYS T 145 -5.71 -60.81 -19.49
CA LYS T 145 -6.64 -61.55 -20.33
C LYS T 145 -6.82 -62.96 -19.78
N VAL T 146 -8.07 -63.40 -19.66
CA VAL T 146 -8.41 -64.72 -19.15
C VAL T 146 -9.24 -65.44 -20.20
N GLN T 147 -8.86 -66.68 -20.51
CA GLN T 147 -9.55 -67.46 -21.52
C GLN T 147 -9.96 -68.80 -20.94
N TRP T 148 -11.22 -69.18 -21.15
CA TRP T 148 -11.74 -70.47 -20.71
C TRP T 148 -11.71 -71.45 -21.88
N LYS T 149 -11.39 -72.71 -21.57
CA LYS T 149 -11.34 -73.77 -22.57
C LYS T 149 -12.02 -75.02 -22.03
N VAL T 150 -12.99 -75.54 -22.78
CA VAL T 150 -13.69 -76.77 -22.42
C VAL T 150 -13.27 -77.86 -23.39
N ASP T 151 -12.61 -78.89 -22.87
CA ASP T 151 -12.02 -79.94 -23.72
C ASP T 151 -11.21 -79.32 -24.86
N ASN T 152 -10.44 -78.29 -24.54
CA ASN T 152 -9.64 -77.49 -25.46
C ASN T 152 -10.47 -76.61 -26.39
N ALA T 153 -11.78 -76.48 -26.17
CA ALA T 153 -12.63 -75.61 -26.96
C ALA T 153 -12.81 -74.28 -26.25
N LEU T 154 -12.49 -73.19 -26.96
CA LEU T 154 -12.53 -71.86 -26.36
C LEU T 154 -13.97 -71.43 -26.10
N GLN T 155 -14.18 -70.73 -25.00
CA GLN T 155 -15.51 -70.31 -24.57
C GLN T 155 -15.74 -68.82 -24.84
N SER T 156 -17.01 -68.45 -24.92
CA SER T 156 -17.39 -67.06 -25.18
C SER T 156 -18.79 -66.82 -24.66
N GLY T 157 -18.96 -65.75 -23.88
CA GLY T 157 -20.27 -65.29 -23.47
C GLY T 157 -20.87 -65.97 -22.26
N ASN T 158 -20.16 -66.91 -21.63
CA ASN T 158 -20.68 -67.62 -20.47
C ASN T 158 -19.82 -67.41 -19.23
N SER T 159 -19.04 -66.34 -19.20
CA SER T 159 -18.20 -66.03 -18.05
C SER T 159 -18.23 -64.53 -17.79
N GLN T 160 -18.05 -64.16 -16.52
CA GLN T 160 -17.99 -62.75 -16.13
C GLN T 160 -16.74 -62.52 -15.30
N GLU T 161 -16.17 -61.33 -15.45
CA GLU T 161 -14.96 -60.95 -14.74
C GLU T 161 -15.26 -59.86 -13.72
N SER T 162 -14.46 -59.83 -12.66
CA SER T 162 -14.59 -58.80 -11.63
C SER T 162 -13.20 -58.51 -11.09
N VAL T 163 -12.89 -57.22 -10.95
CA VAL T 163 -11.55 -56.77 -10.56
C VAL T 163 -11.67 -55.93 -9.30
N THR T 164 -10.74 -56.15 -8.37
CA THR T 164 -10.68 -55.33 -7.16
C THR T 164 -9.94 -54.02 -7.43
N GLU T 165 -10.13 -53.07 -6.53
CA GLU T 165 -9.31 -51.88 -6.55
C GLU T 165 -7.90 -52.21 -6.07
N GLN T 166 -7.01 -51.22 -6.18
CA GLN T 166 -5.64 -51.42 -5.73
C GLN T 166 -5.61 -51.76 -4.25
N ASP T 167 -4.83 -52.80 -3.91
CA ASP T 167 -4.74 -53.23 -2.53
C ASP T 167 -4.06 -52.17 -1.68
N SER T 168 -4.50 -52.07 -0.42
CA SER T 168 -3.96 -51.04 0.47
C SER T 168 -2.50 -51.29 0.82
N LYS T 169 -2.07 -52.55 0.82
CA LYS T 169 -0.71 -52.90 1.23
C LYS T 169 0.24 -52.87 0.03
N ASP T 170 0.08 -53.81 -0.91
CA ASP T 170 1.04 -53.99 -2.00
C ASP T 170 0.61 -53.32 -3.30
N SER T 171 -0.56 -52.68 -3.34
CA SER T 171 -1.02 -51.93 -4.51
C SER T 171 -1.10 -52.82 -5.75
N THR T 172 -1.54 -54.05 -5.58
CA THR T 172 -1.76 -54.96 -6.68
C THR T 172 -3.26 -55.14 -6.90
N TYR T 173 -3.60 -55.90 -7.95
CA TYR T 173 -4.98 -56.17 -8.28
C TYR T 173 -5.27 -57.67 -8.17
N SER T 174 -6.55 -57.99 -8.06
CA SER T 174 -7.01 -59.37 -8.10
C SER T 174 -8.24 -59.45 -8.98
N LEU T 175 -8.38 -60.56 -9.69
CA LEU T 175 -9.42 -60.72 -10.70
C LEU T 175 -10.12 -62.05 -10.50
N SER T 176 -11.44 -62.07 -10.73
CA SER T 176 -12.24 -63.28 -10.63
C SER T 176 -13.01 -63.47 -11.91
N SER T 177 -12.83 -64.63 -12.54
CA SER T 177 -13.59 -65.02 -13.71
C SER T 177 -14.44 -66.24 -13.37
N THR T 178 -15.74 -66.14 -13.60
CA THR T 178 -16.69 -67.18 -13.22
C THR T 178 -17.41 -67.68 -14.46
N LEU T 179 -17.04 -68.86 -14.92
CA LEU T 179 -17.73 -69.52 -16.03
C LEU T 179 -18.95 -70.26 -15.47
N THR T 180 -20.13 -69.93 -15.99
CA THR T 180 -21.38 -70.48 -15.49
C THR T 180 -22.00 -71.40 -16.53
N LEU T 181 -22.32 -72.63 -16.11
CA LEU T 181 -22.94 -73.63 -16.97
C LEU T 181 -24.04 -74.33 -16.19
N SER T 182 -24.94 -74.98 -16.94
CA SER T 182 -25.87 -75.88 -16.30
C SER T 182 -25.17 -77.19 -15.94
N LYS T 183 -25.72 -77.90 -14.95
CA LYS T 183 -25.14 -79.17 -14.54
C LYS T 183 -25.14 -80.17 -15.69
N ALA T 184 -26.21 -80.18 -16.49
CA ALA T 184 -26.25 -81.05 -17.66
C ALA T 184 -25.15 -80.69 -18.64
N ASP T 185 -24.93 -79.39 -18.87
CA ASP T 185 -23.83 -78.97 -19.73
C ASP T 185 -22.48 -79.29 -19.09
N TYR T 186 -22.40 -79.18 -17.76
CA TYR T 186 -21.14 -79.39 -17.06
C TYR T 186 -20.69 -80.84 -17.11
N GLU T 187 -21.62 -81.77 -16.93
CA GLU T 187 -21.26 -83.19 -16.86
C GLU T 187 -20.83 -83.75 -18.21
N LYS T 188 -21.10 -83.04 -19.31
CA LYS T 188 -20.77 -83.57 -20.63
C LYS T 188 -19.27 -83.54 -20.93
N HIS T 189 -18.50 -82.76 -20.18
CA HIS T 189 -17.08 -82.56 -20.48
C HIS T 189 -16.25 -82.82 -19.24
N LYS T 190 -14.95 -83.08 -19.46
CA LYS T 190 -14.05 -83.45 -18.38
C LYS T 190 -13.09 -82.34 -18.00
N VAL T 191 -12.19 -81.94 -18.89
CA VAL T 191 -11.12 -81.01 -18.54
C VAL T 191 -11.63 -79.58 -18.66
N TYR T 192 -11.50 -78.82 -17.58
CA TYR T 192 -11.83 -77.41 -17.54
C TYR T 192 -10.56 -76.64 -17.24
N ALA T 193 -10.14 -75.78 -18.16
CA ALA T 193 -8.88 -75.07 -18.05
C ALA T 193 -9.11 -73.57 -18.15
N CYS T 194 -8.20 -72.82 -17.52
CA CYS T 194 -8.20 -71.36 -17.61
C CYS T 194 -6.80 -70.90 -18.00
N GLU T 195 -6.70 -70.18 -19.11
CA GLU T 195 -5.43 -69.67 -19.61
C GLU T 195 -5.39 -68.16 -19.40
N VAL T 196 -4.31 -67.68 -18.81
CA VAL T 196 -4.15 -66.27 -18.47
C VAL T 196 -2.87 -65.74 -19.08
N THR T 197 -2.96 -64.58 -19.72
CA THR T 197 -1.81 -63.89 -20.28
C THR T 197 -1.65 -62.56 -19.56
N HIS T 198 -0.44 -62.29 -19.08
CA HIS T 198 -0.19 -61.06 -18.32
C HIS T 198 1.21 -60.56 -18.63
N GLN T 199 1.40 -59.26 -18.46
CA GLN T 199 2.68 -58.62 -18.76
C GLN T 199 3.81 -59.25 -17.96
N GLY T 200 3.53 -59.71 -16.75
CA GLY T 200 4.54 -60.38 -15.95
C GLY T 200 4.86 -61.80 -16.37
N LEU T 201 4.12 -62.34 -17.34
CA LEU T 201 4.34 -63.69 -17.85
C LEU T 201 4.73 -63.59 -19.31
N SER T 202 5.91 -64.13 -19.64
CA SER T 202 6.32 -64.14 -21.05
C SER T 202 5.42 -65.04 -21.87
N SER T 203 5.01 -66.17 -21.31
CA SER T 203 4.13 -67.12 -21.97
C SER T 203 2.95 -67.44 -21.07
N PRO T 204 1.79 -67.75 -21.66
CA PRO T 204 0.59 -67.98 -20.84
C PRO T 204 0.74 -69.21 -19.95
N VAL T 205 0.21 -69.11 -18.74
CA VAL T 205 0.16 -70.23 -17.80
C VAL T 205 -1.27 -70.72 -17.71
N THR T 206 -1.44 -72.04 -17.63
CA THR T 206 -2.76 -72.66 -17.62
C THR T 206 -2.95 -73.46 -16.34
N LYS T 207 -4.13 -73.32 -15.74
CA LYS T 207 -4.54 -74.11 -14.59
C LYS T 207 -5.82 -74.86 -14.93
N SER T 208 -5.82 -76.17 -14.73
CA SER T 208 -6.94 -76.99 -15.16
C SER T 208 -7.25 -78.04 -14.10
N PHE T 209 -8.43 -78.65 -14.24
CA PHE T 209 -8.84 -79.78 -13.40
C PHE T 209 -9.72 -80.69 -14.22
N ASN T 210 -9.83 -81.94 -13.76
CA ASN T 210 -10.68 -82.94 -14.39
C ASN T 210 -11.93 -83.16 -13.57
N ARG T 211 -13.08 -83.19 -14.23
CA ARG T 211 -14.35 -83.31 -13.53
C ARG T 211 -14.44 -84.63 -12.79
N GLY T 212 -14.85 -84.58 -11.52
CA GLY T 212 -14.89 -85.77 -10.71
C GLY T 212 -13.53 -86.31 -10.35
N GLU T 213 -12.52 -85.45 -10.24
CA GLU T 213 -11.15 -85.89 -9.98
C GLU T 213 -10.45 -84.84 -9.15
N CYS T 214 -9.98 -85.24 -7.97
CA CYS T 214 -9.37 -84.35 -6.99
C CYS T 214 -7.87 -84.64 -6.85
N GLN U 1 -42.44 -22.67 -65.81
CA GLN U 1 -41.40 -21.66 -65.83
C GLN U 1 -41.87 -20.36 -65.21
N VAL U 2 -40.94 -19.58 -64.65
CA VAL U 2 -41.28 -18.33 -63.98
C VAL U 2 -41.59 -17.28 -65.04
N GLN U 3 -42.72 -16.60 -64.88
CA GLN U 3 -43.23 -15.77 -65.97
C GLN U 3 -44.21 -14.74 -65.43
N LEU U 4 -44.31 -13.62 -66.15
CA LEU U 4 -45.29 -12.58 -65.88
C LEU U 4 -45.92 -12.16 -67.20
N VAL U 5 -47.24 -12.24 -67.29
CA VAL U 5 -47.98 -11.92 -68.52
C VAL U 5 -48.89 -10.73 -68.23
N GLN U 6 -48.75 -9.67 -69.02
CA GLN U 6 -49.49 -8.44 -68.82
C GLN U 6 -50.64 -8.32 -69.81
N SER U 7 -51.58 -7.42 -69.50
CA SER U 7 -52.76 -7.21 -70.32
C SER U 7 -52.42 -6.45 -71.59
N GLY U 8 -53.40 -6.33 -72.48
CA GLY U 8 -53.20 -5.74 -73.78
C GLY U 8 -53.04 -4.23 -73.74
N PRO U 9 -52.63 -3.64 -74.86
CA PRO U 9 -52.44 -2.19 -74.91
C PRO U 9 -53.76 -1.46 -74.79
N GLU U 10 -53.66 -0.19 -74.37
CA GLU U 10 -54.83 0.63 -74.11
C GLU U 10 -54.61 2.05 -74.61
N VAL U 11 -55.67 2.64 -75.15
CA VAL U 11 -55.66 4.04 -75.57
C VAL U 11 -56.72 4.78 -74.76
N LYS U 12 -56.31 5.84 -74.08
CA LYS U 12 -57.18 6.54 -73.14
C LYS U 12 -57.18 8.03 -73.44
N LYS U 13 -58.21 8.69 -72.95
CA LYS U 13 -58.29 10.13 -73.17
C LYS U 13 -57.77 10.90 -71.96
N PRO U 14 -57.28 12.11 -72.17
CA PRO U 14 -56.79 12.93 -71.04
C PRO U 14 -57.84 13.05 -69.95
N GLY U 15 -57.42 12.81 -68.72
CA GLY U 15 -58.30 12.87 -67.58
C GLY U 15 -58.91 11.55 -67.17
N ALA U 16 -58.85 10.53 -68.02
CA ALA U 16 -59.46 9.24 -67.71
C ALA U 16 -58.50 8.41 -66.86
N SER U 17 -58.86 7.14 -66.64
CA SER U 17 -58.05 6.23 -65.85
C SER U 17 -57.84 4.94 -66.61
N VAL U 18 -56.68 4.32 -66.39
CA VAL U 18 -56.33 3.04 -67.01
C VAL U 18 -55.92 2.08 -65.92
N LYS U 19 -56.25 0.81 -66.09
CA LYS U 19 -55.90 -0.25 -65.14
C LYS U 19 -55.20 -1.36 -65.89
N VAL U 20 -53.97 -1.66 -65.47
CA VAL U 20 -53.13 -2.67 -66.09
C VAL U 20 -52.98 -3.85 -65.13
N SER U 21 -53.09 -5.06 -65.67
CA SER U 21 -52.95 -6.29 -64.88
C SER U 21 -51.64 -6.99 -65.22
N CYS U 22 -51.31 -8.00 -64.39
CA CYS U 22 -50.01 -8.64 -64.44
C CYS U 22 -50.18 -10.03 -63.82
N LYS U 23 -50.34 -11.05 -64.67
CA LYS U 23 -50.63 -12.41 -64.23
C LYS U 23 -49.33 -13.19 -64.07
N ALA U 24 -49.12 -13.76 -62.89
CA ALA U 24 -47.91 -14.49 -62.57
C ALA U 24 -48.13 -15.99 -62.70
N SER U 25 -47.05 -16.72 -62.94
CA SER U 25 -47.09 -18.17 -63.03
C SER U 25 -45.68 -18.70 -62.82
N GLY U 26 -45.60 -19.95 -62.37
CA GLY U 26 -44.32 -20.60 -62.20
C GLY U 26 -43.67 -20.41 -60.86
N TYR U 27 -44.25 -19.60 -59.98
CA TYR U 27 -43.69 -19.38 -58.65
C TYR U 27 -44.82 -19.07 -57.69
N SER U 28 -44.50 -19.12 -56.39
CA SER U 28 -45.47 -18.82 -55.35
C SER U 28 -45.71 -17.31 -55.32
N PHE U 29 -46.89 -16.90 -55.80
CA PHE U 29 -47.17 -15.47 -55.97
C PHE U 29 -47.16 -14.72 -54.65
N SER U 30 -47.67 -15.34 -53.58
CA SER U 30 -47.83 -14.65 -52.31
C SER U 30 -46.53 -14.54 -51.52
N ARG U 31 -45.45 -15.15 -51.97
CA ARG U 31 -44.17 -15.05 -51.28
C ARG U 31 -43.24 -14.00 -51.88
N TYR U 32 -43.72 -13.21 -52.83
CA TYR U 32 -42.92 -12.17 -53.45
C TYR U 32 -43.76 -10.92 -53.58
N GLY U 33 -43.16 -9.87 -54.14
CA GLY U 33 -43.89 -8.66 -54.46
C GLY U 33 -43.78 -8.34 -55.93
N ILE U 34 -44.31 -7.20 -56.34
CA ILE U 34 -44.25 -6.79 -57.74
C ILE U 34 -44.06 -5.28 -57.80
N SER U 35 -43.05 -4.84 -58.56
CA SER U 35 -42.82 -3.43 -58.82
C SER U 35 -43.32 -3.07 -60.21
N TRP U 36 -43.63 -1.79 -60.39
CA TRP U 36 -44.11 -1.27 -61.67
C TRP U 36 -43.15 -0.18 -62.14
N VAL U 37 -42.61 -0.35 -63.35
CA VAL U 37 -41.74 0.63 -63.96
C VAL U 37 -42.25 0.90 -65.38
N ARG U 38 -42.24 2.17 -65.77
CA ARG U 38 -42.72 2.59 -67.08
C ARG U 38 -41.59 3.21 -67.87
N GLN U 39 -41.77 3.26 -69.19
CA GLN U 39 -40.76 3.81 -70.09
C GLN U 39 -41.44 4.62 -71.17
N ALA U 40 -41.23 5.93 -71.15
CA ALA U 40 -41.75 6.83 -72.17
C ALA U 40 -41.02 6.58 -73.49
N PRO U 41 -41.62 6.97 -74.61
CA PRO U 41 -40.97 6.76 -75.91
C PRO U 41 -39.60 7.43 -75.97
N GLY U 42 -38.57 6.59 -76.15
CA GLY U 42 -37.21 7.10 -76.25
C GLY U 42 -36.64 7.65 -74.97
N GLN U 43 -37.21 7.29 -73.83
CA GLN U 43 -36.75 7.78 -72.54
C GLN U 43 -36.28 6.60 -71.68
N GLY U 44 -35.78 6.92 -70.50
CA GLY U 44 -35.28 5.91 -69.58
C GLY U 44 -36.39 5.21 -68.83
N LEU U 45 -35.98 4.42 -67.85
CA LEU U 45 -36.90 3.66 -67.01
C LEU U 45 -37.23 4.45 -65.76
N GLU U 46 -38.47 4.31 -65.29
CA GLU U 46 -38.96 5.09 -64.15
C GLU U 46 -39.79 4.18 -63.26
N TRP U 47 -39.49 4.20 -61.96
CA TRP U 47 -40.16 3.33 -60.99
C TRP U 47 -41.38 4.03 -60.42
N LEU U 48 -42.52 3.35 -60.43
CA LEU U 48 -43.77 3.90 -59.92
C LEU U 48 -44.12 3.41 -58.54
N GLY U 49 -44.00 2.11 -58.28
CA GLY U 49 -44.42 1.58 -56.99
C GLY U 49 -44.12 0.11 -56.87
N TRP U 50 -44.38 -0.42 -55.67
CA TRP U 50 -44.19 -1.81 -55.32
C TRP U 50 -45.31 -2.23 -54.39
N ILE U 51 -45.82 -3.45 -54.59
CA ILE U 51 -46.84 -4.01 -53.71
C ILE U 51 -46.41 -5.42 -53.31
N SER U 52 -46.70 -5.79 -52.07
CA SER U 52 -46.40 -7.13 -51.59
C SER U 52 -47.51 -8.09 -51.99
N GLY U 53 -47.12 -9.32 -52.33
CA GLY U 53 -48.10 -10.37 -52.48
C GLY U 53 -48.39 -11.10 -51.20
N TYR U 54 -47.65 -10.79 -50.15
CA TYR U 54 -47.82 -11.41 -48.84
C TYR U 54 -48.76 -10.55 -48.01
N THR U 55 -48.33 -9.34 -47.70
CA THR U 55 -49.19 -8.31 -47.16
C THR U 55 -49.78 -7.50 -48.31
N GLY U 56 -50.69 -6.60 -47.98
CA GLY U 56 -51.12 -5.72 -49.04
C GLY U 56 -50.29 -4.46 -49.17
N ASN U 57 -49.13 -4.40 -48.52
CA ASN U 57 -48.41 -3.16 -48.34
C ASN U 57 -47.88 -2.64 -49.68
N THR U 58 -47.75 -1.32 -49.75
CA THR U 58 -47.39 -0.63 -50.98
C THR U 58 -46.38 0.47 -50.69
N ASN U 59 -45.58 0.79 -51.70
CA ASN U 59 -44.70 1.95 -51.70
C ASN U 59 -44.83 2.63 -53.06
N TYR U 60 -45.21 3.90 -53.07
CA TYR U 60 -45.35 4.64 -54.32
C TYR U 60 -44.29 5.73 -54.39
N ALA U 61 -43.87 6.05 -55.61
CA ALA U 61 -42.99 7.18 -55.81
C ALA U 61 -43.74 8.49 -55.53
N GLN U 62 -43.02 9.47 -55.01
CA GLN U 62 -43.65 10.70 -54.54
C GLN U 62 -44.43 11.41 -55.64
N LYS U 63 -43.95 11.34 -56.89
CA LYS U 63 -44.62 12.04 -57.98
C LYS U 63 -45.93 11.38 -58.38
N PHE U 64 -46.11 10.10 -58.06
CA PHE U 64 -47.33 9.36 -58.39
C PHE U 64 -48.22 9.09 -57.19
N GLN U 65 -47.92 9.71 -56.04
CA GLN U 65 -48.55 9.32 -54.77
C GLN U 65 -50.08 9.31 -54.89
N GLY U 66 -50.67 10.46 -55.15
CA GLY U 66 -52.12 10.55 -55.17
C GLY U 66 -52.78 9.94 -56.39
N ARG U 67 -52.01 9.55 -57.41
CA ARG U 67 -52.58 9.14 -58.68
C ARG U 67 -52.57 7.64 -58.91
N VAL U 68 -51.74 6.88 -58.19
CA VAL U 68 -51.57 5.46 -58.45
C VAL U 68 -52.21 4.66 -57.32
N THR U 69 -52.84 3.55 -57.69
CA THR U 69 -53.35 2.57 -56.74
C THR U 69 -52.96 1.19 -57.23
N MET U 70 -52.24 0.44 -56.41
CA MET U 70 -51.79 -0.90 -56.76
C MET U 70 -52.50 -1.92 -55.90
N THR U 71 -53.01 -2.97 -56.52
CA THR U 71 -53.72 -4.02 -55.82
C THR U 71 -53.12 -5.37 -56.17
N THR U 72 -53.43 -6.37 -55.36
CA THR U 72 -52.93 -7.72 -55.57
C THR U 72 -54.04 -8.70 -55.23
N ASP U 73 -54.00 -9.86 -55.90
CA ASP U 73 -55.05 -10.87 -55.76
C ASP U 73 -54.38 -12.25 -55.81
N THR U 74 -54.10 -12.81 -54.63
CA THR U 74 -53.44 -14.11 -54.57
C THR U 74 -54.29 -15.21 -55.18
N SER U 75 -55.61 -15.01 -55.26
CA SER U 75 -56.49 -15.94 -55.93
C SER U 75 -57.12 -15.27 -57.16
N THR U 76 -56.41 -15.30 -58.29
CA THR U 76 -55.14 -16.01 -58.39
C THR U 76 -54.06 -15.26 -59.17
N SER U 77 -53.01 -14.86 -58.44
CA SER U 77 -51.72 -14.47 -59.02
C SER U 77 -51.86 -13.33 -60.01
N THR U 78 -52.48 -12.24 -59.57
CA THR U 78 -52.63 -11.07 -60.43
C THR U 78 -52.45 -9.79 -59.62
N ALA U 79 -51.53 -8.95 -60.07
CA ALA U 79 -51.35 -7.62 -59.50
C ALA U 79 -51.81 -6.57 -60.51
N SER U 80 -52.50 -5.55 -60.02
CA SER U 80 -53.06 -4.53 -60.88
C SER U 80 -52.51 -3.16 -60.48
N MET U 81 -52.51 -2.25 -61.47
CA MET U 81 -52.04 -0.89 -61.28
C MET U 81 -52.98 0.06 -61.99
N GLU U 82 -53.45 1.08 -61.28
CA GLU U 82 -54.42 2.04 -61.80
C GLU U 82 -53.83 3.45 -61.69
N LEU U 83 -53.79 4.15 -62.83
CA LEU U 83 -53.25 5.51 -62.88
C LEU U 83 -54.38 6.46 -63.27
N ARG U 84 -54.75 7.34 -62.35
CA ARG U 84 -55.86 8.26 -62.55
C ARG U 84 -55.40 9.58 -63.15
N SER U 85 -56.37 10.36 -63.64
CA SER U 85 -56.14 11.69 -64.18
C SER U 85 -54.99 11.70 -65.18
N LEU U 86 -55.09 10.82 -66.18
CA LEU U 86 -54.03 10.67 -67.16
C LEU U 86 -53.80 11.97 -67.93
N ARG U 87 -52.53 12.30 -68.11
CA ARG U 87 -52.12 13.40 -68.97
C ARG U 87 -51.22 12.86 -70.07
N SER U 88 -50.79 13.76 -70.96
CA SER U 88 -50.19 13.33 -72.22
C SER U 88 -48.84 12.63 -72.02
N ASP U 89 -48.05 13.08 -71.05
CA ASP U 89 -46.76 12.45 -70.79
C ASP U 89 -46.87 11.22 -69.90
N ASP U 90 -48.08 10.70 -69.69
CA ASP U 90 -48.24 9.35 -69.14
C ASP U 90 -48.15 8.29 -70.23
N THR U 91 -48.08 8.69 -71.50
CA THR U 91 -47.87 7.75 -72.58
C THR U 91 -46.54 7.06 -72.41
N ALA U 92 -46.57 5.75 -72.26
CA ALA U 92 -45.36 4.97 -72.03
C ALA U 92 -45.71 3.49 -72.10
N VAL U 93 -44.68 2.66 -72.03
CA VAL U 93 -44.84 1.21 -71.87
C VAL U 93 -44.70 0.90 -70.39
N TYR U 94 -45.71 0.23 -69.83
CA TYR U 94 -45.76 -0.04 -68.40
C TYR U 94 -45.39 -1.51 -68.15
N TYR U 95 -44.33 -1.73 -67.39
CA TYR U 95 -43.82 -3.05 -67.08
C TYR U 95 -44.07 -3.39 -65.62
N CYS U 96 -44.40 -4.65 -65.35
CA CYS U 96 -44.39 -5.19 -64.01
C CYS U 96 -43.24 -6.18 -63.90
N ALA U 97 -42.75 -6.38 -62.68
CA ALA U 97 -41.64 -7.28 -62.45
C ALA U 97 -41.66 -7.77 -61.02
N ARG U 98 -41.27 -9.01 -60.80
CA ARG U 98 -41.19 -9.56 -59.47
C ARG U 98 -40.10 -8.88 -58.66
N ASP U 99 -40.44 -8.45 -57.46
CA ASP U 99 -39.52 -7.72 -56.61
C ASP U 99 -39.70 -8.08 -55.15
N LYS U 100 -38.66 -8.61 -54.51
CA LYS U 100 -38.61 -8.76 -53.06
C LYS U 100 -39.28 -10.01 -52.50
N LYS U 101 -38.50 -10.89 -51.91
CA LYS U 101 -39.05 -12.04 -51.21
C LYS U 101 -39.76 -11.64 -49.94
N GLN U 102 -40.84 -12.35 -49.62
CA GLN U 102 -41.69 -12.04 -48.48
C GLN U 102 -41.90 -13.29 -47.63
N GLY U 103 -42.26 -13.06 -46.37
CA GLY U 103 -42.64 -14.13 -45.48
C GLY U 103 -41.51 -14.85 -44.78
N GLU U 104 -40.25 -14.45 -45.01
CA GLU U 104 -39.13 -15.12 -44.39
C GLU U 104 -37.94 -14.17 -44.33
N VAL U 105 -37.08 -14.39 -43.36
CA VAL U 105 -35.83 -13.63 -43.26
C VAL U 105 -34.91 -14.04 -44.40
N VAL U 106 -34.22 -13.07 -44.99
CA VAL U 106 -33.36 -13.31 -46.13
C VAL U 106 -32.05 -12.56 -45.95
N LEU U 107 -30.95 -13.22 -46.29
CA LEU U 107 -29.68 -12.50 -46.41
C LEU U 107 -29.73 -11.61 -47.65
N PRO U 108 -28.96 -10.52 -47.66
CA PRO U 108 -29.02 -9.57 -48.78
C PRO U 108 -28.93 -10.21 -50.15
N ALA U 109 -27.97 -11.12 -50.36
CA ALA U 109 -27.81 -11.78 -51.65
C ALA U 109 -28.92 -12.78 -51.94
N ALA U 110 -29.85 -13.00 -51.00
CA ALA U 110 -31.02 -13.84 -51.23
C ALA U 110 -32.31 -13.07 -51.07
N SER U 111 -32.24 -11.74 -51.04
CA SER U 111 -33.41 -10.91 -50.73
C SER U 111 -34.35 -10.73 -51.91
N PHE U 112 -33.86 -10.97 -53.12
CA PHE U 112 -34.61 -10.72 -54.35
C PHE U 112 -35.00 -9.24 -54.47
N ARG U 113 -34.15 -8.35 -53.96
CA ARG U 113 -34.32 -6.92 -54.18
C ARG U 113 -33.76 -6.54 -55.57
N TRP U 114 -34.38 -7.11 -56.59
CA TRP U 114 -34.03 -6.87 -57.98
C TRP U 114 -35.21 -7.31 -58.84
N PHE U 115 -35.32 -6.71 -60.02
CA PHE U 115 -36.49 -6.87 -60.89
C PHE U 115 -36.26 -8.05 -61.83
N ALA U 116 -36.90 -9.18 -61.54
CA ALA U 116 -36.84 -10.36 -62.38
C ALA U 116 -37.86 -11.40 -61.95
N PRO U 117 -38.63 -11.95 -62.91
CA PRO U 117 -38.59 -11.55 -64.32
C PRO U 117 -39.47 -10.34 -64.61
N TRP U 118 -39.45 -9.87 -65.85
CA TRP U 118 -40.27 -8.76 -66.28
C TRP U 118 -41.45 -9.27 -67.09
N GLY U 119 -42.53 -8.49 -67.08
CA GLY U 119 -43.60 -8.72 -68.02
C GLY U 119 -43.23 -8.17 -69.39
N GLN U 120 -44.01 -8.55 -70.40
CA GLN U 120 -43.73 -8.09 -71.75
C GLN U 120 -44.01 -6.61 -71.92
N GLY U 121 -44.81 -6.01 -71.04
CA GLY U 121 -45.15 -4.60 -71.12
C GLY U 121 -46.53 -4.38 -71.71
N THR U 122 -47.12 -3.25 -71.35
CA THR U 122 -48.37 -2.77 -71.92
C THR U 122 -48.20 -1.34 -72.36
N LEU U 123 -48.55 -1.04 -73.62
CA LEU U 123 -48.47 0.31 -74.13
C LEU U 123 -49.76 1.04 -73.79
N VAL U 124 -49.65 2.16 -73.09
CA VAL U 124 -50.77 3.02 -72.77
C VAL U 124 -50.57 4.33 -73.51
N THR U 125 -51.42 4.62 -74.48
CA THR U 125 -51.37 5.85 -75.24
C THR U 125 -52.53 6.73 -74.79
N VAL U 126 -52.22 7.92 -74.29
CA VAL U 126 -53.24 8.86 -73.86
C VAL U 126 -53.28 10.00 -74.88
N SER U 127 -54.41 10.12 -75.57
CA SER U 127 -54.56 11.08 -76.66
C SER U 127 -56.03 11.33 -76.92
N SER U 128 -56.34 12.55 -77.38
CA SER U 128 -57.69 12.92 -77.80
C SER U 128 -57.89 12.64 -79.28
N ALA U 129 -57.52 11.45 -79.73
CA ALA U 129 -57.60 11.08 -81.13
C ALA U 129 -58.32 9.75 -81.27
N SER U 130 -59.03 9.60 -82.39
CA SER U 130 -59.73 8.36 -82.71
C SER U 130 -59.12 7.72 -83.93
N THR U 131 -59.46 6.45 -84.13
CA THR U 131 -58.83 5.64 -85.17
C THR U 131 -59.00 6.27 -86.55
N LYS U 132 -57.88 6.38 -87.27
CA LYS U 132 -57.89 6.80 -88.67
C LYS U 132 -56.83 6.03 -89.41
N GLY U 133 -57.21 5.46 -90.56
CA GLY U 133 -56.26 4.83 -91.43
C GLY U 133 -55.46 5.86 -92.19
N PRO U 134 -54.27 5.48 -92.65
CA PRO U 134 -53.37 6.46 -93.26
C PRO U 134 -53.69 6.72 -94.72
N SER U 135 -53.25 7.88 -95.18
CA SER U 135 -53.13 8.19 -96.60
C SER U 135 -51.71 7.89 -97.04
N VAL U 136 -51.57 7.31 -98.23
CA VAL U 136 -50.27 6.90 -98.74
C VAL U 136 -49.96 7.73 -99.98
N PHE U 137 -48.84 8.44 -99.95
CA PHE U 137 -48.42 9.23 -101.09
C PHE U 137 -47.05 8.75 -101.56
N PRO U 138 -46.78 8.82 -102.86
CA PRO U 138 -45.50 8.34 -103.38
C PRO U 138 -44.40 9.39 -103.30
N LEU U 139 -43.20 8.90 -103.05
CA LEU U 139 -41.98 9.69 -103.12
C LEU U 139 -41.27 9.25 -104.40
N ALA U 140 -41.52 9.96 -105.49
CA ALA U 140 -41.07 9.52 -106.79
C ALA U 140 -39.56 9.72 -106.94
N PRO U 141 -38.91 8.81 -107.65
CA PRO U 141 -37.49 8.93 -107.90
C PRO U 141 -37.14 10.13 -108.76
N SER U 142 -36.01 10.74 -108.46
CA SER U 142 -35.57 11.97 -109.09
C SER U 142 -35.23 11.89 -110.56
N SER U 143 -35.53 12.98 -111.26
CA SER U 143 -34.99 13.27 -112.58
C SER U 143 -33.49 13.46 -112.38
N LYS U 144 -32.73 13.13 -113.40
CA LYS U 144 -31.31 12.85 -113.26
C LYS U 144 -31.14 11.46 -112.64
N SER U 145 -32.24 10.74 -112.53
CA SER U 145 -32.24 9.35 -112.12
C SER U 145 -31.63 9.24 -110.74
N THR U 146 -31.81 10.29 -109.93
CA THR U 146 -31.46 10.27 -108.51
C THR U 146 -29.95 10.32 -108.30
N SER U 147 -29.24 9.45 -109.00
CA SER U 147 -27.79 9.37 -108.92
C SER U 147 -27.36 8.71 -110.21
N GLY U 148 -26.08 8.68 -110.49
CA GLY U 148 -25.64 8.03 -111.71
C GLY U 148 -26.00 6.55 -111.71
N GLY U 149 -25.79 5.87 -110.59
CA GLY U 149 -26.08 4.45 -110.53
C GLY U 149 -27.13 3.98 -109.57
N THR U 150 -27.53 4.84 -108.65
CA THR U 150 -28.46 4.47 -107.60
C THR U 150 -29.58 5.49 -107.52
N ALA U 151 -30.81 5.02 -107.49
CA ALA U 151 -31.97 5.88 -107.32
C ALA U 151 -32.64 5.62 -105.99
N ALA U 152 -33.35 6.62 -105.49
CA ALA U 152 -34.08 6.52 -104.24
C ALA U 152 -35.55 6.82 -104.50
N LEU U 153 -36.42 6.00 -103.91
CA LEU U 153 -37.85 6.19 -104.01
C LEU U 153 -38.46 5.70 -102.71
N GLY U 154 -39.73 6.03 -102.50
CA GLY U 154 -40.36 5.60 -101.26
C GLY U 154 -41.82 5.96 -101.18
N CYS U 155 -42.35 5.82 -99.96
CA CYS U 155 -43.76 6.02 -99.67
C CYS U 155 -43.92 6.83 -98.40
N LEU U 156 -44.77 7.86 -98.45
CA LEU U 156 -45.10 8.67 -97.29
C LEU U 156 -46.46 8.24 -96.74
N VAL U 157 -46.47 7.73 -95.51
CA VAL U 157 -47.66 7.18 -94.87
C VAL U 157 -48.09 8.16 -93.79
N LYS U 158 -49.13 8.95 -94.06
CA LYS U 158 -49.43 10.14 -93.29
C LYS U 158 -50.80 10.07 -92.62
N ASP U 159 -50.88 10.61 -91.40
CA ASP U 159 -52.12 10.91 -90.69
C ASP U 159 -52.91 9.63 -90.38
N TYR U 160 -52.33 8.81 -89.50
CA TYR U 160 -53.00 7.61 -89.02
C TYR U 160 -52.92 7.55 -87.50
N PHE U 161 -53.85 6.82 -86.91
CA PHE U 161 -53.89 6.62 -85.47
C PHE U 161 -54.73 5.38 -85.14
N PRO U 162 -54.26 4.56 -84.19
CA PRO U 162 -52.97 4.68 -83.49
C PRO U 162 -51.87 3.88 -84.18
N GLU U 163 -50.73 3.74 -83.54
CA GLU U 163 -49.66 2.90 -84.06
C GLU U 163 -50.07 1.46 -83.93
N PRO U 164 -49.59 0.59 -84.81
CA PRO U 164 -48.60 0.85 -85.86
C PRO U 164 -49.13 0.64 -87.27
N VAL U 165 -48.31 0.97 -88.25
CA VAL U 165 -48.52 0.54 -89.63
C VAL U 165 -47.35 -0.36 -90.02
N THR U 166 -47.65 -1.34 -90.86
CA THR U 166 -46.64 -2.18 -91.47
C THR U 166 -46.51 -1.82 -92.94
N VAL U 167 -45.27 -1.72 -93.41
CA VAL U 167 -45.00 -1.40 -94.80
C VAL U 167 -44.08 -2.48 -95.38
N SER U 168 -44.46 -3.02 -96.52
CA SER U 168 -43.62 -3.91 -97.30
C SER U 168 -43.53 -3.38 -98.71
N TRP U 169 -42.61 -3.93 -99.49
CA TRP U 169 -42.41 -3.51 -100.87
C TRP U 169 -42.54 -4.72 -101.79
N ASN U 170 -43.28 -4.52 -102.89
CA ASN U 170 -43.55 -5.57 -103.86
C ASN U 170 -44.00 -6.85 -103.19
N SER U 171 -44.87 -6.70 -102.18
CA SER U 171 -45.45 -7.82 -101.45
C SER U 171 -44.39 -8.65 -100.75
N GLY U 172 -43.36 -7.99 -100.23
CA GLY U 172 -42.31 -8.66 -99.50
C GLY U 172 -41.16 -9.17 -100.35
N ALA U 173 -41.28 -9.11 -101.67
CA ALA U 173 -40.19 -9.57 -102.53
C ALA U 173 -39.01 -8.61 -102.52
N LEU U 174 -39.19 -7.40 -102.02
CA LEU U 174 -38.14 -6.38 -102.02
C LEU U 174 -37.81 -6.03 -100.56
N THR U 175 -36.59 -6.36 -100.14
CA THR U 175 -36.16 -6.10 -98.76
C THR U 175 -34.81 -5.40 -98.72
N SER U 176 -33.96 -5.65 -99.71
CA SER U 176 -32.64 -5.04 -99.72
C SER U 176 -32.75 -3.54 -99.98
N GLY U 177 -32.04 -2.76 -99.16
CA GLY U 177 -32.04 -1.31 -99.30
C GLY U 177 -33.25 -0.61 -98.74
N VAL U 178 -34.11 -1.32 -98.02
CA VAL U 178 -35.35 -0.74 -97.50
C VAL U 178 -35.10 -0.14 -96.13
N HIS U 179 -35.58 1.08 -95.91
CA HIS U 179 -35.57 1.72 -94.60
C HIS U 179 -36.98 2.22 -94.32
N THR U 180 -37.60 1.67 -93.28
CA THR U 180 -38.90 2.13 -92.81
C THR U 180 -38.70 2.84 -91.48
N PHE U 181 -38.84 4.17 -91.50
CA PHE U 181 -38.50 4.97 -90.34
C PHE U 181 -39.54 4.82 -89.24
N PRO U 182 -39.15 5.01 -87.97
CA PRO U 182 -40.13 5.02 -86.89
C PRO U 182 -41.09 6.17 -87.06
N ALA U 183 -42.34 5.93 -86.64
CA ALA U 183 -43.36 6.96 -86.76
C ALA U 183 -43.02 8.15 -85.87
N VAL U 184 -43.50 9.32 -86.27
CA VAL U 184 -43.36 10.54 -85.48
C VAL U 184 -44.75 11.10 -85.23
N LEU U 185 -44.99 11.54 -84.00
CA LEU U 185 -46.28 12.10 -83.63
C LEU U 185 -46.33 13.56 -84.07
N GLN U 186 -47.34 13.90 -84.87
CA GLN U 186 -47.50 15.24 -85.38
C GLN U 186 -48.34 16.07 -84.41
N SER U 187 -48.29 17.39 -84.59
CA SER U 187 -49.04 18.29 -83.71
C SER U 187 -50.53 18.04 -83.81
N SER U 188 -51.01 17.50 -84.93
CA SER U 188 -52.41 17.15 -85.07
C SER U 188 -52.82 16.00 -84.16
N GLY U 189 -51.86 15.27 -83.61
CA GLY U 189 -52.14 14.08 -82.83
C GLY U 189 -52.12 12.80 -83.62
N LEU U 190 -51.89 12.87 -84.92
CA LEU U 190 -51.82 11.71 -85.78
C LEU U 190 -50.36 11.42 -86.11
N TYR U 191 -50.09 10.16 -86.44
CA TYR U 191 -48.74 9.72 -86.73
C TYR U 191 -48.44 9.83 -88.22
N SER U 192 -47.16 9.99 -88.53
CA SER U 192 -46.69 10.02 -89.91
C SER U 192 -45.42 9.20 -90.00
N LEU U 193 -45.17 8.65 -91.18
CA LEU U 193 -44.10 7.70 -91.35
C LEU U 193 -43.69 7.66 -92.82
N SER U 194 -42.44 7.32 -93.07
CA SER U 194 -41.93 7.21 -94.43
C SER U 194 -41.16 5.91 -94.58
N SER U 195 -41.29 5.29 -95.75
CA SER U 195 -40.52 4.10 -96.08
C SER U 195 -39.83 4.36 -97.41
N VAL U 196 -38.52 4.18 -97.44
CA VAL U 196 -37.75 4.43 -98.65
C VAL U 196 -36.95 3.19 -99.00
N VAL U 197 -36.47 3.16 -100.24
CA VAL U 197 -35.64 2.06 -100.71
C VAL U 197 -34.72 2.60 -101.81
N THR U 198 -33.47 2.16 -101.79
CA THR U 198 -32.52 2.52 -102.83
C THR U 198 -32.37 1.36 -103.80
N VAL U 199 -32.45 1.66 -105.09
CA VAL U 199 -32.43 0.64 -106.14
C VAL U 199 -31.48 1.10 -107.23
N PRO U 200 -31.04 0.19 -108.10
CA PRO U 200 -30.25 0.62 -109.26
C PRO U 200 -31.08 1.48 -110.19
N SER U 201 -30.53 2.63 -110.58
CA SER U 201 -31.28 3.55 -111.43
C SER U 201 -31.63 2.93 -112.77
N SER U 202 -30.92 1.89 -113.19
CA SER U 202 -31.24 1.21 -114.44
C SER U 202 -32.47 0.33 -114.32
N SER U 203 -32.86 -0.04 -113.11
CA SER U 203 -34.03 -0.89 -112.91
C SER U 203 -35.34 -0.12 -112.98
N LEU U 204 -35.29 1.21 -113.05
CA LEU U 204 -36.52 1.99 -113.08
C LEU U 204 -37.30 1.77 -114.37
N GLY U 205 -36.61 1.44 -115.46
CA GLY U 205 -37.25 1.09 -116.70
C GLY U 205 -37.62 -0.38 -116.83
N THR U 206 -37.34 -1.18 -115.80
CA THR U 206 -37.56 -2.62 -115.82
C THR U 206 -38.40 -3.11 -114.66
N GLN U 207 -38.23 -2.54 -113.48
CA GLN U 207 -38.91 -2.99 -112.27
C GLN U 207 -40.01 -2.04 -111.88
N THR U 208 -41.15 -2.60 -111.48
CA THR U 208 -42.22 -1.83 -110.87
C THR U 208 -42.05 -1.86 -109.36
N TYR U 209 -42.29 -0.72 -108.72
CA TYR U 209 -42.13 -0.61 -107.27
C TYR U 209 -43.45 -0.23 -106.63
N ILE U 210 -43.94 -1.08 -105.74
CA ILE U 210 -45.21 -0.88 -105.07
C ILE U 210 -45.00 -1.10 -103.57
N CYS U 211 -45.44 -0.14 -102.77
CA CYS U 211 -45.40 -0.29 -101.33
C CYS U 211 -46.77 -0.69 -100.81
N ASN U 212 -46.79 -1.63 -99.87
CA ASN U 212 -48.02 -2.19 -99.33
C ASN U 212 -48.15 -1.75 -97.88
N VAL U 213 -49.12 -0.87 -97.61
CA VAL U 213 -49.29 -0.27 -96.30
C VAL U 213 -50.50 -0.92 -95.64
N ASN U 214 -50.29 -1.49 -94.46
CA ASN U 214 -51.35 -2.14 -93.69
C ASN U 214 -51.50 -1.41 -92.36
N HIS U 215 -52.73 -1.04 -92.02
CA HIS U 215 -53.06 -0.44 -90.74
C HIS U 215 -54.21 -1.27 -90.15
N LYS U 216 -53.86 -2.22 -89.29
CA LYS U 216 -54.89 -3.11 -88.73
C LYS U 216 -55.90 -2.42 -87.83
N PRO U 217 -55.55 -1.43 -87.00
CA PRO U 217 -56.59 -0.79 -86.16
C PRO U 217 -57.77 -0.26 -86.95
N SER U 218 -57.57 0.17 -88.19
CA SER U 218 -58.64 0.61 -89.05
C SER U 218 -59.01 -0.42 -90.11
N ASN U 219 -58.35 -1.57 -90.10
CA ASN U 219 -58.52 -2.60 -91.13
C ASN U 219 -58.35 -1.98 -92.52
N THR U 220 -57.26 -1.26 -92.69
CA THR U 220 -56.96 -0.54 -93.93
C THR U 220 -55.77 -1.19 -94.62
N LYS U 221 -55.91 -1.47 -95.90
CA LYS U 221 -54.81 -1.94 -96.74
C LYS U 221 -54.76 -1.06 -97.98
N VAL U 222 -53.67 -0.32 -98.14
CA VAL U 222 -53.50 0.54 -99.30
C VAL U 222 -52.19 0.16 -99.99
N ASP U 223 -52.23 0.06 -101.32
CA ASP U 223 -51.06 -0.20 -102.13
C ASP U 223 -50.82 1.00 -103.04
N LYS U 224 -49.60 1.48 -103.10
CA LYS U 224 -49.27 2.63 -103.91
C LYS U 224 -48.14 2.29 -104.88
N LYS U 225 -48.36 2.53 -106.16
CA LYS U 225 -47.32 2.36 -107.16
C LYS U 225 -46.47 3.63 -107.21
N VAL U 226 -45.16 3.46 -107.07
CA VAL U 226 -44.23 4.57 -107.05
C VAL U 226 -43.47 4.56 -108.37
N GLU U 227 -43.80 5.51 -109.23
CA GLU U 227 -43.17 5.67 -110.53
C GLU U 227 -42.59 7.08 -110.65
N PRO U 228 -41.59 7.27 -111.50
CA PRO U 228 -41.04 8.62 -111.69
C PRO U 228 -42.08 9.56 -112.26
N LYS U 229 -42.09 10.80 -111.77
CA LYS U 229 -43.06 11.79 -112.23
C LYS U 229 -42.80 12.16 -113.68
N SER U 230 -43.88 12.34 -114.44
CA SER U 230 -43.82 12.60 -115.88
C SER U 230 -44.37 13.99 -116.16
N CYS U 231 -43.56 14.80 -116.85
CA CYS U 231 -43.96 16.16 -117.22
C CYS U 231 -43.67 16.38 -118.70
N ASP V 1 -34.03 11.52 -52.94
CA ASP V 1 -33.83 10.34 -53.77
C ASP V 1 -32.36 10.16 -54.10
N ILE V 2 -31.98 8.92 -54.38
CA ILE V 2 -30.60 8.59 -54.73
C ILE V 2 -30.45 8.69 -56.24
N GLN V 3 -29.56 9.55 -56.69
CA GLN V 3 -29.32 9.73 -58.12
C GLN V 3 -28.23 8.78 -58.59
N MET V 4 -28.52 8.03 -59.65
CA MET V 4 -27.54 7.15 -60.27
C MET V 4 -27.03 7.79 -61.55
N THR V 5 -25.71 7.86 -61.68
CA THR V 5 -25.05 8.49 -62.82
C THR V 5 -24.25 7.44 -63.57
N GLN V 6 -24.54 7.27 -64.85
CA GLN V 6 -23.92 6.26 -65.66
C GLN V 6 -22.95 6.86 -66.63
N SER V 7 -21.81 6.22 -66.82
CA SER V 7 -20.83 6.68 -67.76
C SER V 7 -20.33 5.49 -68.54
N PRO V 8 -19.96 5.61 -69.89
CA PRO V 8 -20.34 6.86 -70.56
C PRO V 8 -21.76 6.76 -71.00
N VAL V 9 -22.39 7.87 -71.34
CA VAL V 9 -23.75 7.82 -71.82
C VAL V 9 -23.81 7.03 -73.13
N SER V 10 -22.80 7.19 -73.96
CA SER V 10 -22.73 6.49 -75.24
C SER V 10 -21.34 5.91 -75.53
N LEU V 11 -21.32 4.70 -76.05
CA LEU V 11 -20.09 4.00 -76.39
C LEU V 11 -20.12 3.29 -77.74
N SER V 12 -19.08 3.49 -78.55
CA SER V 12 -18.94 2.83 -79.85
C SER V 12 -17.77 1.85 -79.77
N ALA V 13 -18.05 0.57 -79.99
CA ALA V 13 -17.05 -0.48 -79.82
C ALA V 13 -17.16 -1.48 -80.97
N SER V 14 -16.25 -2.44 -80.98
CA SER V 14 -16.21 -3.48 -82.00
C SER V 14 -16.44 -4.84 -81.35
N VAL V 15 -16.89 -5.79 -82.18
CA VAL V 15 -17.01 -7.17 -81.73
C VAL V 15 -15.65 -7.66 -81.27
N GLY V 16 -15.60 -8.25 -80.07
CA GLY V 16 -14.37 -8.73 -79.50
C GLY V 16 -13.67 -7.76 -78.58
N ASP V 17 -14.13 -6.52 -78.48
CA ASP V 17 -13.55 -5.56 -77.57
C ASP V 17 -13.99 -5.83 -76.14
N ARG V 18 -13.15 -5.40 -75.20
CA ARG V 18 -13.49 -5.43 -73.78
C ARG V 18 -13.93 -4.03 -73.38
N VAL V 19 -15.15 -3.93 -72.84
CA VAL V 19 -15.73 -2.63 -72.49
C VAL V 19 -16.14 -2.65 -71.03
N THR V 20 -16.17 -1.46 -70.43
CA THR V 20 -16.57 -1.31 -69.04
C THR V 20 -17.51 -0.12 -68.90
N ILE V 21 -18.66 -0.36 -68.29
CA ILE V 21 -19.65 0.69 -68.02
C ILE V 21 -19.56 1.04 -66.54
N THR V 22 -19.78 2.30 -66.21
CA THR V 22 -19.61 2.82 -64.87
C THR V 22 -20.93 3.39 -64.35
N CYS V 23 -21.21 3.13 -63.07
CA CYS V 23 -22.41 3.63 -62.40
C CYS V 23 -22.02 4.21 -61.05
N ARG V 24 -22.40 5.46 -60.79
CA ARG V 24 -22.07 6.14 -59.56
C ARG V 24 -23.35 6.49 -58.80
N ALA V 25 -23.33 6.32 -57.49
CA ALA V 25 -24.46 6.61 -56.63
C ALA V 25 -24.18 7.83 -55.77
N SER V 26 -25.22 8.63 -55.51
CA SER V 26 -25.05 9.83 -54.70
C SER V 26 -24.92 9.51 -53.22
N GLN V 27 -25.47 8.39 -52.78
CA GLN V 27 -25.32 7.89 -51.42
C GLN V 27 -24.83 6.46 -51.49
N SER V 28 -24.34 5.96 -50.36
CA SER V 28 -23.97 4.56 -50.29
C SER V 28 -25.22 3.69 -50.38
N ILE V 29 -25.22 2.74 -51.31
CA ILE V 29 -26.33 1.82 -51.47
C ILE V 29 -25.90 0.39 -51.12
N GLY V 30 -24.78 0.25 -50.41
CA GLY V 30 -24.27 -1.07 -50.09
C GLY V 30 -23.89 -1.78 -51.37
N LYS V 31 -24.44 -2.99 -51.55
CA LYS V 31 -24.26 -3.73 -52.80
C LYS V 31 -25.57 -3.91 -53.55
N PHE V 32 -26.61 -3.14 -53.24
CA PHE V 32 -27.92 -3.33 -53.87
C PHE V 32 -27.99 -2.50 -55.16
N LEU V 33 -27.27 -2.98 -56.18
CA LEU V 33 -27.22 -2.30 -57.47
C LEU V 33 -27.28 -3.33 -58.60
N ASN V 34 -28.35 -3.27 -59.38
CA ASN V 34 -28.61 -4.25 -60.42
C ASN V 34 -28.39 -3.65 -61.80
N TRP V 35 -28.07 -4.51 -62.77
CA TRP V 35 -27.84 -4.11 -64.15
C TRP V 35 -28.86 -4.79 -65.06
N TYR V 36 -29.49 -4.01 -65.93
CA TYR V 36 -30.49 -4.53 -66.86
C TYR V 36 -30.05 -4.23 -68.29
N GLN V 37 -30.23 -5.22 -69.17
CA GLN V 37 -29.96 -5.07 -70.58
C GLN V 37 -31.29 -4.91 -71.31
N GLN V 38 -31.35 -3.95 -72.23
CA GLN V 38 -32.53 -3.73 -73.06
C GLN V 38 -32.12 -3.67 -74.52
N LYS V 39 -32.51 -4.70 -75.25
CA LYS V 39 -32.38 -4.72 -76.69
C LYS V 39 -33.49 -3.89 -77.24
N PRO V 40 -33.25 -3.21 -78.44
CA PRO V 40 -34.36 -2.32 -78.84
C PRO V 40 -35.60 -3.12 -79.19
N GLY V 41 -36.78 -2.57 -78.88
CA GLY V 41 -37.97 -3.36 -79.04
C GLY V 41 -38.40 -3.89 -77.70
N ARG V 42 -37.73 -4.95 -77.27
CA ARG V 42 -38.09 -5.76 -76.12
C ARG V 42 -37.92 -5.11 -74.76
N ALA V 43 -38.53 -5.75 -73.78
CA ALA V 43 -38.48 -5.34 -72.39
C ALA V 43 -37.11 -5.57 -71.75
N PRO V 44 -36.82 -4.81 -70.71
CA PRO V 44 -35.53 -4.95 -70.03
C PRO V 44 -35.40 -6.33 -69.41
N LYS V 45 -34.16 -6.80 -69.30
CA LYS V 45 -33.87 -8.09 -68.70
C LYS V 45 -32.75 -7.94 -67.69
N LEU V 46 -32.89 -8.60 -66.54
CA LEU V 46 -31.88 -8.56 -65.51
C LEU V 46 -30.61 -9.26 -65.98
N LEU V 47 -29.47 -8.63 -65.69
CA LEU V 47 -28.18 -9.18 -66.10
C LEU V 47 -27.31 -9.51 -64.89
N ILE V 48 -27.07 -8.55 -64.01
CA ILE V 48 -26.32 -8.77 -62.78
C ILE V 48 -27.15 -8.27 -61.61
N TYR V 49 -27.30 -9.09 -60.59
CA TYR V 49 -28.03 -8.67 -59.43
C TYR V 49 -27.10 -8.58 -58.22
N TYR V 50 -27.42 -7.68 -57.30
CA TYR V 50 -26.64 -7.50 -56.11
C TYR V 50 -25.19 -7.25 -56.45
N ALA V 51 -24.96 -6.36 -57.39
CA ALA V 51 -23.64 -5.89 -57.71
C ALA V 51 -22.78 -6.83 -58.53
N SER V 52 -22.57 -8.05 -58.07
CA SER V 52 -21.67 -8.96 -58.77
C SER V 52 -22.21 -10.30 -59.22
N ASN V 53 -23.50 -10.54 -59.08
CA ASN V 53 -24.02 -11.88 -59.33
C ASN V 53 -24.66 -12.07 -60.69
N LEU V 54 -24.24 -13.10 -61.40
CA LEU V 54 -24.79 -13.33 -62.72
C LEU V 54 -26.12 -14.06 -62.60
N GLU V 55 -27.14 -13.52 -63.25
CA GLU V 55 -28.44 -14.19 -63.29
C GLU V 55 -28.28 -15.56 -63.95
N THR V 56 -28.72 -16.61 -63.25
CA THR V 56 -28.50 -17.98 -63.69
C THR V 56 -28.92 -18.15 -65.14
N GLY V 57 -27.97 -18.61 -65.96
CA GLY V 57 -28.15 -18.66 -67.39
C GLY V 57 -27.53 -17.51 -68.14
N GLY V 58 -27.07 -16.48 -67.43
CA GLY V 58 -26.46 -15.33 -68.05
C GLY V 58 -25.07 -15.61 -68.57
N PRO V 59 -24.64 -14.87 -69.58
CA PRO V 59 -23.34 -15.14 -70.21
C PRO V 59 -22.19 -14.79 -69.28
N SER V 60 -21.21 -15.70 -69.22
CA SER V 60 -20.08 -15.52 -68.32
C SER V 60 -19.19 -14.34 -68.71
N ARG V 61 -19.35 -13.80 -69.92
CA ARG V 61 -18.56 -12.64 -70.32
C ARG V 61 -19.00 -11.37 -69.63
N PHE V 62 -20.14 -11.39 -68.95
CA PHE V 62 -20.60 -10.26 -68.16
C PHE V 62 -20.14 -10.43 -66.71
N SER V 63 -19.65 -9.35 -66.12
CA SER V 63 -19.23 -9.36 -64.72
C SER V 63 -19.47 -7.99 -64.12
N GLY V 64 -19.91 -7.97 -62.87
CA GLY V 64 -20.12 -6.73 -62.14
C GLY V 64 -19.21 -6.66 -60.93
N ARG V 65 -18.85 -5.43 -60.56
CA ARG V 65 -18.04 -5.19 -59.38
C ARG V 65 -18.51 -3.93 -58.69
N GLY V 66 -18.05 -3.74 -57.46
CA GLY V 66 -18.31 -2.52 -56.74
C GLY V 66 -19.12 -2.65 -55.46
N SER V 67 -19.15 -1.56 -54.72
CA SER V 67 -19.93 -1.48 -53.50
C SER V 67 -20.10 -0.03 -53.16
N GLU V 68 -21.00 0.30 -52.26
CA GLU V 68 -21.12 1.66 -51.80
C GLU V 68 -21.51 2.63 -52.92
N THR V 69 -20.65 3.55 -53.29
CA THR V 69 -20.98 4.48 -54.36
C THR V 69 -20.49 4.23 -55.77
N GLU V 70 -19.57 3.31 -55.97
CA GLU V 70 -18.99 3.10 -57.28
C GLU V 70 -19.13 1.69 -57.77
N PHE V 71 -19.60 1.54 -58.99
CA PHE V 71 -19.92 0.23 -59.54
C PHE V 71 -19.50 0.18 -61.00
N SER V 72 -19.30 -1.03 -61.51
CA SER V 72 -18.84 -1.18 -62.89
C SER V 72 -19.41 -2.46 -63.47
N LEU V 73 -19.68 -2.42 -64.77
CA LEU V 73 -20.11 -3.58 -65.54
C LEU V 73 -19.11 -3.80 -66.66
N THR V 74 -18.56 -5.01 -66.75
CA THR V 74 -17.51 -5.31 -67.71
C THR V 74 -17.96 -6.43 -68.63
N ILE V 75 -17.74 -6.24 -69.93
CA ILE V 75 -17.94 -7.31 -70.88
C ILE V 75 -16.58 -7.68 -71.43
N SER V 76 -16.14 -8.89 -71.19
CA SER V 76 -14.79 -9.29 -71.57
C SER V 76 -14.54 -9.36 -73.06
N SER V 77 -15.45 -9.96 -73.80
CA SER V 77 -15.32 -9.96 -75.24
C SER V 77 -16.66 -9.65 -75.87
N LEU V 78 -16.76 -8.51 -76.54
CA LEU V 78 -18.03 -8.07 -77.07
C LEU V 78 -18.56 -8.95 -78.17
N GLN V 79 -19.86 -9.15 -78.15
CA GLN V 79 -20.52 -10.01 -79.12
C GLN V 79 -21.67 -9.27 -79.78
N PRO V 80 -22.12 -9.73 -80.96
CA PRO V 80 -23.19 -9.00 -81.66
C PRO V 80 -24.47 -8.83 -80.85
N GLU V 81 -24.81 -9.79 -80.00
CA GLU V 81 -26.00 -9.65 -79.17
C GLU V 81 -25.86 -8.56 -78.12
N ASP V 82 -24.62 -8.21 -77.76
CA ASP V 82 -24.37 -7.35 -76.62
C ASP V 82 -24.54 -5.87 -76.92
N PHE V 83 -24.69 -5.49 -78.18
CA PHE V 83 -24.91 -4.09 -78.52
C PHE V 83 -26.35 -3.72 -78.18
N ALA V 84 -26.53 -3.05 -77.06
CA ALA V 84 -27.85 -2.71 -76.54
C ALA V 84 -27.70 -1.54 -75.58
N THR V 85 -28.75 -1.27 -74.82
CA THR V 85 -28.73 -0.24 -73.80
C THR V 85 -28.72 -0.89 -72.43
N TYR V 86 -27.86 -0.38 -71.55
CA TYR V 86 -27.66 -0.96 -70.23
C TYR V 86 -28.04 0.05 -69.16
N TYR V 87 -28.81 -0.40 -68.17
CA TYR V 87 -29.28 0.44 -67.09
C TYR V 87 -28.81 -0.12 -65.76
N CYS V 88 -28.30 0.75 -64.89
CA CYS V 88 -28.04 0.38 -63.51
C CYS V 88 -29.18 0.90 -62.64
N GLN V 89 -29.49 0.14 -61.59
CA GLN V 89 -30.67 0.42 -60.78
C GLN V 89 -30.38 0.10 -59.32
N GLN V 90 -30.80 1.00 -58.43
CA GLN V 90 -30.51 0.91 -57.01
C GLN V 90 -31.72 0.39 -56.26
N SER V 91 -31.52 -0.65 -55.44
CA SER V 91 -32.58 -1.28 -54.67
C SER V 91 -32.39 -1.11 -53.18
N ASN V 92 -31.53 -0.18 -52.75
CA ASN V 92 -31.26 -0.05 -51.33
C ASN V 92 -32.34 0.78 -50.63
N ASN V 93 -32.86 1.80 -51.31
CA ASN V 93 -33.81 2.71 -50.68
C ASN V 93 -34.96 3.00 -51.65
N VAL V 94 -36.15 3.17 -51.08
CA VAL V 94 -37.28 3.63 -51.86
C VAL V 94 -37.25 5.15 -51.85
N PRO V 95 -37.50 5.77 -53.00
CA PRO V 95 -37.85 5.14 -54.27
C PRO V 95 -36.65 4.52 -55.01
N HIS V 96 -36.87 3.35 -55.60
CA HIS V 96 -35.85 2.75 -56.47
C HIS V 96 -35.62 3.65 -57.68
N THR V 97 -34.35 3.90 -57.97
CA THR V 97 -33.99 4.83 -59.04
C THR V 97 -33.08 4.15 -60.05
N PHE V 98 -33.16 4.62 -61.29
CA PHE V 98 -32.37 4.11 -62.39
C PHE V 98 -31.34 5.14 -62.83
N GLY V 99 -30.27 4.64 -63.44
CA GLY V 99 -29.42 5.50 -64.23
C GLY V 99 -30.01 5.77 -65.59
N GLN V 100 -29.50 6.80 -66.27
CA GLN V 100 -30.11 7.18 -67.54
C GLN V 100 -29.79 6.23 -68.67
N GLY V 101 -28.83 5.33 -68.48
CA GLY V 101 -28.55 4.31 -69.48
C GLY V 101 -27.34 4.60 -70.34
N THR V 102 -26.63 3.55 -70.72
CA THR V 102 -25.50 3.63 -71.64
C THR V 102 -25.86 2.82 -72.88
N LYS V 103 -25.77 3.44 -74.05
CA LYS V 103 -26.08 2.77 -75.31
C LYS V 103 -24.79 2.29 -75.95
N LEU V 104 -24.75 1.01 -76.26
CA LEU V 104 -23.57 0.37 -76.84
C LEU V 104 -23.81 0.17 -78.33
N GLU V 105 -23.06 0.85 -79.17
CA GLU V 105 -23.20 0.75 -80.60
C GLU V 105 -21.89 0.43 -81.28
N ILE V 106 -21.97 -0.07 -82.49
CA ILE V 106 -20.84 -0.71 -83.17
C ILE V 106 -20.13 0.31 -84.04
N LYS V 107 -18.81 0.26 -83.98
CA LYS V 107 -17.92 1.18 -84.65
C LYS V 107 -17.75 0.90 -86.13
N ARG V 108 -17.59 1.97 -86.87
CA ARG V 108 -17.56 1.97 -88.30
C ARG V 108 -16.62 3.05 -88.74
N THR V 109 -16.18 2.97 -89.97
CA THR V 109 -15.55 4.09 -90.61
C THR V 109 -16.58 5.18 -90.82
N VAL V 110 -16.14 6.41 -90.72
CA VAL V 110 -16.96 7.56 -91.07
C VAL V 110 -17.45 7.43 -92.50
N ALA V 111 -18.76 7.62 -92.70
CA ALA V 111 -19.39 7.44 -94.01
C ALA V 111 -20.31 8.62 -94.28
N ALA V 112 -20.11 9.28 -95.40
CA ALA V 112 -20.96 10.42 -95.74
C ALA V 112 -22.32 9.92 -96.23
N PRO V 113 -23.39 10.66 -95.95
CA PRO V 113 -24.71 10.24 -96.39
C PRO V 113 -24.94 10.54 -97.87
N SER V 114 -25.87 9.77 -98.45
CA SER V 114 -26.44 10.10 -99.74
C SER V 114 -27.72 10.89 -99.51
N VAL V 115 -27.80 12.07 -100.11
CA VAL V 115 -28.91 12.99 -99.87
C VAL V 115 -29.87 12.94 -101.04
N PHE V 116 -31.16 12.85 -100.74
CA PHE V 116 -32.21 12.86 -101.74
C PHE V 116 -33.34 13.75 -101.27
N ILE V 117 -33.92 14.52 -102.18
CA ILE V 117 -35.04 15.40 -101.86
C ILE V 117 -36.25 14.99 -102.69
N PHE V 118 -37.42 14.97 -102.06
CA PHE V 118 -38.66 14.55 -102.71
C PHE V 118 -39.69 15.66 -102.66
N PRO V 119 -40.14 16.18 -103.79
CA PRO V 119 -41.22 17.18 -103.79
C PRO V 119 -42.54 16.55 -103.40
N PRO V 120 -43.54 17.36 -103.05
CA PRO V 120 -44.85 16.79 -102.72
C PRO V 120 -45.52 16.21 -103.94
N SER V 121 -46.23 15.10 -103.73
CA SER V 121 -46.94 14.45 -104.81
C SER V 121 -48.15 15.28 -105.23
N ASP V 122 -48.60 15.06 -106.47
CA ASP V 122 -49.79 15.75 -106.94
C ASP V 122 -51.03 15.32 -106.17
N GLU V 123 -51.08 14.05 -105.73
CA GLU V 123 -52.23 13.58 -104.95
C GLU V 123 -52.33 14.30 -103.62
N GLN V 124 -51.20 14.51 -102.94
CA GLN V 124 -51.23 15.19 -101.65
C GLN V 124 -51.55 16.66 -101.82
N LEU V 125 -50.98 17.31 -102.84
CA LEU V 125 -51.25 18.73 -103.07
C LEU V 125 -52.73 18.99 -103.29
N LYS V 126 -53.41 18.08 -103.99
CA LYS V 126 -54.85 18.20 -104.17
C LYS V 126 -55.61 18.07 -102.86
N SER V 127 -55.02 17.43 -101.85
CA SER V 127 -55.70 17.27 -100.57
C SER V 127 -55.63 18.51 -99.70
N GLY V 128 -54.68 19.42 -99.94
CA GLY V 128 -54.59 20.66 -99.21
C GLY V 128 -53.30 20.86 -98.45
N THR V 129 -52.46 19.85 -98.30
CA THR V 129 -51.20 19.96 -97.59
C THR V 129 -50.05 19.56 -98.51
N ALA V 130 -48.83 19.90 -98.09
CA ALA V 130 -47.65 19.62 -98.90
C ALA V 130 -46.51 19.21 -97.98
N SER V 131 -45.98 18.01 -98.19
CA SER V 131 -44.87 17.48 -97.40
C SER V 131 -43.65 17.29 -98.31
N VAL V 132 -42.58 18.00 -98.00
CA VAL V 132 -41.31 17.84 -98.70
C VAL V 132 -40.41 16.96 -97.84
N VAL V 133 -39.83 15.93 -98.44
CA VAL V 133 -39.05 14.93 -97.72
C VAL V 133 -37.60 14.98 -98.19
N CYS V 134 -36.68 14.99 -97.22
CA CYS V 134 -35.25 14.99 -97.47
C CYS V 134 -34.66 13.75 -96.82
N LEU V 135 -33.99 12.91 -97.61
CA LEU V 135 -33.48 11.62 -97.12
C LEU V 135 -31.97 11.67 -96.99
N LEU V 136 -31.48 11.21 -95.83
CA LEU V 136 -30.06 11.00 -95.59
C LEU V 136 -29.85 9.51 -95.39
N ASN V 137 -29.09 8.88 -96.28
CA ASN V 137 -29.03 7.44 -96.39
C ASN V 137 -27.63 6.92 -96.09
N ASN V 138 -27.55 5.93 -95.19
CA ASN V 138 -26.35 5.13 -94.94
C ASN V 138 -25.14 6.00 -94.61
N PHE V 139 -25.23 6.66 -93.45
CA PHE V 139 -24.15 7.50 -92.96
C PHE V 139 -23.73 7.06 -91.56
N TYR V 140 -22.55 7.53 -91.16
CA TYR V 140 -22.01 7.26 -89.83
C TYR V 140 -20.99 8.34 -89.53
N PRO V 141 -21.04 8.91 -88.30
CA PRO V 141 -21.93 8.55 -87.20
C PRO V 141 -23.30 9.21 -87.25
N ARG V 142 -24.07 9.05 -86.20
CA ARG V 142 -25.44 9.47 -86.16
C ARG V 142 -25.61 10.94 -86.35
N GLU V 143 -24.67 11.70 -85.81
CA GLU V 143 -24.83 13.14 -85.72
C GLU V 143 -24.90 13.76 -87.11
N ALA V 144 -26.01 14.45 -87.40
CA ALA V 144 -26.21 15.08 -88.69
C ALA V 144 -27.17 16.25 -88.54
N LYS V 145 -26.93 17.32 -89.29
CA LYS V 145 -27.74 18.51 -89.26
C LYS V 145 -28.45 18.68 -90.59
N VAL V 146 -29.76 18.93 -90.55
CA VAL V 146 -30.56 19.16 -91.75
C VAL V 146 -31.22 20.52 -91.60
N GLN V 147 -31.00 21.38 -92.59
CA GLN V 147 -31.56 22.70 -92.63
C GLN V 147 -32.39 22.91 -93.86
N TRP V 148 -33.60 23.41 -93.68
CA TRP V 148 -34.47 23.64 -94.83
C TRP V 148 -34.40 25.09 -95.26
N LYS V 149 -34.23 25.30 -96.56
CA LYS V 149 -34.21 26.63 -97.16
C LYS V 149 -35.33 26.74 -98.18
N VAL V 150 -36.18 27.76 -98.02
CA VAL V 150 -37.26 28.04 -98.96
C VAL V 150 -36.98 29.41 -99.56
N ASP V 151 -36.56 29.43 -100.83
CA ASP V 151 -36.09 30.64 -101.50
C ASP V 151 -34.97 31.29 -100.70
N ASN V 152 -34.03 30.46 -100.26
CA ASN V 152 -32.85 30.85 -99.47
C ASN V 152 -33.20 31.38 -98.09
N ALA V 153 -34.45 31.26 -97.65
CA ALA V 153 -34.85 31.63 -96.31
C ALA V 153 -34.80 30.41 -95.40
N LEU V 154 -34.05 30.52 -94.30
CA LEU V 154 -33.88 29.38 -93.41
C LEU V 154 -35.15 29.11 -92.63
N GLN V 155 -35.55 27.84 -92.54
CA GLN V 155 -36.79 27.43 -91.91
C GLN V 155 -36.54 26.98 -90.47
N SER V 156 -37.61 27.01 -89.67
CA SER V 156 -37.54 26.59 -88.28
C SER V 156 -38.91 26.12 -87.81
N GLY V 157 -38.93 25.02 -87.08
CA GLY V 157 -40.12 24.57 -86.40
C GLY V 157 -41.19 23.95 -87.27
N ASN V 158 -40.98 23.84 -88.58
CA ASN V 158 -41.96 23.24 -89.47
C ASN V 158 -41.43 21.96 -90.11
N SER V 159 -40.50 21.28 -89.43
CA SER V 159 -39.94 20.03 -89.91
C SER V 159 -39.74 19.07 -88.76
N GLN V 160 -39.84 17.78 -89.05
CA GLN V 160 -39.63 16.72 -88.08
C GLN V 160 -38.67 15.68 -88.64
N GLU V 161 -37.77 15.20 -87.80
CA GLU V 161 -36.75 14.24 -88.18
C GLU V 161 -37.05 12.86 -87.61
N SER V 162 -36.49 11.84 -88.26
CA SER V 162 -36.65 10.47 -87.82
C SER V 162 -35.41 9.69 -88.25
N VAL V 163 -34.86 8.91 -87.33
CA VAL V 163 -33.61 8.19 -87.56
C VAL V 163 -33.86 6.71 -87.35
N THR V 164 -33.26 5.88 -88.19
CA THR V 164 -33.35 4.44 -88.01
C THR V 164 -32.29 3.96 -87.04
N GLU V 165 -32.48 2.76 -86.51
CA GLU V 165 -31.45 2.13 -85.72
C GLU V 165 -30.30 1.69 -86.62
N GLN V 166 -29.17 1.37 -86.00
CA GLN V 166 -28.00 0.94 -86.75
C GLN V 166 -28.33 -0.30 -87.57
N ASP V 167 -27.93 -0.28 -88.83
CA ASP V 167 -28.20 -1.41 -89.72
C ASP V 167 -27.39 -2.62 -89.28
N SER V 168 -27.99 -3.80 -89.41
CA SER V 168 -27.30 -5.03 -89.04
C SER V 168 -26.11 -5.30 -89.94
N LYS V 169 -26.19 -4.91 -91.21
CA LYS V 169 -25.13 -5.23 -92.17
C LYS V 169 -23.99 -4.21 -92.09
N ASP V 170 -24.22 -2.98 -92.54
CA ASP V 170 -23.16 -2.00 -92.68
C ASP V 170 -23.00 -1.07 -91.48
N SER V 171 -23.86 -1.20 -90.47
CA SER V 171 -23.75 -0.43 -89.23
C SER V 171 -23.87 1.08 -89.47
N THR V 172 -24.68 1.48 -90.44
CA THR V 172 -24.90 2.89 -90.73
C THR V 172 -26.28 3.32 -90.23
N TYR V 173 -26.53 4.62 -90.36
CA TYR V 173 -27.80 5.20 -89.99
C TYR V 173 -28.47 5.82 -91.23
N SER V 174 -29.78 6.00 -91.12
CA SER V 174 -30.54 6.70 -92.15
C SER V 174 -31.50 7.65 -91.45
N LEU V 175 -31.68 8.83 -92.04
CA LEU V 175 -32.46 9.89 -91.45
C LEU V 175 -33.43 10.46 -92.47
N SER V 176 -34.63 10.81 -92.02
CA SER V 176 -35.62 11.47 -92.85
C SER V 176 -36.05 12.75 -92.17
N SER V 177 -36.11 13.84 -92.94
CA SER V 177 -36.61 15.12 -92.47
C SER V 177 -37.77 15.53 -93.34
N THR V 178 -38.91 15.83 -92.71
CA THR V 178 -40.14 16.15 -93.45
C THR V 178 -40.55 17.58 -93.13
N LEU V 179 -40.46 18.45 -94.13
CA LEU V 179 -40.97 19.81 -94.03
C LEU V 179 -42.44 19.81 -94.43
N THR V 180 -43.30 20.31 -93.55
CA THR V 180 -44.73 20.31 -93.78
C THR V 180 -45.25 21.75 -93.90
N LEU V 181 -45.98 22.02 -94.98
CA LEU V 181 -46.56 23.31 -95.24
C LEU V 181 -47.98 23.13 -95.75
N SER V 182 -48.76 24.21 -95.68
CA SER V 182 -50.05 24.19 -96.36
C SER V 182 -49.83 24.38 -97.86
N LYS V 183 -50.83 23.97 -98.64
CA LYS V 183 -50.74 24.16 -100.08
C LYS V 183 -50.61 25.63 -100.43
N ALA V 184 -51.29 26.49 -99.68
CA ALA V 184 -51.20 27.93 -99.92
C ALA V 184 -49.78 28.44 -99.71
N ASP V 185 -49.17 28.09 -98.56
CA ASP V 185 -47.80 28.50 -98.31
C ASP V 185 -46.84 27.87 -99.31
N TYR V 186 -47.11 26.64 -99.72
CA TYR V 186 -46.20 25.94 -100.62
C TYR V 186 -46.11 26.64 -101.97
N GLU V 187 -47.25 27.05 -102.52
CA GLU V 187 -47.25 27.68 -103.84
C GLU V 187 -46.73 29.12 -103.81
N LYS V 188 -46.42 29.67 -102.63
CA LYS V 188 -45.91 31.04 -102.58
C LYS V 188 -44.46 31.12 -103.06
N HIS V 189 -43.71 30.03 -102.97
CA HIS V 189 -42.27 30.06 -103.21
C HIS V 189 -41.89 29.10 -104.33
N LYS V 190 -40.65 29.20 -104.78
CA LYS V 190 -40.17 28.43 -105.92
C LYS V 190 -39.10 27.42 -105.55
N VAL V 191 -38.00 27.84 -104.93
CA VAL V 191 -36.86 26.98 -104.66
C VAL V 191 -36.99 26.35 -103.28
N TYR V 192 -36.91 25.02 -103.23
CA TYR V 192 -36.95 24.26 -101.99
C TYR V 192 -35.68 23.42 -101.88
N ALA V 193 -34.93 23.60 -100.80
CA ALA V 193 -33.65 22.94 -100.63
C ALA V 193 -33.49 22.43 -99.20
N CYS V 194 -32.81 21.31 -99.05
CA CYS V 194 -32.36 20.85 -97.74
C CYS V 194 -30.84 20.76 -97.76
N GLU V 195 -30.21 21.43 -96.80
CA GLU V 195 -28.75 21.47 -96.69
C GLU V 195 -28.33 20.53 -95.57
N VAL V 196 -27.34 19.70 -95.86
CA VAL V 196 -26.91 18.63 -94.95
C VAL V 196 -25.45 18.84 -94.59
N THR V 197 -25.16 18.90 -93.29
CA THR V 197 -23.81 18.92 -92.78
C THR V 197 -23.56 17.66 -91.98
N HIS V 198 -22.41 17.04 -92.19
CA HIS V 198 -22.08 15.78 -91.54
C HIS V 198 -20.57 15.63 -91.52
N GLN V 199 -20.10 14.89 -90.52
CA GLN V 199 -18.66 14.70 -90.31
C GLN V 199 -17.96 14.17 -91.56
N GLY V 200 -18.63 13.34 -92.34
CA GLY V 200 -18.08 12.73 -93.53
C GLY V 200 -18.13 13.58 -94.79
N LEU V 201 -18.59 14.82 -94.70
CA LEU V 201 -18.69 15.72 -95.84
C LEU V 201 -17.72 16.88 -95.62
N SER V 202 -16.82 17.09 -96.59
CA SER V 202 -15.88 18.20 -96.48
C SER V 202 -16.59 19.53 -96.45
N SER V 203 -17.71 19.63 -97.17
CA SER V 203 -18.51 20.83 -97.28
C SER V 203 -19.97 20.42 -97.26
N PRO V 204 -20.87 21.28 -96.78
CA PRO V 204 -22.29 20.92 -96.75
C PRO V 204 -22.84 20.64 -98.15
N VAL V 205 -23.70 19.62 -98.23
CA VAL V 205 -24.29 19.20 -99.48
C VAL V 205 -25.73 19.68 -99.52
N THR V 206 -26.13 20.29 -100.64
CA THR V 206 -27.48 20.82 -100.82
C THR V 206 -28.18 20.09 -101.95
N LYS V 207 -29.39 19.62 -101.70
CA LYS V 207 -30.26 19.08 -102.73
C LYS V 207 -31.51 19.95 -102.82
N SER V 208 -31.82 20.42 -104.02
CA SER V 208 -32.91 21.37 -104.19
C SER V 208 -33.70 21.07 -105.46
N PHE V 209 -34.94 21.56 -105.48
CA PHE V 209 -35.79 21.48 -106.65
C PHE V 209 -36.59 22.76 -106.80
N ASN V 210 -37.06 23.01 -108.00
CA ASN V 210 -37.92 24.15 -108.29
C ASN V 210 -39.37 23.68 -108.39
N ARG V 211 -40.26 24.38 -107.70
CA ARG V 211 -41.68 24.03 -107.73
C ARG V 211 -42.22 24.15 -109.14
N GLY V 212 -43.00 23.16 -109.56
CA GLY V 212 -43.56 23.16 -110.89
C GLY V 212 -42.55 22.95 -112.00
N GLU V 213 -41.50 22.16 -111.74
CA GLU V 213 -40.43 21.98 -112.70
C GLU V 213 -39.77 20.64 -112.41
N CYS V 214 -39.88 19.71 -113.35
CA CYS V 214 -39.35 18.36 -113.13
C CYS V 214 -38.39 17.94 -114.25
N GLN W 1 -35.18 46.10 -22.51
CA GLN W 1 -34.25 44.99 -22.69
C GLN W 1 -34.55 43.86 -21.71
N VAL W 2 -33.81 42.77 -21.83
CA VAL W 2 -34.01 41.60 -20.97
C VAL W 2 -33.61 41.95 -19.53
N GLN W 3 -34.53 41.75 -18.60
CA GLN W 3 -34.40 42.33 -17.28
C GLN W 3 -35.03 41.45 -16.22
N LEU W 4 -34.51 41.57 -15.00
CA LEU W 4 -35.13 40.98 -13.81
C LEU W 4 -35.14 42.04 -12.72
N VAL W 5 -36.30 42.24 -12.10
CA VAL W 5 -36.47 43.23 -11.05
C VAL W 5 -36.99 42.53 -9.80
N GLN W 6 -36.25 42.66 -8.70
CA GLN W 6 -36.57 41.97 -7.46
C GLN W 6 -37.31 42.87 -6.49
N SER W 7 -37.95 42.25 -5.51
CA SER W 7 -38.67 42.98 -4.47
C SER W 7 -37.69 43.67 -3.53
N GLY W 8 -38.24 44.55 -2.70
CA GLY W 8 -37.44 45.40 -1.83
C GLY W 8 -36.81 44.65 -0.68
N PRO W 9 -35.89 45.31 0.02
CA PRO W 9 -35.18 44.67 1.12
C PRO W 9 -36.11 44.27 2.26
N GLU W 10 -35.66 43.29 3.04
CA GLU W 10 -36.44 42.73 4.13
C GLU W 10 -35.63 42.76 5.41
N VAL W 11 -36.34 42.91 6.52
CA VAL W 11 -35.76 42.82 7.87
C VAL W 11 -36.59 41.80 8.64
N LYS W 12 -35.97 40.70 9.04
CA LYS W 12 -36.68 39.59 9.65
C LYS W 12 -36.02 39.21 10.97
N LYS W 13 -36.82 38.70 11.86
CA LYS W 13 -36.33 38.17 13.13
C LYS W 13 -36.12 36.66 13.02
N PRO W 14 -35.22 36.10 13.81
CA PRO W 14 -34.98 34.66 13.74
C PRO W 14 -36.25 33.86 13.96
N GLY W 15 -36.42 32.83 13.13
CA GLY W 15 -37.61 32.00 13.17
C GLY W 15 -38.70 32.43 12.21
N ALA W 16 -38.60 33.61 11.62
CA ALA W 16 -39.60 34.10 10.70
C ALA W 16 -39.37 33.54 9.31
N SER W 17 -40.19 33.97 8.36
CA SER W 17 -40.07 33.60 6.96
C SER W 17 -39.90 34.85 6.12
N VAL W 18 -39.29 34.67 4.95
CA VAL W 18 -39.12 35.74 3.98
C VAL W 18 -39.51 35.20 2.61
N LYS W 19 -40.16 36.04 1.81
CA LYS W 19 -40.52 35.69 0.45
C LYS W 19 -40.00 36.76 -0.49
N VAL W 20 -39.02 36.40 -1.32
CA VAL W 20 -38.45 37.30 -2.31
C VAL W 20 -39.08 37.02 -3.66
N SER W 21 -39.45 38.07 -4.38
CA SER W 21 -40.04 37.95 -5.69
C SER W 21 -39.09 38.47 -6.77
N CYS W 22 -39.32 38.01 -8.00
CA CYS W 22 -38.43 38.27 -9.12
C CYS W 22 -39.29 38.46 -10.36
N LYS W 23 -39.40 39.69 -10.86
CA LYS W 23 -40.26 40.03 -11.97
C LYS W 23 -39.45 40.11 -13.26
N ALA W 24 -39.79 39.28 -14.23
CA ALA W 24 -39.08 39.21 -15.50
C ALA W 24 -39.79 40.03 -16.57
N SER W 25 -39.00 40.52 -17.52
CA SER W 25 -39.54 41.24 -18.68
C SER W 25 -38.50 41.24 -19.79
N GLY W 26 -38.97 41.40 -21.01
CA GLY W 26 -38.08 41.44 -22.15
C GLY W 26 -37.72 40.10 -22.75
N TYR W 27 -38.29 39.00 -22.25
CA TYR W 27 -38.04 37.70 -22.85
C TYR W 27 -39.22 36.79 -22.51
N SER W 28 -39.22 35.61 -23.13
CA SER W 28 -40.30 34.64 -22.92
C SER W 28 -40.06 33.92 -21.59
N PHE W 29 -40.78 34.34 -20.55
CA PHE W 29 -40.53 33.83 -19.21
C PHE W 29 -40.76 32.33 -19.12
N SER W 30 -41.74 31.81 -19.85
CA SER W 30 -42.09 30.40 -19.77
C SER W 30 -41.12 29.49 -20.53
N ARG W 31 -40.13 30.05 -21.23
CA ARG W 31 -39.18 29.25 -21.97
C ARG W 31 -37.82 29.15 -21.29
N TYR W 32 -37.71 29.68 -20.07
CA TYR W 32 -36.48 29.61 -19.31
C TYR W 32 -36.83 29.22 -17.88
N GLY W 33 -35.80 29.06 -17.05
CA GLY W 33 -35.96 28.90 -15.63
C GLY W 33 -35.31 30.06 -14.90
N ILE W 34 -35.47 30.04 -13.57
CA ILE W 34 -34.83 31.02 -12.72
C ILE W 34 -34.18 30.30 -11.55
N SER W 35 -32.89 30.53 -11.37
CA SER W 35 -32.19 30.03 -10.20
C SER W 35 -31.89 31.18 -9.24
N TRP W 36 -31.71 30.84 -7.97
CA TRP W 36 -31.51 31.82 -6.91
C TRP W 36 -30.13 31.66 -6.30
N VAL W 37 -29.43 32.79 -6.12
CA VAL W 37 -28.08 32.83 -5.60
C VAL W 37 -28.00 33.90 -4.52
N ARG W 38 -27.35 33.59 -3.41
CA ARG W 38 -27.21 34.54 -2.33
C ARG W 38 -25.73 34.83 -2.06
N GLN W 39 -25.49 35.95 -1.40
CA GLN W 39 -24.13 36.40 -1.11
C GLN W 39 -24.11 37.06 0.27
N ALA W 40 -23.57 36.35 1.26
CA ALA W 40 -23.41 36.93 2.58
C ALA W 40 -22.42 38.10 2.51
N PRO W 41 -22.52 39.06 3.41
CA PRO W 41 -21.63 40.23 3.37
C PRO W 41 -20.17 39.80 3.41
N GLY W 42 -19.40 40.26 2.42
CA GLY W 42 -18.00 39.93 2.32
C GLY W 42 -17.69 38.48 2.00
N GLN W 43 -18.68 37.71 1.56
CA GLN W 43 -18.50 36.30 1.25
C GLN W 43 -18.74 36.07 -0.23
N GLY W 44 -18.58 34.81 -0.65
CA GLY W 44 -18.78 34.44 -2.03
C GLY W 44 -20.23 34.16 -2.34
N LEU W 45 -20.44 33.56 -3.51
CA LEU W 45 -21.76 33.26 -4.03
C LEU W 45 -22.16 31.83 -3.70
N GLU W 46 -23.45 31.63 -3.43
CA GLU W 46 -23.99 30.33 -3.05
C GLU W 46 -25.32 30.12 -3.74
N TRP W 47 -25.48 28.93 -4.33
CA TRP W 47 -26.66 28.60 -5.12
C TRP W 47 -27.70 27.90 -4.24
N LEU W 48 -28.95 28.39 -4.29
CA LEU W 48 -30.03 27.84 -3.47
C LEU W 48 -30.89 26.84 -4.22
N GLY W 49 -31.22 27.13 -5.47
CA GLY W 49 -32.07 26.23 -6.23
C GLY W 49 -32.51 26.86 -7.53
N TRP W 50 -33.32 26.11 -8.26
CA TRP W 50 -33.74 26.48 -9.60
C TRP W 50 -35.17 26.04 -9.81
N ILE W 51 -35.93 26.82 -10.58
CA ILE W 51 -37.31 26.46 -10.91
C ILE W 51 -37.55 26.78 -12.38
N SER W 52 -38.21 25.86 -13.07
CA SER W 52 -38.54 26.06 -14.47
C SER W 52 -39.77 26.96 -14.60
N GLY W 53 -39.77 27.82 -15.62
CA GLY W 53 -40.96 28.55 -15.98
C GLY W 53 -41.83 27.83 -16.97
N TYR W 54 -41.34 26.71 -17.52
CA TYR W 54 -42.08 25.90 -18.46
C TYR W 54 -42.90 24.86 -17.70
N THR W 55 -42.21 23.94 -17.05
CA THR W 55 -42.81 23.06 -16.06
C THR W 55 -42.70 23.73 -14.70
N GLY W 56 -43.34 23.13 -13.70
CA GLY W 56 -43.12 23.64 -12.37
C GLY W 56 -41.94 23.03 -11.65
N ASN W 57 -41.11 22.26 -12.36
CA ASN W 57 -40.10 21.43 -11.71
C ASN W 57 -39.05 22.28 -11.03
N THR W 58 -38.54 21.77 -9.92
CA THR W 58 -37.58 22.48 -9.09
C THR W 58 -36.38 21.60 -8.79
N ASN W 59 -35.29 22.26 -8.40
CA ASN W 59 -34.08 21.59 -7.91
C ASN W 59 -33.52 22.46 -6.80
N TYR W 60 -33.51 21.95 -5.58
CA TYR W 60 -32.99 22.68 -4.43
C TYR W 60 -31.64 22.09 -4.02
N ALA W 61 -30.75 22.95 -3.56
CA ALA W 61 -29.52 22.48 -2.94
C ALA W 61 -29.85 21.72 -1.67
N GLN W 62 -29.11 20.63 -1.41
CA GLN W 62 -29.40 19.79 -0.25
C GLN W 62 -29.34 20.59 1.04
N LYS W 63 -28.52 21.63 1.10
CA LYS W 63 -28.40 22.44 2.31
C LYS W 63 -29.73 23.07 2.71
N PHE W 64 -30.54 23.45 1.74
CA PHE W 64 -31.78 24.16 1.98
C PHE W 64 -33.02 23.33 1.81
N GLN W 65 -32.86 22.04 1.56
CA GLN W 65 -34.01 21.22 1.31
C GLN W 65 -34.88 21.16 2.54
N GLY W 66 -36.15 21.39 2.34
CA GLY W 66 -37.12 21.41 3.41
C GLY W 66 -37.26 22.78 4.02
N ARG W 67 -36.32 23.67 3.78
CA ARG W 67 -36.39 25.01 4.33
C ARG W 67 -36.72 26.05 3.27
N VAL W 68 -36.75 25.64 2.02
CA VAL W 68 -36.95 26.56 0.94
C VAL W 68 -38.01 26.06 -0.02
N THR W 69 -38.78 26.99 -0.57
CA THR W 69 -39.83 26.64 -1.51
C THR W 69 -39.88 27.69 -2.61
N MET W 70 -39.82 27.24 -3.85
CA MET W 70 -39.84 28.12 -5.01
C MET W 70 -41.12 27.93 -5.80
N THR W 71 -41.69 29.03 -6.28
CA THR W 71 -42.89 29.01 -7.10
C THR W 71 -42.67 29.88 -8.32
N THR W 72 -43.44 29.59 -9.37
CA THR W 72 -43.37 30.35 -10.60
C THR W 72 -44.79 30.69 -11.05
N ASP W 73 -44.92 31.82 -11.73
CA ASP W 73 -46.22 32.29 -12.22
C ASP W 73 -46.04 32.84 -13.62
N THR W 74 -46.50 32.09 -14.62
CA THR W 74 -46.47 32.51 -16.01
C THR W 74 -47.30 33.73 -16.36
N SER W 75 -48.48 33.89 -15.78
CA SER W 75 -49.33 35.00 -16.12
C SER W 75 -48.55 36.24 -15.83
N THR W 76 -47.81 36.19 -14.77
CA THR W 76 -47.02 37.29 -14.35
C THR W 76 -45.55 37.29 -14.65
N SER W 77 -44.92 36.30 -15.31
CA SER W 77 -43.47 36.48 -15.30
C SER W 77 -42.92 36.80 -13.92
N THR W 78 -43.29 36.00 -12.93
CA THR W 78 -42.82 36.21 -11.56
C THR W 78 -42.44 34.88 -10.95
N ALA W 79 -41.19 34.78 -10.51
CA ALA W 79 -40.71 33.65 -9.74
C ALA W 79 -40.47 34.08 -8.30
N SER W 80 -40.79 33.21 -7.34
CA SER W 80 -40.68 33.55 -5.94
C SER W 80 -39.86 32.50 -5.20
N MET W 81 -39.21 32.94 -4.13
CA MET W 81 -38.39 32.06 -3.29
C MET W 81 -38.71 32.33 -1.83
N GLU W 82 -39.19 31.32 -1.13
CA GLU W 82 -39.54 31.44 0.28
C GLU W 82 -38.54 30.62 1.10
N LEU W 83 -37.89 31.26 2.06
CA LEU W 83 -36.96 30.62 2.97
C LEU W 83 -37.52 30.70 4.39
N ARG W 84 -37.85 29.56 4.97
CA ARG W 84 -38.48 29.47 6.28
C ARG W 84 -37.44 29.29 7.39
N SER W 85 -37.89 29.49 8.62
CA SER W 85 -37.10 29.25 9.83
C SER W 85 -35.74 29.96 9.76
N LEU W 86 -35.78 31.27 9.51
CA LEU W 86 -34.57 32.03 9.25
C LEU W 86 -33.67 32.07 10.47
N ARG W 87 -32.36 32.05 10.21
CA ARG W 87 -31.34 32.20 11.22
C ARG W 87 -30.45 33.40 10.89
N SER W 88 -29.56 33.73 11.83
CA SER W 88 -28.73 34.91 11.68
C SER W 88 -27.80 34.79 10.46
N ASP W 89 -27.32 33.59 10.18
CA ASP W 89 -26.41 33.42 9.06
C ASP W 89 -27.12 33.34 7.72
N ASP W 90 -28.45 33.52 7.69
CA ASP W 90 -29.16 33.68 6.43
C ASP W 90 -29.13 35.12 5.94
N THR W 91 -28.52 36.02 6.71
CA THR W 91 -28.37 37.40 6.29
C THR W 91 -27.47 37.47 5.07
N ALA W 92 -28.02 37.93 3.95
CA ALA W 92 -27.26 37.98 2.70
C ALA W 92 -28.03 38.82 1.70
N VAL W 93 -27.40 39.04 0.55
CA VAL W 93 -28.07 39.62 -0.62
C VAL W 93 -28.49 38.46 -1.51
N TYR W 94 -29.79 38.37 -1.78
CA TYR W 94 -30.35 37.27 -2.57
C TYR W 94 -30.60 37.74 -3.99
N TYR W 95 -30.07 36.99 -4.95
CA TYR W 95 -30.21 37.30 -6.36
C TYR W 95 -31.04 36.22 -7.07
N CYS W 96 -31.81 36.64 -8.07
CA CYS W 96 -32.39 35.72 -9.03
C CYS W 96 -31.72 35.94 -10.37
N ALA W 97 -31.66 34.87 -11.17
CA ALA W 97 -31.04 34.96 -12.48
C ALA W 97 -31.74 34.00 -13.44
N ARG W 98 -31.89 34.44 -14.69
CA ARG W 98 -32.42 33.55 -15.72
C ARG W 98 -31.43 32.44 -16.02
N ASP W 99 -31.94 31.21 -16.12
CA ASP W 99 -31.06 30.05 -16.25
C ASP W 99 -31.81 28.91 -16.92
N LYS W 100 -31.18 28.30 -17.93
CA LYS W 100 -31.64 27.08 -18.59
C LYS W 100 -32.85 27.27 -19.49
N LYS W 101 -32.65 27.11 -20.79
CA LYS W 101 -33.75 27.19 -21.75
C LYS W 101 -34.62 25.93 -21.66
N GLN W 102 -35.91 26.11 -21.89
CA GLN W 102 -36.89 25.04 -21.76
C GLN W 102 -37.73 24.95 -23.03
N GLY W 103 -38.43 23.84 -23.17
CA GLY W 103 -39.39 23.68 -24.24
C GLY W 103 -38.82 23.30 -25.59
N GLU W 104 -37.51 23.14 -25.71
CA GLU W 104 -36.89 22.74 -26.97
C GLU W 104 -35.52 22.16 -26.66
N VAL W 105 -35.11 21.17 -27.47
CA VAL W 105 -33.79 20.59 -27.29
C VAL W 105 -32.75 21.59 -27.76
N VAL W 106 -31.65 21.67 -27.02
CA VAL W 106 -30.61 22.67 -27.25
C VAL W 106 -29.26 22.00 -27.23
N LEU W 107 -28.39 22.44 -28.13
CA LEU W 107 -27.00 22.05 -28.07
C LEU W 107 -26.34 22.74 -26.88
N PRO W 108 -25.26 22.16 -26.34
CA PRO W 108 -24.63 22.72 -25.14
C PRO W 108 -24.32 24.21 -25.21
N ALA W 109 -23.74 24.68 -26.32
CA ALA W 109 -23.43 26.10 -26.44
C ALA W 109 -24.66 26.97 -26.58
N ALA W 110 -25.85 26.37 -26.72
CA ALA W 110 -27.10 27.12 -26.82
C ALA W 110 -28.09 26.69 -25.75
N SER W 111 -27.61 26.13 -24.64
CA SER W 111 -28.47 25.59 -23.61
C SER W 111 -28.87 26.63 -22.56
N PHE W 112 -28.16 27.75 -22.49
CA PHE W 112 -28.39 28.79 -21.48
C PHE W 112 -28.20 28.25 -20.07
N ARG W 113 -27.34 27.25 -19.92
CA ARG W 113 -26.93 26.78 -18.59
C ARG W 113 -25.87 27.74 -18.02
N TRP W 114 -26.30 28.99 -17.86
CA TRP W 114 -25.49 30.06 -17.28
C TRP W 114 -26.44 31.13 -16.78
N PHE W 115 -25.98 31.91 -15.80
CA PHE W 115 -26.85 32.85 -15.08
C PHE W 115 -26.77 34.22 -15.74
N ALA W 116 -27.81 34.55 -16.51
CA ALA W 116 -27.92 35.87 -17.15
C ALA W 116 -29.32 36.10 -17.71
N PRO W 117 -29.92 37.26 -17.41
CA PRO W 117 -29.34 38.31 -16.57
C PRO W 117 -29.61 38.09 -15.08
N TRP W 118 -29.06 38.97 -14.25
CA TRP W 118 -29.23 38.92 -12.81
C TRP W 118 -30.18 40.03 -12.37
N GLY W 119 -30.99 39.75 -11.36
CA GLY W 119 -31.71 40.81 -10.69
C GLY W 119 -30.76 41.72 -9.94
N GLN W 120 -31.30 42.84 -9.44
CA GLN W 120 -30.45 43.78 -8.73
C GLN W 120 -30.07 43.29 -7.33
N GLY W 121 -30.82 42.33 -6.80
CA GLY W 121 -30.53 41.80 -5.48
C GLY W 121 -31.50 42.31 -4.44
N THR W 122 -31.71 41.49 -3.41
CA THR W 122 -32.60 41.82 -2.29
C THR W 122 -31.86 41.55 -1.00
N LEU W 123 -31.56 42.60 -0.25
CA LEU W 123 -30.90 42.43 1.04
C LEU W 123 -31.89 41.92 2.06
N VAL W 124 -31.59 40.77 2.65
CA VAL W 124 -32.38 40.20 3.73
C VAL W 124 -31.51 40.15 4.97
N THR W 125 -31.91 40.88 6.00
CA THR W 125 -31.17 40.94 7.25
C THR W 125 -31.95 40.17 8.31
N VAL W 126 -31.30 39.21 8.95
CA VAL W 126 -31.91 38.40 9.99
C VAL W 126 -31.15 38.68 11.28
N SER W 127 -31.83 39.30 12.24
CA SER W 127 -31.20 39.67 13.50
C SER W 127 -32.28 39.88 14.54
N SER W 128 -31.92 39.63 15.81
CA SER W 128 -32.83 39.91 16.91
C SER W 128 -33.03 41.39 17.12
N ALA W 129 -32.10 42.22 16.65
CA ALA W 129 -32.21 43.65 16.82
C ALA W 129 -33.43 44.20 16.09
N SER W 130 -33.90 45.35 16.55
CA SER W 130 -35.01 46.05 15.94
C SER W 130 -34.51 47.33 15.28
N THR W 131 -35.26 47.80 14.29
CA THR W 131 -34.84 48.94 13.48
C THR W 131 -34.61 50.17 14.35
N LYS W 132 -33.49 50.85 14.12
CA LYS W 132 -33.14 52.03 14.89
C LYS W 132 -32.36 52.98 13.99
N GLY W 133 -32.72 54.27 14.06
CA GLY W 133 -31.98 55.29 13.35
C GLY W 133 -30.65 55.56 14.02
N PRO W 134 -29.71 56.14 13.29
CA PRO W 134 -28.36 56.35 13.81
C PRO W 134 -28.22 57.63 14.62
N SER W 135 -27.24 57.60 15.53
CA SER W 135 -26.76 58.79 16.21
C SER W 135 -25.54 59.30 15.46
N VAL W 136 -25.52 60.60 15.18
CA VAL W 136 -24.45 61.20 14.39
C VAL W 136 -23.65 62.13 15.30
N PHE W 137 -22.36 61.84 15.43
CA PHE W 137 -21.47 62.65 16.23
C PHE W 137 -20.37 63.25 15.36
N PRO W 138 -19.94 64.48 15.63
CA PRO W 138 -18.95 65.11 14.77
C PRO W 138 -17.53 64.69 15.13
N LEU W 139 -16.70 64.54 14.09
CA LEU W 139 -15.28 64.32 14.23
C LEU W 139 -14.60 65.63 13.84
N ALA W 140 -14.47 66.52 14.81
CA ALA W 140 -14.02 67.88 14.53
C ALA W 140 -12.54 67.89 14.14
N PRO W 141 -12.15 68.81 13.26
CA PRO W 141 -10.73 68.96 12.92
C PRO W 141 -9.92 69.34 14.15
N SER W 142 -8.97 68.48 14.50
CA SER W 142 -8.14 68.61 15.71
C SER W 142 -6.75 69.26 15.58
N SER W 143 -5.97 69.12 16.64
CA SER W 143 -4.58 69.60 16.76
C SER W 143 -4.45 71.12 16.66
N LYS W 144 -3.53 71.59 15.83
CA LYS W 144 -3.54 73.00 15.47
C LYS W 144 -4.06 73.20 14.06
N SER W 145 -5.35 73.47 13.95
CA SER W 145 -6.02 73.47 12.66
C SER W 145 -5.77 72.07 12.07
N THR W 146 -5.78 71.08 12.94
CA THR W 146 -5.49 69.70 12.59
C THR W 146 -4.09 69.60 11.95
N SER W 147 -3.92 68.80 10.89
CA SER W 147 -2.58 68.67 10.31
C SER W 147 -2.23 69.72 9.26
N GLY W 148 -2.08 70.96 9.71
CA GLY W 148 -1.64 72.07 8.87
C GLY W 148 -2.49 72.42 7.66
N GLY W 149 -1.81 72.58 6.53
CA GLY W 149 -2.40 73.07 5.31
C GLY W 149 -3.63 72.24 5.03
N THR W 150 -3.55 70.95 5.33
CA THR W 150 -4.66 70.05 5.15
C THR W 150 -5.22 69.58 6.47
N ALA W 151 -6.52 69.71 6.63
CA ALA W 151 -7.21 69.26 7.84
C ALA W 151 -8.10 68.06 7.51
N ALA W 152 -8.42 67.29 8.54
CA ALA W 152 -9.29 66.13 8.41
C ALA W 152 -10.43 66.24 9.40
N LEU W 153 -11.66 66.10 8.91
CA LEU W 153 -12.84 66.14 9.74
C LEU W 153 -13.83 65.11 9.23
N GLY W 154 -14.83 64.79 10.04
CA GLY W 154 -15.77 63.78 9.62
C GLY W 154 -16.95 63.65 10.55
N CYS W 155 -17.70 62.56 10.34
CA CYS W 155 -18.91 62.27 11.09
C CYS W 155 -18.89 60.82 11.53
N LEU W 156 -19.34 60.57 12.76
CA LEU W 156 -19.44 59.23 13.31
C LEU W 156 -20.91 58.83 13.35
N VAL W 157 -21.29 57.85 12.54
CA VAL W 157 -22.66 57.39 12.41
C VAL W 157 -22.76 56.08 13.19
N LYS W 158 -23.25 56.15 14.42
CA LYS W 158 -23.15 55.03 15.35
C LYS W 158 -24.53 54.48 15.71
N ASP W 159 -24.59 53.16 15.93
CA ASP W 159 -25.74 52.48 16.51
C ASP W 159 -27.00 52.61 15.67
N TYR W 160 -27.01 51.98 14.49
CA TYR W 160 -28.19 51.93 13.64
C TYR W 160 -28.44 50.51 13.16
N PHE W 161 -29.68 50.27 12.73
CA PHE W 161 -30.08 48.96 12.22
C PHE W 161 -31.34 49.10 11.39
N PRO W 162 -31.38 48.44 10.23
CA PRO W 162 -30.28 47.70 9.64
C PRO W 162 -29.50 48.52 8.63
N GLU W 163 -28.70 47.85 7.80
CA GLU W 163 -28.03 48.50 6.68
C GLU W 163 -29.06 48.86 5.62
N PRO W 164 -28.78 49.88 4.80
CA PRO W 164 -27.58 50.71 4.80
C PRO W 164 -27.82 52.15 5.24
N VAL W 165 -26.73 52.90 5.32
CA VAL W 165 -26.77 54.34 5.57
C VAL W 165 -26.04 55.03 4.43
N THR W 166 -26.58 56.15 3.97
CA THR W 166 -25.91 56.99 2.98
C THR W 166 -25.45 58.28 3.64
N VAL W 167 -24.22 58.70 3.31
CA VAL W 167 -23.64 59.92 3.85
C VAL W 167 -23.14 60.77 2.70
N SER W 168 -23.51 62.05 2.70
CA SER W 168 -23.00 63.03 1.77
C SER W 168 -22.57 64.27 2.55
N TRP W 169 -21.78 65.12 1.91
CA TRP W 169 -21.24 66.32 2.53
C TRP W 169 -21.71 67.55 1.77
N ASN W 170 -22.29 68.50 2.49
CA ASN W 170 -22.80 69.75 1.91
C ASN W 170 -23.80 69.47 0.79
N SER W 171 -24.67 68.49 1.02
CA SER W 171 -25.72 68.12 0.07
C SER W 171 -25.15 67.76 -1.30
N GLY W 172 -24.06 67.00 -1.29
CA GLY W 172 -23.43 66.57 -2.52
C GLY W 172 -22.47 67.54 -3.15
N ALA W 173 -22.36 68.76 -2.63
CA ALA W 173 -21.46 69.74 -3.20
C ALA W 173 -20.00 69.43 -2.91
N LEU W 174 -19.73 68.56 -1.93
CA LEU W 174 -18.38 68.19 -1.55
C LEU W 174 -18.20 66.69 -1.77
N THR W 175 -17.31 66.33 -2.70
CA THR W 175 -17.06 64.92 -2.98
C THR W 175 -15.57 64.60 -2.97
N SER W 176 -14.74 65.54 -3.38
CA SER W 176 -13.30 65.30 -3.39
C SER W 176 -12.77 65.14 -1.98
N GLY W 177 -11.89 64.14 -1.81
CA GLY W 177 -11.31 63.85 -0.52
C GLY W 177 -12.22 63.15 0.45
N VAL W 178 -13.42 62.76 0.03
CA VAL W 178 -14.39 62.13 0.92
C VAL W 178 -14.13 60.64 0.96
N HIS W 179 -14.10 60.08 2.16
CA HIS W 179 -13.98 58.65 2.37
C HIS W 179 -15.08 58.21 3.33
N THR W 180 -16.00 57.39 2.84
CA THR W 180 -17.03 56.78 3.67
C THR W 180 -16.71 55.31 3.83
N PHE W 181 -16.42 54.90 5.06
CA PHE W 181 -15.97 53.55 5.36
C PHE W 181 -17.15 52.57 5.37
N PRO W 182 -16.92 51.33 4.99
CA PRO W 182 -17.96 50.31 5.13
C PRO W 182 -18.35 50.14 6.58
N ALA W 183 -19.62 49.86 6.81
CA ALA W 183 -20.13 49.67 8.15
C ALA W 183 -19.54 48.41 8.78
N VAL W 184 -19.42 48.44 10.10
CA VAL W 184 -19.02 47.28 10.88
C VAL W 184 -20.16 46.93 11.82
N LEU W 185 -20.38 45.64 12.01
CA LEU W 185 -21.41 45.15 12.93
C LEU W 185 -20.82 45.04 14.32
N GLN W 186 -21.36 45.80 15.26
CA GLN W 186 -20.83 45.83 16.61
C GLN W 186 -21.33 44.63 17.41
N SER W 187 -20.75 44.45 18.60
CA SER W 187 -21.18 43.36 19.48
C SER W 187 -22.64 43.52 19.87
N SER W 188 -23.14 44.76 19.92
CA SER W 188 -24.52 45.03 20.28
C SER W 188 -25.51 44.54 19.25
N GLY W 189 -25.05 44.14 18.07
CA GLY W 189 -25.94 43.82 16.97
C GLY W 189 -26.28 44.99 16.09
N LEU W 190 -25.79 46.18 16.42
CA LEU W 190 -26.04 47.38 15.63
C LEU W 190 -24.80 47.72 14.82
N TYR W 191 -25.03 48.48 13.75
CA TYR W 191 -23.94 48.83 12.84
C TYR W 191 -23.35 50.19 13.21
N SER W 192 -22.10 50.39 12.80
CA SER W 192 -21.40 51.65 13.03
C SER W 192 -20.58 51.99 11.79
N LEU W 193 -20.37 53.28 11.59
CA LEU W 193 -19.78 53.76 10.34
C LEU W 193 -19.14 55.12 10.57
N SER W 194 -18.14 55.44 9.75
CA SER W 194 -17.49 56.74 9.80
C SER W 194 -17.31 57.29 8.39
N SER W 195 -17.46 58.60 8.24
CA SER W 195 -17.23 59.29 6.99
C SER W 195 -16.35 60.49 7.26
N VAL W 196 -15.28 60.65 6.48
CA VAL W 196 -14.32 61.72 6.70
C VAL W 196 -13.99 62.40 5.38
N VAL W 197 -13.45 63.61 5.48
CA VAL W 197 -13.07 64.38 4.32
C VAL W 197 -11.87 65.25 4.68
N THR W 198 -10.92 65.37 3.75
CA THR W 198 -9.75 66.21 3.94
C THR W 198 -9.94 67.53 3.20
N VAL W 199 -9.75 68.64 3.90
CA VAL W 199 -9.96 69.98 3.37
C VAL W 199 -8.80 70.87 3.77
N PRO W 200 -8.59 71.97 3.04
CA PRO W 200 -7.54 72.91 3.44
C PRO W 200 -7.80 73.51 4.81
N SER W 201 -6.76 73.55 5.64
CA SER W 201 -6.90 74.08 6.99
C SER W 201 -7.28 75.55 7.01
N SER W 202 -6.96 76.30 5.94
CA SER W 202 -7.32 77.71 5.89
C SER W 202 -8.81 77.90 5.59
N SER W 203 -9.48 76.89 5.06
CA SER W 203 -10.90 76.99 4.76
C SER W 203 -11.78 76.77 5.97
N LEU W 204 -11.21 76.34 7.11
CA LEU W 204 -12.03 76.01 8.27
C LEU W 204 -12.71 77.23 8.85
N GLY W 205 -12.09 78.41 8.75
CA GLY W 205 -12.68 79.62 9.26
C GLY W 205 -13.74 80.24 8.38
N THR W 206 -13.82 79.82 7.12
CA THR W 206 -14.76 80.39 6.18
C THR W 206 -15.81 79.41 5.67
N GLN W 207 -15.45 78.15 5.46
CA GLN W 207 -16.37 77.17 4.90
C GLN W 207 -17.07 76.39 6.00
N THR W 208 -18.36 76.17 5.81
CA THR W 208 -19.17 75.36 6.71
C THR W 208 -19.26 73.94 6.17
N TYR W 209 -19.11 72.96 7.06
CA TYR W 209 -19.10 71.57 6.69
C TYR W 209 -20.22 70.84 7.41
N ILE W 210 -21.13 70.25 6.66
CA ILE W 210 -22.27 69.52 7.19
C ILE W 210 -22.34 68.18 6.48
N CYS W 211 -22.42 67.10 7.24
CA CYS W 211 -22.61 65.78 6.67
C CYS W 211 -24.08 65.40 6.74
N ASN W 212 -24.60 64.85 5.65
CA ASN W 212 -26.01 64.52 5.53
C ASN W 212 -26.16 63.01 5.63
N VAL W 213 -26.74 62.55 6.74
CA VAL W 213 -26.88 61.13 7.03
C VAL W 213 -28.32 60.71 6.78
N ASN W 214 -28.50 59.70 5.94
CA ASN W 214 -29.82 59.17 5.60
C ASN W 214 -29.89 57.69 5.95
N HIS W 215 -30.95 57.30 6.64
CA HIS W 215 -31.20 55.90 7.00
C HIS W 215 -32.62 55.58 6.55
N LYS W 216 -32.74 55.05 5.34
CA LYS W 216 -34.06 54.75 4.79
C LYS W 216 -34.89 53.78 5.63
N PRO W 217 -34.34 52.69 6.18
CA PRO W 217 -35.19 51.75 6.92
C PRO W 217 -35.94 52.37 8.09
N SER W 218 -35.42 53.45 8.68
CA SER W 218 -36.10 54.12 9.77
C SER W 218 -36.62 55.50 9.38
N ASN W 219 -36.49 55.86 8.10
CA ASN W 219 -36.90 57.17 7.59
C ASN W 219 -36.29 58.30 8.41
N THR W 220 -34.99 58.16 8.68
CA THR W 220 -34.25 59.10 9.48
C THR W 220 -33.31 59.91 8.59
N LYS W 221 -33.41 61.23 8.69
CA LYS W 221 -32.50 62.15 8.02
C LYS W 221 -31.88 63.06 9.06
N VAL W 222 -30.56 63.02 9.19
CA VAL W 222 -29.85 63.81 10.18
C VAL W 222 -28.77 64.62 9.48
N ASP W 223 -28.69 65.92 9.78
CA ASP W 223 -27.66 66.79 9.25
C ASP W 223 -26.85 67.34 10.41
N LYS W 224 -25.54 67.10 10.40
CA LYS W 224 -24.65 67.48 11.48
C LYS W 224 -23.59 68.44 10.96
N LYS W 225 -23.51 69.62 11.56
CA LYS W 225 -22.46 70.58 11.25
C LYS W 225 -21.19 70.19 12.00
N VAL W 226 -20.09 70.08 11.27
CA VAL W 226 -18.80 69.71 11.85
C VAL W 226 -17.96 70.97 11.95
N GLU W 227 -17.81 71.48 13.17
CA GLU W 227 -17.08 72.70 13.44
C GLU W 227 -15.94 72.41 14.42
N PRO W 228 -14.91 73.24 14.31
CA PRO W 228 -13.73 73.12 15.14
C PRO W 228 -14.13 73.32 16.56
N LYS W 229 -13.53 72.55 17.46
CA LYS W 229 -13.80 72.67 18.86
C LYS W 229 -13.31 74.04 19.27
N SER W 230 -13.95 74.66 20.25
CA SER W 230 -13.49 75.96 20.70
C SER W 230 -12.11 75.69 21.27
N CYS W 231 -11.15 76.47 20.78
CA CYS W 231 -9.76 76.08 20.85
C CYS W 231 -9.23 76.60 19.54
N ASP X 1 -21.10 17.11 -4.27
CA ASP X 1 -20.90 18.44 -4.85
C ASP X 1 -19.54 18.53 -5.53
N ILE X 2 -19.48 19.33 -6.59
CA ILE X 2 -18.24 19.56 -7.31
C ILE X 2 -17.56 20.78 -6.70
N GLN X 3 -16.28 20.63 -6.36
CA GLN X 3 -15.53 21.71 -5.75
C GLN X 3 -14.79 22.50 -6.80
N MET X 4 -14.99 23.82 -6.81
CA MET X 4 -14.31 24.72 -7.74
C MET X 4 -13.23 25.48 -7.00
N THR X 5 -12.02 25.47 -7.53
CA THR X 5 -10.88 26.12 -6.92
C THR X 5 -10.30 27.17 -7.86
N GLN X 6 -10.22 28.40 -7.38
CA GLN X 6 -9.67 29.48 -8.14
C GLN X 6 -8.34 29.91 -7.59
N SER X 7 -7.42 30.19 -8.48
CA SER X 7 -6.16 30.82 -8.14
C SER X 7 -5.91 31.89 -9.18
N PRO X 8 -5.20 33.08 -8.87
CA PRO X 8 -4.83 33.23 -7.46
C PRO X 8 -5.97 33.79 -6.67
N VAL X 9 -5.91 33.73 -5.35
CA VAL X 9 -6.95 34.34 -4.56
C VAL X 9 -6.97 35.84 -4.79
N SER X 10 -5.79 36.43 -4.86
CA SER X 10 -5.71 37.86 -5.04
C SER X 10 -4.59 38.20 -6.01
N LEU X 11 -4.80 39.23 -6.82
CA LEU X 11 -3.87 39.57 -7.88
C LEU X 11 -3.81 41.08 -8.05
N SER X 12 -2.60 41.62 -8.11
CA SER X 12 -2.41 43.03 -8.39
C SER X 12 -1.67 43.19 -9.71
N ALA X 13 -2.14 44.12 -10.54
CA ALA X 13 -1.54 44.35 -11.85
C ALA X 13 -1.76 45.80 -12.25
N SER X 14 -1.17 46.17 -13.38
CA SER X 14 -1.29 47.52 -13.90
C SER X 14 -2.15 47.52 -15.15
N VAL X 15 -2.62 48.71 -15.52
CA VAL X 15 -3.34 48.86 -16.78
C VAL X 15 -2.38 48.60 -17.93
N GLY X 16 -2.85 47.82 -18.92
CA GLY X 16 -2.00 47.37 -20.00
C GLY X 16 -1.36 46.03 -19.80
N ASP X 17 -1.43 45.47 -18.59
CA ASP X 17 -0.87 44.16 -18.31
C ASP X 17 -1.77 43.06 -18.84
N ARG X 18 -1.18 41.88 -19.04
CA ARG X 18 -1.90 40.68 -19.41
C ARG X 18 -1.94 39.76 -18.20
N VAL X 19 -3.15 39.38 -17.79
CA VAL X 19 -3.33 38.55 -16.60
C VAL X 19 -4.17 37.34 -16.95
N THR X 20 -4.01 36.27 -16.16
CA THR X 20 -4.75 35.03 -16.35
C THR X 20 -5.15 34.45 -15.00
N ILE X 21 -6.45 34.20 -14.84
CA ILE X 21 -6.99 33.52 -13.68
C ILE X 21 -7.16 32.05 -14.02
N THR X 22 -7.14 31.20 -13.01
CA THR X 22 -7.26 29.76 -13.19
C THR X 22 -8.39 29.22 -12.31
N CYS X 23 -9.13 28.25 -12.85
CA CYS X 23 -10.22 27.59 -12.13
C CYS X 23 -10.06 26.08 -12.33
N ARG X 24 -10.12 25.32 -11.24
CA ARG X 24 -10.01 23.88 -11.30
C ARG X 24 -11.23 23.23 -10.66
N ALA X 25 -11.72 22.16 -11.28
CA ALA X 25 -12.88 21.42 -10.79
C ALA X 25 -12.46 20.04 -10.29
N SER X 26 -13.18 19.55 -9.27
CA SER X 26 -12.82 18.26 -8.67
C SER X 26 -13.22 17.10 -9.57
N GLN X 27 -14.25 17.25 -10.39
CA GLN X 27 -14.65 16.26 -11.38
C GLN X 27 -14.77 16.94 -12.74
N SER X 28 -14.90 16.14 -13.78
CA SER X 28 -15.08 16.69 -15.12
C SER X 28 -16.43 17.40 -15.21
N ILE X 29 -16.42 18.64 -15.66
CA ILE X 29 -17.65 19.36 -15.89
C ILE X 29 -17.88 19.66 -17.35
N GLY X 30 -17.14 19.01 -18.21
CA GLY X 30 -17.16 19.29 -19.63
C GLY X 30 -16.72 20.70 -19.88
N LYS X 31 -17.50 21.44 -20.63
CA LYS X 31 -17.20 22.82 -20.87
C LYS X 31 -18.17 23.73 -20.14
N PHE X 32 -18.88 23.17 -19.18
CA PHE X 32 -19.99 23.92 -18.59
C PHE X 32 -19.48 24.78 -17.43
N LEU X 33 -18.71 25.81 -17.79
CA LEU X 33 -18.04 26.65 -16.78
C LEU X 33 -18.17 28.13 -17.14
N ASN X 34 -18.84 28.89 -16.29
CA ASN X 34 -19.10 30.29 -16.56
C ASN X 34 -18.24 31.18 -15.67
N TRP X 35 -17.99 32.40 -16.16
CA TRP X 35 -17.23 33.41 -15.41
C TRP X 35 -18.11 34.63 -15.18
N TYR X 36 -18.10 35.14 -13.96
CA TYR X 36 -18.87 36.32 -13.59
C TYR X 36 -17.95 37.40 -13.04
N GLN X 37 -18.27 38.65 -13.38
CA GLN X 37 -17.53 39.81 -12.88
C GLN X 37 -18.40 40.57 -11.91
N GLN X 38 -17.85 40.89 -10.74
CA GLN X 38 -18.57 41.64 -9.72
C GLN X 38 -17.73 42.81 -9.28
N LYS X 39 -18.23 44.01 -9.55
CA LYS X 39 -17.66 45.23 -9.04
C LYS X 39 -18.22 45.46 -7.65
N PRO X 40 -17.47 46.28 -6.81
CA PRO X 40 -17.83 46.13 -5.38
C PRO X 40 -19.26 46.45 -4.97
N GLY X 41 -19.85 47.52 -5.45
CA GLY X 41 -21.23 47.79 -5.12
C GLY X 41 -22.24 46.81 -5.65
N ARG X 42 -22.03 46.40 -6.90
CA ARG X 42 -23.04 45.82 -7.74
C ARG X 42 -23.22 44.30 -7.79
N ALA X 43 -24.29 43.87 -8.45
CA ALA X 43 -24.60 42.48 -8.69
C ALA X 43 -23.58 41.86 -9.64
N PRO X 44 -23.43 40.54 -9.60
CA PRO X 44 -22.56 39.88 -10.58
C PRO X 44 -23.11 40.03 -11.99
N LYS X 45 -22.21 39.94 -12.96
CA LYS X 45 -22.56 40.05 -14.37
C LYS X 45 -21.87 38.93 -15.15
N LEU X 46 -22.62 38.28 -16.02
CA LEU X 46 -22.05 37.20 -16.82
C LEU X 46 -21.01 37.75 -17.80
N LEU X 47 -19.87 37.06 -17.88
CA LEU X 47 -18.77 37.50 -18.73
C LEU X 47 -18.43 36.45 -19.79
N ILE X 48 -18.12 35.22 -19.39
CA ILE X 48 -17.87 34.12 -20.30
C ILE X 48 -18.83 33.00 -19.95
N TYR X 49 -19.47 32.42 -20.94
CA TYR X 49 -20.36 31.30 -20.71
C TYR X 49 -19.88 30.12 -21.53
N TYR X 50 -20.08 28.92 -21.03
CA TYR X 50 -19.61 27.72 -21.69
C TYR X 50 -18.13 27.73 -22.00
N ALA X 51 -17.34 28.09 -21.02
CA ALA X 51 -15.90 28.03 -21.13
C ALA X 51 -15.27 29.12 -21.95
N SER X 52 -15.67 29.26 -23.20
CA SER X 52 -15.00 30.18 -24.10
C SER X 52 -15.80 31.27 -24.77
N ASN X 53 -17.09 31.37 -24.49
CA ASN X 53 -17.95 32.25 -25.26
C ASN X 53 -18.16 33.58 -24.62
N LEU X 54 -17.88 34.63 -25.35
CA LEU X 54 -18.05 35.97 -24.83
C LEU X 54 -19.52 36.38 -24.91
N GLU X 55 -20.07 36.82 -23.79
CA GLU X 55 -21.45 37.32 -23.80
C GLU X 55 -21.55 38.50 -24.73
N THR X 56 -22.51 38.44 -25.66
CA THR X 56 -22.58 39.41 -26.75
C THR X 56 -22.56 40.84 -26.22
N GLY X 57 -21.70 41.66 -26.82
CA GLY X 57 -21.38 42.97 -26.27
C GLY X 57 -20.24 42.97 -25.29
N GLY X 58 -19.76 41.81 -24.87
CA GLY X 58 -18.63 41.72 -23.97
C GLY X 58 -17.35 42.15 -24.64
N PRO X 59 -16.39 42.64 -23.84
CA PRO X 59 -15.15 43.17 -24.42
C PRO X 59 -14.26 42.06 -24.95
N SER X 60 -13.70 42.30 -26.14
CA SER X 60 -12.90 41.28 -26.82
C SER X 60 -11.59 41.00 -26.10
N ARG X 61 -11.14 41.87 -25.22
CA ARG X 61 -9.92 41.61 -24.47
C ARG X 61 -10.08 40.46 -23.48
N PHE X 62 -11.32 40.04 -23.20
CA PHE X 62 -11.57 38.89 -22.34
C PHE X 62 -11.67 37.62 -23.18
N SER X 63 -11.12 36.53 -22.66
CA SER X 63 -11.20 35.24 -23.32
C SER X 63 -11.14 34.13 -22.28
N GLY X 64 -11.88 33.07 -22.53
CA GLY X 64 -11.88 31.92 -21.66
C GLY X 64 -11.39 30.69 -22.40
N ARG X 65 -10.72 29.80 -21.67
CA ARG X 65 -10.25 28.54 -22.22
C ARG X 65 -10.47 27.44 -21.20
N GLY X 66 -10.54 26.21 -21.67
CA GLY X 66 -10.57 25.06 -20.80
C GLY X 66 -11.62 24.03 -21.13
N SER X 67 -11.45 22.84 -20.58
CA SER X 67 -12.43 21.80 -20.70
C SER X 67 -12.21 20.84 -19.56
N GLU X 68 -13.20 20.02 -19.25
CA GLU X 68 -13.01 19.00 -18.23
C GLU X 68 -12.72 19.54 -16.84
N THR X 69 -11.49 19.45 -16.36
CA THR X 69 -11.18 19.96 -15.04
C THR X 69 -10.29 21.19 -14.94
N GLU X 70 -9.81 21.72 -16.05
CA GLU X 70 -8.98 22.90 -15.99
C GLU X 70 -9.47 24.03 -16.88
N PHE X 71 -9.53 25.23 -16.34
CA PHE X 71 -10.11 26.35 -17.06
C PHE X 71 -9.37 27.63 -16.72
N SER X 72 -9.38 28.58 -17.65
CA SER X 72 -8.68 29.84 -17.45
C SER X 72 -9.47 31.00 -18.04
N LEU X 73 -9.25 32.17 -17.46
CA LEU X 73 -9.79 33.44 -17.95
C LEU X 73 -8.63 34.39 -18.16
N THR X 74 -8.61 35.07 -19.31
CA THR X 74 -7.49 35.90 -19.68
C THR X 74 -7.98 37.27 -20.12
N ILE X 75 -7.28 38.31 -19.67
CA ILE X 75 -7.47 39.68 -20.14
C ILE X 75 -6.17 40.10 -20.80
N SER X 76 -6.21 40.38 -22.10
CA SER X 76 -4.99 40.63 -22.84
C SER X 76 -4.37 41.99 -22.52
N SER X 77 -5.20 43.01 -22.31
CA SER X 77 -4.71 44.35 -21.96
C SER X 77 -5.66 44.93 -20.92
N LEU X 78 -5.18 45.07 -19.69
CA LEU X 78 -6.03 45.51 -18.60
C LEU X 78 -6.46 46.96 -18.78
N GLN X 79 -7.70 47.24 -18.41
CA GLN X 79 -8.28 48.57 -18.46
C GLN X 79 -8.83 48.92 -17.08
N PRO X 80 -9.02 50.22 -16.80
CA PRO X 80 -9.48 50.62 -15.46
C PRO X 80 -10.75 49.92 -15.00
N GLU X 81 -11.73 49.71 -15.89
CA GLU X 81 -12.97 49.06 -15.51
C GLU X 81 -12.78 47.58 -15.19
N ASP X 82 -11.64 46.99 -15.52
CA ASP X 82 -11.46 45.55 -15.39
C ASP X 82 -11.13 45.10 -13.97
N PHE X 83 -10.85 46.02 -13.06
CA PHE X 83 -10.43 45.66 -11.71
C PHE X 83 -11.66 45.37 -10.86
N ALA X 84 -11.89 44.11 -10.56
CA ALA X 84 -13.07 43.66 -9.84
C ALA X 84 -12.80 42.27 -9.27
N THR X 85 -13.85 41.60 -8.84
CA THR X 85 -13.76 40.23 -8.38
C THR X 85 -14.39 39.30 -9.41
N TYR X 86 -13.72 38.19 -9.69
CA TYR X 86 -14.14 37.28 -10.74
C TYR X 86 -14.45 35.91 -10.13
N TYR X 87 -15.61 35.37 -10.49
CA TYR X 87 -16.05 34.08 -9.99
C TYR X 87 -16.20 33.12 -11.16
N CYS X 88 -15.71 31.90 -11.01
CA CYS X 88 -16.05 30.85 -11.95
C CYS X 88 -17.17 30.02 -11.36
N GLN X 89 -17.95 29.39 -12.24
CA GLN X 89 -19.13 28.68 -11.79
C GLN X 89 -19.39 27.47 -12.68
N GLN X 90 -19.77 26.37 -12.05
CA GLN X 90 -19.99 25.10 -12.73
C GLN X 90 -21.49 24.87 -12.91
N SER X 91 -21.91 24.57 -14.15
CA SER X 91 -23.31 24.33 -14.46
C SER X 91 -23.56 22.94 -15.02
N ASN X 92 -22.68 21.99 -14.73
CA ASN X 92 -22.82 20.66 -15.32
C ASN X 92 -23.69 19.73 -14.47
N ASN X 93 -23.55 19.83 -13.18
CA ASN X 93 -24.26 18.97 -12.28
C ASN X 93 -24.95 19.83 -11.27
N VAL X 94 -25.93 19.26 -10.62
CA VAL X 94 -26.59 19.94 -9.54
C VAL X 94 -25.99 19.32 -8.29
N PRO X 95 -25.58 20.11 -7.20
CA PRO X 95 -25.93 21.53 -7.29
C PRO X 95 -24.86 22.40 -7.92
N HIS X 96 -25.27 23.53 -8.48
CA HIS X 96 -24.32 24.45 -9.05
C HIS X 96 -23.41 25.02 -7.99
N THR X 97 -22.13 25.12 -8.30
CA THR X 97 -21.14 25.56 -7.33
C THR X 97 -20.25 26.64 -7.93
N PHE X 98 -19.81 27.56 -7.07
CA PHE X 98 -18.96 28.66 -7.47
C PHE X 98 -17.55 28.47 -6.93
N GLY X 99 -16.60 29.13 -7.57
CA GLY X 99 -15.30 29.32 -6.97
C GLY X 99 -15.33 30.41 -5.92
N GLN X 100 -14.29 30.46 -5.09
CA GLN X 100 -14.28 31.44 -4.02
C GLN X 100 -13.98 32.84 -4.51
N GLY X 101 -13.52 33.00 -5.74
CA GLY X 101 -13.33 34.31 -6.30
C GLY X 101 -11.87 34.70 -6.38
N THR X 102 -11.58 35.62 -7.30
CA THR X 102 -10.26 36.20 -7.47
C THR X 102 -10.42 37.71 -7.58
N LYS X 103 -9.81 38.44 -6.66
CA LYS X 103 -9.92 39.89 -6.63
C LYS X 103 -8.73 40.51 -7.34
N LEU X 104 -9.00 41.42 -8.27
CA LEU X 104 -8.00 42.01 -9.14
C LEU X 104 -7.88 43.50 -8.81
N GLU X 105 -6.74 43.90 -8.27
CA GLU X 105 -6.49 45.27 -7.84
C GLU X 105 -5.31 45.85 -8.60
N ILE X 106 -5.13 47.17 -8.48
CA ILE X 106 -4.16 47.88 -9.31
C ILE X 106 -2.93 48.25 -8.50
N LYS X 107 -1.80 48.10 -9.17
CA LYS X 107 -0.50 48.33 -8.59
C LYS X 107 -0.19 49.79 -8.64
N ARG X 108 0.50 50.28 -7.64
CA ARG X 108 1.00 51.61 -7.66
C ARG X 108 2.17 51.72 -6.72
N THR X 109 2.78 52.89 -6.71
CA THR X 109 3.91 53.17 -5.87
C THR X 109 3.49 53.09 -4.41
N VAL X 110 4.41 52.71 -3.55
CA VAL X 110 4.15 52.71 -2.14
C VAL X 110 3.88 54.14 -1.70
N ALA X 111 2.91 54.31 -0.83
CA ALA X 111 2.53 55.62 -0.32
C ALA X 111 2.25 55.52 1.17
N ALA X 112 2.82 56.44 1.95
CA ALA X 112 2.68 56.37 3.39
C ALA X 112 1.36 57.02 3.84
N PRO X 113 0.74 56.50 4.89
CA PRO X 113 -0.52 57.05 5.36
C PRO X 113 -0.33 58.35 6.13
N SER X 114 -1.30 59.24 5.96
CA SER X 114 -1.43 60.42 6.82
C SER X 114 -2.33 60.06 7.99
N VAL X 115 -1.81 60.23 9.20
CA VAL X 115 -2.50 59.75 10.40
C VAL X 115 -3.17 60.92 11.09
N PHE X 116 -4.41 60.70 11.52
CA PHE X 116 -5.17 61.67 12.30
C PHE X 116 -5.89 60.94 13.41
N ILE X 117 -5.98 61.58 14.58
CA ILE X 117 -6.68 61.02 15.73
C ILE X 117 -7.77 61.99 16.15
N PHE X 118 -8.93 61.45 16.52
CA PHE X 118 -10.09 62.26 16.87
C PHE X 118 -10.59 61.90 18.26
N PRO X 119 -10.66 62.86 19.18
CA PRO X 119 -11.19 62.56 20.51
C PRO X 119 -12.71 62.44 20.46
N PRO X 120 -13.32 61.85 21.49
CA PRO X 120 -14.78 61.73 21.50
C PRO X 120 -15.44 63.10 21.59
N SER X 121 -16.57 63.24 20.90
CA SER X 121 -17.33 64.47 20.94
C SER X 121 -17.96 64.66 22.32
N ASP X 122 -18.22 65.93 22.66
CA ASP X 122 -18.94 66.21 23.90
C ASP X 122 -20.35 65.63 23.85
N GLU X 123 -20.97 65.62 22.66
CA GLU X 123 -22.31 65.08 22.54
C GLU X 123 -22.36 63.59 22.83
N GLN X 124 -21.38 62.83 22.33
CA GLN X 124 -21.36 61.39 22.57
C GLN X 124 -21.06 61.07 24.03
N LEU X 125 -20.12 61.82 24.63
CA LEU X 125 -19.74 61.55 26.01
C LEU X 125 -20.94 61.71 26.94
N LYS X 126 -21.83 62.66 26.66
CA LYS X 126 -23.02 62.83 27.46
C LYS X 126 -23.99 61.67 27.33
N SER X 127 -23.81 60.82 26.31
CA SER X 127 -24.66 59.65 26.11
C SER X 127 -24.20 58.43 26.91
N GLY X 128 -22.93 58.34 27.25
CA GLY X 128 -22.49 57.22 28.05
C GLY X 128 -21.28 56.48 27.53
N THR X 129 -21.01 56.57 26.23
CA THR X 129 -19.88 55.89 25.62
C THR X 129 -18.94 56.90 24.98
N ALA X 130 -17.71 56.46 24.74
CA ALA X 130 -16.69 57.29 24.10
C ALA X 130 -16.06 56.49 22.97
N SER X 131 -16.06 57.06 21.76
CA SER X 131 -15.44 56.44 20.60
C SER X 131 -14.28 57.31 20.15
N VAL X 132 -13.07 56.74 20.21
CA VAL X 132 -11.86 57.43 19.77
C VAL X 132 -11.47 56.86 18.41
N VAL X 133 -11.37 57.73 17.40
CA VAL X 133 -11.17 57.31 16.02
C VAL X 133 -9.77 57.71 15.58
N CYS X 134 -9.05 56.76 14.98
CA CYS X 134 -7.77 56.99 14.35
C CYS X 134 -7.92 56.78 12.86
N LEU X 135 -7.53 57.77 12.06
CA LEU X 135 -7.71 57.72 10.62
C LEU X 135 -6.36 57.60 9.91
N LEU X 136 -6.27 56.63 9.01
CA LEU X 136 -5.11 56.44 8.14
C LEU X 136 -5.54 56.75 6.72
N ASN X 137 -4.91 57.75 6.10
CA ASN X 137 -5.44 58.35 4.88
C ASN X 137 -4.48 58.14 3.71
N ASN X 138 -5.02 57.59 2.62
CA ASN X 138 -4.36 57.57 1.30
C ASN X 138 -2.98 56.91 1.38
N PHE X 139 -3.00 55.59 1.58
CA PHE X 139 -1.77 54.81 1.62
C PHE X 139 -1.87 53.62 0.70
N TYR X 140 -0.70 53.05 0.38
CA TYR X 140 -0.60 51.84 -0.41
C TYR X 140 0.70 51.12 -0.05
N PRO X 141 0.65 49.79 0.11
CA PRO X 141 -0.55 48.94 -0.06
C PRO X 141 -1.39 48.80 1.20
N ARG X 142 -2.36 47.89 1.14
CA ARG X 142 -3.40 47.79 2.16
C ARG X 142 -2.87 47.39 3.53
N GLU X 143 -1.78 46.62 3.56
CA GLU X 143 -1.28 46.07 4.81
C GLU X 143 -0.81 47.18 5.75
N ALA X 144 -1.36 47.18 6.97
CA ALA X 144 -1.00 48.18 7.97
C ALA X 144 -1.41 47.66 9.34
N LYS X 145 -0.61 47.99 10.35
CA LYS X 145 -0.89 47.62 11.73
C LYS X 145 -1.17 48.89 12.54
N VAL X 146 -2.25 48.86 13.31
CA VAL X 146 -2.66 49.98 14.13
C VAL X 146 -2.82 49.51 15.57
N GLN X 147 -2.12 50.17 16.47
CA GLN X 147 -2.12 49.82 17.87
C GLN X 147 -2.63 50.96 18.73
N TRP X 148 -3.48 50.64 19.70
CA TRP X 148 -4.02 51.65 20.61
C TRP X 148 -3.31 51.57 21.96
N LYS X 149 -2.84 52.72 22.43
CA LYS X 149 -2.20 52.82 23.74
C LYS X 149 -2.92 53.88 24.57
N VAL X 150 -3.39 53.49 25.75
CA VAL X 150 -4.03 54.39 26.69
C VAL X 150 -3.12 54.51 27.91
N ASP X 151 -2.50 55.67 28.07
CA ASP X 151 -1.49 55.90 29.11
C ASP X 151 -0.38 54.85 28.99
N ASN X 152 0.07 54.62 27.76
CA ASN X 152 1.11 53.67 27.37
C ASN X 152 0.72 52.22 27.59
N ALA X 153 -0.50 51.94 28.01
CA ALA X 153 -0.97 50.56 28.18
C ALA X 153 -1.58 50.10 26.86
N LEU X 154 -1.04 49.01 26.30
CA LEU X 154 -1.53 48.51 25.02
C LEU X 154 -2.92 47.93 25.18
N GLN X 155 -3.81 48.27 24.24
CA GLN X 155 -5.20 47.87 24.27
C GLN X 155 -5.43 46.64 23.41
N SER X 156 -6.44 45.85 23.79
CA SER X 156 -6.80 44.64 23.05
C SER X 156 -8.28 44.34 23.21
N GLY X 157 -8.94 44.04 22.09
CA GLY X 157 -10.32 43.60 22.11
C GLY X 157 -11.36 44.69 22.18
N ASN X 158 -10.97 45.97 22.09
CA ASN X 158 -11.91 47.07 22.20
C ASN X 158 -11.79 48.03 21.02
N SER X 159 -11.34 47.54 19.87
CA SER X 159 -11.20 48.36 18.69
C SER X 159 -11.63 47.59 17.46
N GLN X 160 -12.22 48.29 16.49
CA GLN X 160 -12.63 47.73 15.21
C GLN X 160 -12.01 48.54 14.09
N GLU X 161 -11.59 47.86 13.03
CA GLU X 161 -11.00 48.50 11.87
C GLU X 161 -11.96 48.43 10.69
N SER X 162 -11.81 49.39 9.78
CA SER X 162 -12.64 49.44 8.58
C SER X 162 -11.81 50.05 7.46
N VAL X 163 -11.79 49.39 6.31
CA VAL X 163 -10.93 49.78 5.19
C VAL X 163 -11.81 50.06 3.98
N THR X 164 -11.47 51.12 3.25
CA THR X 164 -12.16 51.41 2.00
C THR X 164 -11.58 50.56 0.87
N GLU X 165 -12.35 50.45 -0.22
CA GLU X 165 -11.82 49.88 -1.43
C GLU X 165 -10.83 50.86 -2.07
N GLN X 166 -10.16 50.40 -3.12
CA GLN X 166 -9.17 51.26 -3.77
C GLN X 166 -9.84 52.48 -4.40
N ASP X 167 -9.21 53.63 -4.24
CA ASP X 167 -9.76 54.87 -4.76
C ASP X 167 -9.66 54.89 -6.29
N SER X 168 -10.67 55.51 -6.91
CA SER X 168 -10.71 55.56 -8.36
C SER X 168 -9.60 56.42 -8.95
N LYS X 169 -9.16 57.46 -8.24
CA LYS X 169 -8.18 58.40 -8.77
C LYS X 169 -6.74 58.00 -8.46
N ASP X 170 -6.39 57.87 -7.18
CA ASP X 170 -5.02 57.61 -6.78
C ASP X 170 -4.75 56.16 -6.41
N SER X 171 -5.77 55.31 -6.42
CA SER X 171 -5.61 53.87 -6.15
C SER X 171 -5.05 53.58 -4.77
N THR X 172 -5.38 54.43 -3.79
CA THR X 172 -4.92 54.25 -2.42
C THR X 172 -6.04 53.70 -1.55
N TYR X 173 -5.68 53.34 -0.32
CA TYR X 173 -6.63 52.87 0.66
C TYR X 173 -6.74 53.87 1.82
N SER X 174 -7.84 53.75 2.56
CA SER X 174 -8.00 54.49 3.81
C SER X 174 -8.55 53.54 4.86
N LEU X 175 -8.11 53.74 6.10
CA LEU X 175 -8.47 52.86 7.20
C LEU X 175 -8.93 53.69 8.40
N SER X 176 -9.90 53.16 9.13
CA SER X 176 -10.42 53.80 10.34
C SER X 176 -10.40 52.79 11.47
N SER X 177 -9.67 53.10 12.53
CA SER X 177 -9.65 52.29 13.74
C SER X 177 -10.42 53.02 14.83
N THR X 178 -11.37 52.33 15.45
CA THR X 178 -12.29 52.95 16.39
C THR X 178 -12.21 52.24 17.73
N LEU X 179 -11.59 52.92 18.71
CA LEU X 179 -11.54 52.43 20.08
C LEU X 179 -12.80 52.86 20.82
N THR X 180 -13.51 51.88 21.40
CA THR X 180 -14.76 52.15 22.10
C THR X 180 -14.57 51.86 23.58
N LEU X 181 -14.86 52.85 24.42
CA LEU X 181 -14.76 52.72 25.86
C LEU X 181 -15.99 53.33 26.51
N SER X 182 -16.29 52.88 27.73
CA SER X 182 -17.33 53.54 28.50
C SER X 182 -16.82 54.88 29.01
N LYS X 183 -17.74 55.81 29.23
CA LYS X 183 -17.35 57.14 29.69
C LYS X 183 -16.59 57.06 31.00
N ALA X 184 -16.97 56.13 31.88
CA ALA X 184 -16.26 55.96 33.14
C ALA X 184 -14.80 55.57 32.89
N ASP X 185 -14.58 54.60 32.01
CA ASP X 185 -13.21 54.21 31.68
C ASP X 185 -12.47 55.31 30.94
N TYR X 186 -13.17 56.08 30.11
CA TYR X 186 -12.51 57.15 29.36
C TYR X 186 -11.99 58.25 30.28
N GLU X 187 -12.74 58.59 31.31
CA GLU X 187 -12.34 59.65 32.23
C GLU X 187 -11.23 59.24 33.18
N LYS X 188 -10.93 57.93 33.29
CA LYS X 188 -9.90 57.47 34.22
C LYS X 188 -8.49 57.76 33.72
N HIS X 189 -8.30 57.97 32.43
CA HIS X 189 -6.97 58.09 31.85
C HIS X 189 -6.87 59.40 31.07
N LYS X 190 -5.64 59.73 30.66
CA LYS X 190 -5.38 61.00 29.99
C LYS X 190 -4.85 60.83 28.57
N VAL X 191 -3.74 60.13 28.38
CA VAL X 191 -3.06 60.08 27.09
C VAL X 191 -3.67 58.98 26.23
N TYR X 192 -4.12 59.34 25.03
CA TYR X 192 -4.68 58.40 24.06
C TYR X 192 -3.89 58.51 22.77
N ALA X 193 -3.30 57.40 22.34
CA ALA X 193 -2.45 57.39 21.16
C ALA X 193 -2.77 56.19 20.30
N CYS X 194 -2.72 56.37 18.98
CA CYS X 194 -2.74 55.27 18.03
C CYS X 194 -1.39 55.26 17.32
N GLU X 195 -0.77 54.08 17.28
CA GLU X 195 0.54 53.90 16.67
C GLU X 195 0.36 53.13 15.37
N VAL X 196 0.85 53.70 14.27
CA VAL X 196 0.67 53.14 12.93
C VAL X 196 2.02 52.68 12.41
N THR X 197 2.09 51.42 11.98
CA THR X 197 3.26 50.89 11.30
C THR X 197 2.87 50.53 9.87
N HIS X 198 3.72 50.92 8.92
CA HIS X 198 3.43 50.70 7.50
C HIS X 198 4.74 50.71 6.75
N GLN X 199 4.80 49.93 5.67
CA GLN X 199 6.04 49.81 4.91
C GLN X 199 6.43 51.11 4.21
N GLY X 200 5.52 52.08 4.15
CA GLY X 200 5.86 53.40 3.65
C GLY X 200 6.48 54.32 4.66
N LEU X 201 6.64 53.87 5.90
CA LEU X 201 7.22 54.64 6.99
C LEU X 201 8.50 53.95 7.46
N SER X 202 9.56 54.73 7.64
CA SER X 202 10.80 54.17 8.16
C SER X 202 10.64 53.76 9.62
N SER X 203 9.93 54.56 10.41
CA SER X 203 9.64 54.26 11.80
C SER X 203 8.16 54.47 12.06
N PRO X 204 7.59 53.76 13.04
CA PRO X 204 6.17 53.91 13.32
C PRO X 204 5.81 55.36 13.68
N VAL X 205 4.61 55.77 13.27
CA VAL X 205 4.12 57.11 13.52
C VAL X 205 3.05 57.04 14.59
N THR X 206 3.17 57.90 15.61
CA THR X 206 2.22 57.95 16.70
C THR X 206 1.51 59.30 16.70
N LYS X 207 0.18 59.25 16.76
CA LYS X 207 -0.64 60.44 16.94
C LYS X 207 -1.39 60.30 18.25
N SER X 208 -1.32 61.33 19.09
CA SER X 208 -1.87 61.24 20.44
C SER X 208 -2.52 62.57 20.84
N PHE X 209 -3.39 62.48 21.83
CA PHE X 209 -3.99 63.66 22.44
C PHE X 209 -4.16 63.40 23.93
N ASN X 210 -4.32 64.48 24.68
CA ASN X 210 -4.57 64.42 26.11
C ASN X 210 -6.02 64.81 26.38
N ARG X 211 -6.70 64.01 27.21
CA ARG X 211 -8.08 64.29 27.56
C ARG X 211 -8.18 65.65 28.25
N GLY X 212 -9.13 66.46 27.80
CA GLY X 212 -9.30 67.79 28.35
C GLY X 212 -8.20 68.76 27.97
N GLU X 213 -7.64 68.63 26.78
CA GLU X 213 -6.54 69.49 26.35
C GLU X 213 -6.45 69.46 24.83
N CYS X 214 -6.61 70.61 24.19
CA CYS X 214 -6.48 70.70 22.73
C CYS X 214 -5.20 71.44 22.35
#